data_5YWC
#
_entry.id   5YWC
#
_cell.length_a   1.000
_cell.length_b   1.000
_cell.length_c   1.000
_cell.angle_alpha   90.00
_cell.angle_beta   90.00
_cell.angle_gamma   90.00
#
_symmetry.space_group_name_H-M   'P 1'
#
loop_
_entity.id
_entity.type
_entity.pdbx_description
1 polymer 'ATP-sensitive inward rectifier potassium channel 11'
2 polymer 'ATP-binding cassette sub-family C member 8 isoform X2'
3 non-polymer "ADENOSINE-5'-DIPHOSPHATE"
4 non-polymer 'MAGNESIUM ION'
#
loop_
_entity_poly.entity_id
_entity_poly.type
_entity_poly.pdbx_seq_one_letter_code
_entity_poly.pdbx_strand_id
1 'polypeptide(L)'
;MLSRKGIIPEEYVLTRLAEDPAEPRYRTRERRARFVSKKGNCNVAHKNIREQGRFLQDVFTTLVDLKWPHTLLIFTMSFL
CSWLLFAMVWWLIAFAHGDLAPGEGTNVPCVTSIHSFSSAFLFSIEVQVTIGFGGRMVTEECPLAILILIVQNIVGLMIN
AIMLGCIFMKTAQAHRRAETLIFSKHAVITLRHGRLCFMLRVGDLRKSMIISATIHMQVVRKTTSPEGEVVPLHQVDIPM
ENGVGGNGIFLVAPLIIYHVIDSNSPLYDLAPSDLHHHQDLEIIVILEGVVETTGITTQARTSYLADEILWGQRFVPIVA
EEDGRYSVDYSKFGNTIKVPTPLCTARQLDEDRSLLDALTLASSRGPLRKRSVAVAKAKPKFSISPDSLS
;
A,C,E,G
2 'polypeptide(L)'
;MPLAFCGTENHSAAYRVDQGVLNNGCFVDALNVVPHVFLLFITFPILFIGWGSQSSKVHIHHSTWLHFPGHNLRWILTFI
LLFVLVCEIAEGILSDGVTESRHLHLYMPAGMAFMAAITSVVYYHNIETSNFPKLLIALLIYWTLAFITKTIKFVKFYDH
AIGFSQLRFCLTGLLVILYGMLLLVEVNVIRVRRYIFFKTPREVKPPEDLQDLGVRFLQPFVNLLSKGTYWWMNAFIKTA
HKKPIDLRAIGKLPIAMRALTNYQRLCVAFDAQARKDTQSPQGARAIWRALCHAFGRRLILSSTFRILADLLGFAGPLCI
FGIVDHLGKENHVFQPKTQFLGVYFVSSQEFLGNAYVLAVLLFLALLLQRTFLQASYYVAIETGINLRGAIQTKIYNKIM
HLSTSNLSMGEMTAGQICNLVAIDTNQLMWFFFLCPNLWAMPVQIIVGVILLYYILGVSALIGAAVIILLAPVQYFVATK
LSQAQRSTLEHSNERLKQTNEMLRGMKLLKLYAWESIFCSRVEVTRRKEMTSLRAFAVYTSISIFMNTAIPIAAVLITFV
GHVSFFKESDLSPSVAFASLSLFHILVTPLFLLSSVVRSTVKALVSVQKLSEFLSSAEIREEQCAPREPAPQGQAGKYQA
VPLKVVNRKRPAREEVRDLLGPLQRLAPSMDGDADNFCVQIIGGFFTWTPDGIPTLSNITIRIPRGQLTMIVGQVGCGKS
SLLLATLGEMQKVSGAVFWNSNLPDSEGEDPSSPERETAAGSDIRSRGPVAYASQKPWLLNATVEENITFESPFNKQRYK
MVIEACSLQPDIDILPHGDQTQIGERGINLSGGQRQRISVARALYQQTNVVFLDDPFSALDVHLSDHLMQAGILELLRDD
KRTVVLVTHKLQYLPHADWIIAMKDGTIQREGTLKDFQRSECQLFEHWKTLMNRQDQELEKETVMERKASEPSQGLPRAM
SSRDGLLLDEEEEEEEAAESEEDDNLSSVLHQRAKIPWRACTKYLSSAGILLLSLLVFSQLLKHMVLVAIDYWLAKWTDS
ALVLSPAARNCSLSQECDLDQSVYAMVFTLLCSLGIVLCLVTSVTVEWTGLKVAKRLHRSLLNRIILAPMRFFETTPLGS
ILNRFSSDCNTIDQHIPSTLECLSRSTLLCVSALTVISYVTPVFLVALLPLAVVCYFIQKYFRVASRDLQQLDDTTQLPL
LSHFAETVEGLTTIRAFRYEARFQQKLLEYTDSNNIASLFLTAANRWLEVRMEYIGACVVLIAAATSISNSLHRELSAGL
VGLGLTYALMVSNYLNWMVRNLADMEIQLGAVKRIHALLKTEAESYEGLLAPSLIPKNWPDQGKIQIQNLSVRYDSSLKP
VLKHVNALISPGQKIGICGRTGSGKSSFSLAFFRMVDMFEGRIIIDGIDIAKLPLHTLRSRLSIILQDPVLFSGTIRFNL
DPEKKCSDSTLWEALEIAQLKLVVKALPGGLDAIITEGGENFSQGQRQLFCLARAFVRKTSIFIMDEATASIDMATENIL
QKVVMTAFADRTVVTIAHRVHTILSADLVMVLKRGAILEFDKPETLLSQKDSVFASFVRADK
;
B,D,F,H
#
loop_
_chem_comp.id
_chem_comp.type
_chem_comp.name
_chem_comp.formula
ADP non-polymer ADENOSINE-5'-DIPHOSPHATE 'C10 H15 N5 O10 P2'
MG non-polymer 'MAGNESIUM ION' 'Mg 2'
#
# COMPACT_ATOMS: atom_id res chain seq x y z
N ARG A 32 1.62 -33.61 17.88
CA ARG A 32 1.44 -33.73 16.45
C ARG A 32 2.06 -32.51 15.73
N ALA A 33 2.00 -32.53 14.40
CA ALA A 33 2.63 -31.48 13.60
C ALA A 33 1.77 -30.22 13.57
N ARG A 34 2.42 -29.06 13.69
CA ARG A 34 1.75 -27.78 13.64
C ARG A 34 1.96 -27.10 12.30
N PHE A 35 0.99 -26.28 11.90
CA PHE A 35 1.04 -25.66 10.58
C PHE A 35 2.00 -24.48 10.56
N VAL A 36 1.73 -23.45 11.36
CA VAL A 36 2.66 -22.34 11.57
C VAL A 36 2.83 -22.12 13.06
N SER A 37 4.07 -21.88 13.48
CA SER A 37 4.40 -21.87 14.89
C SER A 37 3.83 -20.62 15.56
N LYS A 38 3.81 -20.66 16.89
CA LYS A 38 3.25 -19.56 17.65
C LYS A 38 4.00 -18.27 17.38
N LYS A 39 5.33 -18.33 17.32
CA LYS A 39 6.12 -17.12 17.11
C LYS A 39 5.81 -16.42 15.80
N GLY A 40 5.05 -17.05 14.90
CA GLY A 40 4.73 -16.48 13.62
C GLY A 40 5.54 -17.03 12.46
N ASN A 41 6.60 -17.78 12.73
CA ASN A 41 7.37 -18.41 11.67
C ASN A 41 6.62 -19.61 11.10
N CYS A 42 6.94 -19.93 9.85
CA CYS A 42 6.27 -21.02 9.13
C CYS A 42 6.95 -22.34 9.42
N ASN A 43 6.15 -23.38 9.63
CA ASN A 43 6.66 -24.68 10.02
C ASN A 43 6.99 -25.56 8.82
N VAL A 44 6.13 -25.56 7.80
CA VAL A 44 6.21 -26.52 6.71
C VAL A 44 7.56 -26.41 6.01
N ALA A 45 8.34 -27.50 6.06
CA ALA A 45 9.64 -27.53 5.41
C ALA A 45 9.46 -27.97 3.97
N HIS A 46 10.06 -27.23 3.05
CA HIS A 46 9.90 -27.49 1.63
C HIS A 46 10.91 -28.51 1.14
N LYS A 47 10.47 -29.36 0.23
CA LYS A 47 11.32 -30.41 -0.30
C LYS A 47 11.21 -30.42 -1.82
N ASN A 48 12.33 -30.73 -2.47
CA ASN A 48 12.40 -30.90 -3.92
C ASN A 48 11.99 -29.61 -4.64
N ILE A 49 12.75 -28.55 -4.39
CA ILE A 49 12.59 -27.29 -5.09
C ILE A 49 13.45 -27.32 -6.35
N ARG A 50 12.81 -27.22 -7.51
CA ARG A 50 13.52 -27.20 -8.79
C ARG A 50 14.29 -25.89 -8.99
N GLU A 51 15.36 -25.69 -8.22
CA GLU A 51 16.08 -24.43 -8.23
C GLU A 51 16.53 -24.11 -9.65
N GLN A 52 15.99 -23.05 -10.23
CA GLN A 52 16.49 -22.56 -11.51
C GLN A 52 17.41 -21.37 -11.31
N GLY A 53 17.82 -21.11 -10.07
CA GLY A 53 18.77 -20.07 -9.76
C GLY A 53 18.17 -18.77 -9.31
N ARG A 54 16.84 -18.63 -9.35
CA ARG A 54 16.23 -17.38 -8.91
C ARG A 54 16.55 -17.07 -7.45
N PHE A 55 16.96 -18.07 -6.66
CA PHE A 55 17.33 -17.85 -5.26
C PHE A 55 18.51 -16.91 -5.13
N LEU A 56 19.47 -16.99 -6.03
CA LEU A 56 20.51 -15.99 -6.06
C LEU A 56 20.24 -14.87 -7.04
N GLN A 57 19.35 -15.08 -8.02
CA GLN A 57 19.07 -14.03 -9.00
C GLN A 57 18.46 -12.78 -8.38
N ASP A 58 18.04 -12.86 -7.12
CA ASP A 58 17.46 -11.80 -6.31
C ASP A 58 18.53 -11.13 -5.48
N VAL A 59 19.69 -10.93 -6.12
CA VAL A 59 20.99 -10.76 -5.50
C VAL A 59 20.92 -9.92 -4.22
N PHE A 60 20.34 -8.73 -4.30
CA PHE A 60 20.31 -7.93 -3.09
C PHE A 60 19.03 -8.12 -2.30
N THR A 61 17.91 -8.48 -2.94
CA THR A 61 16.73 -8.83 -2.15
C THR A 61 16.89 -10.19 -1.46
N THR A 62 17.99 -10.89 -1.73
CA THR A 62 18.34 -12.05 -0.93
C THR A 62 19.06 -11.65 0.34
N LEU A 63 20.14 -10.87 0.20
CA LEU A 63 20.97 -10.56 1.35
C LEU A 63 20.37 -9.50 2.25
N VAL A 64 19.46 -8.66 1.75
CA VAL A 64 18.74 -7.76 2.65
C VAL A 64 17.79 -8.50 3.56
N ASP A 65 17.55 -9.79 3.31
CA ASP A 65 16.80 -10.61 4.23
C ASP A 65 17.65 -11.08 5.40
N LEU A 66 18.97 -11.14 5.25
CA LEU A 66 19.83 -11.85 6.19
C LEU A 66 19.83 -11.19 7.56
N LYS A 67 20.52 -11.83 8.49
CA LYS A 67 20.73 -11.22 9.79
C LYS A 67 21.69 -10.04 9.67
N TRP A 68 22.00 -9.45 10.79
CA TRP A 68 22.95 -8.35 10.83
C TRP A 68 24.41 -8.81 10.79
N PRO A 69 24.81 -9.84 11.54
CA PRO A 69 26.20 -10.27 11.44
C PRO A 69 26.59 -10.74 10.05
N HIS A 70 25.74 -11.52 9.38
CA HIS A 70 26.08 -11.98 8.04
C HIS A 70 26.15 -10.81 7.06
N THR A 71 25.20 -9.89 7.13
CA THR A 71 25.22 -8.78 6.19
C THR A 71 26.42 -7.88 6.45
N LEU A 72 26.78 -7.65 7.71
CA LEU A 72 27.96 -6.85 8.00
C LEU A 72 29.22 -7.58 7.53
N LEU A 73 29.26 -8.91 7.71
CA LEU A 73 30.40 -9.68 7.23
C LEU A 73 30.55 -9.54 5.72
N ILE A 74 29.44 -9.68 4.98
CA ILE A 74 29.58 -9.67 3.53
C ILE A 74 29.86 -8.27 3.03
N PHE A 75 29.47 -7.23 3.78
CA PHE A 75 29.82 -5.87 3.38
C PHE A 75 31.30 -5.58 3.61
N THR A 76 31.82 -5.97 4.77
CA THR A 76 33.24 -5.77 4.95
C THR A 76 34.02 -6.60 3.95
N MET A 77 33.51 -7.77 3.56
CA MET A 77 34.23 -8.60 2.59
C MET A 77 34.17 -8.00 1.19
N SER A 78 33.05 -7.39 0.81
CA SER A 78 33.01 -6.61 -0.42
C SER A 78 34.06 -5.52 -0.42
N PHE A 79 34.08 -4.71 0.64
CA PHE A 79 35.00 -3.59 0.66
C PHE A 79 36.45 -4.06 0.64
N LEU A 80 36.80 -5.02 1.50
CA LEU A 80 38.19 -5.49 1.54
C LEU A 80 38.57 -6.18 0.23
N CYS A 81 37.65 -6.92 -0.38
CA CYS A 81 37.96 -7.53 -1.66
C CYS A 81 38.34 -6.46 -2.68
N SER A 82 37.52 -5.43 -2.83
CA SER A 82 37.84 -4.43 -3.84
C SER A 82 39.15 -3.72 -3.52
N TRP A 83 39.37 -3.37 -2.25
CA TRP A 83 40.58 -2.66 -1.88
C TRP A 83 41.82 -3.47 -2.19
N LEU A 84 41.80 -4.77 -1.84
CA LEU A 84 42.97 -5.60 -2.08
C LEU A 84 43.20 -5.80 -3.57
N LEU A 85 42.13 -5.95 -4.35
CA LEU A 85 42.29 -6.07 -5.79
C LEU A 85 43.06 -4.89 -6.35
N PHE A 86 42.58 -3.67 -6.07
CA PHE A 86 43.25 -2.52 -6.67
C PHE A 86 44.61 -2.25 -6.04
N ALA A 87 44.83 -2.62 -4.78
CA ALA A 87 46.16 -2.47 -4.21
C ALA A 87 47.15 -3.36 -4.92
N MET A 88 46.73 -4.58 -5.27
CA MET A 88 47.61 -5.47 -6.03
C MET A 88 47.92 -4.88 -7.39
N VAL A 89 46.90 -4.40 -8.11
CA VAL A 89 47.17 -3.90 -9.45
C VAL A 89 48.07 -2.67 -9.40
N TRP A 90 47.94 -1.85 -8.35
CA TRP A 90 48.81 -0.67 -8.25
C TRP A 90 50.23 -1.06 -7.89
N TRP A 91 50.39 -1.96 -6.92
CA TRP A 91 51.71 -2.48 -6.64
C TRP A 91 52.37 -2.94 -7.94
N LEU A 92 51.63 -3.68 -8.76
CA LEU A 92 52.19 -4.22 -9.98
C LEU A 92 52.54 -3.12 -10.97
N ILE A 93 51.70 -2.11 -11.08
CA ILE A 93 51.97 -1.10 -12.10
C ILE A 93 53.20 -0.29 -11.70
N ALA A 94 53.35 0.04 -10.40
CA ALA A 94 54.54 0.74 -9.94
C ALA A 94 55.78 -0.13 -10.07
N PHE A 95 55.63 -1.45 -9.89
CA PHE A 95 56.75 -2.34 -10.13
C PHE A 95 57.15 -2.34 -11.59
N ALA A 96 56.16 -2.40 -12.48
CA ALA A 96 56.40 -2.55 -13.90
C ALA A 96 56.98 -1.29 -14.51
N HIS A 97 56.48 -0.11 -14.11
CA HIS A 97 57.07 1.09 -14.67
C HIS A 97 58.56 1.19 -14.32
N GLY A 98 58.98 0.50 -13.27
CA GLY A 98 60.34 0.63 -12.78
C GLY A 98 60.50 1.73 -11.77
N ASP A 99 59.47 2.54 -11.54
CA ASP A 99 59.49 3.51 -10.46
C ASP A 99 59.62 2.83 -9.10
N LEU A 100 59.35 1.53 -9.02
CA LEU A 100 59.50 0.82 -7.75
C LEU A 100 60.97 0.61 -7.42
N ALA A 101 61.81 0.47 -8.44
CA ALA A 101 63.25 0.35 -8.25
C ALA A 101 63.79 1.64 -7.68
N PRO A 102 64.27 1.64 -6.44
CA PRO A 102 64.70 2.89 -5.80
C PRO A 102 65.88 3.49 -6.55
N GLY A 103 65.64 4.67 -7.12
CA GLY A 103 66.66 5.35 -7.90
C GLY A 103 66.45 6.84 -7.83
N GLU A 104 67.56 7.58 -7.82
CA GLU A 104 67.56 9.02 -7.70
C GLU A 104 67.83 9.61 -9.09
N GLY A 105 66.85 10.32 -9.65
CA GLY A 105 67.00 10.99 -10.91
C GLY A 105 66.62 10.11 -12.10
N THR A 106 66.65 10.74 -13.28
CA THR A 106 66.33 10.12 -14.56
C THR A 106 64.91 9.57 -14.61
N ASN A 107 64.10 9.85 -13.60
CA ASN A 107 62.72 9.39 -13.58
C ASN A 107 61.94 10.23 -12.59
N VAL A 108 60.61 10.14 -12.71
CA VAL A 108 59.72 10.58 -11.65
C VAL A 108 58.70 9.46 -11.51
N PRO A 109 58.47 8.94 -10.30
CA PRO A 109 57.52 7.83 -10.17
C PRO A 109 56.13 8.27 -10.61
N CYS A 110 55.39 7.33 -11.21
CA CYS A 110 54.00 7.62 -11.54
C CYS A 110 53.22 7.99 -10.30
N VAL A 111 53.57 7.38 -9.17
CA VAL A 111 53.03 7.74 -7.86
C VAL A 111 54.22 8.12 -6.99
N THR A 112 54.31 9.39 -6.63
CA THR A 112 55.47 9.84 -5.88
C THR A 112 55.52 9.14 -4.52
N SER A 113 56.73 8.86 -4.05
CA SER A 113 56.95 8.28 -2.73
C SER A 113 56.18 6.97 -2.56
N ILE A 114 56.51 6.00 -3.41
CA ILE A 114 56.02 4.64 -3.24
C ILE A 114 57.23 3.73 -3.09
N HIS A 115 57.21 2.88 -2.08
CA HIS A 115 58.36 2.04 -1.80
C HIS A 115 58.05 0.56 -1.82
N SER A 116 57.01 0.13 -1.14
CA SER A 116 56.76 -1.29 -0.98
C SER A 116 55.29 -1.58 -1.14
N PHE A 117 54.93 -2.84 -0.94
CA PHE A 117 53.54 -3.23 -1.05
C PHE A 117 52.70 -2.52 -0.01
N SER A 118 53.22 -2.37 1.20
CA SER A 118 52.45 -1.75 2.27
C SER A 118 52.06 -0.33 1.89
N SER A 119 53.02 0.49 1.45
CA SER A 119 52.66 1.84 1.07
C SER A 119 51.72 1.84 -0.13
N ALA A 120 51.80 0.81 -0.98
CA ALA A 120 50.88 0.75 -2.11
C ALA A 120 49.45 0.49 -1.65
N PHE A 121 49.28 -0.44 -0.72
CA PHE A 121 47.95 -0.68 -0.15
C PHE A 121 47.44 0.54 0.59
N LEU A 122 48.35 1.29 1.22
CA LEU A 122 47.96 2.55 1.83
C LEU A 122 47.50 3.55 0.78
N PHE A 123 48.13 3.55 -0.41
CA PHE A 123 47.66 4.42 -1.47
C PHE A 123 46.30 3.98 -1.98
N SER A 124 46.09 2.67 -2.07
CA SER A 124 44.81 2.17 -2.55
C SER A 124 43.68 2.57 -1.61
N ILE A 125 43.88 2.37 -0.31
CA ILE A 125 42.82 2.80 0.60
C ILE A 125 42.75 4.31 0.70
N GLU A 126 43.82 5.03 0.34
CA GLU A 126 43.77 6.49 0.38
C GLU A 126 42.94 7.06 -0.75
N VAL A 127 43.02 6.46 -1.94
CA VAL A 127 42.24 7.00 -3.04
C VAL A 127 40.86 6.36 -3.13
N GLN A 128 40.72 5.09 -2.76
CA GLN A 128 39.43 4.42 -2.92
C GLN A 128 38.38 5.08 -2.04
N VAL A 129 38.57 5.04 -0.72
CA VAL A 129 37.50 5.41 0.19
C VAL A 129 37.48 6.92 0.36
N THR A 130 38.24 7.61 -0.48
CA THR A 130 38.15 9.06 -0.64
C THR A 130 38.52 9.81 0.64
N ILE A 131 39.61 9.38 1.28
CA ILE A 131 40.27 10.18 2.30
C ILE A 131 41.29 11.13 1.67
N GLY A 132 42.04 10.65 0.68
CA GLY A 132 42.99 11.47 -0.05
C GLY A 132 44.10 12.11 0.78
N PHE A 133 45.03 11.30 1.28
CA PHE A 133 46.06 11.80 2.19
C PHE A 133 47.05 12.69 1.46
N GLY A 134 47.42 12.32 0.24
CA GLY A 134 48.28 13.16 -0.56
C GLY A 134 49.76 13.14 -0.22
N GLY A 135 50.20 12.22 0.64
CA GLY A 135 51.62 12.06 0.84
C GLY A 135 52.28 11.42 -0.36
N ARG A 136 51.59 10.49 -1.01
CA ARG A 136 52.02 9.91 -2.27
C ARG A 136 51.14 10.48 -3.36
N MET A 137 51.77 11.10 -4.35
CA MET A 137 51.09 11.85 -5.39
C MET A 137 51.16 11.05 -6.67
N VAL A 138 50.01 10.83 -7.29
CA VAL A 138 49.95 10.32 -8.64
C VAL A 138 50.21 11.49 -9.59
N THR A 139 51.07 11.25 -10.59
CA THR A 139 51.63 12.32 -11.40
C THR A 139 51.11 12.24 -12.84
N GLU A 140 51.35 13.32 -13.59
CA GLU A 140 50.89 13.48 -14.96
C GLU A 140 51.87 12.93 -15.99
N GLU A 141 52.80 12.08 -15.57
CA GLU A 141 53.75 11.47 -16.48
C GLU A 141 53.24 10.18 -17.10
N CYS A 142 52.39 9.44 -16.39
CA CYS A 142 51.91 8.13 -16.84
C CYS A 142 50.40 8.12 -17.00
N PRO A 143 49.87 8.06 -18.22
CA PRO A 143 48.41 8.00 -18.39
C PRO A 143 47.80 6.67 -17.98
N LEU A 144 48.60 5.61 -17.87
CA LEU A 144 48.06 4.34 -17.41
C LEU A 144 47.56 4.44 -15.98
N ALA A 145 48.31 5.15 -15.13
CA ALA A 145 47.85 5.40 -13.76
C ALA A 145 46.58 6.24 -13.75
N ILE A 146 46.44 7.16 -14.71
CA ILE A 146 45.20 7.92 -14.82
C ILE A 146 44.03 6.98 -15.10
N LEU A 147 44.23 6.02 -16.00
CA LEU A 147 43.15 5.08 -16.29
C LEU A 147 42.80 4.24 -15.06
N ILE A 148 43.81 3.74 -14.36
CA ILE A 148 43.50 2.91 -13.21
C ILE A 148 42.77 3.72 -12.15
N LEU A 149 43.11 5.01 -12.00
CA LEU A 149 42.38 5.82 -11.05
C LEU A 149 40.95 6.06 -11.50
N ILE A 150 40.74 6.32 -12.78
CA ILE A 150 39.42 6.69 -13.28
C ILE A 150 38.49 5.51 -13.33
N VAL A 151 39.00 4.29 -13.24
CA VAL A 151 38.12 3.15 -13.03
C VAL A 151 38.00 2.79 -11.54
N GLN A 152 39.08 2.94 -10.78
CA GLN A 152 39.03 2.71 -9.36
C GLN A 152 37.93 3.53 -8.72
N ASN A 153 37.90 4.81 -9.02
CA ASN A 153 36.97 5.68 -8.32
C ASN A 153 35.53 5.38 -8.70
N ILE A 154 35.24 5.15 -9.98
CA ILE A 154 33.86 4.88 -10.35
C ILE A 154 33.41 3.55 -9.77
N VAL A 155 34.25 2.52 -9.77
CA VAL A 155 33.77 1.27 -9.16
C VAL A 155 33.58 1.46 -7.67
N GLY A 156 34.47 2.23 -7.04
CA GLY A 156 34.30 2.51 -5.64
C GLY A 156 32.98 3.19 -5.37
N LEU A 157 32.63 4.16 -6.22
CA LEU A 157 31.40 4.89 -5.98
C LEU A 157 30.19 4.02 -6.21
N MET A 158 30.24 3.15 -7.20
CA MET A 158 29.08 2.31 -7.45
C MET A 158 28.86 1.33 -6.30
N ILE A 159 29.93 0.70 -5.82
CA ILE A 159 29.76 -0.28 -4.76
C ILE A 159 29.42 0.38 -3.43
N ASN A 160 29.85 1.63 -3.24
CA ASN A 160 29.40 2.41 -2.10
C ASN A 160 27.92 2.72 -2.21
N ALA A 161 27.45 3.04 -3.42
CA ALA A 161 26.04 3.38 -3.60
C ALA A 161 25.15 2.18 -3.30
N ILE A 162 25.50 1.01 -3.83
CA ILE A 162 24.68 -0.16 -3.55
C ILE A 162 24.77 -0.54 -2.07
N MET A 163 25.98 -0.48 -1.48
CA MET A 163 26.11 -0.88 -0.09
C MET A 163 25.53 0.12 0.88
N LEU A 164 25.07 1.27 0.38
CA LEU A 164 24.24 2.09 1.23
C LEU A 164 22.76 1.85 0.98
N GLY A 165 22.34 1.78 -0.29
CA GLY A 165 20.94 1.53 -0.56
C GLY A 165 20.45 0.23 0.05
N CYS A 166 21.23 -0.84 -0.04
CA CYS A 166 20.74 -2.08 0.50
C CYS A 166 20.68 -2.06 2.02
N ILE A 167 21.65 -1.45 2.72
CA ILE A 167 21.52 -1.39 4.17
C ILE A 167 20.32 -0.52 4.54
N PHE A 168 20.01 0.53 3.76
CA PHE A 168 18.82 1.28 4.13
C PHE A 168 17.56 0.47 3.87
N MET A 169 17.50 -0.21 2.73
CA MET A 169 16.37 -1.08 2.44
C MET A 169 16.21 -2.12 3.51
N LYS A 170 17.29 -2.45 4.20
CA LYS A 170 17.23 -3.33 5.35
C LYS A 170 16.61 -2.64 6.55
N THR A 171 17.08 -1.45 6.90
CA THR A 171 16.55 -0.82 8.11
C THR A 171 15.05 -0.53 8.02
N ALA A 172 14.41 -0.83 6.89
CA ALA A 172 12.96 -0.94 6.83
C ALA A 172 12.48 -2.36 7.12
N GLN A 173 13.28 -3.15 7.79
CA GLN A 173 12.77 -4.38 8.39
C GLN A 173 11.90 -3.97 9.56
N ALA A 174 10.58 -4.13 9.42
CA ALA A 174 9.67 -3.85 10.51
C ALA A 174 9.01 -5.12 11.05
N HIS A 175 9.48 -6.30 10.64
CA HIS A 175 9.02 -7.52 11.27
C HIS A 175 9.16 -7.43 12.78
N ARG A 176 10.19 -6.75 13.29
CA ARG A 176 10.26 -6.55 14.73
C ARG A 176 8.96 -5.97 15.27
N ARG A 177 8.39 -4.97 14.56
CA ARG A 177 7.03 -4.53 14.85
C ARG A 177 6.02 -5.65 14.66
N ALA A 178 6.31 -6.65 13.84
CA ALA A 178 5.45 -7.81 13.91
C ALA A 178 5.72 -8.62 15.17
N GLU A 179 6.87 -8.40 15.83
CA GLU A 179 7.13 -9.10 17.07
C GLU A 179 6.33 -8.47 18.21
N THR A 180 6.20 -7.14 18.21
CA THR A 180 5.59 -6.52 19.40
C THR A 180 4.12 -6.87 19.55
N LEU A 181 3.42 -7.23 18.46
CA LEU A 181 2.02 -7.61 18.64
C LEU A 181 1.94 -8.89 19.46
N ILE A 182 0.82 -9.07 20.16
CA ILE A 182 0.60 -10.25 20.98
C ILE A 182 -0.84 -10.73 20.88
N PHE A 183 -1.01 -12.03 20.95
CA PHE A 183 -2.31 -12.67 21.02
C PHE A 183 -2.37 -13.50 22.29
N SER A 184 -3.57 -13.71 22.81
CA SER A 184 -3.70 -14.54 24.00
C SER A 184 -3.33 -15.98 23.69
N LYS A 185 -2.85 -16.69 24.71
CA LYS A 185 -2.25 -18.01 24.49
C LYS A 185 -3.27 -19.02 23.98
N HIS A 186 -4.47 -19.01 24.56
CA HIS A 186 -5.56 -19.88 24.14
C HIS A 186 -6.84 -19.06 23.94
N ALA A 187 -7.72 -19.55 23.08
CA ALA A 187 -8.96 -18.89 22.72
C ALA A 187 -10.15 -19.66 23.27
N VAL A 188 -11.16 -18.94 23.76
CA VAL A 188 -12.37 -19.53 24.32
C VAL A 188 -13.56 -19.22 23.44
N ILE A 189 -14.60 -20.04 23.57
CA ILE A 189 -15.88 -19.82 22.91
C ILE A 189 -16.93 -19.56 23.98
N THR A 190 -18.00 -18.86 23.59
CA THR A 190 -19.05 -18.49 24.55
C THR A 190 -20.40 -18.51 23.85
N LEU A 191 -21.43 -18.06 24.55
CA LEU A 191 -22.77 -17.91 24.00
C LEU A 191 -23.15 -16.43 24.10
N ARG A 192 -23.18 -15.76 22.96
CA ARG A 192 -23.57 -14.36 22.91
C ARG A 192 -24.80 -14.15 22.04
N HIS A 193 -25.80 -13.46 22.58
CA HIS A 193 -27.01 -13.15 21.84
C HIS A 193 -27.75 -14.38 21.41
N GLY A 194 -27.67 -15.42 22.22
CA GLY A 194 -28.40 -16.65 21.95
C GLY A 194 -27.75 -17.54 20.91
N ARG A 195 -26.56 -17.17 20.49
CA ARG A 195 -25.82 -17.93 19.48
C ARG A 195 -24.40 -18.19 19.95
N LEU A 196 -23.85 -19.35 19.57
CA LEU A 196 -22.49 -19.68 19.97
C LEU A 196 -21.48 -18.71 19.36
N CYS A 197 -20.49 -18.32 20.16
CA CYS A 197 -19.47 -17.38 19.71
C CYS A 197 -18.07 -17.76 20.18
N PHE A 198 -17.06 -17.35 19.42
CA PHE A 198 -15.66 -17.60 19.79
C PHE A 198 -14.94 -16.28 19.99
N MET A 199 -14.24 -16.14 21.11
CA MET A 199 -13.55 -14.90 21.43
C MET A 199 -12.02 -15.07 21.57
N LEU A 200 -11.28 -14.21 20.89
CA LEU A 200 -9.82 -14.20 20.98
C LEU A 200 -9.35 -12.77 21.18
N ARG A 201 -8.25 -12.59 21.91
CA ARG A 201 -7.74 -11.25 22.19
C ARG A 201 -6.58 -10.89 21.27
N VAL A 202 -6.42 -9.59 21.04
CA VAL A 202 -5.26 -9.01 20.39
C VAL A 202 -4.89 -7.74 21.14
N GLY A 203 -3.86 -7.06 20.67
CA GLY A 203 -3.44 -5.86 21.37
C GLY A 203 -2.18 -5.29 20.79
N ASP A 204 -1.91 -4.06 21.18
CA ASP A 204 -0.74 -3.32 20.75
C ASP A 204 0.22 -3.20 21.93
N LEU A 205 1.50 -3.05 21.63
CA LEU A 205 2.51 -2.95 22.67
C LEU A 205 3.30 -1.66 22.62
N ARG A 206 2.97 -0.72 21.75
CA ARG A 206 3.67 0.55 21.75
C ARG A 206 2.68 1.68 21.52
N LYS A 207 3.20 2.90 21.59
CA LYS A 207 2.40 4.07 21.26
C LYS A 207 2.05 4.09 19.78
N SER A 208 2.98 3.65 18.93
CA SER A 208 2.82 3.76 17.49
C SER A 208 1.70 2.85 17.00
N MET A 209 0.77 3.43 16.24
CA MET A 209 -0.37 2.71 15.71
C MET A 209 0.02 1.89 14.47
N ILE A 210 -0.92 1.06 14.03
CA ILE A 210 -0.76 0.27 12.82
C ILE A 210 -1.96 0.59 11.93
N ILE A 211 -1.69 1.06 10.72
CA ILE A 211 -2.72 1.66 9.88
C ILE A 211 -3.49 0.56 9.14
N SER A 212 -4.82 0.58 9.29
CA SER A 212 -5.74 -0.19 8.45
C SER A 212 -5.54 -1.70 8.57
N ALA A 213 -5.23 -2.15 9.78
CA ALA A 213 -5.04 -3.58 10.03
C ALA A 213 -6.29 -4.37 9.64
N THR A 214 -6.09 -5.49 8.98
CA THR A 214 -7.21 -6.33 8.57
C THR A 214 -6.98 -7.76 9.04
N ILE A 215 -8.07 -8.48 9.26
CA ILE A 215 -8.03 -9.83 9.82
C ILE A 215 -8.47 -10.81 8.76
N HIS A 216 -7.60 -11.79 8.48
CA HIS A 216 -7.92 -12.94 7.65
C HIS A 216 -7.84 -14.15 8.55
N MET A 217 -8.98 -14.74 8.86
CA MET A 217 -9.11 -15.78 9.86
C MET A 217 -9.43 -17.10 9.17
N GLN A 218 -8.54 -18.08 9.28
CA GLN A 218 -8.61 -19.28 8.46
C GLN A 218 -8.54 -20.54 9.30
N VAL A 219 -9.17 -21.60 8.80
CA VAL A 219 -9.25 -22.90 9.48
C VAL A 219 -8.70 -23.96 8.53
N VAL A 220 -7.91 -24.90 9.05
CA VAL A 220 -7.38 -25.96 8.20
C VAL A 220 -7.78 -27.32 8.75
N ARG A 221 -7.96 -28.28 7.84
CA ARG A 221 -8.43 -29.61 8.20
C ARG A 221 -8.23 -30.58 7.04
N LYS A 222 -7.80 -31.80 7.34
CA LYS A 222 -7.75 -32.84 6.33
C LYS A 222 -9.17 -33.21 5.92
N THR A 223 -9.53 -32.93 4.68
CA THR A 223 -10.91 -33.04 4.23
C THR A 223 -11.04 -34.04 3.11
N THR A 224 -12.16 -34.77 3.10
CA THR A 224 -12.51 -35.70 2.04
C THR A 224 -13.81 -35.25 1.40
N SER A 225 -13.76 -34.97 0.09
CA SER A 225 -14.93 -34.51 -0.62
C SER A 225 -15.91 -35.67 -0.84
N PRO A 226 -17.17 -35.36 -1.14
CA PRO A 226 -18.11 -36.44 -1.52
C PRO A 226 -17.71 -37.13 -2.81
N GLU A 227 -16.81 -36.55 -3.59
CA GLU A 227 -16.32 -37.16 -4.82
C GLU A 227 -15.17 -38.12 -4.58
N GLY A 228 -14.90 -38.47 -3.32
CA GLY A 228 -13.78 -39.34 -3.02
C GLY A 228 -12.43 -38.65 -2.99
N GLU A 229 -12.40 -37.33 -3.18
CA GLU A 229 -11.14 -36.60 -3.15
C GLU A 229 -10.78 -36.27 -1.71
N VAL A 230 -9.57 -36.63 -1.31
CA VAL A 230 -9.04 -36.35 0.02
C VAL A 230 -7.95 -35.30 -0.11
N VAL A 231 -8.06 -34.23 0.66
CA VAL A 231 -7.02 -33.20 0.70
C VAL A 231 -6.28 -33.32 2.03
N PRO A 232 -4.95 -33.20 2.03
CA PRO A 232 -4.22 -33.30 3.30
C PRO A 232 -4.42 -32.11 4.20
N LEU A 233 -4.84 -30.97 3.66
CA LEU A 233 -4.98 -29.72 4.40
C LEU A 233 -5.83 -28.78 3.57
N HIS A 234 -6.80 -28.13 4.20
CA HIS A 234 -7.84 -27.40 3.48
C HIS A 234 -8.15 -26.07 4.15
N GLN A 235 -7.54 -24.98 3.66
CA GLN A 235 -7.77 -23.66 4.22
C GLN A 235 -9.13 -23.14 3.78
N VAL A 236 -9.90 -22.62 4.73
CA VAL A 236 -11.21 -22.03 4.44
C VAL A 236 -11.37 -20.78 5.30
N ASP A 237 -11.92 -19.73 4.70
CA ASP A 237 -12.10 -18.48 5.43
C ASP A 237 -13.29 -18.59 6.35
N ILE A 238 -13.09 -18.20 7.60
CA ILE A 238 -14.17 -17.96 8.55
C ILE A 238 -14.27 -16.46 8.76
N PRO A 239 -15.45 -15.87 8.63
CA PRO A 239 -15.53 -14.40 8.59
C PRO A 239 -15.23 -13.81 9.95
N MET A 240 -14.69 -12.59 9.94
CA MET A 240 -14.67 -11.77 11.14
C MET A 240 -15.89 -10.87 11.12
N GLU A 241 -16.65 -10.86 12.21
CA GLU A 241 -17.96 -10.23 12.21
C GLU A 241 -17.87 -8.87 12.88
N ASN A 242 -17.93 -7.84 12.04
CA ASN A 242 -17.84 -6.43 12.38
C ASN A 242 -19.19 -5.82 12.00
N GLY A 243 -19.26 -4.50 11.90
CA GLY A 243 -20.48 -3.84 11.44
C GLY A 243 -20.80 -4.24 10.00
N VAL A 244 -21.60 -3.45 9.27
CA VAL A 244 -22.25 -3.88 8.03
C VAL A 244 -21.44 -4.82 7.15
N GLY A 245 -20.12 -4.83 7.32
CA GLY A 245 -19.27 -5.69 6.52
C GLY A 245 -17.83 -5.51 6.95
N GLY A 246 -16.92 -5.39 6.00
CA GLY A 246 -15.56 -5.05 6.36
C GLY A 246 -14.71 -6.20 6.85
N ASN A 247 -13.47 -6.21 6.37
CA ASN A 247 -12.51 -7.24 6.72
C ASN A 247 -11.53 -6.78 7.79
N GLY A 248 -11.52 -5.49 8.12
CA GLY A 248 -10.48 -4.90 8.93
C GLY A 248 -11.03 -4.27 10.20
N ILE A 249 -10.11 -3.93 11.11
CA ILE A 249 -10.41 -3.51 12.46
C ILE A 249 -9.54 -2.31 12.84
N PHE A 250 -9.76 -1.81 14.05
CA PHE A 250 -9.05 -0.64 14.56
C PHE A 250 -8.51 -0.98 15.94
N LEU A 251 -7.20 -0.88 16.10
CA LEU A 251 -6.47 -1.36 17.27
C LEU A 251 -5.99 -0.18 18.11
N VAL A 252 -6.61 0.03 19.25
CA VAL A 252 -6.10 1.00 20.22
C VAL A 252 -5.85 0.26 21.53
N ALA A 253 -6.91 -0.29 22.10
CA ALA A 253 -6.89 -1.14 23.27
C ALA A 253 -7.09 -2.59 22.87
N PRO A 254 -6.78 -3.56 23.76
CA PRO A 254 -7.07 -4.96 23.45
C PRO A 254 -8.53 -5.22 23.12
N LEU A 255 -8.78 -5.58 21.87
CA LEU A 255 -10.12 -5.80 21.35
C LEU A 255 -10.32 -7.28 21.09
N ILE A 256 -11.25 -7.90 21.81
CA ILE A 256 -11.63 -9.27 21.52
C ILE A 256 -12.34 -9.33 20.18
N ILE A 257 -11.83 -10.16 19.27
CA ILE A 257 -12.41 -10.35 17.96
C ILE A 257 -13.60 -11.28 18.08
N TYR A 258 -14.69 -10.93 17.41
CA TYR A 258 -16.01 -11.48 17.68
C TYR A 258 -16.56 -12.08 16.40
N HIS A 259 -16.57 -13.41 16.31
CA HIS A 259 -17.21 -14.09 15.21
C HIS A 259 -18.37 -14.90 15.75
N VAL A 260 -19.41 -15.09 14.94
CA VAL A 260 -20.52 -15.98 15.31
C VAL A 260 -20.59 -17.11 14.30
N ILE A 261 -20.37 -18.33 14.77
CA ILE A 261 -20.48 -19.51 13.91
C ILE A 261 -21.96 -19.81 13.70
N ASP A 262 -22.35 -19.96 12.45
CA ASP A 262 -23.72 -20.29 12.09
C ASP A 262 -23.70 -21.56 11.25
N SER A 263 -24.91 -22.03 10.90
CA SER A 263 -25.03 -23.27 10.15
C SER A 263 -24.27 -23.22 8.83
N ASN A 264 -24.10 -22.02 8.25
CA ASN A 264 -23.33 -21.88 7.03
C ASN A 264 -21.82 -21.95 7.27
N SER A 265 -21.37 -21.65 8.48
CA SER A 265 -19.94 -21.62 8.76
C SER A 265 -19.33 -23.01 8.69
N PRO A 266 -18.04 -23.11 8.31
CA PRO A 266 -17.41 -24.43 8.17
C PRO A 266 -17.10 -25.10 9.49
N LEU A 267 -16.90 -24.33 10.55
CA LEU A 267 -16.57 -24.87 11.86
C LEU A 267 -17.80 -25.38 12.60
N TYR A 268 -18.99 -25.18 12.04
CA TYR A 268 -20.26 -25.36 12.74
C TYR A 268 -20.57 -26.82 13.10
N ASP A 269 -19.83 -27.79 12.57
CA ASP A 269 -20.24 -29.18 12.71
C ASP A 269 -19.57 -29.92 13.88
N LEU A 270 -18.51 -29.37 14.47
CA LEU A 270 -17.72 -30.13 15.43
C LEU A 270 -18.48 -30.30 16.76
N ALA A 271 -17.90 -31.15 17.64
CA ALA A 271 -18.43 -31.49 18.95
C ALA A 271 -17.51 -30.97 20.07
N PRO A 272 -18.07 -30.59 21.22
CA PRO A 272 -17.24 -29.99 22.28
C PRO A 272 -16.38 -30.98 23.03
N SER A 273 -16.71 -32.28 23.01
CA SER A 273 -15.90 -33.26 23.72
C SER A 273 -14.84 -33.90 22.84
N ASP A 274 -14.93 -33.75 21.53
CA ASP A 274 -13.98 -34.36 20.61
C ASP A 274 -12.85 -33.43 20.23
N LEU A 275 -12.91 -32.16 20.64
CA LEU A 275 -11.89 -31.20 20.25
C LEU A 275 -10.65 -31.28 21.11
N HIS A 276 -10.80 -31.59 22.41
CA HIS A 276 -9.69 -31.42 23.33
C HIS A 276 -8.53 -32.35 23.03
N HIS A 277 -8.80 -33.56 22.57
CA HIS A 277 -7.73 -34.56 22.47
C HIS A 277 -7.48 -35.04 21.05
N HIS A 278 -8.50 -35.52 20.36
CA HIS A 278 -8.31 -36.34 19.17
C HIS A 278 -8.20 -35.51 17.90
N GLN A 279 -9.22 -34.69 17.62
CA GLN A 279 -9.31 -34.00 16.34
C GLN A 279 -8.08 -33.14 16.10
N ASP A 280 -7.81 -32.87 14.82
CA ASP A 280 -6.69 -32.05 14.39
C ASP A 280 -7.24 -30.84 13.62
N LEU A 281 -7.44 -29.73 14.34
CA LEU A 281 -7.99 -28.51 13.77
C LEU A 281 -7.13 -27.33 14.18
N GLU A 282 -6.44 -26.72 13.21
CA GLU A 282 -5.67 -25.51 13.44
C GLU A 282 -6.48 -24.33 12.95
N ILE A 283 -6.70 -23.36 13.83
CA ILE A 283 -7.35 -22.10 13.48
C ILE A 283 -6.28 -21.02 13.56
N ILE A 284 -5.91 -20.47 12.41
CA ILE A 284 -4.87 -19.45 12.37
C ILE A 284 -5.52 -18.11 12.11
N VAL A 285 -4.88 -17.07 12.61
CA VAL A 285 -5.29 -15.71 12.30
C VAL A 285 -4.10 -14.96 11.72
N ILE A 286 -4.36 -14.17 10.69
CA ILE A 286 -3.35 -13.37 10.03
C ILE A 286 -3.84 -11.94 10.11
N LEU A 287 -3.15 -11.13 10.90
CA LEU A 287 -3.46 -9.71 10.99
C LEU A 287 -2.43 -8.93 10.20
N GLU A 288 -2.90 -8.12 9.25
CA GLU A 288 -2.05 -7.32 8.38
C GLU A 288 -2.25 -5.85 8.74
N GLY A 289 -1.24 -5.05 8.44
CA GLY A 289 -1.39 -3.62 8.64
C GLY A 289 -0.09 -2.93 8.34
N VAL A 290 -0.12 -1.67 7.99
CA VAL A 290 1.09 -0.93 7.68
C VAL A 290 1.44 -0.06 8.86
N VAL A 291 2.70 -0.14 9.32
CA VAL A 291 3.14 0.70 10.43
C VAL A 291 3.27 2.16 9.97
N GLU A 292 3.14 3.06 10.94
CA GLU A 292 3.04 4.48 10.60
C GLU A 292 4.33 5.01 10.01
N THR A 293 5.44 4.92 10.77
CA THR A 293 6.63 5.71 10.49
C THR A 293 7.40 5.19 9.28
N THR A 294 7.53 3.88 9.13
CA THR A 294 8.25 3.37 7.97
C THR A 294 7.34 3.33 6.75
N GLY A 295 6.07 2.99 6.94
CA GLY A 295 5.14 2.85 5.84
C GLY A 295 5.05 1.46 5.26
N ILE A 296 5.91 0.53 5.70
CA ILE A 296 5.87 -0.83 5.20
C ILE A 296 4.62 -1.54 5.72
N THR A 297 4.25 -2.63 5.05
CA THR A 297 3.09 -3.42 5.45
C THR A 297 3.57 -4.70 6.12
N THR A 298 3.33 -4.83 7.41
CA THR A 298 3.71 -6.00 8.18
C THR A 298 2.47 -6.81 8.49
N GLN A 299 2.69 -8.02 9.00
CA GLN A 299 1.57 -8.85 9.42
C GLN A 299 2.05 -9.76 10.53
N ALA A 300 1.11 -10.48 11.13
CA ALA A 300 1.44 -11.46 12.16
C ALA A 300 0.50 -12.65 12.01
N ARG A 301 1.04 -13.82 12.28
CA ARG A 301 0.36 -15.08 12.05
C ARG A 301 0.43 -15.93 13.30
N THR A 302 -0.70 -16.48 13.73
CA THR A 302 -0.64 -17.41 14.84
C THR A 302 -1.64 -18.53 14.66
N SER A 303 -1.34 -19.68 15.28
CA SER A 303 -2.13 -20.89 15.21
C SER A 303 -2.72 -21.23 16.57
N TYR A 304 -3.91 -21.81 16.56
CA TYR A 304 -4.51 -22.40 17.74
C TYR A 304 -4.90 -23.84 17.41
N LEU A 305 -4.37 -24.78 18.20
CA LEU A 305 -4.60 -26.19 17.94
C LEU A 305 -5.89 -26.65 18.62
N ALA A 306 -6.26 -27.90 18.35
CA ALA A 306 -7.44 -28.47 18.99
C ALA A 306 -7.21 -28.68 20.48
N ASP A 307 -5.96 -28.85 20.89
CA ASP A 307 -5.66 -29.01 22.32
C ASP A 307 -5.46 -27.66 23.02
N GLU A 308 -5.25 -26.57 22.28
CA GLU A 308 -5.07 -25.25 22.88
C GLU A 308 -6.39 -24.59 23.23
N ILE A 309 -7.39 -24.74 22.35
CA ILE A 309 -8.66 -24.09 22.55
C ILE A 309 -9.46 -24.83 23.62
N LEU A 310 -10.31 -24.08 24.33
CA LEU A 310 -11.15 -24.65 25.38
C LEU A 310 -12.57 -24.09 25.24
N TRP A 311 -13.47 -24.58 26.09
CA TRP A 311 -14.91 -24.39 25.91
C TRP A 311 -15.55 -23.71 27.12
N GLY A 312 -16.52 -22.86 26.85
CA GLY A 312 -17.38 -22.29 27.89
C GLY A 312 -16.69 -21.51 28.99
N GLN A 313 -16.14 -20.34 28.67
CA GLN A 313 -15.45 -19.48 29.63
C GLN A 313 -15.70 -18.03 29.27
N ARG A 314 -15.09 -17.12 30.02
CA ARG A 314 -15.15 -15.71 29.64
C ARG A 314 -13.92 -14.98 30.15
N PHE A 315 -13.38 -14.09 29.32
CA PHE A 315 -12.23 -13.31 29.73
C PHE A 315 -12.62 -12.28 30.79
N VAL A 316 -11.62 -11.81 31.52
CA VAL A 316 -11.84 -10.80 32.56
C VAL A 316 -11.73 -9.42 31.92
N PRO A 317 -12.59 -8.47 32.26
CA PRO A 317 -12.49 -7.12 31.67
C PRO A 317 -11.17 -6.44 32.03
N ILE A 318 -10.43 -6.04 30.99
CA ILE A 318 -9.14 -5.39 31.16
C ILE A 318 -9.33 -3.90 31.43
N VAL A 319 -9.99 -3.19 30.50
CA VAL A 319 -10.11 -1.74 30.61
C VAL A 319 -10.87 -1.36 31.87
N ALA A 320 -10.38 -0.33 32.54
CA ALA A 320 -11.03 0.15 33.74
C ALA A 320 -10.95 1.66 33.79
N GLU A 321 -12.02 2.29 34.26
CA GLU A 321 -12.05 3.74 34.38
C GLU A 321 -11.14 4.15 35.52
N GLU A 322 -9.93 4.56 35.19
CA GLU A 322 -9.02 5.13 36.16
C GLU A 322 -9.17 6.65 36.16
N ASP A 323 -8.32 7.28 36.98
CA ASP A 323 -8.50 8.58 37.61
C ASP A 323 -9.18 9.56 36.68
N GLY A 324 -8.62 9.71 35.49
CA GLY A 324 -9.27 10.50 34.48
C GLY A 324 -9.12 9.85 33.11
N ARG A 325 -8.71 8.59 33.08
CA ARG A 325 -8.42 7.93 31.81
C ARG A 325 -8.93 6.50 31.84
N TYR A 326 -8.48 5.70 30.87
CA TYR A 326 -8.75 4.28 30.85
C TYR A 326 -7.44 3.55 31.09
N SER A 327 -7.37 2.81 32.18
CA SER A 327 -6.21 2.00 32.48
C SER A 327 -6.45 0.60 31.92
N VAL A 328 -5.44 0.06 31.25
CA VAL A 328 -5.47 -1.32 30.77
C VAL A 328 -4.44 -2.12 31.57
N ASP A 329 -4.89 -3.22 32.15
CA ASP A 329 -4.02 -4.10 32.94
C ASP A 329 -3.76 -5.37 32.14
N TYR A 330 -2.51 -5.58 31.76
CA TYR A 330 -2.15 -6.75 30.97
C TYR A 330 -1.86 -7.98 31.81
N SER A 331 -1.99 -7.89 33.14
CA SER A 331 -1.86 -9.07 33.98
C SER A 331 -3.02 -10.02 33.78
N LYS A 332 -4.23 -9.47 33.68
CA LYS A 332 -5.42 -10.26 33.42
C LYS A 332 -5.62 -10.54 31.94
N PHE A 333 -4.65 -10.18 31.09
CA PHE A 333 -4.80 -10.39 29.66
C PHE A 333 -5.20 -11.83 29.37
N GLY A 334 -4.42 -12.78 29.86
CA GLY A 334 -4.71 -14.18 29.68
C GLY A 334 -5.56 -14.81 30.76
N ASN A 335 -6.18 -14.02 31.64
CA ASN A 335 -6.99 -14.61 32.69
C ASN A 335 -8.39 -14.93 32.18
N THR A 336 -9.04 -15.87 32.87
CA THR A 336 -10.28 -16.48 32.41
C THR A 336 -11.13 -16.90 33.60
N ILE A 337 -12.44 -16.71 33.48
CA ILE A 337 -13.37 -17.07 34.54
C ILE A 337 -14.38 -18.07 33.98
N LYS A 338 -14.89 -18.90 34.89
CA LYS A 338 -15.91 -19.89 34.55
C LYS A 338 -17.25 -19.24 34.34
N VAL A 339 -18.02 -19.75 33.39
CA VAL A 339 -19.35 -19.25 33.10
C VAL A 339 -20.32 -20.41 32.91
N PRO A 340 -21.45 -20.42 33.61
CA PRO A 340 -22.41 -21.53 33.43
C PRO A 340 -23.15 -21.46 32.11
N THR A 341 -22.52 -21.96 31.03
CA THR A 341 -23.14 -22.01 29.73
C THR A 341 -23.35 -23.47 29.28
N PRO A 342 -24.42 -23.75 28.55
CA PRO A 342 -24.66 -25.14 28.13
C PRO A 342 -23.58 -25.65 27.18
N LEU A 343 -23.21 -26.91 27.36
CA LEU A 343 -22.15 -27.56 26.59
C LEU A 343 -22.79 -28.55 25.61
N CYS A 344 -22.69 -28.25 24.32
CA CYS A 344 -23.27 -29.09 23.28
C CYS A 344 -22.66 -28.72 21.94
N THR A 345 -22.91 -29.56 20.93
CA THR A 345 -22.35 -29.33 19.60
C THR A 345 -23.13 -28.26 18.87
N ALA A 346 -22.42 -27.49 18.04
CA ALA A 346 -23.04 -26.36 17.33
C ALA A 346 -24.15 -26.83 16.41
N ARG A 347 -24.00 -28.01 15.80
CA ARG A 347 -25.10 -28.59 15.03
C ARG A 347 -26.26 -28.93 15.94
N GLN A 348 -25.99 -29.65 17.02
CA GLN A 348 -27.05 -29.96 17.99
C GLN A 348 -27.56 -28.71 18.68
N LEU A 349 -26.71 -27.71 18.88
CA LEU A 349 -27.20 -26.45 19.44
C LEU A 349 -28.12 -25.73 18.48
N ASP A 350 -27.84 -25.81 17.18
CA ASP A 350 -28.73 -25.20 16.20
C ASP A 350 -30.05 -25.97 16.13
N GLU A 351 -30.00 -27.29 16.27
CA GLU A 351 -31.23 -28.07 16.31
C GLU A 351 -32.04 -27.75 17.57
N ASP A 352 -31.37 -27.53 18.70
CA ASP A 352 -32.08 -27.12 19.90
C ASP A 352 -32.63 -25.71 19.79
N ARG A 353 -31.93 -24.82 19.06
CA ARG A 353 -32.48 -23.49 18.80
C ARG A 353 -33.72 -23.59 17.91
N SER A 354 -33.70 -24.51 16.95
CA SER A 354 -34.92 -24.82 16.21
C SER A 354 -36.01 -25.35 17.14
N LEU A 355 -35.61 -26.06 18.19
CA LEU A 355 -36.54 -26.50 19.23
C LEU A 355 -36.72 -25.48 20.35
N LEU A 356 -35.87 -24.46 20.42
CA LEU A 356 -35.96 -23.45 21.46
C LEU A 356 -35.20 -22.17 21.06
N ASN B 24 63.77 -10.10 -15.73
CA ASN B 24 62.73 -9.62 -14.82
C ASN B 24 61.94 -10.77 -14.21
N GLY B 25 62.64 -11.66 -13.49
CA GLY B 25 61.98 -12.84 -12.95
C GLY B 25 60.89 -12.50 -11.95
N CYS B 26 61.21 -11.60 -11.01
CA CYS B 26 60.19 -11.20 -10.04
C CYS B 26 58.98 -10.56 -10.73
N PHE B 27 59.21 -9.85 -11.83
CA PHE B 27 58.09 -9.25 -12.56
C PHE B 27 57.15 -10.32 -13.09
N VAL B 28 57.69 -11.40 -13.65
CA VAL B 28 56.83 -12.46 -14.16
C VAL B 28 56.18 -13.23 -13.02
N ASP B 29 56.88 -13.37 -11.89
CA ASP B 29 56.25 -13.99 -10.72
C ASP B 29 55.03 -13.21 -10.28
N ALA B 30 55.15 -11.89 -10.20
CA ALA B 30 54.01 -11.06 -9.84
C ALA B 30 52.89 -11.16 -10.87
N LEU B 31 53.26 -11.11 -12.15
CA LEU B 31 52.26 -11.24 -13.21
C LEU B 31 51.51 -12.55 -13.10
N ASN B 32 52.15 -13.60 -12.60
CA ASN B 32 51.44 -14.84 -12.34
C ASN B 32 50.55 -14.74 -11.11
N VAL B 33 51.02 -14.04 -10.08
CA VAL B 33 50.23 -13.93 -8.85
C VAL B 33 48.92 -13.22 -9.11
N VAL B 34 48.89 -12.30 -10.08
CA VAL B 34 47.69 -11.47 -10.28
C VAL B 34 46.43 -12.27 -10.55
N PRO B 35 46.36 -13.17 -11.54
CA PRO B 35 45.06 -13.78 -11.88
C PRO B 35 44.49 -14.66 -10.79
N HIS B 36 45.34 -15.38 -10.05
CA HIS B 36 44.84 -16.11 -8.88
C HIS B 36 44.13 -15.17 -7.93
N VAL B 37 44.70 -13.98 -7.72
CA VAL B 37 44.09 -12.99 -6.85
C VAL B 37 42.74 -12.55 -7.41
N PHE B 38 42.67 -12.31 -8.71
CA PHE B 38 41.41 -11.90 -9.33
C PHE B 38 40.31 -12.93 -9.06
N LEU B 39 40.64 -14.22 -9.26
CA LEU B 39 39.63 -15.26 -9.08
C LEU B 39 39.26 -15.44 -7.60
N LEU B 40 40.26 -15.45 -6.72
CA LEU B 40 39.97 -15.55 -5.30
C LEU B 40 39.16 -14.37 -4.79
N PHE B 41 39.19 -13.25 -5.49
CA PHE B 41 38.41 -12.12 -5.05
C PHE B 41 36.99 -12.15 -5.59
N ILE B 42 36.80 -12.61 -6.83
CA ILE B 42 35.44 -12.76 -7.31
C ILE B 42 34.72 -13.94 -6.67
N THR B 43 35.45 -14.95 -6.18
CA THR B 43 34.77 -16.11 -5.64
C THR B 43 34.10 -15.84 -4.30
N PHE B 44 34.57 -14.83 -3.57
CA PHE B 44 34.17 -14.73 -2.17
C PHE B 44 32.76 -14.18 -1.98
N PRO B 45 32.31 -13.19 -2.76
CA PRO B 45 30.90 -12.80 -2.67
C PRO B 45 29.96 -13.95 -2.96
N ILE B 46 30.15 -14.62 -4.08
CA ILE B 46 29.24 -15.71 -4.44
C ILE B 46 29.35 -16.84 -3.45
N LEU B 47 30.56 -17.18 -3.03
CA LEU B 47 30.71 -18.25 -2.05
C LEU B 47 30.07 -17.88 -0.72
N PHE B 48 30.07 -16.59 -0.36
CA PHE B 48 29.49 -16.20 0.91
C PHE B 48 27.97 -16.08 0.86
N ILE B 49 27.41 -15.73 -0.30
CA ILE B 49 25.98 -15.80 -0.48
C ILE B 49 25.52 -17.25 -0.45
N GLY B 50 26.23 -18.13 -1.15
CA GLY B 50 25.86 -19.54 -1.18
C GLY B 50 26.05 -20.22 0.15
N TRP B 51 27.01 -19.76 0.96
CA TRP B 51 27.22 -20.36 2.28
C TRP B 51 26.30 -19.77 3.34
N GLY B 52 25.87 -18.53 3.17
CA GLY B 52 24.96 -17.90 4.11
C GLY B 52 23.54 -18.42 4.03
N SER B 63 16.82 -30.05 -4.38
CA SER B 63 17.72 -31.19 -4.33
C SER B 63 17.84 -31.88 -5.69
N THR B 64 18.34 -31.14 -6.68
CA THR B 64 18.56 -31.66 -8.03
C THR B 64 20.03 -31.44 -8.41
N TRP B 65 20.70 -32.52 -8.80
CA TRP B 65 22.10 -32.48 -9.19
C TRP B 65 22.19 -32.50 -10.71
N LEU B 66 22.80 -31.46 -11.28
CA LEU B 66 23.03 -31.34 -12.72
C LEU B 66 24.51 -31.56 -12.98
N HIS B 67 24.84 -32.51 -13.83
CA HIS B 67 26.22 -32.81 -14.17
C HIS B 67 26.54 -32.34 -15.58
N PHE B 68 27.79 -31.93 -15.77
CA PHE B 68 28.22 -31.43 -17.07
C PHE B 68 29.29 -32.35 -17.65
N PRO B 69 29.39 -32.43 -18.98
CA PRO B 69 30.45 -33.24 -19.57
C PRO B 69 31.82 -32.75 -19.16
N GLY B 70 32.72 -33.69 -18.87
CA GLY B 70 34.05 -33.36 -18.40
C GLY B 70 34.16 -33.19 -16.91
N HIS B 71 33.07 -33.42 -16.16
CA HIS B 71 33.09 -33.27 -14.72
C HIS B 71 34.19 -34.12 -14.10
N ASN B 72 34.17 -35.43 -14.37
CA ASN B 72 35.18 -36.33 -13.81
C ASN B 72 36.57 -35.98 -14.33
N LEU B 73 36.67 -35.63 -15.61
CA LEU B 73 37.94 -35.15 -16.14
C LEU B 73 38.38 -33.89 -15.41
N ARG B 74 37.42 -32.99 -15.12
CA ARG B 74 37.79 -31.76 -14.41
C ARG B 74 38.36 -32.08 -13.04
N TRP B 75 37.72 -32.97 -12.29
CA TRP B 75 38.21 -33.28 -10.95
C TRP B 75 39.55 -34.01 -11.00
N ILE B 76 39.71 -34.93 -11.94
CA ILE B 76 41.00 -35.60 -12.09
C ILE B 76 42.10 -34.57 -12.36
N LEU B 77 41.86 -33.67 -13.33
CA LEU B 77 42.84 -32.65 -13.62
C LEU B 77 43.08 -31.75 -12.43
N THR B 78 42.05 -31.49 -11.63
CA THR B 78 42.24 -30.63 -10.46
C THR B 78 43.13 -31.30 -9.42
N PHE B 79 42.99 -32.62 -9.25
CA PHE B 79 43.89 -33.31 -8.35
C PHE B 79 45.32 -33.32 -8.88
N ILE B 80 45.47 -33.45 -10.20
CA ILE B 80 46.81 -33.38 -10.76
C ILE B 80 47.41 -31.99 -10.54
N LEU B 81 46.57 -30.95 -10.63
CA LEU B 81 47.03 -29.59 -10.32
C LEU B 81 47.47 -29.49 -8.88
N LEU B 82 46.69 -30.05 -7.96
CA LEU B 82 47.07 -30.08 -6.56
C LEU B 82 48.47 -30.67 -6.39
N PHE B 83 48.71 -31.80 -7.05
CA PHE B 83 50.02 -32.45 -6.95
C PHE B 83 51.14 -31.56 -7.49
N VAL B 84 50.96 -31.02 -8.68
CA VAL B 84 52.01 -30.18 -9.27
C VAL B 84 52.24 -28.93 -8.43
N LEU B 85 51.20 -28.43 -7.76
CA LEU B 85 51.37 -27.26 -6.91
C LEU B 85 52.17 -27.61 -5.66
N VAL B 86 51.96 -28.81 -5.11
CA VAL B 86 52.81 -29.27 -4.03
C VAL B 86 54.27 -29.30 -4.49
N CYS B 87 54.51 -29.77 -5.72
CA CYS B 87 55.88 -29.80 -6.22
C CYS B 87 56.46 -28.39 -6.36
N GLU B 88 55.65 -27.44 -6.81
CA GLU B 88 56.12 -26.06 -6.92
C GLU B 88 56.48 -25.48 -5.56
N ILE B 89 55.67 -25.78 -4.55
CA ILE B 89 56.00 -25.33 -3.20
C ILE B 89 57.32 -25.93 -2.74
N ALA B 90 57.55 -27.21 -3.09
CA ALA B 90 58.85 -27.82 -2.80
C ALA B 90 59.99 -27.06 -3.46
N GLU B 91 59.82 -26.69 -4.72
CA GLU B 91 60.85 -25.90 -5.40
C GLU B 91 61.09 -24.58 -4.70
N GLY B 92 60.01 -23.91 -4.30
CA GLY B 92 60.15 -22.63 -3.62
C GLY B 92 60.85 -22.75 -2.28
N ILE B 93 60.64 -23.86 -1.59
CA ILE B 93 61.39 -24.10 -0.36
C ILE B 93 62.86 -24.33 -0.66
N LEU B 94 63.15 -25.09 -1.72
CA LEU B 94 64.55 -25.38 -2.05
C LEU B 94 65.30 -24.10 -2.43
N SER B 95 64.63 -23.20 -3.14
CA SER B 95 65.31 -22.00 -3.61
C SER B 95 65.62 -21.05 -2.45
N ASP B 96 64.61 -20.71 -1.66
CA ASP B 96 64.77 -19.73 -0.58
C ASP B 96 65.75 -20.20 0.49
N HIS B 103 63.20 -14.65 -0.17
CA HIS B 103 62.54 -14.38 -1.45
C HIS B 103 61.09 -14.88 -1.49
N LEU B 104 60.18 -14.12 -0.88
CA LEU B 104 58.76 -14.52 -0.83
C LEU B 104 58.15 -14.50 -2.22
N HIS B 105 58.34 -13.40 -2.95
CA HIS B 105 57.74 -13.19 -4.26
C HIS B 105 58.13 -14.25 -5.28
N LEU B 106 59.12 -15.09 -4.97
CA LEU B 106 59.56 -16.11 -5.90
C LEU B 106 58.78 -17.42 -5.77
N TYR B 107 58.22 -17.71 -4.60
CA TYR B 107 57.39 -18.90 -4.44
C TYR B 107 55.94 -18.57 -4.12
N MET B 108 55.55 -17.30 -4.12
CA MET B 108 54.13 -17.03 -3.94
C MET B 108 53.20 -17.60 -5.02
N PRO B 109 53.59 -17.64 -6.31
CA PRO B 109 52.64 -18.15 -7.32
C PRO B 109 52.04 -19.50 -7.01
N ALA B 110 52.81 -20.42 -6.43
CA ALA B 110 52.27 -21.73 -6.08
C ALA B 110 51.23 -21.62 -4.99
N GLY B 111 51.56 -20.89 -3.91
CA GLY B 111 50.61 -20.69 -2.83
C GLY B 111 49.34 -20.00 -3.26
N MET B 112 49.39 -19.22 -4.34
CA MET B 112 48.17 -18.59 -4.83
C MET B 112 47.38 -19.51 -5.75
N ALA B 113 48.05 -20.22 -6.65
CA ALA B 113 47.34 -21.18 -7.49
C ALA B 113 46.70 -22.27 -6.66
N PHE B 114 47.25 -22.56 -5.48
CA PHE B 114 46.64 -23.55 -4.59
C PHE B 114 45.23 -23.12 -4.19
N MET B 115 45.12 -21.91 -3.63
CA MET B 115 43.80 -21.41 -3.26
C MET B 115 42.94 -21.16 -4.48
N ALA B 116 43.55 -20.80 -5.62
CA ALA B 116 42.75 -20.59 -6.82
C ALA B 116 42.11 -21.89 -7.31
N ALA B 117 42.86 -23.00 -7.28
CA ALA B 117 42.29 -24.29 -7.67
C ALA B 117 41.26 -24.77 -6.67
N ILE B 118 41.51 -24.57 -5.38
CA ILE B 118 40.50 -24.93 -4.39
C ILE B 118 39.24 -24.10 -4.59
N THR B 119 39.40 -22.83 -4.92
CA THR B 119 38.21 -22.01 -5.15
C THR B 119 37.54 -22.36 -6.48
N SER B 120 38.30 -22.83 -7.46
CA SER B 120 37.68 -23.36 -8.66
C SER B 120 36.86 -24.59 -8.34
N VAL B 121 37.35 -25.43 -7.44
CA VAL B 121 36.55 -26.56 -6.97
C VAL B 121 35.29 -26.07 -6.27
N VAL B 122 35.41 -25.03 -5.46
CA VAL B 122 34.24 -24.51 -4.76
C VAL B 122 33.24 -23.94 -5.77
N TYR B 123 33.72 -23.25 -6.78
CA TYR B 123 32.84 -22.77 -7.84
C TYR B 123 32.14 -23.92 -8.53
N TYR B 124 32.89 -24.97 -8.86
CA TYR B 124 32.25 -26.06 -9.59
C TYR B 124 31.27 -26.81 -8.73
N HIS B 125 31.50 -26.87 -7.42
CA HIS B 125 30.48 -27.43 -6.55
C HIS B 125 29.23 -26.55 -6.54
N ASN B 126 29.43 -25.22 -6.48
CA ASN B 126 28.31 -24.30 -6.49
C ASN B 126 27.55 -24.31 -7.80
N ILE B 127 28.21 -24.69 -8.89
CA ILE B 127 27.53 -24.80 -10.17
C ILE B 127 26.85 -26.15 -10.34
N GLU B 128 27.47 -27.23 -9.86
CA GLU B 128 26.79 -28.51 -9.89
C GLU B 128 25.51 -28.45 -9.06
N THR B 129 25.52 -27.70 -7.95
CA THR B 129 24.31 -27.65 -7.14
C THR B 129 23.25 -26.77 -7.78
N SER B 130 23.64 -25.70 -8.47
CA SER B 130 22.68 -24.85 -9.17
C SER B 130 23.33 -24.33 -10.43
N ASN B 131 22.71 -24.57 -11.57
CA ASN B 131 23.36 -24.29 -12.84
C ASN B 131 23.25 -22.81 -13.20
N PHE B 132 24.28 -22.32 -13.90
CA PHE B 132 24.31 -20.95 -14.40
C PHE B 132 25.12 -20.92 -15.68
N PRO B 133 24.86 -19.97 -16.56
CA PRO B 133 25.74 -19.78 -17.71
C PRO B 133 26.86 -18.80 -17.40
N LYS B 134 26.73 -18.05 -16.32
CA LYS B 134 27.69 -16.96 -16.09
C LYS B 134 28.87 -17.41 -15.24
N LEU B 135 28.63 -18.20 -14.20
CA LEU B 135 29.74 -18.64 -13.37
C LEU B 135 30.79 -19.37 -14.20
N LEU B 136 30.35 -20.16 -15.20
CA LEU B 136 31.27 -20.87 -16.08
C LEU B 136 32.17 -19.90 -16.84
N ILE B 137 31.59 -18.86 -17.45
CA ILE B 137 32.42 -17.83 -18.08
C ILE B 137 33.36 -17.22 -17.06
N ALA B 138 32.90 -17.03 -15.83
CA ALA B 138 33.78 -16.54 -14.79
C ALA B 138 34.97 -17.48 -14.58
N LEU B 139 34.79 -18.78 -14.77
CA LEU B 139 35.97 -19.63 -14.69
C LEU B 139 36.82 -19.48 -15.95
N LEU B 140 36.16 -19.36 -17.10
CA LEU B 140 36.89 -19.41 -18.37
C LEU B 140 37.86 -18.24 -18.47
N ILE B 141 37.45 -17.07 -17.97
CA ILE B 141 38.33 -15.90 -17.99
C ILE B 141 39.63 -16.20 -17.27
N TYR B 142 39.51 -16.74 -16.04
CA TYR B 142 40.69 -17.04 -15.25
C TYR B 142 41.57 -18.05 -15.94
N TRP B 143 40.98 -19.10 -16.53
CA TRP B 143 41.80 -20.09 -17.20
C TRP B 143 42.62 -19.45 -18.32
N THR B 144 41.99 -18.61 -19.13
CA THR B 144 42.73 -17.97 -20.23
C THR B 144 43.87 -17.12 -19.71
N LEU B 145 43.62 -16.34 -18.66
CA LEU B 145 44.68 -15.45 -18.18
C LEU B 145 45.83 -16.25 -17.57
N ALA B 146 45.52 -17.33 -16.84
CA ALA B 146 46.59 -18.14 -16.27
C ALA B 146 47.42 -18.81 -17.36
N PHE B 147 46.76 -19.23 -18.44
CA PHE B 147 47.49 -19.80 -19.57
C PHE B 147 48.44 -18.78 -20.17
N ILE B 148 47.99 -17.54 -20.32
CA ILE B 148 48.85 -16.49 -20.86
C ILE B 148 50.09 -16.29 -19.99
N THR B 149 49.89 -16.17 -18.68
CA THR B 149 51.04 -15.95 -17.79
C THR B 149 52.02 -17.12 -17.85
N LYS B 150 51.51 -18.35 -17.85
CA LYS B 150 52.39 -19.50 -17.93
C LYS B 150 53.18 -19.53 -19.24
N THR B 151 52.53 -19.12 -20.34
CA THR B 151 53.23 -19.05 -21.63
C THR B 151 54.37 -18.06 -21.57
N ILE B 152 54.14 -16.89 -20.97
CA ILE B 152 55.22 -15.91 -20.86
C ILE B 152 56.38 -16.49 -20.05
N LYS B 153 56.06 -17.17 -18.93
CA LYS B 153 57.11 -17.81 -18.15
C LYS B 153 57.91 -18.78 -18.99
N PHE B 154 57.22 -19.61 -19.77
CA PHE B 154 57.91 -20.63 -20.57
C PHE B 154 58.83 -19.99 -21.60
N VAL B 155 58.38 -18.94 -22.27
CA VAL B 155 59.21 -18.28 -23.27
C VAL B 155 60.47 -17.72 -22.62
N LYS B 156 60.28 -16.95 -21.54
CA LYS B 156 61.45 -16.34 -20.90
C LYS B 156 62.40 -17.38 -20.34
N PHE B 157 61.89 -18.57 -19.99
CA PHE B 157 62.80 -19.62 -19.55
C PHE B 157 63.55 -20.23 -20.74
N TYR B 158 62.85 -20.42 -21.86
CA TYR B 158 63.49 -21.00 -23.04
C TYR B 158 64.63 -20.12 -23.52
N ASP B 159 64.46 -18.80 -23.44
CA ASP B 159 65.55 -17.92 -23.88
C ASP B 159 66.81 -18.11 -23.05
N HIS B 160 66.67 -18.60 -21.82
CA HIS B 160 67.83 -18.85 -20.97
C HIS B 160 68.20 -20.34 -21.01
N LEU B 167 64.83 -28.04 -13.11
CA LEU B 167 63.64 -28.57 -12.44
C LEU B 167 62.43 -27.72 -12.75
N ARG B 168 62.63 -26.40 -12.80
CA ARG B 168 61.52 -25.47 -13.04
C ARG B 168 60.82 -25.80 -14.35
N PHE B 169 61.60 -26.19 -15.37
CA PHE B 169 61.06 -26.38 -16.71
C PHE B 169 59.94 -27.40 -16.73
N CYS B 170 60.17 -28.57 -16.10
CA CYS B 170 59.18 -29.64 -16.15
C CYS B 170 57.89 -29.25 -15.42
N LEU B 171 58.01 -28.65 -14.24
CA LEU B 171 56.81 -28.26 -13.49
C LEU B 171 56.00 -27.23 -14.26
N THR B 172 56.67 -26.21 -14.79
CA THR B 172 55.94 -25.20 -15.55
C THR B 172 55.24 -25.81 -16.76
N GLY B 173 55.91 -26.73 -17.46
CA GLY B 173 55.27 -27.37 -18.60
C GLY B 173 54.05 -28.19 -18.20
N LEU B 174 54.15 -28.96 -17.13
CA LEU B 174 53.01 -29.74 -16.67
C LEU B 174 51.83 -28.84 -16.33
N LEU B 175 52.10 -27.73 -15.64
CA LEU B 175 51.02 -26.80 -15.34
C LEU B 175 50.39 -26.24 -16.61
N VAL B 176 51.22 -25.93 -17.61
CA VAL B 176 50.69 -25.41 -18.87
C VAL B 176 49.74 -26.43 -19.49
N ILE B 177 50.15 -27.69 -19.55
CA ILE B 177 49.33 -28.71 -20.18
C ILE B 177 48.02 -28.88 -19.43
N LEU B 178 48.07 -28.90 -18.09
CA LEU B 178 46.85 -29.09 -17.31
C LEU B 178 45.88 -27.93 -17.50
N TYR B 179 46.39 -26.69 -17.44
CA TYR B 179 45.51 -25.55 -17.64
C TYR B 179 44.91 -25.57 -19.04
N GLY B 180 45.69 -25.96 -20.04
CA GLY B 180 45.14 -26.05 -21.39
C GLY B 180 44.03 -27.07 -21.51
N MET B 181 44.22 -28.23 -20.89
CA MET B 181 43.17 -29.25 -20.95
C MET B 181 41.91 -28.80 -20.23
N LEU B 182 42.07 -28.10 -19.10
CA LEU B 182 40.89 -27.57 -18.41
C LEU B 182 40.19 -26.50 -19.26
N LEU B 183 40.97 -25.69 -19.98
CA LEU B 183 40.39 -24.73 -20.92
C LEU B 183 39.55 -25.45 -21.97
N LEU B 184 40.10 -26.52 -22.54
CA LEU B 184 39.36 -27.28 -23.54
C LEU B 184 38.09 -27.86 -22.95
N VAL B 185 38.14 -28.27 -21.68
CA VAL B 185 36.94 -28.77 -21.02
C VAL B 185 35.89 -27.67 -20.94
N GLU B 186 36.30 -26.46 -20.56
CA GLU B 186 35.36 -25.34 -20.50
C GLU B 186 34.78 -25.03 -21.88
N VAL B 187 35.61 -25.10 -22.91
CA VAL B 187 35.11 -24.86 -24.26
C VAL B 187 34.10 -25.94 -24.65
N ASN B 188 34.36 -27.18 -24.26
CA ASN B 188 33.38 -28.23 -24.49
C ASN B 188 32.08 -27.92 -23.79
N VAL B 189 32.15 -27.42 -22.56
CA VAL B 189 30.94 -27.15 -21.78
C VAL B 189 30.12 -26.04 -22.45
N ILE B 190 30.77 -24.98 -22.93
CA ILE B 190 29.99 -23.96 -23.62
C ILE B 190 29.48 -24.48 -24.96
N ARG B 191 30.23 -25.37 -25.61
CA ARG B 191 29.77 -25.97 -26.86
C ARG B 191 28.54 -26.83 -26.64
N VAL B 192 28.38 -27.37 -25.44
CA VAL B 192 27.30 -28.32 -25.18
C VAL B 192 25.96 -27.60 -25.08
N ARG B 193 25.80 -26.75 -24.07
CA ARG B 193 24.47 -26.28 -23.72
C ARG B 193 24.25 -24.78 -23.91
N ARG B 194 24.74 -23.91 -23.03
CA ARG B 194 24.48 -22.49 -23.29
C ARG B 194 25.42 -21.40 -22.75
N TYR B 195 26.71 -21.46 -23.06
CA TYR B 195 27.59 -20.39 -22.57
C TYR B 195 27.21 -19.05 -23.22
N ILE B 196 27.03 -19.08 -24.55
CA ILE B 196 26.63 -17.92 -25.34
C ILE B 196 25.82 -18.41 -26.53
N PHE B 197 26.14 -19.64 -26.92
CA PHE B 197 25.55 -20.35 -28.05
C PHE B 197 24.11 -19.86 -28.28
N PHE B 198 23.51 -20.24 -29.40
CA PHE B 198 22.18 -19.75 -29.74
C PHE B 198 21.11 -19.94 -28.66
N LYS B 199 20.31 -18.90 -28.51
CA LYS B 199 19.22 -18.74 -27.54
C LYS B 199 19.05 -19.74 -26.40
N THR B 200 18.34 -20.84 -26.65
CA THR B 200 18.05 -21.80 -25.59
C THR B 200 18.99 -23.00 -25.47
N PRO B 201 19.43 -23.25 -24.25
CA PRO B 201 20.31 -24.40 -23.98
C PRO B 201 19.83 -25.73 -24.52
N ARG B 202 18.52 -25.98 -24.50
CA ARG B 202 18.03 -27.32 -24.70
C ARG B 202 18.63 -28.15 -23.58
N GLU B 203 18.61 -27.55 -22.39
CA GLU B 203 19.23 -28.11 -21.20
C GLU B 203 18.58 -29.43 -20.80
N VAL B 204 19.37 -30.28 -20.16
CA VAL B 204 19.04 -31.68 -19.98
C VAL B 204 17.75 -31.98 -19.20
N LYS B 205 17.47 -31.24 -18.14
CA LYS B 205 16.31 -31.62 -17.34
C LYS B 205 16.74 -32.61 -16.27
N PRO B 206 17.32 -32.11 -15.17
CA PRO B 206 18.20 -32.92 -14.29
C PRO B 206 17.72 -34.35 -14.10
N PRO B 207 18.66 -35.29 -14.04
CA PRO B 207 18.33 -36.72 -14.15
C PRO B 207 17.37 -37.18 -13.06
N GLU B 208 16.23 -37.73 -13.49
CA GLU B 208 15.24 -38.24 -12.55
C GLU B 208 15.56 -39.64 -12.05
N ASP B 209 16.49 -40.34 -12.69
CA ASP B 209 16.84 -41.68 -12.25
C ASP B 209 17.28 -41.68 -10.79
N LEU B 210 18.24 -40.83 -10.45
CA LEU B 210 18.80 -40.78 -9.11
C LEU B 210 18.33 -39.59 -8.29
N GLN B 211 17.49 -38.72 -8.87
CA GLN B 211 17.05 -37.53 -8.17
C GLN B 211 15.55 -37.43 -8.00
N ASP B 212 14.75 -38.13 -8.81
CA ASP B 212 13.31 -38.07 -8.55
C ASP B 212 12.99 -38.78 -7.22
N LEU B 213 11.73 -39.18 -7.12
CA LEU B 213 10.99 -39.38 -5.87
C LEU B 213 11.66 -40.31 -4.87
N GLY B 214 11.84 -39.85 -3.63
CA GLY B 214 12.37 -40.68 -2.56
C GLY B 214 13.68 -41.44 -2.69
N VAL B 215 14.73 -40.80 -3.20
CA VAL B 215 16.00 -41.52 -3.32
C VAL B 215 16.83 -41.31 -2.06
N ARG B 216 16.98 -42.39 -1.27
CA ARG B 216 17.74 -42.33 -0.03
C ARG B 216 19.20 -42.80 -0.15
N PHE B 217 19.58 -43.23 -1.34
CA PHE B 217 20.94 -43.71 -1.56
C PHE B 217 21.46 -43.07 -2.83
N LEU B 218 22.65 -42.49 -2.77
CA LEU B 218 23.18 -41.80 -3.96
C LEU B 218 24.68 -42.09 -4.03
N GLN B 219 25.03 -43.22 -4.62
CA GLN B 219 26.41 -43.34 -5.05
C GLN B 219 26.61 -42.76 -6.45
N PRO B 220 25.78 -43.13 -7.44
CA PRO B 220 25.98 -42.58 -8.79
C PRO B 220 25.56 -41.12 -8.91
N PHE B 221 24.91 -40.56 -7.90
CA PHE B 221 24.32 -39.24 -7.99
C PHE B 221 25.08 -38.20 -7.17
N VAL B 222 26.41 -38.31 -7.15
CA VAL B 222 27.23 -37.32 -6.45
C VAL B 222 28.40 -36.90 -7.32
N ASN B 223 29.28 -36.09 -6.76
CA ASN B 223 30.36 -35.47 -7.48
C ASN B 223 31.57 -36.40 -7.57
N LEU B 224 32.52 -36.01 -8.42
CA LEU B 224 33.72 -36.81 -8.67
C LEU B 224 34.46 -37.11 -7.37
N LEU B 225 34.74 -36.08 -6.57
CA LEU B 225 35.63 -36.26 -5.43
C LEU B 225 34.95 -36.99 -4.28
N SER B 226 33.62 -36.99 -4.23
CA SER B 226 32.96 -37.55 -3.06
C SER B 226 32.84 -39.07 -3.15
N LYS B 227 32.66 -39.61 -4.36
CA LYS B 227 32.44 -41.05 -4.52
C LYS B 227 33.53 -41.87 -3.84
N GLY B 228 34.77 -41.36 -3.81
CA GLY B 228 35.85 -42.11 -3.19
C GLY B 228 35.75 -42.17 -1.68
N THR B 229 35.29 -41.08 -1.05
CA THR B 229 35.24 -40.98 0.40
C THR B 229 33.89 -41.35 1.00
N TYR B 230 32.84 -41.47 0.19
CA TYR B 230 31.49 -41.64 0.69
C TYR B 230 31.13 -40.53 1.66
N TRP B 231 31.39 -39.30 1.22
CA TRP B 231 31.04 -38.13 2.01
C TRP B 231 29.54 -38.00 2.20
N TRP B 232 28.78 -38.34 1.16
CA TRP B 232 27.31 -38.35 1.25
C TRP B 232 26.80 -39.12 2.44
N MET B 233 27.52 -40.18 2.83
CA MET B 233 27.05 -41.03 3.93
C MET B 233 26.92 -40.25 5.23
N ASN B 234 27.67 -39.14 5.38
CA ASN B 234 27.72 -38.41 6.64
C ASN B 234 26.32 -38.19 7.22
N ALA B 235 25.48 -37.45 6.48
CA ALA B 235 24.11 -37.20 6.90
C ALA B 235 23.47 -38.48 7.43
N PHE B 236 23.46 -39.52 6.60
CA PHE B 236 22.80 -40.76 6.97
C PHE B 236 23.32 -41.28 8.31
N ILE B 237 24.64 -41.42 8.44
CA ILE B 237 25.13 -42.00 9.69
C ILE B 237 24.81 -41.08 10.85
N LYS B 238 24.85 -39.77 10.62
CA LYS B 238 24.46 -38.84 11.67
C LYS B 238 22.98 -38.97 12.00
N THR B 239 22.17 -39.20 10.96
CA THR B 239 20.72 -39.31 11.19
C THR B 239 20.39 -40.56 11.98
N ALA B 240 21.07 -41.67 11.67
CA ALA B 240 20.75 -42.96 12.28
C ALA B 240 20.81 -42.90 13.80
N HIS B 241 21.77 -42.15 14.35
CA HIS B 241 21.89 -42.07 15.79
C HIS B 241 20.72 -41.29 16.40
N LYS B 242 20.23 -40.27 15.69
CA LYS B 242 19.12 -39.48 16.21
C LYS B 242 17.82 -40.29 16.23
N LYS B 243 17.59 -41.10 15.21
CA LYS B 243 16.36 -41.89 15.08
C LYS B 243 16.70 -43.25 14.51
N PRO B 244 16.20 -44.34 15.11
CA PRO B 244 16.44 -45.67 14.56
C PRO B 244 16.08 -45.79 13.10
N ILE B 245 16.70 -46.75 12.41
CA ILE B 245 16.57 -46.89 10.97
C ILE B 245 15.41 -47.82 10.63
N ASP B 246 14.75 -47.52 9.52
CA ASP B 246 13.59 -48.27 9.07
C ASP B 246 13.69 -48.50 7.56
N LEU B 247 12.87 -49.43 7.07
CA LEU B 247 12.82 -49.69 5.63
C LEU B 247 12.20 -48.51 4.87
N ARG B 248 11.18 -47.88 5.45
CA ARG B 248 10.67 -46.65 4.85
C ARG B 248 11.63 -45.48 5.06
N ALA B 249 12.49 -45.57 6.08
CA ALA B 249 13.56 -44.58 6.21
C ALA B 249 14.52 -44.66 5.03
N ILE B 250 15.13 -45.84 4.83
CA ILE B 250 16.00 -46.04 3.69
C ILE B 250 15.20 -45.95 2.40
N GLY B 251 15.86 -45.50 1.32
CA GLY B 251 15.17 -45.15 0.10
C GLY B 251 14.78 -46.34 -0.76
N LYS B 252 14.64 -46.06 -2.06
CA LYS B 252 14.44 -47.09 -3.06
C LYS B 252 15.75 -47.33 -3.81
N LEU B 253 15.68 -48.18 -4.84
CA LEU B 253 16.94 -48.43 -5.52
C LEU B 253 17.01 -47.66 -6.83
N PRO B 254 18.21 -47.21 -7.22
CA PRO B 254 18.35 -46.39 -8.43
C PRO B 254 17.84 -47.06 -9.69
N ILE B 255 17.80 -46.26 -10.75
CA ILE B 255 17.41 -46.73 -12.08
C ILE B 255 18.28 -47.90 -12.49
N ALA B 256 19.60 -47.79 -12.28
CA ALA B 256 20.55 -48.81 -12.70
C ALA B 256 20.85 -49.84 -11.62
N MET B 257 20.00 -49.95 -10.60
CA MET B 257 20.21 -50.89 -9.51
C MET B 257 19.09 -51.89 -9.34
N ARG B 258 18.00 -51.75 -10.08
CA ARG B 258 16.83 -52.62 -9.87
C ARG B 258 17.10 -54.01 -10.41
N ALA B 259 16.60 -55.01 -9.67
CA ALA B 259 16.80 -56.40 -10.08
C ALA B 259 16.15 -56.70 -11.42
N LEU B 260 15.12 -55.93 -11.80
CA LEU B 260 14.47 -56.16 -13.09
C LEU B 260 15.44 -55.95 -14.23
N THR B 261 16.19 -54.85 -14.21
CA THR B 261 17.14 -54.57 -15.28
C THR B 261 18.30 -55.55 -15.29
N ASN B 262 18.74 -56.00 -14.12
CA ASN B 262 19.81 -57.00 -14.07
C ASN B 262 19.34 -58.32 -14.63
N TYR B 263 18.15 -58.76 -14.25
CA TYR B 263 17.56 -59.97 -14.82
C TYR B 263 17.40 -59.83 -16.33
N GLN B 264 16.99 -58.64 -16.80
CA GLN B 264 16.85 -58.37 -18.23
C GLN B 264 18.18 -58.56 -18.96
N ARG B 265 19.21 -57.83 -18.51
CA ARG B 265 20.54 -57.94 -19.09
C ARG B 265 21.02 -59.38 -19.08
N LEU B 266 20.82 -60.08 -17.96
CA LEU B 266 21.32 -61.45 -17.83
C LEU B 266 20.62 -62.39 -18.79
N CYS B 267 19.30 -62.26 -18.94
CA CYS B 267 18.60 -63.15 -19.86
C CYS B 267 18.96 -62.82 -21.31
N VAL B 268 19.17 -61.54 -21.62
CA VAL B 268 19.61 -61.18 -22.98
C VAL B 268 20.95 -61.82 -23.27
N ALA B 269 21.89 -61.72 -22.33
CA ALA B 269 23.20 -62.33 -22.54
C ALA B 269 23.12 -63.84 -22.61
N PHE B 270 22.26 -64.45 -21.79
CA PHE B 270 22.07 -65.89 -21.83
C PHE B 270 21.52 -66.34 -23.18
N ASP B 271 20.59 -65.57 -23.74
CA ASP B 271 20.06 -65.88 -25.07
C ASP B 271 21.14 -65.76 -26.12
N ALA B 272 21.91 -64.66 -26.08
CA ALA B 272 22.98 -64.49 -27.05
C ALA B 272 24.02 -65.61 -26.95
N GLN B 273 24.27 -66.10 -25.73
CA GLN B 273 25.20 -67.19 -25.53
C GLN B 273 24.63 -68.50 -26.07
N ALA B 274 23.33 -68.71 -25.90
CA ALA B 274 22.71 -69.95 -26.37
C ALA B 274 22.66 -70.01 -27.90
N ARG B 275 22.39 -68.87 -28.54
CA ARG B 275 22.34 -68.86 -30.00
C ARG B 275 23.69 -69.16 -30.61
N LYS B 276 24.78 -68.77 -29.94
CA LYS B 276 26.13 -69.06 -30.41
C LYS B 276 26.44 -70.55 -30.29
N GLY B 283 24.22 -75.31 -21.00
CA GLY B 283 25.38 -75.93 -20.37
C GLY B 283 25.92 -75.15 -19.19
N ALA B 284 26.73 -75.81 -18.36
CA ALA B 284 27.26 -75.16 -17.16
C ALA B 284 28.24 -74.06 -17.49
N ARG B 285 29.08 -74.27 -18.52
CA ARG B 285 30.08 -73.27 -18.87
C ARG B 285 29.44 -72.03 -19.49
N ALA B 286 28.32 -72.22 -20.20
CA ALA B 286 27.68 -71.11 -20.91
C ALA B 286 27.19 -70.04 -19.94
N ILE B 287 26.55 -70.46 -18.85
CA ILE B 287 26.02 -69.47 -17.91
C ILE B 287 27.16 -68.74 -17.21
N TRP B 288 28.29 -69.42 -16.99
CA TRP B 288 29.45 -68.75 -16.40
C TRP B 288 29.98 -67.67 -17.34
N ARG B 289 30.13 -68.03 -18.63
CA ARG B 289 30.50 -67.03 -19.62
C ARG B 289 29.52 -65.86 -19.63
N ALA B 290 28.22 -66.15 -19.52
CA ALA B 290 27.23 -65.08 -19.53
C ALA B 290 27.38 -64.16 -18.33
N LEU B 291 27.63 -64.73 -17.14
CA LEU B 291 27.85 -63.90 -15.96
C LEU B 291 29.03 -62.97 -16.15
N CYS B 292 30.18 -63.52 -16.55
CA CYS B 292 31.35 -62.69 -16.76
C CYS B 292 31.06 -61.59 -17.79
N HIS B 293 30.31 -61.92 -18.84
CA HIS B 293 29.96 -60.93 -19.85
C HIS B 293 29.10 -59.82 -19.25
N ALA B 294 28.07 -60.21 -18.51
CA ALA B 294 27.12 -59.24 -17.97
C ALA B 294 27.68 -58.19 -17.02
N PHE B 295 28.49 -58.61 -16.05
CA PHE B 295 29.05 -57.63 -15.13
C PHE B 295 29.98 -56.72 -15.92
N GLY B 296 30.81 -57.32 -16.76
CA GLY B 296 31.63 -56.55 -17.67
C GLY B 296 32.59 -55.48 -17.22
N ARG B 297 32.31 -54.29 -17.76
CA ARG B 297 33.13 -53.11 -17.55
C ARG B 297 33.27 -52.76 -16.09
N ARG B 298 32.22 -52.89 -15.30
CA ARG B 298 32.35 -52.54 -13.89
C ARG B 298 33.40 -53.44 -13.24
N LEU B 299 33.32 -54.74 -13.53
CA LEU B 299 34.28 -55.69 -12.97
C LEU B 299 35.68 -55.38 -13.47
N ILE B 300 35.80 -55.04 -14.75
CA ILE B 300 37.11 -54.73 -15.30
C ILE B 300 37.72 -53.51 -14.62
N LEU B 301 36.88 -52.51 -14.39
CA LEU B 301 37.27 -51.26 -13.75
C LEU B 301 37.75 -51.53 -12.34
N SER B 302 37.06 -52.42 -11.64
CA SER B 302 37.45 -52.75 -10.29
C SER B 302 38.86 -53.30 -10.32
N SER B 303 39.14 -54.12 -11.32
CA SER B 303 40.47 -54.71 -11.45
C SER B 303 41.52 -53.65 -11.76
N THR B 304 41.19 -52.69 -12.63
CA THR B 304 42.13 -51.64 -12.98
C THR B 304 42.44 -50.76 -11.77
N PHE B 305 41.41 -50.39 -11.01
CA PHE B 305 41.63 -49.65 -9.77
C PHE B 305 42.56 -50.41 -8.84
N ARG B 306 42.35 -51.71 -8.70
CA ARG B 306 43.19 -52.50 -7.81
C ARG B 306 44.64 -52.55 -8.30
N ILE B 307 44.83 -52.61 -9.62
CA ILE B 307 46.20 -52.68 -10.14
C ILE B 307 46.93 -51.35 -9.92
N LEU B 308 46.24 -50.23 -10.14
CA LEU B 308 46.87 -48.94 -9.85
C LEU B 308 47.19 -48.80 -8.37
N ALA B 309 46.27 -49.22 -7.50
CA ALA B 309 46.55 -49.22 -6.08
C ALA B 309 47.75 -50.08 -5.75
N ASP B 310 47.92 -51.20 -6.46
CA ASP B 310 49.06 -52.07 -6.20
C ASP B 310 50.37 -51.41 -6.58
N LEU B 311 50.41 -50.77 -7.76
CA LEU B 311 51.66 -50.10 -8.15
C LEU B 311 52.03 -48.99 -7.15
N LEU B 312 51.04 -48.24 -6.67
CA LEU B 312 51.37 -47.23 -5.66
C LEU B 312 51.82 -47.88 -4.35
N GLY B 313 51.17 -48.98 -3.96
CA GLY B 313 51.57 -49.69 -2.76
C GLY B 313 53.01 -50.15 -2.81
N PHE B 314 53.47 -50.57 -3.98
CA PHE B 314 54.90 -50.83 -4.14
C PHE B 314 55.70 -49.54 -4.11
N ALA B 315 55.13 -48.43 -4.60
CA ALA B 315 55.88 -47.20 -4.68
C ALA B 315 56.30 -46.71 -3.28
N GLY B 316 55.45 -46.91 -2.28
CA GLY B 316 55.76 -46.48 -0.93
C GLY B 316 57.13 -46.87 -0.37
N PRO B 317 57.44 -48.18 -0.38
CA PRO B 317 58.76 -48.62 0.11
C PRO B 317 59.95 -47.93 -0.57
N LEU B 318 59.81 -47.55 -1.85
CA LEU B 318 60.86 -46.80 -2.52
C LEU B 318 61.09 -45.45 -1.84
N CYS B 319 60.01 -44.77 -1.47
CA CYS B 319 60.14 -43.54 -0.70
C CYS B 319 60.85 -43.80 0.62
N ILE B 320 60.56 -44.95 1.26
CA ILE B 320 61.30 -45.30 2.48
C ILE B 320 62.79 -45.38 2.19
N PHE B 321 63.16 -46.07 1.11
CA PHE B 321 64.57 -46.18 0.72
C PHE B 321 65.21 -44.81 0.60
N GLY B 322 64.54 -43.90 -0.11
CA GLY B 322 65.09 -42.56 -0.29
C GLY B 322 65.26 -41.82 1.02
N ILE B 323 64.27 -41.91 1.90
CA ILE B 323 64.35 -41.22 3.19
C ILE B 323 65.54 -41.73 3.99
N VAL B 324 65.71 -43.05 4.04
CA VAL B 324 66.82 -43.61 4.80
C VAL B 324 68.15 -43.18 4.19
N ASP B 325 68.22 -43.12 2.86
CA ASP B 325 69.46 -42.71 2.22
C ASP B 325 69.81 -41.27 2.55
N HIS B 326 68.83 -40.36 2.50
CA HIS B 326 69.17 -38.99 2.86
C HIS B 326 69.47 -38.86 4.35
N LEU B 327 68.86 -39.70 5.19
CA LEU B 327 69.22 -39.71 6.60
C LEU B 327 70.67 -40.13 6.80
N GLY B 328 71.14 -41.08 5.97
CA GLY B 328 72.54 -41.48 6.04
C GLY B 328 73.50 -40.39 5.59
N LYS B 329 73.08 -39.54 4.65
CA LYS B 329 73.93 -38.48 4.16
C LYS B 329 73.98 -37.31 5.14
N ASN B 354 66.20 -32.76 -0.09
CA ASN B 354 65.42 -33.66 -0.93
C ASN B 354 64.82 -34.78 -0.07
N ALA B 355 64.47 -34.44 1.16
CA ALA B 355 63.99 -35.41 2.14
C ALA B 355 62.57 -35.15 2.60
N TYR B 356 62.23 -33.90 2.94
CA TYR B 356 60.85 -33.57 3.30
C TYR B 356 59.92 -33.84 2.13
N VAL B 357 60.40 -33.58 0.91
CA VAL B 357 59.63 -33.92 -0.27
C VAL B 357 59.31 -35.42 -0.27
N LEU B 358 60.25 -36.25 0.18
CA LEU B 358 59.99 -37.69 0.24
C LEU B 358 58.85 -37.98 1.22
N ALA B 359 58.82 -37.28 2.36
CA ALA B 359 57.76 -37.51 3.33
C ALA B 359 56.40 -37.09 2.78
N VAL B 360 56.33 -35.90 2.17
CA VAL B 360 55.07 -35.41 1.64
C VAL B 360 54.56 -36.32 0.52
N LEU B 361 55.45 -36.69 -0.39
CA LEU B 361 55.08 -37.55 -1.51
C LEU B 361 54.66 -38.93 -1.01
N LEU B 362 55.34 -39.46 0.01
CA LEU B 362 54.96 -40.74 0.60
C LEU B 362 53.57 -40.69 1.21
N PHE B 363 53.29 -39.62 1.96
CA PHE B 363 51.96 -39.45 2.55
C PHE B 363 50.89 -39.42 1.47
N LEU B 364 51.11 -38.61 0.43
CA LEU B 364 50.16 -38.55 -0.69
C LEU B 364 49.96 -39.92 -1.31
N ALA B 365 51.07 -40.65 -1.54
CA ALA B 365 50.97 -41.96 -2.18
C ALA B 365 50.14 -42.92 -1.33
N LEU B 366 50.40 -42.96 -0.03
CA LEU B 366 49.67 -43.87 0.84
C LEU B 366 48.18 -43.53 0.82
N LEU B 367 47.84 -42.25 0.96
CA LEU B 367 46.44 -41.83 0.89
C LEU B 367 45.80 -42.29 -0.42
N LEU B 368 46.51 -42.10 -1.53
CA LEU B 368 45.96 -42.46 -2.84
C LEU B 368 45.69 -43.96 -2.93
N GLN B 369 46.64 -44.77 -2.48
CA GLN B 369 46.43 -46.22 -2.49
C GLN B 369 45.20 -46.60 -1.69
N ARG B 370 45.05 -45.99 -0.51
CA ARG B 370 43.90 -46.35 0.30
C ARG B 370 42.61 -46.00 -0.41
N THR B 371 42.54 -44.80 -0.98
CA THR B 371 41.33 -44.39 -1.69
C THR B 371 40.98 -45.38 -2.79
N PHE B 372 41.96 -45.71 -3.64
CA PHE B 372 41.64 -46.56 -4.78
C PHE B 372 41.35 -48.00 -4.37
N LEU B 373 42.01 -48.51 -3.32
CA LEU B 373 41.69 -49.84 -2.81
C LEU B 373 40.24 -49.92 -2.34
N GLN B 374 39.81 -48.92 -1.56
CA GLN B 374 38.44 -48.95 -1.06
C GLN B 374 37.43 -48.80 -2.19
N ALA B 375 37.74 -47.98 -3.19
CA ALA B 375 36.84 -47.87 -4.34
C ALA B 375 36.72 -49.19 -5.09
N SER B 376 37.84 -49.90 -5.25
CA SER B 376 37.82 -51.21 -5.90
C SER B 376 36.94 -52.20 -5.13
N TYR B 377 37.12 -52.24 -3.81
CA TYR B 377 36.28 -53.11 -2.98
C TYR B 377 34.81 -52.77 -3.15
N TYR B 378 34.48 -51.48 -3.15
CA TYR B 378 33.08 -51.07 -3.30
C TYR B 378 32.49 -51.53 -4.62
N VAL B 379 33.21 -51.34 -5.72
CA VAL B 379 32.64 -51.69 -7.02
C VAL B 379 32.53 -53.21 -7.16
N ALA B 380 33.48 -53.96 -6.59
CA ALA B 380 33.33 -55.42 -6.54
C ALA B 380 32.05 -55.82 -5.80
N ILE B 381 31.80 -55.17 -4.66
CA ILE B 381 30.58 -55.48 -3.90
C ILE B 381 29.34 -55.15 -4.71
N GLU B 382 29.37 -54.03 -5.44
CA GLU B 382 28.24 -53.66 -6.29
C GLU B 382 27.95 -54.76 -7.32
N THR B 383 28.99 -55.17 -8.03
CA THR B 383 28.83 -56.23 -9.01
C THR B 383 28.29 -57.50 -8.37
N GLY B 384 28.75 -57.83 -7.15
CA GLY B 384 28.28 -59.03 -6.48
C GLY B 384 26.81 -58.97 -6.11
N ILE B 385 26.35 -57.84 -5.58
CA ILE B 385 24.96 -57.73 -5.19
C ILE B 385 24.05 -57.77 -6.43
N ASN B 386 24.49 -57.15 -7.52
CA ASN B 386 23.71 -57.25 -8.75
C ASN B 386 23.66 -58.68 -9.25
N LEU B 387 24.78 -59.40 -9.19
CA LEU B 387 24.77 -60.83 -9.52
C LEU B 387 23.75 -61.58 -8.71
N ARG B 388 23.76 -61.38 -7.39
CA ARG B 388 22.85 -62.09 -6.51
C ARG B 388 21.40 -61.82 -6.91
N GLY B 389 21.05 -60.54 -7.07
CA GLY B 389 19.69 -60.20 -7.47
C GLY B 389 19.28 -60.88 -8.76
N ALA B 390 20.17 -60.81 -9.77
CA ALA B 390 19.82 -61.33 -11.09
C ALA B 390 19.63 -62.84 -11.07
N ILE B 391 20.55 -63.58 -10.44
CA ILE B 391 20.41 -65.03 -10.43
C ILE B 391 19.24 -65.45 -9.55
N GLN B 392 18.95 -64.69 -8.48
CA GLN B 392 17.79 -65.00 -7.66
C GLN B 392 16.51 -64.89 -8.48
N THR B 393 16.33 -63.78 -9.20
CA THR B 393 15.09 -63.66 -9.97
C THR B 393 15.07 -64.64 -11.15
N LYS B 394 16.24 -64.99 -11.70
CA LYS B 394 16.25 -65.97 -12.78
C LYS B 394 15.78 -67.34 -12.29
N ILE B 395 16.30 -67.79 -11.16
CA ILE B 395 15.89 -69.09 -10.65
C ILE B 395 14.45 -69.04 -10.16
N TYR B 396 13.97 -67.89 -9.68
CA TYR B 396 12.57 -67.83 -9.27
C TYR B 396 11.65 -67.87 -10.48
N ASN B 397 12.04 -67.26 -11.60
CA ASN B 397 11.25 -67.38 -12.81
C ASN B 397 11.26 -68.81 -13.33
N LYS B 398 12.41 -69.50 -13.21
CA LYS B 398 12.49 -70.87 -13.70
C LYS B 398 11.75 -71.86 -12.80
N ILE B 399 11.59 -71.55 -11.51
CA ILE B 399 10.80 -72.43 -10.65
C ILE B 399 9.37 -72.55 -11.17
N MET B 400 8.88 -71.52 -11.85
CA MET B 400 7.53 -71.55 -12.40
C MET B 400 7.39 -72.66 -13.43
N HIS B 401 8.20 -72.62 -14.48
CA HIS B 401 8.12 -73.60 -15.55
C HIS B 401 8.55 -75.00 -15.10
N LEU B 402 9.09 -75.15 -13.89
CA LEU B 402 9.46 -76.46 -13.39
C LEU B 402 8.23 -77.34 -13.24
N SER B 403 8.36 -78.60 -13.67
CA SER B 403 7.26 -79.55 -13.57
C SER B 403 7.32 -80.29 -12.25
N THR B 404 6.15 -80.68 -11.76
CA THR B 404 6.06 -81.36 -10.47
C THR B 404 6.63 -82.77 -10.53
N SER B 405 6.84 -83.32 -11.73
CA SER B 405 7.52 -84.60 -11.84
C SER B 405 8.98 -84.49 -11.41
N ASN B 406 9.59 -83.32 -11.57
CA ASN B 406 10.88 -83.10 -10.96
C ASN B 406 10.74 -82.91 -9.45
N LEU B 407 9.71 -82.19 -9.03
CA LEU B 407 9.49 -81.95 -7.61
C LEU B 407 9.34 -83.26 -6.83
N SER B 408 8.76 -84.28 -7.46
CA SER B 408 8.68 -85.59 -6.83
C SER B 408 10.06 -86.20 -6.61
N MET B 409 10.99 -85.94 -7.51
CA MET B 409 12.34 -86.48 -7.40
C MET B 409 13.17 -85.69 -6.38
N GLY B 410 14.28 -86.30 -5.97
CA GLY B 410 15.12 -85.66 -4.96
C GLY B 410 15.82 -84.42 -5.46
N GLU B 411 16.01 -84.30 -6.78
CA GLU B 411 16.72 -83.16 -7.34
C GLU B 411 15.95 -81.85 -7.10
N MET B 412 14.63 -81.86 -7.21
CA MET B 412 13.85 -80.66 -6.96
C MET B 412 13.21 -80.66 -5.57
N THR B 413 13.90 -81.24 -4.59
CA THR B 413 13.43 -81.16 -3.20
C THR B 413 13.33 -79.71 -2.76
N ALA B 414 12.25 -79.39 -2.04
CA ALA B 414 12.02 -78.02 -1.59
C ALA B 414 13.19 -77.54 -0.72
N GLY B 415 13.59 -78.35 0.25
CA GLY B 415 14.75 -78.02 1.04
C GLY B 415 15.99 -77.85 0.19
N GLN B 416 16.14 -78.67 -0.84
CA GLN B 416 17.26 -78.53 -1.76
C GLN B 416 17.23 -77.19 -2.48
N ILE B 417 16.03 -76.74 -2.88
CA ILE B 417 15.92 -75.50 -3.64
C ILE B 417 16.19 -74.30 -2.75
N CYS B 418 15.72 -74.33 -1.49
CA CYS B 418 16.00 -73.22 -0.59
C CYS B 418 17.47 -73.18 -0.18
N ASN B 419 18.08 -74.35 0.05
CA ASN B 419 19.52 -74.41 0.21
C ASN B 419 20.22 -73.80 -0.98
N LEU B 420 19.77 -74.14 -2.19
CA LEU B 420 20.30 -73.52 -3.40
C LEU B 420 20.28 -72.01 -3.29
N VAL B 421 19.09 -71.43 -3.09
CA VAL B 421 18.97 -69.97 -3.05
C VAL B 421 19.94 -69.38 -2.03
N ALA B 422 19.84 -69.82 -0.77
CA ALA B 422 20.60 -69.19 0.31
C ALA B 422 22.11 -69.38 0.12
N ILE B 423 22.57 -70.63 0.10
CA ILE B 423 24.01 -70.87 0.06
C ILE B 423 24.63 -70.42 -1.26
N ASP B 424 23.86 -70.34 -2.35
CA ASP B 424 24.46 -69.90 -3.61
C ASP B 424 24.52 -68.39 -3.70
N THR B 425 23.51 -67.68 -3.20
CA THR B 425 23.67 -66.27 -2.89
C THR B 425 24.99 -66.05 -2.20
N ASN B 426 25.19 -66.76 -1.08
CA ASN B 426 26.39 -66.56 -0.27
C ASN B 426 27.66 -66.84 -1.07
N GLN B 427 27.76 -68.03 -1.66
CA GLN B 427 29.01 -68.45 -2.28
C GLN B 427 29.35 -67.61 -3.50
N LEU B 428 28.37 -67.35 -4.37
CA LEU B 428 28.65 -66.55 -5.55
C LEU B 428 29.01 -65.12 -5.17
N MET B 429 28.35 -64.56 -4.14
CA MET B 429 28.71 -63.21 -3.72
C MET B 429 30.13 -63.16 -3.16
N TRP B 430 30.52 -64.14 -2.36
CA TRP B 430 31.86 -64.11 -1.77
C TRP B 430 32.93 -64.32 -2.84
N PHE B 431 32.69 -65.23 -3.80
CA PHE B 431 33.65 -65.40 -4.87
C PHE B 431 33.74 -64.14 -5.72
N PHE B 432 32.62 -63.46 -5.93
CA PHE B 432 32.68 -62.24 -6.73
C PHE B 432 33.21 -61.04 -5.97
N PHE B 433 33.35 -61.15 -4.65
CA PHE B 433 34.13 -60.15 -3.94
C PHE B 433 35.62 -60.49 -3.96
N LEU B 434 35.97 -61.77 -3.95
CA LEU B 434 37.38 -62.17 -3.90
C LEU B 434 38.02 -62.30 -5.29
N CYS B 435 37.25 -62.27 -6.37
CA CYS B 435 37.79 -62.43 -7.71
C CYS B 435 38.58 -61.20 -8.18
N PRO B 436 38.09 -59.97 -7.96
CA PRO B 436 38.94 -58.81 -8.26
C PRO B 436 40.22 -58.77 -7.45
N ASN B 437 40.22 -59.34 -6.24
CA ASN B 437 41.42 -59.37 -5.42
C ASN B 437 42.50 -60.25 -6.05
N LEU B 438 42.10 -61.38 -6.64
CA LEU B 438 43.06 -62.27 -7.29
C LEU B 438 43.39 -61.86 -8.72
N TRP B 439 42.53 -61.08 -9.38
CA TRP B 439 42.91 -60.57 -10.69
C TRP B 439 44.01 -59.49 -10.61
N ALA B 440 44.59 -59.26 -9.43
CA ALA B 440 45.72 -58.37 -9.25
C ALA B 440 46.92 -59.03 -8.60
N MET B 441 46.81 -60.27 -8.15
CA MET B 441 47.98 -60.99 -7.64
C MET B 441 49.08 -61.14 -8.69
N PRO B 442 48.81 -61.55 -9.94
CA PRO B 442 49.92 -61.71 -10.89
C PRO B 442 50.69 -60.42 -11.18
N VAL B 443 49.98 -59.34 -11.51
CA VAL B 443 50.65 -58.06 -11.77
C VAL B 443 51.42 -57.62 -10.54
N GLN B 444 50.86 -57.84 -9.35
CA GLN B 444 51.54 -57.45 -8.11
C GLN B 444 52.87 -58.17 -7.96
N ILE B 445 52.87 -59.50 -8.12
CA ILE B 445 54.12 -60.23 -7.92
C ILE B 445 55.14 -59.89 -9.00
N ILE B 446 54.68 -59.68 -10.24
CA ILE B 446 55.60 -59.31 -11.31
C ILE B 446 56.28 -57.99 -11.01
N VAL B 447 55.49 -56.97 -10.61
CA VAL B 447 56.08 -55.67 -10.29
C VAL B 447 57.00 -55.80 -9.07
N GLY B 448 56.64 -56.68 -8.13
CA GLY B 448 57.50 -56.89 -6.98
C GLY B 448 58.89 -57.35 -7.38
N VAL B 449 58.96 -58.35 -8.28
CA VAL B 449 60.30 -58.83 -8.64
C VAL B 449 61.04 -57.82 -9.52
N ILE B 450 60.32 -57.12 -10.42
CA ILE B 450 61.01 -56.13 -11.25
C ILE B 450 61.48 -54.96 -10.41
N LEU B 451 60.90 -54.74 -9.23
CA LEU B 451 61.41 -53.70 -8.35
C LEU B 451 62.59 -54.20 -7.51
N LEU B 452 62.53 -55.46 -7.06
CA LEU B 452 63.59 -55.97 -6.20
C LEU B 452 64.87 -56.30 -6.95
N TYR B 453 64.83 -56.46 -8.28
CA TYR B 453 66.09 -56.57 -9.03
C TYR B 453 66.96 -55.33 -8.80
N TYR B 454 66.40 -54.15 -9.05
CA TYR B 454 67.15 -52.91 -8.94
C TYR B 454 67.63 -52.62 -7.52
N ILE B 455 67.18 -53.37 -6.53
CA ILE B 455 67.56 -53.16 -5.14
C ILE B 455 68.55 -54.21 -4.65
N LEU B 456 68.39 -55.46 -5.11
CA LEU B 456 69.30 -56.51 -4.70
C LEU B 456 70.56 -56.53 -5.56
N GLY B 457 70.41 -56.53 -6.88
CA GLY B 457 71.56 -56.61 -7.77
C GLY B 457 71.83 -58.05 -8.17
N VAL B 458 73.08 -58.48 -8.01
CA VAL B 458 73.43 -59.86 -8.29
C VAL B 458 72.89 -60.83 -7.24
N SER B 459 72.42 -60.31 -6.11
CA SER B 459 71.82 -61.12 -5.05
C SER B 459 70.35 -61.39 -5.28
N ALA B 460 69.84 -61.15 -6.49
CA ALA B 460 68.44 -61.46 -6.77
C ALA B 460 68.21 -62.95 -6.87
N LEU B 461 69.22 -63.71 -7.32
CA LEU B 461 69.07 -65.14 -7.58
C LEU B 461 68.39 -65.88 -6.43
N ILE B 462 68.77 -65.56 -5.20
CA ILE B 462 68.25 -66.30 -4.04
C ILE B 462 66.76 -66.08 -3.88
N GLY B 463 66.33 -64.81 -3.84
CA GLY B 463 64.91 -64.52 -3.73
C GLY B 463 64.11 -65.04 -4.91
N ALA B 464 64.68 -64.96 -6.11
CA ALA B 464 64.01 -65.48 -7.30
C ALA B 464 63.82 -66.98 -7.22
N ALA B 465 64.86 -67.71 -6.80
CA ALA B 465 64.74 -69.15 -6.62
C ALA B 465 63.72 -69.49 -5.56
N VAL B 466 63.63 -68.67 -4.50
CA VAL B 466 62.65 -68.92 -3.44
C VAL B 466 61.23 -68.75 -3.98
N ILE B 467 60.96 -67.62 -4.66
CA ILE B 467 59.59 -67.36 -5.13
C ILE B 467 59.24 -68.15 -6.38
N ILE B 468 60.21 -68.85 -6.97
CA ILE B 468 59.87 -69.83 -8.01
C ILE B 468 59.66 -71.22 -7.42
N LEU B 469 60.43 -71.59 -6.39
CA LEU B 469 60.21 -72.83 -5.66
C LEU B 469 58.91 -72.83 -4.89
N LEU B 470 58.40 -71.64 -4.55
CA LEU B 470 57.12 -71.55 -3.85
C LEU B 470 55.96 -72.06 -4.71
N ALA B 471 55.94 -71.68 -5.99
CA ALA B 471 54.73 -71.84 -6.80
C ALA B 471 54.29 -73.28 -7.01
N PRO B 472 55.12 -74.22 -7.48
CA PRO B 472 54.58 -75.55 -7.83
C PRO B 472 54.13 -76.36 -6.63
N VAL B 473 54.87 -76.30 -5.52
CA VAL B 473 54.43 -76.99 -4.31
C VAL B 473 53.11 -76.42 -3.82
N GLN B 474 52.93 -75.10 -3.97
CA GLN B 474 51.65 -74.48 -3.61
C GLN B 474 50.53 -74.98 -4.52
N TYR B 475 50.82 -75.16 -5.82
CA TYR B 475 49.80 -75.69 -6.73
C TYR B 475 49.38 -77.10 -6.31
N PHE B 476 50.36 -77.95 -5.98
CA PHE B 476 50.03 -79.32 -5.56
C PHE B 476 49.24 -79.32 -4.25
N VAL B 477 49.62 -78.44 -3.30
CA VAL B 477 48.89 -78.34 -2.04
C VAL B 477 47.45 -77.91 -2.28
N ALA B 478 47.26 -76.92 -3.17
CA ALA B 478 45.91 -76.46 -3.46
C ALA B 478 45.06 -77.55 -4.09
N THR B 479 45.67 -78.38 -4.95
CA THR B 479 44.94 -79.52 -5.52
C THR B 479 44.49 -80.48 -4.43
N LYS B 480 45.43 -80.90 -3.57
CA LYS B 480 45.09 -81.80 -2.47
C LYS B 480 44.03 -81.21 -1.56
N LEU B 481 43.95 -79.88 -1.50
CA LEU B 481 42.93 -79.22 -0.68
C LEU B 481 41.56 -79.28 -1.35
N SER B 482 41.49 -78.89 -2.63
CA SER B 482 40.22 -78.88 -3.34
C SER B 482 39.56 -80.25 -3.34
N GLN B 483 40.37 -81.30 -3.46
CA GLN B 483 39.79 -82.65 -3.51
C GLN B 483 39.02 -82.98 -2.24
N ALA B 484 39.56 -82.62 -1.07
CA ALA B 484 38.81 -82.82 0.16
C ALA B 484 37.57 -81.93 0.23
N GLN B 485 37.70 -80.68 -0.23
CA GLN B 485 36.61 -79.74 -0.03
C GLN B 485 35.34 -80.15 -0.79
N ARG B 486 35.50 -80.68 -2.00
CA ARG B 486 34.31 -81.02 -2.78
C ARG B 486 33.49 -82.14 -2.10
N SER B 487 34.18 -83.19 -1.64
CA SER B 487 33.49 -84.25 -0.92
C SER B 487 32.87 -83.72 0.37
N THR B 488 33.56 -82.77 1.04
CA THR B 488 32.95 -82.08 2.18
C THR B 488 31.58 -81.53 1.83
N LEU B 489 31.50 -80.81 0.70
CA LEU B 489 30.23 -80.21 0.32
C LEU B 489 29.17 -81.27 0.06
N GLU B 490 29.53 -82.36 -0.62
CA GLU B 490 28.54 -83.41 -0.86
C GLU B 490 27.98 -83.95 0.44
N HIS B 491 28.86 -84.24 1.41
CA HIS B 491 28.40 -84.82 2.67
C HIS B 491 27.53 -83.86 3.46
N SER B 492 27.90 -82.58 3.50
CA SER B 492 27.07 -81.60 4.20
C SER B 492 25.70 -81.46 3.53
N ASN B 493 25.68 -81.56 2.19
CA ASN B 493 24.41 -81.45 1.48
C ASN B 493 23.48 -82.61 1.81
N GLU B 494 24.04 -83.82 1.99
CA GLU B 494 23.16 -84.91 2.41
C GLU B 494 22.75 -84.78 3.88
N ARG B 495 23.65 -84.28 4.73
CA ARG B 495 23.30 -84.09 6.13
C ARG B 495 22.14 -83.11 6.28
N LEU B 496 22.10 -82.08 5.45
CA LEU B 496 21.02 -81.09 5.58
C LEU B 496 19.67 -81.70 5.24
N LYS B 497 19.61 -82.56 4.22
CA LYS B 497 18.34 -83.20 3.90
C LYS B 497 17.94 -84.21 4.97
N GLN B 498 18.92 -84.89 5.56
CA GLN B 498 18.61 -85.79 6.68
C GLN B 498 18.03 -85.02 7.86
N THR B 499 18.57 -83.83 8.14
CA THR B 499 18.02 -82.99 9.20
C THR B 499 16.62 -82.49 8.86
N ASN B 500 16.39 -82.10 7.60
CA ASN B 500 15.06 -81.66 7.18
C ASN B 500 14.03 -82.75 7.41
N GLU B 501 14.33 -83.98 6.96
CA GLU B 501 13.39 -85.08 7.16
C GLU B 501 13.40 -85.60 8.59
N MET B 502 14.34 -85.16 9.43
CA MET B 502 14.29 -85.50 10.85
C MET B 502 13.45 -84.52 11.67
N LEU B 503 13.43 -83.24 11.30
CA LEU B 503 12.75 -82.24 12.13
C LEU B 503 11.26 -82.12 11.84
N ARG B 504 10.84 -82.28 10.57
CA ARG B 504 9.42 -82.20 10.27
C ARG B 504 8.65 -83.43 10.73
N GLY B 505 9.31 -84.40 11.36
CA GLY B 505 8.64 -85.57 11.88
C GLY B 505 9.09 -85.92 13.28
N MET B 506 9.50 -84.93 14.06
CA MET B 506 9.94 -85.21 15.43
C MET B 506 8.82 -85.75 16.29
N LYS B 507 7.56 -85.42 15.94
CA LYS B 507 6.44 -85.98 16.68
C LYS B 507 6.39 -87.49 16.54
N LEU B 508 6.29 -87.99 15.30
CA LEU B 508 6.29 -89.42 15.06
C LEU B 508 7.60 -90.07 15.50
N LEU B 509 8.71 -89.32 15.44
CA LEU B 509 9.98 -89.88 15.87
C LEU B 509 9.99 -90.15 17.37
N LYS B 510 9.64 -89.15 18.18
CA LYS B 510 9.59 -89.32 19.62
C LYS B 510 8.41 -90.17 20.07
N LEU B 511 7.43 -90.41 19.21
CA LEU B 511 6.25 -91.17 19.62
C LEU B 511 6.63 -92.59 20.05
N TYR B 512 7.24 -93.36 19.15
CA TYR B 512 7.75 -94.67 19.51
C TYR B 512 9.27 -94.73 19.52
N ALA B 513 9.92 -93.57 19.62
CA ALA B 513 11.34 -93.46 19.98
C ALA B 513 12.23 -94.24 19.01
N TRP B 514 12.23 -93.78 17.75
CA TRP B 514 13.22 -94.19 16.78
C TRP B 514 14.43 -93.27 16.77
N GLU B 515 14.64 -92.52 17.85
CA GLU B 515 15.63 -91.45 17.85
C GLU B 515 17.04 -92.00 17.61
N SER B 516 17.41 -93.07 18.32
CA SER B 516 18.78 -93.57 18.28
C SER B 516 19.24 -93.84 16.85
N ILE B 517 18.36 -94.37 16.01
CA ILE B 517 18.73 -94.72 14.65
C ILE B 517 19.09 -93.48 13.85
N PHE B 518 18.18 -92.50 13.82
CA PHE B 518 18.42 -91.28 13.05
C PHE B 518 19.60 -90.49 13.62
N CYS B 519 19.75 -90.50 14.94
CA CYS B 519 20.86 -89.77 15.56
C CYS B 519 22.20 -90.43 15.24
N SER B 520 22.26 -91.76 15.23
CA SER B 520 23.49 -92.43 14.84
C SER B 520 23.78 -92.23 13.36
N ARG B 521 22.75 -92.15 12.52
CA ARG B 521 22.98 -91.88 11.10
C ARG B 521 23.55 -90.48 10.90
N VAL B 522 22.96 -89.48 11.57
CA VAL B 522 23.50 -88.13 11.46
C VAL B 522 24.89 -88.06 12.08
N GLU B 523 25.15 -88.86 13.12
CA GLU B 523 26.49 -88.89 13.70
C GLU B 523 27.50 -89.48 12.72
N VAL B 524 27.13 -90.52 12.00
CA VAL B 524 28.02 -91.10 11.00
C VAL B 524 28.30 -90.11 9.87
N THR B 525 27.24 -89.44 9.39
CA THR B 525 27.44 -88.41 8.37
C THR B 525 28.33 -87.29 8.88
N ARG B 526 28.16 -86.92 10.16
CA ARG B 526 29.00 -85.89 10.75
C ARG B 526 30.46 -86.35 10.85
N ARG B 527 30.67 -87.63 11.13
CA ARG B 527 32.04 -88.16 11.20
C ARG B 527 32.70 -88.14 9.83
N LYS B 528 31.96 -88.49 8.78
CA LYS B 528 32.54 -88.41 7.43
C LYS B 528 32.86 -86.96 7.06
N GLU B 529 31.92 -86.04 7.31
CA GLU B 529 32.17 -84.63 7.09
C GLU B 529 33.39 -84.15 7.88
N MET B 530 33.55 -84.64 9.11
CA MET B 530 34.68 -84.27 9.95
C MET B 530 36.00 -84.82 9.39
N THR B 531 35.97 -86.01 8.80
CA THR B 531 37.15 -86.51 8.10
C THR B 531 37.57 -85.56 6.99
N SER B 532 36.61 -85.15 6.17
CA SER B 532 36.90 -84.16 5.14
C SER B 532 37.47 -82.89 5.74
N LEU B 533 36.86 -82.39 6.83
CA LEU B 533 37.30 -81.14 7.44
C LEU B 533 38.71 -81.26 8.02
N ARG B 534 39.04 -82.39 8.64
CA ARG B 534 40.36 -82.53 9.25
C ARG B 534 41.43 -82.64 8.17
N ALA B 535 41.13 -83.31 7.05
CA ALA B 535 42.06 -83.27 5.92
C ALA B 535 42.30 -81.84 5.46
N PHE B 536 41.22 -81.08 5.26
CA PHE B 536 41.34 -79.68 4.85
C PHE B 536 42.17 -78.88 5.84
N ALA B 537 41.97 -79.10 7.14
CA ALA B 537 42.65 -78.31 8.16
C ALA B 537 44.14 -78.62 8.21
N VAL B 538 44.50 -79.91 8.12
CA VAL B 538 45.91 -80.27 8.09
C VAL B 538 46.59 -79.67 6.86
N TYR B 539 45.90 -79.69 5.72
CA TYR B 539 46.51 -79.12 4.52
C TYR B 539 46.68 -77.61 4.64
N THR B 540 45.71 -76.91 5.23
CA THR B 540 45.86 -75.47 5.42
C THR B 540 46.98 -75.15 6.41
N SER B 541 47.16 -75.98 7.43
CA SER B 541 48.26 -75.78 8.37
C SER B 541 49.61 -75.93 7.67
N ILE B 542 49.75 -76.96 6.84
CA ILE B 542 50.99 -77.11 6.06
C ILE B 542 51.18 -75.91 5.14
N SER B 543 50.09 -75.40 4.56
CA SER B 543 50.17 -74.24 3.69
C SER B 543 50.74 -73.02 4.43
N ILE B 544 50.21 -72.75 5.63
CA ILE B 544 50.70 -71.59 6.39
C ILE B 544 52.14 -71.81 6.83
N PHE B 545 52.48 -73.05 7.21
CA PHE B 545 53.87 -73.36 7.54
C PHE B 545 54.80 -73.00 6.40
N MET B 546 54.45 -73.41 5.18
CA MET B 546 55.30 -73.12 4.03
C MET B 546 55.37 -71.61 3.79
N ASN B 547 54.20 -70.96 3.76
CA ASN B 547 54.08 -69.53 3.50
C ASN B 547 54.76 -68.67 4.54
N THR B 548 55.17 -69.24 5.68
CA THR B 548 56.06 -68.50 6.57
C THR B 548 57.51 -68.96 6.48
N ALA B 549 57.75 -70.27 6.33
CA ALA B 549 59.11 -70.79 6.43
C ALA B 549 59.95 -70.42 5.20
N ILE B 550 59.37 -70.54 4.01
CA ILE B 550 60.09 -70.14 2.79
C ILE B 550 60.43 -68.66 2.81
N PRO B 551 59.53 -67.76 3.19
CA PRO B 551 59.89 -66.33 3.26
C PRO B 551 61.08 -65.99 4.15
N ILE B 552 61.10 -66.50 5.38
CA ILE B 552 62.16 -66.14 6.32
C ILE B 552 63.50 -66.66 5.83
N ALA B 553 63.53 -67.90 5.33
CA ALA B 553 64.74 -68.45 4.74
C ALA B 553 65.22 -67.57 3.59
N ALA B 554 64.28 -67.11 2.75
CA ALA B 554 64.65 -66.24 1.63
C ALA B 554 65.37 -64.99 2.10
N VAL B 555 64.77 -64.29 3.06
CA VAL B 555 65.36 -63.05 3.55
C VAL B 555 66.76 -63.30 4.09
N LEU B 556 66.88 -64.30 4.97
CA LEU B 556 68.17 -64.66 5.57
C LEU B 556 69.23 -64.92 4.49
N ILE B 557 68.89 -65.78 3.53
CA ILE B 557 69.87 -66.18 2.51
C ILE B 557 70.30 -64.97 1.70
N THR B 558 69.34 -64.15 1.25
CA THR B 558 69.70 -63.01 0.41
C THR B 558 70.65 -62.06 1.14
N PHE B 559 70.33 -61.71 2.39
CA PHE B 559 71.18 -60.76 3.10
C PHE B 559 72.57 -61.33 3.34
N VAL B 560 72.64 -62.56 3.87
CA VAL B 560 73.94 -63.18 4.13
C VAL B 560 74.76 -63.25 2.85
N GLY B 561 74.12 -63.57 1.73
CA GLY B 561 74.84 -63.61 0.47
C GLY B 561 75.40 -62.27 0.06
N HIS B 562 74.64 -61.20 0.27
CA HIS B 562 75.14 -59.89 -0.16
C HIS B 562 76.32 -59.43 0.70
N VAL B 563 76.26 -59.60 2.01
CA VAL B 563 77.26 -58.94 2.88
C VAL B 563 78.65 -59.56 2.67
N SER B 564 78.77 -60.88 2.79
CA SER B 564 80.08 -61.54 2.85
C SER B 564 80.29 -62.59 1.78
N PHE B 565 79.23 -63.15 1.18
CA PHE B 565 79.42 -64.26 0.26
C PHE B 565 80.08 -63.80 -1.04
N PHE B 566 79.46 -62.87 -1.76
CA PHE B 566 80.12 -62.46 -2.99
C PHE B 566 80.21 -60.95 -3.20
N LYS B 567 79.17 -60.20 -2.80
CA LYS B 567 78.92 -58.91 -3.45
C LYS B 567 79.99 -57.87 -3.14
N GLU B 568 80.53 -57.86 -1.93
CA GLU B 568 81.55 -56.92 -1.48
C GLU B 568 81.10 -55.47 -1.50
N SER B 569 79.82 -55.21 -1.74
CA SER B 569 79.23 -53.87 -1.64
C SER B 569 78.39 -53.84 -0.36
N ASP B 570 78.82 -53.05 0.61
CA ASP B 570 78.12 -53.02 1.89
C ASP B 570 76.68 -52.56 1.72
N LEU B 571 75.74 -53.42 2.12
CA LEU B 571 74.33 -53.07 2.01
C LEU B 571 74.03 -51.94 2.99
N SER B 572 73.83 -50.75 2.45
CA SER B 572 73.36 -49.66 3.28
C SER B 572 72.00 -50.03 3.85
N PRO B 573 71.71 -49.60 5.09
CA PRO B 573 70.44 -50.00 5.73
C PRO B 573 69.20 -49.69 4.90
N SER B 574 69.26 -48.69 4.03
CA SER B 574 68.13 -48.37 3.16
C SER B 574 67.74 -49.57 2.30
N VAL B 575 68.73 -50.21 1.68
CA VAL B 575 68.47 -51.40 0.87
C VAL B 575 67.82 -52.47 1.70
N ALA B 576 68.33 -52.70 2.92
CA ALA B 576 67.81 -53.74 3.79
C ALA B 576 66.34 -53.52 4.10
N PHE B 577 66.00 -52.32 4.56
CA PHE B 577 64.63 -52.08 4.99
C PHE B 577 63.67 -52.03 3.80
N ALA B 578 64.11 -51.48 2.67
CA ALA B 578 63.27 -51.49 1.48
C ALA B 578 63.00 -52.91 1.00
N SER B 579 64.01 -53.78 1.09
CA SER B 579 63.81 -55.18 0.74
C SER B 579 62.81 -55.84 1.67
N LEU B 580 62.93 -55.58 2.99
CA LEU B 580 61.96 -56.15 3.93
C LEU B 580 60.55 -55.68 3.62
N SER B 581 60.40 -54.40 3.25
CA SER B 581 59.08 -53.87 2.95
C SER B 581 58.47 -54.54 1.71
N LEU B 582 59.20 -54.52 0.60
CA LEU B 582 58.72 -55.16 -0.63
C LEU B 582 58.41 -56.63 -0.38
N PHE B 583 59.23 -57.28 0.44
CA PHE B 583 59.05 -58.69 0.73
C PHE B 583 57.76 -58.95 1.50
N HIS B 584 57.46 -58.10 2.50
CA HIS B 584 56.20 -58.22 3.23
C HIS B 584 55.01 -58.02 2.29
N ILE B 585 55.10 -57.02 1.40
CA ILE B 585 54.04 -56.79 0.42
C ILE B 585 53.83 -58.03 -0.43
N LEU B 586 54.92 -58.71 -0.80
CA LEU B 586 54.80 -59.93 -1.58
C LEU B 586 54.18 -61.06 -0.75
N VAL B 587 54.49 -61.10 0.54
CA VAL B 587 54.06 -62.21 1.38
C VAL B 587 52.55 -62.19 1.58
N THR B 588 51.97 -60.99 1.76
CA THR B 588 50.54 -60.94 2.08
C THR B 588 49.64 -61.68 1.08
N PRO B 589 49.79 -61.55 -0.24
CA PRO B 589 48.88 -62.30 -1.14
C PRO B 589 48.95 -63.81 -1.00
N LEU B 590 50.12 -64.38 -0.70
CA LEU B 590 50.24 -65.84 -0.65
C LEU B 590 49.38 -66.44 0.45
N PHE B 591 49.39 -65.83 1.64
CA PHE B 591 48.51 -66.28 2.71
C PHE B 591 47.05 -66.19 2.28
N LEU B 592 46.69 -65.17 1.50
CA LEU B 592 45.31 -64.95 1.12
C LEU B 592 44.81 -66.00 0.14
N LEU B 593 45.65 -66.41 -0.81
CA LEU B 593 45.18 -67.28 -1.88
C LEU B 593 44.72 -68.63 -1.35
N SER B 594 45.30 -69.08 -0.23
CA SER B 594 44.87 -70.34 0.37
C SER B 594 43.41 -70.27 0.83
N SER B 595 43.02 -69.16 1.47
CA SER B 595 41.62 -68.95 1.81
C SER B 595 40.76 -68.78 0.57
N VAL B 596 41.34 -68.21 -0.50
CA VAL B 596 40.57 -67.94 -1.72
C VAL B 596 40.08 -69.23 -2.35
N VAL B 597 40.89 -70.29 -2.30
CA VAL B 597 40.51 -71.58 -2.89
C VAL B 597 39.23 -72.10 -2.26
N ARG B 598 39.04 -71.85 -0.95
CA ARG B 598 37.84 -72.29 -0.26
C ARG B 598 36.58 -71.69 -0.88
N SER B 599 36.64 -70.41 -1.26
CA SER B 599 35.50 -69.81 -1.95
C SER B 599 35.45 -70.17 -3.42
N THR B 600 36.60 -70.46 -4.02
CA THR B 600 36.67 -70.71 -5.46
C THR B 600 36.02 -72.03 -5.84
N VAL B 601 36.43 -73.12 -5.18
CA VAL B 601 35.81 -74.42 -5.45
C VAL B 601 34.34 -74.39 -5.06
N LYS B 602 33.98 -73.57 -4.07
CA LYS B 602 32.59 -73.46 -3.68
C LYS B 602 31.77 -72.75 -4.74
N ALA B 603 32.34 -71.70 -5.35
CA ALA B 603 31.66 -71.05 -6.46
C ALA B 603 31.50 -72.01 -7.64
N LEU B 604 32.54 -72.78 -7.94
CA LEU B 604 32.45 -73.77 -9.00
C LEU B 604 31.33 -74.77 -8.73
N VAL B 605 31.27 -75.31 -7.50
CA VAL B 605 30.24 -76.28 -7.15
C VAL B 605 28.86 -75.65 -7.21
N SER B 606 28.74 -74.40 -6.73
CA SER B 606 27.44 -73.73 -6.74
C SER B 606 26.93 -73.51 -8.15
N VAL B 607 27.83 -73.16 -9.08
CA VAL B 607 27.38 -72.95 -10.45
C VAL B 607 27.05 -74.28 -11.12
N GLN B 608 27.84 -75.33 -10.86
CA GLN B 608 27.47 -76.64 -11.37
C GLN B 608 26.07 -77.04 -10.89
N LYS B 609 25.79 -76.83 -9.61
CA LYS B 609 24.47 -77.13 -9.06
C LYS B 609 23.41 -76.26 -9.72
N LEU B 610 23.69 -74.98 -9.92
CA LEU B 610 22.72 -74.07 -10.52
C LEU B 610 22.42 -74.47 -11.97
N SER B 611 23.42 -74.95 -12.69
CA SER B 611 23.20 -75.35 -14.08
C SER B 611 22.45 -76.67 -14.17
N GLU B 612 22.74 -77.61 -13.26
CA GLU B 612 21.94 -78.82 -13.22
C GLU B 612 20.50 -78.51 -12.81
N PHE B 613 20.29 -77.46 -12.02
CA PHE B 613 18.93 -77.07 -11.64
C PHE B 613 18.20 -76.42 -12.81
N LEU B 614 18.91 -75.59 -13.59
CA LEU B 614 18.30 -74.99 -14.76
C LEU B 614 17.96 -76.02 -15.83
N SER B 615 18.64 -77.17 -15.83
CA SER B 615 18.43 -78.20 -16.82
C SER B 615 17.31 -79.17 -16.46
N SER B 616 16.42 -78.78 -15.56
CA SER B 616 15.29 -79.64 -15.22
C SER B 616 14.23 -79.56 -16.32
N ALA B 617 13.23 -80.43 -16.21
CA ALA B 617 12.22 -80.55 -17.25
C ALA B 617 11.29 -79.34 -17.25
N GLU B 618 11.03 -78.81 -18.44
CA GLU B 618 10.16 -77.67 -18.64
C GLU B 618 8.70 -78.08 -18.44
N ILE B 619 7.81 -77.10 -18.55
CA ILE B 619 6.38 -77.34 -18.70
C ILE B 619 6.03 -77.15 -20.18
N ARG B 620 5.17 -78.02 -20.70
CA ARG B 620 4.89 -78.06 -22.13
C ARG B 620 3.76 -77.09 -22.47
N GLU B 621 4.04 -76.15 -23.38
CA GLU B 621 3.02 -75.22 -23.81
C GLU B 621 2.00 -75.91 -24.71
N GLU B 622 0.73 -75.55 -24.52
CA GLU B 622 -0.36 -76.14 -25.30
C GLU B 622 -0.26 -75.76 -26.78
N CYS B 678 -18.13 -75.87 -20.83
CA CYS B 678 -17.95 -77.23 -20.32
C CYS B 678 -16.52 -77.70 -20.50
N VAL B 679 -16.03 -78.48 -19.54
CA VAL B 679 -14.67 -79.03 -19.59
C VAL B 679 -14.71 -80.33 -20.38
N GLN B 680 -13.95 -80.39 -21.47
CA GLN B 680 -14.01 -81.50 -22.41
C GLN B 680 -12.67 -82.22 -22.46
N ILE B 681 -12.73 -83.56 -22.47
CA ILE B 681 -11.55 -84.41 -22.59
C ILE B 681 -11.88 -85.56 -23.51
N ILE B 682 -11.09 -85.71 -24.59
CA ILE B 682 -11.24 -86.81 -25.53
C ILE B 682 -9.87 -87.44 -25.73
N GLY B 683 -9.73 -88.71 -25.33
CA GLY B 683 -8.51 -89.47 -25.54
C GLY B 683 -7.39 -89.21 -24.55
N GLY B 684 -7.68 -89.35 -23.26
CA GLY B 684 -6.69 -89.01 -22.24
C GLY B 684 -5.53 -90.01 -22.22
N PHE B 685 -4.30 -89.49 -22.17
CA PHE B 685 -3.12 -90.35 -22.20
C PHE B 685 -1.91 -89.55 -21.71
N PHE B 686 -1.37 -89.89 -20.54
CA PHE B 686 -0.15 -89.24 -20.07
C PHE B 686 0.48 -90.07 -18.95
N THR B 687 1.79 -89.86 -18.77
CA THR B 687 2.57 -90.51 -17.73
C THR B 687 3.49 -89.48 -17.09
N TRP B 688 4.11 -89.87 -15.98
CA TRP B 688 4.93 -88.96 -15.18
C TRP B 688 6.42 -89.06 -15.52
N THR B 689 6.80 -88.94 -16.79
CA THR B 689 8.18 -88.90 -17.24
C THR B 689 8.24 -88.53 -18.72
N PRO B 690 9.41 -88.15 -19.24
CA PRO B 690 9.55 -88.04 -20.70
C PRO B 690 9.28 -89.33 -21.44
N ASP B 691 9.46 -90.48 -20.78
CA ASP B 691 9.18 -91.78 -21.38
C ASP B 691 8.97 -92.80 -20.27
N GLY B 692 7.92 -93.60 -20.38
CA GLY B 692 7.65 -94.62 -19.39
C GLY B 692 6.24 -95.15 -19.56
N ILE B 693 5.97 -96.21 -18.81
CA ILE B 693 4.63 -96.82 -18.84
C ILE B 693 3.63 -95.85 -18.22
N PRO B 694 2.44 -95.71 -18.78
CA PRO B 694 1.52 -94.66 -18.33
C PRO B 694 0.54 -95.12 -17.26
N THR B 695 -0.07 -94.13 -16.61
CA THR B 695 -1.20 -94.33 -15.72
C THR B 695 -2.48 -93.68 -16.21
N LEU B 696 -2.40 -92.74 -17.14
CA LEU B 696 -3.55 -92.12 -17.78
C LEU B 696 -3.77 -92.80 -19.13
N SER B 697 -4.92 -93.45 -19.29
CA SER B 697 -5.18 -94.25 -20.49
C SER B 697 -6.64 -94.10 -20.91
N ASN B 698 -6.86 -93.47 -22.07
CA ASN B 698 -8.16 -93.47 -22.74
C ASN B 698 -9.27 -92.92 -21.84
N ILE B 699 -9.12 -91.66 -21.46
CA ILE B 699 -10.09 -90.96 -20.63
C ILE B 699 -10.93 -90.04 -21.49
N THR B 700 -12.25 -90.16 -21.40
CA THR B 700 -13.19 -89.31 -22.11
C THR B 700 -14.21 -88.80 -21.12
N ILE B 701 -14.38 -87.48 -21.04
CA ILE B 701 -15.22 -86.90 -20.00
C ILE B 701 -15.72 -85.53 -20.46
N ARG B 702 -17.00 -85.28 -20.22
CA ARG B 702 -17.63 -83.99 -20.48
C ARG B 702 -18.18 -83.44 -19.18
N ILE B 703 -17.91 -82.17 -18.91
CA ILE B 703 -18.33 -81.51 -17.67
C ILE B 703 -19.09 -80.23 -18.00
N PRO B 704 -20.41 -80.29 -18.16
CA PRO B 704 -21.17 -79.06 -18.42
C PRO B 704 -21.14 -78.12 -17.22
N ARG B 705 -21.31 -76.83 -17.50
CA ARG B 705 -21.25 -75.82 -16.46
C ARG B 705 -22.42 -75.96 -15.49
N GLY B 706 -22.29 -75.29 -14.35
CA GLY B 706 -23.34 -75.29 -13.34
C GLY B 706 -23.76 -76.67 -12.89
N GLN B 707 -22.80 -77.58 -12.74
CA GLN B 707 -23.10 -78.98 -12.51
C GLN B 707 -22.08 -79.57 -11.54
N LEU B 708 -22.54 -80.43 -10.64
CA LEU B 708 -21.67 -81.09 -9.69
C LEU B 708 -21.22 -82.44 -10.23
N THR B 709 -19.94 -82.76 -10.02
CA THR B 709 -19.36 -84.00 -10.50
C THR B 709 -18.54 -84.65 -9.40
N MET B 710 -18.96 -85.83 -8.96
CA MET B 710 -18.25 -86.60 -7.95
C MET B 710 -17.38 -87.63 -8.64
N ILE B 711 -16.08 -87.45 -8.54
CA ILE B 711 -15.15 -88.50 -8.91
C ILE B 711 -15.00 -89.45 -7.72
N VAL B 712 -15.01 -90.75 -8.00
CA VAL B 712 -14.92 -91.77 -6.96
C VAL B 712 -14.10 -92.93 -7.49
N GLY B 713 -13.59 -93.74 -6.58
CA GLY B 713 -12.74 -94.86 -6.93
C GLY B 713 -11.81 -95.20 -5.80
N GLN B 714 -11.12 -96.33 -5.96
CA GLN B 714 -10.24 -96.84 -4.93
C GLN B 714 -9.01 -95.94 -4.76
N VAL B 715 -8.16 -96.30 -3.80
CA VAL B 715 -6.93 -95.56 -3.59
C VAL B 715 -5.97 -95.85 -4.74
N GLY B 716 -5.45 -94.78 -5.35
CA GLY B 716 -4.54 -94.93 -6.47
C GLY B 716 -5.24 -95.20 -7.78
N CYS B 717 -6.19 -94.33 -8.15
CA CYS B 717 -6.94 -94.48 -9.38
C CYS B 717 -6.91 -93.20 -10.20
N GLY B 718 -5.85 -92.41 -10.05
CA GLY B 718 -5.68 -91.22 -10.86
C GLY B 718 -6.78 -90.19 -10.68
N LYS B 719 -7.27 -90.01 -9.46
CA LYS B 719 -8.28 -88.99 -9.21
C LYS B 719 -7.62 -87.62 -9.11
N SER B 720 -6.66 -87.48 -8.18
CA SER B 720 -5.88 -86.25 -8.14
C SER B 720 -5.10 -86.05 -9.43
N SER B 721 -4.70 -87.15 -10.08
CA SER B 721 -3.96 -87.03 -11.34
C SER B 721 -4.86 -86.54 -12.46
N LEU B 722 -6.09 -87.04 -12.52
CA LEU B 722 -7.07 -86.48 -13.45
C LEU B 722 -7.32 -85.00 -13.14
N LEU B 723 -7.35 -84.66 -11.85
CA LEU B 723 -7.54 -83.26 -11.46
C LEU B 723 -6.39 -82.38 -11.96
N LEU B 724 -5.16 -82.89 -11.88
CA LEU B 724 -4.02 -82.08 -12.28
C LEU B 724 -3.85 -82.02 -13.80
N ALA B 725 -4.17 -83.12 -14.50
CA ALA B 725 -4.12 -83.08 -15.96
C ALA B 725 -5.18 -82.14 -16.52
N THR B 726 -6.42 -82.24 -15.99
CA THR B 726 -7.44 -81.24 -16.33
C THR B 726 -6.96 -79.83 -16.04
N LEU B 727 -6.06 -79.67 -15.08
CA LEU B 727 -5.53 -78.37 -14.69
C LEU B 727 -4.50 -77.83 -15.65
N GLY B 728 -4.16 -78.58 -16.71
CA GLY B 728 -3.11 -78.19 -17.61
C GLY B 728 -1.71 -78.27 -17.03
N GLU B 729 -1.58 -78.52 -15.74
CA GLU B 729 -0.26 -78.68 -15.13
C GLU B 729 0.49 -79.88 -15.69
N MET B 730 -0.24 -80.81 -16.31
CA MET B 730 0.34 -82.01 -16.90
C MET B 730 -0.27 -82.18 -18.28
N GLN B 731 0.40 -81.66 -19.30
CA GLN B 731 -0.09 -81.79 -20.67
C GLN B 731 0.07 -83.23 -21.14
N LYS B 732 -1.03 -83.84 -21.57
CA LYS B 732 -1.03 -85.24 -21.93
C LYS B 732 -0.20 -85.48 -23.20
N VAL B 733 0.32 -86.71 -23.32
CA VAL B 733 1.10 -87.07 -24.50
C VAL B 733 0.24 -86.96 -25.75
N SER B 734 -0.85 -87.73 -25.80
CA SER B 734 -1.74 -87.77 -26.95
C SER B 734 -3.18 -87.68 -26.44
N GLY B 735 -3.83 -86.55 -26.70
CA GLY B 735 -5.20 -86.36 -26.28
C GLY B 735 -5.59 -84.90 -26.31
N ALA B 736 -6.90 -84.68 -26.42
CA ALA B 736 -7.45 -83.33 -26.52
C ALA B 736 -8.19 -82.96 -25.24
N VAL B 737 -7.95 -81.74 -24.77
CA VAL B 737 -8.55 -81.25 -23.53
C VAL B 737 -8.80 -79.76 -23.68
N PHE B 738 -10.04 -79.34 -23.40
CA PHE B 738 -10.46 -77.95 -23.58
C PHE B 738 -11.28 -77.49 -22.38
N TRP B 739 -11.25 -76.19 -22.14
CA TRP B 739 -12.14 -75.56 -21.17
C TRP B 739 -12.34 -74.09 -21.51
N GLY B 768 -8.18 -70.80 -18.55
CA GLY B 768 -8.79 -69.87 -17.62
C GLY B 768 -8.29 -70.02 -16.21
N PRO B 769 -8.41 -68.94 -15.40
CA PRO B 769 -7.90 -68.99 -14.02
C PRO B 769 -8.85 -69.77 -13.12
N VAL B 770 -8.40 -70.93 -12.68
CA VAL B 770 -9.23 -71.91 -12.01
C VAL B 770 -8.81 -72.00 -10.54
N ALA B 771 -9.76 -71.76 -9.64
CA ALA B 771 -9.50 -71.98 -8.23
C ALA B 771 -9.43 -73.47 -7.94
N TYR B 772 -8.66 -73.82 -6.92
CA TYR B 772 -8.31 -75.20 -6.68
C TYR B 772 -7.71 -75.39 -5.29
N ALA B 773 -8.25 -76.32 -4.51
CA ALA B 773 -7.73 -76.65 -3.19
C ALA B 773 -7.16 -78.05 -3.26
N SER B 774 -5.84 -78.17 -3.11
CA SER B 774 -5.15 -79.42 -3.36
C SER B 774 -5.38 -80.41 -2.23
N GLN B 775 -4.93 -81.65 -2.46
CA GLN B 775 -5.14 -82.72 -1.49
C GLN B 775 -4.27 -82.54 -0.24
N LYS B 776 -3.14 -81.85 -0.39
CA LYS B 776 -2.25 -81.54 0.74
C LYS B 776 -2.14 -80.03 0.85
N PRO B 777 -2.90 -79.40 1.75
CA PRO B 777 -3.01 -77.94 1.73
C PRO B 777 -1.71 -77.26 2.14
N TRP B 778 -1.67 -75.95 1.86
CA TRP B 778 -0.51 -75.15 2.20
C TRP B 778 -0.99 -73.73 2.53
N LEU B 779 -0.22 -73.06 3.37
CA LEU B 779 -0.53 -71.72 3.83
C LEU B 779 0.64 -70.79 3.52
N LEU B 780 0.32 -69.51 3.40
CA LEU B 780 1.32 -68.49 3.11
C LEU B 780 1.80 -67.82 4.39
N ASN B 781 3.01 -67.28 4.35
CA ASN B 781 3.58 -66.54 5.48
C ASN B 781 2.88 -65.19 5.53
N ALA B 782 1.67 -65.21 6.09
CA ALA B 782 0.80 -64.04 6.09
C ALA B 782 -0.26 -64.24 7.18
N THR B 783 -1.29 -63.42 7.15
CA THR B 783 -2.40 -63.52 8.08
C THR B 783 -3.49 -64.41 7.49
N VAL B 784 -4.47 -64.76 8.34
CA VAL B 784 -5.58 -65.60 7.89
C VAL B 784 -6.41 -64.89 6.84
N GLU B 785 -6.78 -63.64 7.11
CA GLU B 785 -7.50 -62.84 6.13
C GLU B 785 -6.76 -62.79 4.80
N GLU B 786 -5.43 -62.73 4.85
CA GLU B 786 -4.64 -62.67 3.63
C GLU B 786 -4.64 -64.02 2.90
N ASN B 787 -4.56 -65.12 3.66
CA ASN B 787 -4.63 -66.44 3.05
C ASN B 787 -5.99 -66.71 2.43
N ILE B 788 -7.04 -66.04 2.90
CA ILE B 788 -8.35 -66.25 2.31
C ILE B 788 -8.65 -65.24 1.20
N THR B 789 -8.03 -64.06 1.23
CA THR B 789 -8.23 -63.11 0.14
C THR B 789 -7.44 -63.52 -1.10
N PHE B 790 -6.13 -63.74 -0.93
CA PHE B 790 -5.26 -64.18 -2.01
C PHE B 790 -5.20 -63.14 -3.14
N GLU B 791 -4.73 -61.95 -2.78
CA GLU B 791 -4.51 -60.80 -3.65
C GLU B 791 -5.82 -60.16 -4.14
N SER B 792 -6.96 -60.72 -3.80
CA SER B 792 -8.21 -60.10 -4.22
C SER B 792 -8.65 -59.04 -3.19
N PRO B 793 -9.28 -57.96 -3.64
CA PRO B 793 -9.76 -56.94 -2.71
C PRO B 793 -10.79 -57.50 -1.73
N PHE B 794 -10.88 -56.84 -0.57
CA PHE B 794 -11.79 -57.29 0.47
C PHE B 794 -13.23 -56.98 0.11
N ASN B 795 -14.15 -57.67 0.77
CA ASN B 795 -15.57 -57.44 0.60
C ASN B 795 -16.26 -57.66 1.93
N LYS B 796 -17.16 -56.73 2.28
CA LYS B 796 -17.84 -56.77 3.56
C LYS B 796 -18.61 -58.08 3.74
N GLN B 797 -19.59 -58.33 2.86
CA GLN B 797 -20.44 -59.50 3.03
C GLN B 797 -19.79 -60.77 2.48
N ARG B 798 -18.99 -60.66 1.42
CA ARG B 798 -18.41 -61.84 0.80
C ARG B 798 -17.50 -62.60 1.77
N TYR B 799 -16.56 -61.88 2.39
CA TYR B 799 -15.64 -62.53 3.32
C TYR B 799 -16.38 -63.13 4.50
N LYS B 800 -17.34 -62.39 5.07
CA LYS B 800 -18.08 -62.92 6.20
C LYS B 800 -18.87 -64.17 5.82
N MET B 801 -19.43 -64.20 4.61
CA MET B 801 -20.16 -65.37 4.18
C MET B 801 -19.23 -66.57 4.01
N VAL B 802 -18.07 -66.36 3.40
CA VAL B 802 -17.13 -67.45 3.20
C VAL B 802 -16.65 -67.98 4.55
N ILE B 803 -16.47 -67.08 5.53
CA ILE B 803 -16.04 -67.53 6.85
C ILE B 803 -17.15 -68.29 7.54
N GLU B 804 -18.37 -67.76 7.53
CA GLU B 804 -19.48 -68.36 8.24
C GLU B 804 -20.03 -69.60 7.55
N ALA B 805 -19.56 -69.91 6.34
CA ALA B 805 -19.90 -71.17 5.70
C ALA B 805 -18.84 -72.25 5.92
N CYS B 806 -17.62 -71.87 6.26
CA CYS B 806 -16.51 -72.81 6.38
C CYS B 806 -16.35 -73.40 7.77
N SER B 807 -17.28 -73.11 8.69
CA SER B 807 -17.18 -73.60 10.07
C SER B 807 -15.84 -73.21 10.70
N LEU B 808 -15.48 -71.93 10.53
CA LEU B 808 -14.16 -71.46 10.90
C LEU B 808 -14.15 -70.26 11.83
N GLN B 809 -15.28 -69.56 12.00
CA GLN B 809 -15.26 -68.36 12.83
C GLN B 809 -15.01 -68.67 14.31
N PRO B 810 -15.65 -69.67 14.93
CA PRO B 810 -15.35 -69.94 16.35
C PRO B 810 -13.88 -70.22 16.61
N ASP B 811 -13.27 -71.10 15.82
CA ASP B 811 -11.86 -71.41 16.01
C ASP B 811 -10.98 -70.20 15.75
N ILE B 812 -11.32 -69.39 14.75
CA ILE B 812 -10.56 -68.18 14.49
C ILE B 812 -10.60 -67.24 15.68
N ASP B 813 -11.79 -67.09 16.29
CA ASP B 813 -11.91 -66.22 17.45
C ASP B 813 -11.28 -66.81 18.70
N ILE B 814 -11.06 -68.13 18.74
CA ILE B 814 -10.39 -68.75 19.88
C ILE B 814 -8.89 -68.44 19.86
N LEU B 815 -8.32 -68.19 18.68
CA LEU B 815 -6.90 -67.94 18.53
C LEU B 815 -6.44 -66.77 19.41
N PRO B 816 -5.13 -66.69 19.68
CA PRO B 816 -4.65 -65.58 20.54
C PRO B 816 -4.98 -64.20 19.99
N HIS B 817 -4.73 -63.97 18.72
CA HIS B 817 -5.20 -62.78 18.02
C HIS B 817 -6.50 -63.13 17.32
N GLY B 818 -7.57 -62.37 17.65
CA GLY B 818 -8.88 -62.67 17.11
C GLY B 818 -8.90 -62.83 15.60
N ASP B 819 -8.04 -62.10 14.90
CA ASP B 819 -7.83 -62.30 13.47
C ASP B 819 -6.45 -61.75 13.14
N GLN B 820 -6.07 -61.89 11.87
CA GLN B 820 -4.76 -61.47 11.39
C GLN B 820 -3.63 -62.14 12.16
N THR B 821 -3.91 -63.28 12.79
CA THR B 821 -2.89 -64.05 13.46
C THR B 821 -1.84 -64.51 12.45
N GLN B 822 -0.58 -64.25 12.74
CA GLN B 822 0.50 -64.58 11.81
C GLN B 822 0.66 -66.09 11.78
N ILE B 823 0.11 -66.71 10.74
CA ILE B 823 0.21 -68.16 10.59
C ILE B 823 1.67 -68.54 10.45
N GLY B 824 2.15 -69.40 11.34
CA GLY B 824 3.52 -69.86 11.30
C GLY B 824 3.86 -70.59 10.01
N GLU B 825 5.13 -70.96 9.86
CA GLU B 825 5.59 -71.62 8.65
C GLU B 825 4.90 -72.96 8.47
N ARG B 826 4.14 -73.11 7.37
CA ARG B 826 3.39 -74.29 7.00
C ARG B 826 2.15 -74.49 7.87
N GLY B 827 1.99 -73.64 8.89
CA GLY B 827 0.83 -73.71 9.76
C GLY B 827 1.01 -74.63 10.96
N ILE B 828 2.13 -74.50 11.66
CA ILE B 828 2.40 -75.38 12.79
C ILE B 828 1.50 -75.04 13.96
N ASN B 829 1.26 -73.75 14.21
CA ASN B 829 0.37 -73.32 15.29
C ASN B 829 -1.11 -73.46 14.92
N LEU B 830 -1.41 -74.22 13.86
CA LEU B 830 -2.78 -74.57 13.49
C LEU B 830 -2.94 -76.08 13.60
N SER B 831 -4.20 -76.51 13.65
CA SER B 831 -4.52 -77.93 13.83
C SER B 831 -4.65 -78.60 12.45
N GLY B 832 -5.06 -79.87 12.45
CA GLY B 832 -5.19 -80.58 11.19
C GLY B 832 -6.36 -80.09 10.36
N GLY B 833 -7.54 -80.03 10.97
CA GLY B 833 -8.71 -79.60 10.23
C GLY B 833 -8.73 -78.12 9.92
N GLN B 834 -8.05 -77.32 10.73
CA GLN B 834 -8.05 -75.86 10.52
C GLN B 834 -7.40 -75.49 9.20
N ARG B 835 -6.25 -76.09 8.89
CA ARG B 835 -5.56 -75.77 7.65
C ARG B 835 -6.39 -76.19 6.44
N GLN B 836 -7.06 -77.35 6.53
CA GLN B 836 -7.92 -77.79 5.42
C GLN B 836 -9.08 -76.83 5.22
N ARG B 837 -9.73 -76.43 6.32
CA ARG B 837 -10.82 -75.47 6.20
C ARG B 837 -10.34 -74.15 5.63
N ILE B 838 -9.12 -73.73 5.97
CA ILE B 838 -8.59 -72.47 5.46
C ILE B 838 -8.29 -72.57 3.97
N SER B 839 -7.73 -73.70 3.53
CA SER B 839 -7.49 -73.87 2.10
C SER B 839 -8.81 -73.90 1.32
N VAL B 840 -9.82 -74.59 1.86
CA VAL B 840 -11.12 -74.63 1.19
C VAL B 840 -11.76 -73.25 1.16
N ALA B 841 -11.57 -72.47 2.23
CA ALA B 841 -12.07 -71.09 2.24
C ALA B 841 -11.38 -70.26 1.17
N ARG B 842 -10.08 -70.42 1.01
CA ARG B 842 -9.37 -69.70 -0.04
C ARG B 842 -9.94 -70.05 -1.41
N ALA B 843 -10.06 -71.35 -1.70
CA ALA B 843 -10.54 -71.77 -3.01
C ALA B 843 -12.02 -71.44 -3.22
N LEU B 844 -12.77 -71.24 -2.14
CA LEU B 844 -14.20 -70.95 -2.23
C LEU B 844 -14.49 -69.45 -2.28
N TYR B 845 -13.57 -68.62 -1.78
CA TYR B 845 -13.77 -67.18 -1.76
C TYR B 845 -13.46 -66.53 -3.09
N GLN B 846 -12.55 -67.13 -3.87
CA GLN B 846 -12.11 -66.50 -5.10
C GLN B 846 -13.19 -66.57 -6.17
N GLN B 847 -13.17 -65.57 -7.06
CA GLN B 847 -14.10 -65.50 -8.18
C GLN B 847 -13.51 -66.26 -9.36
N THR B 848 -14.21 -67.29 -9.81
CA THR B 848 -13.78 -68.09 -10.96
C THR B 848 -14.95 -68.95 -11.42
N ASN B 849 -14.74 -69.62 -12.56
CA ASN B 849 -15.75 -70.53 -13.09
C ASN B 849 -15.67 -71.90 -12.44
N VAL B 850 -14.53 -72.58 -12.62
CA VAL B 850 -14.38 -73.98 -12.22
C VAL B 850 -13.60 -74.04 -10.91
N VAL B 851 -14.10 -74.84 -9.97
CA VAL B 851 -13.41 -75.07 -8.71
C VAL B 851 -13.19 -76.57 -8.53
N PHE B 852 -11.93 -76.95 -8.32
CA PHE B 852 -11.56 -78.32 -8.03
C PHE B 852 -11.29 -78.46 -6.54
N LEU B 853 -11.93 -79.45 -5.91
CA LEU B 853 -11.74 -79.71 -4.48
C LEU B 853 -11.23 -81.15 -4.32
N ASP B 854 -9.98 -81.27 -3.86
CA ASP B 854 -9.25 -82.53 -3.80
C ASP B 854 -9.35 -83.10 -2.39
N ASP B 855 -10.45 -83.82 -2.13
CA ASP B 855 -10.79 -84.39 -0.83
C ASP B 855 -10.74 -83.32 0.25
N PRO B 856 -11.68 -82.39 0.27
CA PRO B 856 -11.67 -81.36 1.32
C PRO B 856 -12.34 -81.84 2.61
N PHE B 857 -12.55 -83.15 2.75
CA PHE B 857 -13.26 -83.70 3.90
C PHE B 857 -12.44 -84.72 4.67
N SER B 858 -11.13 -84.79 4.44
CA SER B 858 -10.32 -85.78 5.15
C SER B 858 -10.20 -85.45 6.62
N ALA B 859 -9.79 -84.22 6.95
CA ALA B 859 -9.53 -83.81 8.32
C ALA B 859 -10.74 -83.13 8.96
N LEU B 860 -11.95 -83.50 8.58
CA LEU B 860 -13.17 -83.01 9.22
C LEU B 860 -14.00 -84.17 9.73
N ASP B 861 -14.87 -83.87 10.68
CA ASP B 861 -15.73 -84.86 11.31
C ASP B 861 -17.01 -84.99 10.47
N VAL B 862 -18.01 -85.69 11.02
CA VAL B 862 -19.28 -85.83 10.32
C VAL B 862 -20.03 -84.51 10.27
N HIS B 863 -20.11 -83.83 11.41
CA HIS B 863 -21.00 -82.67 11.51
C HIS B 863 -20.45 -81.46 10.77
N LEU B 864 -19.14 -81.19 10.93
CA LEU B 864 -18.53 -80.09 10.19
C LEU B 864 -18.58 -80.34 8.70
N SER B 865 -18.36 -81.59 8.27
CA SER B 865 -18.47 -81.93 6.86
C SER B 865 -19.89 -81.70 6.35
N ASP B 866 -20.90 -82.12 7.11
CA ASP B 866 -22.28 -81.90 6.71
C ASP B 866 -22.57 -80.40 6.55
N HIS B 867 -22.19 -79.60 7.55
CA HIS B 867 -22.46 -78.17 7.49
C HIS B 867 -21.73 -77.51 6.34
N LEU B 868 -20.47 -77.89 6.11
CA LEU B 868 -19.70 -77.29 5.03
C LEU B 868 -20.24 -77.67 3.66
N MET B 869 -20.59 -78.94 3.48
CA MET B 869 -21.14 -79.37 2.20
C MET B 869 -22.51 -78.76 1.95
N GLN B 870 -23.30 -78.55 3.01
CA GLN B 870 -24.63 -77.99 2.82
C GLN B 870 -24.57 -76.49 2.56
N ALA B 871 -23.67 -75.79 3.25
CA ALA B 871 -23.66 -74.32 3.19
C ALA B 871 -22.86 -73.80 1.99
N GLY B 872 -21.61 -74.24 1.85
CA GLY B 872 -20.77 -73.70 0.80
C GLY B 872 -20.93 -74.34 -0.55
N ILE B 873 -21.04 -75.66 -0.58
CA ILE B 873 -21.08 -76.38 -1.85
C ILE B 873 -22.46 -76.31 -2.49
N LEU B 874 -23.51 -76.48 -1.70
CA LEU B 874 -24.86 -76.53 -2.26
C LEU B 874 -25.56 -75.18 -2.25
N GLU B 875 -25.32 -74.37 -1.21
CA GLU B 875 -26.00 -73.07 -1.13
C GLU B 875 -25.14 -71.95 -1.72
N LEU B 876 -23.85 -71.92 -1.39
CA LEU B 876 -23.03 -70.77 -1.78
C LEU B 876 -22.46 -70.95 -3.18
N LEU B 877 -21.91 -72.13 -3.47
CA LEU B 877 -21.38 -72.40 -4.81
C LEU B 877 -22.50 -72.43 -5.84
N ARG B 878 -23.45 -73.34 -5.66
CA ARG B 878 -24.57 -73.50 -6.58
C ARG B 878 -25.41 -72.25 -6.73
N ASP B 879 -25.20 -71.24 -5.88
CA ASP B 879 -25.89 -69.97 -6.03
C ASP B 879 -25.51 -69.31 -7.36
N ASP B 880 -24.22 -69.01 -7.55
CA ASP B 880 -23.76 -68.37 -8.77
C ASP B 880 -23.69 -69.30 -9.96
N LYS B 881 -24.13 -70.56 -9.80
CA LYS B 881 -24.11 -71.56 -10.87
C LYS B 881 -22.70 -71.76 -11.41
N ARG B 882 -21.72 -71.81 -10.50
CA ARG B 882 -20.36 -72.14 -10.88
C ARG B 882 -20.24 -73.64 -11.18
N THR B 883 -19.07 -74.03 -11.68
CA THR B 883 -18.77 -75.43 -11.96
C THR B 883 -17.92 -75.99 -10.83
N VAL B 884 -18.32 -77.16 -10.32
CA VAL B 884 -17.66 -77.78 -9.16
C VAL B 884 -17.25 -79.19 -9.52
N VAL B 885 -15.97 -79.51 -9.35
CA VAL B 885 -15.46 -80.86 -9.48
C VAL B 885 -14.86 -81.24 -8.13
N LEU B 886 -15.58 -82.09 -7.39
CA LEU B 886 -15.20 -82.42 -6.02
C LEU B 886 -14.95 -83.92 -5.94
N VAL B 887 -13.77 -84.29 -5.44
CA VAL B 887 -13.33 -85.68 -5.41
C VAL B 887 -13.20 -86.12 -3.97
N THR B 888 -14.05 -87.04 -3.53
CA THR B 888 -14.00 -87.54 -2.17
C THR B 888 -14.73 -88.88 -2.13
N HIS B 889 -15.09 -89.34 -0.94
CA HIS B 889 -15.87 -90.56 -0.79
C HIS B 889 -16.68 -90.46 0.50
N LYS B 890 -17.95 -90.05 0.35
CA LYS B 890 -18.90 -90.04 1.45
C LYS B 890 -20.27 -90.44 0.93
N LEU B 891 -21.21 -90.60 1.84
CA LEU B 891 -22.56 -91.03 1.48
C LEU B 891 -23.47 -89.86 1.12
N GLN B 892 -23.36 -88.74 1.83
CA GLN B 892 -24.31 -87.64 1.66
C GLN B 892 -24.17 -86.98 0.30
N TYR B 893 -22.99 -87.02 -0.31
CA TYR B 893 -22.71 -86.20 -1.48
C TYR B 893 -23.29 -86.80 -2.75
N LEU B 894 -23.36 -88.13 -2.83
CA LEU B 894 -23.79 -88.79 -4.05
C LEU B 894 -25.19 -88.37 -4.50
N PRO B 895 -26.23 -88.37 -3.65
CA PRO B 895 -27.55 -87.95 -4.13
C PRO B 895 -27.66 -86.47 -4.47
N HIS B 896 -26.60 -85.68 -4.27
CA HIS B 896 -26.63 -84.26 -4.55
C HIS B 896 -25.98 -83.88 -5.89
N ALA B 897 -25.09 -84.71 -6.42
CA ALA B 897 -24.34 -84.34 -7.60
C ALA B 897 -25.04 -84.84 -8.87
N ASP B 898 -24.62 -84.28 -10.00
CA ASP B 898 -25.20 -84.58 -11.31
C ASP B 898 -24.43 -85.65 -12.08
N TRP B 899 -23.10 -85.67 -11.98
CA TRP B 899 -22.31 -86.65 -12.71
C TRP B 899 -21.45 -87.45 -11.74
N ILE B 900 -21.22 -88.71 -12.07
CA ILE B 900 -20.41 -89.60 -11.25
C ILE B 900 -19.37 -90.27 -12.14
N ILE B 901 -18.12 -90.29 -11.69
CA ILE B 901 -17.02 -90.82 -12.49
C ILE B 901 -16.25 -91.84 -11.68
N ALA B 902 -16.35 -93.11 -12.06
CA ALA B 902 -15.72 -94.21 -11.35
C ALA B 902 -14.37 -94.54 -11.99
N MET B 903 -13.31 -94.46 -11.20
CA MET B 903 -11.95 -94.74 -11.67
C MET B 903 -11.45 -96.05 -11.08
N LYS B 904 -10.62 -96.75 -11.86
CA LYS B 904 -10.02 -98.01 -11.40
C LYS B 904 -8.74 -98.23 -12.19
N ASP B 905 -7.59 -98.25 -11.49
CA ASP B 905 -6.29 -98.50 -12.10
C ASP B 905 -6.01 -97.53 -13.25
N GLY B 906 -6.39 -96.27 -13.07
CA GLY B 906 -6.16 -95.28 -14.09
C GLY B 906 -7.12 -95.30 -15.25
N THR B 907 -8.25 -96.00 -15.11
CA THR B 907 -9.24 -96.10 -16.17
C THR B 907 -10.63 -95.81 -15.61
N ILE B 908 -11.49 -95.27 -16.46
CA ILE B 908 -12.85 -94.93 -16.09
C ILE B 908 -13.71 -96.18 -16.26
N GLN B 909 -14.19 -96.73 -15.15
CA GLN B 909 -14.94 -97.99 -15.22
C GLN B 909 -16.28 -97.78 -15.93
N ARG B 910 -17.14 -96.94 -15.36
CA ARG B 910 -18.40 -96.56 -15.97
C ARG B 910 -18.42 -95.04 -16.11
N GLU B 911 -19.53 -94.50 -16.60
CA GLU B 911 -19.59 -93.07 -16.84
C GLU B 911 -21.02 -92.60 -16.97
N GLY B 912 -21.30 -91.39 -16.46
CA GLY B 912 -22.51 -90.67 -16.75
C GLY B 912 -23.17 -90.07 -15.52
N THR B 913 -24.46 -89.79 -15.67
CA THR B 913 -25.31 -89.30 -14.59
C THR B 913 -25.72 -90.46 -13.68
N LEU B 914 -26.58 -90.16 -12.70
CA LEU B 914 -26.92 -91.15 -11.69
C LEU B 914 -27.84 -92.23 -12.24
N LYS B 915 -28.91 -91.83 -12.92
CA LYS B 915 -29.90 -92.80 -13.38
C LYS B 915 -29.32 -93.76 -14.40
N ASP B 916 -28.61 -93.22 -15.39
CA ASP B 916 -27.98 -94.08 -16.39
C ASP B 916 -26.90 -94.96 -15.77
N PHE B 917 -26.21 -94.46 -14.73
CA PHE B 917 -25.24 -95.29 -14.03
C PHE B 917 -25.92 -96.42 -13.27
N GLN B 918 -27.13 -96.19 -12.77
CA GLN B 918 -27.84 -97.25 -12.06
C GLN B 918 -28.58 -98.19 -13.00
N ARG B 919 -28.77 -97.80 -14.26
CA ARG B 919 -29.35 -98.68 -15.26
C ARG B 919 -28.30 -99.45 -16.05
N SER B 920 -27.02 -99.13 -15.89
CA SER B 920 -25.96 -99.82 -16.61
C SER B 920 -25.48 -101.05 -15.83
N GLU B 921 -24.63 -101.83 -16.49
CA GLU B 921 -24.11 -103.06 -15.89
C GLU B 921 -23.02 -102.76 -14.86
N ARG B 999 27.29 -65.51 28.55
CA ARG B 999 26.82 -66.89 28.57
C ARG B 999 27.05 -67.55 27.22
N ALA B 1000 27.84 -66.90 26.37
CA ALA B 1000 28.11 -67.39 25.03
C ALA B 1000 29.58 -67.72 24.80
N CYS B 1001 30.48 -66.77 25.09
CA CYS B 1001 31.90 -67.00 24.86
C CYS B 1001 32.54 -67.89 25.90
N THR B 1002 31.97 -67.95 27.12
CA THR B 1002 32.53 -68.76 28.18
C THR B 1002 32.58 -70.23 27.80
N LYS B 1003 31.42 -70.79 27.42
CA LYS B 1003 31.38 -72.21 27.05
C LYS B 1003 32.09 -72.47 25.73
N TYR B 1004 32.14 -71.47 24.84
CA TYR B 1004 32.93 -71.62 23.62
C TYR B 1004 34.40 -71.81 23.93
N LEU B 1005 34.97 -70.93 24.75
CA LEU B 1005 36.37 -71.05 25.14
C LEU B 1005 36.60 -72.30 25.99
N SER B 1006 35.59 -72.73 26.76
CA SER B 1006 35.75 -73.96 27.54
C SER B 1006 35.79 -75.19 26.64
N SER B 1007 34.96 -75.22 25.60
CA SER B 1007 35.02 -76.31 24.62
C SER B 1007 36.30 -76.26 23.81
N ALA B 1008 36.85 -75.06 23.58
CA ALA B 1008 38.13 -74.96 22.92
C ALA B 1008 39.23 -75.63 23.74
N GLY B 1009 39.14 -75.52 25.07
CA GLY B 1009 40.13 -76.13 25.94
C GLY B 1009 41.06 -75.12 26.60
N ILE B 1010 41.10 -75.12 27.93
CA ILE B 1010 41.95 -74.18 28.67
C ILE B 1010 43.43 -74.41 28.44
N LEU B 1011 43.81 -75.55 27.85
CA LEU B 1011 45.20 -75.84 27.53
C LEU B 1011 45.57 -75.52 26.10
N LEU B 1012 44.60 -75.54 25.18
CA LEU B 1012 44.90 -75.35 23.77
C LEU B 1012 44.88 -73.89 23.35
N LEU B 1013 43.84 -73.14 23.74
CA LEU B 1013 43.82 -71.72 23.42
C LEU B 1013 44.92 -70.95 24.14
N SER B 1014 45.26 -71.40 25.35
CA SER B 1014 46.37 -70.79 26.08
C SER B 1014 47.69 -71.00 25.34
N LEU B 1015 47.93 -72.22 24.88
CA LEU B 1015 49.12 -72.49 24.06
C LEU B 1015 49.10 -71.68 22.77
N LEU B 1016 47.90 -71.50 22.20
CA LEU B 1016 47.75 -70.69 20.99
C LEU B 1016 48.22 -69.26 21.23
N VAL B 1017 47.66 -68.61 22.25
CA VAL B 1017 48.02 -67.23 22.56
C VAL B 1017 49.51 -67.13 22.90
N PHE B 1018 50.02 -68.07 23.70
CA PHE B 1018 51.42 -68.04 24.10
C PHE B 1018 52.34 -68.13 22.88
N SER B 1019 52.05 -69.08 21.98
CA SER B 1019 52.88 -69.25 20.79
C SER B 1019 52.82 -68.03 19.87
N GLN B 1020 51.62 -67.45 19.72
CA GLN B 1020 51.49 -66.24 18.91
C GLN B 1020 52.36 -65.12 19.46
N LEU B 1021 52.24 -64.84 20.76
CA LEU B 1021 53.01 -63.77 21.37
C LEU B 1021 54.50 -64.02 21.25
N LEU B 1022 54.93 -65.28 21.46
CA LEU B 1022 56.35 -65.60 21.37
C LEU B 1022 56.89 -65.39 19.96
N LYS B 1023 56.14 -65.87 18.96
CA LYS B 1023 56.54 -65.66 17.58
C LYS B 1023 56.69 -64.18 17.26
N HIS B 1024 55.72 -63.36 17.68
CA HIS B 1024 55.83 -61.95 17.31
C HIS B 1024 56.94 -61.23 18.06
N MET B 1025 57.21 -61.63 19.31
CA MET B 1025 58.37 -61.09 20.01
C MET B 1025 59.65 -61.41 19.25
N VAL B 1026 59.80 -62.66 18.79
CA VAL B 1026 60.98 -63.03 18.01
C VAL B 1026 61.07 -62.18 16.74
N LEU B 1027 59.94 -61.98 16.06
CA LEU B 1027 59.95 -61.25 14.79
C LEU B 1027 60.37 -59.80 14.99
N VAL B 1028 59.84 -59.13 16.00
CA VAL B 1028 60.23 -57.74 16.22
C VAL B 1028 61.69 -57.66 16.68
N ALA B 1029 62.12 -58.62 17.52
CA ALA B 1029 63.47 -58.54 18.06
C ALA B 1029 64.53 -58.74 16.97
N ILE B 1030 64.30 -59.67 16.04
CA ILE B 1030 65.30 -59.92 15.01
C ILE B 1030 65.46 -58.69 14.12
N ASP B 1031 64.34 -58.02 13.81
CA ASP B 1031 64.41 -56.82 12.99
C ASP B 1031 65.13 -55.69 13.72
N TYR B 1032 64.86 -55.52 15.02
CA TYR B 1032 65.55 -54.45 15.76
C TYR B 1032 67.05 -54.72 15.85
N TRP B 1033 67.42 -55.97 16.14
CA TRP B 1033 68.83 -56.35 16.18
C TRP B 1033 69.50 -56.12 14.83
N LEU B 1034 68.84 -56.53 13.74
CA LEU B 1034 69.40 -56.31 12.40
C LEU B 1034 69.55 -54.84 12.10
N ALA B 1035 68.61 -54.01 12.56
CA ALA B 1035 68.72 -52.57 12.34
C ALA B 1035 69.93 -52.01 13.05
N LYS B 1036 70.12 -52.38 14.32
CA LYS B 1036 71.28 -51.89 15.06
C LYS B 1036 72.59 -52.45 14.49
N TRP B 1037 72.53 -53.59 13.79
CA TRP B 1037 73.76 -54.12 13.21
C TRP B 1037 74.07 -53.48 11.86
N THR B 1038 73.05 -53.15 11.07
CA THR B 1038 73.27 -52.76 9.68
C THR B 1038 73.98 -51.42 9.59
N ASP B 1039 73.58 -50.45 10.41
CA ASP B 1039 74.18 -49.12 10.34
C ASP B 1039 75.65 -49.11 10.76
N SER B 1040 76.18 -50.24 11.24
CA SER B 1040 77.59 -50.33 11.59
C SER B 1040 78.47 -50.37 10.34
N ASP B 1060 82.61 -58.50 16.59
CA ASP B 1060 81.59 -59.49 16.92
C ASP B 1060 80.66 -59.73 15.74
N GLN B 1061 81.21 -59.70 14.53
CA GLN B 1061 80.40 -59.94 13.34
C GLN B 1061 79.89 -61.38 13.29
N SER B 1062 80.76 -62.35 13.62
CA SER B 1062 80.31 -63.74 13.69
C SER B 1062 79.25 -63.94 14.76
N VAL B 1063 79.35 -63.18 15.85
CA VAL B 1063 78.33 -63.25 16.89
C VAL B 1063 76.96 -62.87 16.33
N TYR B 1064 76.89 -61.74 15.62
CA TYR B 1064 75.64 -61.33 15.00
C TYR B 1064 75.18 -62.32 13.95
N ALA B 1065 76.12 -62.90 13.19
CA ALA B 1065 75.75 -63.87 12.17
C ALA B 1065 75.07 -65.07 12.81
N MET B 1066 75.64 -65.59 13.89
CA MET B 1066 75.02 -66.72 14.58
C MET B 1066 73.68 -66.33 15.18
N VAL B 1067 73.57 -65.12 15.74
CA VAL B 1067 72.29 -64.67 16.31
C VAL B 1067 71.22 -64.62 15.23
N PHE B 1068 71.56 -64.06 14.08
CA PHE B 1068 70.62 -63.96 12.97
C PHE B 1068 70.19 -65.33 12.48
N THR B 1069 71.16 -66.25 12.32
CA THR B 1069 70.84 -67.59 11.85
C THR B 1069 69.99 -68.35 12.87
N LEU B 1070 70.19 -68.10 14.16
CA LEU B 1070 69.39 -68.74 15.19
C LEU B 1070 67.96 -68.21 15.20
N LEU B 1071 67.81 -66.89 15.10
CA LEU B 1071 66.47 -66.29 15.11
C LEU B 1071 65.68 -66.67 13.86
N CYS B 1072 66.36 -66.85 12.71
CA CYS B 1072 65.65 -67.19 11.49
C CYS B 1072 65.06 -68.60 11.52
N SER B 1073 65.57 -69.48 12.39
CA SER B 1073 64.97 -70.79 12.60
C SER B 1073 63.94 -70.77 13.72
N LEU B 1074 64.23 -69.97 14.77
CA LEU B 1074 63.25 -69.81 15.85
C LEU B 1074 61.93 -69.30 15.29
N GLY B 1075 61.99 -68.29 14.40
CA GLY B 1075 60.76 -67.72 13.86
C GLY B 1075 59.88 -68.74 13.18
N ILE B 1076 60.47 -69.57 12.32
CA ILE B 1076 59.68 -70.54 11.58
C ILE B 1076 59.14 -71.64 12.49
N VAL B 1077 59.94 -72.06 13.48
CA VAL B 1077 59.44 -73.06 14.43
C VAL B 1077 58.20 -72.54 15.13
N LEU B 1078 58.30 -71.33 15.70
CA LEU B 1078 57.19 -70.79 16.48
C LEU B 1078 55.95 -70.56 15.61
N CYS B 1079 56.14 -70.05 14.38
CA CYS B 1079 54.98 -69.78 13.53
C CYS B 1079 54.28 -71.07 13.11
N LEU B 1080 55.05 -72.10 12.75
CA LEU B 1080 54.46 -73.39 12.42
C LEU B 1080 53.64 -73.92 13.59
N VAL B 1081 54.19 -73.82 14.80
CA VAL B 1081 53.45 -74.27 15.98
C VAL B 1081 52.14 -73.51 16.11
N THR B 1082 52.18 -72.18 15.92
CA THR B 1082 50.97 -71.37 16.02
C THR B 1082 49.89 -71.86 15.06
N SER B 1083 50.26 -72.06 13.79
CA SER B 1083 49.26 -72.45 12.80
C SER B 1083 48.64 -73.80 13.15
N VAL B 1084 49.47 -74.78 13.49
CA VAL B 1084 48.96 -76.10 13.85
C VAL B 1084 47.95 -75.99 15.00
N THR B 1085 48.31 -75.24 16.04
CA THR B 1085 47.45 -75.10 17.21
C THR B 1085 46.11 -74.47 16.83
N VAL B 1086 46.14 -73.43 15.99
CA VAL B 1086 44.89 -72.76 15.60
C VAL B 1086 43.95 -73.73 14.91
N GLU B 1087 44.48 -74.51 13.96
CA GLU B 1087 43.62 -75.45 13.25
C GLU B 1087 43.01 -76.49 14.18
N TRP B 1088 43.83 -77.01 15.11
CA TRP B 1088 43.33 -78.00 16.07
C TRP B 1088 42.17 -77.41 16.89
N THR B 1089 42.35 -76.18 17.38
CA THR B 1089 41.30 -75.53 18.16
C THR B 1089 40.00 -75.42 17.38
N GLY B 1090 40.10 -74.97 16.12
CA GLY B 1090 38.90 -74.84 15.31
C GLY B 1090 38.13 -76.15 15.17
N LEU B 1091 38.87 -77.24 14.86
CA LEU B 1091 38.20 -78.53 14.69
C LEU B 1091 37.49 -78.95 15.98
N LYS B 1092 38.16 -78.82 17.12
CA LYS B 1092 37.54 -79.24 18.37
C LYS B 1092 36.26 -78.47 18.65
N VAL B 1093 36.31 -77.15 18.48
CA VAL B 1093 35.10 -76.35 18.71
C VAL B 1093 33.97 -76.85 17.81
N ALA B 1094 34.27 -77.03 16.52
CA ALA B 1094 33.24 -77.47 15.58
C ALA B 1094 32.54 -78.73 16.08
N LYS B 1095 33.32 -79.79 16.34
CA LYS B 1095 32.64 -81.05 16.59
C LYS B 1095 31.95 -81.08 17.95
N ARG B 1096 32.54 -80.46 18.98
CA ARG B 1096 31.87 -80.45 20.28
C ARG B 1096 30.56 -79.66 20.21
N LEU B 1097 30.57 -78.52 19.51
CA LEU B 1097 29.35 -77.74 19.38
C LEU B 1097 28.25 -78.52 18.65
N HIS B 1098 28.61 -79.24 17.58
CA HIS B 1098 27.57 -79.97 16.85
C HIS B 1098 27.00 -81.10 17.69
N ARG B 1099 27.87 -81.87 18.36
CA ARG B 1099 27.38 -82.96 19.20
C ARG B 1099 26.48 -82.44 20.31
N SER B 1100 26.83 -81.30 20.92
CA SER B 1100 25.97 -80.72 21.93
C SER B 1100 24.63 -80.29 21.34
N LEU B 1101 24.65 -79.69 20.16
CA LEU B 1101 23.42 -79.17 19.55
C LEU B 1101 22.42 -80.29 19.28
N LEU B 1102 22.89 -81.40 18.70
CA LEU B 1102 21.94 -82.43 18.31
C LEU B 1102 21.30 -83.11 19.52
N ASN B 1103 22.09 -83.40 20.55
CA ASN B 1103 21.53 -84.02 21.75
C ASN B 1103 20.79 -83.02 22.64
N ARG B 1104 20.96 -81.72 22.41
CA ARG B 1104 20.07 -80.76 23.07
C ARG B 1104 18.72 -80.71 22.37
N ILE B 1105 18.71 -80.85 21.03
CA ILE B 1105 17.45 -80.86 20.31
C ILE B 1105 16.68 -82.17 20.52
N ILE B 1106 17.39 -83.30 20.66
CA ILE B 1106 16.71 -84.59 20.78
C ILE B 1106 15.97 -84.70 22.10
N LEU B 1107 16.53 -84.13 23.17
CA LEU B 1107 15.95 -84.22 24.51
C LEU B 1107 14.94 -83.11 24.79
N ALA B 1108 14.29 -82.55 23.72
CA ALA B 1108 13.32 -81.48 23.84
C ALA B 1108 11.89 -82.03 23.87
N PRO B 1109 10.98 -81.37 24.58
CA PRO B 1109 9.59 -81.81 24.59
C PRO B 1109 8.84 -81.31 23.35
N MET B 1110 7.73 -81.99 23.07
CA MET B 1110 6.98 -81.68 21.85
C MET B 1110 6.43 -80.26 21.86
N ARG B 1111 6.15 -79.71 23.04
CA ARG B 1111 5.68 -78.33 23.12
C ARG B 1111 6.72 -77.37 22.55
N PHE B 1112 8.00 -77.63 22.84
CA PHE B 1112 9.06 -76.78 22.31
C PHE B 1112 9.18 -76.91 20.79
N PHE B 1113 9.00 -78.12 20.26
CA PHE B 1113 9.10 -78.32 18.82
C PHE B 1113 7.96 -77.63 18.08
N GLU B 1114 6.74 -77.74 18.61
CA GLU B 1114 5.62 -77.05 17.96
C GLU B 1114 5.73 -75.55 18.11
N THR B 1115 6.16 -75.06 19.29
CA THR B 1115 6.22 -73.63 19.53
C THR B 1115 7.23 -72.96 18.59
N THR B 1116 8.44 -73.50 18.52
CA THR B 1116 9.52 -72.84 17.79
C THR B 1116 9.27 -72.93 16.28
N PRO B 1117 9.46 -71.84 15.55
CA PRO B 1117 9.44 -71.92 14.09
C PRO B 1117 10.60 -72.78 13.59
N LEU B 1118 10.26 -73.78 12.77
CA LEU B 1118 11.26 -74.76 12.34
C LEU B 1118 12.25 -74.19 11.34
N GLY B 1119 11.81 -73.25 10.51
CA GLY B 1119 12.73 -72.61 9.58
C GLY B 1119 13.88 -71.94 10.28
N SER B 1120 13.60 -71.26 11.40
CA SER B 1120 14.67 -70.65 12.19
C SER B 1120 15.63 -71.70 12.72
N ILE B 1121 15.11 -72.82 13.25
CA ILE B 1121 15.97 -73.87 13.77
C ILE B 1121 16.90 -74.38 12.68
N LEU B 1122 16.34 -74.73 11.52
CA LEU B 1122 17.16 -75.32 10.46
C LEU B 1122 18.17 -74.33 9.89
N ASN B 1123 17.75 -73.08 9.66
CA ASN B 1123 18.68 -72.10 9.08
C ASN B 1123 19.78 -71.73 10.05
N ARG B 1124 19.45 -71.56 11.33
CA ARG B 1124 20.47 -71.39 12.35
C ARG B 1124 21.45 -72.54 12.34
N PHE B 1125 20.92 -73.77 12.39
CA PHE B 1125 21.73 -74.98 12.29
C PHE B 1125 22.74 -74.86 11.15
N SER B 1126 22.24 -74.78 9.91
CA SER B 1126 23.11 -74.87 8.74
C SER B 1126 24.07 -73.69 8.66
N SER B 1127 23.54 -72.46 8.75
CA SER B 1127 24.38 -71.27 8.59
C SER B 1127 25.45 -71.20 9.67
N ASP B 1128 25.06 -71.37 10.94
CA ASP B 1128 26.02 -71.29 12.03
C ASP B 1128 27.08 -72.37 11.93
N CYS B 1129 26.66 -73.61 11.66
CA CYS B 1129 27.63 -74.70 11.58
C CYS B 1129 28.60 -74.49 10.42
N ASN B 1130 28.11 -74.00 9.28
CA ASN B 1130 28.99 -73.74 8.15
C ASN B 1130 29.97 -72.61 8.46
N THR B 1131 29.49 -71.53 9.09
CA THR B 1131 30.38 -70.43 9.45
C THR B 1131 31.47 -70.91 10.41
N ILE B 1132 31.08 -71.66 11.44
CA ILE B 1132 32.06 -72.17 12.41
C ILE B 1132 33.05 -73.11 11.76
N ASP B 1133 32.57 -73.96 10.84
CA ASP B 1133 33.46 -74.94 10.23
C ASP B 1133 34.44 -74.29 9.27
N GLN B 1134 34.01 -73.26 8.55
CA GLN B 1134 34.82 -72.78 7.44
C GLN B 1134 35.23 -71.31 7.52
N HIS B 1135 34.56 -70.50 8.34
CA HIS B 1135 34.91 -69.09 8.45
C HIS B 1135 35.62 -68.72 9.75
N ILE B 1136 35.36 -69.43 10.85
CA ILE B 1136 35.94 -69.07 12.15
C ILE B 1136 37.46 -69.28 12.19
N PRO B 1137 38.04 -70.38 11.61
CA PRO B 1137 39.49 -70.58 11.80
C PRO B 1137 40.30 -69.51 11.08
N SER B 1138 40.02 -69.31 9.79
CA SER B 1138 40.77 -68.36 9.00
C SER B 1138 40.62 -66.95 9.54
N THR B 1139 39.38 -66.52 9.80
CA THR B 1139 39.14 -65.17 10.29
C THR B 1139 39.79 -64.94 11.66
N LEU B 1140 39.64 -65.91 12.58
CA LEU B 1140 40.23 -65.77 13.89
C LEU B 1140 41.75 -65.67 13.81
N GLU B 1141 42.38 -66.52 12.99
CA GLU B 1141 43.84 -66.49 12.91
C GLU B 1141 44.33 -65.20 12.25
N CYS B 1142 43.65 -64.74 11.19
CA CYS B 1142 44.04 -63.47 10.58
C CYS B 1142 43.89 -62.31 11.55
N LEU B 1143 42.82 -62.34 12.36
CA LEU B 1143 42.63 -61.30 13.37
C LEU B 1143 43.76 -61.29 14.39
N SER B 1144 44.14 -62.47 14.88
CA SER B 1144 45.24 -62.55 15.84
C SER B 1144 46.55 -62.04 15.22
N ARG B 1145 46.84 -62.48 14.00
CA ARG B 1145 48.05 -62.00 13.31
C ARG B 1145 48.05 -60.48 13.18
N SER B 1146 46.90 -59.90 12.80
CA SER B 1146 46.84 -58.46 12.58
C SER B 1146 46.99 -57.68 13.89
N THR B 1147 46.35 -58.14 14.96
CA THR B 1147 46.49 -57.45 16.25
C THR B 1147 47.92 -57.51 16.77
N LEU B 1148 48.60 -58.64 16.59
CA LEU B 1148 49.99 -58.74 17.02
C LEU B 1148 50.90 -57.87 16.16
N LEU B 1149 50.61 -57.77 14.85
CA LEU B 1149 51.36 -56.85 13.99
C LEU B 1149 51.18 -55.40 14.44
N CYS B 1150 49.95 -55.02 14.79
CA CYS B 1150 49.70 -53.66 15.28
C CYS B 1150 50.45 -53.38 16.57
N VAL B 1151 50.45 -54.35 17.49
CA VAL B 1151 51.20 -54.18 18.74
C VAL B 1151 52.68 -53.98 18.46
N SER B 1152 53.24 -54.83 17.60
CA SER B 1152 54.66 -54.72 17.24
C SER B 1152 54.96 -53.35 16.64
N ALA B 1153 54.11 -52.88 15.73
CA ALA B 1153 54.39 -51.60 15.06
C ALA B 1153 54.32 -50.44 16.04
N LEU B 1154 53.29 -50.40 16.90
CA LEU B 1154 53.21 -49.35 17.89
C LEU B 1154 54.42 -49.36 18.81
N THR B 1155 54.81 -50.55 19.29
CA THR B 1155 55.95 -50.64 20.18
C THR B 1155 57.24 -50.17 19.50
N VAL B 1156 57.42 -50.54 18.23
CA VAL B 1156 58.63 -50.12 17.51
C VAL B 1156 58.66 -48.61 17.36
N ILE B 1157 57.55 -48.01 16.92
CA ILE B 1157 57.54 -46.56 16.71
C ILE B 1157 57.76 -45.84 18.03
N SER B 1158 57.18 -46.36 19.12
CA SER B 1158 57.41 -45.74 20.42
C SER B 1158 58.88 -45.84 20.83
N TYR B 1159 59.53 -46.96 20.51
CA TYR B 1159 60.94 -47.10 20.88
C TYR B 1159 61.83 -46.17 20.07
N VAL B 1160 61.56 -46.03 18.77
CA VAL B 1160 62.46 -45.25 17.92
C VAL B 1160 62.36 -43.77 18.25
N THR B 1161 61.17 -43.28 18.59
CA THR B 1161 60.95 -41.88 18.94
C THR B 1161 60.11 -41.84 20.21
N PRO B 1162 60.72 -41.65 21.38
CA PRO B 1162 59.95 -41.53 22.62
C PRO B 1162 59.04 -40.31 22.66
N VAL B 1163 59.07 -39.45 21.63
CA VAL B 1163 58.19 -38.29 21.60
C VAL B 1163 56.83 -38.59 20.99
N PHE B 1164 56.70 -39.68 20.22
CA PHE B 1164 55.46 -39.98 19.52
C PHE B 1164 54.29 -40.16 20.48
N LEU B 1165 54.57 -40.55 21.73
CA LEU B 1165 53.51 -40.71 22.72
C LEU B 1165 52.77 -39.41 23.00
N VAL B 1166 53.24 -38.28 22.45
CA VAL B 1166 52.48 -37.04 22.53
C VAL B 1166 51.46 -36.92 21.40
N ALA B 1167 51.65 -37.64 20.30
CA ALA B 1167 50.75 -37.57 19.15
C ALA B 1167 49.85 -38.79 19.00
N LEU B 1168 49.89 -39.73 19.94
CA LEU B 1168 49.11 -40.95 19.83
C LEU B 1168 47.72 -40.82 20.45
N LEU B 1169 47.61 -40.09 21.56
CA LEU B 1169 46.32 -39.95 22.23
C LEU B 1169 45.26 -39.26 21.38
N PRO B 1170 45.55 -38.18 20.63
CA PRO B 1170 44.50 -37.62 19.75
C PRO B 1170 44.03 -38.59 18.70
N LEU B 1171 44.97 -39.33 18.08
CA LEU B 1171 44.61 -40.38 17.15
C LEU B 1171 43.66 -41.38 17.79
N ALA B 1172 44.02 -41.87 18.98
CA ALA B 1172 43.19 -42.85 19.68
C ALA B 1172 41.82 -42.28 19.98
N VAL B 1173 41.75 -41.01 20.40
CA VAL B 1173 40.47 -40.43 20.78
C VAL B 1173 39.55 -40.29 19.56
N VAL B 1174 40.07 -39.73 18.47
CA VAL B 1174 39.25 -39.56 17.27
C VAL B 1174 38.81 -40.92 16.73
N CYS B 1175 39.74 -41.88 16.67
CA CYS B 1175 39.40 -43.21 16.19
C CYS B 1175 38.37 -43.88 17.08
N TYR B 1176 38.48 -43.70 18.40
CA TYR B 1176 37.52 -44.28 19.34
C TYR B 1176 36.14 -43.71 19.13
N PHE B 1177 36.04 -42.38 18.98
CA PHE B 1177 34.74 -41.75 18.76
C PHE B 1177 34.12 -42.21 17.44
N ILE B 1178 34.93 -42.29 16.38
CA ILE B 1178 34.35 -42.69 15.10
C ILE B 1178 33.95 -44.17 15.13
N GLN B 1179 34.71 -45.01 15.84
CA GLN B 1179 34.33 -46.41 15.97
C GLN B 1179 33.03 -46.55 16.76
N LYS B 1180 32.88 -45.76 17.84
CA LYS B 1180 31.63 -45.78 18.59
C LYS B 1180 30.44 -45.35 17.74
N TYR B 1181 30.63 -44.31 16.92
CA TYR B 1181 29.54 -43.88 16.04
C TYR B 1181 29.21 -44.95 15.01
N PHE B 1182 30.23 -45.62 14.47
CA PHE B 1182 29.98 -46.66 13.48
C PHE B 1182 29.29 -47.87 14.08
N ARG B 1183 29.54 -48.15 15.35
CA ARG B 1183 29.05 -49.41 15.93
C ARG B 1183 27.52 -49.48 15.91
N VAL B 1184 26.85 -48.40 16.32
CA VAL B 1184 25.40 -48.44 16.42
C VAL B 1184 24.75 -48.52 15.05
N ALA B 1185 25.25 -47.73 14.10
CA ALA B 1185 24.72 -47.79 12.74
C ALA B 1185 24.96 -49.16 12.12
N SER B 1186 26.12 -49.77 12.39
CA SER B 1186 26.41 -51.09 11.85
C SER B 1186 25.48 -52.14 12.45
N ARG B 1187 25.26 -52.10 13.76
CA ARG B 1187 24.33 -53.04 14.38
C ARG B 1187 22.93 -52.88 13.80
N ASP B 1188 22.49 -51.63 13.60
CA ASP B 1188 21.16 -51.40 13.04
C ASP B 1188 21.05 -51.96 11.63
N LEU B 1189 22.06 -51.73 10.80
CA LEU B 1189 22.02 -52.22 9.42
C LEU B 1189 22.04 -53.75 9.38
N GLN B 1190 22.84 -54.38 10.25
CA GLN B 1190 22.85 -55.85 10.29
C GLN B 1190 21.50 -56.39 10.70
N GLN B 1191 20.88 -55.79 11.73
CA GLN B 1191 19.57 -56.24 12.17
C GLN B 1191 18.53 -56.11 11.05
N LEU B 1192 18.54 -54.97 10.35
CA LEU B 1192 17.61 -54.79 9.25
C LEU B 1192 17.88 -55.78 8.12
N ASP B 1193 19.16 -56.08 7.89
CA ASP B 1193 19.52 -57.08 6.89
C ASP B 1193 18.89 -58.42 7.21
N ASP B 1194 19.01 -58.87 8.47
CA ASP B 1194 18.42 -60.15 8.86
C ASP B 1194 16.90 -60.12 8.74
N THR B 1195 16.27 -59.02 9.19
CA THR B 1195 14.82 -58.95 9.19
C THR B 1195 14.22 -58.85 7.79
N THR B 1196 15.01 -58.40 6.80
CA THR B 1196 14.52 -58.48 5.42
C THR B 1196 14.90 -59.80 4.75
N GLN B 1197 16.00 -60.43 5.17
CA GLN B 1197 16.45 -61.66 4.55
C GLN B 1197 15.61 -62.87 4.95
N LEU B 1198 14.96 -62.84 6.13
CA LEU B 1198 14.11 -63.97 6.50
C LEU B 1198 12.88 -64.10 5.60
N PRO B 1199 12.08 -63.05 5.36
CA PRO B 1199 10.84 -63.24 4.59
C PRO B 1199 11.06 -63.65 3.14
N LEU B 1200 12.18 -63.27 2.54
CA LEU B 1200 12.46 -63.68 1.16
C LEU B 1200 12.58 -65.20 1.06
N LEU B 1201 13.31 -65.81 1.99
CA LEU B 1201 13.46 -67.27 1.97
C LEU B 1201 12.17 -67.97 2.39
N SER B 1202 11.41 -67.38 3.32
CA SER B 1202 10.08 -67.93 3.60
C SER B 1202 9.22 -67.97 2.32
N HIS B 1203 9.23 -66.87 1.57
CA HIS B 1203 8.48 -66.80 0.32
C HIS B 1203 8.96 -67.84 -0.68
N PHE B 1204 10.28 -68.01 -0.80
CA PHE B 1204 10.82 -69.01 -1.71
C PHE B 1204 10.32 -70.40 -1.36
N ALA B 1205 10.44 -70.79 -0.08
CA ALA B 1205 9.99 -72.12 0.34
C ALA B 1205 8.50 -72.31 0.04
N GLU B 1206 7.67 -71.32 0.39
CA GLU B 1206 6.24 -71.47 0.22
C GLU B 1206 5.86 -71.54 -1.26
N THR B 1207 6.55 -70.79 -2.12
CA THR B 1207 6.30 -70.91 -3.55
C THR B 1207 6.71 -72.29 -4.05
N VAL B 1208 7.82 -72.83 -3.54
CA VAL B 1208 8.30 -74.11 -4.02
C VAL B 1208 7.34 -75.24 -3.64
N GLU B 1209 6.78 -75.19 -2.43
CA GLU B 1209 5.91 -76.30 -2.03
C GLU B 1209 4.51 -76.17 -2.60
N GLY B 1210 3.89 -75.00 -2.48
CA GLY B 1210 2.54 -74.80 -2.99
C GLY B 1210 2.48 -74.49 -4.48
N LEU B 1211 3.25 -75.25 -5.27
CA LEU B 1211 3.39 -74.96 -6.70
C LEU B 1211 2.06 -75.08 -7.43
N THR B 1212 1.37 -76.21 -7.26
CA THR B 1212 0.20 -76.51 -8.08
C THR B 1212 -0.86 -75.43 -7.96
N THR B 1213 -1.11 -74.92 -6.75
CA THR B 1213 -2.14 -73.90 -6.57
C THR B 1213 -1.78 -72.62 -7.32
N ILE B 1214 -0.52 -72.19 -7.19
CA ILE B 1214 -0.10 -70.94 -7.81
C ILE B 1214 -0.13 -71.05 -9.33
N ARG B 1215 0.23 -72.21 -9.87
CA ARG B 1215 0.14 -72.36 -11.32
C ARG B 1215 -1.26 -72.72 -11.80
N ALA B 1216 -2.17 -73.05 -10.89
CA ALA B 1216 -3.57 -73.25 -11.27
C ALA B 1216 -4.29 -71.91 -11.40
N PHE B 1217 -4.18 -71.07 -10.37
CA PHE B 1217 -4.79 -69.74 -10.44
C PHE B 1217 -4.26 -68.94 -11.62
N ARG B 1218 -3.04 -69.24 -12.06
CA ARG B 1218 -2.31 -68.41 -13.03
C ARG B 1218 -2.11 -67.00 -12.47
N TYR B 1219 -1.63 -66.96 -11.22
CA TYR B 1219 -1.26 -65.74 -10.53
C TYR B 1219 0.23 -65.41 -10.67
N GLU B 1220 0.90 -66.03 -11.64
CA GLU B 1220 2.35 -66.00 -11.70
C GLU B 1220 2.89 -64.58 -11.80
N ALA B 1221 2.17 -63.68 -12.48
CA ALA B 1221 2.59 -62.30 -12.55
C ALA B 1221 2.61 -61.65 -11.16
N ARG B 1222 1.56 -61.89 -10.38
CA ARG B 1222 1.50 -61.33 -9.02
C ARG B 1222 2.65 -61.84 -8.16
N PHE B 1223 2.92 -63.14 -8.22
CA PHE B 1223 3.97 -63.69 -7.38
C PHE B 1223 5.36 -63.22 -7.81
N GLN B 1224 5.58 -63.13 -9.13
CA GLN B 1224 6.87 -62.61 -9.59
C GLN B 1224 7.05 -61.16 -9.17
N GLN B 1225 5.98 -60.35 -9.23
CA GLN B 1225 6.06 -58.97 -8.77
C GLN B 1225 6.38 -58.91 -7.27
N LYS B 1226 5.74 -59.77 -6.49
CA LYS B 1226 6.02 -59.82 -5.06
C LYS B 1226 7.49 -60.15 -4.80
N LEU B 1227 8.02 -61.17 -5.50
CA LEU B 1227 9.41 -61.53 -5.30
C LEU B 1227 10.34 -60.40 -5.71
N LEU B 1228 9.98 -59.67 -6.77
CA LEU B 1228 10.79 -58.50 -7.16
C LEU B 1228 10.84 -57.47 -6.04
N GLU B 1229 9.68 -57.19 -5.42
CA GLU B 1229 9.65 -56.29 -4.28
C GLU B 1229 10.61 -56.75 -3.18
N TYR B 1230 10.46 -58.01 -2.76
CA TYR B 1230 11.27 -58.51 -1.65
C TYR B 1230 12.76 -58.49 -1.97
N THR B 1231 13.13 -58.87 -3.20
CA THR B 1231 14.55 -58.93 -3.53
C THR B 1231 15.14 -57.52 -3.65
N ASP B 1232 14.36 -56.55 -4.10
CA ASP B 1232 14.87 -55.18 -4.14
C ASP B 1232 15.12 -54.65 -2.73
N SER B 1233 14.20 -54.95 -1.79
CA SER B 1233 14.43 -54.52 -0.41
C SER B 1233 15.66 -55.20 0.19
N ASN B 1234 15.81 -56.51 -0.05
CA ASN B 1234 17.00 -57.22 0.40
C ASN B 1234 18.27 -56.57 -0.16
N ASN B 1235 18.26 -56.25 -1.45
CA ASN B 1235 19.44 -55.67 -2.07
C ASN B 1235 19.79 -54.31 -1.47
N ILE B 1236 18.78 -53.46 -1.23
CA ILE B 1236 19.12 -52.16 -0.67
C ILE B 1236 19.66 -52.29 0.75
N ALA B 1237 19.10 -53.22 1.54
CA ALA B 1237 19.63 -53.42 2.89
C ALA B 1237 21.10 -53.85 2.84
N SER B 1238 21.42 -54.85 2.03
CA SER B 1238 22.80 -55.29 1.89
C SER B 1238 23.70 -54.16 1.40
N LEU B 1239 23.20 -53.36 0.46
CA LEU B 1239 24.02 -52.29 -0.11
C LEU B 1239 24.35 -51.23 0.93
N PHE B 1240 23.40 -50.90 1.80
CA PHE B 1240 23.71 -49.91 2.82
C PHE B 1240 24.66 -50.47 3.86
N LEU B 1241 24.51 -51.76 4.22
CA LEU B 1241 25.48 -52.35 5.14
C LEU B 1241 26.90 -52.25 4.59
N THR B 1242 27.09 -52.66 3.33
CA THR B 1242 28.44 -52.63 2.79
C THR B 1242 28.93 -51.20 2.56
N ALA B 1243 28.03 -50.25 2.31
CA ALA B 1243 28.46 -48.86 2.14
C ALA B 1243 28.94 -48.27 3.46
N ALA B 1244 28.24 -48.56 4.57
CA ALA B 1244 28.73 -48.13 5.87
C ALA B 1244 30.09 -48.77 6.19
N ASN B 1245 30.24 -50.06 5.86
CA ASN B 1245 31.53 -50.71 6.02
C ASN B 1245 32.61 -49.93 5.27
N ARG B 1246 32.37 -49.63 4.00
CA ARG B 1246 33.36 -48.92 3.20
C ARG B 1246 33.69 -47.55 3.80
N TRP B 1247 32.68 -46.85 4.30
CA TRP B 1247 32.94 -45.51 4.85
C TRP B 1247 33.84 -45.60 6.08
N LEU B 1248 33.55 -46.54 6.99
CA LEU B 1248 34.43 -46.70 8.13
C LEU B 1248 35.84 -47.05 7.70
N GLU B 1249 35.98 -47.93 6.70
CA GLU B 1249 37.32 -48.30 6.24
C GLU B 1249 38.07 -47.10 5.68
N VAL B 1250 37.39 -46.24 4.94
CA VAL B 1250 38.05 -45.09 4.33
C VAL B 1250 38.53 -44.13 5.41
N ARG B 1251 37.67 -43.81 6.38
CA ARG B 1251 38.13 -42.89 7.41
C ARG B 1251 39.23 -43.51 8.26
N MET B 1252 39.19 -44.84 8.46
CA MET B 1252 40.28 -45.49 9.18
C MET B 1252 41.59 -45.43 8.39
N GLU B 1253 41.51 -45.54 7.05
CA GLU B 1253 42.71 -45.44 6.25
C GLU B 1253 43.28 -44.03 6.27
N TYR B 1254 42.41 -43.01 6.32
CA TYR B 1254 42.89 -41.65 6.49
C TYR B 1254 43.59 -41.48 7.85
N ILE B 1255 43.04 -42.12 8.89
CA ILE B 1255 43.70 -42.09 10.20
C ILE B 1255 45.09 -42.72 10.11
N GLY B 1256 45.19 -43.87 9.43
CA GLY B 1256 46.48 -44.51 9.26
C GLY B 1256 47.46 -43.66 8.48
N ALA B 1257 46.97 -42.96 7.45
CA ALA B 1257 47.82 -42.03 6.71
C ALA B 1257 48.35 -40.94 7.63
N CYS B 1258 47.47 -40.36 8.47
CA CYS B 1258 47.92 -39.34 9.42
C CYS B 1258 49.04 -39.88 10.31
N VAL B 1259 48.85 -41.07 10.88
CA VAL B 1259 49.81 -41.57 11.85
C VAL B 1259 51.15 -41.86 11.19
N VAL B 1260 51.13 -42.49 10.01
CA VAL B 1260 52.40 -42.78 9.34
C VAL B 1260 53.08 -41.48 8.91
N LEU B 1261 52.31 -40.50 8.45
CA LEU B 1261 52.89 -39.22 8.04
C LEU B 1261 53.64 -38.57 9.18
N ILE B 1262 52.97 -38.34 10.30
CA ILE B 1262 53.66 -37.59 11.33
C ILE B 1262 54.68 -38.46 12.05
N ALA B 1263 54.55 -39.78 12.02
CA ALA B 1263 55.62 -40.64 12.51
C ALA B 1263 56.90 -40.43 11.70
N ALA B 1264 56.78 -40.51 10.37
CA ALA B 1264 57.94 -40.26 9.51
C ALA B 1264 58.47 -38.84 9.66
N ALA B 1265 57.58 -37.87 9.89
CA ALA B 1265 58.01 -36.49 10.02
C ALA B 1265 58.81 -36.27 11.30
N THR B 1266 58.27 -36.74 12.43
CA THR B 1266 59.02 -36.67 13.68
C THR B 1266 60.31 -37.46 13.59
N SER B 1267 60.33 -38.55 12.83
CA SER B 1267 61.58 -39.27 12.60
C SER B 1267 62.60 -38.38 11.89
N ILE B 1268 62.28 -37.96 10.67
CA ILE B 1268 63.22 -37.17 9.86
C ILE B 1268 63.66 -35.91 10.59
N SER B 1269 62.82 -35.37 11.48
CA SER B 1269 63.21 -34.19 12.23
C SER B 1269 64.10 -34.55 13.41
N ASN B 1270 63.55 -35.31 14.37
CA ASN B 1270 64.22 -35.53 15.64
C ASN B 1270 65.41 -36.48 15.49
N SER B 1271 65.19 -37.65 14.88
CA SER B 1271 66.27 -38.64 14.81
C SER B 1271 67.45 -38.19 13.97
N LEU B 1272 67.34 -37.04 13.31
CA LEU B 1272 68.44 -36.46 12.53
C LEU B 1272 69.03 -35.22 13.18
N HIS B 1273 68.19 -34.29 13.63
CA HIS B 1273 68.69 -33.01 14.13
C HIS B 1273 69.22 -33.14 15.56
N ARG B 1274 68.41 -33.68 16.47
CA ARG B 1274 68.78 -33.75 17.89
C ARG B 1274 69.15 -35.15 18.36
N GLU B 1275 68.51 -36.20 17.81
CA GLU B 1275 68.77 -37.56 18.29
C GLU B 1275 69.98 -38.17 17.61
N LEU B 1276 70.23 -37.84 16.34
CA LEU B 1276 71.34 -38.37 15.53
C LEU B 1276 71.49 -39.88 15.69
N SER B 1277 70.45 -40.59 15.26
CA SER B 1277 70.44 -42.05 15.24
C SER B 1277 70.10 -42.53 13.84
N ALA B 1278 70.80 -43.58 13.39
CA ALA B 1278 70.69 -44.05 12.02
C ALA B 1278 69.85 -45.31 11.86
N GLY B 1279 70.05 -46.31 12.73
CA GLY B 1279 69.37 -47.58 12.56
C GLY B 1279 67.88 -47.52 12.83
N LEU B 1280 67.46 -46.64 13.73
CA LEU B 1280 66.06 -46.58 14.15
C LEU B 1280 65.15 -46.08 13.04
N VAL B 1281 65.68 -45.32 12.09
CA VAL B 1281 64.83 -44.72 11.05
C VAL B 1281 64.19 -45.81 10.19
N GLY B 1282 64.98 -46.81 9.80
CA GLY B 1282 64.45 -47.88 8.98
C GLY B 1282 63.36 -48.65 9.68
N LEU B 1283 63.59 -49.03 10.93
CA LEU B 1283 62.55 -49.71 11.71
C LEU B 1283 61.29 -48.87 11.78
N GLY B 1284 61.44 -47.59 12.16
CA GLY B 1284 60.28 -46.73 12.30
C GLY B 1284 59.46 -46.66 11.02
N LEU B 1285 60.11 -46.37 9.91
CA LEU B 1285 59.36 -46.21 8.67
C LEU B 1285 58.80 -47.52 8.16
N THR B 1286 59.55 -48.63 8.31
CA THR B 1286 59.05 -49.92 7.88
C THR B 1286 57.80 -50.31 8.65
N TYR B 1287 57.86 -50.22 9.98
CA TYR B 1287 56.71 -50.58 10.79
C TYR B 1287 55.54 -49.62 10.57
N ALA B 1288 55.82 -48.34 10.32
CA ALA B 1288 54.73 -47.40 10.04
C ALA B 1288 54.03 -47.76 8.74
N LEU B 1289 54.79 -47.98 7.67
CA LEU B 1289 54.20 -48.34 6.39
C LEU B 1289 53.46 -49.67 6.48
N MET B 1290 53.93 -50.60 7.32
CA MET B 1290 53.27 -51.88 7.51
C MET B 1290 51.93 -51.71 8.21
N VAL B 1291 51.94 -50.99 9.34
CA VAL B 1291 50.72 -50.86 10.13
C VAL B 1291 49.72 -49.95 9.44
N SER B 1292 50.17 -49.07 8.54
CA SER B 1292 49.22 -48.18 7.88
C SER B 1292 48.20 -48.96 7.05
N ASN B 1293 48.56 -50.17 6.63
CA ASN B 1293 47.63 -51.09 5.98
C ASN B 1293 47.04 -52.10 6.94
N TYR B 1294 47.88 -52.65 7.82
CA TYR B 1294 47.33 -53.64 8.72
C TYR B 1294 46.31 -53.06 9.67
N LEU B 1295 46.20 -51.73 9.80
CA LEU B 1295 45.17 -51.15 10.63
C LEU B 1295 43.77 -51.42 10.05
N ASN B 1296 43.56 -51.06 8.78
CA ASN B 1296 42.29 -51.35 8.14
C ASN B 1296 42.05 -52.85 8.04
N TRP B 1297 43.11 -53.61 7.70
CA TRP B 1297 42.95 -55.06 7.66
C TRP B 1297 42.45 -55.60 9.00
N MET B 1298 43.06 -55.12 10.09
CA MET B 1298 42.72 -55.57 11.44
C MET B 1298 41.30 -55.18 11.82
N VAL B 1299 40.88 -53.97 11.47
CA VAL B 1299 39.51 -53.55 11.77
C VAL B 1299 38.50 -54.45 11.05
N ARG B 1300 38.78 -54.76 9.78
CA ARG B 1300 37.87 -55.64 9.04
C ARG B 1300 37.81 -57.02 9.67
N ASN B 1301 38.97 -57.58 10.04
CA ASN B 1301 39.00 -58.89 10.67
C ASN B 1301 38.24 -58.88 12.00
N LEU B 1302 38.36 -57.79 12.76
CA LEU B 1302 37.65 -57.70 14.04
C LEU B 1302 36.14 -57.65 13.85
N ALA B 1303 35.68 -56.90 12.85
CA ALA B 1303 34.25 -56.88 12.54
C ALA B 1303 33.76 -58.27 12.14
N ASP B 1304 34.54 -58.98 11.32
CA ASP B 1304 34.17 -60.34 10.92
C ASP B 1304 34.07 -61.25 12.15
N MET B 1305 35.06 -61.17 13.05
CA MET B 1305 35.01 -61.98 14.26
C MET B 1305 33.79 -61.66 15.10
N GLU B 1306 33.42 -60.37 15.17
CA GLU B 1306 32.24 -59.99 15.94
C GLU B 1306 30.96 -60.61 15.37
N ILE B 1307 30.82 -60.57 14.04
CA ILE B 1307 29.64 -61.18 13.41
C ILE B 1307 29.59 -62.69 13.69
N GLN B 1308 30.72 -63.37 13.48
CA GLN B 1308 30.76 -64.81 13.71
C GLN B 1308 30.52 -65.15 15.18
N LEU B 1309 30.99 -64.30 16.10
CA LEU B 1309 30.76 -64.55 17.52
C LEU B 1309 29.30 -64.35 17.89
N GLY B 1310 28.62 -63.37 17.27
CA GLY B 1310 27.18 -63.28 17.45
C GLY B 1310 26.47 -64.53 16.96
N ALA B 1311 26.97 -65.10 15.86
CA ALA B 1311 26.46 -66.39 15.39
C ALA B 1311 26.61 -67.47 16.46
N VAL B 1312 27.82 -67.60 17.01
CA VAL B 1312 28.07 -68.58 18.07
C VAL B 1312 27.16 -68.32 19.26
N LYS B 1313 26.90 -67.04 19.55
CA LYS B 1313 26.06 -66.68 20.69
C LYS B 1313 24.61 -67.13 20.48
N ARG B 1314 24.10 -67.00 19.25
CA ARG B 1314 22.75 -67.51 19.02
C ARG B 1314 22.70 -69.03 19.12
N ILE B 1315 23.78 -69.71 18.73
CA ILE B 1315 23.84 -71.15 18.94
C ILE B 1315 23.77 -71.48 20.44
N HIS B 1316 24.56 -70.77 21.25
CA HIS B 1316 24.58 -71.04 22.68
C HIS B 1316 23.25 -70.70 23.35
N ALA B 1317 22.56 -69.67 22.85
CA ALA B 1317 21.23 -69.37 23.36
C ALA B 1317 20.23 -70.46 22.99
N LEU B 1318 20.39 -71.07 21.81
CA LEU B 1318 19.50 -72.17 21.45
C LEU B 1318 19.80 -73.42 22.27
N LEU B 1319 21.04 -73.57 22.76
CA LEU B 1319 21.44 -74.83 23.39
C LEU B 1319 20.69 -75.10 24.69
N LYS B 1320 20.45 -74.07 25.50
CA LYS B 1320 20.07 -74.29 26.90
C LYS B 1320 18.57 -74.22 27.14
N THR B 1321 17.76 -73.97 26.11
CA THR B 1321 16.32 -74.04 26.27
C THR B 1321 15.91 -75.50 26.20
N GLU B 1322 14.61 -75.77 26.08
CA GLU B 1322 14.10 -77.13 26.13
C GLU B 1322 14.48 -77.80 27.45
N ALA B 1323 13.90 -77.24 28.52
CA ALA B 1323 14.08 -77.76 29.87
C ALA B 1323 14.03 -79.28 29.87
N GLU B 1324 14.84 -79.88 30.76
CA GLU B 1324 15.36 -81.23 30.61
C GLU B 1324 14.36 -82.23 30.03
N SER B 1325 13.20 -82.35 30.67
CA SER B 1325 12.14 -83.26 30.24
C SER B 1325 12.70 -84.63 29.88
N TYR B 1326 13.70 -85.06 30.64
CA TYR B 1326 14.47 -86.26 30.32
C TYR B 1326 13.95 -87.46 31.09
N GLU B 1327 14.25 -88.63 30.55
CA GLU B 1327 13.85 -89.88 31.17
C GLU B 1327 14.73 -90.18 32.37
N GLY B 1328 14.11 -90.63 33.45
CA GLY B 1328 14.84 -90.95 34.67
C GLY B 1328 14.20 -92.05 35.49
N PRO B 1332 15.26 -99.35 38.60
CA PRO B 1332 14.91 -100.38 37.61
C PRO B 1332 14.25 -101.60 38.26
N SER B 1333 12.98 -101.46 38.64
CA SER B 1333 12.22 -102.53 39.25
C SER B 1333 11.20 -103.15 38.30
N LEU B 1334 10.56 -102.33 37.48
CA LEU B 1334 9.59 -102.81 36.50
C LEU B 1334 10.22 -103.04 35.14
N ILE B 1335 11.37 -102.41 34.86
CA ILE B 1335 12.11 -102.74 33.64
C ILE B 1335 12.57 -104.19 33.61
N PRO B 1336 13.14 -104.77 34.68
CA PRO B 1336 13.60 -106.16 34.59
C PRO B 1336 12.49 -107.16 34.28
N LYS B 1337 11.25 -106.84 34.61
CA LYS B 1337 10.13 -107.72 34.30
C LYS B 1337 9.55 -107.34 32.93
N ASN B 1338 9.36 -108.34 32.08
CA ASN B 1338 8.85 -108.10 30.73
C ASN B 1338 7.52 -107.36 30.80
N TRP B 1339 7.30 -106.47 29.84
CA TRP B 1339 6.07 -105.68 29.84
C TRP B 1339 4.87 -106.60 29.66
N PRO B 1340 3.87 -106.53 30.54
CA PRO B 1340 2.81 -107.54 30.56
C PRO B 1340 1.94 -107.49 29.31
N ASP B 1341 1.53 -108.68 28.86
CA ASP B 1341 0.65 -108.77 27.70
C ASP B 1341 -0.78 -108.38 28.07
N GLN B 1342 -1.16 -108.51 29.34
CA GLN B 1342 -2.50 -108.15 29.79
C GLN B 1342 -2.74 -106.66 29.56
N GLY B 1343 -3.70 -106.35 28.68
CA GLY B 1343 -3.95 -104.99 28.30
C GLY B 1343 -4.92 -104.23 29.18
N LYS B 1344 -5.16 -104.76 30.39
CA LYS B 1344 -6.03 -104.06 31.33
C LYS B 1344 -5.42 -102.72 31.72
N ILE B 1345 -6.16 -101.64 31.46
CA ILE B 1345 -5.68 -100.29 31.77
C ILE B 1345 -6.80 -99.52 32.44
N GLN B 1346 -6.42 -98.46 33.15
CA GLN B 1346 -7.42 -97.64 33.84
C GLN B 1346 -6.86 -96.25 34.10
N ILE B 1347 -7.63 -95.24 33.72
CA ILE B 1347 -7.26 -93.84 33.91
C ILE B 1347 -8.27 -93.23 34.88
N GLN B 1348 -7.77 -92.73 36.01
CA GLN B 1348 -8.64 -92.17 37.04
C GLN B 1348 -8.33 -90.69 37.24
N ASN B 1349 -9.39 -89.88 37.15
CA ASN B 1349 -9.37 -88.45 37.43
C ASN B 1349 -8.30 -87.74 36.59
N LEU B 1350 -8.36 -87.95 35.28
CA LEU B 1350 -7.35 -87.42 34.37
C LEU B 1350 -7.78 -86.06 33.83
N SER B 1351 -6.86 -85.12 33.84
CA SER B 1351 -6.96 -83.86 33.11
C SER B 1351 -5.72 -83.72 32.23
N VAL B 1352 -5.70 -82.68 31.41
CA VAL B 1352 -4.59 -82.46 30.50
C VAL B 1352 -4.56 -81.00 30.09
N ARG B 1353 -3.36 -80.43 30.01
CA ARG B 1353 -3.16 -79.05 29.59
C ARG B 1353 -1.92 -79.01 28.72
N TYR B 1354 -2.08 -78.54 27.47
CA TYR B 1354 -0.94 -78.43 26.57
C TYR B 1354 0.13 -77.50 27.14
N ASP B 1355 -0.23 -76.24 27.34
CA ASP B 1355 0.69 -75.25 27.89
C ASP B 1355 0.44 -75.08 29.38
N SER B 1356 1.50 -74.78 30.11
CA SER B 1356 1.39 -74.55 31.54
C SER B 1356 0.55 -73.30 31.80
N SER B 1357 -0.40 -73.42 32.72
CA SER B 1357 -1.29 -72.31 33.10
C SER B 1357 -2.09 -71.80 31.90
N LEU B 1358 -2.70 -72.75 31.18
CA LEU B 1358 -3.65 -72.40 30.13
C LEU B 1358 -4.96 -73.16 30.36
N LYS B 1359 -5.88 -73.06 29.41
CA LYS B 1359 -7.19 -73.71 29.57
C LYS B 1359 -7.03 -75.22 29.61
N PRO B 1360 -7.84 -75.91 30.41
CA PRO B 1360 -7.79 -77.38 30.43
C PRO B 1360 -8.47 -77.99 29.22
N VAL B 1361 -7.88 -79.05 28.71
CA VAL B 1361 -8.44 -79.76 27.56
C VAL B 1361 -9.32 -80.93 28.01
N LEU B 1362 -8.84 -81.71 28.97
CA LEU B 1362 -9.65 -82.76 29.60
C LEU B 1362 -9.99 -82.34 31.03
N LYS B 1363 -11.05 -82.97 31.56
CA LYS B 1363 -11.57 -82.59 32.87
C LYS B 1363 -12.33 -83.78 33.44
N HIS B 1364 -11.84 -84.32 34.57
CA HIS B 1364 -12.49 -85.42 35.28
C HIS B 1364 -12.67 -86.64 34.37
N VAL B 1365 -11.56 -87.09 33.79
CA VAL B 1365 -11.55 -88.27 32.92
C VAL B 1365 -11.41 -89.52 33.79
N ASN B 1366 -12.32 -90.47 33.60
CA ASN B 1366 -12.30 -91.72 34.33
C ASN B 1366 -12.76 -92.83 33.39
N ALA B 1367 -11.92 -93.86 33.22
CA ALA B 1367 -12.22 -94.93 32.27
C ALA B 1367 -11.42 -96.16 32.66
N LEU B 1368 -11.95 -97.33 32.29
CA LEU B 1368 -11.26 -98.60 32.50
C LEU B 1368 -11.44 -99.47 31.26
N ILE B 1369 -10.46 -100.33 31.01
CA ILE B 1369 -10.42 -101.18 29.82
C ILE B 1369 -9.95 -102.56 30.23
N SER B 1370 -10.76 -103.57 29.94
CA SER B 1370 -10.48 -104.96 30.27
C SER B 1370 -9.46 -105.53 29.28
N PRO B 1371 -8.77 -106.62 29.66
CA PRO B 1371 -7.69 -107.13 28.81
C PRO B 1371 -8.21 -107.67 27.48
N GLY B 1372 -7.44 -107.39 26.43
CA GLY B 1372 -7.68 -107.96 25.12
C GLY B 1372 -9.02 -107.63 24.51
N GLN B 1373 -9.51 -106.41 24.73
CA GLN B 1373 -10.80 -105.99 24.22
C GLN B 1373 -10.64 -104.76 23.34
N LYS B 1374 -11.41 -104.73 22.25
CA LYS B 1374 -11.38 -103.60 21.33
C LYS B 1374 -12.16 -102.43 21.93
N ILE B 1375 -11.55 -101.25 21.92
CA ILE B 1375 -12.11 -100.07 22.55
C ILE B 1375 -12.34 -99.00 21.49
N GLY B 1376 -13.54 -98.44 21.45
CA GLY B 1376 -13.89 -97.39 20.51
C GLY B 1376 -14.14 -96.09 21.24
N ILE B 1377 -13.75 -94.99 20.59
CA ILE B 1377 -13.99 -93.64 21.12
C ILE B 1377 -14.56 -92.78 20.01
N CYS B 1378 -15.51 -91.92 20.36
CA CYS B 1378 -16.13 -91.02 19.40
C CYS B 1378 -16.22 -89.63 20.00
N GLY B 1379 -16.55 -88.66 19.16
CA GLY B 1379 -16.68 -87.29 19.61
C GLY B 1379 -16.53 -86.32 18.47
N ARG B 1380 -16.99 -85.09 18.71
CA ARG B 1380 -16.94 -84.02 17.72
C ARG B 1380 -15.52 -83.47 17.62
N THR B 1381 -15.36 -82.39 16.86
CA THR B 1381 -14.06 -81.72 16.77
C THR B 1381 -13.74 -81.00 18.07
N GLY B 1382 -12.45 -80.89 18.35
CA GLY B 1382 -12.01 -80.26 19.59
C GLY B 1382 -12.47 -80.97 20.84
N SER B 1383 -12.93 -82.22 20.72
CA SER B 1383 -13.44 -82.93 21.88
C SER B 1383 -12.30 -83.42 22.77
N GLY B 1384 -11.19 -83.86 22.18
CA GLY B 1384 -10.04 -84.25 22.97
C GLY B 1384 -9.54 -85.66 22.71
N LYS B 1385 -9.90 -86.22 21.56
CA LYS B 1385 -9.49 -87.59 21.24
C LYS B 1385 -7.99 -87.67 20.98
N SER B 1386 -7.48 -86.81 20.08
CA SER B 1386 -6.05 -86.76 19.85
C SER B 1386 -5.31 -86.33 21.11
N SER B 1387 -5.93 -85.48 21.95
CA SER B 1387 -5.35 -85.15 23.24
C SER B 1387 -5.32 -86.37 24.14
N PHE B 1388 -6.38 -87.18 24.12
CA PHE B 1388 -6.39 -88.43 24.88
C PHE B 1388 -5.22 -89.32 24.48
N SER B 1389 -4.99 -89.46 23.17
CA SER B 1389 -3.90 -90.31 22.68
C SER B 1389 -2.54 -89.74 23.06
N LEU B 1390 -2.34 -88.43 22.88
CA LEU B 1390 -1.06 -87.81 23.20
C LEU B 1390 -0.77 -87.91 24.70
N ALA B 1391 -1.80 -87.81 25.54
CA ALA B 1391 -1.60 -87.94 26.97
C ALA B 1391 -1.37 -89.39 27.37
N PHE B 1392 -1.90 -90.34 26.59
CA PHE B 1392 -1.59 -91.74 26.84
C PHE B 1392 -0.11 -92.05 26.69
N PHE B 1393 0.64 -91.18 25.98
CA PHE B 1393 2.07 -91.34 25.78
C PHE B 1393 2.89 -90.33 26.58
N ARG B 1394 2.25 -89.55 27.45
CA ARG B 1394 2.92 -88.51 28.23
C ARG B 1394 3.57 -87.47 27.32
N MET B 1395 2.86 -87.08 26.27
CA MET B 1395 3.32 -86.03 25.38
C MET B 1395 2.81 -84.66 25.77
N VAL B 1396 1.92 -84.57 26.75
CA VAL B 1396 1.37 -83.30 27.23
C VAL B 1396 1.78 -83.15 28.68
N ASP B 1397 2.53 -82.09 28.99
CA ASP B 1397 3.30 -81.99 30.23
C ASP B 1397 2.55 -81.27 31.35
N MET B 1398 1.21 -81.28 31.35
CA MET B 1398 0.44 -80.72 32.46
C MET B 1398 -0.76 -81.60 32.77
N PHE B 1399 -0.56 -82.91 32.76
CA PHE B 1399 -1.64 -83.84 33.09
C PHE B 1399 -1.77 -84.00 34.60
N GLU B 1400 -2.99 -84.24 35.05
CA GLU B 1400 -3.28 -84.49 36.46
C GLU B 1400 -4.17 -85.71 36.55
N GLY B 1401 -3.77 -86.69 37.36
CA GLY B 1401 -4.53 -87.89 37.54
C GLY B 1401 -3.62 -89.09 37.61
N ARG B 1402 -4.19 -90.28 37.41
CA ARG B 1402 -3.42 -91.51 37.46
C ARG B 1402 -3.72 -92.39 36.25
N ILE B 1403 -2.67 -92.95 35.66
CA ILE B 1403 -2.76 -93.85 34.52
C ILE B 1403 -2.11 -95.16 34.93
N ILE B 1404 -2.91 -96.18 35.19
CA ILE B 1404 -2.43 -97.47 35.67
C ILE B 1404 -2.55 -98.48 34.54
N ILE B 1405 -1.50 -99.26 34.32
CA ILE B 1405 -1.45 -100.28 33.27
C ILE B 1405 -0.95 -101.56 33.93
N ASP B 1406 -1.85 -102.48 34.24
CA ASP B 1406 -1.51 -103.75 34.91
C ASP B 1406 -0.86 -103.48 36.26
N GLY B 1407 -1.52 -102.67 37.08
CA GLY B 1407 -0.96 -102.28 38.36
C GLY B 1407 0.38 -101.59 38.26
N ILE B 1408 0.69 -101.01 37.09
CA ILE B 1408 1.99 -100.43 36.80
C ILE B 1408 1.78 -99.07 36.17
N ASP B 1409 2.54 -98.08 36.62
CA ASP B 1409 2.43 -96.72 36.11
C ASP B 1409 3.83 -96.15 35.97
N ILE B 1410 3.93 -94.83 35.80
CA ILE B 1410 5.20 -94.18 35.52
C ILE B 1410 5.97 -93.90 36.81
N ALA B 1411 5.46 -94.42 37.93
CA ALA B 1411 6.09 -94.16 39.22
C ALA B 1411 7.47 -94.77 39.34
N LYS B 1412 7.77 -95.84 38.58
CA LYS B 1412 9.06 -96.50 38.62
C LYS B 1412 9.67 -96.72 37.25
N LEU B 1413 9.12 -96.10 36.20
CA LEU B 1413 9.53 -96.38 34.84
C LEU B 1413 10.03 -95.12 34.14
N PRO B 1414 11.20 -95.16 33.50
CA PRO B 1414 11.63 -94.05 32.65
C PRO B 1414 10.85 -94.05 31.34
N LEU B 1415 11.02 -92.96 30.59
CA LEU B 1415 10.17 -92.71 29.43
C LEU B 1415 10.42 -93.67 28.27
N HIS B 1416 11.57 -94.33 28.24
CA HIS B 1416 11.88 -95.21 27.10
C HIS B 1416 11.01 -96.45 27.10
N THR B 1417 10.93 -97.13 28.25
CA THR B 1417 10.04 -98.28 28.37
C THR B 1417 8.58 -97.89 28.17
N LEU B 1418 8.25 -96.61 28.36
CA LEU B 1418 6.90 -96.12 28.05
C LEU B 1418 6.74 -95.82 26.56
N ARG B 1419 7.83 -95.52 25.87
CA ARG B 1419 7.78 -95.35 24.42
C ARG B 1419 7.83 -96.68 23.68
N SER B 1420 8.21 -97.75 24.37
CA SER B 1420 8.27 -99.08 23.77
C SER B 1420 7.05 -99.94 24.09
N ARG B 1421 6.17 -99.49 24.98
CA ARG B 1421 5.07 -100.33 25.46
C ARG B 1421 3.83 -100.28 24.58
N LEU B 1422 3.65 -99.23 23.78
CA LEU B 1422 2.44 -99.06 22.99
C LEU B 1422 2.78 -98.96 21.51
N SER B 1423 1.74 -98.86 20.69
CA SER B 1423 1.85 -98.53 19.27
C SER B 1423 0.81 -97.48 18.94
N ILE B 1424 1.12 -96.62 17.97
CA ILE B 1424 0.26 -95.48 17.65
C ILE B 1424 0.29 -95.22 16.16
N ILE B 1425 -0.89 -95.04 15.57
CA ILE B 1425 -1.05 -94.57 14.19
C ILE B 1425 -1.72 -93.20 14.26
N LEU B 1426 -1.17 -92.24 13.51
CA LEU B 1426 -1.61 -90.86 13.55
C LEU B 1426 -2.47 -90.51 12.35
N GLN B 1427 -3.24 -89.42 12.50
CA GLN B 1427 -4.00 -88.86 11.39
C GLN B 1427 -3.09 -88.14 10.40
N ASP B 1428 -1.88 -87.77 10.83
CA ASP B 1428 -0.93 -87.07 9.99
C ASP B 1428 0.15 -88.05 9.53
N PRO B 1429 0.07 -88.59 8.32
CA PRO B 1429 1.04 -89.61 7.87
C PRO B 1429 2.32 -88.97 7.38
N VAL B 1430 3.44 -89.32 8.01
CA VAL B 1430 4.75 -88.85 7.58
C VAL B 1430 5.54 -90.03 7.04
N LEU B 1431 6.42 -89.74 6.08
CA LEU B 1431 7.24 -90.78 5.46
C LEU B 1431 8.55 -90.14 5.04
N PHE B 1432 9.64 -90.54 5.67
CA PHE B 1432 10.96 -90.01 5.35
C PHE B 1432 11.61 -90.82 4.23
N SER B 1433 12.52 -90.19 3.51
CA SER B 1433 13.07 -90.76 2.30
C SER B 1433 13.99 -91.94 2.62
N GLY B 1434 14.35 -92.67 1.56
CA GLY B 1434 15.19 -93.84 1.69
C GLY B 1434 14.66 -95.01 0.86
N THR B 1435 14.49 -96.16 1.49
CA THR B 1435 13.88 -97.32 0.86
C THR B 1435 12.64 -97.74 1.66
N ILE B 1436 11.95 -98.76 1.16
CA ILE B 1436 10.76 -99.25 1.86
C ILE B 1436 11.16 -99.97 3.14
N ARG B 1437 12.35 -100.61 3.16
CA ARG B 1437 12.83 -101.23 4.38
C ARG B 1437 13.11 -100.21 5.46
N PHE B 1438 13.55 -99.01 5.08
CA PHE B 1438 13.85 -97.98 6.08
C PHE B 1438 12.59 -97.33 6.64
N ASN B 1439 11.53 -97.23 5.83
CA ASN B 1439 10.27 -96.73 6.35
C ASN B 1439 9.53 -97.78 7.17
N LEU B 1440 9.64 -99.06 6.80
CA LEU B 1440 8.90 -100.10 7.51
C LEU B 1440 9.61 -100.51 8.80
N ASP B 1441 10.94 -100.49 8.80
CA ASP B 1441 11.71 -100.91 9.97
C ASP B 1441 13.08 -100.28 9.90
N PRO B 1442 13.27 -99.11 10.52
CA PRO B 1442 14.60 -98.50 10.56
C PRO B 1442 15.62 -99.28 11.39
N GLU B 1443 15.15 -100.17 12.27
CA GLU B 1443 16.08 -100.96 13.07
C GLU B 1443 16.76 -102.05 12.25
N LYS B 1444 16.22 -102.38 11.07
CA LYS B 1444 16.79 -103.40 10.18
C LYS B 1444 16.92 -104.75 10.89
N LYS B 1445 15.86 -105.13 11.60
CA LYS B 1445 15.82 -106.36 12.39
C LYS B 1445 14.61 -107.20 11.99
N CYS B 1446 14.40 -107.36 10.68
CA CYS B 1446 13.29 -108.14 10.16
C CYS B 1446 13.72 -108.91 8.94
N SER B 1447 13.10 -110.06 8.74
CA SER B 1447 13.30 -110.86 7.53
C SER B 1447 12.34 -110.40 6.44
N ASP B 1448 12.71 -110.67 5.19
CA ASP B 1448 11.93 -110.19 4.06
C ASP B 1448 10.55 -110.85 4.01
N SER B 1449 10.45 -112.12 4.41
CA SER B 1449 9.15 -112.77 4.47
C SER B 1449 8.24 -112.12 5.50
N THR B 1450 8.82 -111.65 6.62
CA THR B 1450 8.03 -110.96 7.63
C THR B 1450 7.39 -109.69 7.08
N LEU B 1451 8.18 -108.88 6.38
CA LEU B 1451 7.64 -107.65 5.81
C LEU B 1451 6.69 -107.93 4.65
N TRP B 1452 6.93 -108.98 3.87
CA TRP B 1452 5.99 -109.34 2.81
C TRP B 1452 4.65 -109.76 3.40
N GLU B 1453 4.66 -110.53 4.49
CA GLU B 1453 3.42 -110.89 5.15
C GLU B 1453 2.75 -109.66 5.76
N ALA B 1454 3.54 -108.76 6.34
CA ALA B 1454 2.96 -107.55 6.92
C ALA B 1454 2.31 -106.66 5.87
N LEU B 1455 2.86 -106.66 4.65
CA LEU B 1455 2.23 -105.89 3.57
C LEU B 1455 1.00 -106.59 3.02
N GLU B 1456 1.06 -107.92 2.86
CA GLU B 1456 -0.10 -108.67 2.39
C GLU B 1456 -1.25 -108.63 3.38
N ILE B 1457 -0.96 -108.42 4.66
CA ILE B 1457 -2.03 -108.27 5.64
C ILE B 1457 -2.56 -106.83 5.64
N ALA B 1458 -1.70 -105.85 5.39
CA ALA B 1458 -2.10 -104.45 5.37
C ALA B 1458 -2.72 -104.01 4.05
N GLN B 1459 -3.07 -104.95 3.18
CA GLN B 1459 -3.71 -104.65 1.89
C GLN B 1459 -2.86 -103.69 1.07
N LEU B 1460 -1.57 -104.02 0.93
CA LEU B 1460 -0.62 -103.17 0.23
C LEU B 1460 0.31 -103.95 -0.69
N LYS B 1461 0.19 -105.28 -0.75
CA LYS B 1461 1.16 -106.11 -1.45
C LYS B 1461 1.14 -105.87 -2.95
N LEU B 1462 -0.05 -105.71 -3.53
CA LEU B 1462 -0.17 -105.63 -4.98
C LEU B 1462 0.48 -104.36 -5.52
N VAL B 1463 0.35 -103.24 -4.79
CA VAL B 1463 0.98 -101.99 -5.22
C VAL B 1463 2.46 -101.95 -4.90
N VAL B 1464 2.95 -102.84 -4.04
CA VAL B 1464 4.38 -102.94 -3.78
C VAL B 1464 5.05 -103.78 -4.86
N LYS B 1465 4.41 -104.87 -5.28
CA LYS B 1465 4.99 -105.73 -6.31
C LYS B 1465 5.12 -105.03 -7.66
N ALA B 1466 4.32 -103.99 -7.91
CA ALA B 1466 4.29 -103.31 -9.19
C ALA B 1466 5.33 -102.18 -9.30
N LEU B 1467 6.32 -102.17 -8.41
CA LEU B 1467 7.35 -101.15 -8.43
C LEU B 1467 8.72 -101.77 -8.69
N PRO B 1468 9.63 -101.04 -9.33
CA PRO B 1468 10.99 -101.57 -9.54
C PRO B 1468 11.75 -101.62 -8.21
N GLY B 1469 12.34 -102.78 -7.92
CA GLY B 1469 13.02 -102.99 -6.66
C GLY B 1469 12.04 -103.06 -5.52
N GLY B 1470 11.30 -104.17 -5.43
CA GLY B 1470 10.14 -104.32 -4.57
C GLY B 1470 10.25 -103.77 -3.18
N LEU B 1471 11.18 -104.31 -2.39
CA LEU B 1471 11.44 -103.82 -1.06
C LEU B 1471 12.59 -102.83 -1.01
N ASP B 1472 13.08 -102.37 -2.18
CA ASP B 1472 14.18 -101.43 -2.24
C ASP B 1472 13.89 -100.27 -3.18
N ALA B 1473 12.62 -100.00 -3.47
CA ALA B 1473 12.26 -98.83 -4.25
C ALA B 1473 12.55 -97.57 -3.45
N ILE B 1474 13.12 -96.57 -4.12
CA ILE B 1474 13.52 -95.34 -3.44
C ILE B 1474 12.29 -94.49 -3.18
N ILE B 1475 12.07 -94.16 -1.91
CA ILE B 1475 10.97 -93.29 -1.49
C ILE B 1475 11.51 -91.90 -1.24
N THR B 1476 10.80 -90.89 -1.73
CA THR B 1476 11.08 -89.51 -1.39
C THR B 1476 10.08 -89.02 -0.36
N GLU B 1477 10.47 -87.97 0.37
CA GLU B 1477 9.63 -87.46 1.44
C GLU B 1477 8.27 -87.04 0.91
N GLY B 1478 7.23 -87.79 1.28
CA GLY B 1478 5.92 -87.56 0.70
C GLY B 1478 5.92 -87.84 -0.79
N GLY B 1479 5.89 -86.78 -1.58
CA GLY B 1479 5.89 -86.92 -3.02
C GLY B 1479 4.61 -87.57 -3.51
N GLU B 1480 4.63 -87.93 -4.78
CA GLU B 1480 3.52 -88.65 -5.40
C GLU B 1480 3.87 -90.09 -5.69
N ASN B 1481 4.98 -90.60 -5.16
CA ASN B 1481 5.25 -92.02 -5.20
C ASN B 1481 4.19 -92.81 -4.46
N PHE B 1482 3.48 -92.17 -3.54
CA PHE B 1482 2.38 -92.79 -2.80
C PHE B 1482 1.36 -91.73 -2.47
N SER B 1483 0.08 -92.04 -2.70
CA SER B 1483 -0.99 -91.14 -2.32
C SER B 1483 -1.15 -91.13 -0.80
N GLN B 1484 -2.07 -90.29 -0.33
CA GLN B 1484 -2.30 -90.19 1.12
C GLN B 1484 -2.71 -91.52 1.73
N GLY B 1485 -3.62 -92.25 1.04
CA GLY B 1485 -4.05 -93.53 1.56
C GLY B 1485 -2.91 -94.53 1.67
N GLN B 1486 -1.99 -94.51 0.71
CA GLN B 1486 -0.87 -95.43 0.77
C GLN B 1486 0.09 -95.09 1.92
N ARG B 1487 0.26 -93.80 2.22
CA ARG B 1487 1.04 -93.41 3.39
C ARG B 1487 0.36 -93.87 4.67
N GLN B 1488 -0.96 -93.74 4.74
CA GLN B 1488 -1.69 -94.27 5.88
C GLN B 1488 -1.47 -95.77 6.01
N LEU B 1489 -1.48 -96.50 4.89
CA LEU B 1489 -1.26 -97.93 4.92
C LEU B 1489 0.15 -98.27 5.40
N PHE B 1490 1.13 -97.45 5.02
CA PHE B 1490 2.50 -97.70 5.49
C PHE B 1490 2.63 -97.46 6.98
N CYS B 1491 1.93 -96.44 7.50
CA CYS B 1491 1.87 -96.27 8.95
C CYS B 1491 1.23 -97.48 9.63
N LEU B 1492 0.14 -97.98 9.03
CA LEU B 1492 -0.48 -99.21 9.52
C LEU B 1492 0.53 -100.37 9.51
N ALA B 1493 1.40 -100.42 8.50
CA ALA B 1493 2.37 -101.50 8.42
C ALA B 1493 3.44 -101.39 9.51
N ARG B 1494 3.87 -100.16 9.80
CA ARG B 1494 4.70 -99.95 10.99
C ARG B 1494 4.02 -100.55 12.22
N ALA B 1495 2.75 -100.19 12.41
CA ALA B 1495 1.99 -100.71 13.56
C ALA B 1495 1.96 -102.24 13.54
N PHE B 1496 1.80 -102.83 12.36
CA PHE B 1496 1.75 -104.29 12.26
C PHE B 1496 3.06 -104.92 12.71
N VAL B 1497 4.19 -104.41 12.20
CA VAL B 1497 5.47 -105.02 12.51
C VAL B 1497 5.96 -104.72 13.92
N ARG B 1498 5.44 -103.67 14.57
CA ARG B 1498 5.95 -103.32 15.89
C ARG B 1498 5.68 -104.41 16.92
N LYS B 1499 4.53 -105.06 16.84
CA LYS B 1499 4.17 -106.20 17.70
C LYS B 1499 4.23 -105.82 19.19
N THR B 1500 3.34 -104.92 19.56
CA THR B 1500 3.18 -104.50 20.95
C THR B 1500 1.87 -105.06 21.52
N SER B 1501 1.55 -104.67 22.74
CA SER B 1501 0.34 -105.14 23.40
C SER B 1501 -0.83 -104.18 23.30
N ILE B 1502 -0.57 -102.89 23.12
CA ILE B 1502 -1.61 -101.87 23.09
C ILE B 1502 -1.50 -101.10 21.78
N PHE B 1503 -2.65 -100.84 21.15
CA PHE B 1503 -2.72 -100.12 19.89
C PHE B 1503 -3.55 -98.85 20.07
N ILE B 1504 -3.09 -97.77 19.44
CA ILE B 1504 -3.83 -96.53 19.33
C ILE B 1504 -3.99 -96.23 17.86
N MET B 1505 -5.22 -95.92 17.43
CA MET B 1505 -5.52 -95.69 16.02
C MET B 1505 -6.29 -94.39 15.87
N ASP B 1506 -5.57 -93.29 15.64
CA ASP B 1506 -6.20 -91.97 15.50
C ASP B 1506 -6.52 -91.77 14.01
N GLU B 1507 -7.74 -92.12 13.63
CA GLU B 1507 -8.28 -91.90 12.29
C GLU B 1507 -7.42 -92.58 11.22
N ALA B 1508 -7.38 -93.92 11.28
CA ALA B 1508 -6.89 -94.67 10.12
C ALA B 1508 -7.88 -94.64 8.97
N THR B 1509 -9.03 -94.00 9.16
CA THR B 1509 -10.06 -93.85 8.14
C THR B 1509 -9.92 -92.53 7.38
N ALA B 1510 -8.91 -91.73 7.69
CA ALA B 1510 -8.85 -90.36 7.21
C ALA B 1510 -8.83 -90.29 5.69
N SER B 1511 -8.06 -91.15 5.04
CA SER B 1511 -7.91 -91.04 3.59
C SER B 1511 -8.01 -92.39 2.91
N ILE B 1512 -8.84 -93.29 3.44
CA ILE B 1512 -9.05 -94.61 2.86
C ILE B 1512 -10.50 -94.74 2.44
N ASP B 1513 -10.72 -95.30 1.24
CA ASP B 1513 -12.07 -95.50 0.74
C ASP B 1513 -12.85 -96.43 1.66
N MET B 1514 -14.13 -96.12 1.86
CA MET B 1514 -14.97 -96.90 2.76
C MET B 1514 -15.05 -98.35 2.32
N ALA B 1515 -15.13 -98.60 1.01
CA ALA B 1515 -15.21 -99.96 0.50
C ALA B 1515 -13.99 -100.77 0.90
N THR B 1516 -12.80 -100.19 0.77
CA THR B 1516 -11.60 -100.88 1.21
C THR B 1516 -11.41 -100.76 2.72
N GLU B 1517 -11.94 -99.69 3.33
CA GLU B 1517 -11.73 -99.49 4.76
C GLU B 1517 -12.46 -100.53 5.60
N ASN B 1518 -13.67 -100.92 5.18
CA ASN B 1518 -14.42 -101.91 5.96
C ASN B 1518 -13.68 -103.25 5.99
N ILE B 1519 -13.24 -103.73 4.83
CA ILE B 1519 -12.54 -105.01 4.79
C ILE B 1519 -11.17 -104.88 5.45
N LEU B 1520 -10.52 -103.71 5.34
CA LEU B 1520 -9.25 -103.50 6.01
C LEU B 1520 -9.41 -103.57 7.53
N GLN B 1521 -10.48 -102.98 8.06
CA GLN B 1521 -10.72 -103.05 9.50
C GLN B 1521 -11.08 -104.47 9.94
N LYS B 1522 -11.84 -105.19 9.12
CA LYS B 1522 -12.14 -106.58 9.45
C LYS B 1522 -10.86 -107.41 9.51
N VAL B 1523 -9.95 -107.23 8.54
CA VAL B 1523 -8.71 -107.98 8.54
C VAL B 1523 -7.81 -107.55 9.70
N VAL B 1524 -7.80 -106.26 10.04
CA VAL B 1524 -6.96 -105.80 11.13
C VAL B 1524 -7.53 -106.22 12.49
N MET B 1525 -8.83 -106.51 12.56
CA MET B 1525 -9.39 -107.08 13.77
C MET B 1525 -9.09 -108.57 13.88
N THR B 1526 -9.19 -109.29 12.76
CA THR B 1526 -8.85 -110.72 12.79
C THR B 1526 -7.36 -110.93 13.05
N ALA B 1527 -6.52 -109.98 12.65
CA ALA B 1527 -5.07 -110.13 12.86
C ALA B 1527 -4.68 -109.80 14.29
N PHE B 1528 -5.10 -108.64 14.79
CA PHE B 1528 -4.79 -108.24 16.16
C PHE B 1528 -5.97 -108.60 17.08
N ALA B 1529 -6.12 -109.90 17.31
CA ALA B 1529 -7.17 -110.40 18.16
C ALA B 1529 -6.76 -110.43 19.63
N ASP B 1530 -5.54 -110.87 19.92
CA ASP B 1530 -5.07 -111.01 21.29
C ASP B 1530 -4.25 -109.79 21.73
N ARG B 1531 -4.89 -108.62 21.65
CA ARG B 1531 -4.29 -107.37 22.12
C ARG B 1531 -5.34 -106.27 22.07
N THR B 1532 -5.20 -105.30 22.98
CA THR B 1532 -6.15 -104.22 23.09
C THR B 1532 -5.87 -103.15 22.04
N VAL B 1533 -6.94 -102.67 21.40
CA VAL B 1533 -6.86 -101.64 20.38
C VAL B 1533 -7.88 -100.56 20.70
N VAL B 1534 -7.43 -99.31 20.76
CA VAL B 1534 -8.28 -98.16 21.03
C VAL B 1534 -8.30 -97.30 19.78
N THR B 1535 -9.49 -97.12 19.21
CA THR B 1535 -9.66 -96.46 17.93
C THR B 1535 -10.42 -95.15 18.10
N ILE B 1536 -10.11 -94.20 17.23
CA ILE B 1536 -10.87 -92.96 17.10
C ILE B 1536 -11.05 -92.65 15.62
N ALA B 1537 -12.21 -93.02 15.06
CA ALA B 1537 -12.46 -92.87 13.64
C ALA B 1537 -13.74 -92.09 13.43
N HIS B 1538 -13.73 -91.21 12.42
CA HIS B 1538 -14.93 -90.47 12.06
C HIS B 1538 -15.84 -91.26 11.14
N ARG B 1539 -15.66 -92.58 11.08
CA ARG B 1539 -16.56 -93.48 10.39
C ARG B 1539 -17.50 -94.13 11.41
N VAL B 1540 -18.78 -94.20 11.06
CA VAL B 1540 -19.77 -94.69 12.02
C VAL B 1540 -19.67 -96.18 12.20
N HIS B 1541 -19.48 -96.92 11.11
CA HIS B 1541 -19.53 -98.38 11.16
C HIS B 1541 -18.40 -98.94 12.04
N THR B 1542 -17.21 -98.37 11.93
CA THR B 1542 -16.09 -98.80 12.75
C THR B 1542 -16.40 -98.64 14.23
N ILE B 1543 -16.97 -97.49 14.61
CA ILE B 1543 -17.41 -97.29 15.98
C ILE B 1543 -18.47 -98.33 16.35
N LEU B 1544 -19.32 -98.68 15.38
CA LEU B 1544 -20.42 -99.61 15.66
C LEU B 1544 -19.91 -101.01 15.97
N SER B 1545 -18.84 -101.44 15.29
CA SER B 1545 -18.39 -102.81 15.48
C SER B 1545 -17.76 -103.07 16.85
N ALA B 1546 -17.47 -102.03 17.62
CA ALA B 1546 -16.75 -102.18 18.88
C ALA B 1546 -17.71 -102.50 20.03
N ASP B 1547 -17.16 -103.11 21.08
CA ASP B 1547 -17.95 -103.44 22.27
C ASP B 1547 -18.04 -102.25 23.22
N LEU B 1548 -16.90 -101.83 23.77
CA LEU B 1548 -16.86 -100.73 24.72
C LEU B 1548 -16.54 -99.45 23.98
N VAL B 1549 -17.53 -98.59 23.83
CA VAL B 1549 -17.37 -97.31 23.14
C VAL B 1549 -17.64 -96.20 24.13
N MET B 1550 -16.76 -95.21 24.14
CA MET B 1550 -16.95 -94.02 24.97
C MET B 1550 -17.03 -92.79 24.08
N VAL B 1551 -17.98 -91.93 24.41
CA VAL B 1551 -18.19 -90.67 23.71
C VAL B 1551 -17.57 -89.56 24.53
N LEU B 1552 -16.63 -88.84 23.92
CA LEU B 1552 -16.08 -87.63 24.52
C LEU B 1552 -17.07 -86.49 24.39
N LYS B 1553 -17.24 -85.76 25.47
CA LYS B 1553 -18.16 -84.63 25.52
C LYS B 1553 -17.36 -83.34 25.39
N ARG B 1554 -18.02 -82.21 25.65
CA ARG B 1554 -17.36 -80.91 25.58
C ARG B 1554 -16.04 -80.92 26.33
N GLY B 1555 -16.01 -81.51 27.52
CA GLY B 1555 -14.76 -81.74 28.22
C GLY B 1555 -14.54 -83.16 28.74
N ALA B 1556 -15.62 -83.92 28.87
CA ALA B 1556 -15.59 -85.20 29.57
C ALA B 1556 -15.98 -86.34 28.62
N ILE B 1557 -16.16 -87.54 29.19
CA ILE B 1557 -16.47 -88.75 28.43
C ILE B 1557 -17.63 -89.46 29.09
N LEU B 1558 -18.11 -90.51 28.41
CA LEU B 1558 -19.03 -91.47 29.00
C LEU B 1558 -18.93 -92.78 28.24
N GLU B 1559 -18.83 -93.88 28.98
CA GLU B 1559 -18.65 -95.22 28.43
C GLU B 1559 -19.98 -95.97 28.33
N PHE B 1560 -20.10 -96.80 27.30
CA PHE B 1560 -21.25 -97.67 27.11
C PHE B 1560 -20.82 -98.92 26.36
N ASP B 1561 -21.46 -100.05 26.68
CA ASP B 1561 -21.02 -101.36 26.22
C ASP B 1561 -21.99 -102.01 25.25
N LYS B 1562 -23.24 -102.21 25.65
CA LYS B 1562 -24.14 -103.07 24.86
C LYS B 1562 -24.64 -102.34 23.63
N PRO B 1563 -24.48 -102.91 22.44
CA PRO B 1563 -24.93 -102.22 21.21
C PRO B 1563 -26.43 -101.95 21.17
N GLU B 1564 -27.24 -102.78 21.81
CA GLU B 1564 -28.67 -102.55 21.86
C GLU B 1564 -29.08 -101.62 23.00
N THR B 1565 -28.27 -101.55 24.07
CA THR B 1565 -28.56 -100.69 25.20
C THR B 1565 -27.95 -99.30 25.04
N LEU B 1566 -26.76 -99.20 24.45
CA LEU B 1566 -26.11 -97.90 24.28
C LEU B 1566 -26.81 -97.03 23.24
N LEU B 1567 -27.72 -97.59 22.45
CA LEU B 1567 -28.37 -96.84 21.38
C LEU B 1567 -29.75 -96.32 21.75
N SER B 1568 -30.40 -96.89 22.77
CA SER B 1568 -31.68 -96.38 23.24
C SER B 1568 -31.60 -95.71 24.61
N GLN B 1569 -30.47 -95.82 25.31
CA GLN B 1569 -30.31 -95.18 26.61
C GLN B 1569 -30.13 -93.68 26.45
N LYS B 1570 -29.37 -93.26 25.44
CA LYS B 1570 -29.23 -91.84 25.14
C LYS B 1570 -30.52 -91.24 24.59
N ASP B 1571 -31.65 -91.98 24.57
CA ASP B 1571 -32.88 -91.55 23.91
C ASP B 1571 -32.65 -91.33 22.42
N SER B 1572 -31.68 -92.07 21.85
CA SER B 1572 -31.35 -92.01 20.43
C SER B 1572 -30.96 -90.60 20.00
N VAL B 1573 -29.85 -90.11 20.56
CA VAL B 1573 -29.40 -88.75 20.30
C VAL B 1573 -27.98 -88.73 19.76
N PHE B 1574 -27.04 -89.32 20.49
CA PHE B 1574 -25.63 -89.15 20.19
C PHE B 1574 -25.00 -90.32 19.45
N ALA B 1575 -25.64 -91.50 19.45
CA ALA B 1575 -25.07 -92.66 18.79
C ALA B 1575 -26.00 -93.34 17.80
N SER B 1576 -27.30 -93.09 17.85
CA SER B 1576 -28.25 -93.76 16.95
C SER B 1576 -28.53 -92.93 15.69
N PHE B 1577 -29.02 -91.70 15.88
CA PHE B 1577 -29.32 -90.85 14.72
C PHE B 1577 -28.06 -90.47 13.95
N VAL B 1578 -26.90 -90.46 14.62
CA VAL B 1578 -25.65 -90.27 13.91
C VAL B 1578 -25.39 -91.45 12.98
N ARG B 1579 -25.84 -92.64 13.36
CA ARG B 1579 -25.70 -93.83 12.52
C ARG B 1579 -26.79 -93.87 11.46
N ARG C 32 -1.85 -19.89 -32.45
CA ARG C 32 -2.56 -18.63 -32.50
C ARG C 32 -1.92 -17.61 -31.54
N ALA C 33 -2.45 -16.39 -31.54
CA ALA C 33 -1.88 -15.31 -30.74
C ALA C 33 -2.29 -15.44 -29.28
N ARG C 34 -1.33 -15.20 -28.38
CA ARG C 34 -1.57 -15.24 -26.95
C ARG C 34 -1.67 -13.84 -26.37
N PHE C 35 -2.44 -13.71 -25.29
CA PHE C 35 -2.69 -12.39 -24.71
C PHE C 35 -1.50 -11.90 -23.89
N VAL C 36 -1.16 -12.63 -22.83
CA VAL C 36 0.06 -12.39 -22.05
C VAL C 36 0.81 -13.70 -21.90
N SER C 37 2.13 -13.63 -22.06
CA SER C 37 2.93 -14.84 -22.15
C SER C 37 3.03 -15.52 -20.79
N LYS C 38 3.47 -16.77 -20.82
CA LYS C 38 3.57 -17.56 -19.59
C LYS C 38 4.51 -16.90 -18.60
N LYS C 39 5.65 -16.39 -19.07
CA LYS C 39 6.63 -15.79 -18.16
C LYS C 39 6.08 -14.60 -17.40
N GLY C 40 4.90 -14.09 -17.77
CA GLY C 40 4.33 -12.94 -17.13
C GLY C 40 4.47 -11.65 -17.90
N ASN C 41 5.29 -11.62 -18.94
CA ASN C 41 5.41 -10.44 -19.78
C ASN C 41 4.19 -10.29 -20.69
N CYS C 42 3.94 -9.05 -21.09
CA CYS C 42 2.77 -8.73 -21.92
C CYS C 42 3.10 -8.92 -23.39
N ASN C 43 2.16 -9.50 -24.13
CA ASN C 43 2.38 -9.84 -25.52
C ASN C 43 1.99 -8.70 -26.46
N VAL C 44 0.85 -8.04 -26.19
CA VAL C 44 0.26 -7.11 -27.14
C VAL C 44 1.24 -5.98 -27.45
N ALA C 45 1.63 -5.89 -28.72
CA ALA C 45 2.55 -4.84 -29.16
C ALA C 45 1.75 -3.60 -29.53
N HIS C 46 2.17 -2.45 -29.00
CA HIS C 46 1.44 -1.22 -29.20
C HIS C 46 1.86 -0.53 -30.49
N LYS C 47 0.90 0.08 -31.16
CA LYS C 47 1.16 0.74 -32.42
C LYS C 47 0.52 2.13 -32.40
N ASN C 48 1.18 3.08 -33.04
CA ASN C 48 0.68 4.43 -33.23
C ASN C 48 0.43 5.12 -31.88
N ILE C 49 1.51 5.25 -31.10
CA ILE C 49 1.47 6.00 -29.85
C ILE C 49 1.77 7.46 -30.15
N ARG C 50 0.81 8.34 -29.86
CA ARG C 50 1.00 9.78 -30.05
C ARG C 50 1.99 10.37 -29.05
N GLU C 51 3.27 10.04 -29.19
CA GLU C 51 4.27 10.43 -28.21
C GLU C 51 4.25 11.94 -28.05
N GLN C 52 3.87 12.42 -26.88
CA GLN C 52 4.00 13.84 -26.56
C GLN C 52 5.24 14.11 -25.71
N GLY C 53 6.12 13.11 -25.59
CA GLY C 53 7.37 13.26 -24.90
C GLY C 53 7.37 12.79 -23.47
N ARG C 54 6.21 12.39 -22.93
CA ARG C 54 6.20 11.91 -21.55
C ARG C 54 7.09 10.69 -21.36
N PHE C 55 7.45 9.98 -22.44
CA PHE C 55 8.34 8.83 -22.34
C PHE C 55 9.71 9.20 -21.82
N LEU C 56 10.21 10.37 -22.19
CA LEU C 56 11.42 10.86 -21.56
C LEU C 56 11.15 11.81 -20.41
N GLN C 57 9.95 12.40 -20.33
CA GLN C 57 9.65 13.34 -19.25
C GLN C 57 9.69 12.69 -17.87
N ASP C 58 9.75 11.36 -17.82
CA ASP C 58 9.83 10.53 -16.62
C ASP C 58 11.27 10.19 -16.32
N VAL C 59 12.12 11.20 -16.49
CA VAL C 59 13.55 11.08 -16.73
C VAL C 59 14.19 9.96 -15.91
N PHE C 60 13.99 9.97 -14.60
CA PHE C 60 14.63 8.92 -13.83
C PHE C 60 13.72 7.72 -13.61
N THR C 61 12.40 7.90 -13.61
CA THR C 61 11.53 6.72 -13.58
C THR C 61 11.53 5.99 -14.92
N THR C 62 12.21 6.53 -15.92
CA THR C 62 12.46 5.77 -17.14
C THR C 62 13.68 4.88 -16.98
N LEU C 63 14.81 5.46 -16.57
CA LEU C 63 16.05 4.71 -16.53
C LEU C 63 16.15 3.78 -15.34
N VAL C 64 15.40 4.03 -14.25
CA VAL C 64 15.35 3.04 -13.18
C VAL C 64 14.62 1.79 -13.59
N ASP C 65 13.94 1.80 -14.74
CA ASP C 65 13.37 0.59 -15.29
C ASP C 65 14.40 -0.26 -16.00
N LEU C 66 15.51 0.32 -16.46
CA LEU C 66 16.40 -0.34 -17.41
C LEU C 66 17.09 -1.55 -16.78
N LYS C 67 17.85 -2.26 -17.59
CA LYS C 67 18.67 -3.33 -17.07
C LYS C 67 19.82 -2.75 -16.26
N TRP C 68 20.68 -3.63 -15.79
CA TRP C 68 21.85 -3.22 -15.04
C TRP C 68 22.99 -2.74 -15.92
N PRO C 69 23.32 -3.41 -17.03
CA PRO C 69 24.40 -2.89 -17.86
C PRO C 69 24.11 -1.52 -18.44
N HIS C 70 22.89 -1.27 -18.91
CA HIS C 70 22.57 0.05 -19.46
C HIS C 70 22.62 1.11 -18.37
N THR C 71 22.07 0.82 -17.20
CA THR C 71 22.07 1.83 -16.15
C THR C 71 23.49 2.10 -15.67
N LEU C 72 24.33 1.07 -15.55
CA LEU C 72 25.71 1.30 -15.17
C LEU C 72 26.45 2.09 -16.25
N LEU C 73 26.17 1.78 -17.52
CA LEU C 73 26.78 2.53 -18.61
C LEU C 73 26.42 4.01 -18.52
N ILE C 74 25.13 4.30 -18.31
CA ILE C 74 24.73 5.70 -18.35
C ILE C 74 25.20 6.42 -17.10
N PHE C 75 25.43 5.70 -15.99
CA PHE C 75 25.99 6.35 -14.82
C PHE C 75 27.47 6.67 -14.99
N THR C 76 28.23 5.72 -15.52
CA THR C 76 29.61 6.07 -15.77
C THR C 76 29.72 7.17 -16.80
N MET C 77 28.78 7.23 -17.76
CA MET C 77 28.83 8.29 -18.77
C MET C 77 28.45 9.64 -18.18
N SER C 78 27.50 9.68 -17.25
CA SER C 78 27.25 10.91 -16.51
C SER C 78 28.49 11.38 -15.79
N PHE C 79 29.13 10.49 -15.03
CA PHE C 79 30.27 10.91 -14.24
C PHE C 79 31.42 11.37 -15.14
N LEU C 80 31.76 10.58 -16.17
CA LEU C 80 32.87 10.96 -17.04
C LEU C 80 32.54 12.24 -17.82
N CYS C 81 31.29 12.41 -18.24
CA CYS C 81 30.93 13.65 -18.91
C CYS C 81 31.21 14.84 -18.01
N SER C 82 30.73 14.82 -16.78
CA SER C 82 30.94 15.98 -15.93
C SER C 82 32.42 16.21 -15.66
N TRP C 83 33.17 15.14 -15.39
CA TRP C 83 34.58 15.28 -15.09
C TRP C 83 35.34 15.90 -16.25
N LEU C 84 35.08 15.43 -17.47
CA LEU C 84 35.79 15.96 -18.63
C LEU C 84 35.40 17.41 -18.89
N LEU C 85 34.13 17.75 -18.70
CA LEU C 85 33.71 19.13 -18.87
C LEU C 85 34.54 20.05 -17.98
N PHE C 86 34.57 19.77 -16.68
CA PHE C 86 35.28 20.68 -15.79
C PHE C 86 36.79 20.59 -15.95
N ALA C 87 37.33 19.44 -16.37
CA ALA C 87 38.75 19.38 -16.63
C ALA C 87 39.12 20.29 -17.79
N MET C 88 38.28 20.33 -18.82
CA MET C 88 38.53 21.24 -19.94
C MET C 88 38.48 22.69 -19.48
N VAL C 89 37.46 23.06 -18.71
CA VAL C 89 37.36 24.46 -18.32
C VAL C 89 38.53 24.86 -17.42
N TRP C 90 39.03 23.92 -16.60
CA TRP C 90 40.18 24.25 -15.75
C TRP C 90 41.46 24.36 -16.56
N TRP C 91 41.68 23.41 -17.47
CA TRP C 91 42.80 23.54 -18.37
C TRP C 91 42.80 24.93 -19.01
N LEU C 92 41.63 25.35 -19.49
CA LEU C 92 41.54 26.63 -20.18
C LEU C 92 41.81 27.79 -19.24
N ILE C 93 41.31 27.73 -18.01
CA ILE C 93 41.48 28.88 -17.14
C ILE C 93 42.95 29.02 -16.75
N ALA C 94 43.64 27.89 -16.48
CA ALA C 94 45.07 27.95 -16.19
C ALA C 94 45.86 28.40 -17.40
N PHE C 95 45.42 28.03 -18.61
CA PHE C 95 46.07 28.53 -19.80
C PHE C 95 45.90 30.04 -19.92
N ALA C 96 44.69 30.52 -19.68
CA ALA C 96 44.35 31.91 -19.89
C ALA C 96 45.01 32.81 -18.87
N HIS C 97 45.04 32.41 -17.60
CA HIS C 97 45.72 33.26 -16.64
C HIS C 97 47.19 33.45 -17.00
N GLY C 98 47.75 32.54 -17.79
CA GLY C 98 49.16 32.56 -18.09
C GLY C 98 49.99 31.80 -17.09
N ASP C 99 49.38 31.32 -16.00
CA ASP C 99 50.07 30.43 -15.08
C ASP C 99 50.48 29.13 -15.77
N LEU C 100 49.89 28.82 -16.92
CA LEU C 100 50.28 27.61 -17.64
C LEU C 100 51.64 27.77 -18.30
N ALA C 101 51.98 28.99 -18.69
CA ALA C 101 53.29 29.30 -19.26
C ALA C 101 54.35 29.09 -18.19
N PRO C 102 55.22 28.10 -18.34
CA PRO C 102 56.19 27.79 -17.29
C PRO C 102 57.14 28.96 -17.07
N GLY C 103 57.06 29.54 -15.89
CA GLY C 103 57.89 30.69 -15.55
C GLY C 103 58.16 30.71 -14.07
N GLU C 104 59.36 31.17 -13.71
CA GLU C 104 59.82 31.22 -12.34
C GLU C 104 59.73 32.67 -11.86
N GLY C 105 58.86 32.93 -10.89
CA GLY C 105 58.74 34.24 -10.30
C GLY C 105 57.73 35.13 -11.02
N THR C 106 57.50 36.31 -10.43
CA THR C 106 56.58 37.32 -10.92
C THR C 106 55.15 36.83 -11.02
N ASN C 107 54.87 35.63 -10.49
CA ASN C 107 53.52 35.09 -10.49
C ASN C 107 53.42 34.00 -9.45
N VAL C 108 52.18 33.65 -9.13
CA VAL C 108 51.89 32.41 -8.44
C VAL C 108 50.71 31.80 -9.18
N PRO C 109 50.79 30.54 -9.60
CA PRO C 109 49.68 29.97 -10.36
C PRO C 109 48.42 29.95 -9.52
N CYS C 110 47.27 30.16 -10.18
CA CYS C 110 46.00 30.02 -9.48
C CYS C 110 45.86 28.64 -8.88
N VAL C 111 46.40 27.63 -9.57
CA VAL C 111 46.49 26.28 -9.06
C VAL C 111 47.97 25.91 -9.07
N THR C 112 48.55 25.75 -7.89
CA THR C 112 49.98 25.48 -7.80
C THR C 112 50.30 24.16 -8.50
N SER C 113 51.47 24.11 -9.14
CA SER C 113 51.97 22.88 -9.75
C SER C 113 50.97 22.31 -10.77
N ILE C 114 50.67 23.10 -11.79
CA ILE C 114 49.91 22.62 -12.92
C ILE C 114 50.77 22.80 -14.17
N HIS C 115 50.87 21.75 -14.97
CA HIS C 115 51.76 21.80 -16.13
C HIS C 115 51.04 21.55 -17.44
N SER C 116 50.24 20.51 -17.52
CA SER C 116 49.67 20.12 -18.79
C SER C 116 48.22 19.73 -18.62
N PHE C 117 47.61 19.28 -19.70
CA PHE C 117 46.22 18.86 -19.65
C PHE C 117 46.06 17.69 -18.71
N SER C 118 46.99 16.75 -18.73
CA SER C 118 46.87 15.56 -17.89
C SER C 118 46.79 15.94 -16.42
N SER C 119 47.73 16.77 -15.94
CA SER C 119 47.66 17.15 -14.55
C SER C 119 46.40 17.95 -14.26
N ALA C 120 45.87 18.66 -15.26
CA ALA C 120 44.63 19.39 -15.03
C ALA C 120 43.45 18.44 -14.84
N PHE C 121 43.36 17.41 -15.67
CA PHE C 121 42.32 16.41 -15.49
C PHE C 121 42.49 15.67 -14.17
N LEU C 122 43.73 15.48 -13.74
CA LEU C 122 43.97 14.92 -12.42
C LEU C 122 43.47 15.86 -11.33
N PHE C 123 43.61 17.18 -11.53
CA PHE C 123 43.06 18.11 -10.55
C PHE C 123 41.55 18.07 -10.55
N SER C 124 40.95 17.94 -11.73
CA SER C 124 39.49 17.89 -11.81
C SER C 124 38.94 16.68 -11.08
N ILE C 125 39.53 15.50 -11.33
CA ILE C 125 39.04 14.34 -10.59
C ILE C 125 39.45 14.39 -9.13
N GLU C 126 40.47 15.18 -8.78
CA GLU C 126 40.87 15.28 -7.38
C GLU C 126 39.89 16.12 -6.58
N VAL C 127 39.36 17.19 -7.17
CA VAL C 127 38.43 18.01 -6.42
C VAL C 127 36.98 17.55 -6.61
N GLN C 128 36.63 17.02 -7.77
CA GLN C 128 35.24 16.65 -8.00
C GLN C 128 34.81 15.55 -7.05
N VAL C 129 35.44 14.38 -7.15
CA VAL C 129 34.92 13.21 -6.46
C VAL C 129 35.40 13.21 -5.02
N THR C 130 35.97 14.33 -4.60
CA THR C 130 36.26 14.61 -3.19
C THR C 130 37.26 13.62 -2.59
N ILE C 131 38.33 13.35 -3.34
CA ILE C 131 39.52 12.71 -2.78
C ILE C 131 40.47 13.75 -2.20
N GLY C 132 40.64 14.88 -2.89
CA GLY C 132 41.46 15.97 -2.40
C GLY C 132 42.92 15.65 -2.13
N PHE C 133 43.70 15.41 -3.19
CA PHE C 133 45.08 14.97 -3.03
C PHE C 133 45.95 16.09 -2.50
N GLY C 134 45.75 17.31 -2.96
CA GLY C 134 46.46 18.45 -2.43
C GLY C 134 47.89 18.63 -2.91
N GLY C 135 48.32 17.87 -3.91
CA GLY C 135 49.61 18.15 -4.51
C GLY C 135 49.58 19.42 -5.33
N ARG C 136 48.47 19.69 -5.99
CA ARG C 136 48.23 20.95 -6.68
C ARG C 136 47.22 21.74 -5.87
N MET C 137 47.61 22.94 -5.47
CA MET C 137 46.84 23.77 -4.55
C MET C 137 46.21 24.89 -5.33
N VAL C 138 44.91 25.05 -5.19
CA VAL C 138 44.22 26.24 -5.66
C VAL C 138 44.45 27.35 -4.63
N THR C 139 44.78 28.54 -5.11
CA THR C 139 45.30 29.62 -4.27
C THR C 139 44.30 30.76 -4.19
N GLU C 140 44.56 31.67 -3.24
CA GLU C 140 43.70 32.81 -2.95
C GLU C 140 44.05 34.04 -3.77
N GLU C 141 44.78 33.87 -4.87
CA GLU C 141 45.12 34.98 -5.75
C GLU C 141 44.07 35.24 -6.81
N CYS C 142 43.35 34.21 -7.25
CA CYS C 142 42.39 34.32 -8.35
C CYS C 142 40.99 33.95 -7.89
N PRO C 143 40.06 34.90 -7.78
CA PRO C 143 38.69 34.56 -7.39
C PRO C 143 37.91 33.82 -8.46
N LEU C 144 38.35 33.87 -9.72
CA LEU C 144 37.67 33.12 -10.76
C LEU C 144 37.77 31.62 -10.51
N ALA C 145 38.95 31.16 -10.06
CA ALA C 145 39.10 29.75 -9.68
C ALA C 145 38.22 29.40 -8.49
N ILE C 146 38.02 30.36 -7.58
CA ILE C 146 37.10 30.12 -6.47
C ILE C 146 35.69 29.88 -7.00
N LEU C 147 35.26 30.68 -7.97
CA LEU C 147 33.93 30.47 -8.54
C LEU C 147 33.82 29.12 -9.22
N ILE C 148 34.82 28.75 -10.01
CA ILE C 148 34.72 27.48 -10.71
C ILE C 148 34.69 26.33 -9.71
N LEU C 149 35.41 26.45 -8.59
CA LEU C 149 35.34 25.40 -7.59
C LEU C 149 33.98 25.36 -6.92
N ILE C 150 33.41 26.53 -6.61
CA ILE C 150 32.17 26.58 -5.85
C ILE C 150 30.98 26.17 -6.68
N VAL C 151 31.11 26.13 -8.00
CA VAL C 151 30.07 25.50 -8.81
C VAL C 151 30.40 24.04 -9.12
N GLN C 152 31.68 23.71 -9.31
CA GLN C 152 32.08 22.34 -9.51
C GLN C 152 31.56 21.46 -8.39
N ASN C 153 31.80 21.87 -7.16
CA ASN C 153 31.48 21.00 -6.04
C ASN C 153 29.98 20.83 -5.89
N ILE C 154 29.19 21.90 -6.01
CA ILE C 154 27.76 21.75 -5.85
C ILE C 154 27.18 20.90 -6.97
N VAL C 155 27.63 21.07 -8.21
CA VAL C 155 27.06 20.20 -9.25
C VAL C 155 27.48 18.77 -9.01
N GLY C 156 28.72 18.57 -8.56
CA GLY C 156 29.15 17.24 -8.24
C GLY C 156 28.27 16.61 -7.18
N LEU C 157 27.93 17.39 -6.15
CA LEU C 157 27.14 16.83 -5.07
C LEU C 157 25.73 16.54 -5.52
N MET C 158 25.17 17.38 -6.37
CA MET C 158 23.81 17.12 -6.81
C MET C 158 23.75 15.86 -7.67
N ILE C 159 24.69 15.71 -8.60
CA ILE C 159 24.64 14.55 -9.48
C ILE C 159 25.00 13.27 -8.75
N ASN C 160 25.81 13.38 -7.69
CA ASN C 160 26.04 12.25 -6.81
C ASN C 160 24.78 11.88 -6.06
N ALA C 161 24.02 12.89 -5.61
CA ALA C 161 22.80 12.60 -4.84
C ALA C 161 21.77 11.89 -5.71
N ILE C 162 21.56 12.38 -6.92
CA ILE C 162 20.59 11.71 -7.79
C ILE C 162 21.09 10.32 -8.19
N MET C 163 22.39 10.18 -8.50
CA MET C 163 22.90 8.88 -8.92
C MET C 163 23.01 7.90 -7.78
N LEU C 164 22.76 8.33 -6.56
CA LEU C 164 22.56 7.35 -5.51
C LEU C 164 21.09 7.05 -5.29
N GLY C 165 20.24 8.08 -5.22
CA GLY C 165 18.83 7.83 -5.03
C GLY C 165 18.24 6.95 -6.11
N CYS C 166 18.59 7.18 -7.37
CA CYS C 166 17.99 6.37 -8.40
C CYS C 166 18.49 4.93 -8.36
N ILE C 167 19.78 4.68 -8.08
CA ILE C 167 20.20 3.28 -7.98
C ILE C 167 19.51 2.62 -6.78
N PHE C 168 19.26 3.37 -5.69
CA PHE C 168 18.56 2.70 -4.61
C PHE C 168 17.11 2.43 -4.98
N MET C 169 16.45 3.39 -5.61
CA MET C 169 15.09 3.18 -6.09
C MET C 169 15.04 2.01 -7.03
N LYS C 170 16.15 1.69 -7.68
CA LYS C 170 16.25 0.51 -8.50
C LYS C 170 16.33 -0.75 -7.64
N THR C 171 17.22 -0.78 -6.66
CA THR C 171 17.36 -2.03 -5.90
C THR C 171 16.08 -2.42 -5.16
N ALA C 172 15.02 -1.61 -5.24
CA ALA C 172 13.68 -2.06 -4.90
C ALA C 172 12.95 -2.65 -6.10
N GLN C 173 13.68 -3.10 -7.11
CA GLN C 173 13.08 -3.97 -8.11
C GLN C 173 12.85 -5.32 -7.45
N ALA C 174 11.58 -5.65 -7.20
CA ALA C 174 11.24 -6.95 -6.65
C ALA C 174 10.48 -7.81 -7.65
N HIS C 175 10.41 -7.40 -8.91
CA HIS C 175 9.87 -8.29 -9.93
C HIS C 175 10.56 -9.64 -9.90
N ARG C 176 11.87 -9.69 -9.56
CA ARG C 176 12.50 -10.99 -9.40
C ARG C 176 11.71 -11.86 -8.44
N ARG C 177 11.24 -11.29 -7.32
CA ARG C 177 10.26 -11.98 -6.48
C ARG C 177 8.97 -12.27 -7.23
N ALA C 178 8.65 -11.51 -8.27
CA ALA C 178 7.57 -12.00 -9.10
C ALA C 178 8.03 -13.17 -9.96
N GLU C 179 9.35 -13.37 -10.11
CA GLU C 179 9.82 -14.53 -10.85
C GLU C 179 9.70 -15.79 -10.00
N THR C 180 9.97 -15.69 -8.70
CA THR C 180 10.04 -16.93 -7.92
C THR C 180 8.68 -17.61 -7.80
N LEU C 181 7.57 -16.88 -7.92
CA LEU C 181 6.28 -17.57 -7.85
C LEU C 181 6.14 -18.50 -9.04
N ILE C 182 5.34 -19.55 -8.86
CA ILE C 182 5.10 -20.53 -9.92
C ILE C 182 3.64 -20.98 -9.92
N PHE C 183 3.14 -21.24 -11.12
CA PHE C 183 1.83 -21.82 -11.32
C PHE C 183 1.99 -23.12 -12.09
N SER C 184 1.05 -24.04 -11.91
CA SER C 184 1.13 -25.29 -12.66
C SER C 184 0.93 -25.03 -14.15
N LYS C 185 1.52 -25.90 -14.97
CA LYS C 185 1.59 -25.63 -16.41
C LYS C 185 0.20 -25.62 -17.05
N HIS C 186 -0.65 -26.57 -16.67
CA HIS C 186 -2.02 -26.65 -17.16
C HIS C 186 -2.99 -26.80 -15.99
N ALA C 187 -4.22 -26.36 -16.19
CA ALA C 187 -5.26 -26.38 -15.17
C ALA C 187 -6.34 -27.38 -15.54
N VAL C 188 -6.86 -28.10 -14.54
CA VAL C 188 -7.90 -29.10 -14.73
C VAL C 188 -9.18 -28.64 -14.06
N ILE C 189 -10.29 -29.22 -14.52
CA ILE C 189 -11.60 -29.01 -13.92
C ILE C 189 -12.08 -30.34 -13.34
N THR C 190 -12.97 -30.26 -12.35
CA THR C 190 -13.44 -31.47 -11.67
C THR C 190 -14.90 -31.28 -11.27
N LEU C 191 -15.43 -32.24 -10.52
CA LEU C 191 -16.78 -32.17 -9.96
C LEU C 191 -16.65 -32.22 -8.44
N ARG C 192 -16.89 -31.09 -7.80
CA ARG C 192 -16.85 -31.02 -6.33
C ARG C 192 -18.20 -30.60 -5.76
N HIS C 193 -18.69 -31.37 -4.80
CA HIS C 193 -19.94 -31.06 -4.13
C HIS C 193 -21.11 -31.05 -5.07
N GLY C 194 -21.05 -31.90 -6.09
CA GLY C 194 -22.15 -32.03 -7.03
C GLY C 194 -22.20 -30.94 -8.07
N ARG C 195 -21.19 -30.09 -8.09
CA ARG C 195 -21.12 -28.99 -9.05
C ARG C 195 -19.76 -28.96 -9.73
N LEU C 196 -19.74 -28.55 -11.00
CA LEU C 196 -18.49 -28.50 -11.74
C LEU C 196 -17.53 -27.48 -11.13
N CYS C 197 -16.25 -27.85 -11.07
CA CYS C 197 -15.23 -26.97 -10.49
C CYS C 197 -13.93 -26.98 -11.29
N PHE C 198 -13.19 -25.88 -11.21
CA PHE C 198 -11.89 -25.77 -11.87
C PHE C 198 -10.80 -25.57 -10.84
N MET C 199 -9.73 -26.36 -10.92
CA MET C 199 -8.64 -26.28 -9.96
C MET C 199 -7.29 -25.91 -10.60
N LEU C 200 -6.63 -24.93 -10.01
CA LEU C 200 -5.30 -24.52 -10.45
C LEU C 200 -4.39 -24.38 -9.24
N ARG C 201 -3.10 -24.66 -9.40
CA ARG C 201 -2.16 -24.60 -8.28
C ARG C 201 -1.36 -23.31 -8.30
N VAL C 202 -0.92 -22.90 -7.12
CA VAL C 202 0.04 -21.83 -6.93
C VAL C 202 1.00 -22.27 -5.83
N GLY C 203 1.95 -21.40 -5.51
CA GLY C 203 2.92 -21.78 -4.50
C GLY C 203 3.99 -20.74 -4.34
N ASP C 204 4.73 -20.87 -3.25
CA ASP C 204 5.83 -20.00 -2.92
C ASP C 204 7.13 -20.76 -3.10
N LEU C 205 8.20 -20.02 -3.35
CA LEU C 205 9.50 -20.64 -3.57
C LEU C 205 10.56 -20.17 -2.59
N ARG C 206 10.23 -19.37 -1.59
CA ARG C 206 11.21 -18.99 -0.60
C ARG C 206 10.58 -18.99 0.78
N LYS C 207 11.42 -18.74 1.78
CA LYS C 207 10.93 -18.58 3.14
C LYS C 207 10.10 -17.31 3.27
N SER C 208 10.48 -16.25 2.56
CA SER C 208 9.86 -14.95 2.71
C SER C 208 8.43 -14.97 2.20
N MET C 209 7.50 -14.51 3.03
CA MET C 209 6.09 -14.49 2.70
C MET C 209 5.75 -13.29 1.81
N ILE C 210 4.53 -13.30 1.30
CA ILE C 210 4.00 -12.19 0.50
C ILE C 210 2.71 -11.74 1.17
N ILE C 211 2.65 -10.47 1.54
CA ILE C 211 1.61 -9.97 2.42
C ILE C 211 0.34 -9.66 1.62
N SER C 212 -0.78 -10.25 2.04
CA SER C 212 -2.12 -9.86 1.60
C SER C 212 -2.34 -10.08 0.10
N ALA C 213 -1.76 -11.16 -0.42
CA ALA C 213 -1.91 -11.48 -1.83
C ALA C 213 -3.39 -11.63 -2.20
N THR C 214 -3.78 -11.07 -3.33
CA THR C 214 -5.16 -11.16 -3.78
C THR C 214 -5.20 -11.68 -5.21
N ILE C 215 -6.29 -12.34 -5.56
CA ILE C 215 -6.45 -13.00 -6.85
C ILE C 215 -7.50 -12.27 -7.65
N HIS C 216 -7.11 -11.82 -8.85
CA HIS C 216 -8.02 -11.29 -9.85
C HIS C 216 -7.98 -12.24 -11.02
N MET C 217 -9.05 -12.98 -11.23
CA MET C 217 -9.10 -14.07 -12.18
C MET C 217 -10.02 -13.68 -13.33
N GLN C 218 -9.47 -13.59 -14.55
CA GLN C 218 -10.18 -12.98 -15.67
C GLN C 218 -10.17 -13.89 -16.88
N VAL C 219 -11.22 -13.75 -17.69
CA VAL C 219 -11.42 -14.55 -18.90
C VAL C 219 -11.59 -13.61 -20.08
N VAL C 220 -10.97 -13.92 -21.22
CA VAL C 220 -11.11 -13.06 -22.39
C VAL C 220 -11.65 -13.87 -23.56
N ARG C 221 -12.42 -13.19 -24.42
CA ARG C 221 -13.10 -13.83 -25.54
C ARG C 221 -13.61 -12.78 -26.52
N LYS C 222 -13.48 -13.06 -27.82
CA LYS C 222 -14.09 -12.22 -28.83
C LYS C 222 -15.60 -12.36 -28.73
N THR C 223 -16.29 -11.29 -28.36
CA THR C 223 -17.70 -11.36 -28.04
C THR C 223 -18.52 -10.46 -28.95
N THR C 224 -19.72 -10.92 -29.29
CA THR C 224 -20.69 -10.15 -30.07
C THR C 224 -21.94 -9.94 -29.24
N SER C 225 -22.28 -8.68 -28.99
CA SER C 225 -23.44 -8.36 -28.19
C SER C 225 -24.72 -8.61 -28.99
N PRO C 226 -25.86 -8.74 -28.31
CA PRO C 226 -27.14 -8.81 -29.04
C PRO C 226 -27.45 -7.56 -29.82
N GLU C 227 -26.77 -6.45 -29.55
CA GLU C 227 -26.94 -5.21 -30.29
C GLU C 227 -26.11 -5.15 -31.55
N GLY C 228 -25.52 -6.27 -31.98
CA GLY C 228 -24.67 -6.27 -33.15
C GLY C 228 -23.27 -5.76 -32.91
N GLU C 229 -22.92 -5.42 -31.66
CA GLU C 229 -21.59 -4.94 -31.35
C GLU C 229 -20.65 -6.13 -31.15
N VAL C 230 -19.54 -6.13 -31.87
CA VAL C 230 -18.52 -7.16 -31.77
C VAL C 230 -17.29 -6.54 -31.11
N VAL C 231 -16.80 -7.18 -30.05
CA VAL C 231 -15.56 -6.75 -29.40
C VAL C 231 -14.47 -7.75 -29.74
N PRO C 232 -13.25 -7.29 -30.04
CA PRO C 232 -12.18 -8.24 -30.36
C PRO C 232 -11.69 -9.01 -29.16
N LEU C 233 -11.93 -8.52 -27.95
CA LEU C 233 -11.42 -9.12 -26.72
C LEU C 233 -12.20 -8.53 -25.56
N HIS C 234 -12.65 -9.38 -24.64
CA HIS C 234 -13.63 -8.98 -23.63
C HIS C 234 -13.27 -9.56 -22.26
N GLN C 235 -12.59 -8.78 -21.42
CA GLN C 235 -12.21 -9.23 -20.09
C GLN C 235 -13.43 -9.22 -19.17
N VAL C 236 -13.63 -10.31 -18.44
CA VAL C 236 -14.72 -10.42 -17.48
C VAL C 236 -14.19 -11.14 -16.23
N ASP C 237 -14.60 -10.65 -15.07
CA ASP C 237 -14.13 -11.26 -13.82
C ASP C 237 -14.89 -12.53 -13.56
N ILE C 238 -14.15 -13.59 -13.25
CA ILE C 238 -14.69 -14.81 -12.69
C ILE C 238 -14.28 -14.87 -11.23
N PRO C 239 -15.20 -15.09 -10.30
CA PRO C 239 -14.87 -14.92 -8.88
C PRO C 239 -13.94 -16.02 -8.41
N MET C 240 -13.11 -15.69 -7.42
CA MET C 240 -12.43 -16.71 -6.65
C MET C 240 -13.26 -17.00 -5.42
N GLU C 241 -13.54 -18.28 -5.16
CA GLU C 241 -14.52 -18.66 -4.16
C GLU C 241 -13.81 -19.10 -2.90
N ASN C 242 -13.86 -18.22 -1.90
CA ASN C 242 -13.26 -18.35 -0.58
C ASN C 242 -14.41 -18.39 0.41
N GLY C 243 -14.13 -18.18 1.69
CA GLY C 243 -15.19 -18.09 2.70
C GLY C 243 -16.10 -16.90 2.42
N VAL C 244 -16.85 -16.40 3.41
CA VAL C 244 -17.99 -15.51 3.21
C VAL C 244 -17.86 -14.51 2.06
N GLY C 245 -16.63 -14.23 1.64
CA GLY C 245 -16.41 -13.29 0.56
C GLY C 245 -14.93 -13.18 0.28
N GLY C 246 -14.42 -11.97 0.11
CA GLY C 246 -12.99 -11.80 0.02
C GLY C 246 -12.40 -12.09 -1.34
N ASN C 247 -11.47 -11.23 -1.73
CA ASN C 247 -10.79 -11.34 -3.01
C ASN C 247 -9.40 -11.96 -2.88
N GLY C 248 -8.90 -12.12 -1.65
CA GLY C 248 -7.51 -12.46 -1.41
C GLY C 248 -7.37 -13.76 -0.64
N ILE C 249 -6.12 -14.25 -0.60
CA ILE C 249 -5.78 -15.57 -0.11
C ILE C 249 -4.53 -15.50 0.76
N PHE C 250 -4.15 -16.64 1.31
CA PHE C 250 -3.00 -16.75 2.20
C PHE C 250 -2.13 -17.89 1.71
N LEU C 251 -0.87 -17.58 1.41
CA LEU C 251 0.05 -18.48 0.72
C LEU C 251 1.12 -18.96 1.69
N VAL C 252 1.05 -20.23 2.10
CA VAL C 252 2.13 -20.84 2.85
C VAL C 252 2.60 -22.06 2.07
N ALA C 253 1.70 -23.01 1.87
CA ALA C 253 1.90 -24.20 1.06
C ALA C 253 1.16 -24.06 -0.25
N PRO C 254 1.48 -24.89 -1.27
CA PRO C 254 0.70 -24.85 -2.51
C PRO C 254 -0.79 -25.07 -2.30
N LEU C 255 -1.56 -24.03 -2.57
CA LEU C 255 -3.00 -24.02 -2.37
C LEU C 255 -3.70 -24.02 -3.72
N ILE C 256 -4.45 -25.08 -4.01
CA ILE C 256 -5.28 -25.09 -5.20
C ILE C 256 -6.41 -24.08 -5.04
N ILE C 257 -6.52 -23.15 -5.99
CA ILE C 257 -7.57 -22.15 -5.98
C ILE C 257 -8.85 -22.77 -6.50
N TYR C 258 -9.95 -22.47 -5.83
CA TYR C 258 -11.18 -23.24 -5.95
C TYR C 258 -12.31 -22.30 -6.35
N HIS C 259 -12.73 -22.37 -7.61
CA HIS C 259 -13.89 -21.63 -8.06
C HIS C 259 -14.96 -22.62 -8.47
N VAL C 260 -16.23 -22.25 -8.33
CA VAL C 260 -17.34 -23.06 -8.83
C VAL C 260 -18.09 -22.27 -9.88
N ILE C 261 -18.08 -22.77 -11.11
CA ILE C 261 -18.83 -22.14 -12.20
C ILE C 261 -20.30 -22.48 -12.03
N ASP C 262 -21.14 -21.47 -12.05
CA ASP C 262 -22.58 -21.63 -11.94
C ASP C 262 -23.23 -20.98 -13.16
N SER C 263 -24.56 -21.12 -13.23
CA SER C 263 -25.30 -20.60 -14.37
C SER C 263 -25.08 -19.10 -14.56
N ASN C 264 -24.80 -18.38 -13.48
CA ASN C 264 -24.50 -16.95 -13.58
C ASN C 264 -23.10 -16.67 -14.12
N SER C 265 -22.18 -17.62 -13.97
CA SER C 265 -20.80 -17.39 -14.38
C SER C 265 -20.69 -17.26 -15.90
N PRO C 266 -19.71 -16.49 -16.38
CA PRO C 266 -19.58 -16.29 -17.84
C PRO C 266 -19.03 -17.49 -18.57
N LEU C 267 -18.24 -18.32 -17.90
CA LEU C 267 -17.64 -19.49 -18.52
C LEU C 267 -18.61 -20.66 -18.62
N TYR C 268 -19.81 -20.52 -18.06
CA TYR C 268 -20.73 -21.62 -17.83
C TYR C 268 -21.30 -22.23 -19.12
N ASP C 269 -21.13 -21.59 -20.28
CA ASP C 269 -21.83 -22.02 -21.48
C ASP C 269 -21.04 -22.96 -22.38
N LEU C 270 -19.72 -23.09 -22.18
CA LEU C 270 -18.90 -23.81 -23.15
C LEU C 270 -19.14 -25.32 -23.08
N ALA C 271 -18.56 -26.04 -24.06
CA ALA C 271 -18.66 -27.48 -24.22
C ALA C 271 -17.29 -28.15 -24.02
N PRO C 272 -17.27 -29.38 -23.48
CA PRO C 272 -15.98 -30.02 -23.17
C PRO C 272 -15.23 -30.54 -24.38
N SER C 273 -15.90 -30.77 -25.51
CA SER C 273 -15.21 -31.27 -26.69
C SER C 273 -14.77 -30.16 -27.63
N ASP C 274 -15.28 -28.95 -27.46
CA ASP C 274 -14.94 -27.84 -28.33
C ASP C 274 -13.80 -26.99 -27.80
N LEU C 275 -13.35 -27.26 -26.57
CA LEU C 275 -12.30 -26.43 -25.97
C LEU C 275 -10.91 -26.83 -26.44
N HIS C 276 -10.67 -28.12 -26.68
CA HIS C 276 -9.30 -28.59 -26.86
C HIS C 276 -8.66 -28.01 -28.10
N HIS C 277 -9.41 -27.81 -29.17
CA HIS C 277 -8.79 -27.46 -30.45
C HIS C 277 -9.21 -26.11 -30.99
N HIS C 278 -10.50 -25.86 -31.13
CA HIS C 278 -11.00 -24.78 -31.97
C HIS C 278 -11.12 -23.47 -31.22
N GLN C 279 -11.88 -23.46 -30.13
CA GLN C 279 -12.22 -22.23 -29.43
C GLN C 279 -10.97 -21.48 -29.00
N ASP C 280 -11.11 -20.16 -28.83
CA ASP C 280 -10.03 -19.29 -28.39
C ASP C 280 -10.44 -18.62 -27.07
N LEU C 281 -10.04 -19.24 -25.96
CA LEU C 281 -10.39 -18.76 -24.62
C LEU C 281 -9.13 -18.71 -23.77
N GLU C 282 -8.70 -17.51 -23.41
CA GLU C 282 -7.58 -17.33 -22.49
C GLU C 282 -8.13 -17.01 -21.12
N ILE C 283 -7.73 -17.80 -20.13
CA ILE C 283 -8.07 -17.56 -18.73
C ILE C 283 -6.78 -17.14 -18.04
N ILE C 284 -6.71 -15.89 -17.63
CA ILE C 284 -5.50 -15.37 -16.98
C ILE C 284 -5.78 -15.21 -15.50
N VAL C 285 -4.74 -15.34 -14.71
CA VAL C 285 -4.82 -15.04 -13.29
C VAL C 285 -3.75 -14.01 -12.95
N ILE C 286 -4.13 -13.05 -12.12
CA ILE C 286 -3.24 -12.00 -11.67
C ILE C 286 -3.23 -12.08 -10.15
N LEU C 287 -2.10 -12.50 -9.60
CA LEU C 287 -1.93 -12.52 -8.15
C LEU C 287 -1.08 -11.34 -7.73
N GLU C 288 -1.60 -10.53 -6.82
CA GLU C 288 -0.93 -9.34 -6.32
C GLU C 288 -0.55 -9.57 -4.86
N GLY C 289 0.47 -8.86 -4.41
CA GLY C 289 0.82 -8.94 -3.01
C GLY C 289 2.07 -8.14 -2.76
N VAL C 290 2.27 -7.68 -1.55
CA VAL C 290 3.45 -6.90 -1.22
C VAL C 290 4.44 -7.79 -0.50
N VAL C 291 5.69 -7.80 -0.96
CA VAL C 291 6.73 -8.59 -0.30
C VAL C 291 7.10 -7.96 1.05
N GLU C 292 7.59 -8.80 1.95
CA GLU C 292 7.79 -8.36 3.32
C GLU C 292 8.88 -7.31 3.43
N THR C 293 10.11 -7.65 3.00
CA THR C 293 11.29 -6.89 3.39
C THR C 293 11.39 -5.56 2.65
N THR C 294 11.08 -5.53 1.37
CA THR C 294 11.15 -4.25 0.66
C THR C 294 9.90 -3.43 0.90
N GLY C 295 8.74 -4.08 0.97
CA GLY C 295 7.48 -3.38 1.12
C GLY C 295 6.79 -3.03 -0.17
N ILE C 296 7.45 -3.25 -1.32
CA ILE C 296 6.83 -2.95 -2.61
C ILE C 296 5.71 -3.94 -2.89
N THR C 297 4.82 -3.56 -3.82
CA THR C 297 3.71 -4.42 -4.21
C THR C 297 4.01 -5.02 -5.57
N THR C 298 4.22 -6.33 -5.62
CA THR C 298 4.50 -7.04 -6.85
C THR C 298 3.27 -7.84 -7.24
N GLN C 299 3.30 -8.38 -8.45
CA GLN C 299 2.21 -9.24 -8.90
C GLN C 299 2.78 -10.22 -9.91
N ALA C 300 1.95 -11.18 -10.30
CA ALA C 300 2.33 -12.14 -11.33
C ALA C 300 1.10 -12.45 -12.17
N ARG C 301 1.34 -12.65 -13.46
CA ARG C 301 0.29 -12.81 -14.45
C ARG C 301 0.55 -14.05 -15.27
N THR C 302 -0.45 -14.89 -15.44
CA THR C 302 -0.28 -16.01 -16.35
C THR C 302 -1.55 -16.31 -17.10
N SER C 303 -1.39 -16.91 -18.29
CA SER C 303 -2.47 -17.26 -19.20
C SER C 303 -2.60 -18.76 -19.34
N TYR C 304 -3.84 -19.22 -19.52
CA TYR C 304 -4.11 -20.60 -19.89
C TYR C 304 -4.99 -20.58 -21.14
N LEU C 305 -4.51 -21.24 -22.20
CA LEU C 305 -5.21 -21.24 -23.47
C LEU C 305 -6.24 -22.36 -23.50
N ALA C 306 -7.04 -22.38 -24.57
CA ALA C 306 -8.01 -23.44 -24.76
C ALA C 306 -7.34 -24.78 -25.02
N ASP C 307 -6.13 -24.76 -25.58
CA ASP C 307 -5.40 -26.00 -25.82
C ASP C 307 -4.58 -26.44 -24.60
N GLU C 308 -4.34 -25.56 -23.63
CA GLU C 308 -3.58 -25.91 -22.43
C GLU C 308 -4.45 -26.61 -21.39
N ILE C 309 -5.69 -26.14 -21.23
CA ILE C 309 -6.56 -26.69 -20.21
C ILE C 309 -7.10 -28.05 -20.66
N LEU C 310 -7.38 -28.92 -19.69
CA LEU C 310 -7.92 -30.24 -19.97
C LEU C 310 -9.06 -30.54 -19.00
N TRP C 311 -9.70 -31.69 -19.18
CA TRP C 311 -10.99 -31.99 -18.56
C TRP C 311 -10.92 -33.26 -17.72
N GLY C 312 -11.64 -33.25 -16.60
CA GLY C 312 -11.86 -34.44 -15.80
C GLY C 312 -10.63 -35.15 -15.27
N GLN C 313 -9.92 -34.53 -14.32
CA GLN C 313 -8.72 -35.10 -13.72
C GLN C 313 -8.65 -34.68 -12.26
N ARG C 314 -7.57 -35.08 -11.58
CA ARG C 314 -7.36 -34.59 -10.22
C ARG C 314 -5.87 -34.56 -9.92
N PHE C 315 -5.43 -33.51 -9.24
CA PHE C 315 -4.04 -33.41 -8.85
C PHE C 315 -3.71 -34.42 -7.75
N VAL C 316 -2.42 -34.70 -7.61
CA VAL C 316 -1.95 -35.63 -6.58
C VAL C 316 -1.68 -34.84 -5.30
N PRO C 317 -2.06 -35.35 -4.13
CA PRO C 317 -1.79 -34.62 -2.88
C PRO C 317 -0.29 -34.42 -2.64
N ILE C 318 0.10 -33.16 -2.50
CA ILE C 318 1.50 -32.81 -2.27
C ILE C 318 1.86 -32.96 -0.80
N VAL C 319 1.15 -32.24 0.08
CA VAL C 319 1.49 -32.21 1.49
C VAL C 319 1.39 -33.60 2.09
N ALA C 320 2.36 -33.95 2.92
CA ALA C 320 2.35 -35.24 3.58
C ALA C 320 2.87 -35.09 5.00
N GLU C 321 2.27 -35.83 5.92
CA GLU C 321 2.71 -35.78 7.31
C GLU C 321 4.05 -36.49 7.42
N GLU C 322 5.12 -35.72 7.43
CA GLU C 322 6.44 -36.26 7.70
C GLU C 322 6.75 -36.14 9.19
N ASP C 323 7.98 -36.54 9.53
CA ASP C 323 8.42 -37.05 10.81
C ASP C 323 7.76 -36.30 11.96
N GLY C 324 7.88 -34.99 11.93
CA GLY C 324 7.16 -34.17 12.88
C GLY C 324 6.62 -32.92 12.21
N ARG C 325 6.61 -32.89 10.88
CA ARG C 325 6.22 -31.68 10.16
C ARG C 325 5.36 -32.04 8.97
N TYR C 326 5.18 -31.07 8.07
CA TYR C 326 4.53 -31.30 6.80
C TYR C 326 5.57 -31.16 5.70
N SER C 327 5.81 -32.24 4.98
CA SER C 327 6.72 -32.22 3.85
C SER C 327 5.89 -31.93 2.59
N VAL C 328 6.39 -31.02 1.76
CA VAL C 328 5.80 -30.73 0.46
C VAL C 328 6.76 -31.22 -0.62
N ASP C 329 6.26 -32.04 -1.53
CA ASP C 329 7.06 -32.58 -2.63
C ASP C 329 6.63 -31.89 -3.92
N TYR C 330 7.55 -31.13 -4.51
CA TYR C 330 7.25 -30.40 -5.73
C TYR C 330 7.45 -31.22 -6.99
N SER C 331 7.84 -32.49 -6.86
CA SER C 331 7.92 -33.37 -8.02
C SER C 331 6.54 -33.68 -8.57
N LYS C 332 5.59 -33.94 -7.67
CA LYS C 332 4.21 -34.19 -8.05
C LYS C 332 3.42 -32.91 -8.26
N PHE C 333 4.08 -31.75 -8.22
CA PHE C 333 3.37 -30.49 -8.37
C PHE C 333 2.50 -30.50 -9.62
N GLY C 334 3.10 -30.81 -10.77
CA GLY C 334 2.37 -30.89 -12.01
C GLY C 334 1.82 -32.26 -12.35
N ASN C 335 1.81 -33.21 -11.40
CA ASN C 335 1.30 -34.53 -11.70
C ASN C 335 -0.22 -34.57 -11.58
N THR C 336 -0.82 -35.54 -12.27
CA THR C 336 -2.26 -35.59 -12.47
C THR C 336 -2.71 -37.04 -12.60
N ILE C 337 -3.86 -37.36 -12.01
CA ILE C 337 -4.42 -38.70 -12.07
C ILE C 337 -5.80 -38.64 -12.71
N LYS C 338 -6.17 -39.75 -13.34
CA LYS C 338 -7.48 -39.89 -13.97
C LYS C 338 -8.55 -40.08 -12.93
N VAL C 339 -9.73 -39.51 -13.18
CA VAL C 339 -10.87 -39.65 -12.28
C VAL C 339 -12.13 -39.92 -13.10
N PRO C 340 -12.88 -40.96 -12.76
CA PRO C 340 -14.12 -41.25 -13.52
C PRO C 340 -15.23 -40.26 -13.22
N THR C 341 -15.20 -39.09 -13.89
CA THR C 341 -16.24 -38.09 -13.74
C THR C 341 -17.00 -37.91 -15.07
N PRO C 342 -18.30 -37.63 -15.01
CA PRO C 342 -19.07 -37.47 -16.25
C PRO C 342 -18.59 -36.27 -17.07
N LEU C 343 -18.56 -36.45 -18.38
CA LEU C 343 -18.09 -35.44 -19.33
C LEU C 343 -19.29 -34.86 -20.07
N CYS C 344 -19.58 -33.59 -19.82
CA CYS C 344 -20.70 -32.91 -20.45
C CYS C 344 -20.54 -31.41 -20.28
N THR C 345 -21.37 -30.65 -21.00
CA THR C 345 -21.28 -29.19 -20.96
C THR C 345 -21.93 -28.65 -19.70
N ALA C 346 -21.37 -27.55 -19.19
CA ALA C 346 -21.85 -26.97 -17.93
C ALA C 346 -23.31 -26.54 -18.03
N ARG C 347 -23.72 -26.05 -19.20
CA ARG C 347 -25.14 -25.77 -19.41
C ARG C 347 -25.95 -27.05 -19.37
N GLN C 348 -25.53 -28.06 -20.14
CA GLN C 348 -26.21 -29.35 -20.11
C GLN C 348 -26.06 -30.03 -18.75
N LEU C 349 -24.95 -29.81 -18.06
CA LEU C 349 -24.81 -30.37 -16.72
C LEU C 349 -25.76 -29.70 -15.75
N ASP C 350 -26.01 -28.40 -15.91
CA ASP C 350 -26.97 -27.73 -15.06
C ASP C 350 -28.39 -28.19 -15.38
N GLU C 351 -28.67 -28.45 -16.65
CA GLU C 351 -29.98 -29.00 -17.02
C GLU C 351 -30.16 -30.41 -16.46
N ASP C 352 -29.09 -31.21 -16.45
CA ASP C 352 -29.17 -32.54 -15.84
C ASP C 352 -29.29 -32.46 -14.33
N ARG C 353 -28.68 -31.45 -13.70
CA ARG C 353 -28.88 -31.24 -12.27
C ARG C 353 -30.32 -30.84 -11.98
N SER C 354 -30.92 -30.04 -12.86
CA SER C 354 -32.36 -29.80 -12.78
C SER C 354 -33.14 -31.10 -12.95
N LEU C 355 -32.61 -32.03 -13.74
CA LEU C 355 -33.20 -33.36 -13.87
C LEU C 355 -32.66 -34.35 -12.85
N LEU C 356 -31.58 -34.02 -12.15
CA LEU C 356 -31.00 -34.91 -11.15
C LEU C 356 -30.10 -34.13 -10.17
N ASN D 24 48.05 35.28 -29.35
CA ASN D 24 47.60 34.14 -28.58
C ASN D 24 46.79 33.17 -29.42
N GLY D 25 47.41 32.64 -30.49
CA GLY D 25 46.68 31.77 -31.40
C GLY D 25 46.16 30.51 -30.74
N CYS D 26 47.04 29.84 -29.98
CA CYS D 26 46.60 28.63 -29.29
C CYS D 26 45.47 28.93 -28.31
N PHE D 27 45.47 30.12 -27.70
CA PHE D 27 44.40 30.49 -26.79
C PHE D 27 43.06 30.54 -27.51
N VAL D 28 43.03 31.13 -28.71
CA VAL D 28 41.78 31.20 -29.45
C VAL D 28 41.39 29.82 -29.98
N ASP D 29 42.37 28.99 -30.33
CA ASP D 29 42.05 27.62 -30.72
C ASP D 29 41.35 26.88 -29.60
N ALA D 30 41.87 26.99 -28.38
CA ALA D 30 41.22 26.35 -27.24
C ALA D 30 39.84 26.93 -26.99
N LEU D 31 39.72 28.25 -27.06
CA LEU D 31 38.42 28.89 -26.87
C LEU D 31 37.40 28.38 -27.89
N ASN D 32 37.85 28.02 -29.08
CA ASN D 32 36.95 27.40 -30.05
C ASN D 32 36.64 25.95 -29.68
N VAL D 33 37.62 25.23 -29.15
CA VAL D 33 37.40 23.83 -28.80
C VAL D 33 36.34 23.70 -27.72
N VAL D 34 36.24 24.70 -26.83
CA VAL D 34 35.34 24.57 -25.67
C VAL D 34 33.89 24.31 -26.05
N PRO D 35 33.22 25.11 -26.88
CA PRO D 35 31.76 24.91 -27.06
C PRO D 35 31.39 23.59 -27.72
N HIS D 36 32.20 23.11 -28.66
CA HIS D 36 31.97 21.77 -29.21
C HIS D 36 31.95 20.75 -28.09
N VAL D 37 32.88 20.88 -27.14
CA VAL D 37 32.94 19.97 -26.00
C VAL D 37 31.66 20.08 -25.17
N PHE D 38 31.20 21.30 -24.92
CA PHE D 38 29.98 21.49 -24.14
C PHE D 38 28.80 20.75 -24.78
N LEU D 39 28.65 20.90 -26.10
CA LEU D 39 27.52 20.28 -26.79
C LEU D 39 27.67 18.75 -26.84
N LEU D 40 28.87 18.27 -27.16
CA LEU D 40 29.09 16.83 -27.16
C LEU D 40 28.89 16.21 -25.79
N PHE D 41 29.00 17.00 -24.73
CA PHE D 41 28.79 16.45 -23.42
C PHE D 41 27.32 16.46 -23.00
N ILE D 42 26.58 17.51 -23.39
CA ILE D 42 25.15 17.48 -23.11
C ILE D 42 24.41 16.50 -24.01
N THR D 43 24.94 16.18 -25.19
CA THR D 43 24.19 15.31 -26.09
C THR D 43 24.16 13.87 -25.62
N PHE D 44 25.13 13.45 -24.81
CA PHE D 44 25.30 12.03 -24.58
C PHE D 44 24.28 11.43 -23.63
N PRO D 45 23.89 12.12 -22.55
CA PRO D 45 22.78 11.59 -21.74
C PRO D 45 21.51 11.41 -22.54
N ILE D 46 21.08 12.45 -23.24
CA ILE D 46 19.83 12.36 -23.99
C ILE D 46 19.96 11.34 -25.10
N LEU D 47 21.08 11.32 -25.80
CA LEU D 47 21.26 10.34 -26.86
C LEU D 47 21.27 8.93 -26.31
N PHE D 48 21.77 8.73 -25.08
CA PHE D 48 21.83 7.39 -24.53
C PHE D 48 20.50 6.93 -23.95
N ILE D 49 19.68 7.87 -23.46
CA ILE D 49 18.33 7.53 -23.06
C ILE D 49 17.51 7.19 -24.30
N GLY D 50 17.64 7.99 -25.36
CA GLY D 50 16.89 7.73 -26.58
C GLY D 50 17.34 6.48 -27.29
N TRP D 51 18.62 6.11 -27.15
CA TRP D 51 19.10 4.88 -27.79
C TRP D 51 18.83 3.64 -26.94
N GLY D 52 18.75 3.79 -25.63
CA GLY D 52 18.46 2.68 -24.75
C GLY D 52 17.02 2.20 -24.80
N SER D 63 4.69 6.46 -33.78
CA SER D 63 5.18 6.60 -35.15
C SER D 63 4.60 7.84 -35.84
N THR D 64 4.90 9.01 -35.29
CA THR D 64 4.46 10.29 -35.86
C THR D 64 5.68 11.17 -36.10
N TRP D 65 5.83 11.63 -37.34
CA TRP D 65 6.95 12.49 -37.74
C TRP D 65 6.48 13.94 -37.79
N LEU D 66 7.11 14.79 -36.98
CA LEU D 66 6.83 16.22 -36.94
C LEU D 66 8.00 16.94 -37.60
N HIS D 67 7.71 17.75 -38.62
CA HIS D 67 8.72 18.50 -39.33
C HIS D 67 8.63 19.98 -38.98
N PHE D 68 9.79 20.63 -38.97
CA PHE D 68 9.86 22.04 -38.63
C PHE D 68 10.34 22.85 -39.84
N PRO D 69 9.92 24.12 -39.95
CA PRO D 69 10.42 24.94 -41.05
C PRO D 69 11.93 25.07 -41.00
N GLY D 70 12.56 25.01 -42.17
CA GLY D 70 14.00 25.05 -42.28
C GLY D 70 14.68 23.72 -42.14
N HIS D 71 13.92 22.63 -42.03
CA HIS D 71 14.50 21.31 -41.89
C HIS D 71 15.44 21.00 -43.04
N ASN D 72 14.95 21.10 -44.27
CA ASN D 72 15.79 20.83 -45.44
C ASN D 72 16.94 21.82 -45.54
N LEU D 73 16.67 23.09 -45.24
CA LEU D 73 17.75 24.07 -45.18
C LEU D 73 18.76 23.68 -44.11
N ARG D 74 18.28 23.18 -42.96
CA ARG D 74 19.21 22.78 -41.91
C ARG D 74 20.12 21.66 -42.38
N TRP D 75 19.56 20.65 -43.03
CA TRP D 75 20.38 19.53 -43.47
C TRP D 75 21.35 19.95 -44.58
N ILE D 76 20.89 20.78 -45.51
CA ILE D 76 21.79 21.29 -46.55
C ILE D 76 22.96 22.02 -45.91
N LEU D 77 22.66 22.95 -44.99
CA LEU D 77 23.72 23.67 -44.32
C LEU D 77 24.62 22.74 -43.54
N THR D 78 24.07 21.67 -42.97
CA THR D 78 24.91 20.74 -42.21
C THR D 78 25.87 19.99 -43.12
N PHE D 79 25.43 19.64 -44.33
CA PHE D 79 26.35 19.03 -45.27
C PHE D 79 27.43 20.01 -45.72
N ILE D 80 27.05 21.28 -45.89
CA ILE D 80 28.06 22.27 -46.23
C ILE D 80 29.07 22.42 -45.10
N LEU D 81 28.60 22.34 -43.85
CA LEU D 81 29.51 22.35 -42.70
C LEU D 81 30.45 21.17 -42.74
N LEU D 82 29.92 19.98 -43.03
CA LEU D 82 30.75 18.80 -43.17
C LEU D 82 31.88 19.06 -44.17
N PHE D 83 31.53 19.63 -45.32
CA PHE D 83 32.54 19.91 -46.35
C PHE D 83 33.60 20.89 -45.84
N VAL D 84 33.17 22.01 -45.27
CA VAL D 84 34.13 23.01 -44.80
C VAL D 84 35.00 22.44 -43.68
N LEU D 85 34.46 21.52 -42.89
CA LEU D 85 35.26 20.91 -41.84
C LEU D 85 36.31 19.98 -42.41
N VAL D 86 35.97 19.26 -43.48
CA VAL D 86 36.99 18.49 -44.19
C VAL D 86 38.11 19.41 -44.66
N CYS D 87 37.75 20.59 -45.18
CA CYS D 87 38.77 21.53 -45.64
C CYS D 87 39.64 22.00 -44.48
N GLU D 88 39.03 22.26 -43.32
CA GLU D 88 39.81 22.67 -42.16
C GLU D 88 40.79 21.60 -41.71
N ILE D 89 40.35 20.34 -41.75
CA ILE D 89 41.25 19.24 -41.42
C ILE D 89 42.42 19.21 -42.41
N ALA D 90 42.13 19.46 -43.69
CA ALA D 90 43.20 19.56 -44.67
C ALA D 90 44.21 20.65 -44.31
N GLU D 91 43.71 21.82 -43.90
CA GLU D 91 44.60 22.89 -43.47
C GLU D 91 45.45 22.46 -42.28
N GLY D 92 44.83 21.79 -41.31
CA GLY D 92 45.56 21.35 -40.14
C GLY D 92 46.63 20.33 -40.48
N ILE D 93 46.38 19.49 -41.46
CA ILE D 93 47.42 18.57 -41.92
C ILE D 93 48.55 19.32 -42.60
N LEU D 94 48.20 20.33 -43.41
CA LEU D 94 49.24 21.08 -44.11
C LEU D 94 50.13 21.83 -43.13
N SER D 95 49.55 22.36 -42.07
CA SER D 95 50.34 23.17 -41.14
C SER D 95 51.29 22.30 -40.33
N ASP D 96 50.78 21.25 -39.70
CA ASP D 96 51.59 20.41 -38.81
C ASP D 96 52.71 19.70 -39.56
N HIS D 103 51.81 20.06 -33.49
CA HIS D 103 50.85 21.06 -33.04
C HIS D 103 49.40 20.55 -33.06
N LEU D 104 49.03 19.75 -32.06
CA LEU D 104 47.68 19.18 -31.99
C LEU D 104 46.64 20.27 -31.79
N HIS D 105 46.87 21.14 -30.81
CA HIS D 105 45.92 22.18 -30.41
C HIS D 105 45.60 23.15 -31.55
N LEU D 106 46.35 23.11 -32.65
CA LEU D 106 46.10 24.01 -33.76
C LEU D 106 45.09 23.47 -34.76
N TYR D 107 44.92 22.16 -34.86
CA TYR D 107 43.90 21.60 -35.74
C TYR D 107 42.82 20.84 -34.98
N MET D 108 42.84 20.85 -33.65
CA MET D 108 41.72 20.22 -32.95
C MET D 108 40.35 20.85 -33.20
N PRO D 109 40.22 22.19 -33.37
CA PRO D 109 38.87 22.75 -33.55
C PRO D 109 38.05 22.10 -34.65
N ALA D 110 38.68 21.72 -35.77
CA ALA D 110 37.95 21.07 -36.85
C ALA D 110 37.45 19.70 -36.42
N GLY D 111 38.33 18.89 -35.83
CA GLY D 111 37.93 17.58 -35.35
C GLY D 111 36.85 17.63 -34.29
N MET D 112 36.74 18.74 -33.57
CA MET D 112 35.66 18.85 -32.59
C MET D 112 34.37 19.34 -33.22
N ALA D 113 34.43 20.32 -34.10
CA ALA D 113 33.23 20.76 -34.80
C ALA D 113 32.64 19.64 -35.63
N PHE D 114 33.46 18.70 -36.08
CA PHE D 114 32.96 17.55 -36.83
C PHE D 114 31.98 16.74 -35.99
N MET D 115 32.43 16.31 -34.81
CA MET D 115 31.54 15.58 -33.92
C MET D 115 30.41 16.46 -33.41
N ALA D 116 30.64 17.77 -33.27
CA ALA D 116 29.56 18.64 -32.82
C ALA D 116 28.45 18.73 -33.86
N ALA D 117 28.79 18.83 -35.14
CA ALA D 117 27.78 18.86 -36.19
C ALA D 117 27.09 17.52 -36.33
N ILE D 118 27.83 16.42 -36.21
CA ILE D 118 27.18 15.12 -36.25
C ILE D 118 26.22 14.97 -35.07
N THR D 119 26.62 15.47 -33.90
CA THR D 119 25.72 15.38 -32.76
C THR D 119 24.55 16.35 -32.88
N SER D 120 24.73 17.47 -33.57
CA SER D 120 23.60 18.32 -33.88
C SER D 120 22.63 17.60 -34.79
N VAL D 121 23.15 16.84 -35.75
CA VAL D 121 22.28 16.00 -36.58
C VAL D 121 21.55 14.97 -35.72
N VAL D 122 22.25 14.37 -34.76
CA VAL D 122 21.61 13.38 -33.91
C VAL D 122 20.52 14.04 -33.06
N TYR D 123 20.79 15.22 -32.55
CA TYR D 123 19.76 15.97 -31.83
C TYR D 123 18.56 16.24 -32.70
N TYR D 124 18.81 16.69 -33.93
CA TYR D 124 17.67 17.04 -34.77
C TYR D 124 16.89 15.81 -35.17
N HIS D 125 17.54 14.66 -35.30
CA HIS D 125 16.79 13.44 -35.52
C HIS D 125 15.94 13.10 -34.30
N ASN D 126 16.52 13.26 -33.10
CA ASN D 126 15.79 12.99 -31.87
C ASN D 126 14.64 13.96 -31.64
N ILE D 127 14.72 15.15 -32.22
CA ILE D 127 13.63 16.10 -32.11
C ILE D 127 12.58 15.88 -33.19
N GLU D 128 12.99 15.52 -34.40
CA GLU D 128 12.00 15.17 -35.41
C GLU D 128 11.18 13.97 -34.96
N THR D 129 11.81 13.03 -34.25
CA THR D 129 11.04 11.86 -33.82
C THR D 129 10.12 12.20 -32.66
N SER D 130 10.53 13.09 -31.76
CA SER D 130 9.67 13.52 -30.65
C SER D 130 9.95 14.98 -30.37
N ASN D 131 8.91 15.80 -30.40
CA ASN D 131 9.13 17.24 -30.33
C ASN D 131 9.32 17.71 -28.90
N PHE D 132 10.12 18.76 -28.74
CA PHE D 132 10.37 19.39 -27.45
C PHE D 132 10.64 20.86 -27.68
N PRO D 133 10.37 21.70 -26.70
CA PRO D 133 10.79 23.10 -26.78
C PRO D 133 12.18 23.30 -26.21
N LYS D 134 12.67 22.33 -25.45
CA LYS D 134 13.92 22.57 -24.71
C LYS D 134 15.14 22.12 -25.50
N LEU D 135 15.07 20.98 -26.17
CA LEU D 135 16.22 20.54 -26.94
C LEU D 135 16.64 21.59 -27.96
N LEU D 136 15.67 22.28 -28.57
CA LEU D 136 15.97 23.34 -29.53
C LEU D 136 16.78 24.46 -28.89
N ILE D 137 16.34 24.95 -27.72
CA ILE D 137 17.15 25.93 -27.01
C ILE D 137 18.53 25.37 -26.71
N ALA D 138 18.61 24.09 -26.39
CA ALA D 138 19.91 23.47 -26.20
C ALA D 138 20.76 23.58 -27.46
N LEU D 139 20.16 23.55 -28.64
CA LEU D 139 20.99 23.78 -29.81
C LEU D 139 21.34 25.26 -29.93
N LEU D 140 20.38 26.12 -29.61
CA LEU D 140 20.56 27.55 -29.88
C LEU D 140 21.72 28.10 -29.07
N ILE D 141 21.87 27.63 -27.84
CA ILE D 141 22.99 28.09 -27.00
C ILE D 141 24.31 27.81 -27.68
N TYR D 142 24.49 26.57 -28.16
CA TYR D 142 25.73 26.20 -28.81
C TYR D 142 25.98 27.03 -30.05
N TRP D 143 24.93 27.26 -30.86
CA TRP D 143 25.14 28.06 -32.06
C TRP D 143 25.66 29.45 -31.70
N THR D 144 25.04 30.09 -30.70
CA THR D 144 25.49 31.44 -30.33
C THR D 144 26.94 31.44 -29.88
N LEU D 145 27.32 30.46 -29.05
CA LEU D 145 28.69 30.47 -28.54
C LEU D 145 29.69 30.20 -29.65
N ALA D 146 29.37 29.30 -30.58
CA ALA D 146 30.29 29.04 -31.68
C ALA D 146 30.44 30.27 -32.57
N PHE D 147 29.35 31.00 -32.77
CA PHE D 147 29.43 32.25 -33.54
C PHE D 147 30.35 33.24 -32.87
N ILE D 148 30.25 33.37 -31.54
CA ILE D 148 31.13 34.28 -30.82
C ILE D 148 32.60 33.91 -31.01
N THR D 149 32.92 32.64 -30.84
CA THR D 149 34.32 32.22 -30.98
C THR D 149 34.83 32.47 -32.39
N LYS D 150 34.03 32.17 -33.41
CA LYS D 150 34.45 32.41 -34.77
C LYS D 150 34.67 33.90 -35.05
N THR D 151 33.82 34.76 -34.46
CA THR D 151 34.00 36.20 -34.61
C THR D 151 35.32 36.64 -34.02
N ILE D 152 35.67 36.14 -32.84
CA ILE D 152 36.95 36.52 -32.23
C ILE D 152 38.10 36.08 -33.14
N LYS D 153 38.02 34.86 -33.69
CA LYS D 153 39.05 34.41 -34.62
C LYS D 153 39.18 35.36 -35.80
N PHE D 154 38.04 35.77 -36.38
CA PHE D 154 38.08 36.63 -37.56
C PHE D 154 38.71 37.98 -37.24
N VAL D 155 38.37 38.57 -36.09
CA VAL D 155 38.94 39.86 -35.73
C VAL D 155 40.45 39.74 -35.58
N LYS D 156 40.90 38.76 -34.79
CA LYS D 156 42.34 38.62 -34.57
C LYS D 156 43.08 38.31 -35.85
N PHE D 157 42.41 37.68 -36.83
CA PHE D 157 43.07 37.46 -38.11
C PHE D 157 43.14 38.75 -38.91
N TYR D 158 42.06 39.55 -38.89
CA TYR D 158 42.04 40.80 -39.63
C TYR D 158 43.14 41.74 -39.15
N ASP D 159 43.39 41.75 -37.84
CA ASP D 159 44.46 42.63 -37.34
C ASP D 159 45.81 42.26 -37.92
N HIS D 160 45.99 41.01 -38.34
CA HIS D 160 47.25 40.59 -38.94
C HIS D 160 47.14 40.59 -40.46
N LEU D 167 44.76 31.20 -46.74
CA LEU D 167 43.79 30.11 -46.88
C LEU D 167 42.84 30.08 -45.69
N ARG D 168 43.39 30.34 -44.49
CA ARG D 168 42.58 30.29 -43.28
C ARG D 168 41.40 31.24 -43.37
N PHE D 169 41.61 32.41 -43.98
CA PHE D 169 40.60 33.46 -43.99
C PHE D 169 39.30 32.98 -44.62
N CYS D 170 39.39 32.35 -45.80
CA CYS D 170 38.19 31.93 -46.51
C CYS D 170 37.42 30.86 -45.74
N LEU D 171 38.12 29.87 -45.21
CA LEU D 171 37.44 28.80 -44.47
C LEU D 171 36.74 29.35 -43.24
N THR D 172 37.44 30.20 -42.47
CA THR D 172 36.81 30.77 -41.29
C THR D 172 35.57 31.59 -41.65
N GLY D 173 35.66 32.36 -42.74
CA GLY D 173 34.49 33.14 -43.15
C GLY D 173 33.32 32.27 -43.55
N LEU D 174 33.57 31.21 -44.31
CA LEU D 174 32.49 30.30 -44.70
C LEU D 174 31.83 29.69 -43.48
N LEU D 175 32.63 29.26 -42.51
CA LEU D 175 32.05 28.71 -41.28
C LEU D 175 31.20 29.74 -40.56
N VAL D 176 31.67 31.00 -40.52
CA VAL D 176 30.89 32.05 -39.87
C VAL D 176 29.53 32.19 -40.54
N ILE D 177 29.52 32.25 -41.87
CA ILE D 177 28.27 32.44 -42.59
C ILE D 177 27.32 31.28 -42.34
N LEU D 178 27.84 30.04 -42.38
CA LEU D 178 26.99 28.88 -42.18
C LEU D 178 26.39 28.86 -40.77
N TYR D 179 27.22 29.11 -39.75
CA TYR D 179 26.70 29.12 -38.39
C TYR D 179 25.66 30.22 -38.22
N GLY D 180 25.88 31.38 -38.84
CA GLY D 180 24.89 32.44 -38.75
C GLY D 180 23.56 32.06 -39.38
N MET D 181 23.61 31.42 -40.55
CA MET D 181 22.36 31.00 -41.19
C MET D 181 21.64 29.96 -40.37
N LEU D 182 22.39 29.03 -39.75
CA LEU D 182 21.74 28.04 -38.89
C LEU D 182 21.12 28.71 -37.65
N LEU D 183 21.79 29.74 -37.12
CA LEU D 183 21.21 30.53 -36.03
C LEU D 183 19.89 31.15 -36.45
N LEU D 184 19.86 31.74 -37.65
CA LEU D 184 18.62 32.34 -38.14
C LEU D 184 17.54 31.30 -38.30
N VAL D 185 17.92 30.08 -38.71
CA VAL D 185 16.95 29.00 -38.81
C VAL D 185 16.36 28.69 -37.43
N GLU D 186 17.21 28.61 -36.41
CA GLU D 186 16.72 28.36 -35.05
C GLU D 186 15.80 29.48 -34.58
N VAL D 187 16.15 30.72 -34.90
CA VAL D 187 15.29 31.84 -34.53
C VAL D 187 13.95 31.74 -35.24
N ASN D 188 13.96 31.32 -36.50
CA ASN D 188 12.70 31.09 -37.20
C ASN D 188 11.88 30.03 -36.50
N VAL D 189 12.54 28.96 -36.03
CA VAL D 189 11.82 27.84 -35.40
C VAL D 189 11.17 28.31 -34.09
N ILE D 190 11.88 29.10 -33.29
CA ILE D 190 11.23 29.60 -32.08
C ILE D 190 10.15 30.61 -32.42
N ARG D 191 10.33 31.38 -33.50
CA ARG D 191 9.30 32.32 -33.93
C ARG D 191 8.04 31.60 -34.37
N VAL D 192 8.17 30.36 -34.83
CA VAL D 192 7.03 29.65 -35.40
C VAL D 192 6.08 29.18 -34.29
N ARG D 193 6.55 28.27 -33.44
CA ARG D 193 5.63 27.55 -32.58
C ARG D 193 5.80 27.81 -31.09
N ARG D 194 6.80 27.26 -30.41
CA ARG D 194 6.89 27.58 -28.98
C ARG D 194 8.23 27.51 -28.23
N TYR D 195 9.25 28.23 -28.68
CA TYR D 195 10.51 28.20 -27.95
C TYR D 195 10.33 28.82 -26.55
N ILE D 196 9.69 29.99 -26.52
CA ILE D 196 9.38 30.73 -25.30
C ILE D 196 8.09 31.51 -25.51
N PHE D 197 7.88 31.84 -26.79
CA PHE D 197 6.75 32.62 -27.27
C PHE D 197 5.53 32.39 -26.36
N PHE D 198 4.49 33.20 -26.55
CA PHE D 198 3.32 33.11 -25.66
C PHE D 198 2.71 31.72 -25.52
N LYS D 199 2.36 31.43 -24.28
CA LYS D 199 1.78 30.17 -23.79
C LYS D 199 1.74 28.93 -24.69
N THR D 200 0.71 28.80 -25.51
CA THR D 200 0.55 27.61 -26.33
C THR D 200 1.08 27.68 -27.77
N PRO D 201 1.84 26.67 -28.14
CA PRO D 201 2.39 26.58 -29.51
C PRO D 201 1.38 26.78 -30.62
N ARG D 202 0.16 26.29 -30.45
CA ARG D 202 -0.74 26.16 -31.58
C ARG D 202 -0.04 25.22 -32.54
N GLU D 203 0.54 24.16 -31.97
CA GLU D 203 1.35 23.20 -32.70
C GLU D 203 0.54 22.47 -33.75
N VAL D 204 1.23 22.04 -34.80
CA VAL D 204 0.59 21.61 -36.03
C VAL D 204 -0.36 20.41 -35.91
N LYS D 205 -0.01 19.40 -35.12
CA LYS D 205 -0.87 18.22 -35.13
C LYS D 205 -0.39 17.26 -36.21
N PRO D 206 0.66 16.48 -35.91
CA PRO D 206 1.53 15.87 -36.95
C PRO D 206 0.76 15.37 -38.16
N PRO D 207 1.34 15.53 -39.34
CA PRO D 207 0.60 15.36 -40.60
C PRO D 207 0.00 13.96 -40.74
N GLU D 208 -1.32 13.91 -40.91
CA GLU D 208 -2.01 12.64 -41.08
C GLU D 208 -1.95 12.13 -42.52
N ASP D 209 -1.55 12.96 -43.47
CA ASP D 209 -1.48 12.52 -44.85
C ASP D 209 -0.56 11.31 -44.99
N LEU D 210 0.66 11.42 -44.48
CA LEU D 210 1.65 10.36 -44.60
C LEU D 210 1.87 9.56 -43.32
N GLN D 211 1.17 9.92 -42.24
CA GLN D 211 1.37 9.25 -40.97
C GLN D 211 0.13 8.59 -40.41
N ASP D 212 -1.08 8.99 -40.83
CA ASP D 212 -2.24 8.27 -40.32
C ASP D 212 -2.25 6.84 -40.90
N LEU D 213 -3.45 6.27 -40.89
CA LEU D 213 -3.72 4.83 -40.85
C LEU D 213 -3.03 4.03 -41.94
N GLY D 214 -2.30 2.98 -41.56
CA GLY D 214 -1.69 2.07 -42.51
C GLY D 214 -0.78 2.55 -43.64
N VAL D 215 0.15 3.46 -43.36
CA VAL D 215 1.02 3.92 -44.44
C VAL D 215 2.28 3.05 -44.49
N ARG D 216 2.38 2.25 -45.56
CA ARG D 216 3.52 1.35 -45.74
C ARG D 216 4.63 1.90 -46.64
N PHE D 217 4.41 3.10 -47.17
CA PHE D 217 5.41 3.72 -48.05
C PHE D 217 5.60 5.15 -47.59
N LEU D 218 6.85 5.57 -47.42
CA LEU D 218 7.09 6.93 -46.93
C LEU D 218 8.31 7.48 -47.66
N GLN D 219 8.09 8.02 -48.85
CA GLN D 219 9.12 8.87 -49.39
C GLN D 219 8.96 10.32 -48.90
N PRO D 220 7.76 10.92 -49.00
CA PRO D 220 7.62 12.31 -48.53
C PRO D 220 7.62 12.44 -47.02
N PHE D 221 7.57 11.34 -46.29
CA PHE D 221 7.39 11.36 -44.84
C PHE D 221 8.67 10.98 -44.09
N VAL D 222 9.82 11.40 -44.61
CA VAL D 222 11.08 11.14 -43.92
C VAL D 222 11.94 12.40 -43.88
N ASN D 223 13.15 12.26 -43.38
CA ASN D 223 14.03 13.37 -43.13
C ASN D 223 14.80 13.76 -44.39
N LEU D 224 15.46 14.93 -44.31
CA LEU D 224 16.20 15.47 -45.45
C LEU D 224 17.23 14.48 -45.96
N LEU D 225 18.06 13.94 -45.06
CA LEU D 225 19.21 13.16 -45.51
C LEU D 225 18.82 11.78 -46.00
N SER D 226 17.66 11.28 -45.58
CA SER D 226 17.33 9.90 -45.91
C SER D 226 16.74 9.77 -47.32
N LYS D 227 15.99 10.78 -47.78
CA LYS D 227 15.33 10.69 -49.08
C LYS D 227 16.30 10.34 -50.19
N GLY D 228 17.56 10.79 -50.09
CA GLY D 228 18.52 10.50 -51.14
C GLY D 228 18.96 9.04 -51.16
N THR D 229 19.09 8.42 -49.99
CA THR D 229 19.60 7.07 -49.88
C THR D 229 18.51 6.00 -49.80
N TYR D 230 17.25 6.39 -49.60
CA TYR D 230 16.18 5.44 -49.35
C TYR D 230 16.53 4.54 -48.18
N TRP D 231 16.96 5.17 -47.08
CA TRP D 231 17.28 4.44 -45.85
C TRP D 231 16.04 3.77 -45.28
N TRP D 232 14.89 4.44 -45.36
CA TRP D 232 13.62 3.87 -44.92
C TRP D 232 13.37 2.49 -45.50
N MET D 233 13.84 2.25 -46.72
CA MET D 233 13.58 0.97 -47.38
C MET D 233 14.15 -0.20 -46.60
N ASN D 234 15.19 0.04 -45.78
CA ASN D 234 15.89 -1.04 -45.09
C ASN D 234 14.92 -2.03 -44.45
N ALA D 235 14.13 -1.55 -43.50
CA ALA D 235 13.13 -2.38 -42.83
C ALA D 235 12.39 -3.23 -43.85
N PHE D 236 11.79 -2.58 -44.84
CA PHE D 236 10.97 -3.29 -45.81
C PHE D 236 11.76 -4.42 -46.46
N ILE D 237 12.94 -4.10 -47.00
CA ILE D 237 13.65 -5.17 -47.71
C ILE D 237 14.06 -6.26 -46.74
N LYS D 238 14.39 -5.88 -45.51
CA LYS D 238 14.69 -6.90 -44.50
C LYS D 238 13.45 -7.72 -44.16
N THR D 239 12.29 -7.05 -44.13
CA THR D 239 11.06 -7.77 -43.79
C THR D 239 10.69 -8.76 -44.87
N ALA D 240 10.86 -8.37 -46.14
CA ALA D 240 10.42 -9.19 -47.27
C ALA D 240 11.04 -10.58 -47.23
N HIS D 241 12.30 -10.68 -46.81
CA HIS D 241 12.95 -11.98 -46.77
C HIS D 241 12.35 -12.85 -45.67
N LYS D 242 11.96 -12.25 -44.55
CA LYS D 242 11.39 -13.03 -43.45
C LYS D 242 10.01 -13.57 -43.81
N LYS D 243 9.20 -12.79 -44.52
CA LYS D 243 7.84 -13.18 -44.88
C LYS D 243 7.54 -12.68 -46.29
N PRO D 244 7.00 -13.53 -47.16
CA PRO D 244 6.63 -13.09 -48.51
C PRO D 244 5.75 -11.86 -48.51
N ILE D 245 5.77 -11.11 -49.62
CA ILE D 245 5.11 -9.82 -49.71
C ILE D 245 3.69 -10.01 -50.23
N ASP D 246 2.78 -9.16 -49.75
CA ASP D 246 1.38 -9.22 -50.10
C ASP D 246 0.86 -7.80 -50.35
N LEU D 247 -0.31 -7.73 -50.98
CA LEU D 247 -0.95 -6.43 -51.21
C LEU D 247 -1.43 -5.80 -49.90
N ARG D 248 -1.95 -6.62 -48.99
CA ARG D 248 -2.26 -6.10 -47.66
C ARG D 248 -0.99 -5.84 -46.85
N ALA D 249 0.11 -6.50 -47.20
CA ALA D 249 1.39 -6.15 -46.58
C ALA D 249 1.80 -4.73 -46.96
N ILE D 250 1.93 -4.47 -48.26
CA ILE D 250 2.24 -3.13 -48.73
C ILE D 250 1.09 -2.18 -48.40
N GLY D 251 1.41 -0.91 -48.18
CA GLY D 251 0.47 0.04 -47.63
C GLY D 251 -0.53 0.58 -48.64
N LYS D 252 -1.04 1.77 -48.33
CA LYS D 252 -1.87 2.53 -49.25
C LYS D 252 -1.05 3.64 -49.88
N LEU D 253 -1.72 4.48 -50.67
CA LEU D 253 -0.93 5.52 -51.29
C LEU D 253 -1.11 6.86 -50.58
N PRO D 254 -0.06 7.68 -50.53
CA PRO D 254 -0.12 8.94 -49.80
C PRO D 254 -1.22 9.87 -50.28
N ILE D 255 -1.41 10.94 -49.50
CA ILE D 255 -2.37 11.99 -49.83
C ILE D 255 -2.08 12.55 -51.22
N ALA D 256 -0.80 12.81 -51.52
CA ALA D 256 -0.40 13.41 -52.78
C ALA D 256 -0.04 12.39 -53.85
N MET D 257 -0.46 11.14 -53.70
CA MET D 257 -0.16 10.09 -54.65
C MET D 257 -1.39 9.43 -55.25
N ARG D 258 -2.58 9.77 -54.78
CA ARG D 258 -3.79 9.08 -55.25
C ARG D 258 -4.15 9.51 -56.66
N ALA D 259 -4.61 8.55 -57.46
CA ALA D 259 -4.98 8.84 -58.84
C ALA D 259 -6.13 9.83 -58.92
N LEU D 260 -6.96 9.93 -57.87
CA LEU D 260 -8.06 10.88 -57.89
C LEU D 260 -7.55 12.30 -57.99
N THR D 261 -6.55 12.66 -57.17
CA THR D 261 -6.01 14.02 -57.20
C THR D 261 -5.28 14.31 -58.50
N ASN D 262 -4.59 13.32 -59.06
CA ASN D 262 -3.92 13.52 -60.34
C ASN D 262 -4.92 13.74 -61.45
N TYR D 263 -5.97 12.92 -61.50
CA TYR D 263 -7.04 13.13 -62.47
C TYR D 263 -7.68 14.50 -62.29
N GLN D 264 -7.87 14.93 -61.03
CA GLN D 264 -8.43 16.24 -60.73
C GLN D 264 -7.57 17.36 -61.32
N ARG D 265 -6.28 17.37 -60.95
CA ARG D 265 -5.34 18.35 -61.47
C ARG D 265 -5.32 18.35 -62.98
N LEU D 266 -5.31 17.15 -63.59
CA LEU D 266 -5.21 17.05 -65.04
C LEU D 266 -6.45 17.61 -65.72
N CYS D 267 -7.63 17.31 -65.19
CA CYS D 267 -8.84 17.83 -65.81
C CYS D 267 -8.95 19.34 -65.62
N VAL D 268 -8.50 19.85 -64.46
CA VAL D 268 -8.50 21.30 -64.26
C VAL D 268 -7.59 21.97 -65.28
N ALA D 269 -6.39 21.41 -65.48
CA ALA D 269 -5.48 22.00 -66.46
C ALA D 269 -6.02 21.86 -67.88
N PHE D 270 -6.66 20.74 -68.19
CA PHE D 270 -7.26 20.55 -69.50
C PHE D 270 -8.36 21.57 -69.76
N ASP D 271 -9.17 21.86 -68.74
CA ASP D 271 -10.21 22.88 -68.87
C ASP D 271 -9.58 24.25 -69.09
N ALA D 272 -8.57 24.60 -68.29
CA ALA D 272 -7.92 25.89 -68.46
C ALA D 272 -7.28 26.02 -69.84
N GLN D 273 -6.76 24.91 -70.37
CA GLN D 273 -6.18 24.92 -71.71
C GLN D 273 -7.26 25.08 -72.78
N ALA D 274 -8.41 24.46 -72.57
CA ALA D 274 -9.49 24.55 -73.57
C ALA D 274 -10.10 25.95 -73.60
N ARG D 275 -10.24 26.59 -72.44
CA ARG D 275 -10.80 27.93 -72.41
C ARG D 275 -9.91 28.93 -73.11
N LYS D 276 -8.59 28.72 -73.08
CA LYS D 276 -7.65 29.58 -73.78
C LYS D 276 -7.76 29.41 -75.29
N GLY D 283 -7.77 19.45 -79.12
CA GLY D 283 -6.70 19.19 -80.07
C GLY D 283 -5.57 18.36 -79.49
N ALA D 284 -4.74 17.79 -80.37
CA ALA D 284 -3.66 16.92 -79.92
C ALA D 284 -2.58 17.69 -79.18
N ARG D 285 -2.27 18.91 -79.64
CA ARG D 285 -1.22 19.69 -79.00
C ARG D 285 -1.65 20.19 -77.62
N ALA D 286 -2.95 20.45 -77.45
CA ALA D 286 -3.45 21.02 -76.20
C ALA D 286 -3.23 20.07 -75.03
N ILE D 287 -3.53 18.78 -75.23
CA ILE D 287 -3.38 17.84 -74.13
C ILE D 287 -1.91 17.65 -73.78
N TRP D 288 -1.02 17.75 -74.78
CA TRP D 288 0.41 17.67 -74.50
C TRP D 288 0.85 18.85 -73.64
N ARG D 289 0.42 20.06 -74.02
CA ARG D 289 0.69 21.23 -73.19
C ARG D 289 0.16 21.03 -71.77
N ALA D 290 -1.04 20.46 -71.65
CA ALA D 290 -1.62 20.25 -70.33
C ALA D 290 -0.79 19.28 -69.49
N LEU D 291 -0.31 18.20 -70.12
CA LEU D 291 0.55 17.26 -69.39
C LEU D 291 1.80 17.94 -68.87
N CYS D 292 2.52 18.65 -69.76
CA CYS D 292 3.73 19.34 -69.32
C CYS D 292 3.41 20.31 -68.20
N HIS D 293 2.28 21.01 -68.28
CA HIS D 293 1.89 21.94 -67.22
C HIS D 293 1.66 21.21 -65.90
N ALA D 294 0.90 20.13 -65.95
CA ALA D 294 0.53 19.40 -64.74
C ALA D 294 1.67 18.83 -63.92
N PHE D 295 2.61 18.15 -64.56
CA PHE D 295 3.72 17.60 -63.81
C PHE D 295 4.53 18.75 -63.22
N GLY D 296 4.79 19.75 -64.06
CA GLY D 296 5.41 20.96 -63.58
C GLY D 296 6.74 20.99 -62.85
N ARG D 297 6.64 21.53 -61.63
CA ARG D 297 7.78 21.75 -60.77
C ARG D 297 8.53 20.47 -60.48
N ARG D 298 7.85 19.36 -60.27
CA ARG D 298 8.57 18.12 -59.99
C ARG D 298 9.48 17.78 -61.16
N LEU D 299 8.92 17.88 -62.38
CA LEU D 299 9.70 17.58 -63.57
C LEU D 299 10.86 18.55 -63.71
N ILE D 300 10.61 19.82 -63.43
CA ILE D 300 11.66 20.82 -63.54
C ILE D 300 12.79 20.53 -62.56
N LEU D 301 12.42 20.14 -61.35
CA LEU D 301 13.36 19.82 -60.29
C LEU D 301 14.21 18.63 -60.69
N SER D 302 13.59 17.65 -61.33
CA SER D 302 14.33 16.48 -61.75
C SER D 302 15.40 16.93 -62.72
N SER D 303 15.06 17.87 -63.59
CA SER D 303 16.02 18.38 -64.56
C SER D 303 17.16 19.14 -63.87
N THR D 304 16.82 19.95 -62.86
CA THR D 304 17.84 20.71 -62.15
C THR D 304 18.80 19.79 -61.41
N PHE D 305 18.26 18.77 -60.74
CA PHE D 305 19.12 17.76 -60.10
C PHE D 305 20.06 17.13 -61.11
N ARG D 306 19.55 16.78 -62.28
CA ARG D 306 20.39 16.15 -63.30
C ARG D 306 21.48 17.10 -63.80
N ILE D 307 21.16 18.39 -63.91
CA ILE D 307 22.16 19.33 -64.40
C ILE D 307 23.28 19.53 -63.37
N LEU D 308 22.91 19.62 -62.08
CA LEU D 308 23.94 19.71 -61.05
C LEU D 308 24.80 18.45 -61.02
N ALA D 309 24.17 17.28 -61.13
CA ALA D 309 24.93 16.05 -61.21
C ALA D 309 25.87 16.05 -62.41
N ASP D 310 25.44 16.64 -63.52
CA ASP D 310 26.29 16.69 -64.70
C ASP D 310 27.52 17.57 -64.48
N LEU D 311 27.31 18.76 -63.89
CA LEU D 311 28.47 19.62 -63.63
C LEU D 311 29.48 18.94 -62.70
N LEU D 312 28.98 18.24 -61.68
CA LEU D 312 29.94 17.52 -60.82
C LEU D 312 30.62 16.37 -61.57
N GLY D 313 29.86 15.67 -62.41
CA GLY D 313 30.44 14.61 -63.22
C GLY D 313 31.57 15.09 -64.10
N PHE D 314 31.44 16.30 -64.64
CA PHE D 314 32.57 16.90 -65.32
C PHE D 314 33.67 17.29 -64.35
N ALA D 315 33.31 17.68 -63.12
CA ALA D 315 34.31 18.14 -62.18
C ALA D 315 35.31 17.04 -61.84
N GLY D 316 34.86 15.79 -61.77
CA GLY D 316 35.75 14.68 -61.46
C GLY D 316 37.05 14.58 -62.26
N PRO D 317 36.95 14.55 -63.60
CA PRO D 317 38.17 14.49 -64.42
C PRO D 317 39.17 15.61 -64.13
N LEU D 318 38.70 16.80 -63.73
CA LEU D 318 39.62 17.87 -63.34
C LEU D 318 40.45 17.47 -62.13
N CYS D 319 39.82 16.82 -61.15
CA CYS D 319 40.57 16.29 -60.02
C CYS D 319 41.59 15.27 -60.48
N ILE D 320 41.23 14.45 -61.48
CA ILE D 320 42.22 13.52 -62.04
C ILE D 320 43.42 14.28 -62.59
N PHE D 321 43.16 15.35 -63.36
CA PHE D 321 44.24 16.17 -63.90
C PHE D 321 45.17 16.66 -62.79
N GLY D 322 44.58 17.20 -61.72
CA GLY D 322 45.39 17.70 -60.62
C GLY D 322 46.23 16.62 -59.96
N ILE D 323 45.64 15.45 -59.75
CA ILE D 323 46.37 14.35 -59.12
C ILE D 323 47.56 13.95 -59.96
N VAL D 324 47.35 13.82 -61.28
CA VAL D 324 48.45 13.43 -62.15
C VAL D 324 49.54 14.49 -62.15
N ASP D 325 49.14 15.76 -62.12
CA ASP D 325 50.13 16.83 -62.11
C ASP D 325 50.97 16.80 -60.85
N HIS D 326 50.35 16.61 -59.69
CA HIS D 326 51.17 16.54 -58.48
C HIS D 326 52.01 15.27 -58.45
N LEU D 327 51.53 14.19 -59.07
CA LEU D 327 52.35 12.99 -59.18
C LEU D 327 53.59 13.26 -60.03
N GLY D 328 53.44 14.08 -61.08
CA GLY D 328 54.58 14.45 -61.89
C GLY D 328 55.59 15.32 -61.16
N LYS D 329 55.13 16.14 -60.22
CA LYS D 329 56.02 17.02 -59.47
C LYS D 329 56.75 16.25 -58.38
N ASN D 354 49.27 18.99 -51.64
CA ASN D 354 48.02 19.40 -52.26
C ASN D 354 47.48 18.28 -53.14
N ALA D 355 47.70 17.04 -52.71
CA ALA D 355 47.35 15.85 -53.48
C ALA D 355 46.33 14.97 -52.78
N TYR D 356 46.51 14.68 -51.49
CA TYR D 356 45.51 13.91 -50.76
C TYR D 356 44.18 14.65 -50.73
N VAL D 357 44.25 15.99 -50.63
CA VAL D 357 43.05 16.79 -50.71
C VAL D 357 42.33 16.51 -52.04
N LEU D 358 43.09 16.32 -53.12
CA LEU D 358 42.46 16.01 -54.41
C LEU D 358 41.72 14.67 -54.33
N ALA D 359 42.30 13.68 -53.66
CA ALA D 359 41.64 12.38 -53.54
C ALA D 359 40.36 12.49 -52.72
N VAL D 360 40.42 13.17 -51.58
CA VAL D 360 39.25 13.28 -50.72
C VAL D 360 38.13 14.05 -51.42
N LEU D 361 38.49 15.17 -52.05
CA LEU D 361 37.52 15.99 -52.76
C LEU D 361 36.92 15.22 -53.94
N LEU D 362 37.74 14.44 -54.65
CA LEU D 362 37.24 13.62 -55.75
C LEU D 362 36.25 12.58 -55.27
N PHE D 363 36.57 11.91 -54.17
CA PHE D 363 35.65 10.92 -53.59
C PHE D 363 34.32 11.57 -53.23
N LEU D 364 34.37 12.71 -52.53
CA LEU D 364 33.15 13.44 -52.19
C LEU D 364 32.36 13.80 -53.44
N ALA D 365 33.04 14.31 -54.47
CA ALA D 365 32.35 14.72 -55.68
C ALA D 365 31.64 13.54 -56.33
N LEU D 366 32.33 12.41 -56.46
CA LEU D 366 31.73 11.24 -57.09
C LEU D 366 30.50 10.79 -56.31
N LEU D 367 30.62 10.69 -54.99
CA LEU D 367 29.47 10.33 -54.15
C LEU D 367 28.30 11.28 -54.39
N LEU D 368 28.58 12.58 -54.43
CA LEU D 368 27.52 13.57 -54.60
C LEU D 368 26.82 13.40 -55.94
N GLN D 369 27.59 13.21 -57.01
CA GLN D 369 26.98 12.99 -58.32
C GLN D 369 26.06 11.78 -58.30
N ARG D 370 26.53 10.69 -57.68
CA ARG D 370 25.70 9.50 -57.66
C ARG D 370 24.40 9.76 -56.93
N THR D 371 24.47 10.41 -55.76
CA THR D 371 23.27 10.71 -55.00
C THR D 371 22.27 11.50 -55.83
N PHE D 372 22.74 12.59 -56.46
CA PHE D 372 21.81 13.46 -57.17
C PHE D 372 21.28 12.81 -58.45
N LEU D 373 22.09 12.00 -59.13
CA LEU D 373 21.61 11.27 -60.30
C LEU D 373 20.47 10.33 -59.93
N GLN D 374 20.66 9.56 -58.84
CA GLN D 374 19.61 8.63 -58.45
C GLN D 374 18.35 9.35 -57.99
N ALA D 375 18.50 10.48 -57.30
CA ALA D 375 17.33 11.26 -56.92
C ALA D 375 16.57 11.77 -58.15
N SER D 376 17.30 12.23 -59.17
CA SER D 376 16.68 12.68 -60.40
C SER D 376 15.88 11.55 -61.07
N TYR D 377 16.51 10.38 -61.17
CA TYR D 377 15.81 9.22 -61.74
C TYR D 377 14.53 8.92 -60.96
N TYR D 378 14.61 8.95 -59.62
CA TYR D 378 13.44 8.65 -58.81
C TYR D 378 12.31 9.63 -59.05
N VAL D 379 12.61 10.93 -59.10
CA VAL D 379 11.54 11.91 -59.27
C VAL D 379 10.95 11.83 -60.67
N ALA D 380 11.78 11.54 -61.68
CA ALA D 380 11.24 11.28 -63.02
C ALA D 380 10.26 10.11 -63.00
N ILE D 381 10.62 9.03 -62.31
CA ILE D 381 9.73 7.87 -62.23
C ILE D 381 8.43 8.24 -61.52
N GLU D 382 8.52 9.05 -60.47
CA GLU D 382 7.32 9.51 -59.77
C GLU D 382 6.38 10.25 -60.73
N THR D 383 6.93 11.23 -61.45
CA THR D 383 6.13 11.97 -62.40
C THR D 383 5.51 11.04 -63.43
N GLY D 384 6.26 10.02 -63.89
CA GLY D 384 5.74 9.10 -64.89
C GLY D 384 4.59 8.26 -64.37
N ILE D 385 4.70 7.73 -63.16
CA ILE D 385 3.63 6.91 -62.62
C ILE D 385 2.37 7.75 -62.39
N ASN D 386 2.54 8.99 -61.92
CA ASN D 386 1.38 9.86 -61.78
C ASN D 386 0.74 10.15 -63.13
N LEU D 387 1.55 10.39 -64.16
CA LEU D 387 1.02 10.55 -65.52
C LEU D 387 0.18 9.35 -65.91
N ARG D 388 0.73 8.15 -65.72
CA ARG D 388 0.02 6.93 -66.11
C ARG D 388 -1.33 6.84 -65.40
N GLY D 389 -1.33 7.01 -64.09
CA GLY D 389 -2.58 6.96 -63.35
C GLY D 389 -3.60 7.96 -63.86
N ALA D 390 -3.16 9.21 -64.08
CA ALA D 390 -4.09 10.26 -64.46
C ALA D 390 -4.69 10.01 -65.84
N ILE D 391 -3.85 9.65 -66.82
CA ILE D 391 -4.40 9.44 -68.16
C ILE D 391 -5.24 8.17 -68.19
N GLN D 392 -4.89 7.16 -67.38
CA GLN D 392 -5.72 5.96 -67.31
C GLN D 392 -7.12 6.30 -66.82
N THR D 393 -7.22 7.04 -65.71
CA THR D 393 -8.56 7.35 -65.21
C THR D 393 -9.28 8.33 -66.13
N LYS D 394 -8.54 9.21 -66.83
CA LYS D 394 -9.20 10.11 -67.77
C LYS D 394 -9.84 9.34 -68.92
N ILE D 395 -9.10 8.41 -69.52
CA ILE D 395 -9.66 7.65 -70.62
C ILE D 395 -10.75 6.70 -70.13
N TYR D 396 -10.67 6.22 -68.89
CA TYR D 396 -11.75 5.37 -68.40
C TYR D 396 -13.02 6.18 -68.15
N ASN D 397 -12.89 7.42 -67.69
CA ASN D 397 -14.06 8.27 -67.56
C ASN D 397 -14.65 8.60 -68.93
N LYS D 398 -13.78 8.80 -69.94
CA LYS D 398 -14.29 9.13 -71.26
C LYS D 398 -14.90 7.93 -71.97
N ILE D 399 -14.50 6.71 -71.63
CA ILE D 399 -15.14 5.54 -72.22
C ILE D 399 -16.63 5.53 -71.89
N MET D 400 -17.02 6.11 -70.76
CA MET D 400 -18.41 6.16 -70.37
C MET D 400 -19.24 6.95 -71.39
N HIS D 401 -18.88 8.21 -71.60
CA HIS D 401 -19.62 9.07 -72.51
C HIS D 401 -19.48 8.64 -73.97
N LEU D 402 -18.61 7.68 -74.28
CA LEU D 402 -18.48 7.20 -75.64
C LEU D 402 -19.77 6.54 -76.11
N SER D 403 -20.17 6.84 -77.33
CA SER D 403 -21.39 6.27 -77.90
C SER D 403 -21.08 4.97 -78.62
N THR D 404 -22.05 4.07 -78.63
CA THR D 404 -21.87 2.76 -79.24
C THR D 404 -21.78 2.85 -80.77
N SER D 405 -22.19 3.99 -81.36
CA SER D 405 -22.00 4.17 -82.78
C SER D 405 -20.52 4.28 -83.13
N ASN D 406 -19.70 4.77 -82.21
CA ASN D 406 -18.26 4.66 -82.40
C ASN D 406 -17.79 3.23 -82.17
N LEU D 407 -18.35 2.57 -81.16
CA LEU D 407 -17.97 1.19 -80.86
C LEU D 407 -18.20 0.27 -82.06
N SER D 408 -19.23 0.55 -82.86
CA SER D 408 -19.46 -0.22 -84.08
C SER D 408 -18.33 -0.02 -85.09
N MET D 409 -17.74 1.17 -85.12
CA MET D 409 -16.67 1.46 -86.06
C MET D 409 -15.34 0.88 -85.57
N GLY D 410 -14.37 0.81 -86.48
CA GLY D 410 -13.09 0.23 -86.14
C GLY D 410 -12.29 1.07 -85.18
N GLU D 411 -12.56 2.37 -85.12
CA GLU D 411 -11.80 3.27 -84.25
C GLU D 411 -12.01 2.93 -82.77
N MET D 412 -13.24 2.58 -82.38
CA MET D 412 -13.49 2.22 -80.99
C MET D 412 -13.56 0.70 -80.79
N THR D 413 -12.76 -0.05 -81.55
CA THR D 413 -12.66 -1.49 -81.34
C THR D 413 -12.17 -1.78 -79.93
N ALA D 414 -12.78 -2.78 -79.28
CA ALA D 414 -12.42 -3.12 -77.91
C ALA D 414 -10.94 -3.48 -77.81
N GLY D 415 -10.47 -4.35 -78.71
CA GLY D 415 -9.05 -4.65 -78.75
C GLY D 415 -8.21 -3.42 -78.97
N GLN D 416 -8.69 -2.49 -79.80
CA GLN D 416 -7.98 -1.24 -80.01
C GLN D 416 -7.88 -0.42 -78.73
N ILE D 417 -8.96 -0.41 -77.94
CA ILE D 417 -8.97 0.40 -76.73
C ILE D 417 -8.06 -0.21 -75.66
N CYS D 418 -8.04 -1.54 -75.55
CA CYS D 418 -7.14 -2.17 -74.58
C CYS D 418 -5.69 -2.04 -74.99
N ASN D 419 -5.40 -2.19 -76.29
CA ASN D 419 -4.08 -1.85 -76.80
C ASN D 419 -3.71 -0.43 -76.44
N LEU D 420 -4.64 0.51 -76.62
CA LEU D 420 -4.43 1.89 -76.20
C LEU D 420 -3.97 1.95 -74.75
N VAL D 421 -4.78 1.42 -73.83
CA VAL D 421 -4.46 1.50 -72.41
C VAL D 421 -3.06 0.94 -72.14
N ALA D 422 -2.83 -0.31 -72.53
CA ALA D 422 -1.58 -0.99 -72.17
C ALA D 422 -0.36 -0.32 -72.82
N ILE D 423 -0.32 -0.28 -74.15
CA ILE D 423 0.87 0.22 -74.82
C ILE D 423 1.08 1.71 -74.58
N ASP D 424 0.03 2.48 -74.27
CA ASP D 424 0.23 3.91 -74.04
C ASP D 424 0.70 4.18 -72.62
N THR D 425 0.18 3.45 -71.63
CA THR D 425 0.84 3.37 -70.34
C THR D 425 2.33 3.20 -70.54
N ASN D 426 2.70 2.14 -71.28
CA ASN D 426 4.11 1.82 -71.46
C ASN D 426 4.87 2.97 -72.12
N GLN D 427 4.41 3.41 -73.28
CA GLN D 427 5.17 4.37 -74.07
C GLN D 427 5.28 5.73 -73.38
N LEU D 428 4.17 6.23 -72.83
CA LEU D 428 4.23 7.52 -72.15
C LEU D 428 5.10 7.44 -70.90
N MET D 429 5.04 6.32 -70.16
CA MET D 429 5.90 6.20 -68.99
C MET D 429 7.38 6.17 -69.38
N TRP D 430 7.73 5.44 -70.44
CA TRP D 430 9.14 5.36 -70.83
C TRP D 430 9.64 6.69 -71.36
N PHE D 431 8.83 7.41 -72.15
CA PHE D 431 9.25 8.72 -72.60
C PHE D 431 9.38 9.68 -71.44
N PHE D 432 8.51 9.58 -70.44
CA PHE D 432 8.63 10.47 -69.30
C PHE D 432 9.72 10.08 -68.33
N PHE D 433 10.28 8.89 -68.48
CA PHE D 433 11.52 8.60 -67.76
C PHE D 433 12.74 9.08 -68.55
N LEU D 434 12.68 9.05 -69.87
CA LEU D 434 13.83 9.44 -70.69
C LEU D 434 13.87 10.94 -71.01
N CYS D 435 12.80 11.69 -70.75
CA CYS D 435 12.76 13.11 -71.06
C CYS D 435 13.65 13.95 -70.14
N PRO D 436 13.64 13.72 -68.82
CA PRO D 436 14.62 14.42 -67.98
C PRO D 436 16.06 14.10 -68.34
N ASN D 437 16.33 12.91 -68.88
CA ASN D 437 17.69 12.55 -69.28
C ASN D 437 18.16 13.40 -70.45
N LEU D 438 17.27 13.69 -71.40
CA LEU D 438 17.63 14.52 -72.55
C LEU D 438 17.53 16.02 -72.26
N TRP D 439 16.76 16.42 -71.24
CA TRP D 439 16.77 17.84 -70.88
C TRP D 439 18.09 18.26 -70.20
N ALA D 440 19.09 17.38 -70.16
CA ALA D 440 20.42 17.70 -69.66
C ALA D 440 21.53 17.43 -70.66
N MET D 441 21.23 16.83 -71.80
CA MET D 441 22.25 16.68 -72.85
C MET D 441 22.81 18.01 -73.34
N PRO D 442 21.99 19.04 -73.65
CA PRO D 442 22.59 20.29 -74.14
C PRO D 442 23.55 20.96 -73.15
N VAL D 443 23.11 21.15 -71.90
CA VAL D 443 23.98 21.77 -70.89
C VAL D 443 25.23 20.93 -70.71
N GLN D 444 25.10 19.60 -70.74
CA GLN D 444 26.26 18.72 -70.58
C GLN D 444 27.28 18.96 -71.68
N ILE D 445 26.84 18.96 -72.95
CA ILE D 445 27.81 19.12 -74.03
C ILE D 445 28.43 20.51 -74.02
N ILE D 446 27.64 21.54 -73.68
CA ILE D 446 28.17 22.89 -73.62
C ILE D 446 29.27 22.98 -72.56
N VAL D 447 29.01 22.46 -71.35
CA VAL D 447 30.02 22.51 -70.31
C VAL D 447 31.23 21.67 -70.71
N GLY D 448 31.01 20.57 -71.43
CA GLY D 448 32.12 19.77 -71.90
C GLY D 448 33.07 20.56 -72.77
N VAL D 449 32.53 21.31 -73.74
CA VAL D 449 33.44 22.05 -74.61
C VAL D 449 34.08 23.23 -73.88
N ILE D 450 33.33 23.91 -72.99
CA ILE D 450 33.92 25.02 -72.27
C ILE D 450 34.98 24.54 -71.30
N LEU D 451 34.95 23.26 -70.91
CA LEU D 451 36.02 22.72 -70.08
C LEU D 451 37.22 22.29 -70.92
N LEU D 452 36.97 21.71 -72.10
CA LEU D 452 38.07 21.21 -72.91
C LEU D 452 38.84 22.32 -73.62
N TYR D 453 38.28 23.52 -73.76
CA TYR D 453 39.10 24.63 -74.25
C TYR D 453 40.31 24.86 -73.36
N TYR D 454 40.07 25.03 -72.05
CA TYR D 454 41.13 25.32 -71.10
C TYR D 454 42.15 24.19 -70.97
N ILE D 455 41.89 23.03 -71.55
CA ILE D 455 42.79 21.89 -71.47
C ILE D 455 43.53 21.65 -72.77
N LEU D 456 42.86 21.89 -73.91
CA LEU D 456 43.52 21.70 -75.19
C LEU D 456 44.33 22.92 -75.60
N GLY D 457 43.72 24.10 -75.55
CA GLY D 457 44.39 25.32 -75.99
C GLY D 457 44.08 25.63 -77.44
N VAL D 458 45.12 25.86 -78.24
CA VAL D 458 44.93 26.08 -79.66
C VAL D 458 44.55 24.81 -80.40
N SER D 459 44.68 23.65 -79.77
CA SER D 459 44.30 22.37 -80.35
C SER D 459 42.83 22.05 -80.15
N ALA D 460 42.02 23.03 -79.77
CA ALA D 460 40.58 22.78 -79.63
C ALA D 460 39.91 22.63 -80.98
N LEU D 461 40.43 23.31 -82.02
CA LEU D 461 39.79 23.35 -83.33
C LEU D 461 39.39 21.96 -83.82
N ILE D 462 40.25 20.97 -83.63
CA ILE D 462 40.00 19.64 -84.18
C ILE D 462 38.79 19.00 -83.50
N GLY D 463 38.79 18.96 -82.16
CA GLY D 463 37.65 18.40 -81.44
C GLY D 463 36.37 19.17 -81.69
N ALA D 464 36.48 20.50 -81.79
CA ALA D 464 35.30 21.32 -82.08
C ALA D 464 34.73 21.01 -83.44
N ALA D 465 35.59 20.90 -84.46
CA ALA D 465 35.13 20.52 -85.79
C ALA D 465 34.51 19.15 -85.80
N VAL D 466 35.05 18.22 -84.99
CA VAL D 466 34.48 16.87 -84.93
C VAL D 466 33.09 16.91 -84.33
N ILE D 467 32.92 17.57 -83.17
CA ILE D 467 31.62 17.58 -82.50
C ILE D 467 30.63 18.53 -83.14
N ILE D 468 31.07 19.34 -84.11
CA ILE D 468 30.12 20.09 -84.93
C ILE D 468 29.74 19.31 -86.19
N LEU D 469 30.69 18.57 -86.78
CA LEU D 469 30.39 17.68 -87.90
C LEU D 469 29.51 16.51 -87.49
N LEU D 470 29.53 16.15 -86.20
CA LEU D 470 28.67 15.07 -85.72
C LEU D 470 27.19 15.43 -85.84
N ALA D 471 26.82 16.66 -85.48
CA ALA D 471 25.41 16.98 -85.25
C ALA D 471 24.52 16.86 -86.49
N PRO D 472 24.82 17.48 -87.64
CA PRO D 472 23.83 17.48 -88.74
C PRO D 472 23.62 16.11 -89.37
N VAL D 473 24.70 15.34 -89.54
CA VAL D 473 24.55 13.98 -90.06
C VAL D 473 23.72 13.14 -89.11
N GLN D 474 23.88 13.36 -87.80
CA GLN D 474 23.05 12.67 -86.82
C GLN D 474 21.59 13.07 -86.94
N TYR D 475 21.33 14.36 -87.20
CA TYR D 475 19.95 14.81 -87.40
C TYR D 475 19.31 14.11 -88.60
N PHE D 476 20.06 14.05 -89.71
CA PHE D 476 19.52 13.38 -90.91
C PHE D 476 19.29 11.89 -90.66
N VAL D 477 20.22 11.24 -89.95
CA VAL D 477 20.06 9.82 -89.63
C VAL D 477 18.82 9.60 -88.77
N ALA D 478 18.60 10.48 -87.77
CA ALA D 478 17.44 10.34 -86.92
C ALA D 478 16.15 10.52 -87.70
N THR D 479 16.13 11.44 -88.67
CA THR D 479 14.96 11.59 -89.53
C THR D 479 14.67 10.31 -90.30
N LYS D 480 15.69 9.78 -90.98
CA LYS D 480 15.53 8.55 -91.75
C LYS D 480 15.08 7.40 -90.85
N LEU D 481 15.42 7.46 -89.57
CA LEU D 481 14.99 6.42 -88.62
C LEU D 481 13.52 6.57 -88.25
N SER D 482 13.11 7.79 -87.86
CA SER D 482 11.73 8.02 -87.46
C SER D 482 10.75 7.64 -88.56
N GLN D 483 11.12 7.91 -89.81
CA GLN D 483 10.20 7.61 -90.91
C GLN D 483 9.88 6.12 -90.98
N ALA D 484 10.88 5.26 -90.81
CA ALA D 484 10.60 3.83 -90.77
C ALA D 484 9.78 3.45 -89.54
N GLN D 485 10.09 4.06 -88.38
CA GLN D 485 9.47 3.60 -87.15
C GLN D 485 7.95 3.84 -87.15
N ARG D 486 7.50 4.96 -87.71
CA ARG D 486 6.07 5.24 -87.67
C ARG D 486 5.27 4.21 -88.47
N SER D 487 5.74 3.90 -89.69
CA SER D 487 5.08 2.87 -90.48
C SER D 487 5.14 1.51 -89.78
N THR D 488 6.27 1.23 -89.09
CA THR D 488 6.34 0.04 -88.26
C THR D 488 5.15 -0.04 -87.30
N LEU D 489 4.89 1.06 -86.59
CA LEU D 489 3.79 1.05 -85.63
C LEU D 489 2.45 0.81 -86.30
N GLU D 490 2.21 1.45 -87.45
CA GLU D 490 0.95 1.22 -88.15
C GLU D 490 0.76 -0.25 -88.49
N HIS D 491 1.80 -0.88 -89.04
CA HIS D 491 1.68 -2.28 -89.45
C HIS D 491 1.47 -3.20 -88.26
N SER D 492 2.18 -2.97 -87.16
CA SER D 492 1.98 -3.80 -85.97
C SER D 492 0.56 -3.62 -85.42
N ASN D 493 0.03 -2.39 -85.50
CA ASN D 493 -1.32 -2.15 -85.00
C ASN D 493 -2.36 -2.90 -85.82
N GLU D 494 -2.14 -3.02 -87.15
CA GLU D 494 -3.10 -3.83 -87.90
C GLU D 494 -2.89 -5.33 -87.66
N ARG D 495 -1.64 -5.76 -87.46
CA ARG D 495 -1.39 -7.17 -87.17
C ARG D 495 -2.09 -7.60 -85.88
N LEU D 496 -2.12 -6.72 -84.88
CA LEU D 496 -2.75 -7.10 -83.61
C LEU D 496 -4.25 -7.30 -83.77
N LYS D 497 -4.92 -6.47 -84.57
CA LYS D 497 -6.34 -6.68 -84.79
C LYS D 497 -6.61 -7.93 -85.63
N GLN D 498 -5.72 -8.22 -86.58
CA GLN D 498 -5.86 -9.47 -87.33
C GLN D 498 -5.72 -10.68 -86.42
N THR D 499 -4.80 -10.62 -85.45
CA THR D 499 -4.66 -11.71 -84.48
C THR D 499 -5.88 -11.81 -83.58
N ASN D 500 -6.43 -10.67 -83.14
CA ASN D 500 -7.64 -10.68 -82.31
C ASN D 500 -8.78 -11.37 -83.02
N GLU D 501 -9.03 -10.99 -84.28
CA GLU D 501 -10.10 -11.62 -85.04
C GLU D 501 -9.74 -13.00 -85.54
N MET D 502 -8.48 -13.42 -85.41
CA MET D 502 -8.11 -14.80 -85.71
C MET D 502 -8.28 -15.73 -84.53
N LEU D 503 -8.06 -15.26 -83.30
CA LEU D 503 -8.08 -16.15 -82.14
C LEU D 503 -9.47 -16.38 -81.56
N ARG D 504 -10.34 -15.36 -81.59
CA ARG D 504 -11.69 -15.55 -81.08
C ARG D 504 -12.57 -16.38 -82.01
N GLY D 505 -12.03 -16.85 -83.13
CA GLY D 505 -12.78 -17.69 -84.03
C GLY D 505 -11.98 -18.89 -84.51
N MET D 506 -11.05 -19.37 -83.69
CA MET D 506 -10.24 -20.53 -84.09
C MET D 506 -11.09 -21.77 -84.25
N LYS D 507 -12.23 -21.84 -83.56
CA LYS D 507 -13.13 -22.97 -83.74
C LYS D 507 -13.66 -23.03 -85.17
N LEU D 508 -14.33 -21.96 -85.60
CA LEU D 508 -14.83 -21.90 -86.96
C LEU D 508 -13.70 -21.93 -87.99
N LEU D 509 -12.53 -21.41 -87.62
CA LEU D 509 -11.40 -21.44 -88.55
C LEU D 509 -10.93 -22.87 -88.80
N LYS D 510 -10.66 -23.63 -87.74
CA LYS D 510 -10.24 -25.02 -87.89
C LYS D 510 -11.37 -25.93 -88.34
N LEU D 511 -12.62 -25.49 -88.26
CA LEU D 511 -13.74 -26.35 -88.62
C LEU D 511 -13.66 -26.79 -90.08
N TYR D 512 -13.66 -25.82 -91.01
CA TYR D 512 -13.45 -26.14 -92.40
C TYR D 512 -12.12 -25.63 -92.93
N ALA D 513 -11.17 -25.38 -92.03
CA ALA D 513 -9.75 -25.22 -92.37
C ALA D 513 -9.54 -24.09 -93.39
N TRP D 514 -9.86 -22.87 -92.94
CA TRP D 514 -9.45 -21.67 -93.65
C TRP D 514 -8.11 -21.14 -93.15
N GLU D 515 -7.31 -22.00 -92.49
CA GLU D 515 -6.13 -21.54 -91.78
C GLU D 515 -5.13 -20.90 -92.74
N SER D 516 -4.85 -21.56 -93.87
CA SER D 516 -3.79 -21.10 -94.78
C SER D 516 -3.97 -19.65 -95.18
N ILE D 517 -5.21 -19.22 -95.41
CA ILE D 517 -5.47 -17.86 -95.86
C ILE D 517 -5.08 -16.85 -94.79
N PHE D 518 -5.62 -17.03 -93.57
CA PHE D 518 -5.32 -16.09 -92.49
C PHE D 518 -3.84 -16.13 -92.11
N CYS D 519 -3.24 -17.31 -92.16
CA CYS D 519 -1.83 -17.43 -91.81
C CYS D 519 -0.94 -16.75 -92.85
N SER D 520 -1.27 -16.88 -94.13
CA SER D 520 -0.52 -16.16 -95.16
C SER D 520 -0.73 -14.66 -95.05
N ARG D 521 -1.92 -14.21 -94.66
CA ARG D 521 -2.15 -12.78 -94.47
C ARG D 521 -1.31 -12.25 -93.32
N VAL D 522 -1.30 -12.96 -92.19
CA VAL D 522 -0.48 -12.53 -91.07
C VAL D 522 1.00 -12.63 -91.43
N GLU D 523 1.38 -13.59 -92.28
CA GLU D 523 2.77 -13.68 -92.71
C GLU D 523 3.14 -12.49 -93.59
N VAL D 524 2.25 -12.05 -94.47
CA VAL D 524 2.52 -10.88 -95.30
C VAL D 524 2.64 -9.62 -94.44
N THR D 525 1.73 -9.46 -93.47
CA THR D 525 1.83 -8.33 -92.56
C THR D 525 3.13 -8.38 -91.76
N ARG D 526 3.55 -9.59 -91.36
CA ARG D 526 4.80 -9.73 -90.64
C ARG D 526 6.00 -9.38 -91.53
N ARG D 527 5.92 -9.72 -92.82
CA ARG D 527 7.00 -9.37 -93.74
C ARG D 527 7.11 -7.87 -93.92
N LYS D 528 5.97 -7.17 -94.03
CA LYS D 528 6.02 -5.71 -94.14
C LYS D 528 6.59 -5.09 -92.86
N GLU D 529 6.12 -5.55 -91.69
CA GLU D 529 6.67 -5.10 -90.42
C GLU D 529 8.17 -5.36 -90.34
N MET D 530 8.61 -6.51 -90.86
CA MET D 530 10.03 -6.87 -90.86
C MET D 530 10.84 -5.97 -91.78
N THR D 531 10.25 -5.55 -92.92
CA THR D 531 10.91 -4.56 -93.76
C THR D 531 11.15 -3.27 -92.98
N SER D 532 10.12 -2.79 -92.30
CA SER D 532 10.30 -1.62 -91.45
C SER D 532 11.39 -1.85 -90.40
N LEU D 533 11.38 -3.01 -89.75
CA LEU D 533 12.36 -3.29 -88.70
C LEU D 533 13.78 -3.37 -89.24
N ARG D 534 13.97 -3.95 -90.42
CA ARG D 534 15.31 -4.09 -90.96
C ARG D 534 15.85 -2.73 -91.40
N ALA D 535 14.99 -1.86 -91.94
CA ALA D 535 15.42 -0.48 -92.20
C ALA D 535 15.88 0.18 -90.91
N PHE D 536 15.07 0.09 -89.85
CA PHE D 536 15.43 0.67 -88.56
C PHE D 536 16.76 0.11 -88.05
N ALA D 537 16.98 -1.19 -88.20
CA ALA D 537 18.18 -1.82 -87.65
C ALA D 537 19.43 -1.39 -88.42
N VAL D 538 19.35 -1.34 -89.75
CA VAL D 538 20.48 -0.86 -90.53
C VAL D 538 20.82 0.58 -90.18
N TYR D 539 19.79 1.40 -89.98
CA TYR D 539 20.06 2.80 -89.63
C TYR D 539 20.70 2.91 -88.24
N THR D 540 20.24 2.11 -87.28
CA THR D 540 20.86 2.15 -85.96
C THR D 540 22.31 1.64 -86.00
N SER D 541 22.59 0.65 -86.84
CA SER D 541 23.97 0.18 -86.99
C SER D 541 24.87 1.27 -87.55
N ILE D 542 24.40 1.98 -88.58
CA ILE D 542 25.17 3.11 -89.10
C ILE D 542 25.36 4.17 -88.02
N SER D 543 24.33 4.40 -87.20
CA SER D 543 24.43 5.37 -86.12
C SER D 543 25.55 5.00 -85.14
N ILE D 544 25.59 3.73 -84.71
CA ILE D 544 26.63 3.32 -83.77
C ILE D 544 28.00 3.38 -84.42
N PHE D 545 28.09 3.01 -85.70
CA PHE D 545 29.35 3.13 -86.43
C PHE D 545 29.87 4.56 -86.38
N MET D 546 29.00 5.52 -86.66
CA MET D 546 29.43 6.92 -86.64
C MET D 546 29.84 7.34 -85.23
N ASN D 547 28.97 7.04 -84.25
CA ASN D 547 29.19 7.40 -82.86
C ASN D 547 30.42 6.76 -82.25
N THR D 548 31.02 5.77 -82.91
CA THR D 548 32.34 5.32 -82.49
C THR D 548 33.46 5.85 -83.37
N ALA D 549 33.25 5.92 -84.69
CA ALA D 549 34.34 6.25 -85.60
C ALA D 549 34.75 7.71 -85.51
N ILE D 550 33.77 8.62 -85.45
CA ILE D 550 34.09 10.04 -85.30
C ILE D 550 34.83 10.31 -83.99
N PRO D 551 34.43 9.74 -82.85
CA PRO D 551 35.18 9.97 -81.60
C PRO D 551 36.66 9.58 -81.66
N ILE D 552 36.97 8.38 -82.14
CA ILE D 552 38.35 7.90 -82.13
C ILE D 552 39.22 8.76 -83.04
N ALA D 553 38.71 9.09 -84.23
CA ALA D 553 39.41 10.00 -85.13
C ALA D 553 39.67 11.33 -84.44
N ALA D 554 38.67 11.85 -83.71
CA ALA D 554 38.85 13.12 -83.00
C ALA D 554 40.02 13.06 -82.03
N VAL D 555 40.03 12.04 -81.18
CA VAL D 555 41.10 11.92 -80.18
C VAL D 555 42.46 11.86 -80.85
N LEU D 556 42.59 10.98 -81.84
CA LEU D 556 43.84 10.82 -82.58
C LEU D 556 44.32 12.15 -83.16
N ILE D 557 43.43 12.84 -83.88
CA ILE D 557 43.82 14.08 -84.55
C ILE D 557 44.26 15.12 -83.54
N THR D 558 43.48 15.30 -82.46
CA THR D 558 43.83 16.34 -81.49
C THR D 558 45.21 16.08 -80.88
N PHE D 559 45.48 14.85 -80.44
CA PHE D 559 46.75 14.58 -79.80
C PHE D 559 47.91 14.77 -80.78
N VAL D 560 47.81 14.16 -81.97
CA VAL D 560 48.88 14.29 -82.96
C VAL D 560 49.13 15.75 -83.28
N GLY D 561 48.07 16.55 -83.39
CA GLY D 561 48.24 17.97 -83.65
C GLY D 561 48.98 18.69 -82.55
N HIS D 562 48.68 18.35 -81.29
CA HIS D 562 49.36 19.07 -80.21
C HIS D 562 50.84 18.73 -80.14
N VAL D 563 51.21 17.45 -80.27
CA VAL D 563 52.60 17.07 -79.97
C VAL D 563 53.58 17.66 -80.98
N SER D 564 53.36 17.44 -82.26
CA SER D 564 54.34 17.76 -83.30
C SER D 564 53.84 18.72 -84.37
N PHE D 565 52.53 18.85 -84.58
CA PHE D 565 52.04 19.65 -85.69
C PHE D 565 52.30 21.14 -85.45
N PHE D 566 51.75 21.70 -84.37
CA PHE D 566 52.02 23.13 -84.19
C PHE D 566 52.46 23.51 -82.79
N LYS D 567 51.90 22.88 -81.75
CA LYS D 567 51.81 23.54 -80.44
C LYS D 567 53.18 23.74 -79.80
N GLU D 568 54.09 22.78 -79.94
CA GLU D 568 55.43 22.82 -79.37
C GLU D 568 55.45 22.84 -77.85
N SER D 569 54.29 22.66 -77.20
CA SER D 569 54.20 22.52 -75.75
C SER D 569 53.92 21.04 -75.47
N ASP D 570 54.87 20.37 -74.84
CA ASP D 570 54.73 18.93 -74.59
C ASP D 570 53.51 18.66 -73.71
N LEU D 571 52.58 17.87 -74.24
CA LEU D 571 51.38 17.53 -73.47
C LEU D 571 51.79 16.64 -72.31
N SER D 572 51.77 17.21 -71.11
CA SER D 572 51.96 16.40 -69.92
C SER D 572 50.85 15.35 -69.85
N PRO D 573 51.16 14.15 -69.35
CA PRO D 573 50.15 13.07 -69.34
C PRO D 573 48.84 13.46 -68.67
N SER D 574 48.87 14.41 -67.74
CA SER D 574 47.65 14.87 -67.08
C SER D 574 46.65 15.40 -68.11
N VAL D 575 47.12 16.25 -69.02
CA VAL D 575 46.26 16.79 -70.07
C VAL D 575 45.67 15.67 -70.89
N ALA D 576 46.49 14.68 -71.26
CA ALA D 576 46.04 13.57 -72.09
C ALA D 576 44.91 12.81 -71.43
N PHE D 577 45.12 12.40 -70.18
CA PHE D 577 44.13 11.55 -69.52
C PHE D 577 42.86 12.34 -69.18
N ALA D 578 43.01 13.61 -68.80
CA ALA D 578 41.83 14.43 -68.55
C ALA D 578 41.01 14.63 -69.81
N SER D 579 41.69 14.79 -70.96
CA SER D 579 40.98 14.90 -72.22
C SER D 579 40.23 13.61 -72.54
N LEU D 580 40.89 12.46 -72.33
CA LEU D 580 40.21 11.18 -72.57
C LEU D 580 38.98 11.04 -71.69
N SER D 581 39.08 11.47 -70.43
CA SER D 581 37.95 11.37 -69.51
C SER D 581 36.77 12.24 -69.96
N LEU D 582 37.03 13.53 -70.17
CA LEU D 582 35.98 14.44 -70.63
C LEU D 582 35.36 13.94 -71.93
N PHE D 583 36.20 13.39 -72.80
CA PHE D 583 35.73 12.89 -74.09
C PHE D 583 34.79 11.70 -73.93
N HIS D 584 35.13 10.77 -73.03
CA HIS D 584 34.24 9.64 -72.76
C HIS D 584 32.90 10.13 -72.20
N ILE D 585 32.96 11.11 -71.27
CA ILE D 585 31.73 11.68 -70.72
C ILE D 585 30.88 12.27 -71.84
N LEU D 586 31.52 12.91 -72.82
CA LEU D 586 30.77 13.46 -73.95
C LEU D 586 30.20 12.35 -74.83
N VAL D 587 30.93 11.25 -74.97
CA VAL D 587 30.52 10.19 -75.88
C VAL D 587 29.26 9.49 -75.40
N THR D 588 29.16 9.26 -74.08
CA THR D 588 28.02 8.48 -73.59
C THR D 588 26.65 9.02 -74.02
N PRO D 589 26.34 10.32 -73.94
CA PRO D 589 25.00 10.77 -74.37
C PRO D 589 24.67 10.49 -75.82
N LEU D 590 25.65 10.55 -76.73
CA LEU D 590 25.36 10.38 -78.16
C LEU D 590 24.82 9.00 -78.46
N PHE D 591 25.42 7.96 -77.89
CA PHE D 591 24.90 6.60 -78.03
C PHE D 591 23.47 6.52 -77.50
N LEU D 592 23.18 7.24 -76.42
CA LEU D 592 21.88 7.14 -75.78
C LEU D 592 20.78 7.77 -76.63
N LEU D 593 21.06 8.90 -77.28
CA LEU D 593 20.01 9.65 -77.97
C LEU D 593 19.40 8.84 -79.10
N SER D 594 20.18 7.94 -79.71
CA SER D 594 19.65 7.10 -80.78
C SER D 594 18.54 6.17 -80.25
N SER D 595 18.75 5.57 -79.08
CA SER D 595 17.69 4.80 -78.45
C SER D 595 16.53 5.69 -78.01
N VAL D 596 16.83 6.95 -77.66
CA VAL D 596 15.78 7.85 -77.17
C VAL D 596 14.75 8.12 -78.24
N VAL D 597 15.18 8.24 -79.50
CA VAL D 597 14.26 8.51 -80.61
C VAL D 597 13.20 7.43 -80.70
N ARG D 598 13.57 6.18 -80.41
CA ARG D 598 12.63 5.07 -80.45
C ARG D 598 11.46 5.29 -79.49
N SER D 599 11.74 5.80 -78.29
CA SER D 599 10.66 6.13 -77.37
C SER D 599 9.99 7.44 -77.70
N THR D 600 10.71 8.36 -78.33
CA THR D 600 10.18 9.70 -78.59
C THR D 600 9.09 9.69 -79.65
N VAL D 601 9.37 9.09 -80.81
CA VAL D 601 8.35 8.99 -81.85
C VAL D 601 7.19 8.13 -81.37
N LYS D 602 7.47 7.17 -80.48
CA LYS D 602 6.40 6.34 -79.95
C LYS D 602 5.50 7.13 -79.01
N ALA D 603 6.09 8.01 -78.20
CA ALA D 603 5.27 8.89 -77.37
C ALA D 603 4.44 9.83 -78.22
N LEU D 604 5.03 10.38 -79.28
CA LEU D 604 4.28 11.22 -80.20
C LEU D 604 3.10 10.48 -80.81
N VAL D 605 3.33 9.26 -81.29
CA VAL D 605 2.26 8.47 -81.90
C VAL D 605 1.19 8.13 -80.87
N SER D 606 1.61 7.77 -79.65
CA SER D 606 0.65 7.41 -78.61
C SER D 606 -0.24 8.58 -78.24
N VAL D 607 0.33 9.80 -78.19
CA VAL D 607 -0.50 10.94 -77.85
C VAL D 607 -1.42 11.31 -79.01
N GLN D 608 -0.93 11.22 -80.25
CA GLN D 608 -1.82 11.42 -81.39
C GLN D 608 -3.00 10.46 -81.33
N LYS D 609 -2.73 9.18 -81.05
CA LYS D 609 -3.79 8.19 -80.92
C LYS D 609 -4.73 8.54 -79.77
N LEU D 610 -4.17 8.97 -78.64
CA LEU D 610 -4.99 9.30 -77.47
C LEU D 610 -5.89 10.50 -77.76
N SER D 611 -5.40 11.47 -78.54
CA SER D 611 -6.20 12.64 -78.84
C SER D 611 -7.28 12.32 -79.87
N GLU D 612 -6.97 11.47 -80.84
CA GLU D 612 -8.02 11.02 -81.74
C GLU D 612 -9.06 10.19 -81.01
N PHE D 613 -8.66 9.48 -79.94
CA PHE D 613 -9.62 8.72 -79.16
C PHE D 613 -10.50 9.63 -78.31
N LEU D 614 -9.91 10.70 -77.74
CA LEU D 614 -10.70 11.65 -76.98
C LEU D 614 -11.68 12.42 -77.86
N SER D 615 -11.41 12.52 -79.16
CA SER D 615 -12.25 13.26 -80.08
C SER D 615 -13.39 12.43 -80.65
N SER D 616 -13.75 11.33 -80.00
CA SER D 616 -14.88 10.53 -80.47
C SER D 616 -16.19 11.21 -80.07
N ALA D 617 -17.29 10.67 -80.58
CA ALA D 617 -18.59 11.27 -80.39
C ALA D 617 -19.07 11.10 -78.95
N GLU D 618 -19.58 12.18 -78.37
CA GLU D 618 -20.09 12.20 -77.01
C GLU D 618 -21.43 11.47 -76.95
N ILE D 619 -21.98 11.37 -75.74
CA ILE D 619 -23.38 11.00 -75.53
C ILE D 619 -24.16 12.28 -75.24
N ARG D 620 -25.36 12.37 -75.80
CA ARG D 620 -26.13 13.61 -75.75
C ARG D 620 -26.98 13.65 -74.48
N GLU D 621 -26.79 14.70 -73.68
CA GLU D 621 -27.58 14.87 -72.47
C GLU D 621 -29.00 15.28 -72.82
N GLU D 622 -29.96 14.72 -72.09
CA GLU D 622 -31.38 15.00 -72.30
C GLU D 622 -31.71 16.45 -71.98
N CYS D 678 -45.46 4.80 -66.55
CA CYS D 678 -45.52 4.23 -67.89
C CYS D 678 -44.45 4.84 -68.78
N VAL D 679 -43.89 4.02 -69.68
CA VAL D 679 -42.87 4.47 -70.62
C VAL D 679 -43.56 5.05 -71.84
N GLN D 680 -43.29 6.32 -72.14
CA GLN D 680 -44.00 7.06 -73.17
C GLN D 680 -43.05 7.48 -74.28
N ILE D 681 -43.48 7.31 -75.53
CA ILE D 681 -42.72 7.74 -76.70
C ILE D 681 -43.68 8.36 -77.70
N ILE D 682 -43.41 9.61 -78.08
CA ILE D 682 -44.19 10.31 -79.09
C ILE D 682 -43.23 10.90 -80.11
N GLY D 683 -43.34 10.43 -81.36
CA GLY D 683 -42.55 10.95 -82.46
C GLY D 683 -41.12 10.45 -82.55
N GLY D 684 -40.95 9.12 -82.60
CA GLY D 684 -39.61 8.55 -82.59
C GLY D 684 -38.86 8.82 -83.89
N PHE D 685 -37.60 9.24 -83.78
CA PHE D 685 -36.81 9.58 -84.96
C PHE D 685 -35.33 9.63 -84.58
N PHE D 686 -34.54 8.68 -85.06
CA PHE D 686 -33.09 8.72 -84.83
C PHE D 686 -32.37 7.81 -85.81
N THR D 687 -31.09 8.11 -86.02
CA THR D 687 -30.21 7.33 -86.88
C THR D 687 -28.86 7.16 -86.18
N TRP D 688 -28.03 6.29 -86.74
CA TRP D 688 -26.75 5.92 -86.13
C TRP D 688 -25.58 6.73 -86.69
N THR D 689 -25.67 8.07 -86.69
CA THR D 689 -24.58 8.96 -87.08
C THR D 689 -24.95 10.40 -86.75
N PRO D 690 -24.00 11.33 -86.75
CA PRO D 690 -24.37 12.75 -86.68
C PRO D 690 -25.24 13.21 -87.83
N ASP D 691 -25.18 12.52 -88.98
CA ASP D 691 -26.01 12.85 -90.13
C ASP D 691 -26.10 11.63 -91.04
N GLY D 692 -27.30 11.28 -91.47
CA GLY D 692 -27.48 10.15 -92.35
C GLY D 692 -28.95 9.77 -92.42
N ILE D 693 -29.22 8.86 -93.34
CA ILE D 693 -30.60 8.36 -93.51
C ILE D 693 -30.99 7.55 -92.28
N PRO D 694 -32.20 7.68 -91.78
CA PRO D 694 -32.55 7.06 -90.49
C PRO D 694 -33.17 5.68 -90.63
N THR D 695 -33.20 4.98 -89.50
CA THR D 695 -33.94 3.74 -89.34
C THR D 695 -35.06 3.84 -88.33
N LEU D 696 -35.05 4.84 -87.45
CA LEU D 696 -36.13 5.10 -86.51
C LEU D 696 -37.00 6.21 -87.09
N SER D 697 -38.26 5.90 -87.35
CA SER D 697 -39.15 6.85 -88.03
C SER D 697 -40.56 6.75 -87.43
N ASN D 698 -40.99 7.83 -86.77
CA ASN D 698 -42.39 8.02 -86.37
C ASN D 698 -42.89 6.86 -85.50
N ILE D 699 -42.26 6.70 -84.35
CA ILE D 699 -42.62 5.66 -83.39
C ILE D 699 -43.40 6.29 -82.25
N THR D 700 -44.58 5.74 -81.95
CA THR D 700 -45.42 6.18 -80.86
C THR D 700 -45.83 4.96 -80.06
N ILE D 701 -45.56 4.98 -78.74
CA ILE D 701 -45.78 3.79 -77.94
C ILE D 701 -45.99 4.20 -76.48
N ARG D 702 -46.97 3.57 -75.85
CA ARG D 702 -47.25 3.74 -74.42
C ARG D 702 -47.11 2.40 -73.72
N ILE D 703 -46.40 2.38 -72.60
CA ILE D 703 -46.14 1.16 -71.85
C ILE D 703 -46.56 1.34 -70.40
N PRO D 704 -47.82 1.05 -70.05
CA PRO D 704 -48.22 1.16 -68.64
C PRO D 704 -47.50 0.16 -67.75
N ARG D 705 -47.38 0.50 -66.48
CA ARG D 705 -46.65 -0.33 -65.53
C ARG D 705 -47.39 -1.65 -65.30
N GLY D 706 -46.67 -2.61 -64.69
CA GLY D 706 -47.24 -3.90 -64.37
C GLY D 706 -47.85 -4.62 -65.56
N GLN D 707 -47.21 -4.53 -66.72
CA GLN D 707 -47.79 -5.01 -67.96
C GLN D 707 -46.71 -5.63 -68.83
N LEU D 708 -47.05 -6.72 -69.51
CA LEU D 708 -46.12 -7.39 -70.41
C LEU D 708 -46.30 -6.88 -71.83
N THR D 709 -45.19 -6.68 -72.53
CA THR D 709 -45.20 -6.16 -73.89
C THR D 709 -44.27 -6.99 -74.76
N MET D 710 -44.83 -7.67 -75.75
CA MET D 710 -44.06 -8.47 -76.70
C MET D 710 -43.83 -7.63 -77.95
N ILE D 711 -42.58 -7.27 -78.18
CA ILE D 711 -42.20 -6.72 -79.47
C ILE D 711 -41.91 -7.89 -80.42
N VAL D 712 -42.39 -7.77 -81.65
CA VAL D 712 -42.24 -8.82 -82.65
C VAL D 712 -42.04 -8.18 -84.01
N GLY D 713 -41.48 -8.94 -84.93
CA GLY D 713 -41.19 -8.46 -86.26
C GLY D 713 -40.05 -9.24 -86.87
N GLN D 714 -39.83 -8.97 -88.16
CA GLN D 714 -38.82 -9.69 -88.92
C GLN D 714 -37.41 -9.33 -88.44
N VAL D 715 -36.41 -9.98 -89.05
CA VAL D 715 -35.03 -9.67 -88.72
C VAL D 715 -34.67 -8.31 -89.30
N GLY D 716 -34.12 -7.44 -88.45
CA GLY D 716 -33.76 -6.10 -88.86
C GLY D 716 -34.93 -5.15 -88.91
N CYS D 717 -35.65 -5.03 -87.79
CA CYS D 717 -36.80 -4.15 -87.70
C CYS D 717 -36.70 -3.23 -86.49
N GLY D 718 -35.48 -2.92 -86.07
CA GLY D 718 -35.27 -1.98 -84.99
C GLY D 718 -35.89 -2.40 -83.67
N LYS D 719 -35.83 -3.69 -83.35
CA LYS D 719 -36.34 -4.15 -82.06
C LYS D 719 -35.33 -3.87 -80.96
N SER D 720 -34.11 -4.39 -81.12
CA SER D 720 -33.04 -4.03 -80.20
C SER D 720 -32.75 -2.54 -80.26
N SER D 721 -32.95 -1.92 -81.42
CA SER D 721 -32.71 -0.48 -81.53
C SER D 721 -33.77 0.31 -80.79
N LEU D 722 -35.03 -0.10 -80.89
CA LEU D 722 -36.07 0.49 -80.06
C LEU D 722 -35.75 0.29 -78.57
N LEU D 723 -35.22 -0.89 -78.23
CA LEU D 723 -34.84 -1.16 -76.84
C LEU D 723 -33.75 -0.21 -76.36
N LEU D 724 -32.78 0.08 -77.23
CA LEU D 724 -31.67 0.94 -76.82
C LEU D 724 -32.04 2.42 -76.81
N ALA D 725 -32.90 2.84 -77.75
CA ALA D 725 -33.37 4.23 -77.74
C ALA D 725 -34.24 4.49 -76.51
N THR D 726 -35.17 3.56 -76.22
CA THR D 726 -35.92 3.64 -74.96
C THR D 726 -34.98 3.70 -73.77
N LEU D 727 -33.79 3.12 -73.89
CA LEU D 727 -32.80 3.08 -72.82
C LEU D 727 -32.07 4.39 -72.63
N GLY D 728 -32.37 5.41 -73.44
CA GLY D 728 -31.65 6.65 -73.40
C GLY D 728 -30.23 6.58 -73.90
N GLU D 729 -29.71 5.39 -74.19
CA GLU D 729 -28.37 5.25 -74.75
C GLU D 729 -28.26 5.90 -76.12
N MET D 730 -29.39 6.12 -76.78
CA MET D 730 -29.44 6.74 -78.11
C MET D 730 -30.52 7.80 -78.08
N GLN D 731 -30.14 9.04 -77.79
CA GLN D 731 -31.11 10.14 -77.76
C GLN D 731 -31.55 10.47 -79.18
N LYS D 732 -32.85 10.43 -79.41
CA LYS D 732 -33.39 10.61 -80.76
C LYS D 732 -33.17 12.05 -81.24
N VAL D 733 -33.12 12.20 -82.56
CA VAL D 733 -32.94 13.53 -83.15
C VAL D 733 -34.13 14.42 -82.78
N SER D 734 -35.33 14.00 -83.17
CA SER D 734 -36.55 14.77 -82.94
C SER D 734 -37.62 13.82 -82.41
N GLY D 735 -37.96 13.96 -81.14
CA GLY D 735 -38.98 13.13 -80.53
C GLY D 735 -38.91 13.18 -79.02
N ALA D 736 -40.05 12.87 -78.40
CA ALA D 736 -40.18 12.92 -76.95
C ALA D 736 -40.27 11.51 -76.37
N VAL D 737 -39.54 11.29 -75.28
CA VAL D 737 -39.49 9.99 -74.63
C VAL D 737 -39.33 10.20 -73.13
N PHE D 738 -40.21 9.57 -72.35
CA PHE D 738 -40.24 9.75 -70.90
C PHE D 738 -40.41 8.40 -70.21
N TRP D 739 -39.92 8.33 -68.98
CA TRP D 739 -40.19 7.19 -68.10
C TRP D 739 -40.05 7.60 -66.64
N GLY D 768 -34.36 6.63 -64.80
CA GLY D 768 -34.30 5.66 -63.73
C GLY D 768 -33.39 4.49 -64.03
N PRO D 769 -32.89 3.82 -62.97
CA PRO D 769 -31.96 2.70 -63.16
C PRO D 769 -32.70 1.44 -63.61
N VAL D 770 -32.48 1.06 -64.86
CA VAL D 770 -33.26 0.04 -65.53
C VAL D 770 -32.39 -1.19 -65.74
N ALA D 771 -32.84 -2.33 -65.22
CA ALA D 771 -32.17 -3.59 -65.51
C ALA D 771 -32.43 -4.00 -66.94
N TYR D 772 -31.48 -4.73 -67.52
CA TYR D 772 -31.48 -4.99 -68.94
C TYR D 772 -30.51 -6.10 -69.30
N ALA D 773 -30.98 -7.11 -70.02
CA ALA D 773 -30.14 -8.21 -70.49
C ALA D 773 -30.06 -8.11 -72.01
N SER D 774 -28.87 -7.81 -72.51
CA SER D 774 -28.71 -7.48 -73.93
C SER D 774 -28.80 -8.73 -74.80
N GLN D 775 -28.83 -8.50 -76.12
CA GLN D 775 -28.98 -9.59 -77.06
C GLN D 775 -27.71 -10.44 -77.16
N LYS D 776 -26.56 -9.84 -76.86
CA LYS D 776 -25.28 -10.56 -76.84
C LYS D 776 -24.71 -10.46 -75.44
N PRO D 777 -24.87 -11.49 -74.60
CA PRO D 777 -24.55 -11.34 -73.18
C PRO D 777 -23.06 -11.20 -72.93
N TRP D 778 -22.74 -10.78 -71.71
CA TRP D 778 -21.36 -10.61 -71.30
C TRP D 778 -21.26 -10.92 -69.81
N LEU D 779 -20.08 -11.38 -69.41
CA LEU D 779 -19.80 -11.76 -68.03
C LEU D 779 -18.61 -10.97 -67.51
N LEU D 780 -18.56 -10.82 -66.19
CA LEU D 780 -17.49 -10.09 -65.54
C LEU D 780 -16.41 -11.05 -65.04
N ASN D 781 -15.19 -10.54 -64.91
CA ASN D 781 -14.07 -11.32 -64.37
C ASN D 781 -14.28 -11.46 -62.88
N ALA D 782 -15.16 -12.40 -62.52
CA ALA D 782 -15.60 -12.56 -61.14
C ALA D 782 -16.20 -13.96 -61.00
N THR D 783 -16.89 -14.19 -59.90
CA THR D 783 -17.58 -15.45 -59.65
C THR D 783 -19.01 -15.37 -60.16
N VAL D 784 -19.67 -16.53 -60.19
CA VAL D 784 -21.06 -16.59 -60.65
C VAL D 784 -21.97 -15.81 -59.72
N GLU D 785 -21.85 -16.05 -58.41
CA GLU D 785 -22.61 -15.29 -57.43
C GLU D 785 -22.41 -13.79 -57.61
N GLU D 786 -21.19 -13.38 -57.96
CA GLU D 786 -20.91 -11.96 -58.16
C GLU D 786 -21.56 -11.44 -59.44
N ASN D 787 -21.54 -12.24 -60.50
CA ASN D 787 -22.20 -11.84 -61.74
C ASN D 787 -23.71 -11.75 -61.57
N ILE D 788 -24.27 -12.48 -60.61
CA ILE D 788 -25.71 -12.39 -60.41
C ILE D 788 -26.09 -11.34 -59.36
N THR D 789 -25.18 -11.03 -58.43
CA THR D 789 -25.48 -9.97 -57.46
C THR D 789 -25.33 -8.60 -58.10
N PHE D 790 -24.18 -8.34 -58.72
CA PHE D 790 -23.92 -7.07 -59.40
C PHE D 790 -23.97 -5.89 -58.43
N GLU D 791 -23.08 -5.93 -57.44
CA GLU D 791 -22.87 -4.91 -56.42
C GLU D 791 -24.02 -4.83 -55.41
N SER D 792 -25.07 -5.61 -55.59
CA SER D 792 -26.15 -5.57 -54.61
C SER D 792 -25.87 -6.56 -53.47
N PRO D 793 -26.28 -6.23 -52.24
CA PRO D 793 -26.07 -7.15 -51.13
C PRO D 793 -26.79 -8.48 -51.34
N PHE D 794 -26.27 -9.52 -50.69
CA PHE D 794 -26.84 -10.85 -50.83
C PHE D 794 -28.16 -10.96 -50.08
N ASN D 795 -28.93 -11.98 -50.46
CA ASN D 795 -30.19 -12.27 -49.79
C ASN D 795 -30.39 -13.78 -49.79
N LYS D 796 -30.80 -14.31 -48.63
CA LYS D 796 -30.95 -15.74 -48.45
C LYS D 796 -31.95 -16.31 -49.47
N GLN D 797 -33.20 -15.85 -49.40
CA GLN D 797 -34.24 -16.43 -50.25
C GLN D 797 -34.23 -15.84 -51.66
N ARG D 798 -33.87 -14.57 -51.81
CA ARG D 798 -33.91 -13.92 -53.10
C ARG D 798 -32.97 -14.60 -54.10
N TYR D 799 -31.71 -14.78 -53.72
CA TYR D 799 -30.74 -15.40 -54.62
C TYR D 799 -31.15 -16.83 -54.96
N LYS D 800 -31.59 -17.60 -53.96
CA LYS D 800 -31.99 -18.97 -54.23
C LYS D 800 -33.19 -19.02 -55.17
N MET D 801 -34.13 -18.09 -55.03
CA MET D 801 -35.27 -18.06 -55.92
C MET D 801 -34.85 -17.73 -57.35
N VAL D 802 -33.98 -16.73 -57.51
CA VAL D 802 -33.54 -16.35 -58.84
C VAL D 802 -32.77 -17.51 -59.48
N ILE D 803 -32.01 -18.26 -58.69
CA ILE D 803 -31.28 -19.39 -59.24
C ILE D 803 -32.24 -20.51 -59.62
N GLU D 804 -33.17 -20.85 -58.74
CA GLU D 804 -34.07 -21.96 -58.97
C GLU D 804 -35.17 -21.64 -59.98
N ALA D 805 -35.27 -20.39 -60.42
CA ALA D 805 -36.17 -20.05 -61.51
C ALA D 805 -35.46 -20.01 -62.86
N CYS D 806 -34.15 -19.86 -62.88
CA CYS D 806 -33.39 -19.70 -64.12
C CYS D 806 -32.92 -21.01 -64.72
N SER D 807 -33.33 -22.16 -64.17
CA SER D 807 -32.89 -23.47 -64.66
C SER D 807 -31.37 -23.55 -64.70
N LEU D 808 -30.74 -23.13 -63.61
CA LEU D 808 -29.29 -22.97 -63.56
C LEU D 808 -28.61 -23.70 -62.42
N GLN D 809 -29.35 -24.17 -61.40
CA GLN D 809 -28.69 -24.81 -60.27
C GLN D 809 -28.03 -26.13 -60.64
N PRO D 810 -28.66 -27.05 -61.40
CA PRO D 810 -27.96 -28.30 -61.74
C PRO D 810 -26.64 -28.07 -62.46
N ASP D 811 -26.64 -27.22 -63.49
CA ASP D 811 -25.41 -26.95 -64.22
C ASP D 811 -24.37 -26.28 -63.35
N ILE D 812 -24.80 -25.37 -62.47
CA ILE D 812 -23.86 -24.73 -61.55
C ILE D 812 -23.20 -25.76 -60.65
N ASP D 813 -23.99 -26.71 -60.14
CA ASP D 813 -23.44 -27.74 -59.27
C ASP D 813 -22.60 -28.76 -60.03
N ILE D 814 -22.77 -28.86 -61.35
CA ILE D 814 -21.94 -29.77 -62.14
C ILE D 814 -20.53 -29.21 -62.32
N LEU D 815 -20.38 -27.88 -62.25
CA LEU D 815 -19.10 -27.23 -62.46
C LEU D 815 -18.03 -27.76 -61.49
N PRO D 816 -16.75 -27.56 -61.81
CA PRO D 816 -15.70 -28.08 -60.91
C PRO D 816 -15.78 -27.52 -59.49
N HIS D 817 -15.96 -26.22 -59.35
CA HIS D 817 -16.28 -25.60 -58.08
C HIS D 817 -17.79 -25.43 -58.00
N GLY D 818 -18.39 -26.02 -56.95
CA GLY D 818 -19.84 -25.99 -56.83
C GLY D 818 -20.44 -24.61 -56.98
N ASP D 819 -19.72 -23.58 -56.55
CA ASP D 819 -20.10 -22.20 -56.81
C ASP D 819 -18.84 -21.36 -56.71
N GLN D 820 -19.00 -20.06 -56.96
CA GLN D 820 -17.89 -19.11 -56.97
C GLN D 820 -16.80 -19.53 -57.96
N THR D 821 -17.16 -20.33 -58.95
CA THR D 821 -16.23 -20.70 -60.00
C THR D 821 -15.80 -19.45 -60.76
N GLN D 822 -14.50 -19.25 -60.90
CA GLN D 822 -13.97 -18.06 -61.55
C GLN D 822 -14.28 -18.14 -63.04
N ILE D 823 -15.31 -17.43 -63.46
CA ILE D 823 -15.69 -17.42 -64.87
C ILE D 823 -14.56 -16.83 -65.69
N GLY D 824 -14.06 -17.60 -66.65
CA GLY D 824 -12.99 -17.14 -67.51
C GLY D 824 -13.37 -15.91 -68.31
N GLU D 825 -12.40 -15.38 -69.06
CA GLU D 825 -12.62 -14.16 -69.82
C GLU D 825 -13.68 -14.38 -70.90
N ARG D 826 -14.78 -13.63 -70.79
CA ARG D 826 -15.93 -13.67 -71.69
C ARG D 826 -16.78 -14.93 -71.49
N GLY D 827 -16.31 -15.83 -70.63
CA GLY D 827 -17.04 -17.05 -70.34
C GLY D 827 -16.72 -18.21 -71.27
N ILE D 828 -15.44 -18.47 -71.50
CA ILE D 828 -15.04 -19.53 -72.41
C ILE D 828 -15.33 -20.90 -71.81
N ASN D 829 -15.08 -21.07 -70.51
CA ASN D 829 -15.36 -22.32 -69.83
C ASN D 829 -16.84 -22.50 -69.50
N LEU D 830 -17.71 -21.70 -70.12
CA LEU D 830 -19.16 -21.86 -70.04
C LEU D 830 -19.70 -22.19 -71.43
N SER D 831 -20.93 -22.71 -71.44
CA SER D 831 -21.56 -23.14 -72.69
C SER D 831 -22.36 -21.98 -73.29
N GLY D 832 -23.09 -22.26 -74.37
CA GLY D 832 -23.86 -21.20 -75.01
C GLY D 832 -25.05 -20.78 -74.18
N GLY D 833 -25.87 -21.74 -73.75
CA GLY D 833 -27.05 -21.40 -72.98
C GLY D 833 -26.75 -20.95 -71.57
N GLN D 834 -25.62 -21.39 -71.02
CA GLN D 834 -25.28 -21.03 -69.64
C GLN D 834 -25.07 -19.53 -69.48
N ARG D 835 -24.33 -18.92 -70.42
CA ARG D 835 -24.07 -17.49 -70.32
C ARG D 835 -25.36 -16.69 -70.47
N GLN D 836 -26.26 -17.13 -71.36
CA GLN D 836 -27.54 -16.44 -71.51
C GLN D 836 -28.37 -16.54 -70.24
N ARG D 837 -28.44 -17.74 -69.66
CA ARG D 837 -29.17 -17.90 -68.41
C ARG D 837 -28.57 -17.05 -67.31
N ILE D 838 -27.24 -16.91 -67.29
CA ILE D 838 -26.60 -16.11 -66.25
C ILE D 838 -26.89 -14.63 -66.44
N SER D 839 -26.88 -14.15 -67.68
CA SER D 839 -27.23 -12.75 -67.93
C SER D 839 -28.69 -12.48 -67.54
N VAL D 840 -29.59 -13.41 -67.88
CA VAL D 840 -30.99 -13.23 -67.52
C VAL D 840 -31.17 -13.26 -66.01
N ALA D 841 -30.40 -14.11 -65.33
CA ALA D 841 -30.44 -14.14 -63.86
C ALA D 841 -29.97 -12.81 -63.28
N ARG D 842 -28.92 -12.23 -63.84
CA ARG D 842 -28.46 -10.93 -63.37
C ARG D 842 -29.56 -9.88 -63.54
N ALA D 843 -30.14 -9.81 -64.73
CA ALA D 843 -31.16 -8.79 -64.98
C ALA D 843 -32.45 -9.06 -64.21
N LEU D 844 -32.67 -10.30 -63.79
CA LEU D 844 -33.89 -10.67 -63.07
C LEU D 844 -33.74 -10.56 -61.56
N TYR D 845 -32.50 -10.62 -61.05
CA TYR D 845 -32.25 -10.55 -59.62
C TYR D 845 -32.27 -9.12 -59.11
N GLN D 846 -31.91 -8.16 -59.95
CA GLN D 846 -31.78 -6.78 -59.49
C GLN D 846 -33.14 -6.16 -59.22
N GLN D 847 -33.15 -5.21 -58.28
CA GLN D 847 -34.36 -4.48 -57.93
C GLN D 847 -34.48 -3.26 -58.83
N THR D 848 -35.56 -3.20 -59.60
CA THR D 848 -35.82 -2.07 -60.49
C THR D 848 -37.27 -2.13 -60.95
N ASN D 849 -37.69 -1.07 -61.64
CA ASN D 849 -39.04 -1.02 -62.20
C ASN D 849 -39.13 -1.74 -63.53
N VAL D 850 -38.38 -1.27 -64.52
CA VAL D 850 -38.50 -1.74 -65.90
C VAL D 850 -37.37 -2.71 -66.20
N VAL D 851 -37.70 -3.84 -66.81
CA VAL D 851 -36.70 -4.83 -67.23
C VAL D 851 -36.87 -5.07 -68.73
N PHE D 852 -35.79 -4.89 -69.48
CA PHE D 852 -35.75 -5.18 -70.90
C PHE D 852 -35.02 -6.50 -71.11
N LEU D 853 -35.65 -7.42 -71.86
CA LEU D 853 -35.04 -8.71 -72.17
C LEU D 853 -34.95 -8.85 -73.69
N ASP D 854 -33.71 -8.87 -74.19
CA ASP D 854 -33.40 -8.81 -75.62
C ASP D 854 -33.15 -10.23 -76.12
N ASP D 855 -34.24 -10.92 -76.47
CA ASP D 855 -34.24 -12.32 -76.91
C ASP D 855 -33.50 -13.19 -75.91
N PRO D 856 -34.06 -13.43 -74.73
CA PRO D 856 -33.38 -14.29 -73.75
C PRO D 856 -33.64 -15.77 -74.00
N PHE D 857 -34.16 -16.12 -75.18
CA PHE D 857 -34.54 -17.50 -75.48
C PHE D 857 -33.83 -18.05 -76.71
N SER D 858 -32.77 -17.40 -77.18
CA SER D 858 -32.08 -17.89 -78.37
C SER D 858 -31.35 -19.19 -78.09
N ALA D 859 -30.51 -19.22 -77.05
CA ALA D 859 -29.68 -20.37 -76.74
C ALA D 859 -30.32 -21.30 -75.72
N LEU D 860 -31.65 -21.40 -75.70
CA LEU D 860 -32.35 -22.35 -74.85
C LEU D 860 -33.24 -23.25 -75.70
N ASP D 861 -33.58 -24.40 -75.14
CA ASP D 861 -34.41 -25.38 -75.81
C ASP D 861 -35.88 -25.06 -75.55
N VAL D 862 -36.77 -25.99 -75.90
CA VAL D 862 -38.20 -25.78 -75.64
C VAL D 862 -38.50 -25.84 -74.15
N HIS D 863 -37.97 -26.85 -73.48
CA HIS D 863 -38.39 -27.13 -72.11
C HIS D 863 -37.81 -26.11 -71.12
N LEU D 864 -36.51 -25.79 -71.27
CA LEU D 864 -35.91 -24.77 -70.41
C LEU D 864 -36.57 -23.42 -70.64
N SER D 865 -36.89 -23.08 -71.89
CA SER D 865 -37.59 -21.84 -72.18
C SER D 865 -38.97 -21.82 -71.53
N ASP D 866 -39.71 -22.92 -71.61
CA ASP D 866 -41.02 -23.00 -70.97
C ASP D 866 -40.90 -22.78 -69.47
N HIS D 867 -39.98 -23.49 -68.82
CA HIS D 867 -39.83 -23.37 -67.37
C HIS D 867 -39.40 -21.97 -66.97
N LEU D 868 -38.47 -21.37 -67.73
CA LEU D 868 -38.00 -20.03 -67.39
C LEU D 868 -39.08 -18.99 -67.58
N MET D 869 -39.83 -19.07 -68.69
CA MET D 869 -40.89 -18.11 -68.93
C MET D 869 -42.02 -18.28 -67.92
N GLN D 870 -42.28 -19.51 -67.48
CA GLN D 870 -43.37 -19.73 -66.53
C GLN D 870 -42.98 -19.29 -65.13
N ALA D 871 -41.73 -19.56 -64.74
CA ALA D 871 -41.32 -19.33 -63.35
C ALA D 871 -40.89 -17.88 -63.10
N GLY D 872 -39.96 -17.37 -63.90
CA GLY D 872 -39.42 -16.05 -63.65
C GLY D 872 -40.24 -14.91 -64.21
N ILE D 873 -40.73 -15.07 -65.43
CA ILE D 873 -41.43 -13.98 -66.11
C ILE D 873 -42.86 -13.84 -65.61
N LEU D 874 -43.56 -14.96 -65.45
CA LEU D 874 -44.97 -14.90 -65.08
C LEU D 874 -45.20 -15.00 -63.58
N GLU D 875 -44.39 -15.79 -62.88
CA GLU D 875 -44.58 -15.96 -61.44
C GLU D 875 -43.70 -14.99 -60.64
N LEU D 876 -42.44 -14.86 -61.00
CA LEU D 876 -41.51 -14.09 -60.17
C LEU D 876 -41.56 -12.60 -60.52
N LEU D 877 -41.53 -12.27 -61.81
CA LEU D 877 -41.61 -10.88 -62.23
C LEU D 877 -42.98 -10.29 -61.92
N ARG D 878 -44.02 -10.90 -62.47
CA ARG D 878 -45.39 -10.43 -62.29
C ARG D 878 -45.83 -10.44 -60.84
N ASP D 879 -45.05 -11.05 -59.94
CA ASP D 879 -45.35 -11.00 -58.52
C ASP D 879 -45.30 -9.56 -58.01
N ASP D 880 -44.14 -8.91 -58.13
CA ASP D 880 -43.98 -7.54 -57.66
C ASP D 880 -44.61 -6.51 -58.57
N LYS D 881 -45.31 -6.95 -59.63
CA LYS D 881 -45.96 -6.05 -60.59
C LYS D 881 -44.96 -5.09 -61.22
N ARG D 882 -43.78 -5.61 -61.57
CA ARG D 882 -42.80 -4.83 -62.30
C ARG D 882 -43.24 -4.68 -63.76
N THR D 883 -42.49 -3.86 -64.49
CA THR D 883 -42.73 -3.65 -65.92
C THR D 883 -41.74 -4.47 -66.72
N VAL D 884 -42.24 -5.22 -67.71
CA VAL D 884 -41.42 -6.15 -68.50
C VAL D 884 -41.59 -5.83 -69.97
N VAL D 885 -40.49 -5.59 -70.67
CA VAL D 885 -40.47 -5.44 -72.11
C VAL D 885 -39.56 -6.54 -72.66
N LEU D 886 -40.18 -7.57 -73.24
CA LEU D 886 -39.45 -8.76 -73.67
C LEU D 886 -39.63 -8.91 -75.18
N VAL D 887 -38.51 -9.02 -75.89
CA VAL D 887 -38.51 -9.05 -77.35
C VAL D 887 -38.00 -10.40 -77.81
N THR D 888 -38.87 -11.20 -78.42
CA THR D 888 -38.48 -12.52 -78.91
C THR D 888 -39.50 -12.95 -79.96
N HIS D 889 -39.52 -14.24 -80.28
CA HIS D 889 -40.52 -14.78 -81.21
C HIS D 889 -40.75 -16.24 -80.85
N LYS D 890 -41.81 -16.49 -80.07
CA LYS D 890 -42.25 -17.85 -79.76
C LYS D 890 -43.77 -17.86 -79.73
N LEU D 891 -44.33 -19.06 -79.58
CA LEU D 891 -45.78 -19.23 -79.57
C LEU D 891 -46.38 -19.07 -78.18
N GLN D 892 -45.70 -19.57 -77.15
CA GLN D 892 -46.29 -19.61 -75.81
C GLN D 892 -46.47 -18.22 -75.22
N TYR D 893 -45.64 -17.26 -75.63
CA TYR D 893 -45.58 -15.98 -74.94
C TYR D 893 -46.72 -15.06 -75.33
N LEU D 894 -47.20 -15.16 -76.58
CA LEU D 894 -48.21 -14.23 -77.07
C LEU D 894 -49.49 -14.24 -76.23
N PRO D 895 -50.10 -15.39 -75.91
CA PRO D 895 -51.33 -15.35 -75.10
C PRO D 895 -51.12 -14.90 -73.66
N HIS D 896 -49.88 -14.64 -73.25
CA HIS D 896 -49.60 -14.23 -71.88
C HIS D 896 -49.39 -12.72 -71.72
N ALA D 897 -49.03 -12.01 -72.78
CA ALA D 897 -48.68 -10.61 -72.67
C ALA D 897 -49.90 -9.72 -72.93
N ASP D 898 -49.78 -8.46 -72.52
CA ASP D 898 -50.85 -7.47 -72.64
C ASP D 898 -50.75 -6.61 -73.89
N TRP D 899 -49.54 -6.24 -74.32
CA TRP D 899 -49.38 -5.41 -75.50
C TRP D 899 -48.50 -6.10 -76.52
N ILE D 900 -48.78 -5.86 -77.80
CA ILE D 900 -48.02 -6.45 -78.89
C ILE D 900 -47.61 -5.35 -79.85
N ILE D 901 -46.34 -5.34 -80.26
CA ILE D 901 -45.81 -4.27 -81.10
C ILE D 901 -45.13 -4.88 -82.31
N ALA D 902 -45.72 -4.71 -83.49
CA ALA D 902 -45.22 -5.27 -84.73
C ALA D 902 -44.35 -4.25 -85.46
N MET D 903 -43.10 -4.62 -85.71
CA MET D 903 -42.15 -3.75 -86.39
C MET D 903 -41.87 -4.27 -87.80
N LYS D 904 -41.61 -3.35 -88.72
CA LYS D 904 -41.28 -3.70 -90.10
C LYS D 904 -40.49 -2.56 -90.71
N ASP D 905 -39.23 -2.82 -91.08
CA ASP D 905 -38.36 -1.84 -91.72
C ASP D 905 -38.24 -0.56 -90.89
N GLY D 906 -38.16 -0.72 -89.58
CA GLY D 906 -38.02 0.42 -88.70
C GLY D 906 -39.31 1.18 -88.43
N THR D 907 -40.46 0.58 -88.74
CA THR D 907 -41.75 1.22 -88.53
C THR D 907 -42.69 0.26 -87.83
N ILE D 908 -43.60 0.82 -87.04
CA ILE D 908 -44.58 0.05 -86.30
C ILE D 908 -45.77 -0.22 -87.22
N GLN D 909 -45.95 -1.49 -87.60
CA GLN D 909 -47.01 -1.82 -88.56
C GLN D 909 -48.39 -1.59 -87.95
N ARG D 910 -48.71 -2.32 -86.89
CA ARG D 910 -49.94 -2.13 -86.13
C ARG D 910 -49.57 -1.84 -84.68
N GLU D 911 -50.58 -1.70 -83.83
CA GLU D 911 -50.30 -1.34 -82.44
C GLU D 911 -51.48 -1.66 -81.55
N GLY D 912 -51.19 -2.09 -80.32
CA GLY D 912 -52.17 -2.15 -79.26
C GLY D 912 -52.14 -3.46 -78.49
N THR D 913 -53.25 -3.73 -77.82
CA THR D 913 -53.48 -4.97 -77.09
C THR D 913 -53.85 -6.08 -78.06
N LEU D 914 -54.18 -7.26 -77.52
CA LEU D 914 -54.40 -8.43 -78.35
C LEU D 914 -55.73 -8.35 -79.09
N LYS D 915 -56.81 -8.04 -78.38
CA LYS D 915 -58.14 -8.06 -79.00
C LYS D 915 -58.27 -7.01 -80.09
N ASP D 916 -57.83 -5.78 -79.80
CA ASP D 916 -57.88 -4.73 -80.81
C ASP D 916 -56.95 -5.04 -81.99
N PHE D 917 -55.82 -5.72 -81.72
CA PHE D 917 -54.95 -6.14 -82.81
C PHE D 917 -55.61 -7.20 -83.67
N GLN D 918 -56.43 -8.05 -83.08
CA GLN D 918 -57.12 -9.08 -83.86
C GLN D 918 -58.38 -8.56 -84.53
N ARG D 919 -58.89 -7.40 -84.10
CA ARG D 919 -60.02 -6.77 -84.76
C ARG D 919 -59.59 -5.76 -85.81
N SER D 920 -58.30 -5.43 -85.91
CA SER D 920 -57.82 -4.48 -86.89
C SER D 920 -57.47 -5.18 -88.21
N GLU D 921 -57.18 -4.37 -89.22
CA GLU D 921 -56.85 -4.88 -90.55
C GLU D 921 -55.43 -5.44 -90.60
N ARG D 999 15.55 -24.66 -70.72
CA ARG D 999 14.74 -25.00 -71.89
C ARG D 999 14.27 -23.73 -72.59
N ALA D 1000 14.85 -22.59 -72.21
CA ALA D 1000 14.47 -21.30 -72.77
C ALA D 1000 15.60 -20.63 -73.52
N CYS D 1001 16.78 -20.49 -72.91
CA CYS D 1001 17.89 -19.81 -73.56
C CYS D 1001 18.58 -20.67 -74.61
N THR D 1002 18.48 -22.00 -74.48
CA THR D 1002 19.13 -22.89 -75.43
C THR D 1002 18.61 -22.69 -76.85
N LYS D 1003 17.28 -22.79 -77.02
CA LYS D 1003 16.71 -22.62 -78.35
C LYS D 1003 16.79 -21.17 -78.82
N TYR D 1004 16.81 -20.21 -77.89
CA TYR D 1004 17.02 -18.82 -78.28
C TYR D 1004 18.39 -18.63 -78.92
N LEU D 1005 19.44 -19.11 -78.25
CA LEU D 1005 20.79 -19.00 -78.81
C LEU D 1005 20.93 -19.85 -80.06
N SER D 1006 20.19 -20.96 -80.17
CA SER D 1006 20.26 -21.78 -81.38
C SER D 1006 19.61 -21.06 -82.56
N SER D 1007 18.50 -20.38 -82.33
CA SER D 1007 17.89 -19.57 -83.38
C SER D 1007 18.74 -18.37 -83.74
N ALA D 1008 19.49 -17.83 -82.77
CA ALA D 1008 20.43 -16.77 -83.06
C ALA D 1008 21.50 -17.23 -84.04
N GLY D 1009 21.93 -18.49 -83.91
CA GLY D 1009 22.95 -19.04 -84.79
C GLY D 1009 24.30 -19.22 -84.12
N ILE D 1010 24.81 -20.45 -84.13
CA ILE D 1010 26.10 -20.75 -83.50
C ILE D 1010 27.27 -20.05 -84.18
N LEU D 1011 27.06 -19.50 -85.38
CA LEU D 1011 28.10 -18.76 -86.09
C LEU D 1011 28.01 -17.26 -85.90
N LEU D 1012 26.81 -16.73 -85.62
CA LEU D 1012 26.63 -15.29 -85.53
C LEU D 1012 26.89 -14.75 -84.14
N LEU D 1013 26.32 -15.39 -83.10
CA LEU D 1013 26.59 -14.94 -81.74
C LEU D 1013 28.04 -15.15 -81.35
N SER D 1014 28.66 -16.21 -81.89
CA SER D 1014 30.08 -16.44 -81.65
C SER D 1014 30.92 -15.33 -82.26
N LEU D 1015 30.62 -14.95 -83.49
CA LEU D 1015 31.31 -13.81 -84.12
C LEU D 1015 31.05 -12.52 -83.34
N LEU D 1016 29.84 -12.38 -82.80
CA LEU D 1016 29.51 -11.21 -81.99
C LEU D 1016 30.42 -11.11 -80.77
N VAL D 1017 30.48 -12.19 -79.98
CA VAL D 1017 31.31 -12.20 -78.77
C VAL D 1017 32.78 -12.00 -79.14
N PHE D 1018 33.25 -12.68 -80.19
CA PHE D 1018 34.64 -12.56 -80.60
C PHE D 1018 34.99 -11.12 -80.97
N SER D 1019 34.14 -10.49 -81.78
CA SER D 1019 34.41 -9.11 -82.20
C SER D 1019 34.37 -8.15 -81.02
N GLN D 1020 33.42 -8.34 -80.10
CA GLN D 1020 33.36 -7.50 -78.92
C GLN D 1020 34.66 -7.59 -78.11
N LEU D 1021 35.09 -8.82 -77.81
CA LEU D 1021 36.31 -9.00 -77.03
C LEU D 1021 37.52 -8.41 -77.73
N LEU D 1022 37.61 -8.60 -79.06
CA LEU D 1022 38.75 -8.07 -79.81
C LEU D 1022 38.78 -6.54 -79.78
N LYS D 1023 37.62 -5.92 -80.00
CA LYS D 1023 37.54 -4.47 -79.93
C LYS D 1023 37.99 -3.96 -78.56
N HIS D 1024 37.51 -4.59 -77.49
CA HIS D 1024 37.88 -4.05 -76.17
C HIS D 1024 39.35 -4.29 -75.84
N MET D 1025 39.92 -5.41 -76.30
CA MET D 1025 41.35 -5.61 -76.14
C MET D 1025 42.12 -4.50 -76.85
N VAL D 1026 41.73 -4.16 -78.07
CA VAL D 1026 42.39 -3.07 -78.79
C VAL D 1026 42.27 -1.76 -78.01
N LEU D 1027 41.07 -1.49 -77.47
CA LEU D 1027 40.84 -0.21 -76.79
C LEU D 1027 41.70 -0.09 -75.54
N VAL D 1028 41.79 -1.15 -74.73
CA VAL D 1028 42.62 -1.06 -73.54
C VAL D 1028 44.10 -0.98 -73.91
N ALA D 1029 44.50 -1.72 -74.95
CA ALA D 1029 45.92 -1.77 -75.30
C ALA D 1029 46.41 -0.41 -75.82
N ILE D 1030 45.60 0.28 -76.64
CA ILE D 1030 46.05 1.56 -77.18
C ILE D 1030 46.23 2.58 -76.06
N ASP D 1031 45.31 2.56 -75.08
CA ASP D 1031 45.43 3.49 -73.96
C ASP D 1031 46.66 3.17 -73.10
N TYR D 1032 46.93 1.89 -72.86
CA TYR D 1032 48.12 1.55 -72.06
C TYR D 1032 49.41 1.94 -72.77
N TRP D 1033 49.48 1.66 -74.08
CA TRP D 1033 50.63 2.06 -74.88
C TRP D 1033 50.82 3.58 -74.86
N LEU D 1034 49.72 4.32 -75.05
CA LEU D 1034 49.79 5.78 -75.02
C LEU D 1034 50.25 6.29 -73.66
N ALA D 1035 49.81 5.63 -72.59
CA ALA D 1035 50.25 6.03 -71.25
C ALA D 1035 51.75 5.84 -71.09
N LYS D 1036 52.26 4.69 -71.50
CA LYS D 1036 53.69 4.44 -71.41
C LYS D 1036 54.49 5.35 -72.33
N TRP D 1037 53.86 5.86 -73.40
CA TRP D 1037 54.58 6.77 -74.29
C TRP D 1037 54.57 8.21 -73.78
N THR D 1038 53.47 8.63 -73.15
CA THR D 1038 53.29 10.04 -72.84
C THR D 1038 54.27 10.52 -71.78
N ASP D 1039 54.49 9.72 -70.74
CA ASP D 1039 55.38 10.15 -69.67
C ASP D 1039 56.83 10.25 -70.11
N SER D 1040 57.15 9.86 -71.35
CA SER D 1040 58.51 10.01 -71.87
C SER D 1040 58.82 11.47 -72.17
N ASP D 1060 62.40 6.14 -81.18
CA ASP D 1060 61.32 5.38 -81.81
C ASP D 1060 60.01 6.13 -81.75
N GLN D 1061 60.07 7.45 -81.89
CA GLN D 1061 58.85 8.26 -81.88
C GLN D 1061 57.97 7.96 -83.08
N SER D 1062 58.57 7.85 -84.27
CA SER D 1062 57.80 7.48 -85.46
C SER D 1062 57.19 6.09 -85.32
N VAL D 1063 57.88 5.19 -84.62
CA VAL D 1063 57.33 3.86 -84.37
C VAL D 1063 56.02 3.97 -83.60
N TYR D 1064 56.03 4.73 -82.50
CA TYR D 1064 54.82 4.92 -81.72
C TYR D 1064 53.74 5.64 -82.52
N ALA D 1065 54.15 6.61 -83.36
CA ALA D 1065 53.17 7.33 -84.17
C ALA D 1065 52.45 6.36 -85.11
N MET D 1066 53.19 5.49 -85.77
CA MET D 1066 52.56 4.51 -86.66
C MET D 1066 51.70 3.53 -85.87
N VAL D 1067 52.15 3.11 -84.68
CA VAL D 1067 51.35 2.19 -83.86
C VAL D 1067 50.03 2.84 -83.48
N PHE D 1068 50.08 4.10 -83.05
CA PHE D 1068 48.87 4.82 -82.67
C PHE D 1068 47.92 4.98 -83.84
N THR D 1069 48.46 5.36 -85.01
CA THR D 1069 47.62 5.53 -86.19
C THR D 1069 47.01 4.21 -86.65
N LEU D 1070 47.73 3.10 -86.47
CA LEU D 1070 47.20 1.79 -86.83
C LEU D 1070 46.08 1.36 -85.89
N LEU D 1071 46.30 1.54 -84.58
CA LEU D 1071 45.28 1.15 -83.60
C LEU D 1071 44.03 2.00 -83.72
N CYS D 1072 44.17 3.29 -84.10
CA CYS D 1072 43.00 4.14 -84.20
C CYS D 1072 42.08 3.76 -85.36
N SER D 1073 42.60 3.02 -86.36
CA SER D 1073 41.76 2.48 -87.42
C SER D 1073 41.26 1.08 -87.08
N LEU D 1074 42.11 0.29 -86.41
CA LEU D 1074 41.68 -1.03 -85.95
C LEU D 1074 40.45 -0.90 -85.05
N GLY D 1075 40.48 0.06 -84.11
CA GLY D 1075 39.36 0.21 -83.19
C GLY D 1075 38.04 0.42 -83.89
N ILE D 1076 38.01 1.34 -84.87
CA ILE D 1076 36.76 1.66 -85.54
C ILE D 1076 36.30 0.50 -86.41
N VAL D 1077 37.24 -0.20 -87.07
CA VAL D 1077 36.85 -1.37 -87.86
C VAL D 1077 36.15 -2.39 -86.99
N LEU D 1078 36.79 -2.76 -85.86
CA LEU D 1078 36.24 -3.80 -85.00
C LEU D 1078 34.90 -3.38 -84.40
N CYS D 1079 34.77 -2.11 -83.98
CA CYS D 1079 33.52 -1.69 -83.37
C CYS D 1079 32.37 -1.67 -84.37
N LEU D 1080 32.62 -1.19 -85.59
CA LEU D 1080 31.61 -1.23 -86.63
C LEU D 1080 31.15 -2.66 -86.89
N VAL D 1081 32.10 -3.59 -86.96
CA VAL D 1081 31.73 -4.99 -87.16
C VAL D 1081 30.84 -5.47 -86.02
N THR D 1082 31.19 -5.13 -84.78
CA THR D 1082 30.38 -5.55 -83.63
C THR D 1082 28.95 -5.08 -83.77
N SER D 1083 28.76 -3.79 -84.07
CA SER D 1083 27.40 -3.24 -84.13
C SER D 1083 26.58 -3.93 -85.22
N VAL D 1084 27.17 -4.08 -86.41
CA VAL D 1084 26.46 -4.74 -87.51
C VAL D 1084 26.01 -6.14 -87.09
N THR D 1085 26.92 -6.90 -86.49
CA THR D 1085 26.61 -8.27 -86.09
C THR D 1085 25.47 -8.31 -85.07
N VAL D 1086 25.49 -7.40 -84.09
CA VAL D 1086 24.44 -7.39 -83.07
C VAL D 1086 23.07 -7.17 -83.71
N GLU D 1087 22.98 -6.19 -84.61
CA GLU D 1087 21.69 -5.92 -85.24
C GLU D 1087 21.19 -7.12 -86.04
N TRP D 1088 22.09 -7.76 -86.79
CA TRP D 1088 21.70 -8.94 -87.57
C TRP D 1088 21.14 -10.03 -86.65
N THR D 1089 21.83 -10.29 -85.54
CA THR D 1089 21.37 -11.31 -84.59
C THR D 1089 19.97 -11.01 -84.09
N GLY D 1090 19.73 -9.75 -83.69
CA GLY D 1090 18.41 -9.38 -83.20
C GLY D 1090 17.30 -9.66 -84.21
N LEU D 1091 17.53 -9.25 -85.47
CA LEU D 1091 16.51 -9.46 -86.49
C LEU D 1091 16.21 -10.94 -86.67
N LYS D 1092 17.26 -11.78 -86.75
CA LYS D 1092 17.03 -13.20 -86.96
C LYS D 1092 16.22 -13.81 -85.83
N VAL D 1093 16.58 -13.49 -84.59
CA VAL D 1093 15.83 -14.02 -83.45
C VAL D 1093 14.35 -13.62 -83.57
N ALA D 1094 14.10 -12.34 -83.84
CA ALA D 1094 12.73 -11.86 -83.94
C ALA D 1094 11.92 -12.71 -84.93
N LYS D 1095 12.40 -12.80 -86.17
CA LYS D 1095 11.52 -13.41 -87.16
C LYS D 1095 11.39 -14.92 -86.98
N ARG D 1096 12.46 -15.61 -86.57
CA ARG D 1096 12.33 -17.05 -86.35
C ARG D 1096 11.37 -17.34 -85.20
N LEU D 1097 11.46 -16.56 -84.11
CA LEU D 1097 10.56 -16.77 -82.99
C LEU D 1097 9.10 -16.54 -83.40
N HIS D 1098 8.83 -15.51 -84.19
CA HIS D 1098 7.43 -15.26 -84.56
C HIS D 1098 6.90 -16.37 -85.46
N ARG D 1099 7.68 -16.78 -86.47
CA ARG D 1099 7.24 -17.85 -87.35
C ARG D 1099 6.99 -19.14 -86.57
N SER D 1100 7.85 -19.46 -85.60
CA SER D 1100 7.61 -20.63 -84.77
C SER D 1100 6.33 -20.49 -83.96
N LEU D 1101 6.10 -19.31 -83.39
CA LEU D 1101 4.94 -19.11 -82.52
C LEU D 1101 3.64 -19.32 -83.27
N LEU D 1102 3.53 -18.74 -84.47
CA LEU D 1102 2.25 -18.81 -85.16
C LEU D 1102 1.92 -20.24 -85.61
N ASN D 1103 2.90 -20.96 -86.13
CA ASN D 1103 2.66 -22.35 -86.54
C ASN D 1103 2.61 -23.31 -85.37
N ARG D 1104 3.05 -22.90 -84.18
CA ARG D 1104 2.77 -23.71 -82.99
C ARG D 1104 1.33 -23.51 -82.52
N ILE D 1105 0.81 -22.28 -82.66
CA ILE D 1105 -0.58 -22.04 -82.27
C ILE D 1105 -1.55 -22.64 -83.28
N ILE D 1106 -1.20 -22.66 -84.57
CA ILE D 1106 -2.14 -23.15 -85.60
C ILE D 1106 -2.35 -24.65 -85.46
N LEU D 1107 -1.31 -25.39 -85.10
CA LEU D 1107 -1.36 -26.84 -85.00
C LEU D 1107 -1.85 -27.33 -83.64
N ALA D 1108 -2.64 -26.49 -82.91
CA ALA D 1108 -3.15 -26.81 -81.59
C ALA D 1108 -4.57 -27.38 -81.67
N PRO D 1109 -4.93 -28.29 -80.76
CA PRO D 1109 -6.29 -28.81 -80.74
C PRO D 1109 -7.25 -27.86 -80.04
N MET D 1110 -8.54 -28.05 -80.34
CA MET D 1110 -9.56 -27.13 -79.82
C MET D 1110 -9.63 -27.17 -78.30
N ARG D 1111 -9.29 -28.30 -77.68
CA ARG D 1111 -9.29 -28.39 -76.23
C ARG D 1111 -8.28 -27.40 -75.63
N PHE D 1112 -7.13 -27.25 -76.28
CA PHE D 1112 -6.13 -26.30 -75.79
C PHE D 1112 -6.60 -24.86 -75.96
N PHE D 1113 -7.30 -24.57 -77.06
CA PHE D 1113 -7.78 -23.21 -77.28
C PHE D 1113 -8.86 -22.83 -76.27
N GLU D 1114 -9.79 -23.75 -75.99
CA GLU D 1114 -10.81 -23.45 -75.00
C GLU D 1114 -10.23 -23.38 -73.60
N THR D 1115 -9.29 -24.28 -73.27
CA THR D 1115 -8.73 -24.32 -71.92
C THR D 1115 -7.98 -23.03 -71.60
N THR D 1116 -7.08 -22.61 -72.49
CA THR D 1116 -6.20 -21.49 -72.20
C THR D 1116 -6.99 -20.18 -72.21
N PRO D 1117 -6.77 -19.31 -71.23
CA PRO D 1117 -7.33 -17.96 -71.30
C PRO D 1117 -6.73 -17.20 -72.48
N LEU D 1118 -7.61 -16.65 -73.33
CA LEU D 1118 -7.16 -16.03 -74.57
C LEU D 1118 -6.48 -14.69 -74.33
N GLY D 1119 -6.89 -13.96 -73.30
CA GLY D 1119 -6.23 -12.71 -72.97
C GLY D 1119 -4.76 -12.90 -72.69
N SER D 1120 -4.41 -13.96 -71.97
CA SER D 1120 -3.01 -14.26 -71.72
C SER D 1120 -2.27 -14.55 -73.01
N ILE D 1121 -2.86 -15.34 -73.91
CA ILE D 1121 -2.22 -15.65 -75.18
C ILE D 1121 -1.92 -14.38 -75.95
N LEU D 1122 -2.94 -13.52 -76.11
CA LEU D 1122 -2.77 -12.32 -76.92
C LEU D 1122 -1.79 -11.34 -76.29
N ASN D 1123 -1.87 -11.13 -74.97
CA ASN D 1123 -0.98 -10.15 -74.34
C ASN D 1123 0.45 -10.64 -74.33
N ARG D 1124 0.67 -11.94 -74.06
CA ARG D 1124 1.99 -12.52 -74.21
C ARG D 1124 2.52 -12.30 -75.61
N PHE D 1125 1.71 -12.67 -76.62
CA PHE D 1125 2.05 -12.43 -78.02
C PHE D 1125 2.57 -11.02 -78.21
N SER D 1126 1.71 -10.02 -77.98
CA SER D 1126 2.04 -8.64 -78.34
C SER D 1126 3.19 -8.10 -77.51
N SER D 1127 3.12 -8.23 -76.18
CA SER D 1127 4.14 -7.66 -75.31
C SER D 1127 5.50 -8.30 -75.57
N ASP D 1128 5.57 -9.64 -75.62
CA ASP D 1128 6.83 -10.32 -75.84
C ASP D 1128 7.42 -9.99 -77.19
N CYS D 1129 6.60 -10.01 -78.24
CA CYS D 1129 7.12 -9.73 -79.57
C CYS D 1129 7.62 -8.30 -79.68
N ASN D 1130 6.92 -7.34 -79.06
CA ASN D 1130 7.37 -5.96 -79.08
C ASN D 1130 8.68 -5.79 -78.32
N THR D 1131 8.79 -6.42 -77.14
CA THR D 1131 10.03 -6.33 -76.37
C THR D 1131 11.20 -6.91 -77.16
N ILE D 1132 11.00 -8.08 -77.76
CA ILE D 1132 12.08 -8.71 -78.54
C ILE D 1132 12.45 -7.87 -79.75
N ASP D 1133 11.45 -7.28 -80.41
CA ASP D 1133 11.73 -6.51 -81.61
C ASP D 1133 12.45 -5.20 -81.30
N GLN D 1134 12.11 -4.56 -80.18
CA GLN D 1134 12.56 -3.20 -79.98
C GLN D 1134 13.38 -2.98 -78.70
N HIS D 1135 13.31 -3.88 -77.73
CA HIS D 1135 14.08 -3.70 -76.50
C HIS D 1135 15.27 -4.64 -76.37
N ILE D 1136 15.23 -5.82 -76.96
CA ILE D 1136 16.32 -6.80 -76.79
C ILE D 1136 17.62 -6.35 -77.46
N PRO D 1137 17.62 -5.73 -78.69
CA PRO D 1137 18.91 -5.43 -79.33
C PRO D 1137 19.68 -4.37 -78.56
N SER D 1138 19.02 -3.24 -78.29
CA SER D 1138 19.69 -2.13 -77.62
C SER D 1138 20.15 -2.54 -76.22
N THR D 1139 19.27 -3.15 -75.44
CA THR D 1139 19.62 -3.54 -74.07
C THR D 1139 20.75 -4.57 -74.07
N LEU D 1140 20.67 -5.59 -74.93
CA LEU D 1140 21.70 -6.59 -74.98
C LEU D 1140 23.05 -6.00 -75.36
N GLU D 1141 23.07 -5.11 -76.36
CA GLU D 1141 24.35 -4.53 -76.79
C GLU D 1141 24.92 -3.61 -75.72
N CYS D 1142 24.07 -2.80 -75.07
CA CYS D 1142 24.56 -1.95 -73.98
C CYS D 1142 25.11 -2.78 -72.83
N LEU D 1143 24.45 -3.90 -72.52
CA LEU D 1143 24.94 -4.80 -71.47
C LEU D 1143 26.32 -5.36 -71.81
N SER D 1144 26.48 -5.82 -73.05
CA SER D 1144 27.78 -6.35 -73.47
C SER D 1144 28.86 -5.27 -73.39
N ARG D 1145 28.56 -4.08 -73.90
CA ARG D 1145 29.53 -2.97 -73.82
C ARG D 1145 29.91 -2.68 -72.38
N SER D 1146 28.93 -2.65 -71.47
CA SER D 1146 29.22 -2.30 -70.08
C SER D 1146 30.04 -3.39 -69.38
N THR D 1147 29.72 -4.66 -69.62
CA THR D 1147 30.51 -5.74 -69.01
C THR D 1147 31.95 -5.75 -69.50
N LEU D 1148 32.16 -5.47 -70.79
CA LEU D 1148 33.53 -5.41 -71.32
C LEU D 1148 34.27 -4.20 -70.77
N LEU D 1149 33.58 -3.06 -70.59
CA LEU D 1149 34.20 -1.90 -69.95
C LEU D 1149 34.61 -2.23 -68.51
N CYS D 1150 33.76 -2.93 -67.77
CA CYS D 1150 34.10 -3.31 -66.40
C CYS D 1150 35.32 -4.23 -66.37
N VAL D 1151 35.37 -5.20 -67.28
CA VAL D 1151 36.53 -6.10 -67.36
C VAL D 1151 37.80 -5.30 -67.62
N SER D 1152 37.74 -4.40 -68.61
CA SER D 1152 38.90 -3.58 -68.94
C SER D 1152 39.35 -2.75 -67.73
N ALA D 1153 38.41 -2.15 -67.02
CA ALA D 1153 38.78 -1.28 -65.89
C ALA D 1153 39.41 -2.10 -64.76
N LEU D 1154 38.82 -3.24 -64.41
CA LEU D 1154 39.41 -4.08 -63.37
C LEU D 1154 40.80 -4.52 -63.77
N THR D 1155 40.98 -4.97 -65.02
CA THR D 1155 42.29 -5.42 -65.46
C THR D 1155 43.32 -4.30 -65.41
N VAL D 1156 42.92 -3.09 -65.82
CA VAL D 1156 43.86 -1.96 -65.80
C VAL D 1156 44.27 -1.64 -64.37
N ILE D 1157 43.30 -1.54 -63.46
CA ILE D 1157 43.63 -1.19 -62.08
C ILE D 1157 44.51 -2.27 -61.45
N SER D 1158 44.23 -3.53 -61.77
CA SER D 1158 45.08 -4.60 -61.26
C SER D 1158 46.50 -4.49 -61.80
N TYR D 1159 46.64 -4.10 -63.07
CA TYR D 1159 47.99 -3.99 -63.64
C TYR D 1159 48.76 -2.82 -63.03
N VAL D 1160 48.09 -1.68 -62.81
CA VAL D 1160 48.81 -0.50 -62.35
C VAL D 1160 49.26 -0.67 -60.91
N THR D 1161 48.47 -1.33 -60.09
CA THR D 1161 48.80 -1.59 -58.68
C THR D 1161 48.53 -3.05 -58.37
N PRO D 1162 49.55 -3.92 -58.39
CA PRO D 1162 49.35 -5.32 -58.03
C PRO D 1162 48.90 -5.54 -56.59
N VAL D 1163 48.80 -4.47 -55.78
CA VAL D 1163 48.35 -4.61 -54.41
C VAL D 1163 46.83 -4.53 -54.27
N PHE D 1164 46.13 -3.98 -55.27
CA PHE D 1164 44.69 -3.79 -55.17
C PHE D 1164 43.94 -5.11 -54.97
N LEU D 1165 44.53 -6.22 -55.44
CA LEU D 1165 43.89 -7.52 -55.26
C LEU D 1165 43.72 -7.89 -53.79
N VAL D 1166 44.26 -7.09 -52.87
CA VAL D 1166 43.97 -7.28 -51.45
C VAL D 1166 42.69 -6.56 -51.01
N ALA D 1167 42.26 -5.55 -51.77
CA ALA D 1167 41.07 -4.78 -51.42
C ALA D 1167 39.87 -5.08 -52.30
N LEU D 1168 39.97 -6.05 -53.21
CA LEU D 1168 38.88 -6.35 -54.13
C LEU D 1168 37.91 -7.39 -53.57
N LEU D 1169 38.42 -8.38 -52.84
CA LEU D 1169 37.56 -9.42 -52.31
C LEU D 1169 36.51 -8.91 -51.32
N PRO D 1170 36.81 -7.99 -50.39
CA PRO D 1170 35.73 -7.47 -49.53
C PRO D 1170 34.65 -6.76 -50.31
N LEU D 1171 35.05 -5.94 -51.31
CA LEU D 1171 34.09 -5.31 -52.19
C LEU D 1171 33.19 -6.35 -52.85
N ALA D 1172 33.80 -7.39 -53.43
CA ALA D 1172 33.03 -8.43 -54.10
C ALA D 1172 32.08 -9.12 -53.14
N VAL D 1173 32.53 -9.39 -51.91
CA VAL D 1173 31.70 -10.12 -50.95
C VAL D 1173 30.49 -9.28 -50.54
N VAL D 1174 30.73 -8.02 -50.17
CA VAL D 1174 29.62 -7.16 -49.76
C VAL D 1174 28.64 -6.95 -50.91
N CYS D 1175 29.16 -6.70 -52.12
CA CYS D 1175 28.30 -6.51 -53.27
C CYS D 1175 27.52 -7.77 -53.59
N TYR D 1176 28.14 -8.94 -53.45
CA TYR D 1176 27.46 -10.21 -53.71
C TYR D 1176 26.32 -10.42 -52.73
N PHE D 1177 26.57 -10.17 -51.44
CA PHE D 1177 25.51 -10.33 -50.44
C PHE D 1177 24.36 -9.36 -50.69
N ILE D 1178 24.67 -8.11 -51.01
CA ILE D 1178 23.58 -7.16 -51.22
C ILE D 1178 22.81 -7.49 -52.50
N GLN D 1179 23.49 -7.98 -53.53
CA GLN D 1179 22.80 -8.39 -54.75
C GLN D 1179 21.89 -9.59 -54.48
N LYS D 1180 22.37 -10.55 -53.67
CA LYS D 1180 21.53 -11.69 -53.31
C LYS D 1180 20.29 -11.24 -52.54
N TYR D 1181 20.46 -10.30 -51.61
CA TYR D 1181 19.31 -9.80 -50.86
C TYR D 1181 18.33 -9.07 -51.77
N PHE D 1182 18.85 -8.30 -52.73
CA PHE D 1182 17.98 -7.57 -53.64
C PHE D 1182 17.23 -8.50 -54.57
N ARG D 1183 17.83 -9.64 -54.92
CA ARG D 1183 17.23 -10.49 -55.97
C ARG D 1183 15.85 -11.00 -55.56
N VAL D 1184 15.71 -11.48 -54.32
CA VAL D 1184 14.45 -12.08 -53.91
C VAL D 1184 13.36 -11.03 -53.79
N ALA D 1185 13.69 -9.88 -53.19
CA ALA D 1185 12.71 -8.81 -53.09
C ALA D 1185 12.31 -8.30 -54.46
N SER D 1186 13.26 -8.22 -55.40
CA SER D 1186 12.94 -7.76 -56.75
C SER D 1186 12.03 -8.75 -57.46
N ARG D 1187 12.32 -10.05 -57.35
CA ARG D 1187 11.44 -11.05 -57.95
C ARG D 1187 10.03 -10.97 -57.37
N ASP D 1188 9.93 -10.79 -56.05
CA ASP D 1188 8.62 -10.69 -55.41
C ASP D 1188 7.85 -9.48 -55.92
N LEU D 1189 8.52 -8.33 -56.01
CA LEU D 1189 7.85 -7.12 -56.46
C LEU D 1189 7.41 -7.24 -57.93
N GLN D 1190 8.25 -7.86 -58.77
CA GLN D 1190 7.85 -8.05 -60.17
C GLN D 1190 6.64 -8.96 -60.27
N GLN D 1191 6.64 -10.06 -59.51
CA GLN D 1191 5.50 -10.97 -59.53
C GLN D 1191 4.22 -10.26 -59.08
N LEU D 1192 4.30 -9.48 -58.00
CA LEU D 1192 3.13 -8.75 -57.54
C LEU D 1192 2.68 -7.71 -58.57
N ASP D 1193 3.65 -7.09 -59.26
CA ASP D 1193 3.32 -6.15 -60.32
C ASP D 1193 2.48 -6.82 -61.39
N ASP D 1194 2.92 -8.00 -61.86
CA ASP D 1194 2.17 -8.71 -62.89
C ASP D 1194 0.78 -9.11 -62.39
N THR D 1195 0.70 -9.62 -61.15
CA THR D 1195 -0.57 -10.11 -60.64
C THR D 1195 -1.57 -9.00 -60.36
N THR D 1196 -1.10 -7.75 -60.18
CA THR D 1196 -2.05 -6.64 -60.10
C THR D 1196 -2.34 -6.03 -61.47
N GLN D 1197 -1.39 -6.12 -62.41
CA GLN D 1197 -1.57 -5.52 -63.72
C GLN D 1197 -2.52 -6.32 -64.61
N LEU D 1198 -2.66 -7.63 -64.38
CA LEU D 1198 -3.61 -8.39 -65.19
C LEU D 1198 -5.07 -7.99 -64.93
N PRO D 1199 -5.56 -7.92 -63.69
CA PRO D 1199 -6.99 -7.65 -63.49
C PRO D 1199 -7.44 -6.27 -63.94
N LEU D 1200 -6.55 -5.28 -63.93
CA LEU D 1200 -6.91 -3.95 -64.41
C LEU D 1200 -7.28 -3.98 -65.89
N LEU D 1201 -6.47 -4.67 -66.70
CA LEU D 1201 -6.76 -4.76 -68.13
C LEU D 1201 -7.96 -5.67 -68.40
N SER D 1202 -8.14 -6.73 -67.60
CA SER D 1202 -9.38 -7.50 -67.71
C SER D 1202 -10.60 -6.61 -67.49
N HIS D 1203 -10.55 -5.79 -66.44
CA HIS D 1203 -11.64 -4.86 -66.15
C HIS D 1203 -11.87 -3.88 -67.28
N PHE D 1204 -10.80 -3.34 -67.85
CA PHE D 1204 -10.93 -2.42 -68.97
C PHE D 1204 -11.66 -3.07 -70.14
N ALA D 1205 -11.20 -4.26 -70.55
CA ALA D 1205 -11.84 -4.96 -71.67
C ALA D 1205 -13.32 -5.21 -71.39
N GLU D 1206 -13.64 -5.71 -70.19
CA GLU D 1206 -15.02 -6.05 -69.89
C GLU D 1206 -15.91 -4.81 -69.84
N THR D 1207 -15.39 -3.69 -69.34
CA THR D 1207 -16.15 -2.45 -69.38
C THR D 1207 -16.37 -2.00 -70.82
N VAL D 1208 -15.35 -2.16 -71.67
CA VAL D 1208 -15.47 -1.69 -73.05
C VAL D 1208 -16.51 -2.50 -73.82
N GLU D 1209 -16.56 -3.81 -73.60
CA GLU D 1209 -17.51 -4.61 -74.38
C GLU D 1209 -18.92 -4.53 -73.83
N GLY D 1210 -19.09 -4.73 -72.52
CA GLY D 1210 -20.42 -4.69 -71.91
C GLY D 1210 -20.91 -3.28 -71.60
N LEU D 1211 -20.73 -2.37 -72.56
CA LEU D 1211 -21.04 -0.95 -72.33
C LEU D 1211 -22.51 -0.74 -72.04
N THR D 1212 -23.39 -1.26 -72.90
CA THR D 1212 -24.81 -0.93 -72.82
C THR D 1212 -25.40 -1.27 -71.47
N THR D 1213 -25.03 -2.44 -70.90
CA THR D 1213 -25.59 -2.84 -69.61
C THR D 1213 -25.17 -1.88 -68.51
N ILE D 1214 -23.89 -1.52 -68.49
CA ILE D 1214 -23.37 -0.66 -67.43
C ILE D 1214 -23.98 0.73 -67.53
N ARG D 1215 -24.19 1.24 -68.75
CA ARG D 1215 -24.82 2.54 -68.86
C ARG D 1215 -26.34 2.47 -68.77
N ALA D 1216 -26.93 1.28 -68.79
CA ALA D 1216 -28.36 1.13 -68.55
C ALA D 1216 -28.66 1.16 -67.06
N PHE D 1217 -27.94 0.33 -66.29
CA PHE D 1217 -28.13 0.33 -64.85
C PHE D 1217 -27.85 1.70 -64.24
N ARG D 1218 -27.01 2.50 -64.91
CA ARG D 1218 -26.48 3.74 -64.35
C ARG D 1218 -25.69 3.44 -63.07
N TYR D 1219 -24.80 2.45 -63.17
CA TYR D 1219 -23.88 2.06 -62.13
C TYR D 1219 -22.51 2.74 -62.28
N GLU D 1220 -22.44 3.80 -63.08
CA GLU D 1220 -21.16 4.36 -63.50
C GLU D 1220 -20.31 4.80 -62.31
N ALA D 1221 -20.93 5.28 -61.23
CA ALA D 1221 -20.18 5.65 -60.05
C ALA D 1221 -19.48 4.43 -59.44
N ARG D 1222 -20.20 3.31 -59.34
CA ARG D 1222 -19.61 2.09 -58.79
C ARG D 1222 -18.43 1.62 -59.62
N PHE D 1223 -18.59 1.63 -60.95
CA PHE D 1223 -17.51 1.13 -61.80
C PHE D 1223 -16.30 2.06 -61.78
N GLN D 1224 -16.54 3.38 -61.76
CA GLN D 1224 -15.42 4.31 -61.67
C GLN D 1224 -14.69 4.14 -60.34
N GLN D 1225 -15.42 3.92 -59.25
CA GLN D 1225 -14.79 3.67 -57.96
C GLN D 1225 -13.95 2.39 -58.00
N LYS D 1226 -14.49 1.34 -58.61
CA LYS D 1226 -13.74 0.10 -58.75
C LYS D 1226 -12.44 0.32 -59.52
N LEU D 1227 -12.52 1.04 -60.65
CA LEU D 1227 -11.31 1.29 -61.43
C LEU D 1227 -10.31 2.11 -60.64
N LEU D 1228 -10.79 3.06 -59.83
CA LEU D 1228 -9.88 3.83 -58.97
C LEU D 1228 -9.14 2.92 -58.01
N GLU D 1229 -9.86 1.98 -57.38
CA GLU D 1229 -9.22 1.00 -56.52
C GLU D 1229 -8.11 0.25 -57.25
N TYR D 1230 -8.45 -0.34 -58.41
CA TYR D 1230 -7.48 -1.15 -59.13
C TYR D 1230 -6.26 -0.34 -59.57
N THR D 1231 -6.48 0.89 -60.05
CA THR D 1231 -5.36 1.68 -60.54
C THR D 1231 -4.47 2.15 -59.39
N ASP D 1232 -5.05 2.41 -58.22
CA ASP D 1232 -4.22 2.78 -57.08
C ASP D 1232 -3.34 1.60 -56.65
N SER D 1233 -3.90 0.38 -56.65
CA SER D 1233 -3.08 -0.78 -56.31
C SER D 1233 -1.97 -1.00 -57.34
N ASN D 1234 -2.30 -0.87 -58.63
CA ASN D 1234 -1.28 -0.97 -59.67
C ASN D 1234 -0.17 0.06 -59.44
N ASN D 1235 -0.55 1.30 -59.15
CA ASN D 1235 0.44 2.35 -58.96
C ASN D 1235 1.36 2.06 -57.77
N ILE D 1236 0.80 1.58 -56.65
CA ILE D 1236 1.68 1.32 -55.52
C ILE D 1236 2.62 0.17 -55.81
N ALA D 1237 2.14 -0.87 -56.51
CA ALA D 1237 3.04 -1.97 -56.88
C ALA D 1237 4.20 -1.47 -57.73
N SER D 1238 3.90 -0.72 -58.79
CA SER D 1238 4.95 -0.17 -59.63
C SER D 1238 5.91 0.73 -58.84
N LEU D 1239 5.35 1.52 -57.92
CA LEU D 1239 6.18 2.45 -57.16
C LEU D 1239 7.16 1.71 -56.25
N PHE D 1240 6.72 0.62 -55.64
CA PHE D 1240 7.64 -0.12 -54.80
C PHE D 1240 8.70 -0.83 -55.63
N LEU D 1241 8.33 -1.36 -56.80
CA LEU D 1241 9.35 -1.95 -57.66
C LEU D 1241 10.44 -0.95 -58.01
N THR D 1242 10.04 0.24 -58.46
CA THR D 1242 11.05 1.21 -58.85
C THR D 1242 11.82 1.75 -57.64
N ALA D 1243 11.21 1.79 -56.45
CA ALA D 1243 11.92 2.24 -55.27
C ALA D 1243 13.00 1.24 -54.86
N ALA D 1244 12.69 -0.06 -54.91
CA ALA D 1244 13.71 -1.06 -54.66
C ALA D 1244 14.85 -0.96 -55.68
N ASN D 1245 14.49 -0.76 -56.96
CA ASN D 1245 15.51 -0.53 -57.97
C ASN D 1245 16.43 0.62 -57.57
N ARG D 1246 15.84 1.76 -57.21
CA ARG D 1246 16.64 2.93 -56.84
C ARG D 1246 17.54 2.63 -55.64
N TRP D 1247 17.03 1.90 -54.66
CA TRP D 1247 17.84 1.61 -53.47
C TRP D 1247 19.05 0.77 -53.83
N LEU D 1248 18.85 -0.28 -54.64
CA LEU D 1248 19.99 -1.07 -55.06
C LEU D 1248 21.00 -0.22 -55.82
N GLU D 1249 20.51 0.66 -56.70
CA GLU D 1249 21.42 1.50 -57.48
C GLU D 1249 22.24 2.42 -56.57
N VAL D 1250 21.61 2.97 -55.54
CA VAL D 1250 22.32 3.90 -54.65
C VAL D 1250 23.41 3.16 -53.88
N ARG D 1251 23.08 2.00 -53.31
CA ARG D 1251 24.13 1.29 -52.58
C ARG D 1251 25.23 0.80 -53.52
N MET D 1252 24.88 0.45 -54.76
CA MET D 1252 25.92 0.08 -55.71
C MET D 1252 26.81 1.27 -56.07
N GLU D 1253 26.23 2.47 -56.14
CA GLU D 1253 27.04 3.65 -56.43
C GLU D 1253 27.96 3.99 -55.26
N TYR D 1254 27.50 3.75 -54.02
CA TYR D 1254 28.38 3.90 -52.87
C TYR D 1254 29.53 2.90 -52.93
N ILE D 1255 29.24 1.67 -53.37
CA ILE D 1255 30.30 0.67 -53.55
C ILE D 1255 31.32 1.16 -54.58
N GLY D 1256 30.83 1.70 -55.69
CA GLY D 1256 31.73 2.23 -56.71
C GLY D 1256 32.57 3.39 -56.20
N ALA D 1257 31.96 4.26 -55.38
CA ALA D 1257 32.72 5.33 -54.76
C ALA D 1257 33.84 4.79 -53.88
N CYS D 1258 33.53 3.77 -53.07
CA CYS D 1258 34.56 3.15 -52.24
C CYS D 1258 35.72 2.64 -53.09
N VAL D 1259 35.41 1.90 -54.17
CA VAL D 1259 36.47 1.27 -54.94
C VAL D 1259 37.33 2.31 -55.63
N VAL D 1260 36.72 3.34 -56.22
CA VAL D 1260 37.52 4.36 -56.89
C VAL D 1260 38.34 5.14 -55.87
N LEU D 1261 37.77 5.41 -54.69
CA LEU D 1261 38.51 6.14 -53.66
C LEU D 1261 39.77 5.41 -53.28
N ILE D 1262 39.64 4.16 -52.84
CA ILE D 1262 40.85 3.51 -52.34
C ILE D 1262 41.76 3.09 -53.48
N ALA D 1263 41.24 2.93 -54.70
CA ALA D 1263 42.13 2.74 -55.85
C ALA D 1263 43.03 3.95 -56.05
N ALA D 1264 42.43 5.15 -56.09
CA ALA D 1264 43.22 6.37 -56.21
C ALA D 1264 44.15 6.57 -55.03
N ALA D 1265 43.72 6.16 -53.83
CA ALA D 1265 44.55 6.34 -52.65
C ALA D 1265 45.79 5.44 -52.68
N THR D 1266 45.58 4.15 -52.97
CA THR D 1266 46.71 3.25 -53.13
C THR D 1266 47.60 3.69 -54.28
N SER D 1267 47.02 4.28 -55.32
CA SER D 1267 47.84 4.84 -56.39
C SER D 1267 48.75 5.95 -55.86
N ILE D 1268 48.15 7.03 -55.37
CA ILE D 1268 48.93 8.19 -54.91
C ILE D 1268 49.94 7.80 -53.84
N SER D 1269 49.67 6.74 -53.07
CA SER D 1269 50.63 6.31 -52.07
C SER D 1269 51.74 5.47 -52.68
N ASN D 1270 51.37 4.30 -53.24
CA ASN D 1270 52.36 3.32 -53.65
C ASN D 1270 53.09 3.76 -54.93
N SER D 1271 52.34 4.12 -55.97
CA SER D 1271 52.98 4.44 -57.24
C SER D 1271 53.86 5.68 -57.18
N LEU D 1272 53.86 6.39 -56.05
CA LEU D 1272 54.72 7.55 -55.85
C LEU D 1272 55.84 7.28 -54.84
N HIS D 1273 55.52 6.69 -53.70
CA HIS D 1273 56.51 6.53 -52.64
C HIS D 1273 57.46 5.37 -52.93
N ARG D 1274 56.91 4.18 -53.19
CA ARG D 1274 57.73 2.97 -53.37
C ARG D 1274 57.82 2.50 -54.82
N GLU D 1275 56.76 2.68 -55.61
CA GLU D 1275 56.77 2.17 -56.99
C GLU D 1275 57.42 3.15 -57.95
N LEU D 1276 57.28 4.46 -57.71
CA LEU D 1276 57.83 5.53 -58.56
C LEU D 1276 57.58 5.27 -60.04
N SER D 1277 56.29 5.23 -60.39
CA SER D 1277 55.85 5.08 -61.78
C SER D 1277 54.91 6.22 -62.13
N ALA D 1278 55.07 6.77 -63.35
CA ALA D 1278 54.35 7.96 -63.76
C ALA D 1278 53.18 7.67 -64.70
N GLY D 1279 53.38 6.82 -65.71
CA GLY D 1279 52.35 6.60 -66.71
C GLY D 1279 51.14 5.85 -66.19
N LEU D 1280 51.34 4.96 -65.22
CA LEU D 1280 50.27 4.10 -64.73
C LEU D 1280 49.20 4.88 -63.97
N VAL D 1281 49.55 6.04 -63.41
CA VAL D 1281 48.61 6.79 -62.58
C VAL D 1281 47.42 7.25 -63.43
N GLY D 1282 47.69 7.77 -64.62
CA GLY D 1282 46.61 8.24 -65.47
C GLY D 1282 45.67 7.13 -65.87
N LEU D 1283 46.21 5.99 -66.30
CA LEU D 1283 45.38 4.84 -66.63
C LEU D 1283 44.52 4.43 -65.44
N GLY D 1284 45.16 4.27 -64.26
CA GLY D 1284 44.43 3.85 -63.09
C GLY D 1284 43.27 4.77 -62.77
N LEU D 1285 43.53 6.06 -62.69
CA LEU D 1285 42.46 6.98 -62.30
C LEU D 1285 41.40 7.12 -63.38
N THR D 1286 41.80 7.11 -64.67
CA THR D 1286 40.83 7.20 -65.74
C THR D 1286 39.88 6.01 -65.73
N TYR D 1287 40.44 4.80 -65.65
CA TYR D 1287 39.61 3.61 -65.64
C TYR D 1287 38.76 3.52 -64.36
N ALA D 1288 39.30 3.99 -63.24
CA ALA D 1288 38.50 3.99 -62.01
C ALA D 1288 37.31 4.92 -62.13
N LEU D 1289 37.54 6.15 -62.57
CA LEU D 1289 36.45 7.11 -62.74
C LEU D 1289 35.44 6.63 -63.78
N MET D 1290 35.90 5.90 -64.80
CA MET D 1290 35.00 5.36 -65.82
C MET D 1290 34.11 4.26 -65.24
N VAL D 1291 34.74 3.29 -64.55
CA VAL D 1291 33.97 2.15 -64.06
C VAL D 1291 33.10 2.55 -62.89
N SER D 1292 33.43 3.65 -62.18
CA SER D 1292 32.61 4.04 -61.04
C SER D 1292 31.18 4.38 -61.47
N ASN D 1293 31.00 4.76 -62.74
CA ASN D 1293 29.68 4.95 -63.33
C ASN D 1293 29.20 3.74 -64.10
N TYR D 1294 30.11 3.14 -64.87
CA TYR D 1294 29.66 2.01 -65.65
C TYR D 1294 29.26 0.83 -64.78
N LEU D 1295 29.59 0.82 -63.49
CA LEU D 1295 29.14 -0.24 -62.61
C LEU D 1295 27.62 -0.21 -62.44
N ASN D 1296 27.08 0.95 -62.03
CA ASN D 1296 25.64 1.08 -61.91
C ASN D 1296 24.96 0.92 -63.26
N TRP D 1297 25.55 1.52 -64.31
CA TRP D 1297 24.98 1.34 -65.65
C TRP D 1297 24.86 -0.14 -66.00
N MET D 1298 25.93 -0.90 -65.74
CA MET D 1298 25.98 -2.32 -66.06
C MET D 1298 24.97 -3.12 -65.24
N VAL D 1299 24.82 -2.80 -63.96
CA VAL D 1299 23.84 -3.50 -63.14
C VAL D 1299 22.42 -3.27 -63.69
N ARG D 1300 22.12 -2.02 -64.06
CA ARG D 1300 20.79 -1.75 -64.62
C ARG D 1300 20.57 -2.50 -65.92
N ASN D 1301 21.57 -2.52 -66.81
CA ASN D 1301 21.44 -3.24 -68.06
C ASN D 1301 21.25 -4.74 -67.82
N LEU D 1302 21.94 -5.29 -66.81
CA LEU D 1302 21.80 -6.72 -66.51
C LEU D 1302 20.41 -7.04 -66.00
N ALA D 1303 19.85 -6.18 -65.14
CA ALA D 1303 18.48 -6.39 -64.68
C ALA D 1303 17.50 -6.33 -65.85
N ASP D 1304 17.69 -5.38 -66.77
CA ASP D 1304 16.83 -5.29 -67.95
C ASP D 1304 16.92 -6.56 -68.78
N MET D 1305 18.14 -7.06 -69.01
CA MET D 1305 18.30 -8.30 -69.77
C MET D 1305 17.61 -9.46 -69.08
N GLU D 1306 17.68 -9.51 -67.74
CA GLU D 1306 17.02 -10.58 -67.01
C GLU D 1306 15.50 -10.56 -67.21
N ILE D 1307 14.90 -9.36 -67.12
CA ILE D 1307 13.45 -9.25 -67.34
C ILE D 1307 13.08 -9.69 -68.76
N GLN D 1308 13.81 -9.18 -69.76
CA GLN D 1308 13.51 -9.55 -71.14
C GLN D 1308 13.72 -11.04 -71.39
N LEU D 1309 14.72 -11.64 -70.72
CA LEU D 1309 14.95 -13.07 -70.89
C LEU D 1309 13.85 -13.90 -70.24
N GLY D 1310 13.30 -13.44 -69.10
CA GLY D 1310 12.12 -14.09 -68.57
C GLY D 1310 10.95 -14.01 -69.54
N ALA D 1311 10.83 -12.88 -70.24
CA ALA D 1311 9.84 -12.76 -71.31
C ALA D 1311 10.05 -13.83 -72.38
N VAL D 1312 11.28 -13.94 -72.88
CA VAL D 1312 11.60 -14.96 -73.89
C VAL D 1312 11.29 -16.35 -73.35
N LYS D 1313 11.53 -16.56 -72.06
CA LYS D 1313 11.30 -17.87 -71.45
C LYS D 1313 9.81 -18.22 -71.44
N ARG D 1314 8.95 -17.23 -71.16
CA ARG D 1314 7.52 -17.53 -71.22
C ARG D 1314 7.08 -17.81 -72.65
N ILE D 1315 7.70 -17.16 -73.63
CA ILE D 1315 7.41 -17.49 -75.03
C ILE D 1315 7.79 -18.95 -75.31
N HIS D 1316 8.99 -19.36 -74.89
CA HIS D 1316 9.44 -20.72 -75.14
C HIS D 1316 8.60 -21.76 -74.41
N ALA D 1317 8.10 -21.42 -73.21
CA ALA D 1317 7.19 -22.31 -72.52
C ALA D 1317 5.86 -22.43 -73.24
N LEU D 1318 5.40 -21.35 -73.88
CA LEU D 1318 4.17 -21.43 -74.65
C LEU D 1318 4.36 -22.24 -75.93
N LEU D 1319 5.59 -22.29 -76.45
CA LEU D 1319 5.82 -22.88 -77.77
C LEU D 1319 5.54 -24.38 -77.80
N LYS D 1320 5.91 -25.10 -76.75
CA LYS D 1320 6.01 -26.56 -76.84
C LYS D 1320 4.78 -27.29 -76.30
N THR D 1321 3.77 -26.57 -75.82
CA THR D 1321 2.53 -27.23 -75.43
C THR D 1321 1.72 -27.47 -76.70
N GLU D 1322 0.45 -27.83 -76.56
CA GLU D 1322 -0.39 -28.20 -77.69
C GLU D 1322 0.23 -29.37 -78.44
N ALA D 1323 0.26 -30.50 -77.73
CA ALA D 1323 0.76 -31.77 -78.28
C ALA D 1323 0.28 -31.95 -79.71
N GLU D 1324 1.14 -32.57 -80.52
CA GLU D 1324 1.16 -32.40 -81.98
C GLU D 1324 -0.22 -32.31 -82.62
N SER D 1325 -1.06 -33.32 -82.37
CA SER D 1325 -2.42 -33.38 -82.90
C SER D 1325 -2.44 -33.00 -84.38
N TYR D 1326 -1.42 -33.43 -85.11
CA TYR D 1326 -1.19 -32.99 -86.48
C TYR D 1326 -1.72 -34.03 -87.46
N GLU D 1327 -1.98 -33.55 -88.67
CA GLU D 1327 -2.48 -34.41 -89.73
C GLU D 1327 -1.35 -35.26 -90.29
N GLY D 1328 -1.65 -36.54 -90.52
CA GLY D 1328 -0.65 -37.46 -91.05
C GLY D 1328 -1.24 -38.56 -91.90
N PRO D 1332 -1.30 -41.92 -99.17
CA PRO D 1332 -2.26 -41.23 -100.04
C PRO D 1332 -2.96 -42.19 -100.99
N SER D 1333 -3.91 -42.97 -100.47
CA SER D 1333 -4.68 -43.92 -101.26
C SER D 1333 -6.10 -43.45 -101.52
N LEU D 1334 -6.73 -42.80 -100.54
CA LEU D 1334 -8.08 -42.28 -100.70
C LEU D 1334 -8.08 -40.81 -101.12
N ILE D 1335 -6.98 -40.09 -100.88
CA ILE D 1335 -6.85 -38.74 -101.42
C ILE D 1335 -6.87 -38.71 -102.94
N PRO D 1336 -6.15 -39.59 -103.67
CA PRO D 1336 -6.17 -39.50 -105.13
C PRO D 1336 -7.56 -39.70 -105.74
N LYS D 1337 -8.45 -40.40 -105.05
CA LYS D 1337 -9.81 -40.58 -105.54
C LYS D 1337 -10.71 -39.47 -105.00
N ASN D 1338 -11.47 -38.85 -105.89
CA ASN D 1338 -12.34 -37.74 -105.51
C ASN D 1338 -13.27 -38.17 -104.39
N TRP D 1339 -13.56 -37.25 -103.48
CA TRP D 1339 -14.42 -37.57 -102.35
C TRP D 1339 -15.82 -37.93 -102.85
N PRO D 1340 -16.37 -39.08 -102.47
CA PRO D 1340 -17.60 -39.57 -103.11
C PRO D 1340 -18.80 -38.69 -102.79
N ASP D 1341 -19.67 -38.55 -103.80
CA ASP D 1341 -20.89 -37.78 -103.60
C ASP D 1341 -21.92 -38.57 -102.80
N GLN D 1342 -21.83 -39.89 -102.80
CA GLN D 1342 -22.76 -40.73 -102.04
C GLN D 1342 -22.63 -40.43 -100.55
N GLY D 1343 -23.70 -39.90 -99.97
CA GLY D 1343 -23.67 -39.48 -98.59
C GLY D 1343 -24.00 -40.55 -97.57
N LYS D 1344 -23.93 -41.82 -98.00
CA LYS D 1344 -24.16 -42.91 -97.06
C LYS D 1344 -23.09 -42.92 -95.98
N ILE D 1345 -23.53 -42.81 -94.72
CA ILE D 1345 -22.60 -42.79 -93.59
C ILE D 1345 -23.13 -43.71 -92.51
N GLN D 1346 -22.24 -44.12 -91.61
CA GLN D 1346 -22.64 -45.01 -90.53
C GLN D 1346 -21.65 -44.90 -89.38
N ILE D 1347 -22.18 -44.70 -88.18
CA ILE D 1347 -21.38 -44.60 -86.96
C ILE D 1347 -21.75 -45.78 -86.07
N GLN D 1348 -20.76 -46.61 -85.75
CA GLN D 1348 -21.00 -47.81 -84.95
C GLN D 1348 -20.23 -47.72 -83.63
N ASN D 1349 -20.96 -47.91 -82.53
CA ASN D 1349 -20.44 -48.00 -81.18
C ASN D 1349 -19.58 -46.78 -80.84
N LEU D 1350 -20.16 -45.60 -81.02
CA LEU D 1350 -19.44 -44.35 -80.83
C LEU D 1350 -19.63 -43.83 -79.41
N SER D 1351 -18.53 -43.42 -78.80
CA SER D 1351 -18.52 -42.64 -77.56
C SER D 1351 -17.69 -41.38 -77.81
N VAL D 1352 -17.67 -40.49 -76.83
CA VAL D 1352 -16.94 -39.23 -76.97
C VAL D 1352 -16.65 -38.68 -75.59
N ARG D 1353 -15.45 -38.13 -75.42
CA ARG D 1353 -15.02 -37.52 -74.17
C ARG D 1353 -14.22 -36.28 -74.51
N TYR D 1354 -14.68 -35.12 -74.02
CA TYR D 1354 -13.95 -33.87 -74.28
C TYR D 1354 -12.53 -33.94 -73.72
N ASP D 1355 -12.41 -34.11 -72.41
CA ASP D 1355 -11.12 -34.20 -71.75
C ASP D 1355 -10.75 -35.65 -71.51
N SER D 1356 -9.46 -35.94 -71.56
CA SER D 1356 -8.98 -37.29 -71.29
C SER D 1356 -9.28 -37.68 -69.85
N SER D 1357 -9.82 -38.88 -69.67
CA SER D 1357 -10.15 -39.41 -68.33
C SER D 1357 -11.15 -38.50 -67.61
N LEU D 1358 -12.22 -38.14 -68.32
CA LEU D 1358 -13.34 -37.45 -67.70
C LEU D 1358 -14.64 -38.19 -68.01
N LYS D 1359 -15.77 -37.61 -67.63
CA LYS D 1359 -17.06 -38.28 -67.84
C LYS D 1359 -17.34 -38.43 -69.33
N PRO D 1360 -17.97 -39.53 -69.74
CA PRO D 1360 -18.34 -39.70 -71.15
C PRO D 1360 -19.56 -38.87 -71.51
N VAL D 1361 -19.53 -38.30 -72.71
CA VAL D 1361 -20.64 -37.51 -73.21
C VAL D 1361 -21.59 -38.35 -74.05
N LEU D 1362 -21.06 -39.17 -74.94
CA LEU D 1362 -21.84 -40.15 -75.69
C LEU D 1362 -21.52 -41.56 -75.18
N LYS D 1363 -22.45 -42.48 -75.45
CA LYS D 1363 -22.33 -43.85 -74.93
C LYS D 1363 -23.14 -44.77 -75.82
N HIS D 1364 -22.46 -45.71 -76.49
CA HIS D 1364 -23.10 -46.73 -77.34
C HIS D 1364 -23.94 -46.06 -78.44
N VAL D 1365 -23.29 -45.20 -79.21
CA VAL D 1365 -23.94 -44.52 -80.33
C VAL D 1365 -23.86 -45.42 -81.57
N ASN D 1366 -25.01 -45.65 -82.19
CA ASN D 1366 -25.09 -46.47 -83.39
C ASN D 1366 -26.16 -45.88 -84.30
N ALA D 1367 -25.77 -45.55 -85.53
CA ALA D 1367 -26.68 -44.88 -86.46
C ALA D 1367 -26.19 -45.11 -87.88
N LEU D 1368 -27.13 -45.07 -88.83
CA LEU D 1368 -26.81 -45.18 -90.25
C LEU D 1368 -27.67 -44.18 -91.02
N ILE D 1369 -27.13 -43.71 -92.15
CA ILE D 1369 -27.77 -42.68 -92.96
C ILE D 1369 -27.60 -43.05 -94.42
N SER D 1370 -28.72 -43.18 -95.13
CA SER D 1370 -28.75 -43.54 -96.54
C SER D 1370 -28.37 -42.34 -97.40
N PRO D 1371 -27.93 -42.58 -98.65
CA PRO D 1371 -27.43 -41.47 -99.47
C PRO D 1371 -28.52 -40.47 -99.82
N GLY D 1372 -28.13 -39.19 -99.80
CA GLY D 1372 -28.98 -38.11 -100.27
C GLY D 1372 -30.29 -37.96 -99.53
N GLN D 1373 -30.30 -38.20 -98.23
CA GLN D 1373 -31.51 -38.12 -97.42
C GLN D 1373 -31.32 -37.10 -96.31
N LYS D 1374 -32.39 -36.34 -96.04
CA LYS D 1374 -32.37 -35.35 -94.98
C LYS D 1374 -32.51 -36.04 -93.62
N ILE D 1375 -31.63 -35.69 -92.69
CA ILE D 1375 -31.56 -36.35 -91.39
C ILE D 1375 -31.83 -35.31 -90.30
N GLY D 1376 -32.75 -35.63 -89.40
CA GLY D 1376 -33.09 -34.75 -88.29
C GLY D 1376 -32.68 -35.36 -86.98
N ILE D 1377 -32.25 -34.51 -86.05
CA ILE D 1377 -31.88 -34.93 -84.70
C ILE D 1377 -32.54 -33.99 -83.70
N CYS D 1378 -33.01 -34.55 -82.59
CA CYS D 1378 -33.65 -33.77 -81.55
C CYS D 1378 -33.11 -34.20 -80.19
N GLY D 1379 -33.42 -33.42 -79.17
CA GLY D 1379 -32.98 -33.73 -77.83
C GLY D 1379 -32.97 -32.50 -76.95
N ARG D 1380 -32.94 -32.75 -75.65
CA ARG D 1380 -32.94 -31.69 -74.64
C ARG D 1380 -31.56 -31.05 -74.56
N THR D 1381 -31.38 -30.17 -73.58
CA THR D 1381 -30.07 -29.56 -73.34
C THR D 1381 -29.11 -30.59 -72.76
N GLY D 1382 -27.83 -30.40 -73.05
CA GLY D 1382 -26.81 -31.33 -72.60
C GLY D 1382 -26.97 -32.74 -73.12
N SER D 1383 -27.78 -32.92 -74.16
CA SER D 1383 -28.03 -34.26 -74.69
C SER D 1383 -26.84 -34.76 -75.50
N GLY D 1384 -26.19 -33.88 -76.26
CA GLY D 1384 -25.00 -34.26 -76.99
C GLY D 1384 -25.06 -34.01 -78.48
N LYS D 1385 -25.96 -33.12 -78.91
CA LYS D 1385 -26.09 -32.83 -80.34
C LYS D 1385 -24.88 -32.09 -80.88
N SER D 1386 -24.50 -30.98 -80.22
CA SER D 1386 -23.30 -30.27 -80.61
C SER D 1386 -22.07 -31.15 -80.44
N SER D 1387 -22.08 -32.05 -79.43
CA SER D 1387 -21.01 -33.02 -79.30
C SER D 1387 -21.00 -33.99 -80.47
N PHE D 1388 -22.18 -34.42 -80.91
CA PHE D 1388 -22.28 -35.27 -82.09
C PHE D 1388 -21.65 -34.60 -83.30
N SER D 1389 -21.95 -33.31 -83.51
CA SER D 1389 -21.41 -32.58 -84.65
C SER D 1389 -19.90 -32.41 -84.53
N LEU D 1390 -19.41 -32.02 -83.35
CA LEU D 1390 -17.97 -31.82 -83.15
C LEU D 1390 -17.20 -33.13 -83.34
N ALA D 1391 -17.79 -34.25 -82.92
CA ALA D 1391 -17.14 -35.54 -83.11
C ALA D 1391 -17.21 -36.00 -84.56
N PHE D 1392 -18.23 -35.55 -85.30
CA PHE D 1392 -18.27 -35.83 -86.73
C PHE D 1392 -17.10 -35.22 -87.47
N PHE D 1393 -16.45 -34.21 -86.88
CA PHE D 1393 -15.29 -33.56 -87.48
C PHE D 1393 -13.99 -33.91 -86.77
N ARG D 1394 -14.02 -34.85 -85.83
CA ARG D 1394 -12.84 -35.23 -85.05
C ARG D 1394 -12.29 -34.05 -84.26
N MET D 1395 -13.19 -33.27 -83.67
CA MET D 1395 -12.80 -32.16 -82.81
C MET D 1395 -12.71 -32.54 -81.35
N VAL D 1396 -13.12 -33.75 -80.99
CA VAL D 1396 -13.07 -34.25 -79.62
C VAL D 1396 -12.14 -35.45 -79.60
N ASP D 1397 -11.06 -35.36 -78.82
CA ASP D 1397 -9.90 -36.25 -78.96
C ASP D 1397 -9.96 -37.47 -78.05
N MET D 1398 -11.15 -37.92 -77.64
CA MET D 1398 -11.28 -39.16 -76.87
C MET D 1398 -12.49 -39.96 -77.34
N PHE D 1399 -12.69 -40.02 -78.64
CA PHE D 1399 -13.80 -40.80 -79.19
C PHE D 1399 -13.41 -42.28 -79.30
N GLU D 1400 -14.41 -43.14 -79.15
CA GLU D 1400 -14.23 -44.58 -79.30
C GLU D 1400 -15.35 -45.11 -80.19
N GLY D 1401 -14.98 -45.83 -81.24
CA GLY D 1401 -15.94 -46.40 -82.15
C GLY D 1401 -15.45 -46.29 -83.57
N ARG D 1402 -16.37 -46.42 -84.52
CA ARG D 1402 -16.02 -46.34 -85.93
C ARG D 1402 -16.98 -45.42 -86.68
N ILE D 1403 -16.42 -44.57 -87.54
CA ILE D 1403 -17.17 -43.64 -88.36
C ILE D 1403 -16.82 -43.94 -89.81
N ILE D 1404 -17.73 -44.58 -90.53
CA ILE D 1404 -17.51 -45.01 -91.91
C ILE D 1404 -18.31 -44.10 -92.83
N ILE D 1405 -17.68 -43.62 -93.90
CA ILE D 1405 -18.31 -42.75 -94.89
C ILE D 1405 -18.00 -43.33 -96.26
N ASP D 1406 -18.95 -44.03 -96.85
CA ASP D 1406 -18.78 -44.68 -98.16
C ASP D 1406 -17.64 -45.69 -98.11
N GLY D 1407 -17.70 -46.59 -97.13
CA GLY D 1407 -16.63 -47.55 -96.93
C GLY D 1407 -15.28 -46.92 -96.69
N ILE D 1408 -15.25 -45.66 -96.24
CA ILE D 1408 -14.03 -44.89 -96.09
C ILE D 1408 -14.05 -44.22 -94.73
N ASP D 1409 -12.93 -44.27 -94.02
CA ASP D 1409 -12.82 -43.68 -92.69
C ASP D 1409 -11.46 -43.00 -92.59
N ILE D 1410 -11.06 -42.66 -91.37
CA ILE D 1410 -9.84 -41.89 -91.14
C ILE D 1410 -8.61 -42.80 -91.12
N ALA D 1411 -8.81 -44.08 -91.45
CA ALA D 1411 -7.72 -45.04 -91.39
C ALA D 1411 -6.62 -44.75 -92.40
N LYS D 1412 -6.94 -44.06 -93.50
CA LYS D 1412 -5.97 -43.74 -94.54
C LYS D 1412 -5.99 -42.27 -94.94
N LEU D 1413 -6.67 -41.41 -94.18
CA LEU D 1413 -6.88 -40.03 -94.58
C LEU D 1413 -6.32 -39.06 -93.53
N PRO D 1414 -5.52 -38.08 -93.93
CA PRO D 1414 -5.13 -37.01 -93.00
C PRO D 1414 -6.29 -36.06 -92.77
N LEU D 1415 -6.09 -35.18 -91.78
CA LEU D 1415 -7.19 -34.35 -91.28
C LEU D 1415 -7.65 -33.29 -92.28
N HIS D 1416 -6.84 -32.94 -93.26
CA HIS D 1416 -7.22 -31.88 -94.19
C HIS D 1416 -8.36 -32.31 -95.10
N THR D 1417 -8.21 -33.49 -95.72
CA THR D 1417 -9.29 -34.03 -96.54
C THR D 1417 -10.54 -34.30 -95.71
N LEU D 1418 -10.40 -34.44 -94.40
CA LEU D 1418 -11.57 -34.56 -93.51
C LEU D 1418 -12.16 -33.19 -93.18
N ARG D 1419 -11.35 -32.14 -93.24
CA ARG D 1419 -11.86 -30.79 -93.06
C ARG D 1419 -12.47 -30.23 -94.34
N SER D 1420 -12.19 -30.86 -95.48
CA SER D 1420 -12.74 -30.43 -96.75
C SER D 1420 -13.96 -31.23 -97.20
N ARG D 1421 -14.29 -32.32 -96.50
CA ARG D 1421 -15.33 -33.24 -96.96
C ARG D 1421 -16.74 -32.83 -96.52
N LEU D 1422 -16.89 -32.03 -95.47
CA LEU D 1422 -18.19 -31.68 -94.93
C LEU D 1422 -18.39 -30.18 -94.95
N SER D 1423 -19.58 -29.75 -94.53
CA SER D 1423 -19.89 -28.35 -94.25
C SER D 1423 -20.63 -28.28 -92.93
N ILE D 1424 -20.46 -27.18 -92.21
CA ILE D 1424 -21.01 -27.05 -90.86
C ILE D 1424 -21.44 -25.61 -90.63
N ILE D 1425 -22.65 -25.45 -90.09
CA ILE D 1425 -23.15 -24.16 -89.59
C ILE D 1425 -23.32 -24.30 -88.08
N LEU D 1426 -22.83 -23.31 -87.34
CA LEU D 1426 -22.80 -23.34 -85.89
C LEU D 1426 -23.90 -22.47 -85.29
N GLN D 1427 -24.22 -22.75 -84.02
CA GLN D 1427 -25.12 -21.91 -83.25
C GLN D 1427 -24.46 -20.60 -82.85
N ASP D 1428 -23.13 -20.55 -82.87
CA ASP D 1428 -22.38 -19.36 -82.50
C ASP D 1428 -21.87 -18.67 -83.76
N PRO D 1429 -22.54 -17.63 -84.26
CA PRO D 1429 -22.13 -17.00 -85.52
C PRO D 1429 -20.98 -16.03 -85.31
N VAL D 1430 -19.87 -16.27 -86.00
CA VAL D 1430 -18.71 -15.37 -85.95
C VAL D 1430 -18.55 -14.73 -87.32
N LEU D 1431 -18.03 -13.51 -87.32
CA LEU D 1431 -17.83 -12.75 -88.56
C LEU D 1431 -16.63 -11.85 -88.35
N PHE D 1432 -15.55 -12.11 -89.07
CA PHE D 1432 -14.34 -11.30 -88.98
C PHE D 1432 -14.40 -10.13 -89.95
N SER D 1433 -13.67 -9.07 -89.63
CA SER D 1433 -13.78 -7.82 -90.35
C SER D 1433 -13.19 -7.93 -91.76
N GLY D 1434 -13.45 -6.91 -92.56
CA GLY D 1434 -13.01 -6.87 -93.94
C GLY D 1434 -14.11 -6.41 -94.88
N THR D 1435 -14.37 -7.19 -95.92
CA THR D 1435 -15.47 -6.94 -96.84
C THR D 1435 -16.40 -8.15 -96.85
N ILE D 1436 -17.49 -8.03 -97.61
CA ILE D 1436 -18.43 -9.15 -97.71
C ILE D 1436 -17.83 -10.28 -98.51
N ARG D 1437 -16.96 -9.97 -99.49
CA ARG D 1437 -16.27 -11.01 -100.23
C ARG D 1437 -15.34 -11.81 -99.34
N PHE D 1438 -14.73 -11.17 -98.34
CA PHE D 1438 -13.82 -11.89 -97.45
C PHE D 1438 -14.55 -12.77 -96.44
N ASN D 1439 -15.75 -12.37 -96.02
CA ASN D 1439 -16.54 -13.22 -95.15
C ASN D 1439 -17.20 -14.36 -95.92
N LEU D 1440 -17.61 -14.11 -97.17
CA LEU D 1440 -18.30 -15.15 -97.93
C LEU D 1440 -17.34 -16.15 -98.54
N ASP D 1441 -16.15 -15.70 -98.94
CA ASP D 1441 -15.16 -16.58 -99.57
C ASP D 1441 -13.79 -15.97 -99.40
N PRO D 1442 -13.07 -16.36 -98.34
CA PRO D 1442 -11.69 -15.88 -98.17
C PRO D 1442 -10.72 -16.39 -99.23
N GLU D 1443 -11.07 -17.47 -99.93
CA GLU D 1443 -10.19 -17.98 -100.97
C GLU D 1443 -10.20 -17.11 -102.22
N LYS D 1444 -11.20 -16.23 -102.37
CA LYS D 1444 -11.30 -15.32 -103.51
C LYS D 1444 -11.31 -16.09 -104.84
N LYS D 1445 -12.11 -17.16 -104.87
CA LYS D 1445 -12.23 -18.04 -106.02
C LYS D 1445 -13.68 -18.18 -106.45
N CYS D 1446 -14.38 -17.04 -106.54
CA CYS D 1446 -15.78 -17.02 -106.93
C CYS D 1446 -16.06 -15.82 -107.81
N SER D 1447 -17.01 -15.97 -108.71
CA SER D 1447 -17.50 -14.87 -109.53
C SER D 1447 -18.61 -14.13 -108.79
N ASP D 1448 -18.80 -12.86 -109.16
CA ASP D 1448 -19.77 -12.02 -108.47
C ASP D 1448 -21.20 -12.51 -108.67
N SER D 1449 -21.51 -13.07 -109.85
CA SER D 1449 -22.83 -13.64 -110.06
C SER D 1449 -23.08 -14.84 -109.16
N THR D 1450 -22.03 -15.63 -108.89
CA THR D 1450 -22.17 -16.77 -107.99
C THR D 1450 -22.57 -16.33 -106.59
N LEU D 1451 -21.88 -15.32 -106.06
CA LEU D 1451 -22.22 -14.83 -104.72
C LEU D 1451 -23.56 -14.10 -104.70
N TRP D 1452 -23.92 -13.41 -105.77
CA TRP D 1452 -25.24 -12.78 -105.82
C TRP D 1452 -26.34 -13.84 -105.81
N GLU D 1453 -26.17 -14.93 -106.54
CA GLU D 1453 -27.13 -16.02 -106.50
C GLU D 1453 -27.16 -16.68 -105.12
N ALA D 1454 -25.99 -16.85 -104.51
CA ALA D 1454 -25.94 -17.45 -103.18
C ALA D 1454 -26.64 -16.59 -102.13
N LEU D 1455 -26.59 -15.27 -102.30
CA LEU D 1455 -27.31 -14.38 -101.38
C LEU D 1455 -28.80 -14.38 -101.66
N GLU D 1456 -29.19 -14.35 -102.94
CA GLU D 1456 -30.61 -14.39 -103.30
C GLU D 1456 -31.26 -15.70 -102.91
N ILE D 1457 -30.49 -16.78 -102.80
CA ILE D 1457 -31.04 -18.04 -102.32
C ILE D 1457 -31.10 -18.06 -100.79
N ALA D 1458 -30.14 -17.42 -100.12
CA ALA D 1458 -30.10 -17.39 -98.66
C ALA D 1458 -30.99 -16.32 -98.06
N GLN D 1459 -31.88 -15.72 -98.85
CA GLN D 1459 -32.83 -14.71 -98.36
C GLN D 1459 -32.09 -13.54 -97.71
N LEU D 1460 -31.09 -13.01 -98.42
CA LEU D 1460 -30.26 -11.94 -97.91
C LEU D 1460 -29.99 -10.85 -98.94
N LYS D 1461 -30.50 -10.99 -100.17
CA LYS D 1461 -30.13 -10.10 -101.26
C LYS D 1461 -30.61 -8.67 -101.03
N LEU D 1462 -31.83 -8.52 -100.51
CA LEU D 1462 -32.43 -7.19 -100.39
C LEU D 1462 -31.68 -6.33 -99.37
N VAL D 1463 -31.22 -6.93 -98.28
CA VAL D 1463 -30.45 -6.18 -97.29
C VAL D 1463 -29.01 -5.97 -97.71
N VAL D 1464 -28.53 -6.70 -98.70
CA VAL D 1464 -27.19 -6.46 -99.24
C VAL D 1464 -27.22 -5.32 -100.25
N LYS D 1465 -28.26 -5.27 -101.09
CA LYS D 1465 -28.36 -4.21 -102.09
C LYS D 1465 -28.53 -2.83 -101.46
N ALA D 1466 -29.03 -2.75 -100.23
CA ALA D 1466 -29.31 -1.49 -99.57
C ALA D 1466 -28.10 -0.91 -98.82
N LEU D 1467 -26.90 -1.39 -99.11
CA LEU D 1467 -25.70 -0.91 -98.46
C LEU D 1467 -24.75 -0.27 -99.47
N PRO D 1468 -23.97 0.72 -99.07
CA PRO D 1468 -22.99 1.31 -99.99
C PRO D 1468 -21.86 0.33 -100.27
N GLY D 1469 -21.56 0.13 -101.56
CA GLY D 1469 -20.56 -0.83 -101.97
C GLY D 1469 -21.04 -2.25 -101.73
N GLY D 1470 -21.99 -2.70 -102.55
CA GLY D 1470 -22.76 -3.92 -102.34
C GLY D 1470 -21.99 -5.12 -101.85
N LEU D 1471 -21.05 -5.59 -102.65
CA LEU D 1471 -20.20 -6.70 -102.26
C LEU D 1471 -18.87 -6.24 -101.68
N ASP D 1472 -18.73 -4.93 -101.39
CA ASP D 1472 -17.50 -4.40 -100.84
C ASP D 1472 -17.76 -3.49 -99.64
N ALA D 1473 -18.91 -3.62 -99.00
CA ALA D 1473 -19.18 -2.88 -97.77
C ALA D 1473 -18.26 -3.39 -96.66
N ILE D 1474 -17.71 -2.46 -95.89
CA ILE D 1474 -16.75 -2.81 -94.84
C ILE D 1474 -17.51 -3.38 -93.66
N ILE D 1475 -17.16 -4.62 -93.27
CA ILE D 1475 -17.73 -5.28 -92.11
C ILE D 1475 -16.76 -5.17 -90.96
N THR D 1476 -17.28 -4.85 -89.77
CA THR D 1476 -16.51 -4.90 -88.55
C THR D 1476 -16.88 -6.16 -87.77
N GLU D 1477 -15.97 -6.60 -86.89
CA GLU D 1477 -16.18 -7.82 -86.14
C GLU D 1477 -17.47 -7.75 -85.33
N GLY D 1478 -18.47 -8.53 -85.71
CA GLY D 1478 -19.77 -8.41 -85.09
C GLY D 1478 -20.39 -7.05 -85.36
N GLY D 1479 -20.40 -6.20 -84.34
CA GLY D 1479 -20.95 -4.87 -84.47
C GLY D 1479 -22.45 -4.93 -84.70
N GLU D 1480 -22.99 -3.77 -85.05
CA GLU D 1480 -24.40 -3.65 -85.39
C GLU D 1480 -24.61 -3.42 -86.87
N ASN D 1481 -23.58 -3.60 -87.69
CA ASN D 1481 -23.77 -3.62 -89.13
C ASN D 1481 -24.68 -4.77 -89.56
N PHE D 1482 -24.79 -5.80 -88.72
CA PHE D 1482 -25.68 -6.92 -88.98
C PHE D 1482 -26.16 -7.47 -87.65
N SER D 1483 -27.47 -7.73 -87.55
CA SER D 1483 -28.03 -8.34 -86.36
C SER D 1483 -27.62 -9.82 -86.30
N GLN D 1484 -28.03 -10.48 -85.22
CA GLN D 1484 -27.68 -11.89 -85.04
C GLN D 1484 -28.21 -12.75 -86.19
N GLY D 1485 -29.47 -12.50 -86.60
CA GLY D 1485 -30.04 -13.27 -87.68
C GLY D 1485 -29.27 -13.10 -88.98
N GLN D 1486 -28.79 -11.89 -89.25
CA GLN D 1486 -28.04 -11.67 -90.48
C GLN D 1486 -26.69 -12.38 -90.45
N ARG D 1487 -26.06 -12.45 -89.27
CA ARG D 1487 -24.83 -13.23 -89.14
C ARG D 1487 -25.11 -14.71 -89.38
N GLN D 1488 -26.22 -15.21 -88.83
CA GLN D 1488 -26.61 -16.59 -89.11
C GLN D 1488 -26.80 -16.80 -90.61
N LEU D 1489 -27.42 -15.84 -91.30
CA LEU D 1489 -27.63 -15.95 -92.73
C LEU D 1489 -26.30 -15.95 -93.49
N PHE D 1490 -25.33 -15.17 -93.01
CA PHE D 1490 -24.02 -15.17 -93.67
C PHE D 1490 -23.30 -16.50 -93.48
N CYS D 1491 -23.44 -17.11 -92.30
CA CYS D 1491 -22.93 -18.46 -92.12
C CYS D 1491 -23.60 -19.45 -93.07
N LEU D 1492 -24.93 -19.31 -93.21
CA LEU D 1492 -25.66 -20.12 -94.19
C LEU D 1492 -25.10 -19.90 -95.59
N ALA D 1493 -24.70 -18.67 -95.92
CA ALA D 1493 -24.18 -18.38 -97.25
C ALA D 1493 -22.81 -19.02 -97.47
N ARG D 1494 -21.97 -19.01 -96.44
CA ARG D 1494 -20.74 -19.81 -96.49
C ARG D 1494 -21.08 -21.25 -96.85
N ALA D 1495 -22.03 -21.83 -96.11
CA ALA D 1495 -22.45 -23.21 -96.38
C ALA D 1495 -22.92 -23.38 -97.82
N PHE D 1496 -23.66 -22.40 -98.33
CA PHE D 1496 -24.17 -22.49 -99.70
C PHE D 1496 -23.02 -22.53 -100.70
N VAL D 1497 -22.05 -21.61 -100.57
CA VAL D 1497 -20.98 -21.53 -101.55
C VAL D 1497 -19.95 -22.65 -101.42
N ARG D 1498 -19.88 -23.31 -100.26
CA ARG D 1498 -18.85 -24.34 -100.08
C ARG D 1498 -19.03 -25.51 -101.03
N LYS D 1499 -20.28 -25.90 -101.29
CA LYS D 1499 -20.61 -26.95 -102.27
C LYS D 1499 -19.92 -28.28 -101.92
N THR D 1500 -20.31 -28.83 -100.79
CA THR D 1500 -19.83 -30.14 -100.34
C THR D 1500 -20.96 -31.17 -100.47
N SER D 1501 -20.69 -32.38 -99.99
CA SER D 1501 -21.66 -33.46 -100.07
C SER D 1501 -22.46 -33.66 -98.79
N ILE D 1502 -21.92 -33.26 -97.65
CA ILE D 1502 -22.56 -33.47 -96.35
C ILE D 1502 -22.71 -32.12 -95.66
N PHE D 1503 -23.89 -31.90 -95.06
CA PHE D 1503 -24.19 -30.67 -94.35
C PHE D 1503 -24.50 -30.97 -92.89
N ILE D 1504 -24.00 -30.11 -92.00
CA ILE D 1504 -24.34 -30.13 -90.58
C ILE D 1504 -24.93 -28.77 -90.25
N MET D 1505 -26.07 -28.76 -89.58
CA MET D 1505 -26.79 -27.51 -89.28
C MET D 1505 -27.14 -27.49 -87.80
N ASP D 1506 -26.27 -26.91 -86.97
CA ASP D 1506 -26.50 -26.84 -85.53
C ASP D 1506 -27.26 -25.54 -85.23
N GLU D 1507 -28.58 -25.65 -85.19
CA GLU D 1507 -29.48 -24.55 -84.82
C GLU D 1507 -29.29 -23.33 -85.73
N ALA D 1508 -29.62 -23.52 -87.01
CA ALA D 1508 -29.82 -22.36 -87.88
C ALA D 1508 -31.10 -21.61 -87.55
N THR D 1509 -31.87 -22.12 -86.58
CA THR D 1509 -33.11 -21.50 -86.12
C THR D 1509 -32.87 -20.60 -84.91
N ALA D 1510 -31.63 -20.45 -84.47
CA ALA D 1510 -31.36 -19.83 -83.18
C ALA D 1510 -31.87 -18.40 -83.12
N SER D 1511 -31.67 -17.62 -84.18
CA SER D 1511 -32.02 -16.21 -84.12
C SER D 1511 -32.74 -15.76 -85.37
N ILE D 1512 -33.55 -16.63 -85.97
CA ILE D 1512 -34.32 -16.31 -87.16
C ILE D 1512 -35.80 -16.43 -86.83
N ASP D 1513 -36.59 -15.45 -87.30
CA ASP D 1513 -38.02 -15.46 -87.08
C ASP D 1513 -38.65 -16.69 -87.72
N MET D 1514 -39.63 -17.27 -87.02
CA MET D 1514 -40.28 -18.49 -87.51
C MET D 1514 -40.92 -18.27 -88.86
N ALA D 1515 -41.54 -17.10 -89.07
CA ALA D 1515 -42.19 -16.80 -90.34
C ALA D 1515 -41.20 -16.85 -91.49
N THR D 1516 -40.01 -16.25 -91.31
CA THR D 1516 -38.99 -16.34 -92.34
C THR D 1516 -38.24 -17.67 -92.27
N GLU D 1517 -38.19 -18.30 -91.10
CA GLU D 1517 -37.43 -19.54 -90.97
C GLU D 1517 -38.08 -20.69 -91.74
N ASN D 1518 -39.41 -20.75 -91.73
CA ASN D 1518 -40.09 -21.84 -92.44
C ASN D 1518 -39.81 -21.78 -93.94
N ILE D 1519 -39.97 -20.60 -94.54
CA ILE D 1519 -39.73 -20.46 -95.96
C ILE D 1519 -38.24 -20.59 -96.27
N LEU D 1520 -37.37 -20.14 -95.36
CA LEU D 1520 -35.94 -20.32 -95.54
C LEU D 1520 -35.55 -21.79 -95.57
N GLN D 1521 -36.14 -22.59 -94.67
CA GLN D 1521 -35.86 -24.02 -94.66
C GLN D 1521 -36.43 -24.71 -95.90
N LYS D 1522 -37.61 -24.28 -96.35
CA LYS D 1522 -38.16 -24.85 -97.59
C LYS D 1522 -37.24 -24.56 -98.77
N VAL D 1523 -36.73 -23.33 -98.87
CA VAL D 1523 -35.85 -22.99 -99.98
C VAL D 1523 -34.51 -23.71 -99.85
N VAL D 1524 -34.01 -23.88 -98.62
CA VAL D 1524 -32.74 -24.57 -98.44
C VAL D 1524 -32.88 -26.08 -98.66
N MET D 1525 -34.09 -26.62 -98.54
CA MET D 1525 -34.32 -28.01 -98.91
C MET D 1525 -34.44 -28.17 -100.41
N THR D 1526 -35.13 -27.24 -101.07
CA THR D 1526 -35.24 -27.31 -102.53
C THR D 1526 -33.88 -27.07 -103.20
N ALA D 1527 -33.01 -26.31 -102.55
CA ALA D 1527 -31.69 -26.02 -103.14
C ALA D 1527 -30.73 -27.19 -102.95
N PHE D 1528 -30.59 -27.67 -101.72
CA PHE D 1528 -29.71 -28.79 -101.43
C PHE D 1528 -30.53 -30.10 -101.41
N ALA D 1529 -30.95 -30.50 -102.60
CA ALA D 1529 -31.73 -31.72 -102.75
C ALA D 1529 -30.84 -32.95 -102.90
N ASP D 1530 -29.78 -32.86 -103.69
CA ASP D 1530 -28.91 -33.99 -103.97
C ASP D 1530 -27.68 -33.98 -103.07
N ARG D 1531 -27.94 -33.99 -101.75
CA ARG D 1531 -26.88 -34.09 -100.75
C ARG D 1531 -27.51 -34.28 -99.38
N THR D 1532 -26.78 -34.97 -98.51
CA THR D 1532 -27.27 -35.28 -97.18
C THR D 1532 -27.09 -34.09 -96.25
N VAL D 1533 -28.14 -33.80 -95.47
CA VAL D 1533 -28.12 -32.71 -94.51
C VAL D 1533 -28.60 -33.23 -93.17
N VAL D 1534 -27.82 -32.99 -92.12
CA VAL D 1534 -28.15 -33.41 -90.76
C VAL D 1534 -28.36 -32.16 -89.93
N THR D 1535 -29.58 -32.00 -89.40
CA THR D 1535 -29.99 -30.79 -88.72
C THR D 1535 -30.23 -31.06 -87.24
N ILE D 1536 -29.99 -30.04 -86.43
CA ILE D 1536 -30.36 -30.05 -85.02
C ILE D 1536 -30.96 -28.69 -84.67
N ALA D 1537 -32.29 -28.60 -84.66
CA ALA D 1537 -32.99 -27.34 -84.45
C ALA D 1537 -33.98 -27.49 -83.30
N HIS D 1538 -34.07 -26.46 -82.47
CA HIS D 1538 -35.05 -26.44 -81.39
C HIS D 1538 -36.42 -25.98 -81.87
N ARG D 1539 -36.66 -26.02 -83.17
CA ARG D 1539 -37.97 -25.78 -83.76
C ARG D 1539 -38.62 -27.11 -84.08
N VAL D 1540 -39.90 -27.24 -83.75
CA VAL D 1540 -40.58 -28.52 -83.91
C VAL D 1540 -40.85 -28.83 -85.36
N HIS D 1541 -41.30 -27.82 -86.13
CA HIS D 1541 -41.74 -28.05 -87.50
C HIS D 1541 -40.58 -28.55 -88.38
N THR D 1542 -39.40 -27.98 -88.20
CA THR D 1542 -38.24 -28.41 -88.96
C THR D 1542 -37.94 -29.88 -88.71
N ILE D 1543 -37.97 -30.30 -87.44
CA ILE D 1543 -37.81 -31.71 -87.12
C ILE D 1543 -38.92 -32.53 -87.77
N LEU D 1544 -40.12 -31.95 -87.85
CA LEU D 1544 -41.27 -32.69 -88.38
C LEU D 1544 -41.11 -32.96 -89.87
N SER D 1545 -40.53 -32.02 -90.62
CA SER D 1545 -40.46 -32.18 -92.06
C SER D 1545 -39.48 -33.28 -92.50
N ALA D 1546 -38.65 -33.79 -91.60
CA ALA D 1546 -37.60 -34.74 -91.97
C ALA D 1546 -38.13 -36.17 -91.97
N ASP D 1547 -37.44 -37.03 -92.72
CA ASP D 1547 -37.82 -38.44 -92.79
C ASP D 1547 -37.22 -39.23 -91.63
N LEU D 1548 -35.88 -39.31 -91.58
CA LEU D 1548 -35.19 -40.07 -90.55
C LEU D 1548 -34.80 -39.12 -89.43
N VAL D 1549 -35.49 -39.22 -88.30
CA VAL D 1549 -35.22 -38.38 -87.14
C VAL D 1549 -34.78 -39.27 -86.00
N MET D 1550 -33.71 -38.87 -85.33
CA MET D 1550 -33.24 -39.57 -84.14
C MET D 1550 -33.27 -38.64 -82.94
N VAL D 1551 -33.75 -39.17 -81.83
CA VAL D 1551 -33.83 -38.45 -80.57
C VAL D 1551 -32.66 -38.88 -79.70
N LEU D 1552 -31.84 -37.91 -79.31
CA LEU D 1552 -30.78 -38.15 -78.34
C LEU D 1552 -31.38 -38.23 -76.94
N LYS D 1553 -30.94 -39.22 -76.20
CA LYS D 1553 -31.40 -39.45 -74.84
C LYS D 1553 -30.37 -38.92 -73.86
N ARG D 1554 -30.54 -39.26 -72.58
CA ARG D 1554 -29.60 -38.82 -71.54
C ARG D 1554 -28.16 -39.07 -71.96
N GLY D 1555 -27.88 -40.24 -72.53
CA GLY D 1555 -26.58 -40.49 -73.14
C GLY D 1555 -26.62 -41.06 -74.55
N ALA D 1556 -27.75 -41.64 -74.95
CA ALA D 1556 -27.84 -42.42 -76.17
C ALA D 1556 -28.85 -41.80 -77.14
N ILE D 1557 -29.15 -42.52 -78.22
CA ILE D 1557 -30.05 -42.06 -79.27
C ILE D 1557 -31.05 -43.15 -79.58
N LEU D 1558 -32.02 -42.79 -80.44
CA LEU D 1558 -32.91 -43.76 -81.07
C LEU D 1558 -33.47 -43.17 -82.34
N GLU D 1559 -33.43 -43.95 -83.42
CA GLU D 1559 -33.86 -43.52 -84.75
C GLU D 1559 -35.29 -43.96 -85.05
N PHE D 1560 -36.00 -43.13 -85.82
CA PHE D 1560 -37.34 -43.45 -86.27
C PHE D 1560 -37.59 -42.74 -87.60
N ASP D 1561 -38.37 -43.39 -88.47
CA ASP D 1561 -38.53 -42.95 -89.86
C ASP D 1561 -39.93 -42.45 -90.18
N LYS D 1562 -40.95 -43.27 -89.97
CA LYS D 1562 -42.27 -42.94 -90.52
C LYS D 1562 -42.95 -41.87 -89.67
N PRO D 1563 -43.41 -40.77 -90.27
CA PRO D 1563 -44.04 -39.70 -89.47
C PRO D 1563 -45.30 -40.14 -88.75
N GLU D 1564 -46.04 -41.11 -89.29
CA GLU D 1564 -47.22 -41.62 -88.62
C GLU D 1564 -46.91 -42.72 -87.62
N THR D 1565 -45.79 -43.43 -87.80
CA THR D 1565 -45.38 -44.49 -86.89
C THR D 1565 -44.50 -43.98 -85.75
N LEU D 1566 -43.63 -43.01 -86.03
CA LEU D 1566 -42.74 -42.49 -84.99
C LEU D 1566 -43.48 -41.66 -83.95
N LEU D 1567 -44.74 -41.29 -84.20
CA LEU D 1567 -45.48 -40.44 -83.29
C LEU D 1567 -46.43 -41.19 -82.37
N SER D 1568 -46.80 -42.42 -82.70
CA SER D 1568 -47.62 -43.25 -81.83
C SER D 1568 -46.86 -44.42 -81.22
N GLN D 1569 -45.64 -44.69 -81.67
CA GLN D 1569 -44.85 -45.79 -81.10
C GLN D 1569 -44.31 -45.41 -79.74
N LYS D 1570 -43.88 -44.17 -79.58
CA LYS D 1570 -43.45 -43.67 -78.27
C LYS D 1570 -44.62 -43.54 -77.29
N ASP D 1571 -45.84 -43.99 -77.65
CA ASP D 1571 -47.05 -43.74 -76.86
C ASP D 1571 -47.31 -42.24 -76.72
N SER D 1572 -46.87 -41.47 -77.72
CA SER D 1572 -47.07 -40.02 -77.78
C SER D 1572 -46.47 -39.33 -76.55
N VAL D 1573 -45.15 -39.42 -76.43
CA VAL D 1573 -44.45 -38.88 -75.27
C VAL D 1573 -43.38 -37.88 -75.70
N PHE D 1574 -42.45 -38.32 -76.54
CA PHE D 1574 -41.25 -37.53 -76.83
C PHE D 1574 -41.30 -36.75 -78.14
N ALA D 1575 -42.20 -37.11 -79.06
CA ALA D 1575 -42.27 -36.42 -80.34
C ALA D 1575 -43.65 -35.89 -80.69
N SER D 1576 -44.71 -36.35 -80.05
CA SER D 1576 -46.07 -35.91 -80.40
C SER D 1576 -46.53 -34.74 -79.53
N PHE D 1577 -46.55 -34.94 -78.21
CA PHE D 1577 -46.98 -33.87 -77.31
C PHE D 1577 -46.02 -32.68 -77.33
N VAL D 1578 -44.76 -32.91 -77.68
CA VAL D 1578 -43.85 -31.80 -77.89
C VAL D 1578 -44.29 -30.97 -79.09
N ARG D 1579 -44.89 -31.61 -80.08
CA ARG D 1579 -45.42 -30.91 -81.25
C ARG D 1579 -46.78 -30.30 -80.95
N ARG E 32 -19.02 27.44 -18.36
CA ARG E 32 -19.31 27.39 -16.94
C ARG E 32 -18.10 26.82 -16.17
N ALA E 33 -18.22 26.78 -14.85
CA ALA E 33 -17.11 26.35 -14.00
C ALA E 33 -16.99 24.83 -13.99
N ARG E 34 -15.75 24.34 -14.06
CA ARG E 34 -15.46 22.92 -14.02
C ARG E 34 -14.93 22.50 -12.65
N PHE E 35 -15.19 21.25 -12.30
CA PHE E 35 -14.82 20.77 -10.96
C PHE E 35 -13.34 20.46 -10.87
N VAL E 36 -12.86 19.50 -11.67
CA VAL E 36 -11.43 19.23 -11.81
C VAL E 36 -11.09 19.20 -13.29
N SER E 37 -9.96 19.79 -13.64
CA SER E 37 -9.63 20.02 -15.03
C SER E 37 -9.25 18.70 -15.71
N LYS E 38 -9.23 18.74 -17.04
CA LYS E 38 -8.93 17.55 -17.81
C LYS E 38 -7.55 17.01 -17.48
N LYS E 39 -6.56 17.89 -17.35
CA LYS E 39 -5.19 17.45 -17.08
C LYS E 39 -5.06 16.69 -15.78
N GLY E 40 -6.09 16.68 -14.93
CA GLY E 40 -6.04 16.02 -13.66
C GLY E 40 -5.81 16.93 -12.47
N ASN E 41 -5.45 18.19 -12.70
CA ASN E 41 -5.30 19.15 -11.61
C ASN E 41 -6.67 19.59 -11.10
N CYS E 42 -6.68 20.02 -9.84
CA CYS E 42 -7.92 20.43 -9.18
C CYS E 42 -8.21 21.89 -9.46
N ASN E 43 -9.47 22.20 -9.72
CA ASN E 43 -9.88 23.54 -10.11
C ASN E 43 -10.24 24.41 -8.91
N VAL E 44 -10.96 23.85 -7.93
CA VAL E 44 -11.55 24.63 -6.86
C VAL E 44 -10.47 25.38 -6.09
N ALA E 45 -10.55 26.71 -6.12
CA ALA E 45 -9.59 27.55 -5.41
C ALA E 45 -10.08 27.76 -3.99
N HIS E 46 -9.19 27.54 -3.02
CA HIS E 46 -9.55 27.62 -1.62
C HIS E 46 -9.43 29.04 -1.10
N LYS E 47 -10.35 29.40 -0.22
CA LYS E 47 -10.38 30.74 0.33
C LYS E 47 -10.54 30.66 1.84
N ASN E 48 -9.91 31.59 2.54
CA ASN E 48 -10.03 31.74 3.98
C ASN E 48 -9.57 30.47 4.71
N ILE E 49 -8.30 30.13 4.51
CA ILE E 49 -7.66 29.03 5.23
C ILE E 49 -7.08 29.58 6.53
N ARG E 50 -7.57 29.08 7.66
CA ARG E 50 -7.07 29.49 8.97
C ARG E 50 -5.65 28.95 9.23
N GLU E 51 -4.66 29.48 8.52
CA GLU E 51 -3.31 28.96 8.58
C GLU E 51 -2.83 28.97 10.02
N GLN E 52 -2.62 27.80 10.60
CA GLN E 52 -1.97 27.70 11.90
C GLN E 52 -0.50 27.36 11.78
N GLY E 53 0.04 27.44 10.56
CA GLY E 53 1.44 27.24 10.31
C GLY E 53 1.82 25.85 9.86
N ARG E 54 0.87 24.91 9.84
CA ARG E 54 1.21 23.56 9.40
C ARG E 54 1.72 23.54 7.95
N PHE E 55 1.45 24.59 7.18
CA PHE E 55 1.94 24.68 5.80
C PHE E 55 3.46 24.70 5.73
N LEU E 56 4.10 25.35 6.69
CA LEU E 56 5.54 25.23 6.78
C LEU E 56 5.99 24.17 7.76
N GLN E 57 5.12 23.75 8.70
CA GLN E 57 5.51 22.75 9.68
C GLN E 57 5.86 21.40 9.05
N ASP E 58 5.54 21.23 7.77
CA ASP E 58 5.81 20.04 6.96
C ASP E 58 7.09 20.21 6.19
N VAL E 59 8.08 20.78 6.89
CA VAL E 59 9.23 21.47 6.33
C VAL E 59 9.77 20.80 5.07
N PHE E 60 10.07 19.51 5.14
CA PHE E 60 10.61 18.89 3.94
C PHE E 60 9.53 18.24 3.08
N THR E 61 8.41 17.81 3.66
CA THR E 61 7.31 17.36 2.82
C THR E 61 6.62 18.52 2.11
N THR E 62 7.01 19.75 2.42
CA THR E 62 6.59 20.89 1.62
C THR E 62 7.46 21.06 0.39
N LEU E 63 8.78 21.12 0.59
CA LEU E 63 9.68 21.43 -0.50
C LEU E 63 9.92 20.24 -1.41
N VAL E 64 9.72 19.00 -0.94
CA VAL E 64 9.78 17.87 -1.87
C VAL E 64 8.62 17.87 -2.83
N ASP E 65 7.61 18.71 -2.61
CA ASP E 65 6.56 18.89 -3.58
C ASP E 65 6.97 19.81 -4.72
N LEU E 66 7.95 20.68 -4.51
CA LEU E 66 8.22 21.80 -5.41
C LEU E 66 8.71 21.31 -6.77
N LYS E 67 8.89 22.25 -7.68
CA LYS E 67 9.49 21.92 -8.96
C LYS E 67 10.97 21.63 -8.76
N TRP E 68 11.64 21.38 -9.86
CA TRP E 68 13.07 21.12 -9.83
C TRP E 68 13.91 22.39 -9.73
N PRO E 69 13.61 23.46 -10.47
CA PRO E 69 14.42 24.67 -10.32
C PRO E 69 14.35 25.26 -8.92
N HIS E 70 13.17 25.31 -8.31
CA HIS E 70 13.07 25.86 -6.95
C HIS E 70 13.81 24.98 -5.96
N THR E 71 13.67 23.67 -6.06
CA THR E 71 14.33 22.80 -5.10
C THR E 71 15.84 22.87 -5.28
N LEU E 72 16.33 22.93 -6.52
CA LEU E 72 17.76 23.07 -6.74
C LEU E 72 18.26 24.42 -6.21
N LEU E 73 17.46 25.47 -6.42
CA LEU E 73 17.84 26.78 -5.90
C LEU E 73 17.97 26.74 -4.38
N ILE E 74 16.98 26.14 -3.70
CA ILE E 74 17.02 26.19 -2.24
C ILE E 74 18.10 25.27 -1.71
N PHE E 75 18.48 24.23 -2.46
CA PHE E 75 19.60 23.40 -2.01
C PHE E 75 20.93 24.10 -2.17
N THR E 76 21.15 24.75 -3.31
CA THR E 76 22.38 25.49 -3.41
C THR E 76 22.43 26.61 -2.39
N MET E 77 21.27 27.19 -2.05
CA MET E 77 21.26 28.28 -1.05
C MET E 77 21.52 27.75 0.35
N SER E 78 21.02 26.56 0.69
CA SER E 78 21.42 25.91 1.93
C SER E 78 22.92 25.72 1.99
N PHE E 79 23.50 25.13 0.95
CA PHE E 79 24.92 24.83 0.99
C PHE E 79 25.74 26.11 1.08
N LEU E 80 25.45 27.09 0.22
CA LEU E 80 26.23 28.33 0.24
C LEU E 80 26.03 29.09 1.55
N CYS E 81 24.82 29.07 2.10
CA CYS E 81 24.61 29.71 3.39
C CYS E 81 25.53 29.11 4.44
N SER E 82 25.54 27.79 4.57
CA SER E 82 26.37 27.20 5.61
C SER E 82 27.85 27.47 5.37
N TRP E 83 28.30 27.36 4.12
CA TRP E 83 29.70 27.57 3.82
C TRP E 83 30.14 28.99 4.17
N LEU E 84 29.33 29.98 3.80
CA LEU E 84 29.70 31.36 4.08
C LEU E 84 29.68 31.64 5.58
N LEU E 85 28.71 31.07 6.30
CA LEU E 85 28.69 31.24 7.75
C LEU E 85 30.01 30.79 8.37
N PHE E 86 30.41 29.55 8.08
CA PHE E 86 31.63 29.07 8.74
C PHE E 86 32.88 29.73 8.18
N ALA E 87 32.88 30.17 6.92
CA ALA E 87 34.04 30.90 6.42
C ALA E 87 34.21 32.20 7.17
N MET E 88 33.10 32.88 7.47
CA MET E 88 33.18 34.11 8.26
C MET E 88 33.72 33.83 9.65
N VAL E 89 33.20 32.80 10.32
CA VAL E 89 33.66 32.56 11.68
C VAL E 89 35.14 32.17 11.70
N TRP E 90 35.60 31.47 10.66
CA TRP E 90 37.02 31.10 10.62
C TRP E 90 37.90 32.30 10.32
N TRP E 91 37.50 33.12 9.35
CA TRP E 91 38.21 34.36 9.13
C TRP E 91 38.37 35.11 10.45
N LEU E 92 37.29 35.21 11.21
CA LEU E 92 37.33 35.96 12.45
C LEU E 92 38.24 35.31 13.48
N ILE E 93 38.22 33.98 13.57
CA ILE E 93 39.02 33.36 14.61
C ILE E 93 40.50 33.51 14.28
N ALA E 94 40.89 33.37 13.00
CA ALA E 94 42.27 33.59 12.61
C ALA E 94 42.68 35.04 12.79
N PHE E 95 41.74 35.97 12.58
CA PHE E 95 42.04 37.37 12.86
C PHE E 95 42.28 37.59 14.34
N ALA E 96 41.43 37.00 15.17
CA ALA E 96 41.45 37.24 16.60
C ALA E 96 42.66 36.62 17.26
N HIS E 97 43.03 35.39 16.86
CA HIS E 97 44.23 34.82 17.46
C HIS E 97 45.46 35.69 17.19
N GLY E 98 45.40 36.51 16.15
CA GLY E 98 46.56 37.27 15.73
C GLY E 98 47.43 36.54 14.75
N ASP E 99 47.15 35.26 14.49
CA ASP E 99 47.82 34.54 13.42
C ASP E 99 47.57 35.17 12.06
N LEU E 100 46.54 36.02 11.95
CA LEU E 100 46.28 36.68 10.68
C LEU E 100 47.30 37.78 10.41
N ALA E 101 47.82 38.40 11.47
CA ALA E 101 48.86 39.40 11.35
C ALA E 101 50.13 38.75 10.83
N PRO E 102 50.56 39.07 9.61
CA PRO E 102 51.71 38.39 9.02
C PRO E 102 52.96 38.64 9.84
N GLY E 103 53.49 37.57 10.41
CA GLY E 103 54.67 37.67 11.25
C GLY E 103 55.46 36.38 11.19
N GLU E 104 56.78 36.51 11.25
CA GLU E 104 57.69 35.38 11.16
C GLU E 104 58.21 35.07 12.57
N GLY E 105 57.86 33.90 13.09
CA GLY E 105 58.34 33.45 14.37
C GLY E 105 57.44 33.87 15.53
N THR E 106 57.79 33.38 16.72
CA THR E 106 57.09 33.64 17.96
C THR E 106 55.64 33.19 17.93
N ASN E 107 55.24 32.46 16.89
CA ASN E 107 53.88 31.95 16.80
C ASN E 107 53.85 30.82 15.79
N VAL E 108 52.76 30.06 15.84
CA VAL E 108 52.40 29.17 14.75
C VAL E 108 50.91 29.40 14.54
N PRO E 109 50.46 29.68 13.31
CA PRO E 109 49.04 29.95 13.11
C PRO E 109 48.22 28.72 13.49
N CYS E 110 47.02 28.97 14.04
CA CYS E 110 46.11 27.87 14.30
C CYS E 110 45.80 27.11 13.03
N VAL E 111 45.73 27.83 11.90
CA VAL E 111 45.61 27.24 10.59
C VAL E 111 46.81 27.70 9.78
N THR E 112 47.70 26.78 9.45
CA THR E 112 48.92 27.16 8.76
C THR E 112 48.59 27.77 7.40
N SER E 113 49.37 28.76 6.98
CA SER E 113 49.25 29.37 5.67
C SER E 113 47.83 29.91 5.43
N ILE E 114 47.43 30.85 6.28
CA ILE E 114 46.20 31.60 6.05
C ILE E 114 46.58 33.07 5.95
N HIS E 115 46.07 33.74 4.93
CA HIS E 115 46.46 35.12 4.69
C HIS E 115 45.28 36.07 4.68
N SER E 116 44.23 35.76 3.94
CA SER E 116 43.16 36.71 3.74
C SER E 116 41.82 36.01 3.82
N PHE E 117 40.77 36.77 3.58
CA PHE E 117 39.43 36.20 3.62
C PHE E 117 39.28 35.13 2.55
N SER E 118 39.84 35.37 1.36
CA SER E 118 39.69 34.41 0.27
C SER E 118 40.25 33.06 0.66
N SER E 119 41.49 33.02 1.16
CA SER E 119 42.05 31.73 1.55
C SER E 119 41.26 31.13 2.70
N ALA E 120 40.64 31.96 3.53
CA ALA E 120 39.83 31.41 4.62
C ALA E 120 38.58 30.72 4.08
N PHE E 121 37.90 31.35 3.12
CA PHE E 121 36.75 30.71 2.49
C PHE E 121 37.16 29.45 1.74
N LEU E 122 38.37 29.45 1.17
CA LEU E 122 38.88 28.24 0.56
C LEU E 122 39.10 27.15 1.62
N PHE E 123 39.54 27.54 2.83
CA PHE E 123 39.67 26.54 3.88
C PHE E 123 38.32 26.02 4.31
N SER E 124 37.32 26.90 4.37
CA SER E 124 35.99 26.48 4.78
C SER E 124 35.42 25.47 3.80
N ILE E 125 35.50 25.77 2.50
CA ILE E 125 35.00 24.79 1.54
C ILE E 125 35.90 23.57 1.47
N GLU E 126 37.16 23.68 1.90
CA GLU E 126 38.04 22.52 1.88
C GLU E 126 37.70 21.54 2.98
N VAL E 127 37.33 22.03 4.15
CA VAL E 127 37.01 21.10 5.22
C VAL E 127 35.53 20.73 5.23
N GLN E 128 34.65 21.63 4.84
CA GLN E 128 33.22 21.34 4.92
C GLN E 128 32.86 20.18 4.00
N VAL E 129 33.05 20.35 2.70
CA VAL E 129 32.50 19.41 1.74
C VAL E 129 33.44 18.23 1.60
N THR E 130 34.42 18.15 2.49
CA THR E 130 35.26 16.96 2.67
C THR E 130 36.08 16.64 1.42
N ILE E 131 36.68 17.67 0.83
CA ILE E 131 37.75 17.48 -0.15
C ILE E 131 39.11 17.38 0.55
N GLY E 132 39.34 18.20 1.57
CA GLY E 132 40.55 18.15 2.35
C GLY E 132 41.86 18.36 1.60
N PHE E 133 42.10 19.59 1.12
CA PHE E 133 43.25 19.86 0.28
C PHE E 133 44.54 19.79 1.07
N GLY E 134 44.55 20.28 2.30
CA GLY E 134 45.70 20.16 3.16
C GLY E 134 46.85 21.11 2.89
N GLY E 135 46.65 22.11 2.03
CA GLY E 135 47.66 23.14 1.90
C GLY E 135 47.71 24.03 3.12
N ARG E 136 46.56 24.30 3.72
CA ARG E 136 46.47 25.00 4.99
C ARG E 136 46.09 23.99 6.05
N MET E 137 46.92 23.89 7.07
CA MET E 137 46.81 22.86 8.10
C MET E 137 46.30 23.50 9.36
N VAL E 138 45.24 22.94 9.92
CA VAL E 138 44.81 23.28 11.26
C VAL E 138 45.70 22.52 12.24
N THR E 139 46.16 23.22 13.28
CA THR E 139 47.24 22.73 14.14
C THR E 139 46.71 22.44 15.54
N GLU E 140 47.54 21.74 16.32
CA GLU E 140 47.21 21.30 17.67
C GLU E 140 47.58 22.33 18.73
N GLU E 141 47.78 23.58 18.34
CA GLU E 141 48.09 24.64 19.29
C GLU E 141 46.85 25.31 19.86
N CYS E 142 45.76 25.36 19.10
CA CYS E 142 44.54 26.07 19.51
C CYS E 142 43.36 25.13 19.59
N PRO E 143 42.85 24.81 20.78
CA PRO E 143 41.68 23.94 20.88
C PRO E 143 40.38 24.59 20.41
N LEU E 144 40.34 25.92 20.33
CA LEU E 144 39.14 26.58 19.82
C LEU E 144 38.89 26.21 18.37
N ALA E 145 39.97 26.14 17.56
CA ALA E 145 39.83 25.68 16.18
C ALA E 145 39.38 24.23 16.12
N ILE E 146 39.80 23.42 17.09
CA ILE E 146 39.31 22.05 17.15
C ILE E 146 37.80 22.03 17.36
N LEU E 147 37.30 22.88 18.25
CA LEU E 147 35.86 22.93 18.47
C LEU E 147 35.13 23.39 17.22
N ILE E 148 35.63 24.42 16.55
CA ILE E 148 34.92 24.90 15.37
C ILE E 148 34.91 23.83 14.30
N LEU E 149 35.99 23.04 14.18
CA LEU E 149 35.99 21.96 13.21
C LEU E 149 35.01 20.86 13.59
N ILE E 150 34.95 20.52 14.88
CA ILE E 150 34.14 19.39 15.31
C ILE E 150 32.66 19.71 15.29
N VAL E 151 32.30 20.99 15.21
CA VAL E 151 30.90 21.32 14.93
C VAL E 151 30.66 21.55 13.44
N GLN E 152 31.63 22.12 12.74
CA GLN E 152 31.51 22.30 11.30
C GLN E 152 31.20 20.98 10.63
N ASN E 153 31.98 19.96 10.95
CA ASN E 153 31.84 18.71 10.22
C ASN E 153 30.51 18.03 10.52
N ILE E 154 30.08 18.01 11.78
CA ILE E 154 28.82 17.35 12.08
C ILE E 154 27.66 18.11 11.44
N VAL E 155 27.66 19.43 11.48
CA VAL E 155 26.54 20.11 10.83
C VAL E 155 26.58 19.87 9.33
N GLY E 156 27.79 19.84 8.76
CA GLY E 156 27.90 19.54 7.36
C GLY E 156 27.32 18.19 7.04
N LEU E 157 27.61 17.20 7.89
CA LEU E 157 27.14 15.86 7.60
C LEU E 157 25.64 15.77 7.76
N MET E 158 25.08 16.47 8.73
CA MET E 158 23.64 16.38 8.91
C MET E 158 22.91 17.02 7.73
N ILE E 159 23.37 18.19 7.29
CA ILE E 159 22.67 18.87 6.21
C ILE E 159 22.89 18.16 4.87
N ASN E 160 24.02 17.47 4.72
CA ASN E 160 24.21 16.60 3.58
C ASN E 160 23.25 15.42 3.63
N ALA E 161 23.03 14.85 4.82
CA ALA E 161 22.14 13.70 4.92
C ALA E 161 20.71 14.08 4.56
N ILE E 162 20.23 15.19 5.09
CA ILE E 162 18.86 15.59 4.76
C ILE E 162 18.77 15.98 3.28
N MET E 163 19.77 16.70 2.74
CA MET E 163 19.69 17.12 1.35
C MET E 163 19.92 15.99 0.38
N LEU E 164 20.26 14.81 0.87
CA LEU E 164 20.17 13.65 0.00
C LEU E 164 18.86 12.91 0.17
N GLY E 165 18.43 12.68 1.41
CA GLY E 165 17.17 11.98 1.61
C GLY E 165 16.01 12.69 0.96
N CYS E 166 15.94 14.02 1.07
CA CYS E 166 14.80 14.68 0.48
C CYS E 166 14.84 14.65 -1.04
N ILE E 167 16.01 14.80 -1.68
CA ILE E 167 16.02 14.69 -3.14
C ILE E 167 15.65 13.27 -3.55
N PHE E 168 16.03 12.25 -2.76
CA PHE E 168 15.60 10.93 -3.18
C PHE E 168 14.11 10.76 -2.99
N MET E 169 13.57 11.22 -1.87
CA MET E 169 12.13 11.19 -1.65
C MET E 169 11.41 11.91 -2.75
N LYS E 170 12.08 12.86 -3.39
CA LYS E 170 11.52 13.53 -4.55
C LYS E 170 11.54 12.62 -5.78
N THR E 171 12.67 12.00 -6.08
CA THR E 171 12.71 11.19 -7.31
C THR E 171 11.73 10.02 -7.28
N ALA E 172 10.99 9.83 -6.19
CA ALA E 172 9.79 9.01 -6.20
C ALA E 172 8.54 9.81 -6.54
N GLN E 173 8.70 10.95 -7.19
CA GLN E 173 7.56 11.59 -7.83
C GLN E 173 7.20 10.74 -9.04
N ALA E 174 6.07 10.03 -8.96
CA ALA E 174 5.59 9.26 -10.09
C ALA E 174 4.31 9.84 -10.68
N HIS E 175 3.91 11.04 -10.27
CA HIS E 175 2.81 11.71 -10.94
C HIS E 175 3.05 11.76 -12.44
N ARG E 176 4.31 11.89 -12.89
CA ARG E 176 4.56 11.81 -14.33
C ARG E 176 3.94 10.54 -14.91
N ARG E 177 4.09 9.40 -14.22
CA ARG E 177 3.33 8.21 -14.57
C ARG E 177 1.83 8.43 -14.45
N ALA E 178 1.39 9.38 -13.63
CA ALA E 178 -0.01 9.74 -13.76
C ALA E 178 -0.24 10.56 -15.02
N GLU E 179 0.81 11.13 -15.61
CA GLU E 179 0.63 11.85 -16.86
C GLU E 179 0.47 10.88 -18.02
N THR E 180 1.20 9.77 -18.01
CA THR E 180 1.18 8.93 -19.21
C THR E 180 -0.17 8.27 -19.44
N LEU E 181 -0.99 8.09 -18.40
CA LEU E 181 -2.31 7.51 -18.65
C LEU E 181 -3.14 8.47 -19.50
N ILE E 182 -4.08 7.91 -20.25
CA ILE E 182 -4.96 8.70 -21.10
C ILE E 182 -6.38 8.16 -21.08
N PHE E 183 -7.33 9.08 -21.18
CA PHE E 183 -8.74 8.76 -21.32
C PHE E 183 -9.24 9.38 -22.61
N SER E 184 -10.28 8.80 -23.19
CA SER E 184 -10.84 9.38 -24.40
C SER E 184 -11.47 10.73 -24.10
N LYS E 185 -11.50 11.60 -25.11
CA LYS E 185 -11.88 13.00 -24.88
C LYS E 185 -13.33 13.13 -24.44
N HIS E 186 -14.23 12.38 -25.07
CA HIS E 186 -15.64 12.36 -24.73
C HIS E 186 -16.12 10.92 -24.57
N ALA E 187 -17.16 10.73 -23.77
CA ALA E 187 -17.73 9.42 -23.46
C ALA E 187 -19.10 9.29 -24.08
N VAL E 188 -19.41 8.10 -24.61
CA VAL E 188 -20.69 7.81 -25.23
C VAL E 188 -21.46 6.80 -24.41
N ILE E 189 -22.78 6.79 -24.61
CA ILE E 189 -23.66 5.80 -24.00
C ILE E 189 -24.27 4.95 -25.12
N THR E 190 -24.67 3.73 -24.76
CA THR E 190 -25.21 2.80 -25.78
C THR E 190 -26.30 1.96 -25.14
N LEU E 191 -26.78 0.97 -25.89
CA LEU E 191 -27.75 -0.01 -25.40
C LEU E 191 -27.11 -1.39 -25.49
N ARG E 192 -26.77 -1.95 -24.34
CA ARG E 192 -26.19 -3.29 -24.29
C ARG E 192 -27.06 -4.24 -23.47
N HIS E 193 -27.37 -5.39 -24.04
CA HIS E 193 -28.15 -6.41 -23.36
C HIS E 193 -29.52 -5.93 -22.99
N GLY E 194 -30.08 -5.05 -23.82
CA GLY E 194 -31.43 -4.56 -23.61
C GLY E 194 -31.54 -3.48 -22.55
N ARG E 195 -30.40 -3.02 -22.06
CA ARG E 195 -30.36 -1.98 -21.03
C ARG E 195 -29.39 -0.88 -21.43
N LEU E 196 -29.71 0.36 -21.05
CA LEU E 196 -28.85 1.48 -21.39
C LEU E 196 -27.48 1.35 -20.71
N CYS E 197 -26.44 1.69 -21.46
CA CYS E 197 -25.07 1.59 -20.94
C CYS E 197 -24.20 2.78 -21.34
N PHE E 198 -23.20 3.08 -20.53
CA PHE E 198 -22.26 4.16 -20.83
C PHE E 198 -20.85 3.59 -20.98
N MET E 199 -20.16 3.94 -22.06
CA MET E 199 -18.83 3.42 -22.33
C MET E 199 -17.76 4.52 -22.39
N LEU E 200 -16.67 4.30 -21.66
CA LEU E 200 -15.53 5.21 -21.68
C LEU E 200 -14.25 4.40 -21.83
N ARG E 201 -13.24 4.97 -22.50
CA ARG E 201 -12.00 4.25 -22.73
C ARG E 201 -10.91 4.68 -21.75
N VAL E 202 -9.98 3.77 -21.49
CA VAL E 202 -8.75 4.04 -20.78
C VAL E 202 -7.63 3.30 -21.49
N GLY E 203 -6.42 3.42 -20.95
CA GLY E 203 -5.31 2.76 -21.61
C GLY E 203 -4.01 3.10 -20.96
N ASP E 204 -3.00 2.32 -21.32
CA ASP E 204 -1.65 2.48 -20.82
C ASP E 204 -0.77 3.00 -21.95
N LEU E 205 0.30 3.69 -21.58
CA LEU E 205 1.20 4.27 -22.57
C LEU E 205 2.62 3.76 -22.46
N ARG E 206 2.92 2.81 -21.59
CA ARG E 206 4.26 2.26 -21.53
C ARG E 206 4.19 0.76 -21.33
N LYS E 207 5.36 0.14 -21.35
CA LYS E 207 5.47 -1.28 -21.05
C LYS E 207 5.14 -1.54 -19.58
N SER E 208 5.53 -0.63 -18.70
CA SER E 208 5.41 -0.84 -17.26
C SER E 208 3.95 -0.85 -16.84
N MET E 209 3.55 -1.89 -16.12
CA MET E 209 2.19 -2.06 -15.66
C MET E 209 1.92 -1.21 -14.42
N ILE E 210 0.65 -1.16 -14.04
CA ILE E 210 0.21 -0.47 -12.83
C ILE E 210 -0.57 -1.48 -12.00
N ILE E 211 -0.12 -1.70 -10.77
CA ILE E 211 -0.58 -2.83 -9.97
C ILE E 211 -1.91 -2.47 -9.29
N SER E 212 -2.92 -3.32 -9.50
CA SER E 212 -4.16 -3.32 -8.72
C SER E 212 -4.95 -2.02 -8.86
N ALA E 213 -4.93 -1.45 -10.06
CA ALA E 213 -5.67 -0.22 -10.33
C ALA E 213 -7.15 -0.40 -10.01
N THR E 214 -7.74 0.59 -9.36
CA THR E 214 -9.16 0.53 -9.02
C THR E 214 -9.85 1.79 -9.50
N ILE E 215 -11.14 1.67 -9.79
CA ILE E 215 -11.93 2.75 -10.37
C ILE E 215 -12.94 3.22 -9.35
N HIS E 216 -12.89 4.52 -9.04
CA HIS E 216 -13.91 5.20 -8.26
C HIS E 216 -14.57 6.21 -9.17
N MET E 217 -15.81 5.95 -9.55
CA MET E 217 -16.51 6.70 -10.58
C MET E 217 -17.62 7.51 -9.92
N GLN E 218 -17.55 8.83 -10.00
CA GLN E 218 -18.40 9.71 -9.21
C GLN E 218 -19.09 10.74 -10.07
N VAL E 219 -20.27 11.16 -9.62
CA VAL E 219 -21.12 12.13 -10.31
C VAL E 219 -21.41 13.28 -9.37
N VAL E 220 -21.36 14.52 -9.86
CA VAL E 220 -21.66 15.66 -9.00
C VAL E 220 -22.80 16.48 -9.60
N ARG E 221 -23.59 17.09 -8.71
CA ARG E 221 -24.78 17.84 -9.11
C ARG E 221 -25.28 18.70 -7.96
N LYS E 222 -25.71 19.92 -8.27
CA LYS E 222 -26.37 20.75 -7.27
C LYS E 222 -27.72 20.13 -6.94
N THR E 223 -27.89 19.67 -5.71
CA THR E 223 -29.05 18.87 -5.34
C THR E 223 -29.84 19.55 -4.23
N THR E 224 -31.17 19.40 -4.30
CA THR E 224 -32.08 19.89 -3.27
C THR E 224 -32.83 18.71 -2.69
N SER E 225 -32.68 18.51 -1.38
CA SER E 225 -33.33 17.40 -0.72
C SER E 225 -34.83 17.68 -0.56
N PRO E 226 -35.63 16.64 -0.32
CA PRO E 226 -37.05 16.88 0.00
C PRO E 226 -37.24 17.64 1.29
N GLU E 227 -36.22 17.74 2.13
CA GLU E 227 -36.28 18.51 3.37
C GLU E 227 -35.98 19.98 3.17
N GLY E 228 -35.93 20.45 1.92
CA GLY E 228 -35.60 21.84 1.66
C GLY E 228 -34.12 22.15 1.70
N GLU E 229 -33.27 21.14 1.92
CA GLU E 229 -31.83 21.36 1.97
C GLU E 229 -31.27 21.36 0.55
N VAL E 230 -30.54 22.41 0.20
CA VAL E 230 -29.89 22.55 -1.10
C VAL E 230 -28.39 22.42 -0.89
N VAL E 231 -27.77 21.52 -1.65
CA VAL E 231 -26.31 21.39 -1.62
C VAL E 231 -25.74 21.97 -2.91
N PRO E 232 -24.64 22.71 -2.85
CA PRO E 232 -24.07 23.27 -4.09
C PRO E 232 -23.44 22.23 -4.97
N LEU E 233 -23.07 21.07 -4.43
CA LEU E 233 -22.35 20.03 -5.15
C LEU E 233 -22.46 18.75 -4.35
N HIS E 234 -22.77 17.64 -5.02
CA HIS E 234 -23.16 16.41 -4.34
C HIS E 234 -22.52 15.19 -5.00
N GLN E 235 -21.39 14.73 -4.46
CA GLN E 235 -20.71 13.56 -5.01
C GLN E 235 -21.46 12.29 -4.62
N VAL E 236 -21.69 11.42 -5.60
CA VAL E 236 -22.34 10.14 -5.37
C VAL E 236 -21.63 9.08 -6.21
N ASP E 237 -21.44 7.90 -5.62
CA ASP E 237 -20.75 6.83 -6.34
C ASP E 237 -21.69 6.18 -7.32
N ILE E 238 -21.23 6.03 -8.55
CA ILE E 238 -21.87 5.18 -9.55
C ILE E 238 -21.00 3.96 -9.73
N PRO E 239 -21.55 2.75 -9.65
CA PRO E 239 -20.69 1.56 -9.59
C PRO E 239 -20.01 1.31 -10.93
N MET E 240 -18.83 0.71 -10.87
CA MET E 240 -18.24 0.11 -12.05
C MET E 240 -18.62 -1.36 -12.06
N GLU E 241 -19.15 -1.83 -13.19
CA GLU E 241 -19.77 -3.15 -13.25
C GLU E 241 -18.81 -4.13 -13.89
N ASN E 242 -18.24 -4.99 -13.04
CA ASN E 242 -17.27 -6.02 -13.35
C ASN E 242 -17.96 -7.35 -13.03
N GLY E 243 -17.19 -8.42 -12.91
CA GLY E 243 -17.74 -9.71 -12.50
C GLY E 243 -18.31 -9.63 -11.08
N VAL E 244 -18.47 -10.75 -10.38
CA VAL E 244 -19.30 -10.86 -9.18
C VAL E 244 -19.31 -9.62 -8.27
N GLY E 245 -18.29 -8.79 -8.38
CA GLY E 245 -18.20 -7.60 -7.56
C GLY E 245 -16.96 -6.82 -7.91
N GLY E 246 -16.22 -6.35 -6.91
CA GLY E 246 -14.93 -5.77 -7.20
C GLY E 246 -14.97 -4.33 -7.67
N ASN E 247 -14.05 -3.54 -7.13
CA ASN E 247 -13.93 -2.13 -7.45
C ASN E 247 -12.83 -1.85 -8.47
N GLY E 248 -11.99 -2.85 -8.77
CA GLY E 248 -10.77 -2.64 -9.52
C GLY E 248 -10.74 -3.45 -10.80
N ILE E 249 -9.76 -3.12 -11.65
CA ILE E 249 -9.67 -3.61 -13.02
C ILE E 249 -8.22 -3.98 -13.33
N PHE E 250 -8.02 -4.49 -14.54
CA PHE E 250 -6.71 -4.95 -15.00
C PHE E 250 -6.44 -4.32 -16.35
N LEU E 251 -5.34 -3.57 -16.45
CA LEU E 251 -5.03 -2.72 -17.59
C LEU E 251 -3.87 -3.31 -18.38
N VAL E 252 -4.16 -3.86 -19.56
CA VAL E 252 -3.11 -4.26 -20.47
C VAL E 252 -3.32 -3.51 -21.78
N ALA E 253 -4.46 -3.73 -22.41
CA ALA E 253 -4.92 -3.04 -23.60
C ALA E 253 -6.01 -2.05 -23.23
N PRO E 254 -6.33 -1.09 -24.13
CA PRO E 254 -7.45 -0.19 -23.85
C PRO E 254 -8.76 -0.91 -23.60
N LEU E 255 -9.25 -0.81 -22.37
CA LEU E 255 -10.45 -1.49 -21.92
C LEU E 255 -11.55 -0.47 -21.69
N ILE E 256 -12.63 -0.57 -22.47
CA ILE E 256 -13.80 0.26 -22.22
C ILE E 256 -14.45 -0.17 -20.92
N ILE E 257 -14.62 0.78 -20.00
CA ILE E 257 -15.26 0.54 -18.73
C ILE E 257 -16.76 0.51 -18.92
N TYR E 258 -17.41 -0.45 -18.29
CA TYR E 258 -18.77 -0.85 -18.64
C TYR E 258 -19.64 -0.76 -17.40
N HIS E 259 -20.49 0.27 -17.34
CA HIS E 259 -21.47 0.37 -16.28
C HIS E 259 -22.85 0.28 -16.89
N VAL E 260 -23.82 -0.24 -16.14
CA VAL E 260 -25.22 -0.24 -16.57
C VAL E 260 -26.04 0.58 -15.59
N ILE E 261 -26.61 1.67 -16.07
CA ILE E 261 -27.48 2.50 -15.23
C ILE E 261 -28.83 1.80 -15.10
N ASP E 262 -29.28 1.64 -13.88
CA ASP E 262 -30.58 1.04 -13.59
C ASP E 262 -31.40 2.02 -12.77
N SER E 263 -32.65 1.62 -12.49
CA SER E 263 -33.56 2.50 -11.76
C SER E 263 -33.00 2.92 -10.41
N ASN E 264 -32.15 2.08 -9.81
CA ASN E 264 -31.52 2.44 -8.54
C ASN E 264 -30.38 3.45 -8.71
N SER E 265 -29.78 3.52 -9.90
CA SER E 265 -28.64 4.39 -10.10
C SER E 265 -29.05 5.87 -10.02
N PRO E 266 -28.13 6.74 -9.59
CA PRO E 266 -28.48 8.16 -9.44
C PRO E 266 -28.60 8.90 -10.75
N LEU E 267 -27.90 8.45 -11.79
CA LEU E 267 -27.93 9.10 -13.09
C LEU E 267 -29.16 8.73 -13.90
N TYR E 268 -29.99 7.81 -13.40
CA TYR E 268 -31.04 7.17 -14.16
C TYR E 268 -32.19 8.11 -14.56
N ASP E 269 -32.26 9.32 -14.00
CA ASP E 269 -33.44 10.15 -14.19
C ASP E 269 -33.33 11.16 -15.34
N LEU E 270 -32.13 11.41 -15.87
CA LEU E 270 -31.95 12.52 -16.81
C LEU E 270 -32.58 12.20 -18.17
N ALA E 271 -32.62 13.23 -19.04
CA ALA E 271 -33.19 13.19 -20.38
C ALA E 271 -32.09 13.38 -21.44
N PRO E 272 -32.23 12.76 -22.61
CA PRO E 272 -31.16 12.83 -23.61
C PRO E 272 -31.08 14.16 -24.34
N SER E 273 -32.14 14.96 -24.36
CA SER E 273 -32.10 16.24 -25.04
C SER E 273 -31.73 17.39 -24.12
N ASP E 274 -31.77 17.20 -22.82
CA ASP E 274 -31.46 18.25 -21.87
C ASP E 274 -30.01 18.23 -21.41
N LEU E 275 -29.25 17.21 -21.80
CA LEU E 275 -27.86 17.11 -21.34
C LEU E 275 -26.91 17.97 -22.15
N HIS E 276 -27.16 18.13 -23.45
CA HIS E 276 -26.14 18.71 -24.32
C HIS E 276 -25.85 20.16 -23.98
N HIS E 277 -26.84 20.92 -23.55
CA HIS E 277 -26.65 22.37 -23.41
C HIS E 277 -26.82 22.88 -22.00
N HIS E 278 -27.95 22.59 -21.37
CA HIS E 278 -28.38 23.33 -20.18
C HIS E 278 -27.84 22.73 -18.89
N GLN E 279 -28.12 21.46 -18.65
CA GLN E 279 -27.82 20.83 -17.37
C GLN E 279 -26.34 20.93 -17.05
N ASP E 280 -26.02 20.87 -15.75
CA ASP E 280 -24.65 20.93 -15.25
C ASP E 280 -24.35 19.64 -14.50
N LEU E 281 -23.78 18.66 -15.21
CA LEU E 281 -23.47 17.35 -14.64
C LEU E 281 -22.03 16.99 -14.98
N GLU E 282 -21.17 16.93 -13.97
CA GLU E 282 -19.80 16.48 -14.16
C GLU E 282 -19.70 15.05 -13.67
N ILE E 283 -19.22 14.17 -14.55
CA ILE E 283 -18.95 12.78 -14.21
C ILE E 283 -17.44 12.61 -14.21
N ILE E 284 -16.86 12.40 -13.04
CA ILE E 284 -15.41 12.26 -12.93
C ILE E 284 -15.08 10.80 -12.68
N VAL E 285 -13.91 10.40 -13.13
CA VAL E 285 -13.39 9.09 -12.82
C VAL E 285 -12.02 9.25 -12.17
N ILE E 286 -11.78 8.45 -11.14
CA ILE E 286 -10.52 8.45 -10.41
C ILE E 286 -10.00 7.03 -10.50
N LEU E 287 -8.92 6.85 -11.24
CA LEU E 287 -8.25 5.56 -11.31
C LEU E 287 -7.00 5.59 -10.46
N GLU E 288 -6.91 4.65 -9.52
CA GLU E 288 -5.79 4.54 -8.60
C GLU E 288 -5.00 3.28 -8.94
N GLY E 289 -3.72 3.29 -8.57
CA GLY E 289 -2.93 2.09 -8.76
C GLY E 289 -1.50 2.37 -8.38
N VAL E 290 -0.75 1.36 -8.01
CA VAL E 290 0.64 1.55 -7.63
C VAL E 290 1.51 1.11 -8.78
N VAL E 291 2.46 1.97 -9.18
CA VAL E 291 3.39 1.62 -10.25
C VAL E 291 4.38 0.55 -9.76
N GLU E 292 4.90 -0.21 -10.71
CA GLU E 292 5.70 -1.38 -10.36
C GLU E 292 7.01 -0.99 -9.70
N THR E 293 7.84 -0.21 -10.40
CA THR E 293 9.25 -0.08 -10.05
C THR E 293 9.46 0.79 -8.81
N THR E 294 8.73 1.88 -8.68
CA THR E 294 8.91 2.71 -7.49
C THR E 294 8.12 2.15 -6.32
N GLY E 295 6.93 1.62 -6.58
CA GLY E 295 6.07 1.12 -5.53
C GLY E 295 5.10 2.14 -4.98
N ILE E 296 5.20 3.40 -5.39
CA ILE E 296 4.28 4.43 -4.92
C ILE E 296 2.89 4.20 -5.51
N THR E 297 1.89 4.81 -4.88
CA THR E 297 0.51 4.70 -5.35
C THR E 297 0.11 6.01 -6.02
N THR E 298 -0.09 5.98 -7.33
CA THR E 298 -0.50 7.14 -8.09
C THR E 298 -1.95 7.00 -8.48
N GLN E 299 -2.52 8.07 -8.99
CA GLN E 299 -3.89 8.03 -9.48
C GLN E 299 -4.04 9.06 -10.59
N ALA E 300 -5.19 9.03 -11.24
CA ALA E 300 -5.50 10.02 -12.27
C ALA E 300 -6.99 10.35 -12.19
N ARG E 301 -7.29 11.61 -12.45
CA ARG E 301 -8.62 12.16 -12.27
C ARG E 301 -9.04 12.87 -13.54
N THR E 302 -10.24 12.60 -14.03
CA THR E 302 -10.73 13.38 -15.15
C THR E 302 -12.22 13.62 -15.04
N SER E 303 -12.67 14.71 -15.66
CA SER E 303 -14.06 15.15 -15.66
C SER E 303 -14.66 15.07 -17.05
N TYR E 304 -15.95 14.77 -17.10
CA TYR E 304 -16.73 14.87 -18.33
C TYR E 304 -17.95 15.74 -18.04
N LEU E 305 -18.10 16.81 -18.82
CA LEU E 305 -19.17 17.76 -18.60
C LEU E 305 -20.43 17.32 -19.35
N ALA E 306 -21.52 18.04 -19.12
CA ALA E 306 -22.76 17.76 -19.82
C ALA E 306 -22.64 18.09 -21.31
N ASP E 307 -21.76 19.02 -21.66
CA ASP E 307 -21.56 19.36 -23.07
C ASP E 307 -20.52 18.45 -23.74
N GLU E 308 -19.71 17.73 -22.97
CA GLU E 308 -18.70 16.82 -23.54
C GLU E 308 -19.30 15.48 -23.94
N ILE E 309 -20.21 14.96 -23.11
CA ILE E 309 -20.78 13.65 -23.36
C ILE E 309 -21.81 13.74 -24.49
N LEU E 310 -21.96 12.64 -25.22
CA LEU E 310 -22.92 12.57 -26.32
C LEU E 310 -23.67 11.24 -26.24
N TRP E 311 -24.64 11.07 -27.14
CA TRP E 311 -25.65 10.01 -27.03
C TRP E 311 -25.65 9.10 -28.25
N GLY E 312 -25.88 7.82 -28.02
CA GLY E 312 -26.14 6.87 -29.08
C GLY E 312 -25.06 6.71 -30.14
N GLN E 313 -23.91 6.14 -29.77
CA GLN E 313 -22.79 5.92 -30.68
C GLN E 313 -22.09 4.63 -30.31
N ARG E 314 -21.00 4.32 -31.02
CA ARG E 314 -20.19 3.18 -30.62
C ARG E 314 -18.74 3.40 -31.05
N PHE E 315 -17.81 3.03 -30.19
CA PHE E 315 -16.40 3.16 -30.52
C PHE E 315 -16.01 2.13 -31.58
N VAL E 316 -14.90 2.41 -32.25
CA VAL E 316 -14.38 1.50 -33.28
C VAL E 316 -13.46 0.49 -32.61
N PRO E 317 -13.51 -0.79 -32.98
CA PRO E 317 -12.61 -1.79 -32.37
C PRO E 317 -11.15 -1.47 -32.64
N ILE E 318 -10.38 -1.34 -31.56
CA ILE E 318 -8.95 -1.03 -31.66
C ILE E 318 -8.15 -2.29 -31.92
N VAL E 319 -8.26 -3.28 -31.01
CA VAL E 319 -7.44 -4.48 -31.09
C VAL E 319 -7.72 -5.23 -32.38
N ALA E 320 -6.66 -5.71 -33.02
CA ALA E 320 -6.80 -6.47 -34.24
C ALA E 320 -5.79 -7.60 -34.25
N GLU E 321 -6.20 -8.75 -34.77
CA GLU E 321 -5.30 -9.89 -34.86
C GLU E 321 -4.28 -9.62 -35.95
N GLU E 322 -3.10 -9.18 -35.55
CA GLU E 322 -1.99 -9.04 -36.47
C GLU E 322 -1.15 -10.31 -36.45
N ASP E 323 -0.05 -10.25 -37.21
CA ASP E 323 0.65 -11.36 -37.83
C ASP E 323 0.70 -12.57 -36.91
N GLY E 324 1.17 -12.35 -35.70
CA GLY E 324 1.11 -13.39 -34.70
C GLY E 324 0.75 -12.82 -33.34
N ARG E 325 0.28 -11.58 -33.31
CA ARG E 325 0.02 -10.90 -32.04
C ARG E 325 -1.27 -10.12 -32.12
N TYR E 326 -1.48 -9.23 -31.15
CA TYR E 326 -2.58 -8.30 -31.16
C TYR E 326 -2.01 -6.90 -31.35
N SER E 327 -2.36 -6.26 -32.45
CA SER E 327 -1.96 -4.90 -32.71
C SER E 327 -3.06 -3.97 -32.18
N VAL E 328 -2.65 -2.92 -31.48
CA VAL E 328 -3.56 -1.88 -31.02
C VAL E 328 -3.23 -0.60 -31.78
N ASP E 329 -4.24 -0.02 -32.40
CA ASP E 329 -4.09 1.23 -33.17
C ASP E 329 -4.72 2.36 -32.38
N TYR E 330 -3.91 3.31 -31.95
CA TYR E 330 -4.40 4.43 -31.16
C TYR E 330 -4.91 5.58 -32.00
N SER E 331 -4.88 5.45 -33.33
CA SER E 331 -5.48 6.46 -34.18
C SER E 331 -6.99 6.47 -34.06
N LYS E 332 -7.59 5.28 -34.01
CA LYS E 332 -9.02 5.14 -33.82
C LYS E 332 -9.42 5.20 -32.36
N PHE E 333 -8.49 5.52 -31.46
CA PHE E 333 -8.81 5.56 -30.04
C PHE E 333 -10.04 6.43 -29.79
N GLY E 334 -10.01 7.67 -30.26
CA GLY E 334 -11.13 8.57 -30.12
C GLY E 334 -12.13 8.54 -31.25
N ASN E 335 -12.07 7.55 -32.14
CA ASN E 335 -13.01 7.52 -33.24
C ASN E 335 -14.32 6.87 -32.80
N THR E 336 -15.39 7.20 -33.54
CA THR E 336 -16.75 6.90 -33.15
C THR E 336 -17.62 6.71 -34.39
N ILE E 337 -18.52 5.73 -34.34
CA ILE E 337 -19.42 5.44 -35.44
C ILE E 337 -20.86 5.58 -34.95
N LYS E 338 -21.73 5.92 -35.90
CA LYS E 338 -23.16 6.04 -35.63
C LYS E 338 -23.80 4.68 -35.47
N VAL E 339 -24.77 4.58 -34.57
CA VAL E 339 -25.50 3.34 -34.34
C VAL E 339 -26.99 3.64 -34.21
N PRO E 340 -27.84 2.95 -34.97
CA PRO E 340 -29.29 3.21 -34.86
C PRO E 340 -29.89 2.66 -33.57
N THR E 341 -29.76 3.42 -32.48
CA THR E 341 -30.34 3.04 -31.20
C THR E 341 -31.44 4.04 -30.80
N PRO E 342 -32.49 3.58 -30.12
CA PRO E 342 -33.57 4.49 -29.74
C PRO E 342 -33.09 5.55 -28.75
N LEU E 343 -33.59 6.77 -28.92
CA LEU E 343 -33.22 7.93 -28.12
C LEU E 343 -34.39 8.27 -27.19
N CYS E 344 -34.19 8.08 -25.89
CA CYS E 344 -35.21 8.36 -24.90
C CYS E 344 -34.58 8.43 -23.52
N THR E 345 -35.34 8.90 -22.54
CA THR E 345 -34.83 9.06 -21.18
C THR E 345 -34.80 7.72 -20.47
N ALA E 346 -33.80 7.56 -19.59
CA ALA E 346 -33.61 6.28 -18.90
C ALA E 346 -34.82 5.93 -18.04
N ARG E 347 -35.46 6.93 -17.44
CA ARG E 347 -36.72 6.67 -16.74
C ARG E 347 -37.80 6.22 -17.71
N GLN E 348 -37.99 6.97 -18.79
CA GLN E 348 -38.95 6.56 -19.81
C GLN E 348 -38.53 5.27 -20.50
N LEU E 349 -37.23 5.03 -20.64
CA LEU E 349 -36.79 3.77 -21.21
C LEU E 349 -37.09 2.61 -20.28
N ASP E 350 -36.99 2.82 -18.97
CA ASP E 350 -37.35 1.78 -18.03
C ASP E 350 -38.85 1.54 -18.03
N GLU E 351 -39.64 2.60 -18.19
CA GLU E 351 -41.09 2.43 -18.31
C GLU E 351 -41.46 1.69 -19.60
N ASP E 352 -40.74 1.96 -20.69
CA ASP E 352 -40.97 1.22 -21.92
C ASP E 352 -40.51 -0.22 -21.81
N ARG E 353 -39.45 -0.49 -21.03
CA ARG E 353 -39.06 -1.87 -20.77
C ARG E 353 -40.12 -2.59 -19.95
N SER E 354 -40.74 -1.88 -19.01
CA SER E 354 -41.91 -2.42 -18.33
C SER E 354 -43.05 -2.67 -19.32
N LEU E 355 -43.13 -1.86 -20.37
CA LEU E 355 -44.08 -2.08 -21.46
C LEU E 355 -43.52 -2.97 -22.57
N LEU E 356 -42.21 -3.22 -22.58
CA LEU E 356 -41.59 -4.05 -23.60
C LEU E 356 -40.22 -4.57 -23.14
N ASN F 24 42.32 47.71 18.66
CA ASN F 24 41.86 46.70 17.71
C ASN F 24 40.56 47.12 17.03
N GLY F 25 40.58 48.26 16.34
CA GLY F 25 39.35 48.77 15.74
C GLY F 25 38.77 47.83 14.70
N CYS F 26 39.62 47.35 13.80
CA CYS F 26 39.13 46.41 12.78
C CYS F 26 38.56 45.15 13.42
N PHE F 27 39.13 44.72 14.55
CA PHE F 27 38.61 43.54 15.23
C PHE F 27 37.18 43.76 15.69
N VAL F 28 36.90 44.93 16.26
CA VAL F 28 35.53 45.21 16.71
C VAL F 28 34.60 45.42 15.53
N ASP F 29 35.11 45.99 14.43
CA ASP F 29 34.29 46.09 13.22
C ASP F 29 33.85 44.72 12.74
N ALA F 30 34.78 43.77 12.69
CA ALA F 30 34.44 42.42 12.28
C ALA F 30 33.46 41.77 13.26
N LEU F 31 33.71 41.95 14.55
CA LEU F 31 32.81 41.40 15.56
C LEU F 31 31.40 41.95 15.39
N ASN F 32 31.26 43.17 14.91
CA ASN F 32 29.94 43.70 14.60
C ASN F 32 29.38 43.08 13.32
N VAL F 33 30.23 42.84 12.33
CA VAL F 33 29.75 42.29 11.06
C VAL F 33 29.17 40.90 11.27
N VAL F 34 29.68 40.16 12.25
CA VAL F 34 29.26 38.75 12.40
C VAL F 34 27.77 38.58 12.60
N PRO F 35 27.10 39.21 13.57
CA PRO F 35 25.69 38.87 13.84
C PRO F 35 24.74 39.21 12.69
N HIS F 36 24.98 40.31 11.99
CA HIS F 36 24.20 40.59 10.78
C HIS F 36 24.28 39.42 9.82
N VAL F 37 25.49 38.87 9.66
CA VAL F 37 25.68 37.72 8.78
C VAL F 37 24.88 36.52 9.27
N PHE F 38 24.91 36.28 10.58
CA PHE F 38 24.16 35.15 11.14
C PHE F 38 22.68 35.26 10.80
N LEU F 39 22.11 36.46 10.99
CA LEU F 39 20.68 36.65 10.74
C LEU F 39 20.36 36.57 9.25
N LEU F 40 21.16 37.23 8.42
CA LEU F 40 20.95 37.15 6.98
C LEU F 40 21.08 35.73 6.46
N PHE F 41 21.78 34.87 7.17
CA PHE F 41 21.91 33.51 6.71
C PHE F 41 20.76 32.62 7.19
N ILE F 42 20.27 32.84 8.40
CA ILE F 42 19.09 32.09 8.82
C ILE F 42 17.82 32.57 8.12
N THR F 43 17.78 33.82 7.65
CA THR F 43 16.54 34.30 7.06
C THR F 43 16.26 33.69 5.69
N PHE F 44 17.30 33.22 5.00
CA PHE F 44 17.12 32.91 3.59
C PHE F 44 16.38 31.60 3.34
N PRO F 45 16.62 30.54 4.11
CA PRO F 45 15.77 29.35 3.96
C PRO F 45 14.31 29.64 4.18
N ILE F 46 13.98 30.27 5.30
CA ILE F 46 12.57 30.53 5.60
C ILE F 46 11.99 31.49 4.59
N LEU F 47 12.74 32.53 4.22
CA LEU F 47 12.23 33.48 3.24
C LEU F 47 12.03 32.80 1.89
N PHE F 48 12.85 31.81 1.55
CA PHE F 48 12.72 31.16 0.25
C PHE F 48 11.61 30.12 0.23
N ILE F 49 11.34 29.48 1.38
CA ILE F 49 10.18 28.62 1.47
C ILE F 49 8.90 29.46 1.40
N GLY F 50 8.87 30.57 2.12
CA GLY F 50 7.70 31.43 2.10
C GLY F 50 7.48 32.11 0.77
N TRP F 51 8.56 32.37 0.02
CA TRP F 51 8.40 32.99 -1.29
C TRP F 51 8.11 31.97 -2.39
N GLY F 52 8.55 30.74 -2.22
CA GLY F 52 8.29 29.69 -3.19
C GLY F 52 6.85 29.20 -3.19
N SER F 63 -6.09 33.86 4.67
CA SER F 63 -6.10 35.31 4.65
C SER F 63 -6.51 35.89 6.00
N THR F 64 -5.71 35.62 7.03
CA THR F 64 -5.93 36.14 8.38
C THR F 64 -4.67 36.88 8.83
N TRP F 65 -4.85 38.14 9.23
CA TRP F 65 -3.76 38.99 9.70
C TRP F 65 -3.77 39.04 11.23
N LEU F 66 -2.68 38.60 11.83
CA LEU F 66 -2.50 38.63 13.28
C LEU F 66 -1.49 39.72 13.61
N HIS F 67 -1.88 40.66 14.47
CA HIS F 67 -1.02 41.75 14.86
C HIS F 67 -0.54 41.56 16.30
N PHE F 68 0.68 42.02 16.56
CA PHE F 68 1.26 41.88 17.88
C PHE F 68 1.49 43.26 18.50
N PRO F 69 1.45 43.36 19.83
CA PRO F 69 1.73 44.65 20.46
C PRO F 69 3.13 45.14 20.12
N GLY F 70 3.24 46.44 19.86
CA GLY F 70 4.50 47.03 19.46
C GLY F 70 4.77 46.99 17.98
N HIS F 71 3.82 46.50 17.18
CA HIS F 71 4.00 46.42 15.75
C HIS F 71 4.34 47.78 15.16
N ASN F 72 3.49 48.78 15.41
CA ASN F 72 3.74 50.13 14.89
C ASN F 72 5.01 50.72 15.48
N LEU F 73 5.25 50.49 16.77
CA LEU F 73 6.50 50.91 17.36
C LEU F 73 7.67 50.22 16.68
N ARG F 74 7.51 48.92 16.36
CA ARG F 74 8.60 48.21 15.69
C ARG F 74 8.91 48.84 14.34
N TRP F 75 7.89 49.14 13.55
CA TRP F 75 8.14 49.71 12.23
C TRP F 75 8.72 51.12 12.33
N ILE F 76 8.22 51.92 13.26
CA ILE F 76 8.80 53.25 13.46
C ILE F 76 10.28 53.14 13.80
N LEU F 77 10.61 52.28 14.77
CA LEU F 77 12.00 52.10 15.14
C LEU F 77 12.81 51.57 13.97
N THR F 78 12.21 50.73 13.13
CA THR F 78 12.96 50.20 11.98
C THR F 78 13.28 51.30 10.97
N PHE F 79 12.35 52.24 10.78
CA PHE F 79 12.65 53.36 9.91
C PHE F 79 13.73 54.26 10.51
N ILE F 80 13.71 54.43 11.83
CA ILE F 80 14.76 55.21 12.46
C ILE F 80 16.11 54.51 12.29
N LEU F 81 16.11 53.17 12.36
CA LEU F 81 17.34 52.41 12.09
C LEU F 81 17.82 52.64 10.68
N LEU F 82 16.90 52.59 9.71
CA LEU F 82 17.24 52.88 8.33
C LEU F 82 17.97 54.22 8.22
N PHE F 83 17.41 55.24 8.87
CA PHE F 83 18.02 56.58 8.83
C PHE F 83 19.43 56.57 9.43
N VAL F 84 19.57 56.02 10.63
CA VAL F 84 20.88 56.02 11.28
C VAL F 84 21.89 55.21 10.47
N LEU F 85 21.42 54.18 9.77
CA LEU F 85 22.34 53.40 8.95
C LEU F 85 22.80 54.19 7.73
N VAL F 86 21.90 55.00 7.15
CA VAL F 86 22.33 55.91 6.10
C VAL F 86 23.42 56.84 6.63
N CYS F 87 23.25 57.34 7.86
CA CYS F 87 24.27 58.22 8.43
C CYS F 87 25.60 57.49 8.62
N GLU F 88 25.54 56.23 9.05
CA GLU F 88 26.77 55.45 9.21
C GLU F 88 27.48 55.25 7.88
N ILE F 89 26.72 54.99 6.82
CA ILE F 89 27.32 54.87 5.50
C ILE F 89 27.99 56.19 5.11
N ALA F 90 27.35 57.31 5.44
CA ALA F 90 27.98 58.61 5.20
C ALA F 90 29.32 58.73 5.92
N GLU F 91 29.36 58.31 7.19
CA GLU F 91 30.61 58.33 7.93
C GLU F 91 31.67 57.47 7.26
N GLY F 92 31.28 56.28 6.82
CA GLY F 92 32.22 55.38 6.17
C GLY F 92 32.76 55.94 4.87
N ILE F 93 31.93 56.68 4.15
CA ILE F 93 32.42 57.36 2.95
C ILE F 93 33.40 58.46 3.32
N LEU F 94 33.09 59.22 4.38
CA LEU F 94 33.98 60.31 4.77
C LEU F 94 35.34 59.78 5.21
N SER F 95 35.36 58.65 5.90
CA SER F 95 36.63 58.14 6.42
C SER F 95 37.51 57.62 5.30
N ASP F 96 36.99 56.73 4.46
CA ASP F 96 37.78 56.09 3.42
C ASP F 96 38.30 57.09 2.39
N HIS F 103 39.78 51.16 3.01
CA HIS F 103 39.38 50.52 4.26
C HIS F 103 37.93 49.99 4.23
N LEU F 104 37.73 48.84 3.58
CA LEU F 104 36.39 48.25 3.46
C LEU F 104 35.86 47.83 4.82
N HIS F 105 36.66 47.09 5.57
CA HIS F 105 36.27 46.51 6.86
C HIS F 105 35.85 47.57 7.87
N LEU F 106 36.11 48.85 7.60
CA LEU F 106 35.75 49.90 8.53
C LEU F 106 34.34 50.43 8.34
N TYR F 107 33.77 50.32 7.14
CA TYR F 107 32.39 50.74 6.92
C TYR F 107 31.49 49.57 6.53
N MET F 108 31.99 48.34 6.54
CA MET F 108 31.06 47.23 6.29
C MET F 108 29.93 47.07 7.32
N PRO F 109 30.14 47.33 8.63
CA PRO F 109 29.04 47.10 9.57
C PRO F 109 27.74 47.78 9.21
N ALA F 110 27.78 49.00 8.66
CA ALA F 110 26.56 49.68 8.26
C ALA F 110 25.87 48.95 7.12
N GLY F 111 26.64 48.62 6.07
CA GLY F 111 26.08 47.89 4.95
C GLY F 111 25.51 46.54 5.33
N MET F 112 25.99 45.95 6.42
CA MET F 112 25.41 44.67 6.86
C MET F 112 24.18 44.88 7.72
N ALA F 113 24.21 45.84 8.64
CA ALA F 113 23.01 46.12 9.43
C ALA F 113 21.87 46.58 8.55
N PHE F 114 22.17 47.17 7.39
CA PHE F 114 21.12 47.57 6.46
C PHE F 114 20.32 46.36 6.00
N MET F 115 21.02 45.36 5.45
CA MET F 115 20.33 44.15 5.03
C MET F 115 19.76 43.39 6.22
N ALA F 116 20.40 43.48 7.39
CA ALA F 116 19.86 42.79 8.55
C ALA F 116 18.52 43.39 8.98
N ALA F 117 18.40 44.72 8.97
CA ALA F 117 17.13 45.36 9.31
C ALA F 117 16.07 45.10 8.25
N ILE F 118 16.46 45.12 6.98
CA ILE F 118 15.50 44.79 5.94
C ILE F 118 15.03 43.34 6.09
N THR F 119 15.94 42.45 6.45
CA THR F 119 15.53 41.06 6.64
C THR F 119 14.72 40.89 7.92
N SER F 120 14.96 41.72 8.93
CA SER F 120 14.09 41.71 10.09
C SER F 120 12.70 42.15 9.71
N VAL F 121 12.59 43.14 8.82
CA VAL F 121 11.28 43.52 8.29
C VAL F 121 10.65 42.35 7.54
N VAL F 122 11.43 41.64 6.75
CA VAL F 122 10.89 40.51 6.01
C VAL F 122 10.42 39.43 6.96
N TYR F 123 11.18 39.17 8.02
CA TYR F 123 10.74 38.23 9.04
C TYR F 123 9.45 38.66 9.67
N TYR F 124 9.35 39.95 10.03
CA TYR F 124 8.14 40.38 10.71
C TYR F 124 6.95 40.35 9.78
N HIS F 125 7.15 40.57 8.48
CA HIS F 125 6.05 40.38 7.55
C HIS F 125 5.64 38.91 7.50
N ASN F 126 6.63 38.01 7.48
CA ASN F 126 6.34 36.58 7.45
C ASN F 126 5.68 36.09 8.72
N ILE F 127 5.89 36.78 9.83
CA ILE F 127 5.24 36.41 11.07
C ILE F 127 3.86 37.04 11.19
N GLU F 128 3.67 38.27 10.72
CA GLU F 128 2.34 38.84 10.69
C GLU F 128 1.43 38.01 9.80
N THR F 129 1.96 37.45 8.71
CA THR F 129 1.10 36.66 7.84
C THR F 129 0.79 35.29 8.44
N SER F 130 1.74 34.70 9.17
CA SER F 130 1.49 33.41 9.84
C SER F 130 2.27 33.41 11.14
N ASN F 131 1.58 33.18 12.24
CA ASN F 131 2.20 33.35 13.54
C ASN F 131 3.03 32.13 13.93
N PHE F 132 4.10 32.37 14.68
CA PHE F 132 4.96 31.33 15.21
C PHE F 132 5.55 31.79 16.53
N PRO F 133 5.90 30.88 17.41
CA PRO F 133 6.64 31.26 18.60
C PRO F 133 8.14 31.21 18.37
N LYS F 134 8.57 30.57 17.30
CA LYS F 134 10.01 30.33 17.13
C LYS F 134 10.68 31.43 16.34
N LEU F 135 10.05 31.91 15.27
CA LEU F 135 10.67 32.97 14.49
C LEU F 135 10.98 34.18 15.36
N LEU F 136 10.10 34.50 16.32
CA LEU F 136 10.33 35.62 17.23
C LEU F 136 11.59 35.42 18.05
N ILE F 137 11.77 34.23 18.65
CA ILE F 137 13.03 33.95 19.33
C ILE F 137 14.19 34.08 18.38
N ALA F 138 14.01 33.67 17.13
CA ALA F 138 15.06 33.86 16.14
C ALA F 138 15.40 35.34 15.97
N LEU F 139 14.43 36.23 16.13
CA LEU F 139 14.81 37.64 16.09
C LEU F 139 15.50 38.04 17.38
N LEU F 140 15.02 37.50 18.51
CA LEU F 140 15.49 37.98 19.80
C LEU F 140 16.97 37.68 19.98
N ILE F 141 17.42 36.52 19.49
CA ILE F 141 18.83 36.17 19.57
C ILE F 141 19.69 37.23 18.90
N TYR F 142 19.32 37.59 17.67
CA TYR F 142 20.08 38.58 16.92
C TYR F 142 20.09 39.92 17.64
N TRP F 143 18.94 40.34 18.18
CA TRP F 143 18.92 41.62 18.88
C TRP F 143 19.91 41.62 20.04
N THR F 144 19.91 40.55 20.84
CA THR F 144 20.83 40.51 21.99
C THR F 144 22.28 40.58 21.54
N LEU F 145 22.63 39.83 20.49
CA LEU F 145 24.03 39.81 20.07
C LEU F 145 24.45 41.16 19.51
N ALA F 146 23.57 41.82 18.75
CA ALA F 146 23.91 43.14 18.21
C ALA F 146 24.08 44.16 19.33
N PHE F 147 23.26 44.05 20.37
CA PHE F 147 23.41 44.94 21.53
C PHE F 147 24.76 44.73 22.19
N ILE F 148 25.18 43.48 22.34
CA ILE F 148 26.48 43.20 22.94
C ILE F 148 27.61 43.84 22.14
N THR F 149 27.59 43.65 20.82
CA THR F 149 28.66 44.21 19.99
C THR F 149 28.69 45.73 20.08
N LYS F 150 27.52 46.37 20.03
CA LYS F 150 27.48 47.82 20.13
C LYS F 150 28.00 48.31 21.48
N THR F 151 27.70 47.57 22.56
CA THR F 151 28.22 47.93 23.87
C THR F 151 29.74 47.89 23.89
N ILE F 152 30.33 46.84 23.30
CA ILE F 152 31.79 46.76 23.26
C ILE F 152 32.35 47.95 22.50
N LYS F 153 31.74 48.30 21.36
CA LYS F 153 32.19 49.47 20.61
C LYS F 153 32.16 50.71 21.47
N PHE F 154 31.06 50.92 22.21
CA PHE F 154 30.91 52.12 23.02
C PHE F 154 31.97 52.19 24.11
N VAL F 155 32.26 51.07 24.78
CA VAL F 155 33.27 51.07 25.83
C VAL F 155 34.63 51.43 25.24
N LYS F 156 35.02 50.74 24.17
CA LYS F 156 36.34 51.01 23.60
C LYS F 156 36.45 52.42 23.07
N PHE F 157 35.32 53.03 22.67
CA PHE F 157 35.39 54.44 22.26
C PHE F 157 35.53 55.34 23.47
N TYR F 158 34.81 55.05 24.56
CA TYR F 158 34.89 55.88 25.76
C TYR F 158 36.31 55.90 26.31
N ASP F 159 37.01 54.77 26.25
CA ASP F 159 38.38 54.77 26.75
C ASP F 159 39.28 55.72 25.98
N HIS F 160 38.92 56.04 24.73
CA HIS F 160 39.70 56.98 23.94
C HIS F 160 39.05 58.36 23.98
N LEU F 167 31.98 62.36 15.78
CA LEU F 167 30.76 62.04 15.04
C LEU F 167 30.34 60.60 15.31
N ARG F 168 31.32 59.71 15.39
CA ARG F 168 31.03 58.29 15.59
C ARG F 168 30.22 58.08 16.86
N PHE F 169 30.53 58.85 17.91
CA PHE F 169 29.93 58.64 19.22
C PHE F 169 28.41 58.72 19.17
N CYS F 170 27.89 59.78 18.54
CA CYS F 170 26.44 59.99 18.51
C CYS F 170 25.73 58.90 17.73
N LEU F 171 26.25 58.53 16.57
CA LEU F 171 25.60 57.48 15.77
C LEU F 171 25.59 56.16 16.51
N THR F 172 26.73 55.77 17.10
CA THR F 172 26.76 54.52 17.83
C THR F 172 25.77 54.53 19.00
N GLY F 173 25.67 55.66 19.71
CA GLY F 173 24.72 55.73 20.81
C GLY F 173 23.28 55.61 20.34
N LEU F 174 22.93 56.29 19.25
CA LEU F 174 21.57 56.18 18.73
C LEU F 174 21.24 54.75 18.35
N LEU F 175 22.18 54.06 17.69
CA LEU F 175 21.94 52.66 17.35
C LEU F 175 21.74 51.82 18.60
N VAL F 176 22.53 52.08 19.65
CA VAL F 176 22.38 51.32 20.89
C VAL F 176 20.98 51.50 21.44
N ILE F 177 20.50 52.74 21.50
CA ILE F 177 19.19 53.01 22.07
C ILE F 177 18.10 52.32 21.25
N LEU F 178 18.20 52.39 19.93
CA LEU F 178 17.17 51.79 19.08
C LEU F 178 17.14 50.27 19.24
N TYR F 179 18.32 49.63 19.23
CA TYR F 179 18.35 48.19 19.40
C TYR F 179 17.80 47.80 20.77
N GLY F 180 18.11 48.58 21.80
CA GLY F 180 17.56 48.28 23.12
C GLY F 180 16.05 48.37 23.17
N MET F 181 15.49 49.40 22.54
CA MET F 181 14.03 49.53 22.53
C MET F 181 13.38 48.40 21.76
N LEU F 182 14.00 47.98 20.65
CA LEU F 182 13.45 46.84 19.91
C LEU F 182 13.54 45.55 20.74
N LEU F 183 14.62 45.40 21.51
CA LEU F 183 14.72 44.27 22.44
C LEU F 183 13.58 44.28 23.44
N LEU F 184 13.30 45.45 24.01
CA LEU F 184 12.19 45.55 24.96
C LEU F 184 10.88 45.23 24.30
N VAL F 185 10.72 45.60 23.03
CA VAL F 185 9.50 45.24 22.31
C VAL F 185 9.39 43.72 22.19
N GLU F 186 10.48 43.05 21.85
CA GLU F 186 10.46 41.58 21.77
C GLU F 186 10.14 40.96 23.12
N VAL F 187 10.69 41.51 24.19
CA VAL F 187 10.39 40.99 25.52
C VAL F 187 8.91 41.19 25.84
N ASN F 188 8.35 42.33 25.44
CA ASN F 188 6.92 42.52 25.60
C ASN F 188 6.13 41.47 24.85
N VAL F 189 6.57 41.14 23.63
CA VAL F 189 5.84 40.18 22.79
C VAL F 189 5.87 38.79 23.44
N ILE F 190 7.01 38.37 23.97
CA ILE F 190 7.02 37.07 24.65
C ILE F 190 6.22 37.14 25.95
N ARG F 191 6.22 38.29 26.62
CA ARG F 191 5.42 38.45 27.83
C ARG F 191 3.94 38.35 27.54
N VAL F 192 3.53 38.69 26.32
CA VAL F 192 2.11 38.75 25.99
C VAL F 192 1.53 37.34 25.84
N ARG F 193 1.99 36.60 24.83
CA ARG F 193 1.27 35.40 24.43
C ARG F 193 2.03 34.10 24.63
N ARG F 194 3.01 33.75 23.80
CA ARG F 194 3.68 32.48 24.07
C ARG F 194 5.12 32.23 23.60
N TYR F 195 6.07 33.08 23.96
CA TYR F 195 7.45 32.82 23.54
C TYR F 195 7.97 31.52 24.19
N ILE F 196 7.75 31.41 25.50
CA ILE F 196 8.13 30.24 26.30
C ILE F 196 7.13 30.09 27.44
N PHE F 197 6.59 31.24 27.82
CA PHE F 197 5.63 31.40 28.91
C PHE F 197 4.81 30.10 29.07
N PHE F 198 4.05 30.01 30.16
CA PHE F 198 3.31 28.78 30.44
C PHE F 198 2.41 28.29 29.31
N LYS F 199 2.46 26.97 29.14
CA LYS F 199 1.76 26.18 28.12
C LYS F 199 1.05 26.87 26.96
N THR F 200 -0.20 27.27 27.15
CA THR F 200 -0.98 27.85 26.06
C THR F 200 -1.00 29.38 25.97
N PRO F 201 -0.76 29.87 24.77
CA PRO F 201 -0.78 31.32 24.52
C PRO F 201 -2.03 32.04 25.01
N ARG F 202 -3.19 31.41 24.93
CA ARG F 202 -4.43 32.14 25.08
C ARG F 202 -4.43 33.18 23.97
N GLU F 203 -4.01 32.73 22.79
CA GLU F 203 -3.82 33.58 21.62
C GLU F 203 -5.13 34.20 21.17
N VAL F 204 -5.02 35.37 20.56
CA VAL F 204 -6.16 36.25 20.34
C VAL F 204 -7.30 35.68 19.49
N LYS F 205 -7.00 34.95 18.43
CA LYS F 205 -8.10 34.53 17.57
C LYS F 205 -8.34 35.59 16.50
N PRO F 206 -7.53 35.58 15.44
CA PRO F 206 -7.31 36.78 14.59
C PRO F 206 -8.57 37.60 14.36
N PRO F 207 -8.43 38.91 14.32
CA PRO F 207 -9.59 39.82 14.39
C PRO F 207 -10.58 39.59 13.25
N GLU F 208 -11.83 39.29 13.61
CA GLU F 208 -12.87 39.08 12.62
C GLU F 208 -13.48 40.38 12.11
N ASP F 209 -13.22 41.50 12.78
CA ASP F 209 -13.78 42.77 12.33
C ASP F 209 -13.37 43.07 10.90
N LEU F 210 -12.07 43.02 10.62
CA LEU F 210 -11.54 43.36 9.31
C LEU F 210 -11.12 42.15 8.49
N GLN F 211 -11.24 40.93 9.05
CA GLN F 211 -10.80 39.75 8.35
C GLN F 211 -11.90 38.73 8.10
N ASP F 212 -13.00 38.75 8.86
CA ASP F 212 -14.06 37.80 8.53
C ASP F 212 -14.69 38.17 7.17
N LEU F 213 -15.92 37.70 7.00
CA LEU F 213 -16.55 37.40 5.72
C LEU F 213 -16.57 38.57 4.74
N GLY F 214 -16.08 38.35 3.52
CA GLY F 214 -16.14 39.34 2.46
C GLY F 214 -15.61 40.75 2.64
N VAL F 215 -14.42 40.92 3.21
CA VAL F 215 -13.89 42.27 3.38
C VAL F 215 -13.05 42.65 2.16
N ARG F 216 -13.58 43.59 1.37
CA ARG F 216 -12.89 44.05 0.16
C ARG F 216 -12.06 45.32 0.35
N PHE F 217 -12.10 45.88 1.55
CA PHE F 217 -11.35 47.11 1.83
C PHE F 217 -10.61 46.91 3.13
N LEU F 218 -9.32 47.22 3.14
CA LEU F 218 -8.53 47.00 4.36
C LEU F 218 -7.55 48.16 4.51
N GLN F 219 -8.02 49.25 5.09
CA GLN F 219 -7.05 50.20 5.58
C GLN F 219 -6.60 49.86 7.01
N PRO F 220 -7.53 49.60 7.95
CA PRO F 220 -7.09 49.27 9.31
C PRO F 220 -6.50 47.89 9.43
N PHE F 221 -6.60 47.05 8.41
CA PHE F 221 -6.23 45.65 8.49
C PHE F 221 -4.95 45.34 7.73
N VAL F 222 -3.99 46.26 7.77
CA VAL F 222 -2.70 46.02 7.13
C VAL F 222 -1.56 46.42 8.06
N ASN F 223 -0.34 46.35 7.56
CA ASN F 223 0.85 46.54 8.34
C ASN F 223 1.19 48.02 8.47
N LEU F 224 2.14 48.30 9.38
CA LEU F 224 2.55 49.67 9.67
C LEU F 224 3.00 50.39 8.40
N LEU F 225 3.91 49.78 7.64
CA LEU F 225 4.54 50.50 6.54
C LEU F 225 3.61 50.66 5.35
N SER F 226 2.59 49.82 5.23
CA SER F 226 1.78 49.87 4.02
C SER F 226 0.72 50.96 4.07
N LYS F 227 0.18 51.26 5.26
CA LYS F 227 -0.90 52.23 5.39
C LYS F 227 -0.54 53.56 4.75
N GLY F 228 0.74 53.95 4.79
CA GLY F 228 1.14 55.22 4.21
C GLY F 228 1.10 55.23 2.70
N THR F 229 1.45 54.11 2.07
CA THR F 229 1.55 54.03 0.62
C THR F 229 0.30 53.47 -0.06
N TYR F 230 -0.63 52.89 0.70
CA TYR F 230 -1.76 52.18 0.13
C TYR F 230 -1.29 51.11 -0.84
N TRP F 231 -0.34 50.31 -0.37
CA TRP F 231 0.18 49.19 -1.16
C TRP F 231 -0.91 48.16 -1.41
N TRP F 232 -1.76 47.92 -0.42
CA TRP F 232 -2.90 47.01 -0.57
C TRP F 232 -3.72 47.31 -1.81
N MET F 233 -3.82 48.58 -2.18
CA MET F 233 -4.65 48.96 -3.31
C MET F 233 -4.20 48.31 -4.60
N ASN F 234 -2.92 47.92 -4.70
CA ASN F 234 -2.36 47.40 -5.94
C ASN F 234 -3.28 46.36 -6.58
N ALA F 235 -3.50 45.25 -5.87
CA ALA F 235 -4.38 44.19 -6.35
C ALA F 235 -5.65 44.80 -6.94
N PHE F 236 -6.36 45.59 -6.13
CA PHE F 236 -7.64 46.14 -6.56
C PHE F 236 -7.49 46.89 -7.88
N ILE F 237 -6.55 47.83 -7.94
CA ILE F 237 -6.48 48.61 -9.17
C ILE F 237 -6.09 47.72 -10.34
N LYS F 238 -5.24 46.73 -10.07
CA LYS F 238 -4.91 45.77 -11.13
C LYS F 238 -6.12 44.95 -11.53
N THR F 239 -6.95 44.59 -10.54
CA THR F 239 -8.12 43.77 -10.84
C THR F 239 -9.13 44.55 -11.67
N ALA F 240 -9.32 45.84 -11.35
CA ALA F 240 -10.35 46.65 -11.99
C ALA F 240 -10.19 46.67 -13.51
N HIS F 241 -8.95 46.70 -13.99
CA HIS F 241 -8.73 46.73 -15.43
C HIS F 241 -9.12 45.41 -16.08
N LYS F 242 -8.89 44.29 -15.38
CA LYS F 242 -9.23 42.98 -15.94
C LYS F 242 -10.74 42.80 -16.04
N LYS F 243 -11.49 43.27 -15.04
CA LYS F 243 -12.94 43.10 -14.99
C LYS F 243 -13.56 44.37 -14.43
N PRO F 244 -14.61 44.90 -15.07
CA PRO F 244 -15.28 46.08 -14.53
C PRO F 244 -15.71 45.92 -13.09
N ILE F 245 -15.87 47.04 -12.39
CA ILE F 245 -16.13 47.05 -10.96
C ILE F 245 -17.63 47.03 -10.69
N ASP F 246 -18.01 46.36 -9.61
CA ASP F 246 -19.40 46.21 -9.23
C ASP F 246 -19.54 46.43 -7.72
N LEU F 247 -20.79 46.62 -7.28
CA LEU F 247 -21.06 46.77 -5.86
C LEU F 247 -20.84 45.45 -5.11
N ARG F 248 -21.21 44.33 -5.73
CA ARG F 248 -20.85 43.04 -5.13
C ARG F 248 -19.36 42.74 -5.27
N ALA F 249 -18.70 43.37 -6.25
CA ALA F 249 -17.24 43.27 -6.32
C ALA F 249 -16.60 43.93 -5.09
N ILE F 250 -16.89 45.21 -4.88
CA ILE F 250 -16.39 45.90 -3.70
C ILE F 250 -17.02 45.31 -2.44
N GLY F 251 -16.28 45.36 -1.33
CA GLY F 251 -16.65 44.62 -0.14
C GLY F 251 -17.75 45.29 0.68
N LYS F 252 -17.74 44.96 1.97
CA LYS F 252 -18.59 45.61 2.95
C LYS F 252 -17.77 46.62 3.76
N LEU F 253 -18.40 47.21 4.76
CA LEU F 253 -17.62 48.18 5.50
C LEU F 253 -17.15 47.61 6.83
N PRO F 254 -15.95 48.01 7.29
CA PRO F 254 -15.38 47.44 8.51
C PRO F 254 -16.26 47.62 9.73
N ILE F 255 -15.84 46.95 10.81
CA ILE F 255 -16.51 47.04 12.10
C ILE F 255 -16.59 48.50 12.54
N ALA F 256 -15.48 49.25 12.39
CA ALA F 256 -15.41 50.63 12.84
C ALA F 256 -15.77 51.64 11.76
N MET F 257 -16.45 51.21 10.70
CA MET F 257 -16.83 52.09 9.61
C MET F 257 -18.32 52.16 9.36
N ARG F 258 -19.11 51.35 10.05
CA ARG F 258 -20.55 51.30 9.77
C ARG F 258 -21.25 52.54 10.29
N ALA F 259 -22.23 53.02 9.52
CA ALA F 259 -22.97 54.21 9.91
C ALA F 259 -23.73 54.01 11.21
N LEU F 260 -24.06 52.76 11.55
CA LEU F 260 -24.77 52.51 12.80
C LEU F 260 -23.94 52.93 14.01
N THR F 261 -22.66 52.55 14.03
CA THR F 261 -21.80 52.91 15.15
C THR F 261 -21.53 54.41 15.20
N ASN F 262 -21.41 55.06 14.04
CA ASN F 262 -21.21 56.50 14.03
C ASN F 262 -22.43 57.22 14.55
N TYR F 263 -23.62 56.82 14.10
CA TYR F 263 -24.86 57.38 14.62
C TYR F 263 -24.97 57.15 16.12
N GLN F 264 -24.56 55.96 16.59
CA GLN F 264 -24.57 55.64 18.01
C GLN F 264 -23.69 56.60 18.81
N ARG F 265 -22.42 56.69 18.42
CA ARG F 265 -21.48 57.61 19.06
C ARG F 265 -22.01 59.03 19.05
N LEU F 266 -22.56 59.46 17.92
CA LEU F 266 -23.02 60.84 17.78
C LEU F 266 -24.21 61.12 18.69
N CYS F 267 -25.15 60.19 18.78
CA CYS F 267 -26.29 60.41 19.65
C CYS F 267 -25.88 60.37 21.12
N VAL F 268 -24.93 59.50 21.46
CA VAL F 268 -24.44 59.47 22.84
C VAL F 268 -23.81 60.81 23.19
N ALA F 269 -22.97 61.34 22.30
CA ALA F 269 -22.34 62.63 22.57
C ALA F 269 -23.37 63.75 22.61
N PHE F 270 -24.38 63.70 21.73
CA PHE F 270 -25.43 64.70 21.74
C PHE F 270 -26.20 64.68 23.05
N ASP F 271 -26.47 63.49 23.58
CA ASP F 271 -27.15 63.37 24.87
C ASP F 271 -26.28 63.94 25.98
N ALA F 272 -24.99 63.57 25.99
CA ALA F 272 -24.10 64.09 27.02
C ALA F 272 -23.99 65.62 26.95
N GLN F 273 -24.05 66.17 25.73
CA GLN F 273 -24.00 67.62 25.56
C GLN F 273 -25.30 68.27 26.05
N ALA F 274 -26.43 67.61 25.81
CA ALA F 274 -27.71 68.18 26.24
C ALA F 274 -27.87 68.16 27.75
N ARG F 275 -27.39 67.10 28.40
CA ARG F 275 -27.49 67.03 29.86
C ARG F 275 -26.66 68.10 30.53
N LYS F 276 -25.54 68.50 29.92
CA LYS F 276 -24.70 69.56 30.45
C LYS F 276 -25.39 70.92 30.32
N GLY F 283 -29.65 73.38 20.85
CA GLY F 283 -29.12 74.61 20.26
C GLY F 283 -28.15 74.36 19.13
N ALA F 284 -27.89 75.40 18.33
CA ALA F 284 -27.02 75.25 17.16
C ALA F 284 -25.58 75.01 17.56
N ARG F 285 -25.11 75.68 18.63
CA ARG F 285 -23.72 75.53 19.04
C ARG F 285 -23.47 74.14 19.66
N ALA F 286 -24.49 73.58 20.31
CA ALA F 286 -24.32 72.30 21.00
C ALA F 286 -23.98 71.18 20.03
N ILE F 287 -24.69 71.12 18.90
CA ILE F 287 -24.43 70.04 17.96
C ILE F 287 -23.06 70.20 17.33
N TRP F 288 -22.59 71.44 17.14
CA TRP F 288 -21.24 71.66 16.63
C TRP F 288 -20.20 71.14 17.61
N ARG F 289 -20.37 71.48 18.90
CA ARG F 289 -19.50 70.93 19.92
C ARG F 289 -19.52 69.40 19.90
N ALA F 290 -20.71 68.81 19.73
CA ALA F 290 -20.81 67.36 19.71
C ALA F 290 -20.05 66.75 18.53
N LEU F 291 -20.16 67.38 17.35
CA LEU F 291 -19.41 66.89 16.19
C LEU F 291 -17.92 66.91 16.46
N CYS F 292 -17.39 68.06 16.90
CA CYS F 292 -15.97 68.14 17.19
C CYS F 292 -15.56 67.09 18.21
N HIS F 293 -16.40 66.86 19.22
CA HIS F 293 -16.10 65.84 20.23
C HIS F 293 -16.03 64.45 19.61
N ALA F 294 -17.04 64.12 18.80
CA ALA F 294 -17.14 62.78 18.24
C ALA F 294 -16.01 62.34 17.35
N PHE F 295 -15.59 63.19 16.41
CA PHE F 295 -14.49 62.80 15.54
C PHE F 295 -13.23 62.65 16.39
N GLY F 296 -13.01 63.63 17.25
CA GLY F 296 -11.94 63.53 18.22
C GLY F 296 -10.49 63.31 17.83
N ARG F 297 -9.99 62.20 18.38
CA ARG F 297 -8.60 61.81 18.23
C ARG F 297 -8.20 61.65 16.79
N ARG F 298 -9.05 61.10 15.94
CA ARG F 298 -8.67 60.94 14.54
C ARG F 298 -8.39 62.31 13.93
N LEU F 299 -9.28 63.26 14.20
CA LEU F 299 -9.11 64.61 13.67
C LEU F 299 -7.85 65.24 14.23
N ILE F 300 -7.60 65.04 15.52
CA ILE F 300 -6.42 65.61 16.15
C ILE F 300 -5.15 65.06 15.52
N LEU F 301 -5.16 63.76 15.27
CA LEU F 301 -4.04 63.05 14.67
C LEU F 301 -3.76 63.58 13.27
N SER F 302 -4.83 63.85 12.53
CA SER F 302 -4.67 64.37 11.19
C SER F 302 -3.93 65.68 11.29
N SER F 303 -4.27 66.48 12.29
CA SER F 303 -3.62 67.78 12.47
C SER F 303 -2.15 67.61 12.85
N THR F 304 -1.85 66.64 13.72
CA THR F 304 -0.47 66.41 14.13
C THR F 304 0.38 65.94 12.95
N PHE F 305 -0.15 65.02 12.15
CA PHE F 305 0.55 64.60 10.93
C PHE F 305 0.85 65.80 10.04
N ARG F 306 -0.13 66.68 9.86
CA ARG F 306 0.07 67.84 9.00
C ARG F 306 1.13 68.78 9.57
N ILE F 307 1.18 68.92 10.89
CA ILE F 307 2.17 69.82 11.48
C ILE F 307 3.58 69.27 11.32
N LEU F 308 3.74 67.95 11.52
CA LEU F 308 5.06 67.35 11.29
C LEU F 308 5.47 67.47 9.83
N ALA F 309 4.53 67.23 8.91
CA ALA F 309 4.82 67.43 7.50
C ALA F 309 5.23 68.86 7.22
N ASP F 310 4.61 69.83 7.91
CA ASP F 310 4.96 71.22 7.69
C ASP F 310 6.38 71.53 8.15
N LEU F 311 6.75 71.04 9.34
CA LEU F 311 8.13 71.29 9.80
C LEU F 311 9.15 70.69 8.84
N LEU F 312 8.88 69.49 8.33
CA LEU F 312 9.83 68.93 7.35
C LEU F 312 9.83 69.73 6.05
N GLY F 313 8.65 70.19 5.61
CA GLY F 313 8.57 71.01 4.42
C GLY F 313 9.40 72.28 4.53
N PHE F 314 9.44 72.88 5.72
CA PHE F 314 10.37 73.97 5.95
C PHE F 314 11.81 73.48 5.98
N ALA F 315 12.04 72.25 6.46
CA ALA F 315 13.40 71.76 6.59
C ALA F 315 14.10 71.66 5.23
N GLY F 316 13.36 71.31 4.18
CA GLY F 316 13.94 71.19 2.85
C GLY F 316 14.78 72.37 2.36
N PRO F 317 14.20 73.58 2.35
CA PRO F 317 14.97 74.76 1.92
C PRO F 317 16.29 74.96 2.68
N LEU F 318 16.35 74.55 3.95
CA LEU F 318 17.61 74.63 4.68
C LEU F 318 18.67 73.73 4.05
N CYS F 319 18.28 72.53 3.63
CA CYS F 319 19.20 71.67 2.89
C CYS F 319 19.65 72.34 1.60
N ILE F 320 18.73 73.06 0.93
CA ILE F 320 19.14 73.81 -0.26
C ILE F 320 20.23 74.82 0.10
N PHE F 321 20.03 75.56 1.19
CA PHE F 321 21.03 76.53 1.64
C PHE F 321 22.39 75.87 1.82
N GLY F 322 22.41 74.73 2.51
CA GLY F 322 23.67 74.03 2.74
C GLY F 322 24.34 73.58 1.46
N ILE F 323 23.55 73.05 0.52
CA ILE F 323 24.11 72.59 -0.75
C ILE F 323 24.75 73.74 -1.49
N VAL F 324 24.05 74.88 -1.56
CA VAL F 324 24.60 76.03 -2.28
C VAL F 324 25.87 76.51 -1.59
N ASP F 325 25.90 76.49 -0.26
CA ASP F 325 27.09 76.94 0.44
C ASP F 325 28.28 76.05 0.16
N HIS F 326 28.09 74.73 0.17
CA HIS F 326 29.23 73.88 -0.15
C HIS F 326 29.62 73.99 -1.62
N LEU F 327 28.66 74.28 -2.50
CA LEU F 327 29.00 74.54 -3.90
C LEU F 327 29.87 75.78 -4.02
N GLY F 328 29.61 76.80 -3.19
CA GLY F 328 30.44 77.99 -3.19
C GLY F 328 31.85 77.74 -2.68
N LYS F 329 32.01 76.80 -1.75
CA LYS F 329 33.32 76.50 -1.20
C LYS F 329 34.14 75.64 -2.16
N ASN F 354 30.71 67.12 2.77
CA ASN F 354 29.49 67.31 3.55
C ASN F 354 28.37 67.83 2.65
N ALA F 355 28.37 67.36 1.40
CA ALA F 355 27.44 67.82 0.38
C ALA F 355 26.52 66.73 -0.14
N TYR F 356 27.06 65.56 -0.48
CA TYR F 356 26.22 64.44 -0.89
C TYR F 356 25.27 64.04 0.22
N VAL F 357 25.75 64.12 1.47
CA VAL F 357 24.88 63.88 2.60
C VAL F 357 23.69 64.85 2.56
N LEU F 358 23.91 66.09 2.15
CA LEU F 358 22.81 67.04 2.04
C LEU F 358 21.79 66.58 1.00
N ALA F 359 22.26 66.03 -0.12
CA ALA F 359 21.34 65.55 -1.15
C ALA F 359 20.53 64.36 -0.66
N VAL F 360 21.19 63.39 -0.03
CA VAL F 360 20.49 62.20 0.44
C VAL F 360 19.47 62.56 1.52
N LEU F 361 19.88 63.40 2.47
CA LEU F 361 19.00 63.82 3.55
C LEU F 361 17.83 64.63 3.01
N LEU F 362 18.07 65.49 2.01
CA LEU F 362 17.00 66.26 1.39
C LEU F 362 15.99 65.35 0.71
N PHE F 363 16.48 64.36 -0.04
CA PHE F 363 15.59 63.40 -0.68
C PHE F 363 14.72 62.68 0.34
N LEU F 364 15.35 62.17 1.41
CA LEU F 364 14.60 61.51 2.48
C LEU F 364 13.55 62.45 3.07
N ALA F 365 13.94 63.70 3.34
CA ALA F 365 13.00 64.64 3.94
C ALA F 365 11.80 64.88 3.04
N LEU F 366 12.04 65.10 1.75
CA LEU F 366 10.94 65.36 0.83
C LEU F 366 10.00 64.16 0.78
N LEU F 367 10.55 62.95 0.65
CA LEU F 367 9.72 61.75 0.66
C LEU F 367 8.88 61.68 1.93
N LEU F 368 9.49 61.95 3.08
CA LEU F 368 8.78 61.86 4.35
C LEU F 368 7.61 62.86 4.40
N GLN F 369 7.87 64.10 3.98
CA GLN F 369 6.79 65.09 3.96
C GLN F 369 5.63 64.62 3.09
N ARG F 370 5.96 64.07 1.91
CA ARG F 370 4.88 63.64 1.04
C ARG F 370 4.06 62.54 1.69
N THR F 371 4.74 61.56 2.28
CA THR F 371 4.02 60.47 2.94
C THR F 371 3.07 60.99 4.01
N PHE F 372 3.58 61.86 4.90
CA PHE F 372 2.75 62.30 6.01
C PHE F 372 1.63 63.24 5.56
N LEU F 373 1.87 64.07 4.53
CA LEU F 373 0.82 64.91 3.98
C LEU F 373 -0.33 64.07 3.44
N GLN F 374 0.00 63.03 2.66
CA GLN F 374 -1.06 62.20 2.10
C GLN F 374 -1.80 61.43 3.17
N ALA F 375 -1.09 60.97 4.20
CA ALA F 375 -1.77 60.29 5.30
C ALA F 375 -2.74 61.24 6.03
N SER F 376 -2.33 62.49 6.23
CA SER F 376 -3.19 63.49 6.86
C SER F 376 -4.46 63.71 6.03
N TYR F 377 -4.29 63.89 4.72
CA TYR F 377 -5.44 64.05 3.84
C TYR F 377 -6.38 62.85 3.94
N TYR F 378 -5.82 61.64 3.95
CA TYR F 378 -6.65 60.44 4.03
C TYR F 378 -7.47 60.40 5.31
N VAL F 379 -6.84 60.69 6.45
CA VAL F 379 -7.57 60.58 7.71
C VAL F 379 -8.62 61.69 7.82
N ALA F 380 -8.33 62.88 7.28
CA ALA F 380 -9.36 63.91 7.21
C ALA F 380 -10.56 63.44 6.39
N ILE F 381 -10.30 62.79 5.26
CA ILE F 381 -11.40 62.28 4.43
C ILE F 381 -12.19 61.22 5.18
N GLU F 382 -11.51 60.36 5.93
CA GLU F 382 -12.19 59.35 6.74
C GLU F 382 -13.15 60.01 7.73
N THR F 383 -12.64 60.97 8.49
CA THR F 383 -13.48 61.67 9.44
C THR F 383 -14.67 62.32 8.75
N GLY F 384 -14.46 62.89 7.55
CA GLY F 384 -15.55 63.54 6.83
C GLY F 384 -16.63 62.58 6.39
N ILE F 385 -16.24 61.42 5.86
CA ILE F 385 -17.24 60.46 5.40
C ILE F 385 -18.03 59.92 6.59
N ASN F 386 -17.35 59.68 7.72
CA ASN F 386 -18.08 59.24 8.90
C ASN F 386 -19.05 60.32 9.38
N LEU F 387 -18.63 61.59 9.36
CA LEU F 387 -19.55 62.69 9.67
C LEU F 387 -20.78 62.63 8.79
N ARG F 388 -20.57 62.51 7.48
CA ARG F 388 -21.68 62.50 6.54
C ARG F 388 -22.65 61.37 6.87
N GLY F 389 -22.13 60.16 7.04
CA GLY F 389 -22.99 59.03 7.38
C GLY F 389 -23.80 59.28 8.64
N ALA F 390 -23.12 59.77 9.69
CA ALA F 390 -23.78 59.92 10.99
C ALA F 390 -24.88 60.98 10.93
N ILE F 391 -24.59 62.14 10.33
CA ILE F 391 -25.62 63.18 10.29
C ILE F 391 -26.75 62.79 9.33
N GLN F 392 -26.44 62.03 8.27
CA GLN F 392 -27.50 61.55 7.39
C GLN F 392 -28.46 60.65 8.15
N THR F 393 -27.94 59.67 8.88
CA THR F 393 -28.86 58.78 9.59
C THR F 393 -29.55 59.50 10.75
N LYS F 394 -28.89 60.50 11.35
CA LYS F 394 -29.55 61.25 12.42
C LYS F 394 -30.75 62.03 11.88
N ILE F 395 -30.58 62.73 10.77
CA ILE F 395 -31.69 63.49 10.21
C ILE F 395 -32.75 62.55 9.65
N TYR F 396 -32.37 61.37 9.17
CA TYR F 396 -33.40 60.45 8.70
C TYR F 396 -34.21 59.87 9.86
N ASN F 397 -33.57 59.62 11.00
CA ASN F 397 -34.32 59.20 12.18
C ASN F 397 -35.24 60.31 12.67
N LYS F 398 -34.77 61.57 12.59
CA LYS F 398 -35.60 62.68 13.06
C LYS F 398 -36.75 63.00 12.11
N ILE F 399 -36.62 62.67 10.82
CA ILE F 399 -37.74 62.88 9.90
C ILE F 399 -38.95 62.06 10.35
N MET F 400 -38.71 60.94 11.03
CA MET F 400 -39.80 60.11 11.51
C MET F 400 -40.67 60.86 12.51
N HIS F 401 -40.06 61.32 13.60
CA HIS F 401 -40.80 62.02 14.65
C HIS F 401 -41.32 63.38 14.20
N LEU F 402 -40.94 63.85 13.01
CA LEU F 402 -41.45 65.12 12.51
C LEU F 402 -42.95 65.04 12.29
N SER F 403 -43.66 66.08 12.70
CA SER F 403 -45.11 66.14 12.53
C SER F 403 -45.47 66.77 11.20
N THR F 404 -46.59 66.34 10.64
CA THR F 404 -47.03 66.83 9.34
C THR F 404 -47.48 68.29 9.40
N SER F 405 -47.72 68.83 10.60
CA SER F 405 -48.00 70.25 10.72
C SER F 405 -46.79 71.09 10.37
N ASN F 406 -45.58 70.56 10.58
CA ASN F 406 -44.41 71.22 10.03
C ASN F 406 -44.33 71.01 8.53
N LEU F 407 -44.65 69.80 8.07
CA LEU F 407 -44.60 69.50 6.64
C LEU F 407 -45.50 70.43 5.83
N SER F 408 -46.63 70.86 6.42
CA SER F 408 -47.48 71.83 5.76
C SER F 408 -46.79 73.18 5.60
N MET F 409 -45.94 73.55 6.54
CA MET F 409 -45.23 74.82 6.49
C MET F 409 -44.04 74.75 5.53
N GLY F 410 -43.54 75.93 5.16
CA GLY F 410 -42.44 75.98 4.21
C GLY F 410 -41.14 75.45 4.76
N GLU F 411 -40.98 75.45 6.09
CA GLU F 411 -39.74 75.00 6.70
C GLU F 411 -39.50 73.50 6.45
N MET F 412 -40.54 72.68 6.50
CA MET F 412 -40.37 71.26 6.23
C MET F 412 -40.80 70.87 4.81
N THR F 413 -40.59 71.78 3.85
CA THR F 413 -40.84 71.46 2.45
C THR F 413 -39.98 70.26 2.03
N ALA F 414 -40.58 69.34 1.26
CA ALA F 414 -39.86 68.15 0.82
C ALA F 414 -38.62 68.52 0.02
N GLY F 415 -38.77 69.42 -0.95
CA GLY F 415 -37.62 69.91 -1.67
C GLY F 415 -36.59 70.54 -0.76
N GLN F 416 -37.04 71.26 0.26
CA GLN F 416 -36.13 71.84 1.24
C GLN F 416 -35.35 70.77 1.98
N ILE F 417 -36.02 69.66 2.33
CA ILE F 417 -35.36 68.61 3.10
C ILE F 417 -34.35 67.86 2.24
N CYS F 418 -34.67 67.61 0.97
CA CYS F 418 -33.71 66.94 0.10
C CYS F 418 -32.53 67.84 -0.23
N ASN F 419 -32.78 69.13 -0.46
CA ASN F 419 -31.70 70.10 -0.55
C ASN F 419 -30.82 70.04 0.69
N LEU F 420 -31.45 70.01 1.86
CA LEU F 420 -30.71 69.83 3.11
C LEU F 420 -29.76 68.65 3.03
N VAL F 421 -30.31 67.45 2.78
CA VAL F 421 -29.49 66.24 2.76
C VAL F 421 -28.31 66.41 1.79
N ALA F 422 -28.61 66.71 0.53
CA ALA F 422 -27.56 66.72 -0.50
C ALA F 422 -26.52 67.81 -0.24
N ILE F 423 -26.95 69.08 -0.22
CA ILE F 423 -25.99 70.16 -0.11
C ILE F 423 -25.29 70.18 1.24
N ASP F 424 -25.89 69.62 2.30
CA ASP F 424 -25.22 69.63 3.59
C ASP F 424 -24.21 68.50 3.71
N THR F 425 -24.53 67.32 3.18
CA THR F 425 -23.50 66.33 2.90
C THR F 425 -22.30 67.00 2.27
N ASN F 426 -22.54 67.70 1.15
CA ASN F 426 -21.45 68.32 0.41
C ASN F 426 -20.68 69.32 1.26
N GLN F 427 -21.38 70.29 1.83
CA GLN F 427 -20.71 71.40 2.51
C GLN F 427 -19.97 70.93 3.76
N LEU F 428 -20.61 70.10 4.58
CA LEU F 428 -19.95 69.63 5.79
C LEU F 428 -18.75 68.76 5.45
N MET F 429 -18.86 67.92 4.41
CA MET F 429 -17.71 67.11 4.02
C MET F 429 -16.55 67.97 3.54
N TRP F 430 -16.83 69.00 2.74
CA TRP F 430 -15.74 69.83 2.22
C TRP F 430 -15.09 70.65 3.33
N PHE F 431 -15.89 71.19 4.26
CA PHE F 431 -15.31 71.90 5.38
C PHE F 431 -14.49 70.97 6.25
N PHE F 432 -14.94 69.73 6.42
CA PHE F 432 -14.17 68.80 7.24
C PHE F 432 -12.96 68.22 6.53
N PHE F 433 -12.86 68.42 5.22
CA PHE F 433 -11.59 68.14 4.57
C PHE F 433 -10.64 69.34 4.65
N LEU F 434 -11.18 70.56 4.63
CA LEU F 434 -10.34 71.76 4.65
C LEU F 434 -9.99 72.24 6.06
N CYS F 435 -10.63 71.71 7.10
CA CYS F 435 -10.37 72.15 8.47
C CYS F 435 -9.01 71.69 9.00
N PRO F 436 -8.60 70.42 8.77
CA PRO F 436 -7.23 70.05 9.14
C PRO F 436 -6.17 70.84 8.39
N ASN F 437 -6.47 71.31 7.18
CA ASN F 437 -5.52 72.10 6.41
C ASN F 437 -5.27 73.45 7.08
N LEU F 438 -6.32 74.07 7.63
CA LEU F 438 -6.17 75.35 8.30
C LEU F 438 -5.72 75.22 9.76
N TRP F 439 -5.92 74.05 10.38
CA TRP F 439 -5.38 73.87 11.73
C TRP F 439 -3.84 73.73 11.72
N ALA F 440 -3.19 73.94 10.57
CA ALA F 440 -1.74 73.96 10.47
C ALA F 440 -1.19 75.24 9.86
N MET F 441 -2.04 76.14 9.38
CA MET F 441 -1.56 77.44 8.92
C MET F 441 -0.85 78.24 10.02
N PRO F 442 -1.39 78.37 11.25
CA PRO F 442 -0.67 79.17 12.25
C PRO F 442 0.73 78.65 12.60
N VAL F 443 0.84 77.36 12.91
CA VAL F 443 2.15 76.78 13.23
C VAL F 443 3.09 76.94 12.04
N GLN F 444 2.58 76.78 10.82
CA GLN F 444 3.41 76.92 9.63
C GLN F 444 3.99 78.33 9.54
N ILE F 445 3.15 79.36 9.67
CA ILE F 445 3.67 80.72 9.52
C ILE F 445 4.62 81.08 10.65
N ILE F 446 4.33 80.60 11.87
CA ILE F 446 5.22 80.88 13.00
C ILE F 446 6.60 80.28 12.74
N VAL F 447 6.65 79.00 12.33
CA VAL F 447 7.94 78.37 12.06
C VAL F 447 8.63 79.07 10.89
N GLY F 448 7.85 79.54 9.91
CA GLY F 448 8.44 80.27 8.80
C GLY F 448 9.20 81.50 9.26
N VAL F 449 8.59 82.29 10.14
CA VAL F 449 9.30 83.51 10.57
C VAL F 449 10.47 83.17 11.49
N ILE F 450 10.32 82.16 12.37
CA ILE F 450 11.42 81.81 13.25
C ILE F 450 12.57 81.21 12.46
N LEU F 451 12.32 80.70 11.25
CA LEU F 451 13.41 80.23 10.41
C LEU F 451 14.05 81.37 9.63
N LEU F 452 13.23 82.32 9.15
CA LEU F 452 13.78 83.40 8.34
C LEU F 452 14.53 84.45 9.15
N TYR F 453 14.33 84.52 10.46
CA TYR F 453 15.20 85.39 11.27
C TYR F 453 16.66 84.99 11.12
N TYR F 454 16.96 83.71 11.35
CA TYR F 454 18.33 83.22 11.30
C TYR F 454 18.95 83.31 9.91
N ILE F 455 18.18 83.64 8.88
CA ILE F 455 18.68 83.74 7.52
C ILE F 455 18.80 85.18 7.07
N LEU F 456 17.87 86.04 7.50
CA LEU F 456 17.94 87.45 7.11
C LEU F 456 18.86 88.24 8.03
N GLY F 457 18.68 88.11 9.34
CA GLY F 457 19.47 88.89 10.28
C GLY F 457 18.76 90.17 10.67
N VAL F 458 19.47 91.30 10.57
CA VAL F 458 18.86 92.59 10.84
C VAL F 458 17.88 93.01 9.75
N SER F 459 17.89 92.33 8.61
CA SER F 459 16.98 92.60 7.51
C SER F 459 15.65 91.88 7.66
N ALA F 460 15.35 91.35 8.84
CA ALA F 460 14.05 90.70 9.04
C ALA F 460 12.93 91.72 9.11
N LEU F 461 13.21 92.94 9.60
CA LEU F 461 12.18 93.95 9.83
C LEU F 461 11.25 94.12 8.63
N ILE F 462 11.80 94.12 7.42
CA ILE F 462 10.99 94.41 6.23
C ILE F 462 9.99 93.28 6.00
N GLY F 463 10.45 92.03 5.97
CA GLY F 463 9.54 90.91 5.79
C GLY F 463 8.53 90.79 6.92
N ALA F 464 8.97 91.07 8.15
CA ALA F 464 8.06 91.03 9.29
C ALA F 464 6.97 92.07 9.17
N ALA F 465 7.34 93.31 8.80
CA ALA F 465 6.35 94.35 8.58
C ALA F 465 5.40 93.99 7.47
N VAL F 466 5.90 93.32 6.42
CA VAL F 466 5.03 92.91 5.32
C VAL F 466 4.02 91.88 5.78
N ILE F 467 4.48 90.82 6.46
CA ILE F 467 3.56 89.75 6.87
C ILE F 467 2.73 90.12 8.09
N ILE F 468 3.01 91.26 8.72
CA ILE F 468 2.08 91.78 9.73
C ILE F 468 1.07 92.75 9.10
N LEU F 469 1.49 93.54 8.10
CA LEU F 469 0.57 94.38 7.34
C LEU F 469 -0.40 93.57 6.50
N LEU F 470 -0.03 92.33 6.16
CA LEU F 470 -0.93 91.47 5.40
C LEU F 470 -2.19 91.12 6.20
N ALA F 471 -2.03 90.79 7.49
CA ALA F 471 -3.11 90.14 8.23
C ALA F 471 -4.38 90.98 8.39
N PRO F 472 -4.34 92.22 8.88
CA PRO F 472 -5.61 92.91 9.18
C PRO F 472 -6.42 93.27 7.95
N VAL F 473 -5.75 93.72 6.88
CA VAL F 473 -6.46 94.00 5.64
C VAL F 473 -7.10 92.73 5.09
N GLN F 474 -6.43 91.59 5.24
CA GLN F 474 -7.01 90.31 4.85
C GLN F 474 -8.23 89.98 5.69
N TYR F 475 -8.18 90.27 6.99
CA TYR F 475 -9.35 90.03 7.85
C TYR F 475 -10.55 90.86 7.38
N PHE F 476 -10.31 92.15 7.09
CA PHE F 476 -11.41 93.01 6.62
C PHE F 476 -11.95 92.53 5.27
N VAL F 477 -11.06 92.11 4.37
CA VAL F 477 -11.50 91.60 3.07
C VAL F 477 -12.35 90.35 3.25
N ALA F 478 -11.93 89.45 4.14
CA ALA F 478 -12.70 88.23 4.37
C ALA F 478 -14.07 88.54 4.95
N THR F 479 -14.17 89.55 5.82
CA THR F 479 -15.48 89.97 6.33
C THR F 479 -16.38 90.44 5.20
N LYS F 480 -15.87 91.37 4.38
CA LYS F 480 -16.65 91.89 3.26
C LYS F 480 -17.05 90.78 2.31
N LEU F 481 -16.28 89.70 2.26
CA LEU F 481 -16.61 88.55 1.41
C LEU F 481 -17.74 87.72 2.00
N SER F 482 -17.62 87.36 3.29
CA SER F 482 -18.63 86.53 3.94
C SER F 482 -20.00 87.18 3.88
N GLN F 483 -20.04 88.51 4.02
CA GLN F 483 -21.34 89.19 4.02
C GLN F 483 -22.08 88.98 2.70
N ALA F 484 -21.38 89.06 1.58
CA ALA F 484 -22.03 88.78 0.30
C ALA F 484 -22.43 87.30 0.19
N GLN F 485 -21.56 86.40 0.68
CA GLN F 485 -21.80 84.98 0.44
C GLN F 485 -23.08 84.50 1.13
N ARG F 486 -23.36 84.99 2.34
CA ARG F 486 -24.53 84.49 3.05
C ARG F 486 -25.83 84.85 2.31
N SER F 487 -25.94 86.11 1.87
CA SER F 487 -27.11 86.51 1.09
C SER F 487 -27.19 85.73 -0.21
N THR F 488 -26.03 85.44 -0.83
CA THR F 488 -26.01 84.55 -1.99
C THR F 488 -26.74 83.24 -1.70
N LEU F 489 -26.40 82.62 -0.56
CA LEU F 489 -27.03 81.34 -0.23
C LEU F 489 -28.53 81.49 -0.05
N GLU F 490 -28.97 82.55 0.64
CA GLU F 490 -30.41 82.74 0.81
C GLU F 490 -31.13 82.84 -0.53
N HIS F 491 -30.58 83.63 -1.46
CA HIS F 491 -31.24 83.82 -2.75
C HIS F 491 -31.27 82.54 -3.56
N SER F 492 -30.17 81.77 -3.56
CA SER F 492 -30.17 80.51 -4.29
C SER F 492 -31.18 79.53 -3.67
N ASN F 493 -31.32 79.56 -2.34
CA ASN F 493 -32.27 78.66 -1.70
C ASN F 493 -33.70 78.99 -2.09
N GLU F 494 -34.02 80.28 -2.26
CA GLU F 494 -35.37 80.58 -2.74
C GLU F 494 -35.53 80.25 -4.23
N ARG F 495 -34.48 80.45 -5.03
CA ARG F 495 -34.56 80.10 -6.44
C ARG F 495 -34.84 78.61 -6.64
N LEU F 496 -34.26 77.76 -5.79
CA LEU F 496 -34.47 76.32 -5.95
C LEU F 496 -35.92 75.93 -5.68
N LYS F 497 -36.56 76.55 -4.69
CA LYS F 497 -37.96 76.24 -4.44
C LYS F 497 -38.86 76.80 -5.55
N GLN F 498 -38.49 77.96 -6.10
CA GLN F 498 -39.25 78.47 -7.25
C GLN F 498 -39.15 77.53 -8.45
N THR F 499 -37.97 76.95 -8.67
CA THR F 499 -37.81 75.97 -9.75
C THR F 499 -38.60 74.70 -9.47
N ASN F 500 -38.60 74.23 -8.21
CA ASN F 500 -39.38 73.04 -7.85
C ASN F 500 -40.85 73.24 -8.15
N GLU F 501 -41.41 74.37 -7.71
CA GLU F 501 -42.82 74.65 -7.98
C GLU F 501 -43.07 75.08 -9.41
N MET F 502 -42.03 75.34 -10.20
CA MET F 502 -42.20 75.60 -11.63
C MET F 502 -42.20 74.33 -12.46
N LEU F 503 -41.43 73.31 -12.08
CA LEU F 503 -41.29 72.12 -12.91
C LEU F 503 -42.38 71.09 -12.70
N ARG F 504 -42.87 70.93 -11.46
CA ARG F 504 -43.93 69.97 -11.22
C ARG F 504 -45.29 70.44 -11.74
N GLY F 505 -45.35 71.62 -12.35
CA GLY F 505 -46.58 72.12 -12.92
C GLY F 505 -46.39 72.70 -14.31
N MET F 506 -45.40 72.20 -15.05
CA MET F 506 -45.17 72.72 -16.40
C MET F 506 -46.34 72.44 -17.32
N LYS F 507 -47.12 71.40 -17.03
CA LYS F 507 -48.31 71.13 -17.84
C LYS F 507 -49.31 72.28 -17.73
N LEU F 508 -49.75 72.57 -16.51
CA LEU F 508 -50.67 73.68 -16.29
C LEU F 508 -50.04 75.02 -16.67
N LEU F 509 -48.72 75.14 -16.54
CA LEU F 509 -48.06 76.38 -16.92
C LEU F 509 -48.15 76.62 -18.43
N LYS F 510 -47.75 75.64 -19.23
CA LYS F 510 -47.83 75.76 -20.68
C LYS F 510 -49.25 75.69 -21.19
N LEU F 511 -50.21 75.24 -20.39
CA LEU F 511 -51.58 75.10 -20.87
C LEU F 511 -52.16 76.44 -21.30
N TYR F 512 -52.21 77.42 -20.39
CA TYR F 512 -52.62 78.76 -20.76
C TYR F 512 -51.49 79.76 -20.69
N ALA F 513 -50.24 79.27 -20.74
CA ALA F 513 -49.06 80.09 -21.02
C ALA F 513 -48.91 81.24 -20.02
N TRP F 514 -48.68 80.86 -18.77
CA TRP F 514 -48.22 81.79 -17.74
C TRP F 514 -46.70 81.83 -17.66
N GLU F 515 -46.01 81.40 -18.72
CA GLU F 515 -44.57 81.19 -18.65
C GLU F 515 -43.84 82.50 -18.35
N SER F 516 -44.19 83.57 -19.07
CA SER F 516 -43.44 84.83 -18.96
C SER F 516 -43.33 85.30 -17.52
N ILE F 517 -44.39 85.15 -16.73
CA ILE F 517 -44.39 85.63 -15.35
C ILE F 517 -43.36 84.87 -14.52
N PHE F 518 -43.45 83.54 -14.52
CA PHE F 518 -42.53 82.73 -13.71
C PHE F 518 -41.09 82.87 -14.21
N CYS F 519 -40.92 82.99 -15.52
CA CYS F 519 -39.57 83.14 -16.08
C CYS F 519 -38.96 84.49 -15.70
N SER F 520 -39.75 85.56 -15.72
CA SER F 520 -39.25 86.85 -15.27
C SER F 520 -38.96 86.85 -13.77
N ARG F 521 -39.75 86.12 -12.98
CA ARG F 521 -39.47 86.03 -11.55
C ARG F 521 -38.16 85.30 -11.30
N VAL F 522 -37.95 84.17 -11.98
CA VAL F 522 -36.69 83.45 -11.83
C VAL F 522 -35.54 84.28 -12.38
N GLU F 523 -35.79 85.09 -13.41
CA GLU F 523 -34.74 85.97 -13.93
C GLU F 523 -34.37 87.04 -12.91
N VAL F 524 -35.35 87.61 -12.22
CA VAL F 524 -35.08 88.60 -11.19
C VAL F 524 -34.30 87.98 -10.03
N THR F 525 -34.71 86.79 -9.60
CA THR F 525 -33.96 86.10 -8.55
C THR F 525 -32.54 85.79 -9.00
N ARG F 526 -32.37 85.42 -10.28
CA ARG F 526 -31.05 85.17 -10.81
C ARG F 526 -30.20 86.44 -10.84
N ARG F 527 -30.83 87.58 -11.14
CA ARG F 527 -30.10 88.85 -11.14
C ARG F 527 -29.64 89.22 -9.75
N LYS F 528 -30.48 89.01 -8.73
CA LYS F 528 -30.06 89.29 -7.36
C LYS F 528 -28.91 88.36 -6.95
N GLU F 529 -29.05 87.07 -7.24
CA GLU F 529 -27.98 86.11 -6.97
C GLU F 529 -26.69 86.52 -7.69
N MET F 530 -26.81 87.03 -8.92
CA MET F 530 -25.66 87.47 -9.70
C MET F 530 -25.01 88.70 -9.09
N THR F 531 -25.82 89.61 -8.52
CA THR F 531 -25.25 90.73 -7.77
C THR F 531 -24.38 90.23 -6.63
N SER F 532 -24.91 89.30 -5.85
CA SER F 532 -24.11 88.69 -4.78
C SER F 532 -22.83 88.07 -5.35
N LEU F 533 -22.94 87.33 -6.45
CA LEU F 533 -21.78 86.64 -7.01
C LEU F 533 -20.74 87.63 -7.53
N ARG F 534 -21.16 88.73 -8.14
CA ARG F 534 -20.20 89.67 -8.69
C ARG F 534 -19.49 90.42 -7.57
N ALA F 535 -20.20 90.73 -6.47
CA ALA F 535 -19.51 91.28 -5.30
C ALA F 535 -18.45 90.29 -4.80
N PHE F 536 -18.82 89.02 -4.64
CA PHE F 536 -17.86 88.00 -4.20
C PHE F 536 -16.66 87.92 -5.14
N ALA F 537 -16.90 87.99 -6.45
CA ALA F 537 -15.82 87.82 -7.42
C ALA F 537 -14.86 89.00 -7.40
N VAL F 538 -15.39 90.23 -7.32
CA VAL F 538 -14.53 91.40 -7.22
C VAL F 538 -13.68 91.34 -5.96
N TYR F 539 -14.29 90.90 -4.85
CA TYR F 539 -13.52 90.82 -3.61
C TYR F 539 -12.43 89.75 -3.70
N THR F 540 -12.72 88.61 -4.32
CA THR F 540 -11.68 87.59 -4.47
C THR F 540 -10.56 88.06 -5.41
N SER F 541 -10.89 88.84 -6.43
CA SER F 541 -9.86 89.39 -7.31
C SER F 541 -8.95 90.34 -6.55
N ILE F 542 -9.53 91.23 -5.73
CA ILE F 542 -8.71 92.10 -4.90
C ILE F 542 -7.85 91.28 -3.95
N SER F 543 -8.40 90.19 -3.42
CA SER F 543 -7.64 89.31 -2.52
C SER F 543 -6.40 88.74 -3.21
N ILE F 544 -6.58 88.22 -4.43
CA ILE F 544 -5.44 87.64 -5.14
C ILE F 544 -4.43 88.72 -5.51
N PHE F 545 -4.93 89.91 -5.89
CA PHE F 545 -4.04 91.03 -6.17
C PHE F 545 -3.14 91.32 -4.96
N MET F 546 -3.73 91.40 -3.78
CA MET F 546 -2.94 91.68 -2.59
C MET F 546 -1.95 90.55 -2.31
N ASN F 547 -2.46 89.31 -2.33
CA ASN F 547 -1.66 88.12 -2.05
C ASN F 547 -0.54 87.90 -3.04
N THR F 548 -0.52 88.61 -4.17
CA THR F 548 0.67 88.62 -5.01
C THR F 548 1.50 89.89 -4.85
N ALA F 549 0.86 91.05 -4.72
CA ALA F 549 1.60 92.31 -4.75
C ALA F 549 2.42 92.53 -3.48
N ILE F 550 1.83 92.24 -2.32
CA ILE F 550 2.58 92.36 -1.06
C ILE F 550 3.78 91.43 -1.04
N PRO F 551 3.67 90.16 -1.45
CA PRO F 551 4.85 89.28 -1.47
C PRO F 551 6.03 89.79 -2.30
N ILE F 552 5.79 90.22 -3.53
CA ILE F 552 6.88 90.62 -4.42
C ILE F 552 7.57 91.86 -3.87
N ALA F 553 6.79 92.83 -3.39
CA ALA F 553 7.35 94.01 -2.74
C ALA F 553 8.21 93.61 -1.56
N ALA F 554 7.74 92.64 -0.76
CA ALA F 554 8.52 92.18 0.39
C ALA F 554 9.89 91.67 -0.02
N VAL F 555 9.90 90.77 -1.00
CA VAL F 555 11.17 90.18 -1.44
C VAL F 555 12.13 91.27 -1.92
N LEU F 556 11.63 92.14 -2.80
CA LEU F 556 12.44 93.24 -3.34
C LEU F 556 13.04 94.09 -2.23
N ILE F 557 12.19 94.53 -1.29
CA ILE F 557 12.64 95.43 -0.24
C ILE F 557 13.70 94.76 0.62
N THR F 558 13.45 93.50 1.04
CA THR F 558 14.41 92.83 1.91
C THR F 558 15.78 92.70 1.24
N PHE F 559 15.82 92.24 -0.01
CA PHE F 559 17.10 92.06 -0.66
C PHE F 559 17.84 93.38 -0.84
N VAL F 560 17.14 94.39 -1.39
CA VAL F 560 17.77 95.69 -1.60
C VAL F 560 18.30 96.24 -0.28
N GLY F 561 17.55 96.07 0.80
CA GLY F 561 18.02 96.53 2.10
C GLY F 561 19.28 95.84 2.55
N HIS F 562 19.37 94.53 2.33
CA HIS F 562 20.56 93.82 2.80
C HIS F 562 21.81 94.22 2.01
N VAL F 563 21.72 94.33 0.69
CA VAL F 563 22.95 94.48 -0.10
C VAL F 563 23.63 95.82 0.16
N SER F 564 22.90 96.92 0.01
CA SER F 564 23.50 98.26 0.01
C SER F 564 22.95 99.20 1.07
N PHE F 565 21.75 98.95 1.61
CA PHE F 565 21.15 99.91 2.52
C PHE F 565 21.89 99.95 3.85
N PHE F 566 21.96 98.82 4.56
CA PHE F 566 22.67 98.90 5.83
C PHE F 566 23.67 97.78 6.07
N LYS F 567 23.37 96.55 5.63
CA LYS F 567 23.95 95.38 6.29
C LYS F 567 25.45 95.26 6.06
N GLU F 568 25.93 95.60 4.87
CA GLU F 568 27.34 95.53 4.49
C GLU F 568 27.90 94.11 4.51
N SER F 569 27.06 93.10 4.69
CA SER F 569 27.45 91.70 4.58
C SER F 569 26.88 91.17 3.27
N ASP F 570 27.76 90.83 2.33
CA ASP F 570 27.30 90.39 1.01
C ASP F 570 26.46 89.13 1.13
N LEU F 571 25.22 89.21 0.67
CA LEU F 571 24.33 88.05 0.72
C LEU F 571 24.86 87.00 -0.26
N SER F 572 25.43 85.94 0.29
CA SER F 572 25.79 84.81 -0.54
C SER F 572 24.53 84.25 -1.19
N PRO F 573 24.64 83.75 -2.43
CA PRO F 573 23.43 83.28 -3.14
C PRO F 573 22.62 82.25 -2.37
N SER F 574 23.26 81.49 -1.47
CA SER F 574 22.54 80.52 -0.65
C SER F 574 21.44 81.19 0.16
N VAL F 575 21.77 82.30 0.82
CA VAL F 575 20.79 83.04 1.60
C VAL F 575 19.65 83.49 0.71
N ALA F 576 19.96 84.00 -0.48
CA ALA F 576 18.94 84.50 -1.40
C ALA F 576 17.96 83.41 -1.77
N PHE F 577 18.47 82.27 -2.23
CA PHE F 577 17.58 81.22 -2.72
C PHE F 577 16.81 80.56 -1.58
N ALA F 578 17.44 80.39 -0.42
CA ALA F 578 16.72 79.85 0.73
C ALA F 578 15.59 80.78 1.17
N SER F 579 15.84 82.09 1.11
CA SER F 579 14.78 83.04 1.43
C SER F 579 13.64 82.94 0.44
N LEU F 580 13.96 82.84 -0.86
CA LEU F 580 12.90 82.69 -1.87
C LEU F 580 12.08 81.43 -1.61
N SER F 581 12.75 80.34 -1.24
CA SER F 581 12.05 79.08 -0.99
C SER F 581 11.09 79.20 0.21
N LEU F 582 11.62 79.63 1.36
CA LEU F 582 10.78 79.81 2.55
C LEU F 582 9.63 80.76 2.26
N PHE F 583 9.90 81.79 1.47
CA PHE F 583 8.88 82.78 1.15
C PHE F 583 7.76 82.18 0.31
N HIS F 584 8.11 81.35 -0.68
CA HIS F 584 7.09 80.66 -1.47
C HIS F 584 6.25 79.74 -0.60
N ILE F 585 6.91 79.00 0.31
CA ILE F 585 6.18 78.13 1.24
C ILE F 585 5.20 78.96 2.06
N LEU F 586 5.60 80.16 2.47
CA LEU F 586 4.69 81.02 3.22
C LEU F 586 3.55 81.53 2.34
N VAL F 587 3.82 81.78 1.07
CA VAL F 587 2.83 82.38 0.19
C VAL F 587 1.68 81.42 -0.08
N THR F 588 1.99 80.12 -0.27
CA THR F 588 0.94 79.19 -0.66
C THR F 588 -0.28 79.18 0.28
N PRO F 589 -0.14 79.15 1.61
CA PRO F 589 -1.36 79.14 2.46
C PRO F 589 -2.26 80.36 2.29
N LEU F 590 -1.70 81.55 2.04
CA LEU F 590 -2.52 82.76 1.97
C LEU F 590 -3.51 82.71 0.82
N PHE F 591 -3.06 82.26 -0.35
CA PHE F 591 -3.97 82.07 -1.48
C PHE F 591 -5.07 81.07 -1.12
N LEU F 592 -4.74 80.04 -0.34
CA LEU F 592 -5.69 78.99 -0.03
C LEU F 592 -6.79 79.48 0.91
N LEU F 593 -6.44 80.31 1.89
CA LEU F 593 -7.41 80.68 2.93
C LEU F 593 -8.59 81.44 2.34
N SER F 594 -8.37 82.17 1.25
CA SER F 594 -9.47 82.89 0.61
C SER F 594 -10.53 81.93 0.08
N SER F 595 -10.10 80.83 -0.56
CA SER F 595 -11.04 79.79 -0.97
C SER F 595 -11.66 79.10 0.24
N VAL F 596 -10.90 79.00 1.34
CA VAL F 596 -11.39 78.29 2.52
C VAL F 596 -12.61 78.97 3.10
N VAL F 597 -12.65 80.30 3.08
CA VAL F 597 -13.78 81.06 3.63
C VAL F 597 -15.08 80.66 2.93
N ARG F 598 -15.00 80.38 1.62
CA ARG F 598 -16.18 79.97 0.86
C ARG F 598 -16.80 78.70 1.43
N SER F 599 -15.97 77.73 1.83
CA SER F 599 -16.51 76.54 2.47
C SER F 599 -16.84 76.77 3.93
N THR F 600 -16.17 77.71 4.58
CA THR F 600 -16.34 77.92 6.02
C THR F 600 -17.70 78.53 6.34
N VAL F 601 -18.03 79.64 5.69
CA VAL F 601 -19.34 80.26 5.91
C VAL F 601 -20.44 79.31 5.45
N LYS F 602 -20.16 78.48 4.45
CA LYS F 602 -21.15 77.52 3.99
C LYS F 602 -21.39 76.43 5.03
N ALA F 603 -20.32 75.96 5.68
CA ALA F 603 -20.49 75.01 6.77
C ALA F 603 -21.27 75.63 7.92
N LEU F 604 -20.96 76.88 8.26
CA LEU F 604 -21.72 77.58 9.29
C LEU F 604 -23.20 77.66 8.95
N VAL F 605 -23.52 78.06 7.72
CA VAL F 605 -24.92 78.17 7.30
C VAL F 605 -25.59 76.81 7.30
N SER F 606 -24.88 75.76 6.85
CA SER F 606 -25.47 74.43 6.79
C SER F 606 -25.79 73.92 8.18
N VAL F 607 -24.92 74.19 9.16
CA VAL F 607 -25.20 73.72 10.51
C VAL F 607 -26.32 74.53 11.14
N GLN F 608 -26.36 75.85 10.90
CA GLN F 608 -27.50 76.63 11.37
C GLN F 608 -28.81 76.06 10.82
N LYS F 609 -28.83 75.75 9.52
CA LYS F 609 -30.02 75.16 8.91
C LYS F 609 -30.33 73.81 9.53
N LEU F 610 -29.31 72.99 9.76
CA LEU F 610 -29.53 71.66 10.34
C LEU F 610 -30.08 71.76 11.75
N SER F 611 -29.65 72.75 12.53
CA SER F 611 -30.13 72.89 13.89
C SER F 611 -31.54 73.45 13.92
N GLU F 612 -31.87 74.37 13.01
CA GLU F 612 -33.25 74.80 12.90
C GLU F 612 -34.15 73.67 12.44
N PHE F 613 -33.61 72.73 11.65
CA PHE F 613 -34.41 71.59 11.22
C PHE F 613 -34.62 70.60 12.36
N LEU F 614 -33.58 70.39 13.18
CA LEU F 614 -33.74 69.51 14.34
C LEU F 614 -34.70 70.09 15.38
N SER F 615 -34.89 71.40 15.38
CA SER F 615 -35.76 72.06 16.35
C SER F 615 -37.22 72.11 15.91
N SER F 616 -37.62 71.26 14.97
CA SER F 616 -39.02 71.22 14.57
C SER F 616 -39.85 70.48 15.62
N ALA F 617 -41.16 70.53 15.44
CA ALA F 617 -42.07 69.97 16.42
C ALA F 617 -42.03 68.44 16.40
N GLU F 618 -41.96 67.85 17.59
CA GLU F 618 -41.92 66.41 17.76
C GLU F 618 -43.31 65.81 17.48
N ILE F 619 -43.39 64.48 17.56
CA ILE F 619 -44.66 63.77 17.65
C ILE F 619 -44.88 63.38 19.11
N ARG F 620 -46.12 63.50 19.57
CA ARG F 620 -46.43 63.33 20.98
C ARG F 620 -46.71 61.86 21.28
N GLU F 621 -45.95 61.29 22.22
CA GLU F 621 -46.17 59.91 22.63
C GLU F 621 -47.44 59.80 23.45
N GLU F 622 -48.19 58.73 23.22
CA GLU F 622 -49.45 58.48 23.92
C GLU F 622 -49.21 58.22 25.41
N CYS F 678 -62.83 47.16 18.59
CA CYS F 678 -63.53 48.34 18.07
C CYS F 678 -62.72 49.60 18.31
N VAL F 679 -62.79 50.54 17.36
CA VAL F 679 -62.08 51.81 17.47
C VAL F 679 -62.97 52.79 18.24
N GLN F 680 -62.47 53.30 19.36
CA GLN F 680 -63.26 54.10 20.28
C GLN F 680 -62.69 55.51 20.38
N ILE F 681 -63.57 56.50 20.36
CA ILE F 681 -63.19 57.91 20.53
C ILE F 681 -64.22 58.58 21.41
N ILE F 682 -63.76 59.17 22.52
CA ILE F 682 -64.61 59.92 23.43
C ILE F 682 -63.95 61.27 23.69
N GLY F 683 -64.63 62.34 23.28
CA GLY F 683 -64.17 63.70 23.53
C GLY F 683 -63.09 64.22 22.61
N GLY F 684 -63.33 64.17 21.30
CA GLY F 684 -62.31 64.55 20.33
C GLY F 684 -62.03 66.06 20.36
N PHE F 685 -60.75 66.42 20.37
CA PHE F 685 -60.38 67.84 20.45
C PHE F 685 -58.91 67.99 20.03
N PHE F 686 -58.65 68.60 18.88
CA PHE F 686 -57.28 68.88 18.48
C PHE F 686 -57.25 69.94 17.39
N THR F 687 -56.10 70.61 17.27
CA THR F 687 -55.85 71.62 16.26
C THR F 687 -54.46 71.41 15.69
N TRP F 688 -54.17 72.12 14.60
CA TRP F 688 -52.92 71.95 13.85
C TRP F 688 -51.84 72.96 14.26
N THR F 689 -51.54 73.08 15.56
CA THR F 689 -50.46 73.91 16.07
C THR F 689 -50.25 73.64 17.56
N PRO F 690 -49.14 74.07 18.14
CA PRO F 690 -49.03 74.04 19.61
C PRO F 690 -50.09 74.87 20.30
N ASP F 691 -50.64 75.88 19.64
CA ASP F 691 -51.70 76.71 20.21
C ASP F 691 -52.45 77.39 19.07
N GLY F 692 -53.77 77.34 19.12
CA GLY F 692 -54.58 77.98 18.10
C GLY F 692 -56.02 77.51 18.19
N ILE F 693 -56.85 78.17 17.41
CA ILE F 693 -58.28 77.80 17.36
C ILE F 693 -58.42 76.43 16.71
N PRO F 694 -59.28 75.56 17.21
CA PRO F 694 -59.30 74.17 16.73
C PRO F 694 -60.30 73.93 15.62
N THR F 695 -60.12 72.79 14.95
CA THR F 695 -61.08 72.25 14.00
C THR F 695 -61.69 70.93 14.44
N LEU F 696 -61.08 70.23 15.39
CA LEU F 696 -61.61 69.01 15.98
C LEU F 696 -62.28 69.38 17.30
N SER F 697 -63.58 69.16 17.40
CA SER F 697 -64.35 69.60 18.57
C SER F 697 -65.41 68.55 18.92
N ASN F 698 -65.24 67.91 20.07
CA ASN F 698 -66.28 67.08 20.69
C ASN F 698 -66.75 65.97 19.74
N ILE F 699 -65.82 65.09 19.39
CA ILE F 699 -66.10 63.95 18.52
C ILE F 699 -66.21 62.69 19.36
N THR F 700 -67.30 61.95 19.20
CA THR F 700 -67.53 60.69 19.88
C THR F 700 -67.95 59.67 18.85
N ILE F 701 -67.24 58.54 18.78
CA ILE F 701 -67.49 57.58 17.72
C ILE F 701 -67.03 56.19 18.18
N ARG F 702 -67.86 55.20 17.88
CA ARG F 702 -67.55 53.79 18.13
C ARG F 702 -67.56 53.04 16.81
N ILE F 703 -66.54 52.23 16.57
CA ILE F 703 -66.39 51.48 15.33
C ILE F 703 -66.19 50.00 15.64
N PRO F 704 -67.26 49.21 15.75
CA PRO F 704 -67.08 47.77 15.98
C PRO F 704 -66.41 47.08 14.80
N ARG F 705 -65.75 45.97 15.10
CA ARG F 705 -65.01 45.24 14.08
C ARG F 705 -65.96 44.62 13.05
N GLY F 706 -65.38 44.20 11.92
CA GLY F 706 -66.14 43.56 10.87
C GLY F 706 -67.32 44.38 10.38
N GLN F 707 -67.14 45.69 10.26
CA GLN F 707 -68.24 46.60 9.98
C GLN F 707 -67.77 47.71 9.06
N LEU F 708 -68.63 48.11 8.13
CA LEU F 708 -68.32 49.19 7.20
C LEU F 708 -68.85 50.51 7.74
N THR F 709 -68.05 51.56 7.59
CA THR F 709 -68.41 52.89 8.08
C THR F 709 -68.13 53.93 7.00
N MET F 710 -69.18 54.58 6.53
CA MET F 710 -69.06 55.64 5.54
C MET F 710 -69.06 56.98 6.25
N ILE F 711 -67.93 57.66 6.22
CA ILE F 711 -67.90 59.06 6.62
C ILE F 711 -68.32 59.91 5.42
N VAL F 712 -69.15 60.91 5.67
CA VAL F 712 -69.68 61.78 4.63
C VAL F 712 -69.80 63.19 5.18
N GLY F 713 -69.86 64.15 4.28
CA GLY F 713 -69.93 65.54 4.65
C GLY F 713 -69.37 66.42 3.55
N GLN F 714 -69.55 67.72 3.74
CA GLN F 714 -69.14 68.70 2.74
C GLN F 714 -67.61 68.77 2.65
N VAL F 715 -67.13 69.61 1.72
CA VAL F 715 -65.70 69.80 1.59
C VAL F 715 -65.19 70.62 2.77
N GLY F 716 -64.15 70.11 3.43
CA GLY F 716 -63.59 70.77 4.59
C GLY F 716 -64.37 70.52 5.85
N CYS F 717 -64.58 69.25 6.19
CA CYS F 717 -65.32 68.87 7.39
C CYS F 717 -64.52 67.87 8.23
N GLY F 718 -63.20 67.93 8.14
CA GLY F 718 -62.36 67.10 8.98
C GLY F 718 -62.55 65.60 8.77
N LYS F 719 -62.76 65.19 7.53
CA LYS F 719 -62.89 63.76 7.24
C LYS F 719 -61.51 63.11 7.20
N SER F 720 -60.63 63.62 6.32
CA SER F 720 -59.25 63.16 6.34
C SER F 720 -58.58 63.48 7.67
N SER F 721 -59.00 64.56 8.32
CA SER F 721 -58.41 64.91 9.61
C SER F 721 -58.86 63.95 10.70
N LEU F 722 -60.13 63.56 10.69
CA LEU F 722 -60.58 62.50 11.58
C LEU F 722 -59.83 61.20 11.28
N LEU F 723 -59.57 60.93 10.00
CA LEU F 723 -58.82 59.73 9.63
C LEU F 723 -57.40 59.76 10.20
N LEU F 724 -56.76 60.93 10.17
CA LEU F 724 -55.39 61.02 10.64
C LEU F 724 -55.29 61.05 12.16
N ALA F 725 -56.27 61.69 12.83
CA ALA F 725 -56.28 61.67 14.30
C ALA F 725 -56.54 60.26 14.81
N THR F 726 -57.53 59.56 14.22
CA THR F 726 -57.71 58.14 14.53
C THR F 726 -56.44 57.36 14.29
N LEU F 727 -55.59 57.81 13.38
CA LEU F 727 -54.34 57.14 13.03
C LEU F 727 -53.25 57.36 14.06
N GLY F 728 -53.51 58.13 15.12
CA GLY F 728 -52.49 58.48 16.07
C GLY F 728 -51.43 59.42 15.56
N GLU F 729 -51.42 59.73 14.27
CA GLU F 729 -50.47 60.70 13.73
C GLU F 729 -50.67 62.09 14.30
N MET F 730 -51.85 62.35 14.87
CA MET F 730 -52.19 63.64 15.47
C MET F 730 -52.84 63.35 16.82
N GLN F 731 -52.04 63.35 17.87
CA GLN F 731 -52.57 63.12 19.22
C GLN F 731 -53.37 64.33 19.67
N LYS F 732 -54.63 64.10 20.03
CA LYS F 732 -55.53 65.19 20.37
C LYS F 732 -55.10 65.88 21.67
N VAL F 733 -55.48 67.15 21.80
CA VAL F 733 -55.15 67.91 23.00
C VAL F 733 -55.82 67.26 24.22
N SER F 734 -57.14 67.17 24.19
CA SER F 734 -57.92 66.62 25.30
C SER F 734 -58.96 65.65 24.73
N GLY F 735 -58.76 64.36 24.97
CA GLY F 735 -59.69 63.36 24.49
C GLY F 735 -59.07 61.98 24.53
N ALA F 736 -59.95 60.98 24.58
CA ALA F 736 -59.53 59.59 24.67
C ALA F 736 -59.81 58.86 23.36
N VAL F 737 -58.84 58.06 22.93
CA VAL F 737 -58.93 57.32 21.67
C VAL F 737 -58.19 56.00 21.83
N PHE F 738 -58.88 54.90 21.50
CA PHE F 738 -58.33 53.56 21.68
C PHE F 738 -58.62 52.71 20.45
N TRP F 739 -57.77 51.72 20.23
CA TRP F 739 -58.02 50.68 19.23
C TRP F 739 -57.26 49.40 19.58
N GLY F 768 -51.82 49.52 16.90
CA GLY F 768 -51.66 48.43 15.95
C GLY F 768 -51.30 48.89 14.56
N PRO F 769 -50.67 48.00 13.77
CA PRO F 769 -50.24 48.37 12.42
C PRO F 769 -51.42 48.40 11.45
N VAL F 770 -51.78 49.60 11.02
CA VAL F 770 -53.01 49.84 10.29
C VAL F 770 -52.67 50.20 8.85
N ALA F 771 -53.21 49.44 7.91
CA ALA F 771 -53.08 49.79 6.50
C ALA F 771 -53.95 50.99 6.19
N TYR F 772 -53.52 51.78 5.20
CA TYR F 772 -54.11 53.08 4.95
C TYR F 772 -53.69 53.62 3.59
N ALA F 773 -54.66 54.02 2.78
CA ALA F 773 -54.40 54.62 1.47
C ALA F 773 -54.84 56.07 1.55
N SER F 774 -53.88 56.98 1.46
CA SER F 774 -54.15 58.39 1.72
C SER F 774 -54.90 59.04 0.57
N GLN F 775 -55.34 60.28 0.79
CA GLN F 775 -56.13 60.99 -0.21
C GLN F 775 -55.28 61.42 -1.39
N LYS F 776 -53.98 61.60 -1.20
CA LYS F 776 -53.04 61.94 -2.27
C LYS F 776 -52.00 60.84 -2.35
N PRO F 777 -52.15 59.88 -3.27
CA PRO F 777 -51.31 58.68 -3.23
C PRO F 777 -49.85 58.97 -3.56
N TRP F 778 -49.01 57.99 -3.26
CA TRP F 778 -47.59 58.09 -3.52
C TRP F 778 -47.05 56.70 -3.86
N LEU F 779 -46.00 56.68 -4.65
CA LEU F 779 -45.37 55.45 -5.10
C LEU F 779 -43.89 55.46 -4.72
N LEU F 780 -43.33 54.26 -4.59
CA LEU F 780 -41.94 54.09 -4.23
C LEU F 780 -41.08 53.90 -5.47
N ASN F 781 -39.80 54.24 -5.36
CA ASN F 781 -38.84 54.04 -6.46
C ASN F 781 -38.54 52.55 -6.52
N ALA F 782 -39.46 51.81 -7.14
CA ALA F 782 -39.40 50.36 -7.16
C ALA F 782 -40.28 49.87 -8.30
N THR F 783 -40.57 48.58 -8.30
CA THR F 783 -41.45 47.97 -9.29
C THR F 783 -42.89 47.97 -8.77
N VAL F 784 -43.82 47.64 -9.67
CA VAL F 784 -45.23 47.58 -9.30
C VAL F 784 -45.48 46.50 -8.27
N GLU F 785 -44.97 45.29 -8.54
CA GLU F 785 -45.08 44.20 -7.58
C GLU F 785 -44.54 44.60 -6.22
N GLU F 786 -43.46 45.40 -6.20
CA GLU F 786 -42.87 45.83 -4.94
C GLU F 786 -43.76 46.86 -4.24
N ASN F 787 -44.35 47.78 -5.01
CA ASN F 787 -45.26 48.75 -4.43
C ASN F 787 -46.52 48.10 -3.89
N ILE F 788 -46.88 46.92 -4.39
CA ILE F 788 -48.06 46.25 -3.86
C ILE F 788 -47.72 45.26 -2.75
N THR F 789 -46.49 44.73 -2.73
CA THR F 789 -46.10 43.84 -1.64
C THR F 789 -45.80 44.64 -0.37
N PHE F 790 -44.92 45.64 -0.48
CA PHE F 790 -44.57 46.51 0.64
C PHE F 790 -43.93 45.72 1.78
N GLU F 791 -42.80 45.10 1.47
CA GLU F 791 -41.95 44.33 2.37
C GLU F 791 -42.58 43.00 2.80
N SER F 792 -43.81 42.72 2.39
CA SER F 792 -44.41 41.44 2.76
C SER F 792 -44.03 40.37 1.74
N PRO F 793 -43.86 39.12 2.18
CA PRO F 793 -43.54 38.05 1.24
C PRO F 793 -44.64 37.85 0.20
N PHE F 794 -44.25 37.30 -0.95
CA PHE F 794 -45.18 37.09 -2.04
C PHE F 794 -46.12 35.94 -1.74
N ASN F 795 -47.24 35.91 -2.47
CA ASN F 795 -48.20 34.82 -2.36
C ASN F 795 -48.81 34.58 -3.73
N LYS F 796 -48.91 33.31 -4.10
CA LYS F 796 -49.40 32.93 -5.42
C LYS F 796 -50.81 33.47 -5.65
N GLN F 797 -51.76 33.03 -4.83
CA GLN F 797 -53.16 33.41 -5.06
C GLN F 797 -53.48 34.79 -4.50
N ARG F 798 -52.85 35.19 -3.40
CA ARG F 798 -53.17 36.46 -2.77
C ARG F 798 -52.89 37.63 -3.71
N TYR F 799 -51.68 37.69 -4.27
CA TYR F 799 -51.32 38.79 -5.17
C TYR F 799 -52.22 38.81 -6.40
N LYS F 800 -52.47 37.64 -6.99
CA LYS F 800 -53.33 37.61 -8.17
C LYS F 800 -54.74 38.07 -7.85
N MET F 801 -55.25 37.72 -6.67
CA MET F 801 -56.58 38.17 -6.30
C MET F 801 -56.62 39.68 -6.11
N VAL F 802 -55.62 40.24 -5.43
CA VAL F 802 -55.59 41.67 -5.21
C VAL F 802 -55.48 42.41 -6.54
N ILE F 803 -54.73 41.84 -7.48
CA ILE F 803 -54.61 42.48 -8.80
C ILE F 803 -55.92 42.38 -9.56
N GLU F 804 -56.53 41.20 -9.60
CA GLU F 804 -57.73 40.99 -10.38
C GLU F 804 -58.97 41.60 -9.73
N ALA F 805 -58.86 42.11 -8.51
CA ALA F 805 -59.95 42.86 -7.91
C ALA F 805 -59.80 44.37 -8.09
N CYS F 806 -58.59 44.85 -8.36
CA CYS F 806 -58.33 46.28 -8.44
C CYS F 806 -58.50 46.86 -9.83
N SER F 807 -58.99 46.07 -10.80
CA SER F 807 -59.16 46.54 -12.18
C SER F 807 -57.84 47.08 -12.73
N LEU F 808 -56.77 46.32 -12.52
CA LEU F 808 -55.42 46.79 -12.82
C LEU F 808 -54.62 45.88 -13.73
N GLN F 809 -55.05 44.62 -13.94
CA GLN F 809 -54.24 43.72 -14.75
C GLN F 809 -54.17 44.14 -16.22
N PRO F 810 -55.26 44.53 -16.88
CA PRO F 810 -55.13 44.95 -18.29
C PRO F 810 -54.15 46.10 -18.48
N ASP F 811 -54.27 47.15 -17.68
CA ASP F 811 -53.37 48.29 -17.81
C ASP F 811 -51.93 47.90 -17.49
N ILE F 812 -51.74 47.03 -16.49
CA ILE F 812 -50.39 46.57 -16.17
C ILE F 812 -49.78 45.83 -17.35
N ASP F 813 -50.58 44.98 -18.02
CA ASP F 813 -50.07 44.25 -19.16
C ASP F 813 -49.89 45.13 -20.39
N ILE F 814 -50.55 46.29 -20.44
CA ILE F 814 -50.35 47.21 -21.56
C ILE F 814 -49.00 47.92 -21.46
N LEU F 815 -48.46 48.06 -20.25
CA LEU F 815 -47.21 48.76 -20.02
C LEU F 815 -46.07 48.16 -20.86
N PRO F 816 -44.99 48.92 -21.07
CA PRO F 816 -43.88 48.38 -21.88
C PRO F 816 -43.29 47.09 -21.33
N HIS F 817 -43.02 47.04 -20.03
CA HIS F 817 -42.67 45.81 -19.34
C HIS F 817 -43.93 45.25 -18.72
N GLY F 818 -44.26 43.99 -19.08
CA GLY F 818 -45.50 43.39 -18.61
C GLY F 818 -45.68 43.48 -17.11
N ASP F 819 -44.60 43.44 -16.36
CA ASP F 819 -44.62 43.70 -14.92
C ASP F 819 -43.23 44.14 -14.51
N GLN F 820 -43.08 44.46 -13.23
CA GLN F 820 -41.83 44.96 -12.67
C GLN F 820 -41.34 46.20 -13.41
N THR F 821 -42.24 46.91 -14.06
CA THR F 821 -41.89 48.17 -14.70
C THR F 821 -41.43 49.17 -13.64
N GLN F 822 -40.26 49.77 -13.86
CA GLN F 822 -39.68 50.69 -12.89
C GLN F 822 -40.52 51.96 -12.88
N ILE F 823 -41.38 52.08 -11.88
CA ILE F 823 -42.22 53.27 -11.75
C ILE F 823 -41.34 54.48 -11.54
N GLY F 824 -41.46 55.46 -12.43
CA GLY F 824 -40.69 56.68 -12.33
C GLY F 824 -40.95 57.44 -11.03
N GLU F 825 -40.21 58.53 -10.83
CA GLU F 825 -40.32 59.30 -9.61
C GLU F 825 -41.71 59.92 -9.48
N ARG F 826 -42.44 59.53 -8.43
CA ARG F 826 -43.80 59.97 -8.11
C ARG F 826 -44.84 59.35 -9.05
N GLY F 827 -44.38 58.61 -10.06
CA GLY F 827 -45.27 57.96 -10.99
C GLY F 827 -45.66 58.80 -12.19
N ILE F 828 -44.67 59.42 -12.83
CA ILE F 828 -44.96 60.29 -13.96
C ILE F 828 -45.39 59.48 -15.17
N ASN F 829 -44.75 58.33 -15.42
CA ASN F 829 -45.12 57.46 -16.52
C ASN F 829 -46.37 56.63 -16.23
N LEU F 830 -47.13 57.00 -15.20
CA LEU F 830 -48.43 56.41 -14.90
C LEU F 830 -49.51 57.49 -15.05
N SER F 831 -50.75 57.03 -15.17
CA SER F 831 -51.88 57.93 -15.38
C SER F 831 -52.47 58.35 -14.03
N GLY F 832 -53.59 59.08 -14.07
CA GLY F 832 -54.20 59.52 -12.83
C GLY F 832 -54.84 58.39 -12.05
N GLY F 833 -55.69 57.61 -12.71
CA GLY F 833 -56.36 56.52 -12.02
C GLY F 833 -55.46 55.36 -11.69
N GLN F 834 -54.39 55.18 -12.46
CA GLN F 834 -53.48 54.05 -12.22
C GLN F 834 -52.81 54.14 -10.86
N ARG F 835 -52.31 55.33 -10.50
CA ARG F 835 -51.63 55.49 -9.22
C ARG F 835 -52.60 55.28 -8.06
N GLN F 836 -53.85 55.75 -8.21
CA GLN F 836 -54.84 55.54 -7.16
C GLN F 836 -55.15 54.05 -6.99
N ARG F 837 -55.35 53.36 -8.11
CA ARG F 837 -55.59 51.92 -8.04
C ARG F 837 -54.42 51.19 -7.42
N ILE F 838 -53.19 51.64 -7.69
CA ILE F 838 -52.02 50.98 -7.13
C ILE F 838 -51.92 51.23 -5.63
N SER F 839 -52.22 52.44 -5.18
CA SER F 839 -52.21 52.71 -3.74
C SER F 839 -53.29 51.88 -3.03
N VAL F 840 -54.48 51.79 -3.64
CA VAL F 840 -55.54 51.00 -3.03
C VAL F 840 -55.17 49.52 -3.01
N ALA F 841 -54.48 49.05 -4.06
CA ALA F 841 -54.00 47.67 -4.07
C ALA F 841 -52.99 47.43 -2.95
N ARG F 842 -52.09 48.38 -2.73
CA ARG F 842 -51.14 48.24 -1.63
C ARG F 842 -51.87 48.14 -0.29
N ALA F 843 -52.79 49.06 -0.04
CA ALA F 843 -53.50 49.06 1.24
C ALA F 843 -54.45 47.87 1.38
N LEU F 844 -54.85 47.27 0.28
CA LEU F 844 -55.78 46.14 0.30
C LEU F 844 -55.07 44.79 0.36
N TYR F 845 -53.80 44.73 -0.08
CA TYR F 845 -53.05 43.49 -0.09
C TYR F 845 -52.47 43.17 1.28
N GLN F 846 -52.18 44.18 2.08
CA GLN F 846 -51.50 43.95 3.35
C GLN F 846 -52.43 43.30 4.36
N GLN F 847 -51.83 42.53 5.26
CA GLN F 847 -52.56 41.87 6.34
C GLN F 847 -52.64 42.80 7.54
N THR F 848 -53.86 43.16 7.93
CA THR F 848 -54.09 44.03 9.08
C THR F 848 -55.56 43.96 9.47
N ASN F 849 -55.87 44.58 10.61
CA ASN F 849 -57.25 44.65 11.07
C ASN F 849 -58.02 45.78 10.41
N VAL F 850 -57.57 47.01 10.62
CA VAL F 850 -58.31 48.20 10.22
C VAL F 850 -57.69 48.76 8.94
N VAL F 851 -58.53 49.09 7.97
CA VAL F 851 -58.08 49.72 6.73
C VAL F 851 -58.84 51.03 6.55
N PHE F 852 -58.10 52.12 6.39
CA PHE F 852 -58.66 53.43 6.09
C PHE F 852 -58.46 53.73 4.61
N LEU F 853 -59.55 54.11 3.93
CA LEU F 853 -59.50 54.46 2.51
C LEU F 853 -60.00 55.89 2.36
N ASP F 854 -59.09 56.78 1.95
CA ASP F 854 -59.31 58.22 1.92
C ASP F 854 -59.68 58.62 0.49
N ASP F 855 -60.97 58.50 0.16
CA ASP F 855 -61.53 58.75 -1.17
C ASP F 855 -60.76 57.97 -2.23
N PRO F 856 -60.91 56.65 -2.28
CA PRO F 856 -60.20 55.88 -3.31
C PRO F 856 -60.95 55.85 -4.64
N PHE F 857 -61.93 56.74 -4.80
CA PHE F 857 -62.78 56.74 -6.00
C PHE F 857 -62.75 58.06 -6.74
N SER F 858 -61.79 58.94 -6.46
CA SER F 858 -61.75 60.23 -7.14
C SER F 858 -61.37 60.07 -8.60
N ALA F 859 -60.26 59.38 -8.88
CA ALA F 859 -59.74 59.25 -10.23
C ALA F 859 -60.22 57.97 -10.92
N LEU F 860 -61.41 57.50 -10.60
CA LEU F 860 -62.01 56.36 -11.29
C LEU F 860 -63.36 56.74 -11.87
N ASP F 861 -63.80 55.98 -12.86
CA ASP F 861 -65.06 56.21 -13.54
C ASP F 861 -66.18 55.50 -12.77
N VAL F 862 -67.36 55.42 -13.38
CA VAL F 862 -68.48 54.72 -12.74
C VAL F 862 -68.22 53.22 -12.71
N HIS F 863 -67.80 52.66 -13.83
CA HIS F 863 -67.76 51.20 -13.96
C HIS F 863 -66.60 50.59 -13.18
N LEU F 864 -65.42 51.21 -13.27
CA LEU F 864 -64.28 50.73 -12.48
C LEU F 864 -64.55 50.87 -10.99
N SER F 865 -65.20 51.97 -10.58
CA SER F 865 -65.56 52.13 -9.18
C SER F 865 -66.54 51.06 -8.73
N ASP F 866 -67.55 50.76 -9.56
CA ASP F 866 -68.50 49.71 -9.22
C ASP F 866 -67.79 48.37 -9.05
N HIS F 867 -66.95 48.00 -10.01
CA HIS F 867 -66.26 46.71 -9.94
C HIS F 867 -65.33 46.64 -8.74
N LEU F 868 -64.60 47.73 -8.46
CA LEU F 868 -63.68 47.73 -7.33
C LEU F 868 -64.41 47.65 -6.00
N MET F 869 -65.49 48.42 -5.86
CA MET F 869 -66.25 48.39 -4.61
C MET F 869 -66.93 47.05 -4.42
N GLN F 870 -67.37 46.41 -5.51
CA GLN F 870 -68.05 45.12 -5.37
C GLN F 870 -67.08 44.00 -5.09
N ALA F 871 -65.90 44.03 -5.72
CA ALA F 871 -64.97 42.90 -5.64
C ALA F 871 -64.09 42.98 -4.39
N GLY F 872 -63.40 44.10 -4.19
CA GLY F 872 -62.46 44.19 -3.10
C GLY F 872 -63.05 44.56 -1.76
N ILE F 873 -63.97 45.52 -1.77
CA ILE F 873 -64.52 46.04 -0.52
C ILE F 873 -65.57 45.10 0.06
N LEU F 874 -66.46 44.59 -0.78
CA LEU F 874 -67.56 43.77 -0.29
C LEU F 874 -67.26 42.28 -0.32
N GLU F 875 -66.51 41.81 -1.32
CA GLU F 875 -66.21 40.38 -1.42
C GLU F 875 -64.87 40.04 -0.77
N LEU F 876 -63.84 40.83 -1.04
CA LEU F 876 -62.49 40.45 -0.58
C LEU F 876 -62.23 40.92 0.84
N LEU F 877 -62.57 42.18 1.14
CA LEU F 877 -62.39 42.70 2.49
C LEU F 877 -63.33 42.00 3.47
N ARG F 878 -64.63 42.10 3.22
CA ARG F 878 -65.64 41.52 4.09
C ARG F 878 -65.52 40.01 4.22
N ASP F 879 -64.67 39.38 3.40
CA ASP F 879 -64.42 37.95 3.54
C ASP F 879 -63.78 37.65 4.89
N ASP F 880 -62.60 38.23 5.15
CA ASP F 880 -61.89 38.00 6.41
C ASP F 880 -62.49 38.75 7.58
N LYS F 881 -63.61 39.45 7.38
CA LYS F 881 -64.27 40.22 8.43
C LYS F 881 -63.33 41.26 9.03
N ARG F 882 -62.56 41.93 8.17
CA ARG F 882 -61.73 43.03 8.61
C ARG F 882 -62.60 44.27 8.90
N THR F 883 -61.96 45.29 9.44
CA THR F 883 -62.62 46.57 9.71
C THR F 883 -62.27 47.57 8.62
N VAL F 884 -63.28 48.23 8.07
CA VAL F 884 -63.11 49.14 6.93
C VAL F 884 -63.69 50.50 7.29
N VAL F 885 -62.90 51.55 7.17
CA VAL F 885 -63.35 52.92 7.30
C VAL F 885 -63.06 53.61 5.97
N LEU F 886 -64.12 53.83 5.19
CA LEU F 886 -63.97 54.36 3.83
C LEU F 886 -64.71 55.68 3.74
N VAL F 887 -64.01 56.72 3.29
CA VAL F 887 -64.54 58.07 3.26
C VAL F 887 -64.64 58.52 1.82
N THR F 888 -65.86 58.71 1.33
CA THR F 888 -66.07 59.15 -0.04
C THR F 888 -67.48 59.74 -0.14
N HIS F 889 -67.98 59.89 -1.36
CA HIS F 889 -69.35 60.35 -1.57
C HIS F 889 -69.85 59.78 -2.89
N LYS F 890 -70.59 58.66 -2.80
CA LYS F 890 -71.26 58.07 -3.95
C LYS F 890 -72.60 57.52 -3.49
N LEU F 891 -73.39 57.06 -4.45
CA LEU F 891 -74.72 56.53 -4.17
C LEU F 891 -74.71 55.05 -3.83
N GLN F 892 -73.88 54.26 -4.52
CA GLN F 892 -73.93 52.81 -4.37
C GLN F 892 -73.48 52.36 -2.99
N TYR F 893 -72.62 53.12 -2.33
CA TYR F 893 -71.95 52.64 -1.14
C TYR F 893 -72.84 52.72 0.09
N LEU F 894 -73.73 53.71 0.14
CA LEU F 894 -74.54 53.92 1.34
C LEU F 894 -75.38 52.71 1.73
N PRO F 895 -76.14 52.07 0.83
CA PRO F 895 -76.93 50.91 1.25
C PRO F 895 -76.10 49.68 1.60
N HIS F 896 -74.77 49.75 1.47
CA HIS F 896 -73.91 48.61 1.78
C HIS F 896 -73.24 48.70 3.15
N ALA F 897 -73.09 49.90 3.70
CA ALA F 897 -72.34 50.07 4.93
C ALA F 897 -73.26 49.99 6.16
N ASP F 898 -72.64 49.79 7.32
CA ASP F 898 -73.34 49.65 8.58
C ASP F 898 -73.45 50.94 9.37
N TRP F 899 -72.43 51.80 9.34
CA TRP F 899 -72.47 53.05 10.09
C TRP F 899 -72.25 54.23 9.16
N ILE F 900 -72.89 55.35 9.47
CA ILE F 900 -72.78 56.56 8.68
C ILE F 900 -72.44 57.72 9.60
N ILE F 901 -71.46 58.53 9.22
CA ILE F 901 -70.97 59.62 10.06
C ILE F 901 -70.99 60.92 9.26
N ALA F 902 -71.88 61.83 9.62
CA ALA F 902 -72.05 63.10 8.92
C ALA F 902 -71.24 64.19 9.63
N MET F 903 -70.33 64.81 8.89
CA MET F 903 -69.48 65.87 9.42
C MET F 903 -69.89 67.22 8.84
N LYS F 904 -69.72 68.26 9.64
CA LYS F 904 -70.02 69.63 9.19
C LYS F 904 -69.21 70.60 10.03
N ASP F 905 -68.30 71.34 9.40
CA ASP F 905 -67.47 72.34 10.06
C ASP F 905 -66.70 71.76 11.24
N GLY F 906 -66.20 70.54 11.06
CA GLY F 906 -65.44 69.89 12.11
C GLY F 906 -66.26 69.29 13.23
N THR F 907 -67.57 69.12 13.02
CA THR F 907 -68.46 68.56 14.03
C THR F 907 -69.32 67.47 13.40
N ILE F 908 -69.68 66.49 14.22
CA ILE F 908 -70.51 65.37 13.78
C ILE F 908 -71.97 65.80 13.90
N GLN F 909 -72.64 65.95 12.75
CA GLN F 909 -74.01 66.45 12.76
C GLN F 909 -74.95 65.44 13.41
N ARG F 910 -75.07 64.25 12.81
CA ARG F 910 -75.83 63.15 13.37
C ARG F 910 -74.90 61.95 13.53
N GLU F 911 -75.45 60.83 13.98
CA GLU F 911 -74.60 59.67 14.23
C GLU F 911 -75.42 58.40 14.30
N GLY F 912 -74.85 57.30 13.80
CA GLY F 912 -75.35 55.97 14.05
C GLY F 912 -75.43 55.12 12.80
N THR F 913 -76.25 54.08 12.89
CA THR F 913 -76.55 53.19 11.78
C THR F 913 -77.55 53.84 10.83
N LEU F 914 -77.99 53.09 9.81
CA LEU F 914 -78.82 53.66 8.77
C LEU F 914 -80.24 53.91 9.26
N LYS F 915 -80.86 52.92 9.88
CA LYS F 915 -82.26 53.03 10.28
C LYS F 915 -82.47 54.13 11.32
N ASP F 916 -81.62 54.14 12.35
CA ASP F 916 -81.72 55.19 13.36
C ASP F 916 -81.41 56.57 12.78
N PHE F 917 -80.51 56.62 11.79
CA PHE F 917 -80.24 57.89 11.12
C PHE F 917 -81.44 58.36 10.31
N GLN F 918 -82.21 57.43 9.75
CA GLN F 918 -83.40 57.81 8.99
C GLN F 918 -84.61 58.06 9.87
N ARG F 919 -84.57 57.61 11.13
CA ARG F 919 -85.63 57.92 12.09
C ARG F 919 -85.33 59.16 12.91
N SER F 920 -84.13 59.73 12.82
CA SER F 920 -83.78 60.91 13.58
C SER F 920 -84.14 62.18 12.81
N GLU F 921 -84.01 63.31 13.49
CA GLU F 921 -84.35 64.61 12.89
C GLU F 921 -83.27 65.08 11.93
N ARG F 999 -18.67 68.57 -28.31
CA ARG F 999 -19.91 69.33 -28.37
C ARG F 999 -20.21 69.97 -27.03
N ALA F 1000 -19.23 69.95 -26.13
CA ALA F 1000 -19.39 70.48 -24.79
C ALA F 1000 -18.47 71.65 -24.50
N CYS F 1001 -17.16 71.49 -24.73
CA CYS F 1001 -16.21 72.56 -24.42
C CYS F 1001 -16.23 73.67 -25.45
N THR F 1002 -16.65 73.37 -26.69
CA THR F 1002 -16.67 74.38 -27.74
C THR F 1002 -17.58 75.55 -27.38
N LYS F 1003 -18.85 75.25 -27.07
CA LYS F 1003 -19.79 76.31 -26.73
C LYS F 1003 -19.47 76.94 -25.38
N TYR F 1004 -18.85 76.18 -24.47
CA TYR F 1004 -18.39 76.77 -23.22
C TYR F 1004 -17.35 77.86 -23.46
N LEU F 1005 -16.32 77.54 -24.24
CA LEU F 1005 -15.29 78.53 -24.55
C LEU F 1005 -15.86 79.66 -25.41
N SER F 1006 -16.87 79.38 -26.23
CA SER F 1006 -17.48 80.44 -27.03
C SER F 1006 -18.27 81.41 -26.16
N SER F 1007 -18.99 80.88 -25.16
CA SER F 1007 -19.67 81.75 -24.20
C SER F 1007 -18.69 82.51 -23.33
N ALA F 1008 -17.52 81.92 -23.05
CA ALA F 1008 -16.49 82.63 -22.32
C ALA F 1008 -16.02 83.86 -23.10
N GLY F 1009 -15.95 83.74 -24.42
CA GLY F 1009 -15.53 84.84 -25.27
C GLY F 1009 -14.14 84.67 -25.85
N ILE F 1010 -14.05 84.71 -27.19
CA ILE F 1010 -12.76 84.53 -27.86
C ILE F 1010 -11.77 85.64 -27.56
N LEU F 1011 -12.22 86.75 -26.97
CA LEU F 1011 -11.34 87.85 -26.60
C LEU F 1011 -10.92 87.80 -25.14
N LEU F 1012 -11.73 87.20 -24.27
CA LEU F 1012 -11.44 87.21 -22.84
C LEU F 1012 -10.56 86.06 -22.40
N LEU F 1013 -10.88 84.83 -22.83
CA LEU F 1013 -10.02 83.70 -22.49
C LEU F 1013 -8.65 83.82 -23.15
N SER F 1014 -8.60 84.40 -24.34
CA SER F 1014 -7.32 84.63 -25.00
C SER F 1014 -6.47 85.61 -24.20
N LEU F 1015 -7.07 86.71 -23.75
CA LEU F 1015 -6.36 87.65 -22.88
C LEU F 1015 -5.93 86.99 -21.58
N LEU F 1016 -6.77 86.08 -21.06
CA LEU F 1016 -6.44 85.34 -19.85
C LEU F 1016 -5.17 84.52 -20.04
N VAL F 1017 -5.14 83.69 -21.08
CA VAL F 1017 -3.97 82.84 -21.34
C VAL F 1017 -2.74 83.71 -21.61
N PHE F 1018 -2.90 84.77 -22.40
CA PHE F 1018 -1.77 85.64 -22.72
C PHE F 1018 -1.18 86.27 -21.46
N SER F 1019 -2.04 86.80 -20.59
CA SER F 1019 -1.56 87.44 -19.37
C SER F 1019 -0.89 86.44 -18.44
N GLN F 1020 -1.46 85.23 -18.33
CA GLN F 1020 -0.84 84.20 -17.51
C GLN F 1020 0.57 83.88 -18.00
N LEU F 1021 0.71 83.61 -19.30
CA LEU F 1021 2.01 83.28 -19.85
C LEU F 1021 3.00 84.41 -19.66
N LEU F 1022 2.56 85.66 -19.87
CA LEU F 1022 3.45 86.80 -19.72
C LEU F 1022 3.93 86.96 -18.28
N LYS F 1023 3.00 86.84 -17.33
CA LYS F 1023 3.38 86.90 -15.92
C LYS F 1023 4.41 85.84 -15.57
N HIS F 1024 4.19 84.60 -16.03
CA HIS F 1024 5.14 83.57 -15.63
C HIS F 1024 6.50 83.73 -16.31
N MET F 1025 6.51 84.23 -17.55
CA MET F 1025 7.79 84.54 -18.18
C MET F 1025 8.54 85.59 -17.37
N VAL F 1026 7.85 86.63 -16.93
CA VAL F 1026 8.50 87.66 -16.09
C VAL F 1026 9.04 87.03 -14.81
N LEU F 1027 8.26 86.15 -14.18
CA LEU F 1027 8.66 85.57 -12.89
C LEU F 1027 9.91 84.72 -13.05
N VAL F 1028 9.97 83.88 -14.08
CA VAL F 1028 11.16 83.05 -14.24
C VAL F 1028 12.36 83.91 -14.63
N ALA F 1029 12.14 84.94 -15.47
CA ALA F 1029 13.25 85.75 -15.94
C ALA F 1029 13.89 86.54 -14.81
N ILE F 1030 13.09 87.11 -13.90
CA ILE F 1030 13.65 87.91 -12.83
C ILE F 1030 14.51 87.04 -11.91
N ASP F 1031 14.05 85.81 -11.64
CA ASP F 1031 14.82 84.91 -10.80
C ASP F 1031 16.12 84.49 -11.47
N TYR F 1032 16.09 84.22 -12.78
CA TYR F 1032 17.32 83.83 -13.47
C TYR F 1032 18.33 84.99 -13.50
N TRP F 1033 17.84 86.20 -13.78
CA TRP F 1033 18.70 87.38 -13.76
C TRP F 1033 19.30 87.60 -12.38
N LEU F 1034 18.47 87.49 -11.33
CA LEU F 1034 18.97 87.64 -9.96
C LEU F 1034 20.01 86.59 -9.62
N ALA F 1035 19.82 85.36 -10.11
CA ALA F 1035 20.80 84.30 -9.87
C ALA F 1035 22.13 84.65 -10.51
N LYS F 1036 22.11 85.08 -11.77
CA LYS F 1036 23.34 85.45 -12.44
C LYS F 1036 23.98 86.69 -11.82
N TRP F 1037 23.19 87.52 -11.15
CA TRP F 1037 23.77 88.70 -10.51
C TRP F 1037 24.36 88.38 -9.14
N THR F 1038 23.73 87.47 -8.39
CA THR F 1038 24.09 87.27 -7.00
C THR F 1038 25.47 86.68 -6.84
N ASP F 1039 25.81 85.69 -7.67
CA ASP F 1039 27.11 85.04 -7.54
C ASP F 1039 28.27 85.96 -7.89
N SER F 1040 28.00 87.18 -8.37
CA SER F 1040 29.06 88.14 -8.64
C SER F 1040 29.65 88.70 -7.35
N ASP F 1060 28.05 97.73 -13.53
CA ASP F 1060 26.66 97.87 -13.93
C ASP F 1060 25.73 97.44 -12.80
N GLN F 1061 26.11 97.75 -11.56
CA GLN F 1061 25.27 97.41 -10.42
C GLN F 1061 23.97 98.20 -10.43
N SER F 1062 24.05 99.50 -10.72
CA SER F 1062 22.83 100.30 -10.84
C SER F 1062 21.93 99.81 -11.97
N VAL F 1063 22.54 99.30 -13.04
CA VAL F 1063 21.76 98.73 -14.13
C VAL F 1063 20.91 97.57 -13.62
N TYR F 1064 21.52 96.64 -12.90
CA TYR F 1064 20.78 95.52 -12.34
C TYR F 1064 19.75 95.98 -11.33
N ALA F 1065 20.09 97.01 -10.54
CA ALA F 1065 19.14 97.51 -9.55
C ALA F 1065 17.88 98.03 -10.24
N MET F 1066 18.05 98.81 -11.30
CA MET F 1066 16.89 99.31 -12.04
C MET F 1066 16.12 98.17 -12.70
N VAL F 1067 16.83 97.17 -13.24
CA VAL F 1067 16.15 96.03 -13.87
C VAL F 1067 15.30 95.29 -12.84
N PHE F 1068 15.86 95.05 -11.66
CA PHE F 1068 15.14 94.36 -10.60
C PHE F 1068 13.92 95.15 -10.15
N THR F 1069 14.08 96.47 -9.96
CA THR F 1069 12.97 97.31 -9.54
C THR F 1069 11.88 97.38 -10.61
N LEU F 1070 12.26 97.33 -11.89
CA LEU F 1070 11.28 97.34 -12.96
C LEU F 1070 10.51 96.02 -13.02
N LEU F 1071 11.22 94.91 -12.92
CA LEU F 1071 10.56 93.60 -12.98
C LEU F 1071 9.65 93.38 -11.78
N CYS F 1072 10.00 93.93 -10.61
CA CYS F 1072 9.18 93.72 -9.43
C CYS F 1072 7.84 94.45 -9.51
N SER F 1073 7.72 95.47 -10.37
CA SER F 1073 6.44 96.11 -10.62
C SER F 1073 5.71 95.46 -11.80
N LEU F 1074 6.48 95.05 -12.83
CA LEU F 1074 5.88 94.32 -13.94
C LEU F 1074 5.15 93.08 -13.43
N GLY F 1075 5.79 92.32 -12.53
CA GLY F 1075 5.17 91.09 -12.04
C GLY F 1075 3.81 91.32 -11.43
N ILE F 1076 3.70 92.33 -10.55
CA ILE F 1076 2.44 92.57 -9.86
C ILE F 1076 1.38 93.09 -10.82
N VAL F 1077 1.78 93.95 -11.77
CA VAL F 1077 0.81 94.43 -12.76
C VAL F 1077 0.21 93.25 -13.52
N LEU F 1078 1.07 92.38 -14.07
CA LEU F 1078 0.60 91.28 -14.89
C LEU F 1078 -0.26 90.31 -14.08
N CYS F 1079 0.14 90.01 -12.83
CA CYS F 1079 -0.63 89.06 -12.03
C CYS F 1079 -2.00 89.60 -11.67
N LEU F 1080 -2.07 90.89 -11.28
CA LEU F 1080 -3.36 91.51 -11.01
C LEU F 1080 -4.27 91.43 -12.23
N VAL F 1081 -3.72 91.71 -13.41
CA VAL F 1081 -4.52 91.62 -14.63
C VAL F 1081 -5.05 90.20 -14.81
N THR F 1082 -4.19 89.19 -14.59
CA THR F 1082 -4.62 87.80 -14.74
C THR F 1082 -5.81 87.50 -13.85
N SER F 1083 -5.70 87.85 -12.56
CA SER F 1083 -6.78 87.51 -11.62
C SER F 1083 -8.09 88.17 -12.03
N VAL F 1084 -8.04 89.47 -12.35
CA VAL F 1084 -9.26 90.17 -12.76
C VAL F 1084 -9.91 89.47 -13.95
N THR F 1085 -9.11 89.14 -14.96
CA THR F 1085 -9.64 88.51 -16.16
C THR F 1085 -10.29 87.17 -15.85
N VAL F 1086 -9.66 86.36 -14.99
CA VAL F 1086 -10.22 85.05 -14.64
C VAL F 1086 -11.60 85.20 -14.01
N GLU F 1087 -11.72 86.13 -13.05
CA GLU F 1087 -13.02 86.30 -12.40
C GLU F 1087 -14.10 86.74 -13.39
N TRP F 1088 -13.75 87.68 -14.27
CA TRP F 1088 -14.71 88.15 -15.28
C TRP F 1088 -15.20 86.98 -16.14
N THR F 1089 -14.26 86.14 -16.60
CA THR F 1089 -14.62 84.98 -17.42
C THR F 1089 -15.61 84.07 -16.70
N GLY F 1090 -15.31 83.76 -15.43
CA GLY F 1090 -16.20 82.89 -14.68
C GLY F 1090 -17.62 83.43 -14.60
N LEU F 1091 -17.75 84.73 -14.28
CA LEU F 1091 -19.08 85.31 -14.17
C LEU F 1091 -19.84 85.21 -15.49
N LYS F 1092 -19.18 85.54 -16.59
CA LYS F 1092 -19.87 85.51 -17.89
C LYS F 1092 -20.36 84.11 -18.21
N VAL F 1093 -19.50 83.11 -18.01
CA VAL F 1093 -19.92 81.73 -18.28
C VAL F 1093 -21.16 81.39 -17.45
N ALA F 1094 -21.10 81.69 -16.15
CA ALA F 1094 -22.22 81.38 -15.28
C ALA F 1094 -23.54 81.93 -15.83
N LYS F 1095 -23.59 83.24 -16.07
CA LYS F 1095 -24.90 83.80 -16.37
C LYS F 1095 -25.38 83.41 -17.77
N ARG F 1096 -24.48 83.32 -18.76
CA ARG F 1096 -24.94 82.91 -20.09
C ARG F 1096 -25.46 81.47 -20.07
N LEU F 1097 -24.77 80.58 -19.35
CA LEU F 1097 -25.23 79.20 -19.27
C LEU F 1097 -26.60 79.11 -18.60
N HIS F 1098 -26.83 79.86 -17.54
CA HIS F 1098 -28.13 79.77 -16.86
C HIS F 1098 -29.25 80.30 -17.76
N ARG F 1099 -29.03 81.46 -18.39
CA ARG F 1099 -30.05 82.02 -19.28
C ARG F 1099 -30.37 81.06 -20.42
N SER F 1100 -29.34 80.41 -20.99
CA SER F 1100 -29.59 79.43 -22.03
C SER F 1100 -30.40 78.24 -21.50
N LEU F 1101 -30.06 77.76 -20.30
CA LEU F 1101 -30.72 76.58 -19.76
C LEU F 1101 -32.21 76.82 -19.56
N LEU F 1102 -32.57 77.97 -18.97
CA LEU F 1102 -33.97 78.17 -18.64
C LEU F 1102 -34.84 78.31 -19.90
N ASN F 1103 -34.36 79.05 -20.89
CA ASN F 1103 -35.12 79.20 -22.13
C ASN F 1103 -35.03 77.98 -23.03
N ARG F 1104 -34.08 77.06 -22.78
CA ARG F 1104 -34.14 75.77 -23.46
C ARG F 1104 -35.19 74.87 -22.82
N ILE F 1105 -35.36 74.95 -21.49
CA ILE F 1105 -36.37 74.15 -20.83
C ILE F 1105 -37.78 74.69 -21.10
N ILE F 1106 -37.94 76.01 -21.23
CA ILE F 1106 -39.27 76.59 -21.41
C ILE F 1106 -39.85 76.23 -22.77
N LEU F 1107 -39.00 76.16 -23.79
CA LEU F 1107 -39.44 75.89 -25.16
C LEU F 1107 -39.52 74.40 -25.47
N ALA F 1108 -39.72 73.54 -24.42
CA ALA F 1108 -39.79 72.10 -24.57
C ALA F 1108 -41.24 71.63 -24.68
N PRO F 1109 -41.50 70.56 -25.43
CA PRO F 1109 -42.85 70.01 -25.50
C PRO F 1109 -43.18 69.14 -24.30
N MET F 1110 -44.48 68.96 -24.08
CA MET F 1110 -44.94 68.23 -22.90
C MET F 1110 -44.46 66.78 -22.91
N ARG F 1111 -44.28 66.19 -24.09
CA ARG F 1111 -43.77 64.83 -24.17
C ARG F 1111 -42.38 64.72 -23.54
N PHE F 1112 -41.55 65.74 -23.76
CA PHE F 1112 -40.21 65.73 -23.17
C PHE F 1112 -40.28 65.89 -21.65
N PHE F 1113 -41.21 66.70 -21.15
CA PHE F 1113 -41.32 66.90 -19.71
C PHE F 1113 -41.81 65.63 -19.02
N GLU F 1114 -42.79 64.95 -19.61
CA GLU F 1114 -43.26 63.71 -19.00
C GLU F 1114 -42.22 62.61 -19.12
N THR F 1115 -41.53 62.52 -20.26
CA THR F 1115 -40.56 61.45 -20.47
C THR F 1115 -39.41 61.55 -19.47
N THR F 1116 -38.81 62.73 -19.36
CA THR F 1116 -37.60 62.88 -18.56
C THR F 1116 -37.92 62.77 -17.08
N PRO F 1117 -37.13 62.03 -16.31
CA PRO F 1117 -37.26 62.06 -14.85
C PRO F 1117 -36.93 63.44 -14.32
N LEU F 1118 -37.86 64.00 -13.53
CA LEU F 1118 -37.72 65.38 -13.07
C LEU F 1118 -36.64 65.54 -12.02
N GLY F 1119 -36.43 64.52 -11.19
CA GLY F 1119 -35.36 64.58 -10.20
C GLY F 1119 -34.01 64.80 -10.84
N SER F 1120 -33.75 64.12 -11.96
CA SER F 1120 -32.50 64.33 -12.68
C SER F 1120 -32.39 65.76 -13.18
N ILE F 1121 -33.47 66.30 -13.75
CA ILE F 1121 -33.44 67.68 -14.25
C ILE F 1121 -33.09 68.64 -13.13
N LEU F 1122 -33.80 68.54 -12.00
CA LEU F 1122 -33.60 69.49 -10.91
C LEU F 1122 -32.21 69.35 -10.28
N ASN F 1123 -31.76 68.10 -10.05
CA ASN F 1123 -30.46 67.93 -9.40
C ASN F 1123 -29.32 68.35 -10.31
N ARG F 1124 -29.41 68.03 -11.61
CA ARG F 1124 -28.45 68.56 -12.57
C ARG F 1124 -28.43 70.07 -12.53
N PHE F 1125 -29.61 70.69 -12.63
CA PHE F 1125 -29.75 72.14 -12.51
C PHE F 1125 -28.94 72.65 -11.32
N SER F 1126 -29.34 72.26 -10.11
CA SER F 1126 -28.77 72.86 -8.90
C SER F 1126 -27.30 72.54 -8.74
N SER F 1127 -26.92 71.26 -8.84
CA SER F 1127 -25.53 70.86 -8.62
C SER F 1127 -24.61 71.50 -9.65
N ASP F 1128 -24.96 71.41 -10.94
CA ASP F 1128 -24.11 71.97 -11.98
C ASP F 1128 -23.97 73.47 -11.84
N CYS F 1129 -25.09 74.17 -11.62
CA CYS F 1129 -25.02 75.62 -11.51
C CYS F 1129 -24.20 76.05 -10.30
N ASN F 1130 -24.33 75.34 -9.17
CA ASN F 1130 -23.53 75.67 -8.00
C ASN F 1130 -22.05 75.42 -8.24
N THR F 1131 -21.71 74.29 -8.87
CA THR F 1131 -20.31 74.00 -9.18
C THR F 1131 -19.72 75.07 -10.09
N ILE F 1132 -20.44 75.43 -11.14
CA ILE F 1132 -19.95 76.46 -12.08
C ILE F 1132 -19.81 77.81 -11.39
N ASP F 1133 -20.77 78.15 -10.52
CA ASP F 1133 -20.73 79.45 -9.88
C ASP F 1133 -19.60 79.55 -8.86
N GLN F 1134 -19.32 78.47 -8.14
CA GLN F 1134 -18.45 78.58 -6.99
C GLN F 1134 -17.20 77.70 -7.03
N HIS F 1135 -17.17 76.66 -7.86
CA HIS F 1135 -16.00 75.80 -7.93
C HIS F 1135 -15.16 75.98 -9.19
N ILE F 1136 -15.75 76.38 -10.31
CA ILE F 1136 -15.01 76.49 -11.57
C ILE F 1136 -13.97 77.61 -11.54
N PRO F 1137 -14.23 78.82 -10.95
CA PRO F 1137 -13.23 79.89 -11.07
C PRO F 1137 -11.96 79.55 -10.30
N SER F 1138 -12.12 79.20 -9.02
CA SER F 1138 -10.97 78.93 -8.17
C SER F 1138 -10.17 77.74 -8.70
N THR F 1139 -10.86 76.64 -9.01
CA THR F 1139 -10.16 75.44 -9.49
C THR F 1139 -9.46 75.70 -10.82
N LEU F 1140 -10.13 76.37 -11.76
CA LEU F 1140 -9.52 76.65 -13.04
C LEU F 1140 -8.29 77.54 -12.89
N GLU F 1141 -8.37 78.58 -12.05
CA GLU F 1141 -7.23 79.47 -11.90
C GLU F 1141 -6.07 78.77 -11.20
N CYS F 1142 -6.36 77.96 -10.16
CA CYS F 1142 -5.28 77.21 -9.51
C CYS F 1142 -4.62 76.23 -10.47
N LEU F 1143 -5.43 75.60 -11.32
CA LEU F 1143 -4.87 74.68 -12.33
C LEU F 1143 -3.94 75.41 -13.29
N SER F 1144 -4.37 76.57 -13.78
CA SER F 1144 -3.51 77.35 -14.69
C SER F 1144 -2.21 77.76 -13.99
N ARG F 1145 -2.32 78.27 -12.77
CA ARG F 1145 -1.11 78.64 -12.02
C ARG F 1145 -0.17 77.46 -11.86
N SER F 1146 -0.71 76.28 -11.52
CA SER F 1146 0.14 75.12 -11.28
C SER F 1146 0.81 74.63 -12.57
N THR F 1147 0.08 74.60 -13.68
CA THR F 1147 0.69 74.17 -14.95
C THR F 1147 1.78 75.13 -15.40
N LEU F 1148 1.59 76.44 -15.20
CA LEU F 1148 2.63 77.40 -15.57
C LEU F 1148 3.84 77.27 -14.64
N LEU F 1149 3.61 76.99 -13.36
CA LEU F 1149 4.73 76.74 -12.44
C LEU F 1149 5.52 75.50 -12.88
N CYS F 1150 4.82 74.44 -13.28
CA CYS F 1150 5.51 73.23 -13.75
C CYS F 1150 6.33 73.52 -15.00
N VAL F 1151 5.77 74.28 -15.94
CA VAL F 1151 6.51 74.64 -17.15
C VAL F 1151 7.78 75.41 -16.79
N SER F 1152 7.64 76.42 -15.92
CA SER F 1152 8.79 77.21 -15.49
C SER F 1152 9.85 76.33 -14.85
N ALA F 1153 9.45 75.41 -13.97
CA ALA F 1153 10.43 74.58 -13.27
C ALA F 1153 11.16 73.65 -14.24
N LEU F 1154 10.43 73.00 -15.14
CA LEU F 1154 11.08 72.13 -16.12
C LEU F 1154 12.05 72.93 -16.97
N THR F 1155 11.63 74.11 -17.45
CA THR F 1155 12.50 74.91 -18.29
C THR F 1155 13.76 75.35 -17.54
N VAL F 1156 13.61 75.73 -16.27
CA VAL F 1156 14.78 76.15 -15.49
C VAL F 1156 15.75 74.99 -15.30
N ILE F 1157 15.24 73.82 -14.91
CA ILE F 1157 16.13 72.68 -14.68
C ILE F 1157 16.82 72.28 -15.97
N SER F 1158 16.09 72.34 -17.10
CA SER F 1158 16.73 72.03 -18.37
C SER F 1158 17.83 73.03 -18.71
N TYR F 1159 17.61 74.31 -18.38
CA TYR F 1159 18.63 75.32 -18.69
C TYR F 1159 19.87 75.14 -17.82
N VAL F 1160 19.69 74.84 -16.53
CA VAL F 1160 20.83 74.78 -15.62
C VAL F 1160 21.70 73.57 -15.93
N THR F 1161 21.10 72.46 -16.31
CA THR F 1161 21.83 71.23 -16.66
C THR F 1161 21.27 70.69 -17.96
N PRO F 1162 21.92 70.96 -19.10
CA PRO F 1162 21.46 70.39 -20.38
C PRO F 1162 21.52 68.87 -20.44
N VAL F 1163 22.03 68.20 -19.39
CA VAL F 1163 22.08 66.75 -19.39
C VAL F 1163 20.80 66.11 -18.84
N PHE F 1164 19.99 66.87 -18.10
CA PHE F 1164 18.80 66.30 -17.47
C PHE F 1164 17.82 65.72 -18.49
N LEU F 1165 17.86 66.23 -19.73
CA LEU F 1165 16.98 65.70 -20.78
C LEU F 1165 17.24 64.23 -21.07
N VAL F 1166 18.29 63.64 -20.48
CA VAL F 1166 18.48 62.20 -20.57
C VAL F 1166 17.71 61.44 -19.49
N ALA F 1167 17.35 62.11 -18.39
CA ALA F 1167 16.65 61.46 -17.29
C ALA F 1167 15.17 61.84 -17.21
N LEU F 1168 14.66 62.62 -18.16
CA LEU F 1168 13.28 63.07 -18.11
C LEU F 1168 12.31 62.10 -18.80
N LEU F 1169 12.74 61.48 -19.90
CA LEU F 1169 11.86 60.58 -20.62
C LEU F 1169 11.43 59.36 -19.81
N PRO F 1170 12.30 58.69 -19.03
CA PRO F 1170 11.80 57.58 -18.20
C PRO F 1170 10.76 58.02 -17.18
N LEU F 1171 11.01 59.18 -16.53
CA LEU F 1171 10.01 59.74 -15.64
C LEU F 1171 8.68 59.94 -16.35
N ALA F 1172 8.71 60.57 -17.53
CA ALA F 1172 7.49 60.82 -18.28
C ALA F 1172 6.79 59.52 -18.65
N VAL F 1173 7.56 58.49 -19.03
CA VAL F 1173 6.95 57.24 -19.47
C VAL F 1173 6.27 56.54 -18.30
N VAL F 1174 6.97 56.41 -17.17
CA VAL F 1174 6.38 55.74 -16.01
C VAL F 1174 5.16 56.51 -15.51
N CYS F 1175 5.27 57.84 -15.43
CA CYS F 1175 4.14 58.65 -14.99
C CYS F 1175 2.97 58.54 -15.94
N TYR F 1176 3.24 58.48 -17.25
CA TYR F 1176 2.17 58.35 -18.24
C TYR F 1176 1.45 57.03 -18.09
N PHE F 1177 2.20 55.94 -17.92
CA PHE F 1177 1.58 54.63 -17.75
C PHE F 1177 0.75 54.57 -16.48
N ILE F 1178 1.27 55.12 -15.38
CA ILE F 1178 0.50 55.05 -14.14
C ILE F 1178 -0.73 55.94 -14.22
N GLN F 1179 -0.64 57.09 -14.90
CA GLN F 1179 -1.81 57.94 -15.08
C GLN F 1179 -2.87 57.24 -15.93
N LYS F 1180 -2.43 56.55 -16.99
CA LYS F 1180 -3.37 55.80 -17.81
C LYS F 1180 -4.07 54.71 -17.00
N TYR F 1181 -3.31 54.00 -16.16
CA TYR F 1181 -3.92 52.96 -15.33
C TYR F 1181 -4.91 53.56 -14.33
N PHE F 1182 -4.57 54.72 -13.76
CA PHE F 1182 -5.46 55.35 -12.80
C PHE F 1182 -6.73 55.87 -13.45
N ARG F 1183 -6.65 56.27 -14.72
CA ARG F 1183 -7.80 56.95 -15.34
C ARG F 1183 -9.02 56.04 -15.40
N VAL F 1184 -8.84 54.78 -15.82
CA VAL F 1184 -9.99 53.90 -16.00
C VAL F 1184 -10.61 53.53 -14.66
N ALA F 1185 -9.77 53.22 -13.67
CA ALA F 1185 -10.29 52.91 -12.34
C ALA F 1185 -11.00 54.11 -11.74
N SER F 1186 -10.47 55.32 -11.96
CA SER F 1186 -11.10 56.52 -11.43
C SER F 1186 -12.45 56.76 -12.09
N ARG F 1187 -12.53 56.61 -13.41
CA ARG F 1187 -13.82 56.76 -14.09
C ARG F 1187 -14.83 55.75 -13.57
N ASP F 1188 -14.40 54.51 -13.37
CA ASP F 1188 -15.31 53.47 -12.87
C ASP F 1188 -15.82 53.82 -11.49
N LEU F 1189 -14.92 54.26 -10.60
CA LEU F 1189 -15.33 54.59 -9.24
C LEU F 1189 -16.28 55.79 -9.22
N GLN F 1190 -16.02 56.80 -10.06
CA GLN F 1190 -16.93 57.95 -10.13
C GLN F 1190 -18.30 57.53 -10.62
N GLN F 1191 -18.35 56.69 -11.66
CA GLN F 1191 -19.63 56.22 -12.17
C GLN F 1191 -20.40 55.44 -11.10
N LEU F 1192 -19.72 54.55 -10.38
CA LEU F 1192 -20.38 53.81 -9.33
C LEU F 1192 -20.85 54.73 -8.20
N ASP F 1193 -20.06 55.77 -7.91
CA ASP F 1193 -20.45 56.75 -6.91
C ASP F 1193 -21.78 57.40 -7.29
N ASP F 1194 -21.90 57.85 -8.55
CA ASP F 1194 -23.14 58.47 -8.99
C ASP F 1194 -24.31 57.49 -8.95
N THR F 1195 -24.08 56.25 -9.40
CA THR F 1195 -25.17 55.28 -9.48
C THR F 1195 -25.63 54.80 -8.11
N THR F 1196 -24.79 54.93 -7.07
CA THR F 1196 -25.29 54.67 -5.73
C THR F 1196 -25.85 55.91 -5.05
N GLN F 1197 -25.37 57.10 -5.43
CA GLN F 1197 -25.84 58.33 -4.81
C GLN F 1197 -27.23 58.75 -5.27
N LEU F 1198 -27.65 58.34 -6.48
CA LEU F 1198 -29.01 58.69 -6.91
C LEU F 1198 -30.09 58.00 -6.08
N PRO F 1199 -30.06 56.67 -5.85
CA PRO F 1199 -31.18 56.03 -5.15
C PRO F 1199 -31.34 56.46 -3.70
N LEU F 1200 -30.26 56.86 -3.04
CA LEU F 1200 -30.37 57.33 -1.66
C LEU F 1200 -31.24 58.58 -1.58
N LEU F 1201 -31.01 59.54 -2.48
CA LEU F 1201 -31.81 60.76 -2.48
C LEU F 1201 -33.23 60.51 -2.97
N SER F 1202 -33.41 59.58 -3.92
CA SER F 1202 -34.77 59.17 -4.28
C SER F 1202 -35.52 58.65 -3.05
N HIS F 1203 -34.86 57.78 -2.28
CA HIS F 1203 -35.46 57.24 -1.06
C HIS F 1203 -35.78 58.33 -0.06
N PHE F 1204 -34.88 59.28 0.12
CA PHE F 1204 -35.13 60.39 1.04
C PHE F 1204 -36.39 61.17 0.64
N ALA F 1205 -36.47 61.56 -0.64
CA ALA F 1205 -37.64 62.31 -1.10
C ALA F 1205 -38.92 61.53 -0.88
N GLU F 1206 -38.92 60.24 -1.25
CA GLU F 1206 -40.14 59.45 -1.15
C GLU F 1206 -40.55 59.24 0.30
N THR F 1207 -39.59 59.08 1.21
CA THR F 1207 -39.92 58.99 2.62
C THR F 1207 -40.50 60.31 3.12
N VAL F 1208 -39.95 61.43 2.65
CA VAL F 1208 -40.42 62.73 3.13
C VAL F 1208 -41.85 63.00 2.69
N GLU F 1209 -42.19 62.63 1.45
CA GLU F 1209 -43.54 62.95 0.99
C GLU F 1209 -44.58 61.96 1.50
N GLY F 1210 -44.31 60.66 1.36
CA GLY F 1210 -45.26 59.65 1.82
C GLY F 1210 -45.19 59.35 3.30
N LEU F 1211 -45.11 60.41 4.11
CA LEU F 1211 -44.89 60.24 5.56
C LEU F 1211 -46.03 59.49 6.22
N THR F 1212 -47.26 59.94 6.00
CA THR F 1212 -48.41 59.42 6.75
C THR F 1212 -48.54 57.92 6.60
N THR F 1213 -48.35 57.38 5.38
CA THR F 1213 -48.50 55.95 5.17
C THR F 1213 -47.45 55.17 5.96
N ILE F 1214 -46.20 55.62 5.90
CA ILE F 1214 -45.11 54.91 6.56
C ILE F 1214 -45.29 54.95 8.07
N ARG F 1215 -45.76 56.07 8.62
CA ARG F 1215 -46.00 56.11 10.05
C ARG F 1215 -47.33 55.50 10.46
N ALA F 1216 -48.20 55.19 9.50
CA ALA F 1216 -49.43 54.46 9.81
C ALA F 1216 -49.16 52.97 9.92
N PHE F 1217 -48.48 52.40 8.92
CA PHE F 1217 -48.13 50.99 8.98
C PHE F 1217 -47.27 50.67 10.20
N ARG F 1218 -46.53 51.67 10.69
CA ARG F 1218 -45.50 51.46 11.71
C ARG F 1218 -44.42 50.50 11.18
N TYR F 1219 -43.96 50.80 9.96
CA TYR F 1219 -42.88 50.09 9.31
C TYR F 1219 -41.52 50.77 9.53
N GLU F 1220 -41.44 51.66 10.52
CA GLU F 1220 -40.29 52.55 10.65
C GLU F 1220 -38.99 51.78 10.81
N ALA F 1221 -39.02 50.62 11.46
CA ALA F 1221 -37.82 49.81 11.58
C ALA F 1221 -37.33 49.34 10.20
N ARG F 1222 -38.26 48.88 9.36
CA ARG F 1222 -37.88 48.43 8.02
C ARG F 1222 -37.27 49.56 7.20
N PHE F 1223 -37.88 50.75 7.26
CA PHE F 1223 -37.37 51.85 6.46
C PHE F 1223 -36.02 52.35 6.96
N GLN F 1224 -35.86 52.40 8.29
CA GLN F 1224 -34.56 52.79 8.83
C GLN F 1224 -33.48 51.79 8.44
N GLN F 1225 -33.80 50.49 8.47
CA GLN F 1225 -32.85 49.47 8.03
C GLN F 1225 -32.49 49.65 6.55
N LYS F 1226 -33.49 49.93 5.72
CA LYS F 1226 -33.24 50.17 4.31
C LYS F 1226 -32.29 51.35 4.12
N LEU F 1227 -32.56 52.47 4.82
CA LEU F 1227 -31.69 53.63 4.69
C LEU F 1227 -30.28 53.33 5.16
N LEU F 1228 -30.15 52.51 6.21
CA LEU F 1228 -28.81 52.11 6.66
C LEU F 1228 -28.07 51.36 5.57
N GLU F 1229 -28.76 50.43 4.90
CA GLU F 1229 -28.16 49.73 3.77
C GLU F 1229 -27.65 50.71 2.71
N TYR F 1230 -28.54 51.60 2.26
CA TYR F 1230 -28.18 52.52 1.17
C TYR F 1230 -27.02 53.44 1.58
N THR F 1231 -27.03 53.95 2.81
CA THR F 1231 -25.98 54.88 3.21
C THR F 1231 -24.65 54.15 3.39
N ASP F 1232 -24.66 52.90 3.82
CA ASP F 1232 -23.41 52.15 3.91
C ASP F 1232 -22.81 51.92 2.52
N SER F 1233 -23.67 51.59 1.53
CA SER F 1233 -23.15 51.43 0.17
C SER F 1233 -22.60 52.74 -0.38
N ASN F 1234 -23.32 53.85 -0.16
CA ASN F 1234 -22.81 55.15 -0.56
C ASN F 1234 -21.45 55.44 0.07
N ASN F 1235 -21.32 55.17 1.37
CA ASN F 1235 -20.07 55.45 2.06
C ASN F 1235 -18.91 54.62 1.50
N ILE F 1236 -19.15 53.33 1.22
CA ILE F 1236 -18.04 52.55 0.70
C ILE F 1236 -17.63 53.01 -0.69
N ALA F 1237 -18.61 53.39 -1.53
CA ALA F 1237 -18.26 53.91 -2.85
C ALA F 1237 -17.39 55.16 -2.74
N SER F 1238 -17.82 56.13 -1.93
CA SER F 1238 -17.04 57.34 -1.73
C SER F 1238 -15.64 57.02 -1.18
N LEU F 1239 -15.58 56.07 -0.25
CA LEU F 1239 -14.30 55.74 0.38
C LEU F 1239 -13.32 55.14 -0.62
N PHE F 1240 -13.81 54.30 -1.53
CA PHE F 1240 -12.90 53.74 -2.52
C PHE F 1240 -12.46 54.80 -3.52
N LEU F 1241 -13.36 55.71 -3.91
CA LEU F 1241 -12.94 56.80 -4.79
C LEU F 1241 -11.81 57.60 -4.17
N THR F 1242 -11.98 58.02 -2.91
CA THR F 1242 -10.94 58.83 -2.31
C THR F 1242 -9.66 58.03 -2.03
N ALA F 1243 -9.78 56.72 -1.81
CA ALA F 1243 -8.58 55.90 -1.60
C ALA F 1243 -7.77 55.78 -2.88
N ALA F 1244 -8.44 55.58 -4.02
CA ALA F 1244 -7.73 55.58 -5.29
C ALA F 1244 -7.07 56.93 -5.55
N ASN F 1245 -7.78 58.03 -5.24
CA ASN F 1245 -7.17 59.34 -5.34
C ASN F 1245 -5.88 59.41 -4.53
N ARG F 1246 -5.94 59.00 -3.27
CA ARG F 1246 -4.76 59.05 -2.41
C ARG F 1246 -3.62 58.21 -2.97
N TRP F 1247 -3.93 57.04 -3.50
CA TRP F 1247 -2.87 56.17 -4.02
C TRP F 1247 -2.17 56.83 -5.20
N LEU F 1248 -2.94 57.40 -6.14
CA LEU F 1248 -2.30 58.09 -7.24
C LEU F 1248 -1.44 59.24 -6.75
N GLU F 1249 -1.94 60.00 -5.76
CA GLU F 1249 -1.16 61.12 -5.24
C GLU F 1249 0.15 60.65 -4.62
N VAL F 1250 0.13 59.54 -3.90
CA VAL F 1250 1.34 59.05 -3.24
C VAL F 1250 2.37 58.63 -4.28
N ARG F 1251 1.95 57.86 -5.28
CA ARG F 1251 2.94 57.44 -6.27
C ARG F 1251 3.44 58.64 -7.08
N MET F 1252 2.58 59.65 -7.31
CA MET F 1252 3.05 60.85 -7.98
C MET F 1252 4.06 61.62 -7.13
N GLU F 1253 3.87 61.62 -5.81
CA GLU F 1253 4.82 62.29 -4.94
C GLU F 1253 6.16 61.55 -4.90
N TYR F 1254 6.12 60.22 -4.98
CA TYR F 1254 7.36 59.46 -5.11
C TYR F 1254 8.07 59.80 -6.42
N ILE F 1255 7.30 59.97 -7.50
CA ILE F 1255 7.89 60.38 -8.77
C ILE F 1255 8.57 61.75 -8.63
N GLY F 1256 7.89 62.69 -7.96
CA GLY F 1256 8.48 64.00 -7.74
C GLY F 1256 9.74 63.94 -6.90
N ALA F 1257 9.75 63.06 -5.88
CA ALA F 1257 10.95 62.86 -5.10
C ALA F 1257 12.10 62.37 -5.96
N CYS F 1258 11.82 61.38 -6.83
CA CYS F 1258 12.86 60.89 -7.74
C CYS F 1258 13.44 62.03 -8.58
N VAL F 1259 12.56 62.84 -9.19
CA VAL F 1259 13.04 63.85 -10.12
C VAL F 1259 13.86 64.91 -9.39
N VAL F 1260 13.40 65.37 -8.23
CA VAL F 1260 14.17 66.38 -7.50
C VAL F 1260 15.49 65.79 -7.02
N LEU F 1261 15.49 64.53 -6.58
CA LEU F 1261 16.72 63.90 -6.12
C LEU F 1261 17.77 63.89 -7.20
N ILE F 1262 17.45 63.30 -8.35
CA ILE F 1262 18.51 63.17 -9.34
C ILE F 1262 18.79 64.50 -10.02
N ALA F 1263 17.85 65.45 -10.02
CA ALA F 1263 18.16 66.80 -10.47
C ALA F 1263 19.25 67.43 -9.60
N ALA F 1264 19.04 67.40 -8.27
CA ALA F 1264 20.05 67.91 -7.36
C ALA F 1264 21.36 67.15 -7.45
N ALA F 1265 21.30 65.84 -7.71
CA ALA F 1265 22.51 65.03 -7.79
C ALA F 1265 23.33 65.39 -9.04
N THR F 1266 22.67 65.44 -10.20
CA THR F 1266 23.36 65.88 -11.41
C THR F 1266 23.86 67.30 -11.26
N SER F 1267 23.14 68.15 -10.52
CA SER F 1267 23.65 69.49 -10.24
C SER F 1267 24.96 69.42 -9.47
N ILE F 1268 24.92 68.88 -8.26
CA ILE F 1268 26.11 68.84 -7.40
C ILE F 1268 27.28 68.15 -8.08
N SER F 1269 27.01 67.22 -9.00
CA SER F 1269 28.10 66.56 -9.71
C SER F 1269 28.62 67.42 -10.85
N ASN F 1270 27.76 67.69 -11.85
CA ASN F 1270 28.20 68.30 -13.09
C ASN F 1270 28.52 69.78 -12.89
N SER F 1271 27.59 70.54 -12.32
CA SER F 1271 27.79 71.99 -12.22
C SER F 1271 28.95 72.36 -11.30
N LEU F 1272 29.56 71.39 -10.64
CA LEU F 1272 30.73 71.62 -9.79
C LEU F 1272 32.01 71.04 -10.39
N HIS F 1273 31.96 69.80 -10.86
CA HIS F 1273 33.18 69.13 -11.32
C HIS F 1273 33.58 69.59 -12.72
N ARG F 1274 32.66 69.52 -13.68
CA ARG F 1274 32.97 69.83 -15.08
C ARG F 1274 32.39 71.16 -15.55
N GLU F 1275 31.22 71.56 -15.06
CA GLU F 1275 30.59 72.78 -15.55
C GLU F 1275 31.11 74.01 -14.82
N LEU F 1276 31.44 73.89 -13.53
CA LEU F 1276 31.93 74.98 -12.68
C LEU F 1276 31.11 76.25 -12.85
N SER F 1277 29.83 76.14 -12.49
CA SER F 1277 28.90 77.27 -12.50
C SER F 1277 28.26 77.41 -11.12
N ALA F 1278 28.13 78.65 -10.65
CA ALA F 1278 27.68 78.93 -9.30
C ALA F 1278 26.23 79.38 -9.21
N GLY F 1279 25.80 80.29 -10.08
CA GLY F 1279 24.46 80.85 -9.97
C GLY F 1279 23.36 79.87 -10.31
N LEU F 1280 23.63 78.94 -11.22
CA LEU F 1280 22.60 78.01 -11.70
C LEU F 1280 22.15 77.03 -10.63
N VAL F 1281 23.00 76.75 -9.64
CA VAL F 1281 22.67 75.74 -8.63
C VAL F 1281 21.44 76.17 -7.83
N GLY F 1282 21.41 77.44 -7.42
CA GLY F 1282 20.28 77.92 -6.64
C GLY F 1282 18.98 77.84 -7.40
N LEU F 1283 18.98 78.31 -8.65
CA LEU F 1283 17.79 78.20 -9.49
C LEU F 1283 17.34 76.75 -9.61
N GLY F 1284 18.28 75.86 -9.96
CA GLY F 1284 17.93 74.46 -10.14
C GLY F 1284 17.28 73.87 -8.90
N LEU F 1285 17.91 74.03 -7.75
CA LEU F 1285 17.37 73.40 -6.55
C LEU F 1285 16.08 74.07 -6.09
N THR F 1286 15.97 75.40 -6.22
CA THR F 1286 14.75 76.09 -5.84
C THR F 1286 13.58 75.62 -6.68
N TYR F 1287 13.74 75.60 -8.00
CA TYR F 1287 12.67 75.17 -8.87
C TYR F 1287 12.35 73.69 -8.69
N ALA F 1288 13.37 72.87 -8.41
CA ALA F 1288 13.10 71.45 -8.16
C ALA F 1288 12.26 71.26 -6.91
N LEU F 1289 12.66 71.89 -5.81
CA LEU F 1289 11.91 71.78 -4.57
C LEU F 1289 10.51 72.35 -4.71
N MET F 1290 10.33 73.38 -5.55
CA MET F 1290 9.02 73.97 -5.79
C MET F 1290 8.12 73.00 -6.56
N VAL F 1291 8.64 72.46 -7.67
CA VAL F 1291 7.81 71.61 -8.51
C VAL F 1291 7.58 70.27 -7.86
N SER F 1292 8.43 69.84 -6.92
CA SER F 1292 8.23 68.54 -6.29
C SER F 1292 6.91 68.50 -5.53
N ASN F 1293 6.40 69.66 -5.11
CA ASN F 1293 5.07 69.78 -4.52
C ASN F 1293 4.02 70.21 -5.53
N TYR F 1294 4.37 71.17 -6.38
CA TYR F 1294 3.37 71.61 -7.32
C TYR F 1294 2.98 70.54 -8.31
N LEU F 1295 3.74 69.44 -8.42
CA LEU F 1295 3.35 68.36 -9.30
C LEU F 1295 2.07 67.68 -8.79
N ASN F 1296 2.07 67.24 -7.52
CA ASN F 1296 0.87 66.65 -6.95
C ASN F 1296 -0.26 67.66 -6.89
N TRP F 1297 0.06 68.91 -6.51
CA TRP F 1297 -0.97 69.94 -6.51
C TRP F 1297 -1.64 70.06 -7.88
N MET F 1298 -0.81 70.10 -8.92
CA MET F 1298 -1.29 70.26 -10.29
C MET F 1298 -2.13 69.07 -10.75
N VAL F 1299 -1.71 67.86 -10.39
CA VAL F 1299 -2.49 66.68 -10.75
C VAL F 1299 -3.87 66.73 -10.09
N ARG F 1300 -3.92 67.12 -8.81
CA ARG F 1300 -5.22 67.21 -8.14
C ARG F 1300 -6.10 68.27 -8.79
N ASN F 1301 -5.53 69.44 -9.11
CA ASN F 1301 -6.31 70.48 -9.77
C ASN F 1301 -6.82 70.02 -11.13
N LEU F 1302 -6.01 69.26 -11.86
CA LEU F 1302 -6.44 68.77 -13.18
C LEU F 1302 -7.58 67.78 -13.06
N ALA F 1303 -7.52 66.88 -12.07
CA ALA F 1303 -8.63 65.96 -11.84
C ALA F 1303 -9.91 66.72 -11.48
N ASP F 1304 -9.79 67.76 -10.64
CA ASP F 1304 -10.95 68.57 -10.28
C ASP F 1304 -11.54 69.24 -11.52
N MET F 1305 -10.68 69.81 -12.38
CA MET F 1305 -11.16 70.44 -13.60
C MET F 1305 -11.87 69.43 -14.50
N GLU F 1306 -11.34 68.20 -14.56
CA GLU F 1306 -11.98 67.18 -15.38
C GLU F 1306 -13.39 66.84 -14.88
N ILE F 1307 -13.54 66.69 -13.56
CA ILE F 1307 -14.87 66.41 -13.00
C ILE F 1307 -15.84 67.56 -13.31
N GLN F 1308 -15.41 68.80 -13.05
CA GLN F 1308 -16.27 69.95 -13.31
C GLN F 1308 -16.60 70.09 -14.79
N LEU F 1309 -15.66 69.74 -15.67
CA LEU F 1309 -15.92 69.81 -17.11
C LEU F 1309 -16.91 68.74 -17.55
N GLY F 1310 -16.85 67.54 -16.95
CA GLY F 1310 -17.90 66.57 -17.20
C GLY F 1310 -19.26 67.08 -16.76
N ALA F 1311 -19.29 67.83 -15.64
CA ALA F 1311 -20.51 68.50 -15.23
C ALA F 1311 -21.02 69.45 -16.31
N VAL F 1312 -20.14 70.33 -16.80
CA VAL F 1312 -20.52 71.26 -17.86
C VAL F 1312 -21.00 70.50 -19.09
N LYS F 1313 -20.38 69.34 -19.37
CA LYS F 1313 -20.75 68.56 -20.54
C LYS F 1313 -22.17 68.00 -20.41
N ARG F 1314 -22.54 67.56 -19.21
CA ARG F 1314 -23.92 67.09 -19.05
C ARG F 1314 -24.91 68.25 -19.18
N ILE F 1315 -24.52 69.45 -18.75
CA ILE F 1315 -25.38 70.62 -18.99
C ILE F 1315 -25.56 70.84 -20.48
N HIS F 1316 -24.46 70.81 -21.25
CA HIS F 1316 -24.55 71.05 -22.68
C HIS F 1316 -25.33 69.97 -23.40
N ALA F 1317 -25.24 68.72 -22.93
CA ALA F 1317 -26.06 67.66 -23.49
C ALA F 1317 -27.53 67.87 -23.19
N LEU F 1318 -27.86 68.42 -22.02
CA LEU F 1318 -29.25 68.71 -21.72
C LEU F 1318 -29.77 69.88 -22.54
N LEU F 1319 -28.88 70.79 -22.98
CA LEU F 1319 -29.33 72.04 -23.61
C LEU F 1319 -30.02 71.79 -24.95
N LYS F 1320 -29.52 70.86 -25.75
CA LYS F 1320 -29.88 70.81 -27.17
C LYS F 1320 -30.99 69.81 -27.48
N THR F 1321 -31.51 69.10 -26.49
CA THR F 1321 -32.66 68.24 -26.72
C THR F 1321 -33.91 69.12 -26.70
N GLU F 1322 -35.09 68.52 -26.65
CA GLU F 1322 -36.34 69.25 -26.74
C GLU F 1322 -36.40 70.03 -28.05
N ALA F 1323 -36.44 69.25 -29.14
CA ALA F 1323 -36.57 69.78 -30.50
C ALA F 1323 -37.56 70.94 -30.52
N GLU F 1324 -37.27 71.92 -31.37
CA GLU F 1324 -37.72 73.31 -31.22
C GLU F 1324 -39.15 73.45 -30.72
N SER F 1325 -40.10 72.81 -31.41
CA SER F 1325 -41.51 72.84 -31.05
C SER F 1325 -41.96 74.26 -30.68
N TYR F 1326 -41.42 75.23 -31.40
CA TYR F 1326 -41.59 76.64 -31.06
C TYR F 1326 -42.71 77.26 -31.88
N GLU F 1327 -43.24 78.36 -31.35
CA GLU F 1327 -44.31 79.08 -32.01
C GLU F 1327 -43.76 79.89 -33.17
N GLY F 1328 -44.47 79.86 -34.29
CA GLY F 1328 -44.04 80.60 -35.48
C GLY F 1328 -45.19 81.06 -36.34
N PRO F 1332 -48.81 87.46 -39.52
CA PRO F 1332 -49.78 88.02 -38.58
C PRO F 1332 -51.02 88.56 -39.27
N SER F 1333 -51.90 87.66 -39.71
CA SER F 1333 -53.14 88.03 -40.38
C SER F 1333 -54.36 87.84 -39.50
N LEU F 1334 -54.38 86.79 -38.69
CA LEU F 1334 -55.49 86.54 -37.77
C LEU F 1334 -55.21 87.09 -36.38
N ILE F 1335 -53.94 87.32 -36.03
CA ILE F 1335 -53.63 88.02 -34.78
C ILE F 1335 -54.19 89.44 -34.76
N PRO F 1336 -54.06 90.26 -35.81
CA PRO F 1336 -54.58 91.63 -35.72
C PRO F 1336 -56.08 91.70 -35.48
N LYS F 1337 -56.84 90.68 -35.87
CA LYS F 1337 -58.27 90.65 -35.62
C LYS F 1337 -58.55 89.97 -34.28
N ASN F 1338 -59.36 90.61 -33.46
CA ASN F 1338 -59.68 90.08 -32.14
C ASN F 1338 -60.24 88.67 -32.26
N TRP F 1339 -59.90 87.83 -31.29
CA TRP F 1339 -60.35 86.44 -31.33
C TRP F 1339 -61.88 86.39 -31.24
N PRO F 1340 -62.56 85.72 -32.16
CA PRO F 1340 -64.02 85.84 -32.25
C PRO F 1340 -64.72 85.23 -31.04
N ASP F 1341 -65.81 85.89 -30.64
CA ASP F 1341 -66.60 85.37 -29.53
C ASP F 1341 -67.46 84.19 -29.96
N GLN F 1342 -67.76 84.08 -31.25
CA GLN F 1342 -68.55 82.96 -31.75
C GLN F 1342 -67.82 81.64 -31.51
N GLY F 1343 -68.41 80.79 -30.68
CA GLY F 1343 -67.76 79.56 -30.27
C GLY F 1343 -68.00 78.38 -31.20
N LYS F 1344 -68.45 78.66 -32.42
CA LYS F 1344 -68.64 77.59 -33.39
C LYS F 1344 -67.31 76.94 -33.73
N ILE F 1345 -67.21 75.63 -33.49
CA ILE F 1345 -65.98 74.89 -33.75
C ILE F 1345 -66.32 73.59 -34.46
N GLN F 1346 -65.33 73.02 -35.13
CA GLN F 1346 -65.55 71.77 -35.86
C GLN F 1346 -64.23 71.05 -36.06
N ILE F 1347 -64.21 69.78 -35.70
CA ILE F 1347 -63.04 68.92 -35.85
C ILE F 1347 -63.39 67.83 -36.86
N GLN F 1348 -62.63 67.77 -37.96
CA GLN F 1348 -62.90 66.81 -39.02
C GLN F 1348 -61.72 65.86 -39.17
N ASN F 1349 -62.04 64.56 -39.13
CA ASN F 1349 -61.11 63.45 -39.36
C ASN F 1349 -59.87 63.57 -38.47
N LEU F 1350 -60.11 63.68 -37.17
CA LEU F 1350 -59.04 63.88 -36.21
C LEU F 1350 -58.56 62.55 -35.65
N SER F 1351 -57.24 62.40 -35.61
CA SER F 1351 -56.57 61.33 -34.86
C SER F 1351 -55.55 61.99 -33.93
N VAL F 1352 -54.92 61.18 -33.08
CA VAL F 1352 -53.97 61.70 -32.11
C VAL F 1352 -53.05 60.57 -31.68
N ARG F 1353 -51.76 60.88 -31.53
CA ARG F 1353 -50.76 59.93 -31.08
C ARG F 1353 -49.81 60.66 -30.14
N TYR F 1354 -49.71 60.18 -28.90
CA TYR F 1354 -48.80 60.81 -27.94
C TYR F 1354 -47.36 60.76 -28.44
N ASP F 1355 -46.83 59.56 -28.64
CA ASP F 1355 -45.47 59.38 -29.12
C ASP F 1355 -45.48 59.11 -30.62
N SER F 1356 -44.43 59.56 -31.29
CA SER F 1356 -44.30 59.33 -32.72
C SER F 1356 -44.16 57.84 -33.01
N SER F 1357 -44.92 57.35 -33.98
CA SER F 1357 -44.89 55.94 -34.38
C SER F 1357 -45.25 55.02 -33.21
N LEU F 1358 -46.36 55.36 -32.53
CA LEU F 1358 -46.93 54.47 -31.53
C LEU F 1358 -48.41 54.24 -31.83
N LYS F 1359 -49.11 53.57 -30.93
CA LYS F 1359 -50.52 53.25 -31.16
C LYS F 1359 -51.35 54.52 -31.22
N PRO F 1360 -52.37 54.56 -32.08
CA PRO F 1360 -53.25 55.74 -32.12
C PRO F 1360 -54.23 55.76 -30.96
N VAL F 1361 -54.46 56.95 -30.43
CA VAL F 1361 -55.41 57.13 -29.32
C VAL F 1361 -56.80 57.49 -29.84
N LEU F 1362 -56.88 58.42 -30.79
CA LEU F 1362 -58.12 58.73 -31.47
C LEU F 1362 -58.06 58.22 -32.90
N LYS F 1363 -59.25 58.05 -33.50
CA LYS F 1363 -59.35 57.45 -34.83
C LYS F 1363 -60.66 57.90 -35.46
N HIS F 1364 -60.56 58.65 -36.57
CA HIS F 1364 -61.73 59.11 -37.33
C HIS F 1364 -62.68 59.94 -36.45
N VAL F 1365 -62.13 60.97 -35.83
CA VAL F 1365 -62.91 61.87 -34.98
C VAL F 1365 -63.54 62.95 -35.85
N ASN F 1366 -64.85 63.11 -35.73
CA ASN F 1366 -65.59 64.11 -36.48
C ASN F 1366 -66.69 64.66 -35.58
N ALA F 1367 -66.70 65.98 -35.39
CA ALA F 1367 -67.65 66.61 -34.48
C ALA F 1367 -67.79 68.08 -34.85
N LEU F 1368 -68.95 68.65 -34.52
CA LEU F 1368 -69.21 70.07 -34.72
C LEU F 1368 -69.95 70.61 -33.51
N ILE F 1369 -69.75 71.90 -33.23
CA ILE F 1369 -70.31 72.55 -32.05
C ILE F 1369 -70.79 73.93 -32.46
N SER F 1370 -72.07 74.21 -32.24
CA SER F 1370 -72.71 75.46 -32.56
C SER F 1370 -72.33 76.53 -31.54
N PRO F 1371 -72.46 77.82 -31.91
CA PRO F 1371 -71.99 78.88 -31.01
C PRO F 1371 -72.79 78.95 -29.72
N GLY F 1372 -72.07 79.20 -28.62
CA GLY F 1372 -72.68 79.47 -27.34
C GLY F 1372 -73.54 78.36 -26.79
N GLN F 1373 -73.15 77.11 -27.01
CA GLN F 1373 -73.91 75.96 -26.56
C GLN F 1373 -73.05 75.09 -25.65
N LYS F 1374 -73.68 74.56 -24.60
CA LYS F 1374 -72.99 73.69 -23.66
C LYS F 1374 -72.83 72.30 -24.28
N ILE F 1375 -71.62 71.77 -24.21
CA ILE F 1375 -71.28 70.50 -24.86
C ILE F 1375 -70.83 69.51 -23.79
N GLY F 1376 -71.42 68.32 -23.80
CA GLY F 1376 -71.07 67.27 -22.86
C GLY F 1376 -70.40 66.11 -23.57
N ILE F 1377 -69.45 65.49 -22.89
CA ILE F 1377 -68.76 64.30 -23.41
C ILE F 1377 -68.71 63.25 -22.31
N CYS F 1378 -68.90 62.00 -22.70
CA CYS F 1378 -68.86 60.89 -21.75
C CYS F 1378 -68.02 59.76 -22.32
N GLY F 1379 -67.71 58.79 -21.49
CA GLY F 1379 -66.92 57.65 -21.92
C GLY F 1379 -66.24 56.97 -20.75
N ARG F 1380 -65.82 55.74 -21.00
CA ARG F 1380 -65.15 54.92 -19.98
C ARG F 1380 -63.71 55.38 -19.81
N THR F 1381 -62.94 54.63 -19.02
CA THR F 1381 -61.53 54.92 -18.85
C THR F 1381 -60.76 54.59 -20.13
N GLY F 1382 -59.67 55.32 -20.34
CA GLY F 1382 -58.88 55.14 -21.54
C GLY F 1382 -59.62 55.41 -22.83
N SER F 1383 -60.76 56.09 -22.76
CA SER F 1383 -61.55 56.35 -23.95
C SER F 1383 -60.93 57.46 -24.80
N GLY F 1384 -60.37 58.49 -24.16
CA GLY F 1384 -59.69 59.53 -24.89
C GLY F 1384 -60.21 60.93 -24.63
N LYS F 1385 -60.90 61.12 -23.51
CA LYS F 1385 -61.45 62.44 -23.20
C LYS F 1385 -60.35 63.44 -22.87
N SER F 1386 -59.46 63.08 -21.93
CA SER F 1386 -58.33 63.93 -21.63
C SER F 1386 -57.43 64.09 -22.84
N SER F 1387 -57.33 63.05 -23.69
CA SER F 1387 -56.61 63.18 -24.95
C SER F 1387 -57.31 64.17 -25.87
N PHE F 1388 -58.64 64.13 -25.92
CA PHE F 1388 -59.40 65.10 -26.70
C PHE F 1388 -59.08 66.53 -26.25
N SER F 1389 -59.05 66.75 -24.93
CA SER F 1389 -58.76 68.09 -24.41
C SER F 1389 -57.33 68.51 -24.72
N LEU F 1390 -56.36 67.62 -24.50
CA LEU F 1390 -54.96 67.95 -24.75
C LEU F 1390 -54.72 68.24 -26.23
N ALA F 1391 -55.42 67.52 -27.12
CA ALA F 1391 -55.28 67.77 -28.54
C ALA F 1391 -55.99 69.06 -28.96
N PHE F 1392 -57.03 69.45 -28.22
CA PHE F 1392 -57.67 70.74 -28.48
C PHE F 1392 -56.71 71.90 -28.25
N PHE F 1393 -55.63 71.68 -27.50
CA PHE F 1393 -54.63 72.71 -27.24
C PHE F 1393 -53.32 72.45 -27.98
N ARG F 1394 -53.28 71.46 -28.86
CA ARG F 1394 -52.07 71.08 -29.59
C ARG F 1394 -50.95 70.67 -28.63
N MET F 1395 -51.31 69.90 -27.61
CA MET F 1395 -50.34 69.36 -26.68
C MET F 1395 -49.85 67.98 -27.06
N VAL F 1396 -50.43 67.37 -28.09
CA VAL F 1396 -50.04 66.05 -28.58
C VAL F 1396 -49.56 66.22 -30.01
N ASP F 1397 -48.29 65.86 -30.26
CA ASP F 1397 -47.57 66.29 -31.45
C ASP F 1397 -47.65 65.28 -32.60
N MET F 1398 -48.69 64.45 -32.66
CA MET F 1398 -48.88 63.55 -33.80
C MET F 1398 -50.35 63.48 -34.18
N PHE F 1399 -51.02 64.62 -34.18
CA PHE F 1399 -52.43 64.67 -34.58
C PHE F 1399 -52.55 64.74 -36.10
N GLU F 1400 -53.63 64.17 -36.62
CA GLU F 1400 -53.94 64.20 -38.04
C GLU F 1400 -55.40 64.59 -38.20
N GLY F 1401 -55.66 65.62 -39.00
CA GLY F 1401 -57.00 66.08 -39.24
C GLY F 1401 -57.05 67.59 -39.29
N ARG F 1402 -58.25 68.14 -39.13
CA ARG F 1402 -58.42 69.59 -39.16
C ARG F 1402 -59.26 70.06 -37.99
N ILE F 1403 -58.83 71.15 -37.36
CA ILE F 1403 -59.52 71.77 -36.24
C ILE F 1403 -59.82 73.21 -36.64
N ILE F 1404 -61.07 73.50 -36.96
CA ILE F 1404 -61.49 74.81 -37.44
C ILE F 1404 -62.28 75.49 -36.33
N ILE F 1405 -61.96 76.76 -36.07
CA ILE F 1405 -62.62 77.57 -35.04
C ILE F 1405 -63.00 78.89 -35.69
N ASP F 1406 -64.26 79.04 -36.06
CA ASP F 1406 -64.77 80.25 -36.74
C ASP F 1406 -64.03 80.48 -38.06
N GLY F 1407 -63.99 79.45 -38.89
CA GLY F 1407 -63.25 79.51 -40.13
C GLY F 1407 -61.78 79.82 -39.95
N ILE F 1408 -61.23 79.55 -38.76
CA ILE F 1408 -59.87 79.91 -38.40
C ILE F 1408 -59.21 78.71 -37.76
N ASP F 1409 -57.97 78.42 -38.16
CA ASP F 1409 -57.23 77.29 -37.63
C ASP F 1409 -55.79 77.73 -37.40
N ILE F 1410 -54.89 76.76 -37.20
CA ILE F 1410 -53.51 77.05 -36.85
C ILE F 1410 -52.67 77.35 -38.10
N ALA F 1411 -53.34 77.44 -39.25
CA ALA F 1411 -52.62 77.66 -40.50
C ALA F 1411 -51.93 79.01 -40.56
N LYS F 1412 -52.41 80.00 -39.81
CA LYS F 1412 -51.82 81.34 -39.81
C LYS F 1412 -51.56 81.87 -38.40
N LEU F 1413 -51.64 81.03 -37.37
CA LEU F 1413 -51.58 81.48 -36.00
C LEU F 1413 -50.42 80.80 -35.25
N PRO F 1414 -49.57 81.55 -34.56
CA PRO F 1414 -48.59 80.94 -33.67
C PRO F 1414 -49.26 80.43 -32.40
N LEU F 1415 -48.47 79.68 -31.63
CA LEU F 1415 -49.03 78.93 -30.50
C LEU F 1415 -49.49 79.82 -29.35
N HIS F 1416 -49.02 81.06 -29.27
CA HIS F 1416 -49.39 81.91 -28.14
C HIS F 1416 -50.85 82.32 -28.21
N THR F 1417 -51.28 82.82 -29.37
CA THR F 1417 -52.69 83.16 -29.55
C THR F 1417 -53.58 81.93 -29.42
N LEU F 1418 -53.03 80.73 -29.59
CA LEU F 1418 -53.77 79.50 -29.34
C LEU F 1418 -53.79 79.15 -27.87
N ARG F 1419 -52.78 79.58 -27.11
CA ARG F 1419 -52.79 79.39 -25.66
C ARG F 1419 -53.63 80.44 -24.95
N SER F 1420 -53.97 81.53 -25.64
CA SER F 1420 -54.79 82.58 -25.06
C SER F 1420 -56.26 82.49 -25.45
N ARG F 1421 -56.62 81.61 -26.37
CA ARG F 1421 -57.98 81.58 -26.92
C ARG F 1421 -58.95 80.73 -26.10
N LEU F 1422 -58.47 79.79 -25.30
CA LEU F 1422 -59.34 78.89 -24.56
C LEU F 1422 -59.08 78.99 -23.06
N SER F 1423 -59.86 78.25 -22.29
CA SER F 1423 -59.64 78.04 -20.87
C SER F 1423 -59.80 76.56 -20.57
N ILE F 1424 -59.07 76.08 -19.57
CA ILE F 1424 -59.04 74.64 -19.28
C ILE F 1424 -58.92 74.44 -17.77
N ILE F 1425 -59.75 73.54 -17.25
CA ILE F 1425 -59.65 73.05 -15.87
C ILE F 1425 -59.30 71.57 -15.94
N LEU F 1426 -58.31 71.15 -15.16
CA LEU F 1426 -57.78 69.80 -15.19
C LEU F 1426 -58.29 68.97 -14.03
N GLN F 1427 -58.19 67.64 -14.20
CA GLN F 1427 -58.48 66.71 -13.11
C GLN F 1427 -57.37 66.71 -12.07
N ASP F 1428 -56.18 67.19 -12.43
CA ASP F 1428 -55.04 67.23 -11.54
C ASP F 1428 -54.84 68.66 -11.04
N PRO F 1429 -55.31 69.01 -9.84
CA PRO F 1429 -55.22 70.40 -9.37
C PRO F 1429 -53.84 70.70 -8.80
N VAL F 1430 -53.17 71.69 -9.38
CA VAL F 1430 -51.87 72.14 -8.88
C VAL F 1430 -52.03 73.55 -8.33
N LEU F 1431 -51.22 73.86 -7.32
CA LEU F 1431 -51.27 75.18 -6.67
C LEU F 1431 -49.86 75.49 -6.18
N PHE F 1432 -49.24 76.50 -6.77
CA PHE F 1432 -47.90 76.92 -6.37
C PHE F 1432 -47.96 77.93 -5.24
N SER F 1433 -46.89 78.00 -4.45
CA SER F 1433 -46.88 78.77 -3.23
C SER F 1433 -46.90 80.28 -3.52
N GLY F 1434 -47.13 81.05 -2.47
CA GLY F 1434 -47.21 82.49 -2.57
C GLY F 1434 -48.40 83.05 -1.80
N THR F 1435 -49.22 83.84 -2.45
CA THR F 1435 -50.46 84.35 -1.87
C THR F 1435 -51.64 83.92 -2.74
N ILE F 1436 -52.85 84.26 -2.29
CA ILE F 1436 -54.04 83.91 -3.06
C ILE F 1436 -54.12 84.74 -4.33
N ARG F 1437 -53.60 85.98 -4.29
CA ARG F 1437 -53.56 86.79 -5.51
C ARG F 1437 -52.65 86.19 -6.55
N PHE F 1438 -51.57 85.53 -6.13
CA PHE F 1438 -50.64 84.93 -7.09
C PHE F 1438 -51.18 83.65 -7.70
N ASN F 1439 -51.98 82.89 -6.95
CA ASN F 1439 -52.62 81.72 -7.52
C ASN F 1439 -53.81 82.08 -8.39
N LEU F 1440 -54.55 83.13 -8.04
CA LEU F 1440 -55.74 83.49 -8.81
C LEU F 1440 -55.39 84.28 -10.06
N ASP F 1441 -54.34 85.11 -10.00
CA ASP F 1441 -53.95 85.93 -11.14
C ASP F 1441 -52.49 86.30 -10.99
N PRO F 1442 -51.58 85.52 -11.58
CA PRO F 1442 -50.16 85.89 -11.54
C PRO F 1442 -49.83 87.15 -12.33
N GLU F 1443 -50.70 87.57 -13.25
CA GLU F 1443 -50.44 88.78 -14.02
C GLU F 1443 -50.65 90.04 -13.19
N LYS F 1444 -51.33 89.94 -12.04
CA LYS F 1444 -51.57 91.07 -11.14
C LYS F 1444 -52.28 92.22 -11.87
N LYS F 1445 -53.31 91.85 -12.63
CA LYS F 1445 -54.08 92.79 -13.44
C LYS F 1445 -55.56 92.68 -13.12
N CYS F 1446 -55.89 92.66 -11.84
CA CYS F 1446 -57.26 92.55 -11.38
C CYS F 1446 -57.48 93.40 -10.14
N SER F 1447 -58.69 93.90 -10.00
CA SER F 1447 -59.10 94.62 -8.80
C SER F 1447 -59.61 93.64 -7.75
N ASP F 1448 -59.55 94.06 -6.48
CA ASP F 1448 -59.91 93.18 -5.38
C ASP F 1448 -61.40 92.83 -5.41
N SER F 1449 -62.26 93.76 -5.84
CA SER F 1449 -63.67 93.44 -5.98
C SER F 1449 -63.91 92.38 -7.04
N THR F 1450 -63.12 92.40 -8.12
CA THR F 1450 -63.25 91.38 -9.16
C THR F 1450 -62.97 89.99 -8.62
N LEU F 1451 -61.88 89.84 -7.86
CA LEU F 1451 -61.56 88.53 -7.30
C LEU F 1451 -62.53 88.13 -6.19
N TRP F 1452 -63.04 89.09 -5.42
CA TRP F 1452 -64.04 88.76 -4.42
C TRP F 1452 -65.32 88.25 -5.08
N GLU F 1453 -65.74 88.87 -6.17
CA GLU F 1453 -66.90 88.39 -6.90
C GLU F 1453 -66.62 87.02 -7.52
N ALA F 1454 -65.41 86.82 -8.05
CA ALA F 1454 -65.06 85.53 -8.64
C ALA F 1454 -65.06 84.41 -7.60
N LEU F 1455 -64.69 84.73 -6.36
CA LEU F 1455 -64.75 83.73 -5.29
C LEU F 1455 -66.17 83.49 -4.82
N GLU F 1456 -66.97 84.56 -4.68
CA GLU F 1456 -68.37 84.40 -4.28
C GLU F 1456 -69.18 83.66 -5.32
N ILE F 1457 -68.76 83.69 -6.58
CA ILE F 1457 -69.45 82.92 -7.62
C ILE F 1457 -68.96 81.48 -7.61
N ALA F 1458 -67.69 81.24 -7.31
CA ALA F 1458 -67.12 79.91 -7.28
C ALA F 1458 -67.38 79.16 -5.99
N GLN F 1459 -68.29 79.65 -5.15
CA GLN F 1459 -68.66 78.99 -3.89
C GLN F 1459 -67.43 78.76 -3.01
N LEU F 1460 -66.65 79.83 -2.81
CA LEU F 1460 -65.41 79.76 -2.05
C LEU F 1460 -65.23 80.93 -1.11
N LYS F 1461 -66.17 81.89 -1.07
CA LYS F 1461 -65.97 83.14 -0.34
C LYS F 1461 -65.90 82.91 1.16
N LEU F 1462 -66.76 82.02 1.68
CA LEU F 1462 -66.87 81.86 3.13
C LEU F 1462 -65.59 81.26 3.72
N VAL F 1463 -64.95 80.34 3.01
CA VAL F 1463 -63.70 79.75 3.49
C VAL F 1463 -62.51 80.66 3.24
N VAL F 1464 -62.65 81.67 2.39
CA VAL F 1464 -61.58 82.66 2.21
C VAL F 1464 -61.65 83.71 3.30
N LYS F 1465 -62.85 84.15 3.67
CA LYS F 1465 -63.00 85.17 4.71
C LYS F 1465 -62.52 84.68 6.07
N ALA F 1466 -62.50 83.36 6.30
CA ALA F 1466 -62.15 82.80 7.59
C ALA F 1466 -60.64 82.57 7.77
N LEU F 1467 -59.82 83.20 6.94
CA LEU F 1467 -58.39 83.05 7.02
C LEU F 1467 -57.72 84.39 7.33
N PRO F 1468 -56.59 84.39 8.03
CA PRO F 1468 -55.88 85.65 8.30
C PRO F 1468 -55.26 86.19 7.01
N GLY F 1469 -55.52 87.47 6.73
CA GLY F 1469 -55.06 88.09 5.50
C GLY F 1469 -55.80 87.54 4.31
N GLY F 1470 -57.08 87.94 4.17
CA GLY F 1470 -58.03 87.34 3.25
C GLY F 1470 -57.52 87.01 1.87
N LEU F 1471 -57.11 88.02 1.13
CA LEU F 1471 -56.54 87.83 -0.19
C LEU F 1471 -55.02 87.79 -0.16
N ASP F 1472 -54.41 87.72 1.04
CA ASP F 1472 -52.96 87.68 1.17
C ASP F 1472 -52.50 86.57 2.11
N ALA F 1473 -53.33 85.57 2.34
CA ALA F 1473 -52.91 84.41 3.13
C ALA F 1473 -51.85 83.64 2.36
N ILE F 1474 -50.82 83.21 3.08
CA ILE F 1474 -49.69 82.51 2.45
C ILE F 1474 -50.10 81.09 2.14
N ILE F 1475 -50.01 80.71 0.86
CA ILE F 1475 -50.29 79.36 0.40
C ILE F 1475 -48.98 78.62 0.21
N THR F 1476 -48.93 77.38 0.67
CA THR F 1476 -47.82 76.49 0.39
C THR F 1476 -48.23 75.49 -0.70
N GLU F 1477 -47.24 74.94 -1.39
CA GLU F 1477 -47.51 74.03 -2.49
C GLU F 1477 -48.34 72.84 -2.02
N GLY F 1478 -49.59 72.77 -2.45
CA GLY F 1478 -50.49 71.75 -1.93
C GLY F 1478 -50.74 71.95 -0.45
N GLY F 1479 -50.14 71.09 0.36
CA GLY F 1479 -50.29 71.17 1.79
C GLY F 1479 -51.72 70.86 2.21
N GLU F 1480 -51.99 71.14 3.48
CA GLU F 1480 -53.33 70.99 4.02
C GLU F 1480 -53.99 72.33 4.31
N ASN F 1481 -53.42 73.42 3.82
CA ASN F 1481 -54.11 74.70 3.85
C ASN F 1481 -55.39 74.66 3.05
N PHE F 1482 -55.50 73.73 2.10
CA PHE F 1482 -56.70 73.54 1.31
C PHE F 1482 -56.81 72.07 0.93
N SER F 1483 -58.01 71.50 1.10
CA SER F 1483 -58.26 70.14 0.69
C SER F 1483 -58.29 70.05 -0.84
N GLN F 1484 -58.46 68.83 -1.35
CA GLN F 1484 -58.50 68.63 -2.80
C GLN F 1484 -59.63 69.42 -3.44
N GLY F 1485 -60.82 69.40 -2.82
CA GLY F 1485 -61.93 70.13 -3.38
C GLY F 1485 -61.68 71.63 -3.46
N GLN F 1486 -61.00 72.18 -2.45
CA GLN F 1486 -60.70 73.60 -2.47
C GLN F 1486 -59.70 73.96 -3.57
N ARG F 1487 -58.74 73.06 -3.83
CA ARG F 1487 -57.82 73.28 -4.96
C ARG F 1487 -58.58 73.24 -6.28
N GLN F 1488 -59.52 72.30 -6.41
CA GLN F 1488 -60.37 72.27 -7.59
C GLN F 1488 -61.13 73.57 -7.74
N LEU F 1489 -61.65 74.11 -6.63
CA LEU F 1489 -62.38 75.37 -6.68
C LEU F 1489 -61.48 76.53 -7.09
N PHE F 1490 -60.22 76.50 -6.65
CA PHE F 1490 -59.29 77.57 -7.05
C PHE F 1490 -58.96 77.48 -8.54
N CYS F 1491 -58.85 76.27 -9.07
CA CYS F 1491 -58.71 76.12 -10.52
C CYS F 1491 -59.94 76.67 -11.25
N LEU F 1492 -61.13 76.36 -10.71
CA LEU F 1492 -62.36 76.94 -11.25
C LEU F 1492 -62.30 78.46 -11.22
N ALA F 1493 -61.71 79.04 -10.17
CA ALA F 1493 -61.64 80.49 -10.05
C ALA F 1493 -60.69 81.09 -11.09
N ARG F 1494 -59.56 80.42 -11.34
CA ARG F 1494 -58.73 80.79 -12.48
C ARG F 1494 -59.58 80.85 -13.75
N ALA F 1495 -60.32 79.78 -14.00
CA ALA F 1495 -61.19 79.73 -15.19
C ALA F 1495 -62.17 80.89 -15.21
N PHE F 1496 -62.73 81.23 -14.04
CA PHE F 1496 -63.69 82.32 -13.96
C PHE F 1496 -63.05 83.65 -14.37
N VAL F 1497 -61.88 83.95 -13.79
CA VAL F 1497 -61.26 85.25 -14.05
C VAL F 1497 -60.62 85.35 -15.43
N ARG F 1498 -60.32 84.22 -16.09
CA ARG F 1498 -59.64 84.28 -17.37
C ARG F 1498 -60.49 84.98 -18.43
N LYS F 1499 -61.80 84.76 -18.42
CA LYS F 1499 -62.75 85.43 -19.31
C LYS F 1499 -62.39 85.20 -20.79
N THR F 1500 -62.50 83.95 -21.20
CA THR F 1500 -62.29 83.55 -22.58
C THR F 1500 -63.63 83.17 -23.22
N SER F 1501 -63.57 82.68 -24.46
CA SER F 1501 -64.77 82.30 -25.18
C SER F 1501 -65.08 80.81 -25.12
N ILE F 1502 -64.08 79.98 -24.91
CA ILE F 1502 -64.24 78.52 -24.91
C ILE F 1502 -63.73 77.97 -23.58
N PHE F 1503 -64.50 77.04 -23.00
CA PHE F 1503 -64.16 76.41 -21.74
C PHE F 1503 -63.99 74.91 -21.93
N ILE F 1504 -62.99 74.34 -21.27
CA ILE F 1504 -62.79 72.91 -21.17
C ILE F 1504 -62.80 72.55 -19.70
N MET F 1505 -63.57 71.53 -19.33
CA MET F 1505 -63.74 71.15 -17.93
C MET F 1505 -63.52 69.64 -17.80
N ASP F 1506 -62.27 69.23 -17.52
CA ASP F 1506 -61.94 67.81 -17.38
C ASP F 1506 -62.14 67.43 -15.91
N GLU F 1507 -63.32 66.92 -15.60
CA GLU F 1507 -63.67 66.39 -14.28
C GLU F 1507 -63.48 67.44 -13.18
N ALA F 1508 -64.29 68.51 -13.26
CA ALA F 1508 -64.44 69.38 -12.09
C ALA F 1508 -65.24 68.71 -10.99
N THR F 1509 -65.73 67.50 -11.23
CA THR F 1509 -66.48 66.72 -10.25
C THR F 1509 -65.58 65.77 -9.47
N ALA F 1510 -64.27 65.79 -9.71
CA ALA F 1510 -63.39 64.75 -9.20
C ALA F 1510 -63.40 64.68 -7.69
N SER F 1511 -63.38 65.82 -7.01
CA SER F 1511 -63.27 65.81 -5.56
C SER F 1511 -64.23 66.79 -4.91
N ILE F 1512 -65.41 66.96 -5.49
CA ILE F 1512 -66.43 67.85 -4.94
C ILE F 1512 -67.66 67.03 -4.60
N ASP F 1513 -68.24 67.30 -3.42
CA ASP F 1513 -69.44 66.60 -2.99
C ASP F 1513 -70.58 66.85 -3.96
N MET F 1514 -71.37 65.80 -4.22
CA MET F 1514 -72.47 65.90 -5.18
C MET F 1514 -73.47 66.97 -4.77
N ALA F 1515 -73.75 67.09 -3.46
CA ALA F 1515 -74.70 68.08 -2.98
C ALA F 1515 -74.24 69.49 -3.33
N THR F 1516 -72.95 69.79 -3.13
CA THR F 1516 -72.44 71.09 -3.53
C THR F 1516 -72.14 71.14 -5.02
N GLU F 1517 -71.85 69.99 -5.64
CA GLU F 1517 -71.49 69.98 -7.06
C GLU F 1517 -72.67 70.35 -7.95
N ASN F 1518 -73.87 69.88 -7.60
CA ASN F 1518 -75.04 70.20 -8.43
C ASN F 1518 -75.31 71.70 -8.45
N ILE F 1519 -75.33 72.33 -7.28
CA ILE F 1519 -75.59 73.76 -7.22
C ILE F 1519 -74.41 74.54 -7.81
N LEU F 1520 -73.18 74.03 -7.65
CA LEU F 1520 -72.03 74.68 -8.26
C LEU F 1520 -72.12 74.67 -9.78
N GLN F 1521 -72.55 73.54 -10.35
CA GLN F 1521 -72.71 73.47 -11.80
C GLN F 1521 -73.86 74.35 -12.28
N LYS F 1522 -74.95 74.42 -11.51
CA LYS F 1522 -76.04 75.32 -11.88
C LYS F 1522 -75.57 76.77 -11.90
N VAL F 1523 -74.80 77.18 -10.88
CA VAL F 1523 -74.31 78.55 -10.83
C VAL F 1523 -73.28 78.80 -11.94
N VAL F 1524 -72.45 77.81 -12.25
CA VAL F 1524 -71.45 78.00 -13.30
C VAL F 1524 -72.09 77.98 -14.68
N MET F 1525 -73.28 77.40 -14.83
CA MET F 1525 -74.02 77.51 -16.08
C MET F 1525 -74.71 78.85 -16.19
N THR F 1526 -75.30 79.34 -15.10
CA THR F 1526 -75.93 80.66 -15.13
C THR F 1526 -74.90 81.76 -15.31
N ALA F 1527 -73.67 81.55 -14.87
CA ALA F 1527 -72.63 82.58 -15.00
C ALA F 1527 -72.04 82.60 -16.41
N PHE F 1528 -71.62 81.44 -16.91
CA PHE F 1528 -71.06 81.35 -18.25
C PHE F 1528 -72.15 80.90 -19.24
N ALA F 1529 -73.07 81.83 -19.49
CA ALA F 1529 -74.17 81.56 -20.41
C ALA F 1529 -73.79 81.87 -21.86
N ASP F 1530 -73.10 82.98 -22.10
CA ASP F 1530 -72.76 83.41 -23.44
C ASP F 1530 -71.34 82.99 -23.81
N ARG F 1531 -71.10 81.68 -23.74
CA ARG F 1531 -69.83 81.09 -24.16
C ARG F 1531 -69.95 79.58 -24.15
N THR F 1532 -69.19 78.93 -25.04
CA THR F 1532 -69.24 77.49 -25.17
C THR F 1532 -68.40 76.81 -24.09
N VAL F 1533 -68.97 75.76 -23.49
CA VAL F 1533 -68.30 74.99 -22.46
C VAL F 1533 -68.39 73.52 -22.81
N VAL F 1534 -67.26 72.83 -22.82
CA VAL F 1534 -67.18 71.40 -23.12
C VAL F 1534 -66.71 70.70 -21.86
N THR F 1535 -67.55 69.81 -21.34
CA THR F 1535 -67.33 69.16 -20.06
C THR F 1535 -67.09 67.67 -20.24
N ILE F 1536 -66.29 67.10 -19.33
CA ILE F 1536 -66.11 65.67 -19.23
C ILE F 1536 -66.12 65.29 -17.75
N ALA F 1537 -67.28 64.84 -17.26
CA ALA F 1537 -67.46 64.54 -15.85
C ALA F 1537 -67.97 63.12 -15.68
N HIS F 1538 -67.45 62.42 -14.67
CA HIS F 1538 -67.93 61.09 -14.35
C HIS F 1538 -69.19 61.12 -13.48
N ARG F 1539 -69.88 62.25 -13.45
CA ARG F 1539 -71.18 62.37 -12.81
C ARG F 1539 -72.26 62.30 -13.88
N VAL F 1540 -73.32 61.55 -13.60
CA VAL F 1540 -74.34 61.32 -14.62
C VAL F 1540 -75.20 62.55 -14.82
N HIS F 1541 -75.57 63.22 -13.73
CA HIS F 1541 -76.53 64.33 -13.82
C HIS F 1541 -75.96 65.49 -14.64
N THR F 1542 -74.68 65.79 -14.47
CA THR F 1542 -74.05 66.84 -15.24
C THR F 1542 -74.11 66.55 -16.73
N ILE F 1543 -73.81 65.31 -17.11
CA ILE F 1543 -73.96 64.90 -18.51
C ILE F 1543 -75.42 65.04 -18.94
N LEU F 1544 -76.34 64.77 -18.03
CA LEU F 1544 -77.77 64.80 -18.37
C LEU F 1544 -78.24 66.21 -18.68
N SER F 1545 -77.72 67.21 -17.96
CA SER F 1545 -78.22 68.57 -18.15
C SER F 1545 -77.82 69.18 -19.49
N ALA F 1546 -76.91 68.57 -20.23
CA ALA F 1546 -76.38 69.16 -21.46
C ALA F 1546 -77.27 68.82 -22.66
N ASP F 1547 -77.18 69.67 -23.69
CA ASP F 1547 -77.94 69.45 -24.91
C ASP F 1547 -77.22 68.48 -25.85
N LEU F 1548 -76.04 68.87 -26.34
CA LEU F 1548 -75.27 68.07 -27.27
C LEU F 1548 -74.26 67.26 -26.48
N VAL F 1549 -74.49 65.96 -26.37
CA VAL F 1549 -73.59 65.06 -25.65
C VAL F 1549 -73.05 64.05 -26.63
N MET F 1550 -71.74 63.83 -26.59
CA MET F 1550 -71.10 62.80 -27.40
C MET F 1550 -70.43 61.77 -26.50
N VAL F 1551 -70.61 60.52 -26.86
CA VAL F 1551 -70.02 59.40 -26.14
C VAL F 1551 -68.80 58.93 -26.92
N LEU F 1552 -67.65 58.96 -26.25
CA LEU F 1552 -66.43 58.38 -26.80
C LEU F 1552 -66.49 56.86 -26.69
N LYS F 1553 -66.11 56.21 -27.77
CA LYS F 1553 -66.10 54.76 -27.84
C LYS F 1553 -64.68 54.26 -27.66
N ARG F 1554 -64.47 52.96 -27.92
CA ARG F 1554 -63.13 52.37 -27.80
C ARG F 1554 -62.08 53.22 -28.49
N GLY F 1555 -62.37 53.72 -29.69
CA GLY F 1555 -61.51 54.70 -30.33
C GLY F 1555 -62.21 55.94 -30.86
N ALA F 1556 -63.53 55.86 -31.05
CA ALA F 1556 -64.28 56.89 -31.77
C ALA F 1556 -65.34 57.51 -30.87
N ILE F 1557 -66.20 58.34 -31.46
CA ILE F 1557 -67.24 59.07 -30.74
C ILE F 1557 -68.56 58.89 -31.47
N LEU F 1558 -69.62 59.40 -30.83
CA LEU F 1558 -70.92 59.58 -31.48
C LEU F 1558 -71.70 60.65 -30.74
N GLU F 1559 -72.28 61.58 -31.50
CA GLU F 1559 -73.01 62.72 -30.96
C GLU F 1559 -74.51 62.47 -30.93
N PHE F 1560 -75.19 63.03 -29.93
CA PHE F 1560 -76.63 62.96 -29.81
C PHE F 1560 -77.12 64.20 -29.07
N ASP F 1561 -78.31 64.67 -29.44
CA ASP F 1561 -78.82 65.96 -28.98
C ASP F 1561 -80.03 65.84 -28.06
N LYS F 1562 -81.10 65.21 -28.53
CA LYS F 1562 -82.38 65.30 -27.80
C LYS F 1562 -82.37 64.40 -26.58
N PRO F 1563 -82.67 64.93 -25.39
CA PRO F 1563 -82.64 64.08 -24.18
C PRO F 1563 -83.63 62.93 -24.21
N GLU F 1564 -84.76 63.08 -24.90
CA GLU F 1564 -85.72 61.99 -25.02
C GLU F 1564 -85.39 61.04 -26.16
N THR F 1565 -84.67 61.51 -27.19
CA THR F 1565 -84.29 60.68 -28.32
C THR F 1565 -82.95 59.98 -28.10
N LEU F 1566 -82.00 60.64 -27.45
CA LEU F 1566 -80.68 60.03 -27.23
C LEU F 1566 -80.73 58.91 -26.21
N LEU F 1567 -81.83 58.75 -25.47
CA LEU F 1567 -81.91 57.74 -24.43
C LEU F 1567 -82.64 56.47 -24.85
N SER F 1568 -83.44 56.52 -25.91
CA SER F 1568 -84.10 55.33 -26.44
C SER F 1568 -83.55 54.89 -27.79
N GLN F 1569 -82.70 55.70 -28.43
CA GLN F 1569 -82.12 55.32 -29.71
C GLN F 1569 -81.04 54.27 -29.52
N LYS F 1570 -80.23 54.41 -28.47
CA LYS F 1570 -79.25 53.39 -28.13
C LYS F 1570 -79.89 52.09 -27.64
N ASP F 1571 -81.24 51.96 -27.69
CA ASP F 1571 -81.96 50.84 -27.08
C ASP F 1571 -81.71 50.78 -25.57
N SER F 1572 -81.45 51.96 -24.98
CA SER F 1572 -81.23 52.10 -23.54
C SER F 1572 -80.06 51.24 -23.06
N VAL F 1573 -78.87 51.57 -23.56
CA VAL F 1573 -77.67 50.78 -23.26
C VAL F 1573 -76.59 51.66 -22.65
N PHE F 1574 -76.19 52.71 -23.35
CA PHE F 1574 -75.00 53.47 -22.97
C PHE F 1574 -75.29 54.77 -22.21
N ALA F 1575 -76.52 55.28 -22.28
CA ALA F 1575 -76.85 56.53 -21.61
C ALA F 1575 -78.04 56.45 -20.67
N SER F 1576 -78.89 55.44 -20.78
CA SER F 1576 -80.09 55.35 -19.94
C SER F 1576 -79.85 54.51 -18.69
N PHE F 1577 -79.45 53.25 -18.87
CA PHE F 1577 -79.21 52.38 -17.72
C PHE F 1577 -78.02 52.86 -16.88
N VAL F 1578 -77.09 53.59 -17.49
CA VAL F 1578 -76.04 54.22 -16.72
C VAL F 1578 -76.62 55.28 -15.79
N ARG F 1579 -77.70 55.93 -16.22
CA ARG F 1579 -78.38 56.92 -15.39
C ARG F 1579 -79.30 56.25 -14.39
N ARG G 32 -15.55 13.72 31.97
CA ARG G 32 -15.31 12.29 32.01
C ARG G 32 -14.12 11.92 31.10
N ALA G 33 -13.76 10.64 31.09
CA ALA G 33 -12.60 10.18 30.34
C ALA G 33 -12.93 10.04 28.86
N ARG G 34 -12.00 10.48 28.01
CA ARG G 34 -12.13 10.38 26.57
C ARG G 34 -11.30 9.23 26.01
N PHE G 35 -11.76 8.67 24.90
CA PHE G 35 -11.09 7.50 24.33
C PHE G 35 -9.83 7.89 23.58
N VAL G 36 -9.97 8.69 22.52
CA VAL G 36 -8.83 9.28 21.81
C VAL G 36 -9.07 10.77 21.68
N SER G 37 -8.01 11.55 21.89
CA SER G 37 -8.16 12.98 22.01
C SER G 37 -8.44 13.60 20.64
N LYS G 38 -8.89 14.85 20.67
CA LYS G 38 -9.25 15.54 19.44
C LYS G 38 -8.06 15.64 18.50
N LYS G 39 -6.88 15.96 19.03
CA LYS G 39 -5.69 16.12 18.19
C LYS G 39 -5.33 14.86 17.42
N GLY G 40 -5.94 13.72 17.74
CA GLY G 40 -5.63 12.48 17.09
C GLY G 40 -4.74 11.55 17.89
N ASN G 41 -4.14 12.03 18.97
CA ASN G 41 -3.34 11.17 19.84
C ASN G 41 -4.24 10.28 20.69
N CYS G 42 -3.68 9.14 21.10
CA CYS G 42 -4.42 8.15 21.87
C CYS G 42 -4.35 8.48 23.35
N ASN G 43 -5.49 8.32 24.03
CA ASN G 43 -5.59 8.70 25.43
C ASN G 43 -5.23 7.55 26.37
N VAL G 44 -5.69 6.33 26.06
CA VAL G 44 -5.60 5.21 26.99
C VAL G 44 -4.15 4.95 27.37
N ALA G 45 -3.85 5.10 28.66
CA ALA G 45 -2.50 4.86 29.16
C ALA G 45 -2.36 3.39 29.52
N HIS G 46 -1.29 2.77 29.03
CA HIS G 46 -1.08 1.34 29.21
C HIS G 46 -0.38 1.05 30.53
N LYS G 47 -0.78 -0.04 31.16
CA LYS G 47 -0.22 -0.41 32.45
C LYS G 47 0.15 -1.88 32.41
N ASN G 48 1.24 -2.22 33.11
CA ASN G 48 1.69 -3.59 33.29
C ASN G 48 1.99 -4.26 31.94
N ILE G 49 2.95 -3.67 31.22
CA ILE G 49 3.46 -4.25 29.98
C ILE G 49 4.59 -5.21 30.32
N ARG G 50 4.42 -6.49 30.00
CA ARG G 50 5.46 -7.49 30.23
C ARG G 50 6.65 -7.31 29.28
N GLU G 51 7.43 -6.25 29.49
CA GLU G 51 8.50 -5.90 28.56
C GLU G 51 9.44 -7.09 28.43
N GLN G 52 9.50 -7.68 27.25
CA GLN G 52 10.52 -8.70 26.97
C GLN G 52 11.68 -8.11 26.18
N GLY G 53 11.74 -6.78 26.09
CA GLY G 53 12.84 -6.10 25.46
C GLY G 53 12.61 -5.70 24.03
N ARG G 54 11.49 -6.11 23.42
CA ARG G 54 11.25 -5.73 22.04
C ARG G 54 11.18 -4.21 21.86
N PHE G 55 10.96 -3.46 22.94
CA PHE G 55 10.93 -1.99 22.87
C PHE G 55 12.25 -1.42 22.42
N LEU G 56 13.36 -2.01 22.84
CA LEU G 56 14.63 -1.62 22.28
C LEU G 56 15.08 -2.51 21.13
N GLN G 57 14.52 -3.72 21.01
CA GLN G 57 14.93 -4.62 19.93
C GLN G 57 14.63 -4.07 18.54
N ASP G 58 13.84 -3.00 18.47
CA ASP G 58 13.44 -2.28 17.27
C ASP G 58 14.35 -1.11 17.03
N VAL G 59 15.64 -1.36 17.26
CA VAL G 59 16.67 -0.37 17.56
C VAL G 59 16.50 0.92 16.76
N PHE G 60 16.41 0.81 15.44
CA PHE G 60 16.28 2.04 14.68
C PHE G 60 14.84 2.40 14.40
N THR G 61 13.92 1.43 14.34
CA THR G 61 12.51 1.80 14.24
C THR G 61 11.98 2.35 15.56
N THR G 62 12.79 2.34 16.61
CA THR G 62 12.46 3.06 17.83
C THR G 62 12.85 4.52 17.71
N LEU G 63 14.11 4.79 17.37
CA LEU G 63 14.60 6.16 17.38
C LEU G 63 14.15 6.96 16.18
N VAL G 64 13.78 6.31 15.06
CA VAL G 64 13.17 7.07 13.97
C VAL G 64 11.80 7.57 14.32
N ASP G 65 11.22 7.12 15.43
CA ASP G 65 9.99 7.69 15.93
C ASP G 65 10.22 8.99 16.68
N LEU G 66 11.42 9.23 17.20
CA LEU G 66 11.65 10.29 18.18
C LEU G 66 11.45 11.67 17.56
N LYS G 67 11.56 12.68 18.41
CA LYS G 67 11.55 14.04 17.91
C LYS G 67 12.84 14.33 17.16
N TRP G 68 12.97 15.56 16.72
CA TRP G 68 14.18 15.99 16.03
C TRP G 68 15.33 16.32 16.98
N PRO G 69 15.10 17.03 18.09
CA PRO G 69 16.22 17.30 18.99
C PRO G 69 16.83 16.03 19.57
N HIS G 70 16.02 15.07 19.99
CA HIS G 70 16.58 13.83 20.54
C HIS G 70 17.34 13.06 19.47
N THR G 71 16.79 12.96 18.28
CA THR G 71 17.48 12.19 17.24
C THR G 71 18.77 12.88 16.84
N LEU G 72 18.78 14.21 16.74
CA LEU G 72 20.01 14.92 16.43
C LEU G 72 21.03 14.75 17.56
N LEU G 73 20.55 14.79 18.81
CA LEU G 73 21.45 14.57 19.94
C LEU G 73 22.10 13.19 19.86
N ILE G 74 21.30 12.16 19.59
CA ILE G 74 21.87 10.82 19.64
C ILE G 74 22.75 10.58 18.43
N PHE G 75 22.52 11.30 17.32
CA PHE G 75 23.43 11.17 16.18
C PHE G 75 24.76 11.84 16.43
N THR G 76 24.73 13.06 16.98
CA THR G 76 26.01 13.65 17.30
C THR G 76 26.73 12.84 18.36
N MET G 77 26.00 12.19 19.27
CA MET G 77 26.66 11.38 20.31
C MET G 77 27.24 10.10 19.72
N SER G 78 26.58 9.49 18.75
CA SER G 78 27.19 8.39 18.01
C SER G 78 28.49 8.82 17.36
N PHE G 79 28.45 9.92 16.62
CA PHE G 79 29.64 10.33 15.90
C PHE G 79 30.78 10.68 16.86
N LEU G 80 30.50 11.49 17.88
CA LEU G 80 31.55 11.88 18.82
C LEU G 80 32.07 10.67 19.60
N CYS G 81 31.19 9.74 19.96
CA CYS G 81 31.65 8.54 20.64
C CYS G 81 32.66 7.80 19.78
N SER G 82 32.34 7.54 18.52
CA SER G 82 33.27 6.78 17.70
C SER G 82 34.58 7.54 17.51
N TRP G 83 34.50 8.85 17.26
CA TRP G 83 35.70 9.63 17.03
C TRP G 83 36.62 9.61 18.24
N LEU G 84 36.05 9.79 19.44
CA LEU G 84 36.89 9.81 20.63
C LEU G 84 37.48 8.43 20.90
N LEU G 85 36.72 7.37 20.66
CA LEU G 85 37.26 6.03 20.83
C LEU G 85 38.53 5.84 20.00
N PHE G 86 38.43 6.11 18.69
CA PHE G 86 39.60 5.87 17.86
C PHE G 86 40.71 6.89 18.09
N ALA G 87 40.38 8.11 18.51
CA ALA G 87 41.44 9.05 18.85
C ALA G 87 42.24 8.56 20.04
N MET G 88 41.56 7.97 21.03
CA MET G 88 42.27 7.40 22.17
C MET G 88 43.16 6.26 21.73
N VAL G 89 42.64 5.34 20.92
CA VAL G 89 43.47 4.20 20.55
C VAL G 89 44.67 4.64 19.72
N TRP G 90 44.51 5.70 18.91
CA TRP G 90 45.65 6.18 18.12
C TRP G 90 46.67 6.88 18.99
N TRP G 91 46.20 7.74 19.90
CA TRP G 91 47.11 8.33 20.85
C TRP G 91 47.95 7.24 21.51
N LEU G 92 47.29 6.17 21.94
CA LEU G 92 47.98 5.11 22.65
C LEU G 92 48.97 4.39 21.75
N ILE G 93 48.61 4.15 20.49
CA ILE G 93 49.51 3.38 19.66
C ILE G 93 50.75 4.21 19.34
N ALA G 94 50.59 5.52 19.08
CA ALA G 94 51.75 6.38 18.86
C ALA G 94 52.59 6.51 20.12
N PHE G 95 51.96 6.49 21.30
CA PHE G 95 52.72 6.49 22.53
C PHE G 95 53.53 5.22 22.66
N ALA G 96 52.90 4.08 22.37
CA ALA G 96 53.50 2.78 22.59
C ALA G 96 54.63 2.51 21.62
N HIS G 97 54.47 2.87 20.34
CA HIS G 97 55.58 2.65 19.44
C HIS G 97 56.82 3.42 19.88
N GLY G 98 56.64 4.47 20.67
CA GLY G 98 57.73 5.34 21.04
C GLY G 98 57.94 6.47 20.07
N ASP G 99 57.23 6.48 18.94
CA ASP G 99 57.24 7.62 18.05
C ASP G 99 56.71 8.88 18.73
N LEU G 100 56.00 8.73 19.85
CA LEU G 100 55.50 9.90 20.56
C LEU G 100 56.63 10.62 21.29
N ALA G 101 57.64 9.87 21.72
CA ALA G 101 58.82 10.45 22.35
C ALA G 101 59.57 11.30 21.33
N PRO G 102 59.61 12.62 21.51
CA PRO G 102 60.22 13.48 20.50
C PRO G 102 61.70 13.18 20.36
N GLY G 103 62.06 12.70 19.17
CA GLY G 103 63.44 12.33 18.90
C GLY G 103 63.75 12.51 17.43
N GLU G 104 64.98 12.92 17.15
CA GLU G 104 65.43 13.19 15.79
C GLU G 104 66.31 12.01 15.34
N GLY G 105 65.84 11.28 14.33
CA GLY G 105 66.60 10.20 13.76
C GLY G 105 66.34 8.86 14.44
N THR G 106 66.93 7.81 13.86
CA THR G 106 66.84 6.44 14.32
C THR G 106 65.40 5.93 14.34
N ASN G 107 64.46 6.67 13.78
CA ASN G 107 63.08 6.25 13.71
C ASN G 107 62.37 7.05 12.65
N VAL G 108 61.20 6.55 12.26
CA VAL G 108 60.22 7.34 11.53
C VAL G 108 58.90 7.06 12.21
N PRO G 109 58.14 8.08 12.61
CA PRO G 109 56.88 7.81 13.31
C PRO G 109 55.93 7.05 12.40
N CYS G 110 55.14 6.15 13.01
CA CYS G 110 54.11 5.47 12.24
C CYS G 110 53.16 6.47 11.62
N VAL G 111 52.90 7.58 12.32
CA VAL G 111 52.15 8.70 11.79
C VAL G 111 53.06 9.92 11.86
N THR G 112 53.47 10.42 10.71
CA THR G 112 54.41 11.52 10.69
C THR G 112 53.80 12.75 11.37
N SER G 113 54.64 13.51 12.07
CA SER G 113 54.23 14.77 12.69
C SER G 113 53.04 14.57 13.64
N ILE G 114 53.26 13.74 14.66
CA ILE G 114 52.31 13.61 15.76
C ILE G 114 53.03 14.00 17.03
N HIS G 115 52.41 14.86 17.82
CA HIS G 115 53.07 15.37 19.02
C HIS G 115 52.29 15.09 20.29
N SER G 116 51.01 15.39 20.32
CA SER G 116 50.26 15.31 21.55
C SER G 116 48.90 14.70 21.30
N PHE G 117 48.09 14.65 22.35
CA PHE G 117 46.75 14.10 22.22
C PHE G 117 45.93 14.93 21.25
N SER G 118 46.07 16.25 21.31
CA SER G 118 45.27 17.11 20.44
C SER G 118 45.51 16.79 18.97
N SER G 119 46.78 16.74 18.55
CA SER G 119 47.04 16.43 17.16
C SER G 119 46.59 15.02 16.83
N ALA G 120 46.57 14.11 17.82
CA ALA G 120 46.08 12.77 17.54
C ALA G 120 44.58 12.77 17.27
N PHE G 121 43.82 13.50 18.08
CA PHE G 121 42.38 13.62 17.82
C PHE G 121 42.12 14.32 16.51
N LEU G 122 42.98 15.26 16.13
CA LEU G 122 42.88 15.87 14.82
C LEU G 122 43.13 14.85 13.72
N PHE G 123 44.06 13.91 13.95
CA PHE G 123 44.27 12.86 12.96
C PHE G 123 43.07 11.93 12.88
N SER G 124 42.47 11.64 14.03
CA SER G 124 41.30 10.76 14.04
C SER G 124 40.16 11.37 13.26
N ILE G 125 39.86 12.64 13.52
CA ILE G 125 38.78 13.25 12.74
C ILE G 125 39.20 13.49 11.30
N GLU G 126 40.51 13.53 11.02
CA GLU G 126 40.95 13.72 9.64
C GLU G 126 40.76 12.47 8.81
N VAL G 127 40.99 11.30 9.39
CA VAL G 127 40.82 10.09 8.61
C VAL G 127 39.40 9.53 8.71
N GLN G 128 38.74 9.70 9.85
CA GLN G 128 37.42 9.10 10.01
C GLN G 128 36.43 9.71 9.02
N VAL G 129 36.18 11.01 9.12
CA VAL G 129 35.08 11.61 8.39
C VAL G 129 35.52 11.94 6.98
N THR G 130 36.69 11.43 6.60
CA THR G 130 37.16 11.41 5.21
C THR G 130 37.34 12.83 4.65
N ILE G 131 37.96 13.70 5.44
CA ILE G 131 38.51 14.96 4.94
C ILE G 131 39.93 14.75 4.42
N GLY G 132 40.74 13.97 5.13
CA GLY G 132 42.09 13.65 4.71
C GLY G 132 43.04 14.82 4.51
N PHE G 133 43.43 15.48 5.60
CA PHE G 133 44.23 16.69 5.50
C PHE G 133 45.64 16.39 5.03
N GLY G 134 46.22 15.30 5.50
CA GLY G 134 47.52 14.88 5.03
C GLY G 134 48.72 15.62 5.58
N GLY G 135 48.53 16.47 6.59
CA GLY G 135 49.67 17.05 7.25
C GLY G 135 50.41 16.03 8.09
N ARG G 136 49.68 15.11 8.70
CA ARG G 136 50.26 13.97 9.40
C ARG G 136 50.01 12.74 8.55
N MET G 137 51.09 12.06 8.19
CA MET G 137 51.06 10.95 7.25
C MET G 137 51.24 9.66 8.03
N VAL G 138 50.34 8.72 7.82
CA VAL G 138 50.54 7.36 8.28
C VAL G 138 51.46 6.66 7.28
N THR G 139 52.45 5.93 7.80
CA THR G 139 53.56 5.44 7.00
C THR G 139 53.51 3.92 6.89
N GLU G 140 54.33 3.39 5.97
CA GLU G 140 54.40 1.97 5.66
C GLU G 140 55.40 1.22 6.52
N GLU G 141 55.81 1.79 7.65
CA GLU G 141 56.73 1.13 8.56
C GLU G 141 56.02 0.25 9.58
N CYS G 142 54.80 0.59 9.96
CA CYS G 142 54.06 -0.12 11.02
C CYS G 142 52.77 -0.71 10.48
N PRO G 143 52.66 -2.03 10.34
CA PRO G 143 51.39 -2.62 9.88
C PRO G 143 50.27 -2.55 10.90
N LEU G 144 50.59 -2.34 12.18
CA LEU G 144 49.53 -2.20 13.17
C LEU G 144 48.68 -0.97 12.89
N ALA G 145 49.33 0.14 12.50
CA ALA G 145 48.57 1.33 12.11
C ALA G 145 47.73 1.07 10.86
N ILE G 146 48.22 0.22 9.96
CA ILE G 146 47.41 -0.16 8.81
C ILE G 146 46.14 -0.86 9.26
N LEU G 147 46.27 -1.77 10.23
CA LEU G 147 45.08 -2.46 10.72
C LEU G 147 44.11 -1.49 11.38
N ILE G 148 44.61 -0.59 12.21
CA ILE G 148 43.70 0.33 12.88
C ILE G 148 43.00 1.22 11.85
N LEU G 149 43.69 1.59 10.77
CA LEU G 149 43.02 2.38 9.75
C LEU G 149 41.97 1.57 9.01
N ILE G 150 42.28 0.31 8.70
CA ILE G 150 41.39 -0.50 7.88
C ILE G 150 40.17 -0.95 8.65
N VAL G 151 40.18 -0.85 9.97
CA VAL G 151 38.94 -1.03 10.72
C VAL G 151 38.26 0.31 11.01
N GLN G 152 39.04 1.35 11.25
CA GLN G 152 38.47 2.68 11.46
C GLN G 152 37.57 3.05 10.30
N ASN G 153 38.08 2.90 9.09
CA ASN G 153 37.33 3.40 7.94
C ASN G 153 36.07 2.59 7.71
N ILE G 154 36.13 1.26 7.82
CA ILE G 154 34.93 0.48 7.58
C ILE G 154 33.88 0.76 8.66
N VAL G 155 34.29 0.88 9.92
CA VAL G 155 33.25 1.18 10.92
C VAL G 155 32.68 2.56 10.67
N GLY G 156 33.54 3.50 10.27
CA GLY G 156 33.05 4.82 9.95
C GLY G 156 32.02 4.77 8.85
N LEU G 157 32.31 3.97 7.82
CA LEU G 157 31.40 3.92 6.69
C LEU G 157 30.09 3.26 7.06
N MET G 158 30.15 2.23 7.90
CA MET G 158 28.91 1.57 8.27
C MET G 158 28.03 2.49 9.10
N ILE G 159 28.61 3.19 10.07
CA ILE G 159 27.80 4.04 10.93
C ILE G 159 27.31 5.28 10.19
N ASN G 160 28.06 5.72 9.18
CA ASN G 160 27.57 6.76 8.29
C ASN G 160 26.40 6.26 7.47
N ALA G 161 26.46 5.01 7.00
CA ALA G 161 25.38 4.47 6.18
C ALA G 161 24.09 4.37 6.98
N ILE G 162 24.17 3.83 8.20
CA ILE G 162 22.95 3.73 8.99
C ILE G 162 22.45 5.12 9.39
N MET G 163 23.35 6.04 9.76
CA MET G 163 22.91 7.36 10.19
C MET G 163 22.43 8.22 9.04
N LEU G 164 22.57 7.74 7.81
CA LEU G 164 21.85 8.40 6.74
C LEU G 164 20.53 7.71 6.44
N GLY G 165 20.53 6.38 6.35
CA GLY G 165 19.28 5.68 6.08
C GLY G 165 18.22 5.98 7.11
N CYS G 166 18.58 6.00 8.39
CA CYS G 166 17.55 6.23 9.38
C CYS G 166 17.03 7.67 9.34
N ILE G 167 17.89 8.67 9.12
CA ILE G 167 17.33 10.03 9.01
C ILE G 167 16.45 10.13 7.77
N PHE G 168 16.78 9.41 6.69
CA PHE G 168 15.86 9.51 5.56
C PHE G 168 14.56 8.80 5.86
N MET G 169 14.62 7.62 6.47
CA MET G 169 13.41 6.92 6.88
C MET G 169 12.58 7.78 7.80
N LYS G 170 13.22 8.72 8.49
CA LYS G 170 12.50 9.69 9.29
C LYS G 170 11.82 10.73 8.42
N THR G 171 12.53 11.33 7.48
CA THR G 171 11.90 12.40 6.71
C THR G 171 10.69 11.91 5.90
N ALA G 172 10.38 10.62 5.94
CA ALA G 172 9.07 10.13 5.53
C ALA G 172 8.07 10.11 6.68
N GLN G 173 8.31 10.90 7.71
CA GLN G 173 7.25 11.17 8.67
C GLN G 173 6.25 12.09 7.98
N ALA G 174 5.07 11.56 7.66
CA ALA G 174 4.02 12.36 7.07
C ALA G 174 2.83 12.53 8.02
N HIS G 175 2.98 12.15 9.28
CA HIS G 175 1.95 12.48 10.26
C HIS G 175 1.64 13.97 10.23
N ARG G 176 2.64 14.83 9.96
CA ARG G 176 2.32 16.24 9.80
C ARG G 176 1.20 16.44 8.79
N ARG G 177 1.25 15.71 7.66
CA ARG G 177 0.10 15.65 6.76
C ARG G 177 -1.12 15.05 7.44
N ALA G 178 -0.95 14.24 8.48
CA ALA G 178 -2.13 13.93 9.25
C ALA G 178 -2.55 15.12 10.11
N GLU G 179 -1.67 16.10 10.32
CA GLU G 179 -2.06 17.28 11.07
C GLU G 179 -2.91 18.20 10.19
N THR G 180 -2.57 18.31 8.90
CA THR G 180 -3.26 19.33 8.11
C THR G 180 -4.73 19.01 7.91
N LEU G 181 -5.14 17.74 7.99
CA LEU G 181 -6.57 17.46 7.84
C LEU G 181 -7.33 18.08 9.01
N ILE G 182 -8.60 18.39 8.77
CA ILE G 182 -9.46 18.98 9.79
C ILE G 182 -10.87 18.42 9.72
N PHE G 183 -11.48 18.29 10.89
CA PHE G 183 -12.87 17.90 11.02
C PHE G 183 -13.61 19.01 11.77
N SER G 184 -14.91 19.13 11.53
CA SER G 184 -15.66 20.14 12.26
C SER G 184 -15.73 19.78 13.74
N LYS G 185 -15.86 20.81 14.58
CA LYS G 185 -15.71 20.63 16.02
C LYS G 185 -16.81 19.74 16.60
N HIS G 186 -18.05 19.94 16.15
CA HIS G 186 -19.18 19.13 16.57
C HIS G 186 -19.97 18.66 15.35
N ALA G 187 -20.66 17.54 15.50
CA ALA G 187 -21.43 16.91 14.43
C ALA G 187 -22.91 17.00 14.73
N VAL G 188 -23.72 17.26 13.69
CA VAL G 188 -25.16 17.38 13.82
C VAL G 188 -25.84 16.23 13.09
N ILE G 189 -27.08 15.97 13.49
CA ILE G 189 -27.94 14.99 12.82
C ILE G 189 -29.12 15.73 12.20
N THR G 190 -29.70 15.13 11.17
CA THR G 190 -30.81 15.78 10.45
C THR G 190 -31.80 14.72 9.98
N LEU G 191 -32.78 15.15 9.19
CA LEU G 191 -33.75 14.25 8.57
C LEU G 191 -33.61 14.40 7.05
N ARG G 192 -33.05 13.38 6.42
CA ARG G 192 -32.90 13.38 4.97
C ARG G 192 -33.66 12.21 4.33
N HIS G 193 -34.47 12.52 3.33
CA HIS G 193 -35.22 11.50 2.60
C HIS G 193 -36.16 10.74 3.49
N GLY G 194 -36.70 11.42 4.49
CA GLY G 194 -37.69 10.82 5.38
C GLY G 194 -37.09 9.91 6.43
N ARG G 195 -35.77 9.90 6.52
CA ARG G 195 -35.06 9.07 7.50
C ARG G 195 -34.03 9.89 8.24
N LEU G 196 -33.82 9.56 9.52
CA LEU G 196 -32.85 10.30 10.32
C LEU G 196 -31.44 10.12 9.78
N CYS G 197 -30.68 11.21 9.77
CA CYS G 197 -29.30 11.18 9.26
C CYS G 197 -28.34 11.99 10.12
N PHE G 198 -27.07 11.60 10.10
CA PHE G 198 -26.03 12.33 10.83
C PHE G 198 -25.00 12.88 9.85
N MET G 199 -24.67 14.16 9.97
CA MET G 199 -23.74 14.80 9.07
C MET G 199 -22.49 15.35 9.77
N LEU G 200 -21.32 15.02 9.24
CA LEU G 200 -20.05 15.53 9.75
C LEU G 200 -19.21 16.01 8.58
N ARG G 201 -18.39 17.04 8.81
CA ARG G 201 -17.57 17.61 7.74
C ARG G 201 -16.14 17.11 7.82
N VAL G 202 -15.48 17.08 6.66
CA VAL G 202 -14.05 16.87 6.54
C VAL G 202 -13.52 17.83 5.48
N GLY G 203 -12.23 17.75 5.22
CA GLY G 203 -11.67 18.67 4.26
C GLY G 203 -10.18 18.54 4.17
N ASP G 204 -9.63 19.14 3.12
CA ASP G 204 -8.21 19.15 2.85
C ASP G 204 -7.69 20.56 3.08
N LEU G 205 -6.40 20.66 3.40
CA LEU G 205 -5.80 21.95 3.67
C LEU G 205 -4.63 22.28 2.75
N ARG G 206 -4.34 21.46 1.75
CA ARG G 206 -3.29 21.80 0.82
C ARG G 206 -3.71 21.43 -0.59
N LYS G 207 -2.85 21.78 -1.54
CA LYS G 207 -3.06 21.37 -2.92
C LYS G 207 -2.91 19.86 -3.07
N SER G 208 -1.97 19.27 -2.33
CA SER G 208 -1.63 17.86 -2.48
C SER G 208 -2.78 16.97 -2.04
N MET G 209 -3.17 16.05 -2.91
CA MET G 209 -4.27 15.14 -2.65
C MET G 209 -3.82 13.98 -1.75
N ILE G 210 -4.80 13.20 -1.31
CA ILE G 210 -4.55 12.00 -0.52
C ILE G 210 -5.24 10.85 -1.24
N ILE G 211 -4.46 9.83 -1.59
CA ILE G 211 -4.91 8.79 -2.52
C ILE G 211 -5.74 7.75 -1.77
N SER G 212 -6.95 7.51 -2.26
CA SER G 212 -7.78 6.35 -1.87
C SER G 212 -8.15 6.36 -0.39
N ALA G 213 -8.41 7.55 0.14
CA ALA G 213 -8.80 7.69 1.54
C ALA G 213 -10.06 6.86 1.83
N THR G 214 -10.06 6.17 2.95
CA THR G 214 -11.21 5.36 3.33
C THR G 214 -11.64 5.71 4.75
N ILE G 215 -12.92 5.53 5.03
CA ILE G 215 -13.52 5.92 6.30
C ILE G 215 -13.92 4.68 7.06
N HIS G 216 -13.38 4.55 8.29
CA HIS G 216 -13.81 3.55 9.24
C HIS G 216 -14.43 4.29 10.41
N MET G 217 -15.74 4.19 10.54
CA MET G 217 -16.52 4.99 11.47
C MET G 217 -17.03 4.09 12.59
N GLN G 218 -16.61 4.34 13.83
CA GLN G 218 -16.83 3.41 14.92
C GLN G 218 -17.46 4.09 16.11
N VAL G 219 -18.22 3.31 16.88
CA VAL G 219 -18.94 3.79 18.07
C VAL G 219 -18.53 2.93 19.25
N VAL G 220 -18.31 3.54 20.41
CA VAL G 220 -17.94 2.77 21.59
C VAL G 220 -18.92 3.03 22.72
N ARG G 221 -19.13 2.00 23.55
CA ARG G 221 -20.11 2.06 24.62
C ARG G 221 -19.90 0.90 25.60
N LYS G 222 -20.04 1.18 26.89
CA LYS G 222 -20.03 0.12 27.88
C LYS G 222 -21.29 -0.72 27.72
N THR G 223 -21.13 -1.98 27.33
CA THR G 223 -22.25 -2.81 26.93
C THR G 223 -22.36 -4.03 27.82
N THR G 224 -23.61 -4.44 28.10
CA THR G 224 -23.91 -5.66 28.84
C THR G 224 -24.71 -6.59 27.95
N SER G 225 -24.16 -7.79 27.71
CA SER G 225 -24.82 -8.75 26.86
C SER G 225 -26.01 -9.37 27.59
N PRO G 226 -26.94 -9.99 26.85
CA PRO G 226 -28.02 -10.74 27.52
C PRO G 226 -27.51 -11.93 28.30
N GLU G 227 -26.27 -12.35 28.08
CA GLU G 227 -25.66 -13.44 28.84
C GLU G 227 -25.04 -12.99 30.14
N GLY G 228 -25.31 -11.75 30.57
CA GLY G 228 -24.70 -11.24 31.78
C GLY G 228 -23.28 -10.75 31.62
N GLU G 229 -22.74 -10.77 30.40
CA GLU G 229 -21.38 -10.30 30.17
C GLU G 229 -21.40 -8.78 29.99
N VAL G 230 -20.57 -8.09 30.76
CA VAL G 230 -20.42 -6.64 30.69
C VAL G 230 -19.05 -6.34 30.11
N VAL G 231 -19.03 -5.52 29.06
CA VAL G 231 -17.76 -5.07 28.48
C VAL G 231 -17.56 -3.60 28.86
N PRO G 232 -16.34 -3.20 29.22
CA PRO G 232 -16.12 -1.79 29.58
C PRO G 232 -16.17 -0.86 28.39
N LEU G 233 -15.99 -1.37 27.18
CA LEU G 233 -15.91 -0.57 25.96
C LEU G 233 -16.09 -1.50 24.78
N HIS G 234 -16.92 -1.11 23.82
CA HIS G 234 -17.38 -2.01 22.77
C HIS G 234 -17.40 -1.31 21.41
N GLN G 235 -16.34 -1.48 20.62
CA GLN G 235 -16.27 -0.87 19.30
C GLN G 235 -17.16 -1.62 18.33
N VAL G 236 -17.96 -0.89 17.57
CA VAL G 236 -18.83 -1.47 16.55
C VAL G 236 -18.81 -0.56 15.32
N ASP G 237 -18.76 -1.18 14.14
CA ASP G 237 -18.72 -0.39 12.92
C ASP G 237 -20.10 0.13 12.59
N ILE G 238 -20.17 1.42 12.30
CA ILE G 238 -21.34 2.04 11.69
C ILE G 238 -20.99 2.37 10.26
N PRO G 239 -21.79 1.97 9.28
CA PRO G 239 -21.36 2.08 7.88
C PRO G 239 -21.31 3.53 7.43
N MET G 240 -20.40 3.81 6.49
CA MET G 240 -20.48 5.05 5.74
C MET G 240 -21.25 4.77 4.46
N GLU G 241 -22.26 5.59 4.17
CA GLU G 241 -23.21 5.28 3.12
C GLU G 241 -22.87 6.10 1.89
N ASN G 242 -22.31 5.40 0.90
CA ASN G 242 -21.86 5.90 -0.39
C ASN G 242 -22.73 5.22 -1.44
N GLY G 243 -22.32 5.25 -2.70
CA GLY G 243 -23.03 4.54 -3.75
C GLY G 243 -23.01 3.04 -3.50
N VAL G 244 -23.22 2.19 -4.52
CA VAL G 244 -23.56 0.78 -4.35
C VAL G 244 -22.89 0.07 -3.18
N GLY G 245 -21.78 0.61 -2.70
CA GLY G 245 -21.06 0.01 -1.60
C GLY G 245 -19.86 0.85 -1.25
N GLY G 246 -18.71 0.22 -1.03
CA GLY G 246 -17.50 0.99 -0.87
C GLY G 246 -17.29 1.57 0.52
N ASN G 247 -16.05 1.47 0.97
CA ASN G 247 -15.65 1.97 2.28
C ASN G 247 -14.96 3.32 2.21
N GLY G 248 -14.61 3.79 1.00
CA GLY G 248 -13.73 4.92 0.82
C GLY G 248 -14.41 6.04 0.03
N ILE G 249 -13.75 7.20 0.05
CA ILE G 249 -14.29 8.45 -0.45
C ILE G 249 -13.23 9.20 -1.25
N PHE G 250 -13.63 10.34 -1.80
CA PHE G 250 -12.76 11.16 -2.64
C PHE G 250 -12.82 12.59 -2.13
N LEU G 251 -11.67 13.14 -1.75
CA LEU G 251 -11.56 14.40 -1.04
C LEU G 251 -10.98 15.47 -1.96
N VAL G 252 -11.81 16.40 -2.39
CA VAL G 252 -11.33 17.58 -3.10
C VAL G 252 -11.77 18.81 -2.33
N ALA G 253 -13.07 18.99 -2.19
CA ALA G 253 -13.71 20.01 -1.39
C ALA G 253 -14.26 19.41 -0.11
N PRO G 254 -14.58 20.24 0.91
CA PRO G 254 -15.22 19.70 2.11
C PRO G 254 -16.50 18.94 1.83
N LEU G 255 -16.46 17.64 2.08
CA LEU G 255 -17.56 16.73 1.80
C LEU G 255 -18.17 16.26 3.11
N ILE G 256 -19.43 16.61 3.35
CA ILE G 256 -20.14 16.07 4.50
C ILE G 256 -20.37 14.58 4.30
N ILE G 257 -19.92 13.78 5.25
CA ILE G 257 -20.10 12.34 5.22
C ILE G 257 -21.52 12.01 5.66
N TYR G 258 -22.15 11.09 4.95
CA TYR G 258 -23.59 10.91 4.99
C TYR G 258 -23.90 9.47 5.35
N HIS G 259 -24.33 9.23 6.59
CA HIS G 259 -24.78 7.92 6.99
C HIS G 259 -26.26 8.01 7.33
N VAL G 260 -27.00 6.92 7.14
CA VAL G 260 -28.40 6.85 7.57
C VAL G 260 -28.54 5.74 8.60
N ILE G 261 -28.90 6.12 9.82
CA ILE G 261 -29.14 5.14 10.87
C ILE G 261 -30.49 4.48 10.62
N ASP G 262 -30.50 3.15 10.63
CA ASP G 262 -31.71 2.38 10.44
C ASP G 262 -31.87 1.45 11.64
N SER G 263 -32.99 0.71 11.64
CA SER G 263 -33.29 -0.18 12.76
C SER G 263 -32.19 -1.20 12.98
N ASN G 264 -31.46 -1.57 11.92
CA ASN G 264 -30.34 -2.49 12.07
C ASN G 264 -29.10 -1.84 12.68
N SER G 265 -28.97 -0.52 12.56
CA SER G 265 -27.78 0.16 13.04
C SER G 265 -27.69 0.12 14.56
N PRO G 266 -26.46 0.11 15.11
CA PRO G 266 -26.31 0.02 16.57
C PRO G 266 -26.67 1.28 17.31
N LEU G 267 -26.56 2.44 16.66
CA LEU G 267 -26.86 3.72 17.29
C LEU G 267 -28.35 4.01 17.32
N TYR G 268 -29.17 3.16 16.70
CA TYR G 268 -30.57 3.44 16.41
C TYR G 268 -31.45 3.53 17.67
N ASP G 269 -30.97 3.12 18.84
CA ASP G 269 -31.84 2.99 19.99
C ASP G 269 -31.87 4.21 20.92
N LEU G 270 -30.92 5.14 20.79
CA LEU G 270 -30.78 6.20 21.78
C LEU G 270 -31.91 7.22 21.67
N ALA G 271 -31.97 8.13 22.67
CA ALA G 271 -32.96 9.18 22.80
C ALA G 271 -32.31 10.57 22.65
N PRO G 272 -33.03 11.55 22.10
CA PRO G 272 -32.42 12.86 21.83
C PRO G 272 -32.23 13.71 23.07
N SER G 273 -32.95 13.45 24.16
CA SER G 273 -32.79 14.25 25.37
C SER G 273 -31.80 13.65 26.34
N ASP G 274 -31.42 12.39 26.17
CA ASP G 274 -30.50 11.73 27.08
C ASP G 274 -29.06 11.80 26.61
N LEU G 275 -28.81 12.31 25.41
CA LEU G 275 -27.45 12.34 24.88
C LEU G 275 -26.65 13.51 25.40
N HIS G 276 -27.29 14.66 25.63
CA HIS G 276 -26.53 15.88 25.87
C HIS G 276 -25.72 15.82 27.16
N HIS G 277 -26.23 15.17 28.19
CA HIS G 277 -25.59 15.27 29.50
C HIS G 277 -25.10 13.95 30.04
N HIS G 278 -25.95 12.94 30.12
CA HIS G 278 -25.70 11.77 30.96
C HIS G 278 -24.92 10.69 30.22
N GLN G 279 -25.46 10.22 29.09
CA GLN G 279 -24.91 9.06 28.41
C GLN G 279 -23.45 9.28 28.05
N ASP G 280 -22.72 8.17 27.89
CA ASP G 280 -21.31 8.17 27.53
C ASP G 280 -21.15 7.42 26.20
N LEU G 281 -21.17 8.17 25.10
CA LEU G 281 -21.07 7.61 23.76
C LEU G 281 -20.03 8.38 22.97
N GLU G 282 -18.92 7.72 22.65
CA GLU G 282 -17.89 8.31 21.79
C GLU G 282 -18.05 7.72 20.40
N ILE G 283 -18.19 8.61 19.42
CA ILE G 283 -18.23 8.23 18.01
C ILE G 283 -16.93 8.73 17.38
N ILE G 284 -16.06 7.81 17.00
CA ILE G 284 -14.78 8.18 16.42
C ILE G 284 -14.82 7.90 14.93
N VAL G 285 -14.05 8.67 14.19
CA VAL G 285 -13.86 8.41 12.78
C VAL G 285 -12.36 8.29 12.50
N ILE G 286 -12.01 7.32 11.67
CA ILE G 286 -10.64 7.08 11.28
C ILE G 286 -10.61 7.18 9.78
N LEU G 287 -9.97 8.22 9.27
CA LEU G 287 -9.78 8.37 7.83
C LEU G 287 -8.35 8.00 7.47
N GLU G 288 -8.20 7.05 6.55
CA GLU G 288 -6.91 6.56 6.11
C GLU G 288 -6.69 7.01 4.66
N GLY G 289 -5.43 7.10 4.27
CA GLY G 289 -5.14 7.41 2.89
C GLY G 289 -3.66 7.58 2.71
N VAL G 290 -3.15 7.37 1.53
CA VAL G 290 -1.73 7.51 1.27
C VAL G 290 -1.49 8.84 0.58
N VAL G 291 -0.54 9.62 1.10
CA VAL G 291 -0.20 10.91 0.48
C VAL G 291 0.55 10.67 -0.83
N GLU G 292 0.45 11.65 -1.73
CA GLU G 292 0.94 11.46 -3.08
C GLU G 292 2.46 11.33 -3.11
N THR G 293 3.17 12.36 -2.64
CA THR G 293 4.59 12.52 -2.95
C THR G 293 5.47 11.54 -2.18
N THR G 294 5.18 11.29 -0.92
CA THR G 294 6.01 10.33 -0.18
C THR G 294 5.56 8.91 -0.47
N GLY G 295 4.26 8.68 -0.61
CA GLY G 295 3.73 7.36 -0.81
C GLY G 295 3.36 6.63 0.45
N ILE G 296 3.67 7.19 1.62
CA ILE G 296 3.32 6.54 2.89
C ILE G 296 1.81 6.60 3.09
N THR G 297 1.31 5.73 3.99
CA THR G 297 -0.11 5.69 4.31
C THR G 297 -0.32 6.33 5.68
N THR G 298 -0.99 7.47 5.71
CA THR G 298 -1.28 8.18 6.93
C THR G 298 -2.75 8.03 7.25
N GLN G 299 -3.13 8.44 8.45
CA GLN G 299 -4.54 8.42 8.83
C GLN G 299 -4.77 9.52 9.86
N ALA G 300 -6.03 9.73 10.19
CA ALA G 300 -6.39 10.70 11.22
C ALA G 300 -7.59 10.15 11.99
N ARG G 301 -7.58 10.43 13.29
CA ARG G 301 -8.55 9.88 14.22
C ARG G 301 -9.17 10.99 15.03
N THR G 302 -10.48 11.01 15.14
CA THR G 302 -11.09 11.98 16.03
C THR G 302 -12.31 11.39 16.72
N SER G 303 -12.62 11.95 17.90
CA SER G 303 -13.72 11.51 18.75
C SER G 303 -14.78 12.60 18.86
N TYR G 304 -16.03 12.18 18.97
CA TYR G 304 -17.13 13.07 19.31
C TYR G 304 -17.86 12.48 20.51
N LEU G 305 -17.96 13.27 21.57
CA LEU G 305 -18.56 12.81 22.81
C LEU G 305 -20.07 13.03 22.78
N ALA G 306 -20.75 12.52 23.81
CA ALA G 306 -22.18 12.73 23.92
C ALA G 306 -22.52 14.20 24.20
N ASP G 307 -21.59 14.93 24.81
CA ASP G 307 -21.82 16.35 25.06
C ASP G 307 -21.40 17.23 23.88
N GLU G 308 -20.61 16.71 22.94
CA GLU G 308 -20.19 17.48 21.77
C GLU G 308 -21.24 17.50 20.68
N ILE G 309 -21.91 16.36 20.46
CA ILE G 309 -22.88 16.25 19.40
C ILE G 309 -24.17 16.96 19.80
N LEU G 310 -24.89 17.48 18.80
CA LEU G 310 -26.16 18.16 19.03
C LEU G 310 -27.18 17.69 18.00
N TRP G 311 -28.41 18.18 18.13
CA TRP G 311 -29.57 17.61 17.44
C TRP G 311 -30.27 18.65 16.58
N GLY G 312 -30.77 18.21 15.43
CA GLY G 312 -31.65 19.01 14.59
C GLY G 312 -31.12 20.35 14.11
N GLN G 313 -30.13 20.33 13.22
CA GLN G 313 -29.52 21.54 12.67
C GLN G 313 -29.14 21.28 11.22
N ARG G 314 -28.52 22.28 10.59
CA ARG G 314 -27.98 22.06 9.25
C ARG G 314 -26.79 22.98 9.01
N PHE G 315 -25.76 22.45 8.38
CA PHE G 315 -24.59 23.25 8.06
C PHE G 315 -24.92 24.26 6.96
N VAL G 316 -24.10 25.30 6.88
CA VAL G 316 -24.27 26.34 5.86
C VAL G 316 -23.50 25.91 4.61
N PRO G 317 -24.05 26.09 3.41
CA PRO G 317 -23.32 25.72 2.19
C PRO G 317 -22.03 26.51 2.03
N ILE G 318 -20.91 25.78 1.92
CA ILE G 318 -19.60 26.39 1.77
C ILE G 318 -19.34 26.76 0.32
N VAL G 319 -19.40 25.77 -0.58
CA VAL G 319 -19.05 25.99 -1.98
C VAL G 319 -19.97 27.01 -2.60
N ALA G 320 -19.40 27.91 -3.39
CA ALA G 320 -20.19 28.92 -4.07
C ALA G 320 -19.61 29.16 -5.46
N GLU G 321 -20.50 29.37 -6.42
CA GLU G 321 -20.06 29.63 -7.79
C GLU G 321 -19.47 31.02 -7.84
N GLU G 322 -18.15 31.10 -7.79
CA GLU G 322 -17.45 32.36 -8.00
C GLU G 322 -17.06 32.48 -9.47
N ASP G 323 -16.35 33.57 -9.76
CA ASP G 323 -16.26 34.27 -11.03
C ASP G 323 -16.25 33.29 -12.19
N GLY G 324 -15.33 32.35 -12.13
CA GLY G 324 -15.33 31.28 -13.10
C GLY G 324 -14.99 29.95 -12.45
N ARG G 325 -15.04 29.90 -11.12
CA ARG G 325 -14.62 28.70 -10.39
C ARG G 325 -15.57 28.42 -9.25
N TYR G 326 -15.14 27.55 -8.34
CA TYR G 326 -15.86 27.28 -7.11
C TYR G 326 -15.02 27.81 -5.96
N SER G 327 -15.54 28.79 -5.25
CA SER G 327 -14.88 29.32 -4.07
C SER G 327 -15.40 28.56 -2.85
N VAL G 328 -14.48 28.15 -1.98
CA VAL G 328 -14.83 27.53 -0.71
C VAL G 328 -14.44 28.50 0.40
N ASP G 329 -15.39 28.80 1.28
CA ASP G 329 -15.17 29.71 2.41
C ASP G 329 -15.12 28.88 3.69
N TYR G 330 -13.97 28.86 4.34
CA TYR G 330 -13.79 28.07 5.56
C TYR G 330 -14.22 28.82 6.80
N SER G 331 -14.71 30.06 6.67
CA SER G 331 -15.26 30.77 7.82
C SER G 331 -16.55 30.13 8.29
N LYS G 332 -17.41 29.75 7.34
CA LYS G 332 -18.65 29.07 7.65
C LYS G 332 -18.47 27.57 7.84
N PHE G 333 -17.22 27.09 7.86
CA PHE G 333 -16.99 25.66 8.00
C PHE G 333 -17.73 25.10 9.20
N GLY G 334 -17.52 25.69 10.37
CA GLY G 334 -18.20 25.28 11.57
C GLY G 334 -19.50 25.99 11.86
N ASN G 335 -20.06 26.74 10.89
CA ASN G 335 -21.30 27.44 11.15
C ASN G 335 -22.49 26.51 10.95
N THR G 336 -23.61 26.87 11.59
CA THR G 336 -24.77 26.01 11.72
C THR G 336 -26.04 26.85 11.81
N ILE G 337 -27.10 26.38 11.16
CA ILE G 337 -28.38 27.07 11.16
C ILE G 337 -29.44 26.14 11.74
N LYS G 338 -30.46 26.77 12.33
CA LYS G 338 -31.59 26.04 12.89
C LYS G 338 -32.50 25.52 11.80
N VAL G 339 -33.06 24.34 12.00
CA VAL G 339 -33.99 23.74 11.05
C VAL G 339 -35.18 23.15 11.79
N PRO G 340 -36.40 23.49 11.40
CA PRO G 340 -37.58 22.92 12.09
C PRO G 340 -37.80 21.45 11.76
N THR G 341 -37.08 20.56 12.44
CA THR G 341 -37.25 19.13 12.27
C THR G 341 -37.79 18.49 13.55
N PRO G 342 -38.61 17.45 13.44
CA PRO G 342 -39.17 16.82 14.64
C PRO G 342 -38.08 16.18 15.50
N LEU G 343 -38.24 16.31 16.82
CA LEU G 343 -37.28 15.81 17.80
C LEU G 343 -37.89 14.59 18.49
N CYS G 344 -37.30 13.42 18.25
CA CYS G 344 -37.77 12.18 18.83
C CYS G 344 -36.69 11.12 18.70
N THR G 345 -36.89 9.99 19.39
CA THR G 345 -35.90 8.91 19.38
C THR G 345 -36.01 8.11 18.10
N ALA G 346 -34.85 7.61 17.64
CA ALA G 346 -34.80 6.89 16.36
C ALA G 346 -35.66 5.64 16.40
N ARG G 347 -35.74 4.97 17.55
CA ARG G 347 -36.67 3.86 17.70
C ARG G 347 -38.11 4.34 17.60
N GLN G 348 -38.45 5.37 18.37
CA GLN G 348 -39.79 5.95 18.28
C GLN G 348 -40.03 6.60 16.93
N LEU G 349 -39.00 7.14 16.30
CA LEU G 349 -39.17 7.69 14.96
C LEU G 349 -39.45 6.58 13.95
N ASP G 350 -38.82 5.42 14.12
CA ASP G 350 -39.10 4.30 13.24
C ASP G 350 -40.51 3.77 13.48
N GLU G 351 -40.96 3.77 14.73
CA GLU G 351 -42.33 3.36 15.02
C GLU G 351 -43.34 4.35 14.43
N ASP G 352 -43.01 5.65 14.46
CA ASP G 352 -43.88 6.64 13.83
C ASP G 352 -43.85 6.53 12.31
N ARG G 353 -42.71 6.14 11.73
CA ARG G 353 -42.66 5.88 10.30
C ARG G 353 -43.52 4.67 9.94
N SER G 354 -43.52 3.65 10.81
CA SER G 354 -44.48 2.56 10.66
C SER G 354 -45.91 3.07 10.77
N LEU G 355 -46.12 4.11 11.57
CA LEU G 355 -47.42 4.78 11.65
C LEU G 355 -47.58 5.90 10.63
N LEU G 356 -46.50 6.34 9.99
CA LEU G 356 -46.55 7.41 9.01
C LEU G 356 -45.32 7.39 8.09
N ASN H 24 58.03 2.33 32.28
CA ASN H 24 57.00 2.95 31.46
C ASN H 24 55.72 3.18 32.26
N GLY H 25 55.81 3.96 33.34
CA GLY H 25 54.66 4.15 34.20
C GLY H 25 53.50 4.82 33.49
N CYS H 26 53.79 5.91 32.77
CA CYS H 26 52.72 6.58 32.03
C CYS H 26 52.08 5.65 31.00
N PHE H 27 52.87 4.74 30.42
CA PHE H 27 52.31 3.80 29.46
C PHE H 27 51.27 2.91 30.12
N VAL H 28 51.56 2.41 31.32
CA VAL H 28 50.59 1.55 32.00
C VAL H 28 49.40 2.36 32.49
N ASP H 29 49.62 3.63 32.87
CA ASP H 29 48.49 4.48 33.22
C ASP H 29 47.53 4.64 32.05
N ALA H 30 48.07 4.89 30.86
CA ALA H 30 47.22 5.01 29.68
C ALA H 30 46.52 3.69 29.37
N LEU H 31 47.26 2.59 29.46
CA LEU H 31 46.66 1.27 29.22
C LEU H 31 45.50 1.01 30.18
N ASN H 32 45.56 1.56 31.39
CA ASN H 32 44.43 1.46 32.29
C ASN H 32 43.29 2.38 31.88
N VAL H 33 43.63 3.57 31.39
CA VAL H 33 42.59 4.53 31.01
C VAL H 33 41.74 3.99 29.87
N VAL H 34 42.33 3.16 29.00
CA VAL H 34 41.61 2.72 27.80
C VAL H 34 40.31 2.00 28.10
N PRO H 35 40.25 0.94 28.91
CA PRO H 35 38.99 0.17 29.02
C PRO H 35 37.83 0.96 29.63
N HIS H 36 38.12 1.82 30.61
CA HIS H 36 37.06 2.71 31.11
C HIS H 36 36.46 3.51 29.98
N VAL H 37 37.31 4.00 29.07
CA VAL H 37 36.84 4.77 27.93
C VAL H 37 35.96 3.90 27.03
N PHE H 38 36.38 2.66 26.79
CA PHE H 38 35.59 1.76 25.95
C PHE H 38 34.18 1.58 26.52
N LEU H 39 34.09 1.34 27.84
CA LEU H 39 32.79 1.11 28.45
C LEU H 39 31.95 2.38 28.48
N LEU H 40 32.55 3.51 28.86
CA LEU H 40 31.82 4.77 28.84
C LEU H 40 31.35 5.14 27.45
N PHE H 41 31.97 4.62 26.42
CA PHE H 41 31.53 4.94 25.08
C PHE H 41 30.43 4.00 24.59
N ILE H 42 30.49 2.73 24.96
CA ILE H 42 29.37 1.85 24.61
C ILE H 42 28.14 2.13 25.46
N THR H 43 28.29 2.69 26.66
CA THR H 43 27.12 2.88 27.50
C THR H 43 26.21 3.99 27.01
N PHE H 44 26.74 4.94 26.24
CA PHE H 44 25.99 6.16 26.00
C PHE H 44 24.86 5.99 24.98
N PRO H 45 25.04 5.23 23.90
CA PRO H 45 23.89 4.96 23.02
C PRO H 45 22.76 4.28 23.76
N ILE H 46 23.05 3.19 24.46
CA ILE H 46 21.98 2.46 25.14
C ILE H 46 21.38 3.32 26.24
N LEU H 47 22.21 4.03 26.99
CA LEU H 47 21.68 4.88 28.05
C LEU H 47 20.82 6.00 27.47
N PHE H 48 21.15 6.48 26.27
CA PHE H 48 20.37 7.58 25.69
C PHE H 48 19.09 7.10 25.04
N ILE H 49 19.07 5.87 24.52
CA ILE H 49 17.82 5.29 24.06
C ILE H 49 16.91 5.01 25.25
N GLY H 50 17.46 4.45 26.33
CA GLY H 50 16.66 4.17 27.51
C GLY H 50 16.19 5.41 28.22
N TRP H 51 16.95 6.51 28.13
CA TRP H 51 16.52 7.75 28.77
C TRP H 51 15.57 8.56 27.89
N GLY H 52 15.67 8.41 26.58
CA GLY H 52 14.79 9.11 25.66
C GLY H 52 13.37 8.58 25.64
N SER H 63 6.05 -2.66 34.08
CA SER H 63 6.44 -2.48 35.47
C SER H 63 6.74 -3.82 36.15
N THR H 64 7.74 -4.53 35.64
CA THR H 64 8.18 -5.81 36.20
C THR H 64 9.67 -5.72 36.52
N TRP H 65 10.01 -6.02 37.77
CA TRP H 65 11.40 -5.98 38.24
C TRP H 65 11.94 -7.41 38.29
N LEU H 66 13.01 -7.65 37.54
CA LEU H 66 13.70 -8.94 37.51
C LEU H 66 15.02 -8.78 38.24
N HIS H 67 15.26 -9.61 39.25
CA HIS H 67 16.48 -9.56 40.02
C HIS H 67 17.36 -10.76 39.70
N PHE H 68 18.67 -10.54 39.76
CA PHE H 68 19.63 -11.59 39.44
C PHE H 68 20.45 -11.94 40.69
N PRO H 69 20.92 -13.18 40.80
CA PRO H 69 21.76 -13.53 41.94
C PRO H 69 23.02 -12.68 41.97
N GLY H 70 23.41 -12.26 43.17
CA GLY H 70 24.55 -11.39 43.34
C GLY H 70 24.25 -9.92 43.22
N HIS H 71 22.97 -9.55 43.05
CA HIS H 71 22.60 -8.16 42.91
C HIS H 71 23.09 -7.34 44.10
N ASN H 72 22.71 -7.75 45.31
CA ASN H 72 23.13 -7.03 46.52
C ASN H 72 24.64 -7.08 46.69
N LEU H 73 25.25 -8.23 46.40
CA LEU H 73 26.70 -8.31 46.41
C LEU H 73 27.29 -7.35 45.39
N ARG H 74 26.66 -7.25 44.20
CA ARG H 74 27.18 -6.34 43.19
C ARG H 74 27.16 -4.90 43.69
N TRP H 75 26.05 -4.47 44.29
CA TRP H 75 25.97 -3.10 44.75
C TRP H 75 26.92 -2.83 45.92
N ILE H 76 27.05 -3.79 46.84
CA ILE H 76 28.01 -3.63 47.92
C ILE H 76 29.42 -3.45 47.36
N LEU H 77 29.81 -4.34 46.44
CA LEU H 77 31.13 -4.23 45.83
C LEU H 77 31.27 -2.92 45.08
N THR H 78 30.20 -2.43 44.47
CA THR H 78 30.30 -1.16 43.73
C THR H 78 30.54 0.01 44.68
N PHE H 79 29.91 -0.02 45.86
CA PHE H 79 30.19 1.02 46.83
C PHE H 79 31.62 0.92 47.35
N ILE H 80 32.13 -0.30 47.52
CA ILE H 80 33.51 -0.44 47.93
C ILE H 80 34.45 0.10 46.85
N LEU H 81 34.09 -0.11 45.58
CA LEU H 81 34.86 0.47 44.48
C LEU H 81 34.84 1.98 44.54
N LEU H 82 33.67 2.56 44.78
CA LEU H 82 33.56 4.00 44.95
C LEU H 82 34.55 4.50 46.00
N PHE H 83 34.58 3.81 47.15
CA PHE H 83 35.50 4.21 48.23
C PHE H 83 36.96 4.13 47.79
N VAL H 84 37.36 3.00 47.22
CA VAL H 84 38.75 2.83 46.82
C VAL H 84 39.12 3.84 45.73
N LEU H 85 38.16 4.23 44.89
CA LEU H 85 38.45 5.22 43.86
C LEU H 85 38.66 6.60 44.48
N VAL H 86 37.89 6.92 45.52
CA VAL H 86 38.16 8.15 46.26
C VAL H 86 39.58 8.13 46.81
N CYS H 87 40.02 6.98 47.33
CA CYS H 87 41.38 6.89 47.85
C CYS H 87 42.41 7.09 46.74
N GLU H 88 42.16 6.53 45.57
CA GLU H 88 43.08 6.71 44.45
C GLU H 88 43.18 8.17 44.03
N ILE H 89 42.05 8.88 44.02
CA ILE H 89 42.07 10.30 43.72
C ILE H 89 42.90 11.05 44.76
N ALA H 90 42.78 10.64 46.03
CA ALA H 90 43.62 11.22 47.07
C ALA H 90 45.11 11.02 46.77
N GLU H 91 45.47 9.80 46.36
CA GLU H 91 46.86 9.54 46.00
C GLU H 91 47.31 10.42 44.85
N GLY H 92 46.46 10.57 43.84
CA GLY H 92 46.80 11.40 42.69
C GLY H 92 46.97 12.86 43.06
N ILE H 93 46.20 13.34 44.02
CA ILE H 93 46.40 14.70 44.51
C ILE H 93 47.72 14.81 45.25
N LEU H 94 48.05 13.80 46.07
CA LEU H 94 49.29 13.85 46.83
C LEU H 94 50.50 13.85 45.91
N SER H 95 50.44 13.09 44.83
CA SER H 95 51.60 12.97 43.95
C SER H 95 51.84 14.26 43.18
N ASP H 96 50.82 14.77 42.50
CA ASP H 96 50.95 15.94 41.64
C ASP H 96 51.34 17.19 42.43
N HIS H 103 51.16 16.45 36.33
CA HIS H 103 51.07 15.08 35.85
C HIS H 103 49.62 14.56 35.80
N LEU H 104 48.88 14.96 34.76
CA LEU H 104 47.48 14.55 34.62
C LEU H 104 47.37 13.06 34.39
N HIS H 105 48.14 12.54 33.43
CA HIS H 105 48.08 11.15 33.01
C HIS H 105 48.39 10.17 34.14
N LEU H 106 48.88 10.66 35.28
CA LEU H 106 49.21 9.78 36.39
C LEU H 106 48.03 9.54 37.33
N TYR H 107 47.07 10.46 37.40
CA TYR H 107 45.89 10.23 38.22
C TYR H 107 44.61 10.16 37.40
N MET H 108 44.70 10.19 36.07
CA MET H 108 43.47 9.98 35.30
C MET H 108 42.79 8.62 35.50
N PRO H 109 43.52 7.50 35.68
CA PRO H 109 42.81 6.21 35.81
C PRO H 109 41.72 6.18 36.86
N ALA H 110 41.91 6.85 38.00
CA ALA H 110 40.88 6.88 39.02
C ALA H 110 39.66 7.63 38.55
N GLY H 111 39.86 8.83 37.99
CA GLY H 111 38.75 9.61 37.46
C GLY H 111 37.99 8.91 36.36
N MET H 112 38.64 7.99 35.65
CA MET H 112 37.92 7.24 34.62
C MET H 112 37.19 6.04 35.20
N ALA H 113 37.82 5.30 36.10
CA ALA H 113 37.13 4.18 36.74
C ALA H 113 35.93 4.67 37.52
N PHE H 114 35.95 5.91 38.00
CA PHE H 114 34.80 6.47 38.70
C PHE H 114 33.57 6.50 37.80
N MET H 115 33.71 7.13 36.63
CA MET H 115 32.60 7.16 35.69
C MET H 115 32.30 5.77 35.14
N ALA H 116 33.31 4.91 35.03
CA ALA H 116 33.05 3.56 34.55
C ALA H 116 32.19 2.77 35.53
N ALA H 117 32.46 2.89 36.83
CA ALA H 117 31.64 2.20 37.84
C ALA H 117 30.25 2.81 37.92
N ILE H 118 30.14 4.13 37.81
CA ILE H 118 28.82 4.73 37.79
C ILE H 118 28.04 4.27 36.57
N THR H 119 28.72 4.15 35.43
CA THR H 119 28.02 3.67 34.24
C THR H 119 27.72 2.18 34.33
N SER H 120 28.53 1.42 35.04
CA SER H 120 28.17 0.04 35.31
C SER H 120 26.92 -0.03 36.17
N VAL H 121 26.80 0.87 37.13
CA VAL H 121 25.56 0.96 37.90
C VAL H 121 24.38 1.31 36.98
N VAL H 122 24.59 2.24 36.06
CA VAL H 122 23.52 2.62 35.15
C VAL H 122 23.13 1.45 34.27
N TYR H 123 24.11 0.69 33.79
CA TYR H 123 23.82 -0.52 33.03
C TYR H 123 23.02 -1.50 33.85
N TYR H 124 23.43 -1.72 35.10
CA TYR H 124 22.72 -2.72 35.88
C TYR H 124 21.32 -2.27 36.23
N HIS H 125 21.10 -0.96 36.37
CA HIS H 125 19.74 -0.48 36.53
C HIS H 125 18.93 -0.74 35.26
N ASN H 126 19.54 -0.48 34.10
CA ASN H 126 18.86 -0.71 32.83
C ASN H 126 18.59 -2.18 32.56
N ILE H 127 19.38 -3.06 33.16
CA ILE H 127 19.13 -4.49 33.01
C ILE H 127 18.13 -5.00 34.03
N GLU H 128 18.16 -4.48 35.26
CA GLU H 128 17.12 -4.85 36.22
C GLU H 128 15.76 -4.42 35.70
N THR H 129 15.68 -3.28 35.01
CA THR H 129 14.37 -2.85 34.52
C THR H 129 13.92 -3.67 33.32
N SER H 130 14.85 -4.10 32.46
CA SER H 130 14.50 -4.95 31.32
C SER H 130 15.65 -5.90 31.07
N ASN H 131 15.37 -7.19 31.07
CA ASN H 131 16.44 -8.17 31.04
C ASN H 131 16.96 -8.39 29.62
N PHE H 132 18.25 -8.70 29.53
CA PHE H 132 18.90 -9.01 28.26
C PHE H 132 20.03 -9.99 28.53
N PRO H 133 20.39 -10.79 27.55
CA PRO H 133 21.59 -11.61 27.68
C PRO H 133 22.83 -10.89 27.17
N LYS H 134 22.64 -9.81 26.42
CA LYS H 134 23.78 -9.20 25.76
C LYS H 134 24.41 -8.11 26.59
N LEU H 135 23.61 -7.27 27.24
CA LEU H 135 24.19 -6.21 28.05
C LEU H 135 25.13 -6.78 29.12
N LEU H 136 24.78 -7.94 29.69
CA LEU H 136 25.63 -8.59 30.68
C LEU H 136 26.99 -8.95 30.10
N ILE H 137 27.01 -9.58 28.92
CA ILE H 137 28.30 -9.82 28.26
C ILE H 137 29.03 -8.51 28.03
N ALA H 138 28.30 -7.46 27.69
CA ALA H 138 28.93 -6.15 27.54
C ALA H 138 29.60 -5.72 28.85
N LEU H 139 29.05 -6.10 30.00
CA LEU H 139 29.79 -5.78 31.22
C LEU H 139 30.98 -6.70 31.38
N LEU H 140 30.79 -7.98 31.02
CA LEU H 140 31.82 -8.97 31.34
C LEU H 140 33.11 -8.67 30.59
N ILE H 141 32.99 -8.18 29.35
CA ILE H 141 34.18 -7.82 28.57
C ILE H 141 35.00 -6.78 29.32
N TYR H 142 34.34 -5.72 29.78
CA TYR H 142 35.03 -4.65 30.49
C TYR H 142 35.69 -5.16 31.75
N TRP H 143 34.98 -6.02 32.51
CA TRP H 143 35.59 -6.53 33.74
C TRP H 143 36.88 -7.28 33.43
N THR H 144 36.85 -8.14 32.41
CA THR H 144 38.07 -8.91 32.08
C THR H 144 39.22 -7.98 31.70
N LEU H 145 38.93 -6.97 30.88
CA LEU H 145 40.03 -6.11 30.43
C LEU H 145 40.59 -5.29 31.59
N ALA H 146 39.72 -4.80 32.49
CA ALA H 146 40.22 -4.04 33.63
C ALA H 146 41.06 -4.91 34.55
N PHE H 147 40.67 -6.18 34.70
CA PHE H 147 41.47 -7.11 35.50
C PHE H 147 42.85 -7.29 34.89
N ILE H 148 42.91 -7.43 33.56
CA ILE H 148 44.20 -7.57 32.90
C ILE H 148 45.11 -6.36 33.16
N THR H 149 44.56 -5.16 32.97
CA THR H 149 45.38 -3.96 33.18
C THR H 149 45.87 -3.86 34.62
N LYS H 150 45.00 -4.15 35.59
CA LYS H 150 45.42 -4.10 36.98
C LYS H 150 46.51 -5.12 37.29
N THR H 151 46.41 -6.31 36.67
CA THR H 151 47.46 -7.32 36.86
C THR H 151 48.79 -6.82 36.34
N ILE H 152 48.80 -6.19 35.17
CA ILE H 152 50.06 -5.67 34.64
C ILE H 152 50.63 -4.63 35.59
N LYS H 153 49.78 -3.73 36.11
CA LYS H 153 50.25 -2.75 37.09
C LYS H 153 50.89 -3.43 38.28
N PHE H 154 50.23 -4.47 38.81
CA PHE H 154 50.75 -5.14 40.01
C PHE H 154 52.10 -5.78 39.74
N VAL H 155 52.26 -6.44 38.60
CA VAL H 155 53.54 -7.07 38.28
C VAL H 155 54.64 -6.03 38.20
N LYS H 156 54.41 -4.97 37.42
CA LYS H 156 55.45 -3.95 37.27
C LYS H 156 55.77 -3.26 38.58
N PHE H 157 54.80 -3.21 39.51
CA PHE H 157 55.11 -2.65 40.82
C PHE H 157 55.94 -3.63 41.65
N TYR H 158 55.60 -4.92 41.59
CA TYR H 158 56.34 -5.92 42.35
C TYR H 158 57.80 -5.95 41.94
N ASP H 159 58.08 -5.78 40.64
CA ASP H 159 59.48 -5.78 40.21
C ASP H 159 60.27 -4.65 40.84
N HIS H 160 59.60 -3.57 41.25
CA HIS H 160 60.28 -2.46 41.91
C HIS H 160 60.12 -2.56 43.42
N LEU H 167 52.06 3.13 49.41
CA LEU H 167 50.61 3.36 49.48
C LEU H 167 49.92 2.81 48.25
N ARG H 168 50.56 2.97 47.09
CA ARG H 168 49.97 2.52 45.83
C ARG H 168 49.65 1.04 45.88
N PHE H 169 50.51 0.25 46.53
CA PHE H 169 50.39 -1.20 46.51
C PHE H 169 49.05 -1.66 47.06
N CYS H 170 48.66 -1.13 48.23
CA CYS H 170 47.43 -1.58 48.87
C CYS H 170 46.20 -1.22 48.05
N LEU H 171 46.14 0.01 47.54
CA LEU H 171 44.98 0.42 46.75
C LEU H 171 44.85 -0.43 45.49
N THR H 172 45.96 -0.64 44.77
CA THR H 172 45.89 -1.45 43.57
C THR H 172 45.43 -2.87 43.89
N GLY H 173 45.93 -3.44 44.99
CA GLY H 173 45.49 -4.78 45.36
C GLY H 173 44.01 -4.85 45.68
N LEU H 174 43.51 -3.88 46.44
CA LEU H 174 42.08 -3.86 46.76
C LEU H 174 41.24 -3.78 45.50
N LEU H 175 41.64 -2.93 44.56
CA LEU H 175 40.90 -2.85 43.30
C LEU H 175 40.93 -4.17 42.55
N VAL H 176 42.08 -4.85 42.56
CA VAL H 176 42.18 -6.15 41.88
C VAL H 176 41.18 -7.12 42.49
N ILE H 177 41.14 -7.20 43.82
CA ILE H 177 40.26 -8.15 44.48
C ILE H 177 38.80 -7.83 44.17
N LEU H 178 38.43 -6.55 44.20
CA LEU H 178 37.04 -6.18 43.95
C LEU H 178 36.63 -6.51 42.51
N TYR H 179 37.48 -6.17 41.54
CA TYR H 179 37.15 -6.48 40.16
C TYR H 179 37.05 -7.99 39.96
N GLY H 180 37.92 -8.76 40.60
CA GLY H 180 37.82 -10.21 40.49
C GLY H 180 36.52 -10.76 41.04
N MET H 181 36.10 -10.25 42.20
CA MET H 181 34.84 -10.72 42.77
C MET H 181 33.66 -10.35 41.90
N LEU H 182 33.69 -9.15 41.30
CA LEU H 182 32.60 -8.78 40.39
C LEU H 182 32.61 -9.66 39.14
N LEU H 183 33.80 -10.03 38.66
CA LEU H 183 33.90 -10.99 37.56
C LEU H 183 33.24 -12.31 37.92
N LEU H 184 33.54 -12.81 39.12
CA LEU H 184 32.93 -14.06 39.56
C LEU H 184 31.43 -13.94 39.65
N VAL H 185 30.93 -12.76 40.06
CA VAL H 185 29.50 -12.54 40.09
C VAL H 185 28.91 -12.64 38.68
N GLU H 186 29.57 -12.02 37.70
CA GLU H 186 29.10 -12.11 36.31
C GLU H 186 29.12 -13.56 35.82
N VAL H 187 30.15 -14.31 36.18
CA VAL H 187 30.21 -15.71 35.78
C VAL H 187 29.07 -16.49 36.43
N ASN H 188 28.75 -16.18 37.68
CA ASN H 188 27.60 -16.80 38.31
C ASN H 188 26.33 -16.48 37.55
N VAL H 189 26.18 -15.23 37.11
CA VAL H 189 24.96 -14.81 36.42
C VAL H 189 24.81 -15.55 35.09
N ILE H 190 25.90 -15.71 34.33
CA ILE H 190 25.77 -16.49 33.10
C ILE H 190 25.55 -17.96 33.41
N ARG H 191 26.12 -18.46 34.50
CA ARG H 191 25.89 -19.84 34.90
C ARG H 191 24.44 -20.08 35.26
N VAL H 192 23.74 -19.05 35.71
CA VAL H 192 22.38 -19.22 36.21
C VAL H 192 21.40 -19.43 35.05
N ARG H 193 21.24 -18.42 34.21
CA ARG H 193 20.11 -18.42 33.29
C ARG H 193 20.48 -18.50 31.81
N ARG H 194 20.95 -17.43 31.18
CA ARG H 194 21.28 -17.59 29.76
C ARG H 194 22.31 -16.68 29.08
N TYR H 195 23.54 -16.61 29.59
CA TYR H 195 24.53 -15.78 28.91
C TYR H 195 24.85 -16.35 27.52
N ILE H 196 25.09 -17.66 27.49
CA ILE H 196 25.38 -18.40 26.26
C ILE H 196 24.86 -19.82 26.42
N PHE H 197 24.84 -20.24 27.69
CA PHE H 197 24.43 -21.57 28.14
C PHE H 197 23.39 -22.15 27.16
N PHE H 198 23.07 -23.42 27.31
CA PHE H 198 22.16 -24.08 26.37
C PHE H 198 20.82 -23.38 26.17
N LYS H 199 20.42 -23.35 24.90
CA LYS H 199 19.20 -22.73 24.37
C LYS H 199 18.36 -21.81 25.24
N THR H 200 17.43 -22.37 26.01
CA THR H 200 16.52 -21.56 26.80
C THR H 200 16.91 -21.31 28.26
N PRO H 201 16.83 -20.05 28.66
CA PRO H 201 17.14 -19.66 30.04
C PRO H 201 16.42 -20.47 31.11
N ARG H 202 15.18 -20.85 30.88
CA ARG H 202 14.34 -21.33 31.95
C ARG H 202 14.25 -20.19 32.94
N GLU H 203 14.06 -18.99 32.38
CA GLU H 203 14.05 -17.74 33.13
C GLU H 203 12.91 -17.70 34.12
N VAL H 204 13.12 -16.95 35.20
CA VAL H 204 12.29 -17.04 36.39
C VAL H 204 10.81 -16.70 36.20
N LYS H 205 10.48 -15.69 35.41
CA LYS H 205 9.07 -15.31 35.35
C LYS H 205 8.79 -14.28 36.44
N PRO H 206 9.13 -13.01 36.18
CA PRO H 206 9.36 -12.01 37.25
C PRO H 206 8.39 -12.13 38.41
N PRO H 207 8.88 -11.90 39.62
CA PRO H 207 8.14 -12.26 40.84
C PRO H 207 6.79 -11.55 40.93
N GLU H 208 5.72 -12.35 41.03
CA GLU H 208 4.38 -11.80 41.15
C GLU H 208 4.04 -11.39 42.57
N ASP H 209 4.82 -11.80 43.56
CA ASP H 209 4.54 -11.44 44.94
C ASP H 209 4.48 -9.92 45.10
N LEU H 210 5.52 -9.23 44.65
CA LEU H 210 5.61 -7.78 44.80
C LEU H 210 5.34 -7.01 43.52
N GLN H 211 5.08 -7.71 42.41
CA GLN H 211 4.88 -7.04 41.15
C GLN H 211 3.52 -7.30 40.52
N ASP H 212 2.82 -8.37 40.88
CA ASP H 212 1.50 -8.53 40.30
C ASP H 212 0.55 -7.44 40.85
N LEU H 213 -0.74 -7.75 40.78
CA LEU H 213 -1.85 -6.81 40.69
C LEU H 213 -1.87 -5.76 41.81
N GLY H 214 -1.95 -4.48 41.44
CA GLY H 214 -2.09 -3.41 42.41
C GLY H 214 -1.14 -3.24 43.58
N VAL H 215 0.16 -3.35 43.37
CA VAL H 215 1.08 -3.17 44.50
C VAL H 215 1.50 -1.71 44.60
N ARG H 216 1.02 -1.04 45.66
CA ARG H 216 1.33 0.37 45.88
C ARG H 216 2.51 0.62 46.83
N PHE H 217 3.06 -0.45 47.38
CA PHE H 217 4.18 -0.32 48.31
C PHE H 217 5.25 -1.30 47.89
N LEU H 218 6.49 -0.84 47.79
CA LEU H 218 7.56 -1.73 47.33
C LEU H 218 8.81 -1.41 48.14
N GLN H 219 8.92 -1.99 49.32
CA GLN H 219 10.24 -2.01 49.92
C GLN H 219 11.05 -3.23 49.46
N PRO H 220 10.49 -4.45 49.50
CA PRO H 220 11.27 -5.61 49.05
C PRO H 220 11.44 -5.68 47.55
N PHE H 221 10.74 -4.85 46.79
CA PHE H 221 10.69 -4.95 45.34
C PHE H 221 11.47 -3.84 44.65
N VAL H 222 12.60 -3.45 45.23
CA VAL H 222 13.45 -2.44 44.60
C VAL H 222 14.91 -2.88 44.63
N ASN H 223 15.79 -2.00 44.18
CA ASN H 223 17.19 -2.31 43.99
C ASN H 223 17.96 -2.14 45.30
N LEU H 224 19.21 -2.64 45.27
CA LEU H 224 20.07 -2.61 46.45
C LEU H 224 20.22 -1.20 47.00
N LEU H 225 20.58 -0.24 46.13
CA LEU H 225 20.95 1.08 46.62
C LEU H 225 19.75 1.89 47.06
N SER H 226 18.56 1.56 46.58
CA SER H 226 17.42 2.42 46.87
C SER H 226 16.81 2.13 48.24
N LYS H 227 16.84 0.87 48.69
CA LYS H 227 16.21 0.49 49.95
C LYS H 227 16.69 1.36 51.10
N GLY H 228 17.95 1.80 51.07
CA GLY H 228 18.46 2.61 52.16
C GLY H 228 17.89 4.02 52.18
N THR H 229 17.65 4.60 51.00
CA THR H 229 17.20 5.98 50.89
C THR H 229 15.69 6.12 50.75
N TYR H 230 14.97 5.03 50.49
CA TYR H 230 13.55 5.10 50.17
C TYR H 230 13.31 6.04 49.00
N TRP H 231 14.09 5.84 47.94
CA TRP H 231 13.94 6.62 46.73
C TRP H 231 12.59 6.38 46.07
N TRP H 232 12.12 5.14 46.11
CA TRP H 232 10.79 4.79 45.60
C TRP H 232 9.70 5.70 46.13
N MET H 233 9.86 6.16 47.38
CA MET H 233 8.82 6.97 48.00
C MET H 233 8.57 8.25 47.23
N ASN H 234 9.56 8.74 46.47
CA ASN H 234 9.46 10.03 45.79
C ASN H 234 8.12 10.20 45.09
N ALA H 235 7.85 9.34 44.11
CA ALA H 235 6.59 9.37 43.38
C ALA H 235 5.43 9.55 44.34
N PHE H 236 5.32 8.64 45.31
CA PHE H 236 4.19 8.67 46.23
C PHE H 236 4.06 10.03 46.90
N ILE H 237 5.14 10.52 47.50
CA ILE H 237 5.00 11.78 48.23
C ILE H 237 4.67 12.90 47.25
N LYS H 238 5.22 12.83 46.05
CA LYS H 238 4.87 13.83 45.04
C LYS H 238 3.41 13.69 44.63
N THR H 239 2.93 12.45 44.55
CA THR H 239 1.54 12.23 44.13
C THR H 239 0.57 12.76 45.19
N ALA H 240 0.89 12.53 46.46
CA ALA H 240 -0.02 12.87 47.55
C ALA H 240 -0.42 14.35 47.52
N HIS H 241 0.52 15.23 47.17
CA HIS H 241 0.21 16.64 47.13
C HIS H 241 -0.75 16.97 45.99
N LYS H 242 -0.62 16.27 44.86
CA LYS H 242 -1.50 16.53 43.72
C LYS H 242 -2.93 16.08 44.01
N LYS H 243 -3.10 14.95 44.69
CA LYS H 243 -4.42 14.39 44.98
C LYS H 243 -4.40 13.80 46.38
N PRO H 244 -5.40 14.10 47.21
CA PRO H 244 -5.47 13.50 48.54
C PRO H 244 -5.38 11.99 48.52
N ILE H 245 -4.95 11.40 49.64
CA ILE H 245 -4.66 9.98 49.72
C ILE H 245 -5.90 9.22 50.17
N ASP H 246 -6.05 8.00 49.66
CA ASP H 246 -7.19 7.16 49.94
C ASP H 246 -6.71 5.73 50.19
N LEU H 247 -7.61 4.92 50.76
CA LEU H 247 -7.29 3.51 50.99
C LEU H 247 -7.21 2.74 49.66
N ARG H 248 -8.08 3.07 48.71
CA ARG H 248 -7.93 2.49 47.37
C ARG H 248 -6.74 3.10 46.63
N ALA H 249 -6.32 4.30 47.02
CA ALA H 249 -5.08 4.85 46.48
C ALA H 249 -3.88 4.00 46.90
N ILE H 250 -3.69 3.84 48.22
CA ILE H 250 -2.62 2.99 48.72
C ILE H 250 -2.90 1.54 48.35
N GLY H 251 -1.84 0.76 48.17
CA GLY H 251 -1.95 -0.57 47.59
C GLY H 251 -2.43 -1.63 48.56
N LYS H 252 -2.06 -2.87 48.25
CA LYS H 252 -2.28 -4.00 49.13
C LYS H 252 -0.97 -4.36 49.83
N LEU H 253 -1.00 -5.45 50.59
CA LEU H 253 0.24 -5.76 51.27
C LEU H 253 0.97 -6.91 50.58
N PRO H 254 2.31 -6.88 50.59
CA PRO H 254 3.09 -7.89 49.88
C PRO H 254 2.80 -9.31 50.32
N ILE H 255 3.36 -10.25 49.56
CA ILE H 255 3.27 -11.67 49.85
C ILE H 255 3.77 -11.95 51.26
N ALA H 256 4.92 -11.35 51.64
CA ALA H 256 5.54 -11.59 52.92
C ALA H 256 5.12 -10.59 53.99
N MET H 257 4.02 -9.88 53.79
CA MET H 257 3.55 -8.89 54.75
C MET H 257 2.15 -9.16 55.28
N ARG H 258 1.46 -10.16 54.75
CA ARG H 258 0.07 -10.40 55.15
C ARG H 258 0.00 -10.99 56.55
N ALA H 259 -1.01 -10.54 57.30
CA ALA H 259 -1.19 -11.03 58.67
C ALA H 259 -1.45 -12.52 58.71
N LEU H 260 -1.98 -13.10 57.62
CA LEU H 260 -2.24 -14.53 57.60
C LEU H 260 -0.95 -15.33 57.75
N THR H 261 0.08 -14.95 57.00
CA THR H 261 1.35 -15.67 57.07
C THR H 261 2.05 -15.46 58.41
N ASN H 262 1.93 -14.26 58.99
CA ASN H 262 2.52 -14.02 60.30
C ASN H 262 1.82 -14.84 61.37
N TYR H 263 0.49 -14.86 61.35
CA TYR H 263 -0.26 -15.72 62.27
C TYR H 263 0.12 -17.18 62.08
N GLN H 264 0.30 -17.61 60.82
CA GLN H 264 0.71 -18.98 60.52
C GLN H 264 2.06 -19.32 61.17
N ARG H 265 3.07 -18.51 60.86
CA ARG H 265 4.39 -18.69 61.44
C ARG H 265 4.33 -18.70 62.96
N LEU H 266 3.57 -17.78 63.54
CA LEU H 266 3.51 -17.65 64.99
C LEU H 266 2.86 -18.88 65.62
N CYS H 267 1.78 -19.38 65.03
CA CYS H 267 1.15 -20.56 65.60
C CYS H 267 2.02 -21.80 65.43
N VAL H 268 2.74 -21.89 64.30
CA VAL H 268 3.67 -23.01 64.13
C VAL H 268 4.74 -22.98 65.20
N ALA H 269 5.31 -21.80 65.45
CA ALA H 269 6.34 -21.69 66.49
C ALA H 269 5.77 -21.95 67.87
N PHE H 270 4.54 -21.49 68.13
CA PHE H 270 3.90 -21.74 69.41
C PHE H 270 3.68 -23.23 69.63
N ASP H 271 3.28 -23.95 68.58
CA ASP H 271 3.11 -25.40 68.68
C ASP H 271 4.45 -26.07 68.95
N ALA H 272 5.49 -25.69 68.20
CA ALA H 272 6.80 -26.28 68.42
C ALA H 272 7.31 -26.01 69.84
N GLN H 273 6.98 -24.83 70.39
CA GLN H 273 7.38 -24.50 71.75
C GLN H 273 6.59 -25.32 72.76
N ALA H 274 5.32 -25.56 72.49
CA ALA H 274 4.49 -26.33 73.43
C ALA H 274 4.89 -27.80 73.46
N ARG H 275 5.24 -28.36 72.30
CA ARG H 275 5.65 -29.76 72.27
C ARG H 275 6.94 -29.98 73.03
N LYS H 276 7.83 -28.99 73.06
CA LYS H 276 9.07 -29.08 73.82
C LYS H 276 8.81 -29.04 75.32
N GLY H 283 2.34 -21.38 78.97
CA GLY H 283 2.96 -20.51 79.97
C GLY H 283 3.34 -19.16 79.43
N ALA H 284 3.58 -18.20 80.34
CA ALA H 284 3.89 -16.83 79.93
C ALA H 284 5.25 -16.74 79.25
N ARG H 285 6.24 -17.50 79.75
CA ARG H 285 7.58 -17.43 79.17
C ARG H 285 7.62 -18.08 77.78
N ALA H 286 6.79 -19.09 77.56
CA ALA H 286 6.82 -19.83 76.29
C ALA H 286 6.45 -18.93 75.12
N ILE H 287 5.39 -18.12 75.28
CA ILE H 287 4.97 -17.27 74.17
C ILE H 287 6.01 -16.20 73.90
N TRP H 288 6.72 -15.73 74.94
CA TRP H 288 7.79 -14.76 74.73
C TRP H 288 8.92 -15.39 73.91
N ARG H 289 9.33 -16.61 74.29
CA ARG H 289 10.31 -17.33 73.50
C ARG H 289 9.84 -17.49 72.05
N ALA H 290 8.55 -17.79 71.86
CA ALA H 290 8.04 -17.97 70.50
C ALA H 290 8.11 -16.68 69.69
N LEU H 291 7.78 -15.55 70.33
CA LEU H 291 7.89 -14.26 69.62
C LEU H 291 9.31 -14.00 69.18
N CYS H 292 10.27 -14.11 70.11
CA CYS H 292 11.66 -13.88 69.75
C CYS H 292 12.09 -14.82 68.62
N HIS H 293 11.64 -16.07 68.66
CA HIS H 293 11.98 -17.03 67.61
C HIS H 293 11.41 -16.58 66.26
N ALA H 294 10.13 -16.20 66.26
CA ALA H 294 9.45 -15.87 65.01
C ALA H 294 10.01 -14.69 64.24
N PHE H 295 10.29 -13.58 64.92
CA PHE H 295 10.84 -12.43 64.21
C PHE H 295 12.22 -12.82 63.68
N GLY H 296 13.01 -13.44 64.55
CA GLY H 296 14.27 -13.98 64.12
C GLY H 296 15.36 -13.15 63.46
N ARG H 297 15.68 -13.62 62.25
CA ARG H 297 16.74 -13.05 61.45
C ARG H 297 16.54 -11.58 61.17
N ARG H 298 15.32 -11.15 60.91
CA ARG H 298 15.11 -9.73 60.64
C ARG H 298 15.54 -8.91 61.86
N LEU H 299 15.12 -9.36 63.04
CA LEU H 299 15.47 -8.66 64.27
C LEU H 299 16.97 -8.68 64.48
N ILE H 300 17.59 -9.83 64.21
CA ILE H 300 19.03 -9.94 64.38
C ILE H 300 19.78 -8.99 63.46
N LEU H 301 19.30 -8.89 62.23
CA LEU H 301 19.88 -8.03 61.21
C LEU H 301 19.77 -6.58 61.63
N SER H 302 18.64 -6.22 62.22
CA SER H 302 18.45 -4.85 62.66
C SER H 302 19.53 -4.55 63.68
N SER H 303 19.81 -5.50 64.55
CA SER H 303 20.83 -5.31 65.58
C SER H 303 22.22 -5.18 64.96
N THR H 304 22.52 -6.00 63.95
CA THR H 304 23.82 -5.94 63.30
C THR H 304 24.02 -4.60 62.59
N PHE H 305 23.00 -4.14 61.88
CA PHE H 305 23.06 -2.81 61.27
C PHE H 305 23.35 -1.74 62.31
N ARG H 306 22.67 -1.81 63.45
CA ARG H 306 22.87 -0.81 64.49
C ARG H 306 24.29 -0.87 65.06
N ILE H 307 24.85 -2.08 65.18
CA ILE H 307 26.20 -2.19 65.73
C ILE H 307 27.23 -1.61 64.76
N LEU H 308 27.07 -1.90 63.46
CA LEU H 308 27.98 -1.30 62.48
C LEU H 308 27.86 0.22 62.47
N ALA H 309 26.62 0.73 62.53
CA ALA H 309 26.43 2.16 62.63
C ALA H 309 27.11 2.73 63.86
N ASP H 310 27.09 1.98 64.97
CA ASP H 310 27.73 2.46 66.19
C ASP H 310 29.24 2.55 66.05
N LEU H 311 29.85 1.51 65.47
CA LEU H 311 31.31 1.57 65.28
C LEU H 311 31.70 2.75 64.39
N LEU H 312 30.93 3.01 63.33
CA LEU H 312 31.26 4.18 62.51
C LEU H 312 31.03 5.49 63.27
N GLY H 313 29.96 5.54 64.06
CA GLY H 313 29.70 6.72 64.88
C GLY H 313 30.84 7.04 65.82
N PHE H 314 31.47 6.01 66.38
CA PHE H 314 32.70 6.24 67.13
C PHE H 314 33.84 6.64 66.22
N ALA H 315 33.86 6.14 64.98
CA ALA H 315 34.98 6.42 64.09
C ALA H 315 35.08 7.92 63.78
N GLY H 316 33.95 8.61 63.67
CA GLY H 316 33.95 10.03 63.38
C GLY H 316 34.86 10.91 64.24
N PRO H 317 34.69 10.85 65.58
CA PRO H 317 35.56 11.65 66.46
C PRO H 317 37.06 11.42 66.24
N LEU H 318 37.46 10.21 65.83
CA LEU H 318 38.86 9.96 65.51
C LEU H 318 39.31 10.81 64.33
N CYS H 319 38.47 10.94 63.31
CA CYS H 319 38.77 11.84 62.21
C CYS H 319 38.90 13.27 62.71
N ILE H 320 38.05 13.66 63.67
CA ILE H 320 38.21 15.00 64.26
C ILE H 320 39.60 15.15 64.88
N PHE H 321 40.03 14.15 65.65
CA PHE H 321 41.36 14.18 66.26
C PHE H 321 42.43 14.40 65.21
N GLY H 322 42.37 13.63 64.12
CA GLY H 322 43.37 13.77 63.07
C GLY H 322 43.37 15.14 62.44
N ILE H 323 42.19 15.69 62.17
CA ILE H 323 42.09 17.01 61.56
C ILE H 323 42.73 18.06 62.46
N VAL H 324 42.41 18.01 63.75
CA VAL H 324 42.97 18.99 64.68
C VAL H 324 44.49 18.84 64.75
N ASP H 325 44.98 17.61 64.72
CA ASP H 325 46.42 17.40 64.78
C ASP H 325 47.12 17.98 63.56
N HIS H 326 46.58 17.75 62.36
CA HIS H 326 47.23 18.34 61.20
C HIS H 326 47.08 19.86 61.19
N LEU H 327 46.00 20.39 61.76
CA LEU H 327 45.87 21.84 61.90
C LEU H 327 46.96 22.39 62.81
N GLY H 328 47.31 21.64 63.86
CA GLY H 328 48.39 22.06 64.73
C GLY H 328 49.76 22.03 64.07
N LYS H 329 49.96 21.11 63.12
CA LYS H 329 51.24 21.01 62.43
C LYS H 329 51.37 22.09 61.36
N ASN H 354 47.63 15.37 54.32
CA ASN H 354 46.89 14.25 54.88
C ASN H 354 45.72 14.76 55.72
N ALA H 355 45.13 15.87 55.27
CA ALA H 355 44.07 16.56 56.00
C ALA H 355 42.76 16.61 55.25
N TYR H 356 42.78 16.98 53.96
CA TYR H 356 41.56 16.96 53.16
C TYR H 356 41.00 15.55 53.08
N VAL H 357 41.90 14.56 53.01
CA VAL H 357 41.46 13.18 53.05
C VAL H 357 40.67 12.92 54.33
N LEU H 358 41.08 13.52 55.45
CA LEU H 358 40.33 13.35 56.69
C LEU H 358 38.93 13.92 56.56
N ALA H 359 38.78 15.07 55.90
CA ALA H 359 37.46 15.66 55.73
C ALA H 359 36.57 14.79 54.85
N VAL H 360 37.10 14.32 53.71
CA VAL H 360 36.31 13.51 52.80
C VAL H 360 35.90 12.20 53.46
N LEU H 361 36.84 11.54 54.13
CA LEU H 361 36.57 10.28 54.81
C LEU H 361 35.57 10.48 55.94
N LEU H 362 35.67 11.59 56.68
CA LEU H 362 34.72 11.89 57.74
C LEU H 362 33.32 12.08 57.19
N PHE H 363 33.20 12.83 56.10
CA PHE H 363 31.90 13.02 55.46
C PHE H 363 31.29 11.69 55.04
N LEU H 364 32.08 10.85 54.36
CA LEU H 364 31.61 9.52 53.98
C LEU H 364 31.16 8.73 55.18
N ALA H 365 31.96 8.74 56.26
CA ALA H 365 31.62 7.96 57.45
C ALA H 365 30.30 8.42 58.04
N LEU H 366 30.11 9.73 58.18
CA LEU H 366 28.88 10.25 58.76
C LEU H 366 27.68 9.84 57.92
N LEU H 367 27.77 10.01 56.60
CA LEU H 367 26.70 9.58 55.70
C LEU H 367 26.38 8.11 55.90
N LEU H 368 27.42 7.27 55.97
CA LEU H 368 27.21 5.83 56.11
C LEU H 368 26.49 5.50 57.42
N GLN H 369 26.92 6.12 58.52
CA GLN H 369 26.24 5.88 59.79
C GLN H 369 24.77 6.24 59.71
N ARG H 370 24.47 7.39 59.08
CA ARG H 370 23.08 7.79 59.01
C ARG H 370 22.27 6.78 58.22
N THR H 371 22.80 6.35 57.07
CA THR H 371 22.09 5.37 56.25
C THR H 371 21.78 4.11 57.05
N PHE H 372 22.80 3.55 57.71
CA PHE H 372 22.58 2.28 58.40
C PHE H 372 21.70 2.43 59.63
N LEU H 373 21.79 3.56 60.35
CA LEU H 373 20.89 3.80 61.47
C LEU H 373 19.44 3.82 61.03
N GLN H 374 19.15 4.55 59.94
CA GLN H 374 17.77 4.62 59.48
C GLN H 374 17.27 3.28 58.98
N ALA H 375 18.14 2.51 58.32
CA ALA H 375 17.74 1.17 57.89
C ALA H 375 17.41 0.28 59.08
N SER H 376 18.21 0.36 60.15
CA SER H 376 17.95 -0.40 61.36
C SER H 376 16.60 -0.04 61.97
N TYR H 377 16.33 1.27 62.08
CA TYR H 377 15.03 1.72 62.58
C TYR H 377 13.89 1.16 61.74
N TYR H 378 14.04 1.21 60.42
CA TYR H 378 12.99 0.72 59.54
C TYR H 378 12.71 -0.76 59.75
N VAL H 379 13.76 -1.58 59.83
CA VAL H 379 13.54 -3.02 59.96
C VAL H 379 12.96 -3.35 61.33
N ALA H 380 13.37 -2.62 62.37
CA ALA H 380 12.73 -2.79 63.68
C ALA H 380 11.23 -2.48 63.59
N ILE H 381 10.87 -1.41 62.90
CA ILE H 381 9.45 -1.07 62.76
C ILE H 381 8.71 -2.16 61.99
N GLU H 382 9.34 -2.73 60.97
CA GLU H 382 8.73 -3.82 60.22
C GLU H 382 8.42 -5.00 61.13
N THR H 383 9.42 -5.42 61.89
CA THR H 383 9.22 -6.52 62.82
C THR H 383 8.11 -6.21 63.81
N GLY H 384 8.03 -4.95 64.28
CA GLY H 384 7.00 -4.59 65.24
C GLY H 384 5.60 -4.65 64.66
N ILE H 385 5.41 -4.15 63.44
CA ILE H 385 4.09 -4.17 62.83
C ILE H 385 3.65 -5.61 62.56
N ASN H 386 4.59 -6.46 62.12
CA ASN H 386 4.25 -7.86 61.94
C ASN H 386 3.87 -8.52 63.26
N LEU H 387 4.60 -8.21 64.33
CA LEU H 387 4.21 -8.69 65.66
C LEU H 387 2.79 -8.29 66.00
N ARG H 388 2.47 -7.02 65.81
CA ARG H 388 1.14 -6.52 66.15
C ARG H 388 0.08 -7.29 65.38
N GLY H 389 0.24 -7.40 64.06
CA GLY H 389 -0.72 -8.14 63.26
C GLY H 389 -0.91 -9.56 63.74
N ALA H 390 0.21 -10.25 63.99
CA ALA H 390 0.13 -11.67 64.35
C ALA H 390 -0.56 -11.87 65.70
N ILE H 391 -0.19 -11.09 66.71
CA ILE H 391 -0.81 -11.28 68.01
C ILE H 391 -2.27 -10.82 67.99
N GLN H 392 -2.59 -9.81 67.18
CA GLN H 392 -3.99 -9.40 67.05
C GLN H 392 -4.83 -10.54 66.49
N THR H 393 -4.39 -11.15 65.39
CA THR H 393 -5.21 -12.23 64.83
C THR H 393 -5.20 -13.47 65.73
N LYS H 394 -4.11 -13.69 66.48
CA LYS H 394 -4.09 -14.83 67.40
C LYS H 394 -5.13 -14.65 68.51
N ILE H 395 -5.17 -13.47 69.12
CA ILE H 395 -6.14 -13.25 70.19
C ILE H 395 -7.56 -13.19 69.63
N TYR H 396 -7.73 -12.75 68.38
CA TYR H 396 -9.08 -12.76 67.82
C TYR H 396 -9.55 -14.18 67.53
N ASN H 397 -8.64 -15.06 67.09
CA ASN H 397 -9.01 -16.45 66.93
C ASN H 397 -9.33 -17.10 68.26
N LYS H 398 -8.57 -16.73 69.32
CA LYS H 398 -8.82 -17.33 70.63
C LYS H 398 -10.09 -16.80 71.28
N ILE H 399 -10.53 -15.59 70.94
CA ILE H 399 -11.80 -15.09 71.48
C ILE H 399 -12.94 -16.01 71.07
N MET H 400 -12.82 -16.69 69.94
CA MET H 400 -13.85 -17.60 69.48
C MET H 400 -14.05 -18.75 70.47
N HIS H 401 -12.98 -19.51 70.72
CA HIS H 401 -13.06 -20.66 71.61
C HIS H 401 -13.29 -20.26 73.07
N LEU H 402 -13.24 -18.97 73.40
CA LEU H 402 -13.51 -18.54 74.76
C LEU H 402 -14.95 -18.85 75.14
N SER H 403 -15.13 -19.36 76.36
CA SER H 403 -16.46 -19.69 76.86
C SER H 403 -17.07 -18.50 77.57
N THR H 404 -18.40 -18.41 77.51
CA THR H 404 -19.11 -17.29 78.11
C THR H 404 -19.06 -17.33 79.64
N SER H 405 -18.69 -18.48 80.23
CA SER H 405 -18.49 -18.53 81.66
C SER H 405 -17.29 -17.69 82.09
N ASN H 406 -16.30 -17.54 81.21
CA ASN H 406 -15.27 -16.55 81.47
C ASN H 406 -15.79 -15.14 81.25
N LEU H 407 -16.59 -14.96 80.20
CA LEU H 407 -17.15 -13.64 79.89
C LEU H 407 -17.97 -13.09 81.06
N SER H 408 -18.63 -13.97 81.81
CA SER H 408 -19.35 -13.54 83.01
C SER H 408 -18.40 -13.00 84.07
N MET H 409 -17.20 -13.56 84.16
CA MET H 409 -16.22 -13.12 85.15
C MET H 409 -15.54 -11.83 84.71
N GLY H 410 -14.88 -11.18 85.68
CA GLY H 410 -14.23 -9.91 85.39
C GLY H 410 -13.03 -10.05 84.48
N GLU H 411 -12.42 -11.23 84.43
CA GLU H 411 -11.22 -11.43 83.62
C GLU H 411 -11.53 -11.28 82.12
N MET H 412 -12.68 -11.77 81.66
CA MET H 412 -13.03 -11.62 80.26
C MET H 412 -14.04 -10.48 80.03
N THR H 413 -13.93 -9.41 80.82
CA THR H 413 -14.75 -8.22 80.58
C THR H 413 -14.48 -7.67 79.19
N ALA H 414 -15.55 -7.26 78.50
CA ALA H 414 -15.42 -6.75 77.14
C ALA H 414 -14.49 -5.53 77.11
N GLY H 415 -14.71 -4.58 78.01
CA GLY H 415 -13.81 -3.46 78.12
C GLY H 415 -12.39 -3.89 78.40
N GLN H 416 -12.22 -4.92 79.22
CA GLN H 416 -10.89 -5.45 79.49
C GLN H 416 -10.24 -6.00 78.23
N ILE H 417 -11.02 -6.68 77.39
CA ILE H 417 -10.47 -7.29 76.19
C ILE H 417 -10.09 -6.23 75.16
N CYS H 418 -10.91 -5.17 75.03
CA CYS H 418 -10.56 -4.11 74.09
C CYS H 418 -9.38 -3.30 74.58
N ASN H 419 -9.30 -3.03 75.89
CA ASN H 419 -8.10 -2.46 76.46
C ASN H 419 -6.89 -3.33 76.15
N LEU H 420 -7.03 -4.64 76.30
CA LEU H 420 -5.98 -5.58 75.91
C LEU H 420 -5.52 -5.31 74.49
N VAL H 421 -6.43 -5.40 73.52
CA VAL H 421 -6.06 -5.23 72.12
C VAL H 421 -5.32 -3.91 71.91
N ALA H 422 -5.94 -2.80 72.29
CA ALA H 422 -5.38 -1.48 71.98
C ALA H 422 -4.05 -1.24 72.69
N ILE H 423 -4.06 -1.27 74.03
CA ILE H 423 -2.86 -0.92 74.76
C ILE H 423 -1.74 -1.95 74.56
N ASP H 424 -2.06 -3.20 74.22
CA ASP H 424 -0.99 -4.18 74.02
C ASP H 424 -0.39 -4.07 72.63
N THR H 425 -1.20 -3.81 71.61
CA THR H 425 -0.68 -3.31 70.35
C THR H 425 0.36 -2.24 70.62
N ASN H 426 -0.05 -1.20 71.36
CA ASN H 426 0.83 -0.07 71.60
C ASN H 426 2.11 -0.49 72.31
N GLN H 427 1.97 -1.15 73.46
CA GLN H 427 3.13 -1.43 74.30
C GLN H 427 4.10 -2.40 73.63
N LEU H 428 3.59 -3.48 73.04
CA LEU H 428 4.47 -4.43 72.39
C LEU H 428 5.16 -3.81 71.18
N MET H 429 4.45 -2.96 70.43
CA MET H 429 5.10 -2.30 69.30
C MET H 429 6.20 -1.36 69.76
N TRP H 430 5.96 -0.59 70.82
CA TRP H 430 6.99 0.36 71.27
C TRP H 430 8.19 -0.37 71.85
N PHE H 431 7.97 -1.45 72.61
CA PHE H 431 9.10 -2.21 73.11
C PHE H 431 9.87 -2.86 71.97
N PHE H 432 9.18 -3.30 70.93
CA PHE H 432 9.89 -3.91 69.82
C PHE H 432 10.53 -2.90 68.89
N PHE H 433 10.21 -1.62 69.04
CA PHE H 433 11.03 -0.61 68.39
C PHE H 433 12.24 -0.23 69.23
N LEU H 434 12.11 -0.26 70.55
CA LEU H 434 13.20 0.14 71.44
C LEU H 434 14.16 -1.00 71.79
N CYS H 435 13.82 -2.25 71.48
CA CYS H 435 14.67 -3.39 71.82
C CYS H 435 15.93 -3.47 70.96
N PRO H 436 15.84 -3.26 69.64
CA PRO H 436 17.08 -3.17 68.85
C PRO H 436 17.98 -2.03 69.28
N ASN H 437 17.41 -0.95 69.81
CA ASN H 437 18.22 0.18 70.27
C ASN H 437 19.07 -0.21 71.48
N LEU H 438 18.51 -1.01 72.39
CA LEU H 438 19.26 -1.44 73.57
C LEU H 438 20.13 -2.67 73.30
N TRP H 439 19.85 -3.45 72.26
CA TRP H 439 20.76 -4.54 71.92
C TRP H 439 22.08 -4.02 71.31
N ALA H 440 22.30 -2.71 71.30
CA ALA H 440 23.56 -2.11 70.88
C ALA H 440 24.20 -1.22 71.92
N MET H 441 23.54 -0.96 73.04
CA MET H 441 24.18 -0.22 74.13
C MET H 441 25.43 -0.91 74.67
N PRO H 442 25.43 -2.23 74.96
CA PRO H 442 26.66 -2.83 75.50
C PRO H 442 27.87 -2.73 74.57
N VAL H 443 27.71 -3.13 73.31
CA VAL H 443 28.82 -3.05 72.35
C VAL H 443 29.28 -1.60 72.22
N GLN H 444 28.33 -0.66 72.22
CA GLN H 444 28.68 0.76 72.10
C GLN H 444 29.58 1.20 73.26
N ILE H 445 29.17 0.90 74.50
CA ILE H 445 29.97 1.37 75.63
C ILE H 445 31.33 0.68 75.67
N ILE H 446 31.38 -0.61 75.31
CA ILE H 446 32.65 -1.33 75.29
C ILE H 446 33.61 -0.69 74.30
N VAL H 447 33.13 -0.43 73.07
CA VAL H 447 34.00 0.19 72.07
C VAL H 447 34.39 1.60 72.52
N GLY H 448 33.49 2.30 73.21
CA GLY H 448 33.83 3.62 73.72
C GLY H 448 35.02 3.58 74.65
N VAL H 449 35.02 2.64 75.60
CA VAL H 449 36.16 2.62 76.53
C VAL H 449 37.43 2.12 75.85
N ILE H 450 37.31 1.14 74.94
CA ILE H 450 38.51 0.66 74.27
C ILE H 450 39.07 1.72 73.34
N LEU H 451 38.27 2.70 72.93
CA LEU H 451 38.80 3.80 72.15
C LEU H 451 39.42 4.88 73.03
N LEU H 452 38.80 5.15 74.19
CA LEU H 452 39.30 6.22 75.05
C LEU H 452 40.56 5.84 75.81
N TYR H 453 40.87 4.55 75.94
CA TYR H 453 42.19 4.19 76.50
C TYR H 453 43.31 4.79 75.66
N TYR H 454 43.29 4.52 74.35
CA TYR H 454 44.35 4.99 73.46
C TYR H 454 44.43 6.50 73.36
N ILE H 455 43.47 7.23 73.91
CA ILE H 455 43.45 8.69 73.85
C ILE H 455 43.82 9.32 75.18
N LEU H 456 43.40 8.69 76.29
CA LEU H 456 43.72 9.23 77.60
C LEU H 456 45.10 8.78 78.07
N GLY H 457 45.37 7.48 78.01
CA GLY H 457 46.64 6.96 78.50
C GLY H 457 46.52 6.49 79.94
N VAL H 458 47.43 6.96 80.79
CA VAL H 458 47.36 6.64 82.21
C VAL H 458 46.22 7.37 82.91
N SER H 459 45.63 8.37 82.26
CA SER H 459 44.50 9.11 82.80
C SER H 459 43.17 8.44 82.53
N ALA H 460 43.17 7.17 82.12
CA ALA H 460 41.91 6.47 81.90
C ALA H 460 41.22 6.14 83.22
N LEU H 461 42.01 5.91 84.29
CA LEU H 461 41.46 5.46 85.57
C LEU H 461 40.26 6.28 86.02
N ILE H 462 40.32 7.60 85.85
CA ILE H 462 39.25 8.47 86.36
C ILE H 462 37.95 8.21 85.62
N GLY H 463 37.99 8.26 84.28
CA GLY H 463 36.79 7.99 83.50
C GLY H 463 36.27 6.58 83.70
N ALA H 464 37.18 5.62 83.83
CA ALA H 464 36.77 4.23 84.07
C ALA H 464 36.06 4.08 85.41
N ALA H 465 36.61 4.70 86.46
CA ALA H 465 35.96 4.68 87.76
C ALA H 465 34.60 5.36 87.71
N VAL H 466 34.48 6.43 86.91
CA VAL H 466 33.20 7.11 86.80
C VAL H 466 32.16 6.23 86.13
N ILE H 467 32.51 5.63 84.98
CA ILE H 467 31.54 4.82 84.24
C ILE H 467 31.34 3.44 84.85
N ILE H 468 32.15 3.07 85.85
CA ILE H 468 31.84 1.87 86.64
C ILE H 468 30.99 2.22 87.87
N LEU H 469 31.23 3.39 88.49
CA LEU H 469 30.39 3.87 89.58
C LEU H 469 28.99 4.23 89.10
N LEU H 470 28.84 4.54 87.81
CA LEU H 470 27.52 4.85 87.27
C LEU H 470 26.59 3.63 87.33
N ALA H 471 27.09 2.45 86.97
CA ALA H 471 26.22 1.32 86.68
C ALA H 471 25.39 0.83 87.87
N PRO H 472 25.96 0.52 89.04
CA PRO H 472 25.13 -0.11 90.09
C PRO H 472 24.08 0.80 90.69
N VAL H 473 24.42 2.07 90.90
CA VAL H 473 23.42 3.02 91.39
C VAL H 473 22.29 3.17 90.38
N GLN H 474 22.62 3.13 89.09
CA GLN H 474 21.59 3.16 88.04
C GLN H 474 20.71 1.93 88.11
N TYR H 475 21.31 0.76 88.38
CA TYR H 475 20.50 -0.47 88.51
C TYR H 475 19.52 -0.34 89.67
N PHE H 476 20.00 0.16 90.82
CA PHE H 476 19.10 0.31 91.98
C PHE H 476 18.00 1.32 91.70
N VAL H 477 18.35 2.43 91.02
CA VAL H 477 17.34 3.44 90.66
C VAL H 477 16.28 2.84 89.74
N ALA H 478 16.72 2.05 88.75
CA ALA H 478 15.77 1.44 87.83
C ALA H 478 14.84 0.47 88.55
N THR H 479 15.37 -0.27 89.54
CA THR H 479 14.51 -1.15 90.34
C THR H 479 13.44 -0.35 91.08
N LYS H 480 13.87 0.69 91.81
CA LYS H 480 12.92 1.54 92.53
C LYS H 480 11.90 2.17 91.60
N LEU H 481 12.26 2.35 90.33
CA LEU H 481 11.32 2.91 89.34
C LEU H 481 10.29 1.87 88.91
N SER H 482 10.76 0.67 88.52
CA SER H 482 9.86 -0.37 88.05
C SER H 482 8.80 -0.71 89.10
N GLN H 483 9.20 -0.70 90.37
CA GLN H 483 8.24 -1.07 91.42
C GLN H 483 7.05 -0.12 91.45
N ALA H 484 7.30 1.18 91.31
CA ALA H 484 6.18 2.12 91.23
C ALA H 484 5.36 1.92 89.96
N GLN H 485 6.05 1.66 88.83
CA GLN H 485 5.34 1.64 87.56
C GLN H 485 4.31 0.51 87.49
N ARG H 486 4.64 -0.66 88.05
CA ARG H 486 3.71 -1.78 87.94
C ARG H 486 2.40 -1.49 88.68
N SER H 487 2.51 -0.97 89.92
CA SER H 487 1.30 -0.60 90.65
C SER H 487 0.54 0.50 89.94
N THR H 488 1.26 1.44 89.30
CA THR H 488 0.61 2.43 88.44
C THR H 488 -0.31 1.76 87.43
N LEU H 489 0.21 0.75 86.73
CA LEU H 489 -0.60 0.08 85.72
C LEU H 489 -1.82 -0.59 86.32
N GLU H 490 -1.66 -1.26 87.47
CA GLU H 490 -2.82 -1.89 88.09
C GLU H 490 -3.91 -0.87 88.40
N HIS H 491 -3.53 0.28 88.98
CA HIS H 491 -4.52 1.28 89.37
C HIS H 491 -5.21 1.88 88.16
N SER H 492 -4.45 2.17 87.09
CA SER H 492 -5.07 2.70 85.89
C SER H 492 -6.03 1.69 85.27
N ASN H 493 -5.67 0.39 85.35
CA ASN H 493 -6.55 -0.64 84.79
C ASN H 493 -7.86 -0.72 85.54
N GLU H 494 -7.83 -0.52 86.87
CA GLU H 494 -9.12 -0.50 87.57
C GLU H 494 -9.89 0.79 87.30
N ARG H 495 -9.18 1.92 87.16
CA ARG H 495 -9.86 3.18 86.86
C ARG H 495 -10.62 3.09 85.53
N LEU H 496 -10.04 2.41 84.55
CA LEU H 496 -10.70 2.33 83.24
C LEU H 496 -12.00 1.54 83.32
N LYS H 497 -12.03 0.46 84.10
CA LYS H 497 -13.28 -0.28 84.25
C LYS H 497 -14.31 0.51 85.05
N GLN H 498 -13.85 1.28 86.04
CA GLN H 498 -14.78 2.15 86.76
C GLN H 498 -15.39 3.20 85.83
N THR H 499 -14.60 3.74 84.92
CA THR H 499 -15.13 4.69 83.93
C THR H 499 -16.10 4.02 82.97
N ASN H 500 -15.78 2.80 82.53
CA ASN H 500 -16.68 2.06 81.64
C ASN H 500 -18.04 1.86 82.28
N GLU H 501 -18.05 1.39 83.53
CA GLU H 501 -19.32 1.19 84.23
C GLU H 501 -19.93 2.48 84.72
N MET H 502 -19.21 3.60 84.65
CA MET H 502 -19.81 4.91 84.94
C MET H 502 -20.47 5.55 83.73
N LEU H 503 -19.95 5.33 82.53
CA LEU H 503 -20.46 6.03 81.35
C LEU H 503 -21.65 5.34 80.71
N ARG H 504 -21.68 4.00 80.70
CA ARG H 504 -22.82 3.31 80.12
C ARG H 504 -24.07 3.39 80.99
N GLY H 505 -24.01 4.07 82.13
CA GLY H 505 -25.16 4.24 82.98
C GLY H 505 -25.32 5.67 83.48
N MET H 506 -24.86 6.64 82.70
CA MET H 506 -24.98 8.04 83.12
C MET H 506 -26.43 8.47 83.22
N LYS H 507 -27.33 7.81 82.47
CA LYS H 507 -28.75 8.12 82.58
C LYS H 507 -29.26 7.81 83.98
N LEU H 508 -29.13 6.55 84.41
CA LEU H 508 -29.55 6.16 85.74
C LEU H 508 -28.74 6.88 86.82
N LEU H 509 -27.49 7.22 86.52
CA LEU H 509 -26.68 7.94 87.49
C LEU H 509 -27.23 9.34 87.75
N LYS H 510 -27.45 10.12 86.69
CA LYS H 510 -28.00 11.46 86.83
C LYS H 510 -29.47 11.45 87.21
N LEU H 511 -30.16 10.32 87.08
CA LEU H 511 -31.59 10.28 87.36
C LEU H 511 -31.87 10.64 88.82
N TYR H 512 -31.31 9.88 89.76
CA TYR H 512 -31.42 10.23 91.17
C TYR H 512 -30.09 10.67 91.77
N ALA H 513 -29.15 11.08 90.92
CA ALA H 513 -27.96 11.85 91.33
C ALA H 513 -27.14 11.09 92.38
N TRP H 514 -26.60 9.95 91.94
CA TRP H 514 -25.55 9.26 92.68
C TRP H 514 -24.16 9.70 92.25
N GLU H 515 -24.05 10.88 91.63
CA GLU H 515 -22.81 11.28 90.98
C GLU H 515 -21.68 11.39 92.00
N SER H 516 -21.93 12.06 93.14
CA SER H 516 -20.87 12.36 94.10
C SER H 516 -20.12 11.11 94.51
N ILE H 517 -20.82 9.99 94.69
CA ILE H 517 -20.18 8.77 95.15
C ILE H 517 -19.20 8.24 94.12
N PHE H 518 -19.66 8.07 92.87
CA PHE H 518 -18.79 7.54 91.83
C PHE H 518 -17.65 8.51 91.51
N CYS H 519 -17.93 9.81 91.57
CA CYS H 519 -16.89 10.80 91.29
C CYS H 519 -15.82 10.81 92.39
N SER H 520 -16.22 10.67 93.65
CA SER H 520 -15.24 10.58 94.72
C SER H 520 -14.45 9.27 94.63
N ARG H 521 -15.08 8.19 94.19
CA ARG H 521 -14.35 6.93 94.02
C ARG H 521 -13.30 7.07 92.91
N VAL H 522 -13.69 7.64 91.77
CA VAL H 522 -12.72 7.85 90.71
C VAL H 522 -11.65 8.85 91.14
N GLU H 523 -12.01 9.82 91.98
CA GLU H 523 -11.01 10.76 92.49
C GLU H 523 -10.01 10.05 93.40
N VAL H 524 -10.47 9.14 94.24
CA VAL H 524 -9.57 8.38 95.10
C VAL H 524 -8.64 7.50 94.27
N THR H 525 -9.20 6.82 93.27
CA THR H 525 -8.36 6.02 92.38
C THR H 525 -7.34 6.89 91.65
N ARG H 526 -7.76 8.09 91.24
CA ARG H 526 -6.85 9.01 90.59
C ARG H 526 -5.74 9.48 91.53
N ARG H 527 -6.08 9.66 92.81
CA ARG H 527 -5.07 10.06 93.79
C ARG H 527 -4.05 8.96 94.01
N LYS H 528 -4.49 7.70 94.07
CA LYS H 528 -3.54 6.59 94.20
C LYS H 528 -2.64 6.49 92.97
N GLU H 529 -3.25 6.57 91.78
CA GLU H 529 -2.47 6.58 90.54
C GLU H 529 -1.47 7.74 90.53
N MET H 530 -1.87 8.90 91.05
CA MET H 530 -1.01 10.07 91.11
C MET H 530 0.15 9.86 92.09
N THR H 531 -0.10 9.15 93.20
CA THR H 531 0.99 8.78 94.09
C THR H 531 2.03 7.95 93.34
N SER H 532 1.57 6.93 92.62
CA SER H 532 2.49 6.15 91.79
C SER H 532 3.24 7.03 90.81
N LEU H 533 2.53 7.95 90.14
CA LEU H 533 3.16 8.79 89.13
C LEU H 533 4.19 9.74 89.74
N ARG H 534 3.91 10.29 90.91
CA ARG H 534 4.84 11.23 91.52
C ARG H 534 6.09 10.51 92.01
N ALA H 535 5.94 9.28 92.52
CA ALA H 535 7.13 8.49 92.82
C ALA H 535 7.97 8.27 91.57
N PHE H 536 7.33 7.86 90.47
CA PHE H 536 8.04 7.65 89.21
C PHE H 536 8.75 8.93 88.76
N ALA H 537 8.09 10.08 88.89
CA ALA H 537 8.65 11.33 88.40
C ALA H 537 9.85 11.77 89.23
N VAL H 538 9.76 11.66 90.56
CA VAL H 538 10.90 11.99 91.40
C VAL H 538 12.09 11.09 91.09
N TYR H 539 11.82 9.80 90.85
CA TYR H 539 12.93 8.90 90.54
C TYR H 539 13.56 9.23 89.19
N THR H 540 12.75 9.58 88.19
CA THR H 540 13.32 9.97 86.90
C THR H 540 14.11 11.27 87.00
N SER H 541 13.67 12.21 87.84
CA SER H 541 14.43 13.44 88.05
C SER H 541 15.79 13.15 88.67
N ILE H 542 15.82 12.28 89.69
CA ILE H 542 17.11 11.88 90.27
C ILE H 542 17.97 11.20 89.22
N SER H 543 17.36 10.39 88.35
CA SER H 543 18.10 9.71 87.29
C SER H 543 18.79 10.71 86.36
N ILE H 544 18.04 11.74 85.92
CA ILE H 544 18.63 12.73 85.02
C ILE H 544 19.70 13.54 85.73
N PHE H 545 19.47 13.85 87.01
CA PHE H 545 20.49 14.54 87.81
C PHE H 545 21.80 13.76 87.80
N MET H 546 21.72 12.46 88.06
CA MET H 546 22.93 11.64 88.09
C MET H 546 23.58 11.59 86.70
N ASN H 547 22.77 11.31 85.68
CA ASN H 547 23.23 11.19 84.30
C ASN H 547 23.81 12.47 83.74
N THR H 548 23.62 13.60 84.42
CA THR H 548 24.39 14.79 84.05
C THR H 548 25.55 15.07 85.00
N ALA H 549 25.37 14.85 86.31
CA ALA H 549 26.37 15.28 87.28
C ALA H 549 27.61 14.40 87.23
N ILE H 550 27.43 13.08 87.14
CA ILE H 550 28.58 12.18 87.03
C ILE H 550 29.38 12.46 85.77
N PRO H 551 28.77 12.66 84.60
CA PRO H 551 29.56 12.99 83.39
C PRO H 551 30.45 14.22 83.51
N ILE H 552 29.92 15.33 83.99
CA ILE H 552 30.68 16.58 84.04
C ILE H 552 31.86 16.44 85.00
N ALA H 553 31.61 15.84 86.17
CA ALA H 553 32.68 15.56 87.12
C ALA H 553 33.76 14.70 86.47
N ALA H 554 33.34 13.68 85.70
CA ALA H 554 34.31 12.82 85.02
C ALA H 554 35.23 13.62 84.11
N VAL H 555 34.64 14.43 83.24
CA VAL H 555 35.44 15.21 82.29
C VAL H 555 36.43 16.11 83.03
N LEU H 556 35.92 16.86 84.01
CA LEU H 556 36.76 17.76 84.81
C LEU H 556 37.94 17.02 85.44
N ILE H 557 37.65 15.91 86.11
CA ILE H 557 38.69 15.18 86.83
C ILE H 557 39.74 14.66 85.86
N THR H 558 39.31 14.05 84.75
CA THR H 558 40.28 13.48 83.81
C THR H 558 41.22 14.56 83.27
N PHE H 559 40.67 15.69 82.83
CA PHE H 559 41.52 16.71 82.24
C PHE H 559 42.49 17.29 83.27
N VAL H 560 41.97 17.67 84.45
CA VAL H 560 42.83 18.22 85.49
C VAL H 560 43.93 17.24 85.85
N GLY H 561 43.60 15.95 85.92
CA GLY H 561 44.62 14.95 86.22
C GLY H 561 45.70 14.88 85.17
N HIS H 562 45.32 14.97 83.89
CA HIS H 562 46.35 14.86 82.85
C HIS H 562 47.29 16.07 82.85
N VAL H 563 46.77 17.28 82.98
CA VAL H 563 47.61 18.46 82.73
C VAL H 563 48.70 18.60 83.80
N SER H 564 48.32 18.61 85.08
CA SER H 564 49.24 18.96 86.16
C SER H 564 49.40 17.89 87.22
N PHE H 565 48.45 16.95 87.36
CA PHE H 565 48.52 16.00 88.46
C PHE H 565 49.67 15.02 88.27
N PHE H 566 49.66 14.25 87.17
CA PHE H 566 50.77 13.31 87.03
C PHE H 566 51.42 13.32 85.66
N LYS H 567 50.64 13.48 84.58
CA LYS H 567 51.05 12.93 83.29
C LYS H 567 52.27 13.65 82.71
N GLU H 568 52.37 14.96 82.88
CA GLU H 568 53.46 15.79 82.38
C GLU H 568 53.56 15.80 80.86
N SER H 569 52.58 15.23 80.15
CA SER H 569 52.49 15.31 78.70
C SER H 569 51.36 16.28 78.37
N ASP H 570 51.70 17.42 77.78
CA ASP H 570 50.70 18.44 77.51
C ASP H 570 49.63 17.91 76.56
N LEU H 571 48.38 17.92 77.02
CA LEU H 571 47.28 17.45 76.19
C LEU H 571 47.09 18.42 75.04
N SER H 572 47.49 17.98 73.85
CA SER H 572 47.19 18.75 72.66
C SER H 572 45.68 18.87 72.52
N PRO H 573 45.18 20.00 72.01
CA PRO H 573 43.72 20.21 71.93
C PRO H 573 42.98 19.09 71.20
N SER H 574 43.65 18.39 70.29
CA SER H 574 43.02 17.28 69.59
C SER H 574 42.53 16.21 70.57
N VAL H 575 43.38 15.84 71.52
CA VAL H 575 43.00 14.86 72.53
C VAL H 575 41.80 15.34 73.30
N ALA H 576 41.80 16.62 73.70
CA ALA H 576 40.71 17.19 74.49
C ALA H 576 39.39 17.08 73.75
N PHE H 577 39.35 17.55 72.51
CA PHE H 577 38.08 17.60 71.79
C PHE H 577 37.61 16.19 71.40
N ALA H 578 38.54 15.30 71.05
CA ALA H 578 38.16 13.93 70.76
C ALA H 578 37.58 13.24 71.98
N SER H 579 38.16 13.52 73.16
CA SER H 579 37.61 12.97 74.39
C SER H 579 36.21 13.49 74.65
N LEU H 580 36.00 14.81 74.45
CA LEU H 580 34.65 15.37 74.64
C LEU H 580 33.66 14.71 73.69
N SER H 581 34.07 14.46 72.45
CA SER H 581 33.18 13.85 71.47
C SER H 581 32.79 12.42 71.88
N LEU H 582 33.80 11.58 72.12
CA LEU H 582 33.53 10.20 72.55
C LEU H 582 32.67 10.18 73.81
N PHE H 583 32.93 11.12 74.71
CA PHE H 583 32.19 11.19 75.96
C PHE H 583 30.72 11.53 75.74
N HIS H 584 30.44 12.48 74.84
CA HIS H 584 29.06 12.79 74.50
C HIS H 584 28.35 11.59 73.89
N ILE H 585 29.05 10.88 72.99
CA ILE H 585 28.49 9.67 72.39
C ILE H 585 28.15 8.66 73.47
N LEU H 586 29.00 8.54 74.50
CA LEU H 586 28.71 7.63 75.59
C LEU H 586 27.53 8.12 76.43
N VAL H 587 27.39 9.43 76.58
CA VAL H 587 26.36 9.98 77.46
C VAL H 587 24.97 9.73 76.90
N THR H 588 24.81 9.87 75.57
CA THR H 588 23.46 9.77 75.01
C THR H 588 22.72 8.48 75.38
N PRO H 589 23.30 7.28 75.31
CA PRO H 589 22.52 6.07 75.68
C PRO H 589 22.02 6.06 77.11
N LEU H 590 22.77 6.62 78.07
CA LEU H 590 22.37 6.54 79.48
C LEU H 590 21.06 7.27 79.73
N PHE H 591 20.90 8.47 79.16
CA PHE H 591 19.64 9.19 79.26
C PHE H 591 18.51 8.36 78.66
N LEU H 592 18.78 7.64 77.58
CA LEU H 592 17.75 6.90 76.88
C LEU H 592 17.24 5.71 77.68
N LEU H 593 18.15 5.00 78.37
CA LEU H 593 17.77 3.75 79.01
C LEU H 593 16.73 3.97 80.10
N SER H 594 16.74 5.15 80.73
CA SER H 594 15.75 5.46 81.75
C SER H 594 14.33 5.48 81.16
N SER H 595 14.17 6.10 79.99
CA SER H 595 12.89 6.05 79.29
C SER H 595 12.57 4.63 78.82
N VAL H 596 13.62 3.85 78.50
CA VAL H 596 13.40 2.50 77.97
C VAL H 596 12.72 1.62 79.00
N VAL H 597 13.06 1.78 80.28
CA VAL H 597 12.47 0.96 81.35
C VAL H 597 10.96 1.13 81.37
N ARG H 598 10.47 2.35 81.07
CA ARG H 598 9.04 2.61 81.05
C ARG H 598 8.32 1.72 80.04
N SER H 599 8.92 1.52 78.86
CA SER H 599 8.33 0.61 77.89
C SER H 599 8.62 -0.84 78.21
N THR H 600 9.73 -1.12 78.90
CA THR H 600 10.15 -2.50 79.15
C THR H 600 9.24 -3.19 80.16
N VAL H 601 9.03 -2.57 81.31
CA VAL H 601 8.12 -3.15 82.31
C VAL H 601 6.71 -3.20 81.75
N LYS H 602 6.36 -2.27 80.86
CA LYS H 602 5.03 -2.29 80.26
C LYS H 602 4.88 -3.45 79.30
N ALA H 603 5.93 -3.75 78.53
CA ALA H 603 5.89 -4.93 77.68
C ALA H 603 5.79 -6.20 78.51
N LEU H 604 6.55 -6.27 79.60
CA LEU H 604 6.45 -7.42 80.50
C LEU H 604 5.04 -7.60 81.03
N VAL H 605 4.43 -6.51 81.51
CA VAL H 605 3.07 -6.58 82.05
C VAL H 605 2.08 -6.97 80.96
N SER H 606 2.24 -6.42 79.75
CA SER H 606 1.32 -6.72 78.67
C SER H 606 1.38 -8.18 78.28
N VAL H 607 2.59 -8.76 78.27
CA VAL H 607 2.68 -10.17 77.91
C VAL H 607 2.15 -11.05 79.03
N GLN H 608 2.41 -10.69 80.29
CA GLN H 608 1.79 -11.43 81.39
C GLN H 608 0.26 -11.43 81.25
N LYS H 609 -0.31 -10.26 80.96
CA LYS H 609 -1.75 -10.16 80.77
C LYS H 609 -2.20 -11.00 79.58
N LEU H 610 -1.45 -10.96 78.48
CA LEU H 610 -1.82 -11.71 77.29
C LEU H 610 -1.77 -13.21 77.55
N SER H 611 -0.82 -13.67 78.36
CA SER H 611 -0.72 -15.10 78.65
C SER H 611 -1.81 -15.54 79.61
N GLU H 612 -2.15 -14.70 80.59
CA GLU H 612 -3.29 -15.03 81.43
C GLU H 612 -4.59 -15.03 80.63
N PHE H 613 -4.67 -14.22 79.58
CA PHE H 613 -5.86 -14.20 78.73
C PHE H 613 -5.92 -15.45 77.86
N LEU H 614 -4.76 -15.90 77.34
CA LEU H 614 -4.74 -17.12 76.55
C LEU H 614 -5.06 -18.35 77.39
N SER H 615 -4.84 -18.28 78.71
CA SER H 615 -5.08 -19.40 79.60
C SER H 615 -6.51 -19.49 80.10
N SER H 616 -7.46 -18.84 79.42
CA SER H 616 -8.85 -18.95 79.81
C SER H 616 -9.43 -20.29 79.36
N ALA H 617 -10.64 -20.57 79.81
CA ALA H 617 -11.26 -21.86 79.56
C ALA H 617 -11.67 -22.00 78.10
N GLU H 618 -11.35 -23.15 77.52
CA GLU H 618 -11.67 -23.46 76.14
C GLU H 618 -13.17 -23.74 75.99
N ILE H 619 -13.60 -23.98 74.76
CA ILE H 619 -14.90 -24.57 74.47
C ILE H 619 -14.69 -26.05 74.17
N ARG H 620 -15.59 -26.89 74.67
CA ARG H 620 -15.41 -28.34 74.60
C ARG H 620 -15.98 -28.88 73.29
N GLU H 621 -15.13 -29.57 72.52
CA GLU H 621 -15.58 -30.18 71.28
C GLU H 621 -16.44 -31.39 71.56
N GLU H 622 -17.50 -31.54 70.77
CA GLU H 622 -18.44 -32.66 70.93
C GLU H 622 -17.76 -33.99 70.61
N CYS H 678 -35.50 -33.51 64.31
CA CYS H 678 -35.97 -33.12 65.64
C CYS H 678 -34.80 -32.93 66.59
N VAL H 679 -34.92 -31.96 67.50
CA VAL H 679 -33.89 -31.69 68.50
C VAL H 679 -34.12 -32.59 69.70
N GLN H 680 -33.13 -33.41 70.03
CA GLN H 680 -33.27 -34.45 71.04
C GLN H 680 -32.32 -34.20 72.20
N ILE H 681 -32.82 -34.37 73.42
CA ILE H 681 -32.02 -34.23 74.64
C ILE H 681 -32.42 -35.34 75.60
N ILE H 682 -31.44 -36.15 76.01
CA ILE H 682 -31.66 -37.20 76.99
C ILE H 682 -30.59 -37.07 78.07
N GLY H 683 -31.03 -36.79 79.30
CA GLY H 683 -30.14 -36.72 80.45
C GLY H 683 -29.36 -35.43 80.61
N GLY H 684 -30.06 -34.30 80.64
CA GLY H 684 -29.38 -33.01 80.68
C GLY H 684 -28.70 -32.77 82.03
N PHE H 685 -27.45 -32.31 81.98
CA PHE H 685 -26.68 -32.09 83.21
C PHE H 685 -25.48 -31.19 82.90
N PHE H 686 -25.49 -29.96 83.40
CA PHE H 686 -24.33 -29.08 83.24
C PHE H 686 -24.39 -27.93 84.24
N THR H 687 -23.22 -27.36 84.52
CA THR H 687 -23.07 -26.22 85.41
C THR H 687 -22.10 -25.23 84.77
N TRP H 688 -22.03 -24.04 85.36
CA TRP H 688 -21.24 -22.93 84.81
C TRP H 688 -19.84 -22.84 85.43
N THR H 689 -19.08 -23.93 85.45
CA THR H 689 -17.69 -23.95 85.91
C THR H 689 -17.06 -25.30 85.59
N PRO H 690 -15.73 -25.42 85.65
CA PRO H 690 -15.12 -26.75 85.59
C PRO H 690 -15.57 -27.67 86.71
N ASP H 691 -16.00 -27.12 87.84
CA ASP H 691 -16.50 -27.92 88.96
C ASP H 691 -17.38 -27.04 89.84
N GLY H 692 -18.55 -27.55 90.19
CA GLY H 692 -19.45 -26.79 91.06
C GLY H 692 -20.83 -27.42 91.05
N ILE H 693 -21.66 -26.90 91.94
CA ILE H 693 -23.05 -27.38 92.03
C ILE H 693 -23.80 -26.97 90.77
N PRO H 694 -24.64 -27.84 90.21
CA PRO H 694 -25.23 -27.55 88.89
C PRO H 694 -26.59 -26.88 88.97
N THR H 695 -27.00 -26.32 87.83
CA THR H 695 -28.35 -25.82 87.62
C THR H 695 -29.11 -26.59 86.55
N LEU H 696 -28.42 -27.34 85.70
CA LEU H 696 -29.04 -28.21 84.71
C LEU H 696 -29.05 -29.63 85.26
N SER H 697 -30.24 -30.19 85.46
CA SER H 697 -30.37 -31.50 86.11
C SER H 697 -31.49 -32.30 85.44
N ASN H 698 -31.11 -33.39 84.78
CA ASN H 698 -32.05 -34.41 84.31
C ASN H 698 -33.13 -33.81 83.41
N ILE H 699 -32.69 -33.27 82.28
CA ILE H 699 -33.57 -32.68 81.28
C ILE H 699 -33.73 -33.64 80.12
N THR H 700 -34.97 -33.94 79.76
CA THR H 700 -35.30 -34.80 78.63
C THR H 700 -36.34 -34.09 77.79
N ILE H 701 -36.06 -33.91 76.49
CA ILE H 701 -36.94 -33.11 75.65
C ILE H 701 -36.77 -33.54 74.19
N ARG H 702 -37.89 -33.66 73.50
CA ARG H 702 -37.93 -33.94 72.07
C ARG H 702 -38.64 -32.80 71.36
N ILE H 703 -38.05 -32.32 70.27
CA ILE H 703 -38.57 -31.19 69.51
C ILE H 703 -38.71 -31.58 68.04
N PRO H 704 -39.86 -32.12 67.62
CA PRO H 704 -40.03 -32.45 66.20
C PRO H 704 -40.06 -31.20 65.33
N ARG H 705 -39.69 -31.37 64.07
CA ARG H 705 -39.60 -30.25 63.15
C ARG H 705 -40.99 -29.68 62.86
N GLY H 706 -41.00 -28.48 62.28
CA GLY H 706 -42.24 -27.82 61.90
C GLY H 706 -43.23 -27.68 63.04
N GLN H 707 -42.74 -27.36 64.24
CA GLN H 707 -43.55 -27.37 65.44
C GLN H 707 -43.14 -26.23 66.35
N LEU H 708 -44.12 -25.60 66.99
CA LEU H 708 -43.87 -24.52 67.92
C LEU H 708 -43.76 -25.05 69.34
N THR H 709 -42.80 -24.52 70.10
CA THR H 709 -42.56 -24.95 71.47
C THR H 709 -42.40 -23.74 72.37
N MET H 710 -43.31 -23.58 73.32
CA MET H 710 -43.25 -22.49 74.29
C MET H 710 -42.62 -23.01 75.56
N ILE H 711 -41.43 -22.52 75.87
CA ILE H 711 -40.85 -22.72 77.18
C ILE H 711 -41.40 -21.66 78.11
N VAL H 712 -41.77 -22.06 79.33
CA VAL H 712 -42.36 -21.17 80.31
C VAL H 712 -41.86 -21.57 81.69
N GLY H 713 -41.96 -20.64 82.63
CA GLY H 713 -41.49 -20.86 83.97
C GLY H 713 -41.14 -19.54 84.64
N GLN H 714 -40.85 -19.63 85.93
CA GLN H 714 -40.56 -18.45 86.73
C GLN H 714 -39.22 -17.84 86.33
N VAL H 715 -38.88 -16.72 86.97
CA VAL H 715 -37.60 -16.08 86.71
C VAL H 715 -36.49 -16.92 87.33
N GLY H 716 -35.48 -17.23 86.52
CA GLY H 716 -34.37 -18.06 86.98
C GLY H 716 -34.69 -19.53 86.99
N CYS H 717 -35.12 -20.06 85.84
CA CYS H 717 -35.45 -21.47 85.71
C CYS H 717 -34.73 -22.09 84.52
N GLY H 718 -33.57 -21.56 84.16
CA GLY H 718 -32.76 -22.14 83.11
C GLY H 718 -33.44 -22.18 81.75
N LYS H 719 -34.20 -21.14 81.42
CA LYS H 719 -34.82 -21.08 80.10
C LYS H 719 -33.80 -20.64 79.05
N SER H 720 -33.19 -19.47 79.26
CA SER H 720 -32.09 -19.06 78.40
C SER H 720 -30.93 -20.04 78.50
N SER H 721 -30.75 -20.67 79.66
CA SER H 721 -29.67 -21.64 79.82
C SER H 721 -29.95 -22.90 79.03
N LEU H 722 -31.19 -23.38 79.06
CA LEU H 722 -31.59 -24.48 78.19
C LEU H 722 -31.40 -24.09 76.72
N LEU H 723 -31.71 -22.84 76.39
CA LEU H 723 -31.52 -22.37 75.01
C LEU H 723 -30.05 -22.41 74.60
N LEU H 724 -29.15 -22.04 75.52
CA LEU H 724 -27.73 -22.00 75.17
C LEU H 724 -27.09 -23.38 75.18
N ALA H 725 -27.54 -24.27 76.08
CA ALA H 725 -27.03 -25.64 76.07
C ALA H 725 -27.48 -26.37 74.81
N THR H 726 -28.77 -26.23 74.46
CA THR H 726 -29.24 -26.74 73.16
C THR H 726 -28.42 -26.17 72.02
N LEU H 727 -27.86 -24.98 72.19
CA LEU H 727 -27.07 -24.31 71.17
C LEU H 727 -25.67 -24.87 71.03
N GLY H 728 -25.30 -25.86 71.85
CA GLY H 728 -23.95 -26.36 71.87
C GLY H 728 -22.92 -25.42 72.44
N GLU H 729 -23.28 -24.18 72.72
CA GLU H 729 -22.36 -23.24 73.35
C GLU H 729 -21.93 -23.69 74.73
N MET H 730 -22.70 -24.59 75.34
CA MET H 730 -22.41 -25.12 76.67
C MET H 730 -22.59 -26.63 76.61
N GLN H 731 -21.50 -27.35 76.36
CA GLN H 731 -21.55 -28.81 76.30
C GLN H 731 -21.75 -29.37 77.71
N LYS H 732 -22.80 -30.16 77.88
CA LYS H 732 -23.17 -30.67 79.19
C LYS H 732 -22.12 -31.65 79.71
N VAL H 733 -22.05 -31.76 81.04
CA VAL H 733 -21.11 -32.69 81.66
C VAL H 733 -21.45 -34.12 81.25
N SER H 734 -22.66 -34.56 81.57
CA SER H 734 -23.12 -35.92 81.29
C SER H 734 -24.52 -35.85 80.69
N GLY H 735 -24.63 -36.15 79.41
CA GLY H 735 -25.91 -36.13 78.74
C GLY H 735 -25.75 -36.11 77.23
N ALA H 736 -26.80 -36.57 76.56
CA ALA H 736 -26.80 -36.66 75.10
C ALA H 736 -27.73 -35.62 74.50
N VAL H 737 -27.25 -34.97 73.44
CA VAL H 737 -28.00 -33.91 72.76
C VAL H 737 -27.66 -33.96 71.28
N PHE H 738 -28.71 -34.00 70.45
CA PHE H 738 -28.55 -34.14 69.00
C PHE H 738 -29.49 -33.18 68.28
N TRP H 739 -29.09 -32.80 67.08
CA TRP H 739 -29.97 -32.07 66.17
C TRP H 739 -29.54 -32.28 64.72
N GLY H 768 -25.65 -27.91 63.14
CA GLY H 768 -26.16 -27.09 62.06
C GLY H 768 -26.20 -25.62 62.38
N PRO H 769 -26.19 -24.77 61.33
CA PRO H 769 -26.18 -23.31 61.56
C PRO H 769 -27.57 -22.81 61.95
N VAL H 770 -27.70 -22.39 63.19
CA VAL H 770 -28.98 -22.11 63.81
C VAL H 770 -29.09 -20.60 64.04
N ALA H 771 -30.13 -20.00 63.48
CA ALA H 771 -30.42 -18.60 63.78
C ALA H 771 -30.95 -18.47 65.19
N TYR H 772 -30.70 -17.32 65.80
CA TYR H 772 -30.94 -17.13 67.23
C TYR H 772 -30.89 -15.67 67.61
N ALA H 773 -31.93 -15.19 68.28
CA ALA H 773 -32.00 -13.82 68.77
C ALA H 773 -31.94 -13.88 70.30
N SER H 774 -30.86 -13.37 70.87
CA SER H 774 -30.60 -13.55 72.29
C SER H 774 -31.49 -12.65 73.13
N GLN H 775 -31.44 -12.87 74.45
CA GLN H 775 -32.29 -12.13 75.38
C GLN H 775 -31.84 -10.68 75.51
N LYS H 776 -30.57 -10.40 75.28
CA LYS H 776 -30.02 -9.04 75.31
C LYS H 776 -29.44 -8.74 73.94
N PRO H 777 -30.18 -8.03 73.08
CA PRO H 777 -29.76 -7.92 71.68
C PRO H 777 -28.51 -7.08 71.51
N TRP H 778 -27.94 -7.19 70.31
CA TRP H 778 -26.74 -6.44 69.97
C TRP H 778 -26.78 -6.11 68.48
N LEU H 779 -26.13 -5.01 68.13
CA LEU H 779 -26.09 -4.51 66.77
C LEU H 779 -24.65 -4.36 66.31
N LEU H 780 -24.45 -4.43 65.00
CA LEU H 780 -23.13 -4.31 64.42
C LEU H 780 -22.87 -2.87 63.96
N ASN H 781 -21.60 -2.51 63.89
CA ASN H 781 -21.20 -1.18 63.40
C ASN H 781 -21.37 -1.18 61.89
N ALA H 782 -22.63 -1.00 61.47
CA ALA H 782 -23.00 -1.12 60.07
C ALA H 782 -24.34 -0.41 59.88
N THR H 783 -24.97 -0.65 58.74
CA THR H 783 -26.28 -0.10 58.44
C THR H 783 -27.37 -1.07 58.88
N VAL H 784 -28.61 -0.59 58.85
CA VAL H 784 -29.75 -1.43 59.24
C VAL H 784 -29.92 -2.59 58.28
N GLU H 785 -29.91 -2.30 56.98
CA GLU H 785 -29.97 -3.35 55.98
C GLU H 785 -28.89 -4.39 56.20
N GLU H 786 -27.70 -3.95 56.61
CA GLU H 786 -26.60 -4.88 56.84
C GLU H 786 -26.84 -5.72 58.10
N ASN H 787 -27.37 -5.10 59.15
CA ASN H 787 -27.69 -5.85 60.36
C ASN H 787 -28.80 -6.86 60.13
N ILE H 788 -29.65 -6.64 59.12
CA ILE H 788 -30.70 -7.61 58.85
C ILE H 788 -30.28 -8.64 57.80
N THR H 789 -29.34 -8.30 56.93
CA THR H 789 -28.85 -9.29 55.96
C THR H 789 -27.91 -10.28 56.63
N PHE H 790 -26.88 -9.77 57.31
CA PHE H 790 -25.91 -10.59 58.02
C PHE H 790 -25.16 -11.53 57.07
N GLU H 791 -24.45 -10.92 56.13
CA GLU H 791 -23.59 -11.56 55.13
C GLU H 791 -24.38 -12.32 54.07
N SER H 792 -25.70 -12.40 54.18
CA SER H 792 -26.47 -13.09 53.16
C SER H 792 -26.81 -12.12 52.01
N PRO H 793 -26.86 -12.61 50.78
CA PRO H 793 -27.23 -11.75 49.66
C PRO H 793 -28.63 -11.17 49.81
N PHE H 794 -28.85 -10.03 49.16
CA PHE H 794 -30.13 -9.35 49.26
C PHE H 794 -31.19 -10.08 48.45
N ASN H 795 -32.45 -9.79 48.77
CA ASN H 795 -33.58 -10.34 48.03
C ASN H 795 -34.68 -9.29 47.99
N LYS H 796 -35.27 -9.12 46.81
CA LYS H 796 -36.29 -8.10 46.60
C LYS H 796 -37.47 -8.30 47.55
N GLN H 797 -38.15 -9.45 47.43
CA GLN H 797 -39.36 -9.66 48.22
C GLN H 797 -39.04 -10.14 49.64
N ARG H 798 -37.97 -10.90 49.82
CA ARG H 798 -37.66 -11.46 51.13
C ARG H 798 -37.41 -10.36 52.16
N TYR H 799 -36.53 -9.42 51.83
CA TYR H 799 -36.21 -8.34 52.77
C TYR H 799 -37.45 -7.49 53.07
N LYS H 800 -38.22 -7.15 52.03
CA LYS H 800 -39.41 -6.35 52.26
C LYS H 800 -40.42 -7.07 53.14
N MET H 801 -40.55 -8.39 52.97
CA MET H 801 -41.47 -9.14 53.80
C MET H 801 -41.00 -9.16 55.25
N VAL H 802 -39.70 -9.39 55.47
CA VAL H 802 -39.19 -9.43 56.83
C VAL H 802 -39.35 -8.06 57.49
N ILE H 803 -39.19 -6.99 56.71
CA ILE H 803 -39.37 -5.65 57.29
C ILE H 803 -40.83 -5.40 57.60
N GLU H 804 -41.73 -5.70 56.67
CA GLU H 804 -43.14 -5.41 56.84
C GLU H 804 -43.83 -6.37 57.80
N ALA H 805 -43.15 -7.42 58.25
CA ALA H 805 -43.68 -8.26 59.31
C ALA H 805 -43.18 -7.87 60.69
N CYS H 806 -42.07 -7.16 60.77
CA CYS H 806 -41.44 -6.83 62.06
C CYS H 806 -41.93 -5.53 62.66
N SER H 807 -42.94 -4.88 62.06
CA SER H 807 -43.45 -3.60 62.56
C SER H 807 -42.32 -2.57 62.67
N LEU H 808 -41.52 -2.49 61.61
CA LEU H 808 -40.29 -1.70 61.64
C LEU H 808 -40.16 -0.68 60.52
N GLN H 809 -40.98 -0.76 59.46
CA GLN H 809 -40.82 0.17 58.35
C GLN H 809 -41.16 1.61 58.73
N PRO H 810 -42.26 1.90 59.43
CA PRO H 810 -42.52 3.31 59.79
C PRO H 810 -41.39 3.95 60.58
N ASP H 811 -40.91 3.28 61.62
CA ASP H 811 -39.82 3.83 62.43
C ASP H 811 -38.54 3.98 61.61
N ILE H 812 -38.26 3.02 60.73
CA ILE H 812 -37.09 3.12 59.87
C ILE H 812 -37.18 4.35 58.98
N ASP H 813 -38.37 4.60 58.42
CA ASP H 813 -38.54 5.76 57.56
C ASP H 813 -38.57 7.07 58.34
N ILE H 814 -38.84 7.02 59.65
CA ILE H 814 -38.80 8.24 60.47
C ILE H 814 -37.36 8.68 60.72
N LEU H 815 -36.41 7.75 60.68
CA LEU H 815 -35.01 8.04 60.97
C LEU H 815 -34.47 9.15 60.04
N PRO H 816 -33.37 9.80 60.43
CA PRO H 816 -32.83 10.87 59.57
C PRO H 816 -32.48 10.41 58.16
N HIS H 817 -31.79 9.29 58.03
CA HIS H 817 -31.59 8.63 56.75
C HIS H 817 -32.65 7.55 56.61
N GLY H 818 -33.43 7.63 55.52
CA GLY H 818 -34.53 6.71 55.33
C GLY H 818 -34.14 5.26 55.48
N ASP H 819 -32.91 4.92 55.09
CA ASP H 819 -32.35 3.60 55.36
C ASP H 819 -30.84 3.74 55.34
N GLN H 820 -30.15 2.63 55.61
CA GLN H 820 -28.70 2.59 55.69
C GLN H 820 -28.16 3.58 56.71
N THR H 821 -29.00 3.97 57.68
CA THR H 821 -28.55 4.82 58.76
C THR H 821 -27.47 4.10 59.57
N GLN H 822 -26.35 4.77 59.78
CA GLN H 822 -25.22 4.17 60.47
C GLN H 822 -25.58 4.01 61.94
N ILE H 823 -25.96 2.80 62.32
CA ILE H 823 -26.32 2.52 63.71
C ILE H 823 -25.11 2.77 64.59
N GLY H 824 -25.25 3.66 65.56
CA GLY H 824 -24.18 3.97 66.48
C GLY H 824 -23.73 2.75 67.29
N GLU H 825 -22.68 2.94 68.09
CA GLU H 825 -22.12 1.84 68.86
C GLU H 825 -23.13 1.33 69.87
N ARG H 826 -23.51 0.05 69.74
CA ARG H 826 -24.48 -0.66 70.57
C ARG H 826 -25.91 -0.21 70.31
N GLY H 827 -26.08 0.81 69.46
CA GLY H 827 -27.40 1.30 69.12
C GLY H 827 -27.93 2.38 70.03
N ILE H 828 -27.10 3.39 70.32
CA ILE H 828 -27.51 4.44 71.23
C ILE H 828 -28.56 5.33 70.60
N ASN H 829 -28.42 5.65 69.31
CA ASN H 829 -29.39 6.46 68.59
C ASN H 829 -30.63 5.67 68.19
N LEU H 830 -30.84 4.49 68.78
CA LEU H 830 -32.05 3.70 68.62
C LEU H 830 -32.75 3.60 69.98
N SER H 831 -34.03 3.23 69.93
CA SER H 831 -34.85 3.15 71.14
C SER H 831 -34.77 1.73 71.71
N GLY H 832 -35.56 1.47 72.75
CA GLY H 832 -35.53 0.15 73.37
C GLY H 832 -36.14 -0.92 72.49
N GLY H 833 -37.36 -0.68 72.01
CA GLY H 833 -38.02 -1.67 71.18
C GLY H 833 -37.44 -1.81 69.80
N GLN H 834 -36.82 -0.75 69.29
CA GLN H 834 -36.26 -0.78 67.94
C GLN H 834 -35.14 -1.81 67.82
N ARG H 835 -34.23 -1.84 68.80
CA ARG H 835 -33.12 -2.79 68.74
C ARG H 835 -33.63 -4.23 68.84
N GLN H 836 -34.65 -4.47 69.68
CA GLN H 836 -35.21 -5.81 69.78
C GLN H 836 -35.86 -6.23 68.46
N ARG H 837 -36.64 -5.33 67.86
CA ARG H 837 -37.24 -5.65 66.58
C ARG H 837 -36.19 -5.91 65.52
N ILE H 838 -35.06 -5.18 65.57
CA ILE H 838 -34.01 -5.38 64.58
C ILE H 838 -33.32 -6.72 64.78
N SER H 839 -33.07 -7.10 66.02
CA SER H 839 -32.47 -8.41 66.28
C SER H 839 -33.41 -9.54 65.83
N VAL H 840 -34.71 -9.39 66.11
CA VAL H 840 -35.67 -10.41 65.68
C VAL H 840 -35.75 -10.46 64.16
N ALA H 841 -35.66 -9.31 63.50
CA ALA H 841 -35.64 -9.28 62.04
C ALA H 841 -34.41 -10.01 61.50
N ARG H 842 -33.26 -9.81 62.13
CA ARG H 842 -32.06 -10.52 61.70
C ARG H 842 -32.26 -12.03 61.83
N ALA H 843 -32.72 -12.48 63.00
CA ALA H 843 -32.88 -13.91 63.22
C ALA H 843 -34.02 -14.50 62.37
N LEU H 844 -34.95 -13.67 61.92
CA LEU H 844 -36.09 -14.14 61.14
C LEU H 844 -35.82 -14.10 59.64
N TYR H 845 -34.88 -13.27 59.19
CA TYR H 845 -34.58 -13.14 57.77
C TYR H 845 -33.66 -14.25 57.28
N GLN H 846 -32.82 -14.79 58.17
CA GLN H 846 -31.83 -15.77 57.73
C GLN H 846 -32.48 -17.11 57.41
N GLN H 847 -31.85 -17.83 56.49
CA GLN H 847 -32.30 -19.15 56.09
C GLN H 847 -31.67 -20.20 57.00
N THR H 848 -32.51 -20.94 57.72
CA THR H 848 -32.04 -21.99 58.62
C THR H 848 -33.23 -22.87 59.00
N ASN H 849 -32.92 -23.96 59.69
CA ASN H 849 -33.97 -24.86 60.18
C ASN H 849 -34.56 -24.38 61.49
N VAL H 850 -33.73 -24.29 62.53
CA VAL H 850 -34.19 -24.03 63.89
C VAL H 850 -33.93 -22.56 64.23
N VAL H 851 -34.93 -21.91 64.80
CA VAL H 851 -34.80 -20.53 65.27
C VAL H 851 -35.16 -20.47 66.74
N PHE H 852 -34.24 -19.94 67.55
CA PHE H 852 -34.47 -19.71 68.96
C PHE H 852 -34.73 -18.23 69.19
N LEU H 853 -35.84 -17.93 69.89
CA LEU H 853 -36.20 -16.55 70.20
C LEU H 853 -36.28 -16.41 71.72
N ASP H 854 -35.36 -15.62 72.28
CA ASP H 854 -35.16 -15.50 73.72
C ASP H 854 -35.88 -14.25 74.22
N ASP H 855 -37.18 -14.40 74.50
CA ASP H 855 -38.07 -13.32 74.91
C ASP H 855 -38.00 -12.16 73.93
N PRO H 856 -38.53 -12.31 72.72
CA PRO H 856 -38.50 -11.19 71.77
C PRO H 856 -39.65 -10.21 71.97
N PHE H 857 -40.32 -10.29 73.12
CA PHE H 857 -41.50 -9.46 73.38
C PHE H 857 -41.36 -8.61 74.63
N SER H 858 -40.15 -8.45 75.17
CA SER H 858 -39.98 -7.66 76.38
C SER H 858 -40.22 -6.19 76.11
N ALA H 859 -39.54 -5.62 75.11
CA ALA H 859 -39.60 -4.20 74.82
C ALA H 859 -40.63 -3.85 73.76
N LEU H 860 -41.72 -4.61 73.67
CA LEU H 860 -42.83 -4.30 72.77
C LEU H 860 -44.12 -4.18 73.56
N ASP H 861 -45.08 -3.49 72.97
CA ASP H 861 -46.38 -3.26 73.58
C ASP H 861 -47.30 -4.44 73.25
N VAL H 862 -48.60 -4.28 73.54
CA VAL H 862 -49.56 -5.34 73.22
C VAL H 862 -49.76 -5.45 71.72
N HIS H 863 -49.95 -4.31 71.05
CA HIS H 863 -50.38 -4.34 69.65
C HIS H 863 -49.24 -4.75 68.72
N LEU H 864 -48.05 -4.19 68.93
CA LEU H 864 -46.89 -4.59 68.13
C LEU H 864 -46.56 -6.06 68.35
N SER H 865 -46.67 -6.54 69.59
CA SER H 865 -46.44 -7.95 69.86
C SER H 865 -47.46 -8.82 69.14
N ASP H 866 -48.73 -8.43 69.17
CA ASP H 866 -49.76 -9.19 68.47
C ASP H 866 -49.46 -9.26 66.97
N HIS H 867 -49.16 -8.11 66.36
CA HIS H 867 -48.90 -8.08 64.92
C HIS H 867 -47.67 -8.90 64.57
N LEU H 868 -46.60 -8.79 65.38
CA LEU H 868 -45.38 -9.53 65.09
C LEU H 868 -45.57 -11.03 65.25
N MET H 869 -46.26 -11.45 66.31
CA MET H 869 -46.49 -12.87 66.51
C MET H 869 -47.42 -13.43 65.45
N GLN H 870 -48.38 -12.63 64.98
CA GLN H 870 -49.31 -13.14 63.97
C GLN H 870 -48.67 -13.20 62.59
N ALA H 871 -47.84 -12.20 62.26
CA ALA H 871 -47.31 -12.09 60.90
C ALA H 871 -46.06 -12.94 60.70
N GLY H 872 -45.05 -12.77 61.55
CA GLY H 872 -43.80 -13.45 61.35
C GLY H 872 -43.74 -14.86 61.89
N ILE H 873 -44.28 -15.07 63.09
CA ILE H 873 -44.17 -16.37 63.75
C ILE H 873 -45.17 -17.36 63.18
N LEU H 874 -46.41 -16.94 62.97
CA LEU H 874 -47.45 -17.87 62.53
C LEU H 874 -47.61 -17.90 61.02
N GLU H 875 -47.45 -16.76 60.35
CA GLU H 875 -47.63 -16.74 58.89
C GLU H 875 -46.30 -16.92 58.15
N LEU H 876 -45.25 -16.23 58.58
CA LEU H 876 -44.01 -16.24 57.81
C LEU H 876 -43.13 -17.42 58.18
N LEU H 877 -42.96 -17.68 59.48
CA LEU H 877 -42.16 -18.82 59.92
C LEU H 877 -42.84 -20.13 59.55
N ARG H 878 -44.06 -20.33 60.05
CA ARG H 878 -44.82 -21.55 59.80
C ARG H 878 -45.10 -21.80 58.33
N ASP H 879 -44.83 -20.82 57.46
CA ASP H 879 -44.96 -21.02 56.03
C ASP H 879 -43.99 -22.10 55.55
N ASP H 880 -42.68 -21.87 55.73
CA ASP H 880 -41.68 -22.83 55.30
C ASP H 880 -41.57 -24.04 56.19
N LYS H 881 -42.43 -24.16 57.21
CA LYS H 881 -42.42 -25.28 58.15
C LYS H 881 -41.07 -25.41 58.85
N ARG H 882 -40.50 -24.27 59.24
CA ARG H 882 -39.29 -24.27 60.03
C ARG H 882 -39.60 -24.70 61.47
N THR H 883 -38.54 -24.88 62.26
CA THR H 883 -38.66 -25.21 63.67
C THR H 883 -38.45 -23.95 64.50
N VAL H 884 -39.36 -23.71 65.45
CA VAL H 884 -39.35 -22.49 66.27
C VAL H 884 -39.35 -22.87 67.74
N VAL H 885 -38.38 -22.37 68.49
CA VAL H 885 -38.34 -22.50 69.94
C VAL H 885 -38.36 -21.08 70.50
N LEU H 886 -39.51 -20.69 71.04
CA LEU H 886 -39.72 -19.31 71.49
C LEU H 886 -40.03 -19.33 72.98
N VAL H 887 -39.26 -18.55 73.75
CA VAL H 887 -39.36 -18.56 75.20
C VAL H 887 -39.83 -17.19 75.66
N THR H 888 -41.04 -17.13 76.21
CA THR H 888 -41.59 -15.87 76.70
C THR H 888 -42.70 -16.19 77.69
N HIS H 889 -43.55 -15.22 77.99
CA HIS H 889 -44.70 -15.44 78.85
C HIS H 889 -45.79 -14.44 78.46
N LYS H 890 -46.73 -14.90 77.63
CA LYS H 890 -47.91 -14.12 77.28
C LYS H 890 -49.10 -15.06 77.16
N LEU H 891 -50.27 -14.48 76.97
CA LEU H 891 -51.50 -15.26 76.89
C LEU H 891 -51.80 -15.74 75.47
N GLN H 892 -51.54 -14.90 74.46
CA GLN H 892 -51.95 -15.22 73.10
C GLN H 892 -51.19 -16.40 72.53
N TYR H 893 -49.96 -16.64 72.99
CA TYR H 893 -49.08 -17.58 72.32
C TYR H 893 -49.41 -19.02 72.67
N LEU H 894 -49.89 -19.27 73.90
CA LEU H 894 -50.12 -20.63 74.35
C LEU H 894 -51.08 -21.42 73.46
N PRO H 895 -52.26 -20.91 73.08
CA PRO H 895 -53.15 -21.70 72.22
C PRO H 895 -52.64 -21.89 70.80
N HIS H 896 -51.49 -21.30 70.45
CA HIS H 896 -50.94 -21.42 69.10
C HIS H 896 -49.83 -22.46 68.98
N ALA H 897 -49.15 -22.79 70.08
CA ALA H 897 -47.99 -23.67 70.00
C ALA H 897 -48.39 -25.13 70.21
N ASP H 898 -47.48 -26.03 69.84
CA ASP H 898 -47.70 -27.47 69.91
C ASP H 898 -47.14 -28.09 71.18
N TRP H 899 -45.99 -27.62 71.68
CA TRP H 899 -45.40 -28.19 72.88
C TRP H 899 -45.20 -27.12 73.94
N ILE H 900 -45.33 -27.51 75.20
CA ILE H 900 -45.17 -26.59 76.31
C ILE H 900 -44.20 -27.21 77.31
N ILE H 901 -43.23 -26.42 77.78
CA ILE H 901 -42.18 -26.93 78.67
C ILE H 901 -42.11 -26.04 79.90
N ALA H 902 -42.51 -26.58 81.05
CA ALA H 902 -42.54 -25.84 82.31
C ALA H 902 -41.26 -26.10 83.10
N MET H 903 -40.53 -25.03 83.40
CA MET H 903 -39.28 -25.12 84.15
C MET H 903 -39.47 -24.56 85.55
N LYS H 904 -38.73 -25.14 86.50
CA LYS H 904 -38.76 -24.67 87.89
C LYS H 904 -37.46 -25.07 88.57
N ASP H 905 -36.66 -24.08 88.98
CA ASP H 905 -35.40 -24.31 89.68
C ASP H 905 -34.47 -25.21 88.89
N GLY H 906 -34.44 -25.01 87.57
CA GLY H 906 -33.57 -25.81 86.73
C GLY H 906 -34.08 -27.19 86.40
N THR H 907 -35.36 -27.46 86.64
CA THR H 907 -35.95 -28.77 86.39
C THR H 907 -37.25 -28.60 85.62
N ILE H 908 -37.56 -29.60 84.80
CA ILE H 908 -38.77 -29.60 84.00
C ILE H 908 -39.91 -30.15 84.86
N GLN H 909 -40.87 -29.30 85.20
CA GLN H 909 -41.94 -29.72 86.10
C GLN H 909 -42.84 -30.75 85.43
N ARG H 910 -43.50 -30.37 84.34
CA ARG H 910 -44.29 -31.28 83.53
C ARG H 910 -43.75 -31.24 82.10
N GLU H 911 -44.40 -31.97 81.20
CA GLU H 911 -43.89 -32.05 79.84
C GLU H 911 -44.97 -32.54 78.90
N GLY H 912 -44.95 -32.00 77.66
CA GLY H 912 -45.70 -32.54 76.56
C GLY H 912 -46.46 -31.50 75.77
N THR H 913 -47.46 -31.98 75.04
CA THR H 913 -48.38 -31.14 74.28
C THR H 913 -49.42 -30.53 75.21
N LEU H 914 -50.39 -29.81 74.63
CA LEU H 914 -51.34 -29.06 75.43
C LEU H 914 -52.35 -29.97 76.11
N LYS H 915 -52.96 -30.88 75.35
CA LYS H 915 -54.03 -31.71 75.90
C LYS H 915 -53.52 -32.63 77.00
N ASP H 916 -52.40 -33.30 76.75
CA ASP H 916 -51.82 -34.16 77.78
C ASP H 916 -51.36 -33.35 78.99
N PHE H 917 -50.90 -32.12 78.77
CA PHE H 917 -50.53 -31.26 79.89
C PHE H 917 -51.76 -30.86 80.71
N GLN H 918 -52.91 -30.71 80.06
CA GLN H 918 -54.12 -30.36 80.79
C GLN H 918 -54.81 -31.56 81.40
N ARG H 919 -54.45 -32.78 80.97
CA ARG H 919 -54.96 -34.00 81.59
C ARG H 919 -54.04 -34.53 82.68
N SER H 920 -52.85 -33.97 82.84
CA SER H 920 -51.92 -34.42 83.86
C SER H 920 -52.15 -33.69 85.18
N GLU H 921 -51.46 -34.15 86.22
CA GLU H 921 -51.60 -33.57 87.55
C GLU H 921 -50.85 -32.25 87.66
N ARG H 999 -6.93 27.72 70.96
CA ARG H 999 -7.83 27.44 72.07
C ARG H 999 -7.43 26.15 72.78
N ALA H 1000 -6.25 25.64 72.45
CA ALA H 1000 -5.75 24.39 73.01
C ALA H 1000 -4.49 24.56 73.84
N CYS H 1001 -3.46 25.21 73.28
CA CYS H 1001 -2.20 25.37 74.00
C CYS H 1001 -2.26 26.45 75.06
N THR H 1002 -3.17 27.43 74.91
CA THR H 1002 -3.27 28.52 75.87
C THR H 1002 -3.62 28.00 77.26
N LYS H 1003 -4.72 27.24 77.37
CA LYS H 1003 -5.12 26.73 78.67
C LYS H 1003 -4.17 25.64 79.17
N TYR H 1004 -3.51 24.92 78.26
CA TYR H 1004 -2.48 23.97 78.68
C TYR H 1004 -1.34 24.68 79.39
N LEU H 1005 -0.79 25.72 78.77
CA LEU H 1005 0.29 26.47 79.39
C LEU H 1005 -0.19 27.21 80.64
N SER H 1006 -1.47 27.60 80.68
CA SER H 1006 -1.99 28.25 81.88
C SER H 1006 -2.10 27.28 83.05
N SER H 1007 -2.52 26.04 82.77
CA SER H 1007 -2.53 25.01 83.81
C SER H 1007 -1.13 24.61 84.22
N ALA H 1008 -0.17 24.69 83.30
CA ALA H 1008 1.22 24.43 83.66
C ALA H 1008 1.71 25.46 84.68
N GLY H 1009 1.26 26.71 84.55
CA GLY H 1009 1.66 27.76 85.47
C GLY H 1009 2.62 28.76 84.87
N ILE H 1010 2.24 30.04 84.88
CA ILE H 1010 3.08 31.09 84.31
C ILE H 1010 4.40 31.28 85.06
N LEU H 1011 4.53 30.70 86.25
CA LEU H 1011 5.76 30.76 87.03
C LEU H 1011 6.64 29.54 86.86
N LEU H 1012 6.06 28.39 86.53
CA LEU H 1012 6.83 27.16 86.46
C LEU H 1012 7.44 26.92 85.08
N LEU H 1013 6.65 27.07 84.01
CA LEU H 1013 7.21 26.92 82.68
C LEU H 1013 8.22 28.02 82.36
N SER H 1014 8.00 29.21 82.90
CA SER H 1014 8.97 30.29 82.73
C SER H 1014 10.30 29.94 83.39
N LEU H 1015 10.24 29.44 84.62
CA LEU H 1015 11.46 28.98 85.30
C LEU H 1015 12.11 27.83 84.53
N LEU H 1016 11.29 26.96 83.93
CA LEU H 1016 11.81 25.86 83.13
C LEU H 1016 12.63 26.38 81.96
N VAL H 1017 12.04 27.27 81.15
CA VAL H 1017 12.74 27.81 79.99
C VAL H 1017 13.98 28.58 80.43
N PHE H 1018 13.87 29.38 81.49
CA PHE H 1018 15.01 30.16 81.97
C PHE H 1018 16.16 29.26 82.39
N SER H 1019 15.86 28.22 83.16
CA SER H 1019 16.92 27.31 83.62
C SER H 1019 17.55 26.56 82.46
N GLN H 1020 16.74 26.13 81.49
CA GLN H 1020 17.28 25.45 80.31
C GLN H 1020 18.27 26.35 79.58
N LEU H 1021 17.85 27.59 79.27
CA LEU H 1021 18.71 28.51 78.55
C LEU H 1021 19.99 28.79 79.32
N LEU H 1022 19.88 28.98 80.65
CA LEU H 1022 21.06 29.27 81.46
C LEU H 1022 22.04 28.11 81.46
N LYS H 1023 21.52 26.89 81.63
CA LYS H 1023 22.38 25.71 81.58
C LYS H 1023 23.12 25.62 80.25
N HIS H 1024 22.40 25.83 79.14
CA HIS H 1024 23.09 25.67 77.86
C HIS H 1024 24.09 26.78 77.59
N MET H 1025 23.81 28.00 78.06
CA MET H 1025 24.80 29.06 77.97
C MET H 1025 26.07 28.67 78.73
N VAL H 1026 25.92 28.14 79.95
CA VAL H 1026 27.08 27.70 80.71
C VAL H 1026 27.85 26.61 79.95
N LEU H 1027 27.12 25.66 79.36
CA LEU H 1027 27.77 24.54 78.68
C LEU H 1027 28.58 25.01 77.48
N VAL H 1028 28.02 25.90 76.66
CA VAL H 1028 28.78 26.37 75.51
C VAL H 1028 29.95 27.23 75.95
N ALA H 1029 29.75 28.05 77.00
CA ALA H 1029 30.81 28.97 77.42
C ALA H 1029 32.01 28.22 77.98
N ILE H 1030 31.78 27.16 78.77
CA ILE H 1030 32.90 26.43 79.36
C ILE H 1030 33.74 25.77 78.27
N ASP H 1031 33.07 25.23 77.24
CA ASP H 1031 33.80 24.60 76.15
C ASP H 1031 34.59 25.63 75.35
N TYR H 1032 34.01 26.81 75.09
CA TYR H 1032 34.75 27.83 74.35
C TYR H 1032 35.97 28.33 75.13
N TRP H 1033 35.78 28.57 76.44
CA TRP H 1033 36.89 28.97 77.29
C TRP H 1033 37.99 27.91 77.32
N LEU H 1034 37.60 26.63 77.47
CA LEU H 1034 38.58 25.55 77.46
C LEU H 1034 39.31 25.46 76.13
N ALA H 1035 38.61 25.72 75.03
CA ALA H 1035 39.27 25.71 73.72
C ALA H 1035 40.32 26.80 73.63
N LYS H 1036 39.97 28.02 74.05
CA LYS H 1036 40.93 29.11 74.01
C LYS H 1036 42.08 28.88 75.00
N TRP H 1037 41.86 28.07 76.04
CA TRP H 1037 42.94 27.81 76.98
C TRP H 1037 43.87 26.69 76.49
N THR H 1038 43.31 25.68 75.82
CA THR H 1038 44.07 24.48 75.53
C THR H 1038 45.19 24.74 74.53
N ASP H 1039 44.91 25.52 73.48
CA ASP H 1039 45.92 25.77 72.46
C ASP H 1039 47.09 26.59 72.98
N SER H 1040 47.03 27.08 74.22
CA SER H 1040 48.14 27.80 74.82
C SER H 1040 49.30 26.87 75.16
N ASP H 1060 48.27 33.10 84.24
CA ASP H 1060 46.93 33.00 84.80
C ASP H 1060 46.38 31.59 84.69
N GLN H 1061 47.26 30.60 84.86
CA GLN H 1061 46.82 29.21 84.79
C GLN H 1061 45.89 28.86 85.95
N SER H 1062 46.23 29.31 87.16
CA SER H 1062 45.34 29.09 88.30
C SER H 1062 44.00 29.78 88.12
N VAL H 1063 44.00 30.93 87.44
CA VAL H 1063 42.76 31.62 87.14
C VAL H 1063 41.84 30.73 86.30
N TYR H 1064 42.38 30.16 85.22
CA TYR H 1064 41.60 29.26 84.38
C TYR H 1064 41.18 28.01 85.15
N ALA H 1065 42.06 27.51 86.02
CA ALA H 1065 41.72 26.32 86.79
C ALA H 1065 40.50 26.59 87.67
N MET H 1066 40.50 27.73 88.36
CA MET H 1066 39.35 28.08 89.19
C MET H 1066 38.10 28.31 88.35
N VAL H 1067 38.25 28.94 87.18
CA VAL H 1067 37.09 29.17 86.31
C VAL H 1067 36.49 27.84 85.87
N PHE H 1068 37.35 26.90 85.47
CA PHE H 1068 36.88 25.58 85.03
C PHE H 1068 36.19 24.84 86.17
N THR H 1069 36.78 24.86 87.37
CA THR H 1069 36.19 24.18 88.51
C THR H 1069 34.86 24.82 88.91
N LEU H 1070 34.72 26.14 88.75
CA LEU H 1070 33.47 26.81 89.06
C LEU H 1070 32.38 26.45 88.05
N LEU H 1071 32.73 26.48 86.76
CA LEU H 1071 31.74 26.16 85.73
C LEU H 1071 31.30 24.71 85.80
N CYS H 1072 32.20 23.79 86.21
CA CYS H 1072 31.82 22.38 86.27
C CYS H 1072 30.82 22.08 87.38
N SER H 1073 30.70 22.96 88.38
CA SER H 1073 29.66 22.84 89.39
C SER H 1073 28.40 23.62 89.00
N LEU H 1074 28.60 24.79 88.37
CA LEU H 1074 27.46 25.54 87.86
C LEU H 1074 26.63 24.68 86.91
N GLY H 1075 27.30 23.97 85.99
CA GLY H 1075 26.57 23.17 85.01
C GLY H 1075 25.65 22.15 85.65
N ILE H 1076 26.16 21.41 86.64
CA ILE H 1076 25.36 20.37 87.26
C ILE H 1076 24.22 20.96 88.09
N VAL H 1077 24.49 22.08 88.77
CA VAL H 1077 23.41 22.73 89.53
C VAL H 1077 22.26 23.10 88.60
N LEU H 1078 22.58 23.80 87.50
CA LEU H 1078 21.55 24.29 86.60
C LEU H 1078 20.80 23.13 85.94
N CYS H 1079 21.51 22.07 85.53
CA CYS H 1079 20.84 20.96 84.87
C CYS H 1079 19.91 20.21 85.81
N LEU H 1080 20.36 19.97 87.06
CA LEU H 1080 19.49 19.34 88.04
C LEU H 1080 18.22 20.16 88.25
N VAL H 1081 18.37 21.49 88.35
CA VAL H 1081 17.20 22.34 88.51
C VAL H 1081 16.25 22.17 87.32
N THR H 1082 16.80 22.15 86.10
CA THR H 1082 15.97 21.99 84.91
C THR H 1082 15.14 20.71 84.99
N SER H 1083 15.80 19.58 85.30
CA SER H 1083 15.08 18.31 85.30
C SER H 1083 13.96 18.31 86.34
N VAL H 1084 14.26 18.77 87.56
CA VAL H 1084 13.24 18.82 88.60
C VAL H 1084 12.03 19.63 88.14
N THR H 1085 12.29 20.81 87.57
CA THR H 1085 11.20 21.68 87.13
C THR H 1085 10.35 21.01 86.06
N VAL H 1086 10.98 20.33 85.10
CA VAL H 1086 10.23 19.68 84.03
C VAL H 1086 9.28 18.64 84.60
N GLU H 1087 9.78 17.80 85.52
CA GLU H 1087 8.91 16.77 86.09
C GLU H 1087 7.73 17.37 86.83
N TRP H 1088 7.99 18.43 87.62
CA TRP H 1088 6.91 19.08 88.36
C TRP H 1088 5.83 19.59 87.40
N THR H 1089 6.26 20.25 86.31
CA THR H 1089 5.31 20.76 85.33
C THR H 1089 4.43 19.66 84.76
N GLY H 1090 5.06 18.54 84.37
CA GLY H 1090 4.29 17.43 83.82
C GLY H 1090 3.21 16.94 84.77
N LEU H 1091 3.58 16.73 86.05
CA LEU H 1091 2.61 16.24 87.01
C LEU H 1091 1.43 17.21 87.15
N LYS H 1092 1.73 18.50 87.26
CA LYS H 1092 0.63 19.47 87.45
C LYS H 1092 -0.32 19.44 86.27
N VAL H 1093 0.22 19.44 85.05
CA VAL H 1093 -0.64 19.40 83.87
C VAL H 1093 -1.54 18.16 83.93
N ALA H 1094 -0.94 17.01 84.20
CA ALA H 1094 -1.71 15.77 84.25
C ALA H 1094 -2.92 15.90 85.18
N LYS H 1095 -2.67 16.25 86.44
CA LYS H 1095 -3.78 16.15 87.38
C LYS H 1095 -4.82 17.25 87.16
N ARG H 1096 -4.41 18.47 86.79
CA ARG H 1096 -5.40 19.51 86.54
C ARG H 1096 -6.27 19.15 85.34
N LEU H 1097 -5.66 18.61 84.27
CA LEU H 1097 -6.44 18.23 83.11
C LEU H 1097 -7.45 17.13 83.44
N HIS H 1098 -7.04 16.13 84.24
CA HIS H 1098 -7.99 15.06 84.55
C HIS H 1098 -9.15 15.57 85.40
N ARG H 1099 -8.84 16.37 86.43
CA ARG H 1099 -9.90 16.91 87.28
C ARG H 1099 -10.88 17.76 86.47
N SER H 1100 -10.36 18.57 85.53
CA SER H 1100 -11.24 19.34 84.67
C SER H 1100 -12.10 18.44 83.80
N LEU H 1101 -11.51 17.38 83.23
CA LEU H 1101 -12.24 16.52 82.32
C LEU H 1101 -13.43 15.86 83.01
N LEU H 1102 -13.20 15.31 84.20
CA LEU H 1102 -14.28 14.55 84.83
C LEU H 1102 -15.45 15.44 85.24
N ASN H 1103 -15.17 16.61 85.79
CA ASN H 1103 -16.25 17.53 86.16
C ASN H 1103 -16.84 18.27 84.97
N ARG H 1104 -16.17 18.25 83.81
CA ARG H 1104 -16.84 18.72 82.60
C ARG H 1104 -17.81 17.67 82.07
N ILE H 1105 -17.45 16.38 82.20
CA ILE H 1105 -18.35 15.33 81.75
C ILE H 1105 -19.54 15.16 82.70
N ILE H 1106 -19.34 15.37 84.01
CA ILE H 1106 -20.42 15.15 84.97
C ILE H 1106 -21.53 16.18 84.81
N LEU H 1107 -21.16 17.42 84.48
CA LEU H 1107 -22.12 18.52 84.35
C LEU H 1107 -22.73 18.61 82.96
N ALA H 1108 -22.79 17.47 82.21
CA ALA H 1108 -23.32 17.42 80.86
C ALA H 1108 -24.78 16.98 80.85
N PRO H 1109 -25.59 17.47 79.92
CA PRO H 1109 -26.97 17.02 79.82
C PRO H 1109 -27.09 15.69 79.09
N MET H 1110 -28.22 15.02 79.32
CA MET H 1110 -28.40 13.67 78.77
C MET H 1110 -28.41 13.69 77.25
N ARG H 1111 -28.83 14.79 76.63
CA ARG H 1111 -28.81 14.88 75.17
C ARG H 1111 -27.38 14.75 74.65
N PHE H 1112 -26.42 15.36 75.35
CA PHE H 1112 -25.03 15.26 74.93
C PHE H 1112 -24.50 13.84 75.10
N PHE H 1113 -24.91 13.15 76.17
CA PHE H 1113 -24.43 11.79 76.39
C PHE H 1113 -24.99 10.83 75.34
N GLU H 1114 -26.27 10.97 75.00
CA GLU H 1114 -26.82 10.11 73.96
C GLU H 1114 -26.26 10.44 72.59
N THR H 1115 -26.08 11.74 72.29
CA THR H 1115 -25.61 12.15 70.98
C THR H 1115 -24.19 11.62 70.71
N THR H 1116 -23.28 11.85 71.65
CA THR H 1116 -21.88 11.53 71.42
C THR H 1116 -21.66 10.02 71.41
N PRO H 1117 -20.90 9.50 70.46
CA PRO H 1117 -20.49 8.09 70.53
C PRO H 1117 -19.60 7.86 71.75
N LEU H 1118 -19.98 6.87 72.56
CA LEU H 1118 -19.30 6.64 73.84
C LEU H 1118 -17.91 6.04 73.65
N GLY H 1119 -17.72 5.23 72.62
CA GLY H 1119 -16.41 4.68 72.35
C GLY H 1119 -15.37 5.76 72.14
N SER H 1120 -15.74 6.82 71.41
CA SER H 1120 -14.83 7.94 71.22
C SER H 1120 -14.49 8.61 72.54
N ILE H 1121 -15.50 8.83 73.40
CA ILE H 1121 -15.26 9.46 74.70
C ILE H 1121 -14.27 8.64 75.50
N LEU H 1122 -14.52 7.33 75.63
CA LEU H 1122 -13.67 6.49 76.47
C LEU H 1122 -12.26 6.36 75.91
N ASN H 1123 -12.13 6.16 74.59
CA ASN H 1123 -10.80 5.98 74.01
C ASN H 1123 -9.99 7.26 74.06
N ARG H 1124 -10.63 8.41 73.79
CA ARG H 1124 -9.97 9.69 73.99
C ARG H 1124 -9.50 9.83 75.42
N PHE H 1125 -10.40 9.59 76.38
CA PHE H 1125 -10.06 9.59 77.80
C PHE H 1125 -8.77 8.81 78.05
N SER H 1126 -8.80 7.50 77.79
CA SER H 1126 -7.70 6.63 78.18
C SER H 1126 -6.42 6.96 77.42
N SER H 1127 -6.50 7.03 76.09
CA SER H 1127 -5.30 7.25 75.27
C SER H 1127 -4.66 8.60 75.59
N ASP H 1128 -5.46 9.68 75.62
CA ASP H 1128 -4.92 11.00 75.89
C ASP H 1128 -4.32 11.09 77.28
N CYS H 1129 -5.02 10.57 78.28
CA CYS H 1129 -4.51 10.66 79.65
C CYS H 1129 -3.22 9.86 79.80
N ASN H 1130 -3.13 8.68 79.17
CA ASN H 1130 -1.91 7.89 79.23
C ASN H 1130 -0.75 8.60 78.54
N THR H 1131 -1.01 9.18 77.36
CA THR H 1131 0.05 9.90 76.65
C THR H 1131 0.55 11.07 77.48
N ILE H 1132 -0.37 11.85 78.05
CA ILE H 1132 0.03 13.01 78.87
C ILE H 1132 0.79 12.56 80.11
N ASP H 1133 0.36 11.46 80.73
CA ASP H 1133 1.00 11.02 81.96
C ASP H 1133 2.39 10.47 81.71
N GLN H 1134 2.59 9.77 80.59
CA GLN H 1134 3.81 9.00 80.43
C GLN H 1134 4.64 9.37 79.21
N HIS H 1135 4.07 10.04 78.21
CA HIS H 1135 4.84 10.41 77.02
C HIS H 1135 5.18 11.89 76.93
N ILE H 1136 4.37 12.78 77.50
CA ILE H 1136 4.61 14.22 77.37
C ILE H 1136 5.87 14.67 78.11
N PRO H 1137 6.20 14.17 79.35
CA PRO H 1137 7.35 14.74 80.05
C PRO H 1137 8.66 14.42 79.34
N SER H 1138 8.88 13.13 79.06
CA SER H 1138 10.12 12.70 78.44
C SER H 1138 10.29 13.33 77.06
N THR H 1139 9.26 13.27 76.23
CA THR H 1139 9.35 13.82 74.87
C THR H 1139 9.58 15.33 74.90
N LEU H 1140 8.84 16.05 75.74
CA LEU H 1140 9.00 17.48 75.83
C LEU H 1140 10.41 17.86 76.28
N GLU H 1141 10.93 17.17 77.30
CA GLU H 1141 12.26 17.51 77.80
C GLU H 1141 13.34 17.18 76.77
N CYS H 1142 13.22 16.02 76.10
CA CYS H 1142 14.19 15.69 75.05
C CYS H 1142 14.15 16.71 73.91
N LEU H 1143 12.95 17.16 73.56
CA LEU H 1143 12.82 18.18 72.52
C LEU H 1143 13.51 19.48 72.91
N SER H 1144 13.29 19.92 74.15
CA SER H 1144 13.95 21.14 74.63
C SER H 1144 15.47 20.98 74.62
N ARG H 1145 15.96 19.87 75.13
CA ARG H 1145 17.41 19.61 75.11
C ARG H 1145 17.96 19.65 73.70
N SER H 1146 17.27 19.03 72.74
CA SER H 1146 17.77 18.97 71.37
C SER H 1146 17.76 20.34 70.70
N THR H 1147 16.70 21.12 70.90
CA THR H 1147 16.67 22.47 70.31
C THR H 1147 17.75 23.37 70.88
N LEU H 1148 18.03 23.26 72.18
CA LEU H 1148 19.10 24.06 72.77
C LEU H 1148 20.46 23.60 72.28
N LEU H 1149 20.65 22.29 72.08
CA LEU H 1149 21.89 21.79 71.50
C LEU H 1149 22.08 22.33 70.08
N CYS H 1150 21.01 22.35 69.28
CA CYS H 1150 21.10 22.89 67.92
C CYS H 1150 21.47 24.37 67.94
N VAL H 1151 20.85 25.14 68.84
CA VAL H 1151 21.19 26.56 68.95
C VAL H 1151 22.66 26.74 69.29
N SER H 1152 23.13 25.99 70.29
CA SER H 1152 24.54 26.07 70.69
C SER H 1152 25.46 25.73 69.52
N ALA H 1153 25.15 24.68 68.77
CA ALA H 1153 26.04 24.26 67.68
C ALA H 1153 26.07 25.31 66.57
N LEU H 1154 24.91 25.83 66.17
CA LEU H 1154 24.88 26.87 65.16
C LEU H 1154 25.67 28.09 65.60
N THR H 1155 25.46 28.52 66.86
CA THR H 1155 26.17 29.69 67.35
C THR H 1155 27.68 29.47 67.37
N VAL H 1156 28.11 28.28 67.78
CA VAL H 1156 29.55 27.99 67.83
C VAL H 1156 30.14 28.01 66.42
N ILE H 1157 29.49 27.35 65.47
CA ILE H 1157 30.04 27.31 64.11
C ILE H 1157 30.07 28.71 63.51
N SER H 1158 29.04 29.52 63.80
CA SER H 1158 29.06 30.89 63.30
C SER H 1158 30.20 31.69 63.92
N TYR H 1159 30.50 31.45 65.20
CA TYR H 1159 31.58 32.20 65.84
C TYR H 1159 32.94 31.79 65.29
N VAL H 1160 33.16 30.49 65.06
CA VAL H 1160 34.48 30.03 64.65
C VAL H 1160 34.79 30.47 63.23
N THR H 1161 33.80 30.50 62.35
CA THR H 1161 33.97 30.94 60.97
C THR H 1161 32.85 31.90 60.62
N PRO H 1162 33.09 33.22 60.67
CA PRO H 1162 32.07 34.19 60.28
C PRO H 1162 31.67 34.10 58.82
N VAL H 1163 32.30 33.22 58.02
CA VAL H 1163 31.92 33.07 56.62
C VAL H 1163 30.80 32.06 56.41
N PHE H 1164 30.56 31.17 57.39
CA PHE H 1164 29.57 30.11 57.22
C PHE H 1164 28.17 30.67 56.97
N LEU H 1165 27.90 31.90 57.44
CA LEU H 1165 26.59 32.51 57.21
C LEU H 1165 26.30 32.71 55.73
N VAL H 1166 27.27 32.45 54.84
CA VAL H 1166 26.99 32.44 53.41
C VAL H 1166 26.48 31.09 52.92
N ALA H 1167 26.74 30.01 53.67
CA ALA H 1167 26.32 28.67 53.28
C ALA H 1167 25.15 28.13 54.10
N LEU H 1168 24.58 28.93 54.99
CA LEU H 1168 23.50 28.47 55.85
C LEU H 1168 22.12 28.67 55.22
N LEU H 1169 21.93 29.78 54.50
CA LEU H 1169 20.63 30.05 53.92
C LEU H 1169 20.18 29.01 52.89
N PRO H 1170 21.04 28.50 51.99
CA PRO H 1170 20.57 27.43 51.09
C PRO H 1170 20.15 26.18 51.83
N LEU H 1171 20.93 25.79 52.85
CA LEU H 1171 20.53 24.68 53.70
C LEU H 1171 19.15 24.91 54.29
N ALA H 1172 18.94 26.09 54.88
CA ALA H 1172 17.65 26.40 55.50
C ALA H 1172 16.53 26.36 54.49
N VAL H 1173 16.77 26.87 53.27
CA VAL H 1173 15.72 26.93 52.26
C VAL H 1173 15.33 25.53 51.81
N VAL H 1174 16.32 24.70 51.47
CA VAL H 1174 16.02 23.34 51.02
C VAL H 1174 15.34 22.54 52.12
N CYS H 1175 15.85 22.65 53.36
CA CYS H 1175 15.24 21.95 54.47
C CYS H 1175 13.82 22.43 54.73
N TYR H 1176 13.57 23.73 54.60
CA TYR H 1176 12.24 24.28 54.80
C TYR H 1176 11.27 23.75 53.77
N PHE H 1177 11.68 23.73 52.50
CA PHE H 1177 10.81 23.21 51.45
C PHE H 1177 10.51 21.73 51.65
N ILE H 1178 11.52 20.94 52.01
CA ILE H 1178 11.27 19.51 52.18
C ILE H 1178 10.40 19.26 53.41
N GLN H 1179 10.57 20.06 54.47
CA GLN H 1179 9.72 19.92 55.64
C GLN H 1179 8.27 20.28 55.31
N LYS H 1180 8.07 21.35 54.52
CA LYS H 1180 6.73 21.70 54.09
C LYS H 1180 6.08 20.59 53.26
N TYR H 1181 6.85 19.98 52.36
CA TYR H 1181 6.31 18.88 51.56
C TYR H 1181 5.97 17.69 52.44
N PHE H 1182 6.81 17.40 53.44
CA PHE H 1182 6.55 16.27 54.32
C PHE H 1182 5.34 16.50 55.20
N ARG H 1183 5.06 17.75 55.55
CA ARG H 1183 4.02 18.02 56.55
C ARG H 1183 2.65 17.56 56.07
N VAL H 1184 2.29 17.87 54.82
CA VAL H 1184 0.96 17.55 54.34
C VAL H 1184 0.78 16.05 54.18
N ALA H 1185 1.79 15.37 53.62
CA ALA H 1185 1.71 13.92 53.49
C ALA H 1185 1.65 13.25 54.85
N SER H 1186 2.39 13.77 55.83
CA SER H 1186 2.37 13.19 57.17
C SER H 1186 1.00 13.37 57.82
N ARG H 1187 0.41 14.56 57.70
CA ARG H 1187 -0.93 14.78 58.24
C ARG H 1187 -1.94 13.84 57.60
N ASP H 1188 -1.84 13.66 56.27
CA ASP H 1188 -2.77 12.77 55.58
C ASP H 1188 -2.62 11.34 56.06
N LEU H 1189 -1.38 10.86 56.20
CA LEU H 1189 -1.16 9.49 56.65
C LEU H 1189 -1.65 9.29 58.09
N GLN H 1190 -1.43 10.27 58.96
CA GLN H 1190 -1.93 10.15 60.33
C GLN H 1190 -3.44 10.09 60.36
N GLN H 1191 -4.10 10.95 59.58
CA GLN H 1191 -5.56 10.95 59.53
C GLN H 1191 -6.09 9.60 59.03
N LEU H 1192 -5.48 9.06 57.97
CA LEU H 1192 -5.90 7.77 57.47
C LEU H 1192 -5.65 6.66 58.49
N ASP H 1193 -4.54 6.77 59.23
CA ASP H 1193 -4.25 5.82 60.29
C ASP H 1193 -5.37 5.79 61.31
N ASP H 1194 -5.81 6.97 61.78
CA ASP H 1194 -6.88 7.03 62.76
C ASP H 1194 -8.19 6.48 62.18
N THR H 1195 -8.51 6.85 60.94
CA THR H 1195 -9.78 6.44 60.35
C THR H 1195 -9.84 4.95 60.04
N THR H 1196 -8.68 4.28 59.91
CA THR H 1196 -8.72 2.83 59.81
C THR H 1196 -8.62 2.14 61.17
N GLN H 1197 -7.99 2.80 62.15
CA GLN H 1197 -7.82 2.19 63.46
C GLN H 1197 -9.10 2.20 64.29
N LEU H 1198 -10.03 3.13 64.03
CA LEU H 1198 -11.28 3.11 64.78
C LEU H 1198 -12.14 1.89 64.46
N PRO H 1199 -12.42 1.54 63.19
CA PRO H 1199 -13.35 0.43 62.92
C PRO H 1199 -12.85 -0.92 63.38
N LEU H 1200 -11.53 -1.13 63.43
CA LEU H 1200 -11.00 -2.40 63.91
C LEU H 1200 -11.38 -2.64 65.37
N LEU H 1201 -11.23 -1.61 66.21
CA LEU H 1201 -11.58 -1.74 67.62
C LEU H 1201 -13.10 -1.79 67.82
N SER H 1202 -13.86 -1.07 66.99
CA SER H 1202 -15.31 -1.25 67.02
C SER H 1202 -15.69 -2.71 66.76
N HIS H 1203 -15.08 -3.30 65.74
CA HIS H 1203 -15.33 -4.70 65.40
C HIS H 1203 -14.95 -5.62 66.54
N PHE H 1204 -13.80 -5.38 67.17
CA PHE H 1204 -13.38 -6.21 68.30
C PHE H 1204 -14.41 -6.17 69.43
N ALA H 1205 -14.83 -4.96 69.83
CA ALA H 1205 -15.81 -4.84 70.90
C ALA H 1205 -17.10 -5.58 70.55
N GLU H 1206 -17.61 -5.37 69.33
CA GLU H 1206 -18.89 -5.97 68.96
C GLU H 1206 -18.79 -7.49 68.88
N THR H 1207 -17.65 -8.03 68.43
CA THR H 1207 -17.47 -9.47 68.45
C THR H 1207 -17.42 -9.98 69.88
N VAL H 1208 -16.78 -9.23 70.78
CA VAL H 1208 -16.64 -9.70 72.16
C VAL H 1208 -17.99 -9.74 72.86
N GLU H 1209 -18.85 -8.74 72.62
CA GLU H 1209 -20.13 -8.74 73.35
C GLU H 1209 -21.15 -9.67 72.72
N GLY H 1210 -21.34 -9.61 71.40
CA GLY H 1210 -22.31 -10.46 70.73
C GLY H 1210 -21.80 -11.86 70.42
N LEU H 1211 -21.13 -12.47 71.40
CA LEU H 1211 -20.46 -13.76 71.18
C LEU H 1211 -21.46 -14.85 70.82
N THR H 1212 -22.50 -15.02 71.63
CA THR H 1212 -23.40 -16.16 71.49
C THR H 1212 -24.00 -16.24 70.10
N THR H 1213 -24.42 -15.10 69.53
CA THR H 1213 -25.05 -15.11 68.21
C THR H 1213 -24.06 -15.57 67.15
N ILE H 1214 -22.84 -15.05 67.20
CA ILE H 1214 -21.84 -15.37 66.18
C ILE H 1214 -21.44 -16.84 66.28
N ARG H 1215 -21.35 -17.38 67.49
CA ARG H 1215 -21.03 -18.80 67.60
C ARG H 1215 -22.24 -19.70 67.43
N ALA H 1216 -23.45 -19.14 67.40
CA ALA H 1216 -24.64 -19.92 67.09
C ALA H 1216 -24.79 -20.10 65.59
N PHE H 1217 -24.71 -19.00 64.84
CA PHE H 1217 -24.79 -19.09 63.38
C PHE H 1217 -23.68 -19.97 62.82
N ARG H 1218 -22.56 -20.07 63.54
CA ARG H 1218 -21.34 -20.69 63.03
C ARG H 1218 -20.84 -19.94 61.78
N TYR H 1219 -20.79 -18.61 61.92
CA TYR H 1219 -20.26 -17.71 60.91
C TYR H 1219 -18.78 -17.38 61.14
N GLU H 1220 -18.10 -18.18 61.96
CA GLU H 1220 -16.78 -17.81 62.45
C GLU H 1220 -15.78 -17.59 61.31
N ALA H 1221 -15.91 -18.34 60.21
CA ALA H 1221 -15.04 -18.13 59.07
C ALA H 1221 -15.24 -16.74 58.48
N ARG H 1222 -16.49 -16.32 58.33
CA ARG H 1222 -16.77 -14.99 57.78
C ARG H 1222 -16.20 -13.89 58.67
N PHE H 1223 -16.38 -14.02 59.99
CA PHE H 1223 -15.89 -12.98 60.88
C PHE H 1223 -14.37 -12.94 60.93
N GLN H 1224 -13.73 -14.11 60.93
CA GLN H 1224 -12.27 -14.12 60.90
C GLN H 1224 -11.74 -13.51 59.61
N GLN H 1225 -12.40 -13.79 58.48
CA GLN H 1225 -12.00 -13.17 57.22
C GLN H 1225 -12.16 -11.65 57.28
N LYS H 1226 -13.26 -11.18 57.85
CA LYS H 1226 -13.48 -9.75 58.00
C LYS H 1226 -12.36 -9.12 58.83
N LEU H 1227 -12.03 -9.74 59.97
CA LEU H 1227 -10.97 -9.19 60.81
C LEU H 1227 -9.64 -9.18 60.09
N LEU H 1228 -9.38 -10.21 59.27
CA LEU H 1228 -8.14 -10.22 58.48
C LEU H 1228 -8.09 -9.03 57.53
N GLU H 1229 -9.21 -8.74 56.86
CA GLU H 1229 -9.29 -7.56 56.00
C GLU H 1229 -8.94 -6.29 56.78
N TYR H 1230 -9.63 -6.07 57.91
CA TYR H 1230 -9.43 -4.83 58.67
C TYR H 1230 -7.99 -4.72 59.18
N THR H 1231 -7.41 -5.82 59.67
CA THR H 1231 -6.07 -5.73 60.22
C THR H 1231 -5.03 -5.52 59.13
N ASP H 1232 -5.25 -6.07 57.93
CA ASP H 1232 -4.32 -5.81 56.84
C ASP H 1232 -4.36 -4.33 56.44
N SER H 1233 -5.56 -3.74 56.39
CA SER H 1233 -5.64 -2.31 56.07
C SER H 1233 -4.97 -1.46 57.15
N ASN H 1234 -5.21 -1.79 58.42
CA ASN H 1234 -4.53 -1.09 59.51
C ASN H 1234 -3.01 -1.19 59.36
N ASN H 1235 -2.51 -2.38 59.06
CA ASN H 1235 -1.07 -2.57 58.94
C ASN H 1235 -0.48 -1.75 57.80
N ILE H 1236 -1.16 -1.71 56.64
CA ILE H 1236 -0.59 -0.94 55.55
C ILE H 1236 -0.60 0.55 55.86
N ALA H 1237 -1.66 1.04 56.53
CA ALA H 1237 -1.67 2.46 56.91
C ALA H 1237 -0.50 2.79 57.83
N SER H 1238 -0.31 1.99 58.89
CA SER H 1238 0.81 2.21 59.79
C SER H 1238 2.15 2.13 59.06
N LEU H 1239 2.27 1.18 58.13
CA LEU H 1239 3.54 0.99 57.43
C LEU H 1239 3.87 2.20 56.56
N PHE H 1240 2.87 2.78 55.91
CA PHE H 1240 3.16 3.96 55.10
C PHE H 1240 3.50 5.16 55.96
N LEU H 1241 2.82 5.31 57.11
CA LEU H 1241 3.19 6.40 58.01
C LEU H 1241 4.65 6.30 58.42
N THR H 1242 5.07 5.11 58.88
CA THR H 1242 6.45 4.99 59.33
C THR H 1242 7.45 5.08 58.17
N ALA H 1243 7.05 4.68 56.96
CA ALA H 1243 7.95 4.80 55.81
C ALA H 1243 8.17 6.26 55.44
N ALA H 1244 7.11 7.08 55.46
CA ALA H 1244 7.29 8.50 55.24
C ALA H 1244 8.17 9.13 56.32
N ASN H 1245 7.97 8.72 57.58
CA ASN H 1245 8.85 9.17 58.65
C ASN H 1245 10.31 8.86 58.31
N ARG H 1246 10.59 7.61 57.94
CA ARG H 1246 11.96 7.21 57.63
C ARG H 1246 12.53 8.03 56.47
N TRP H 1247 11.72 8.29 55.45
CA TRP H 1247 12.23 9.05 54.30
C TRP H 1247 12.62 10.46 54.70
N LEU H 1248 11.76 11.14 55.48
CA LEU H 1248 12.13 12.46 55.95
C LEU H 1248 13.41 12.42 56.77
N GLU H 1249 13.54 11.41 57.64
CA GLU H 1249 14.74 11.31 58.47
C GLU H 1249 15.99 11.14 57.62
N VAL H 1250 15.90 10.33 56.57
CA VAL H 1250 17.08 10.07 55.74
C VAL H 1250 17.50 11.34 55.01
N ARG H 1251 16.54 12.05 54.41
CA ARG H 1251 16.95 13.26 53.71
C ARG H 1251 17.45 14.32 54.69
N MET H 1252 16.89 14.36 55.91
CA MET H 1252 17.42 15.28 56.91
C MET H 1252 18.84 14.92 57.33
N GLU H 1253 19.14 13.61 57.40
CA GLU H 1253 20.50 13.20 57.74
C GLU H 1253 21.48 13.54 56.62
N TYR H 1254 21.04 13.46 55.37
CA TYR H 1254 21.87 13.91 54.26
C TYR H 1254 22.13 15.42 54.36
N ILE H 1255 21.11 16.18 54.76
CA ILE H 1255 21.29 17.61 54.97
C ILE H 1255 22.34 17.87 56.06
N GLY H 1256 22.25 17.11 57.16
CA GLY H 1256 23.23 17.25 58.22
C GLY H 1256 24.63 16.89 57.78
N ALA H 1257 24.75 15.85 56.95
CA ALA H 1257 26.05 15.50 56.39
C ALA H 1257 26.61 16.64 55.55
N CYS H 1258 25.77 17.25 54.70
CA CYS H 1258 26.22 18.40 53.92
C CYS H 1258 26.76 19.51 54.82
N VAL H 1259 26.00 19.87 55.86
CA VAL H 1259 26.39 21.01 56.67
C VAL H 1259 27.68 20.73 57.43
N VAL H 1260 27.82 19.54 58.01
CA VAL H 1260 29.05 19.24 58.73
C VAL H 1260 30.23 19.17 57.76
N LEU H 1261 30.02 18.62 56.57
CA LEU H 1261 31.10 18.54 55.58
C LEU H 1261 31.64 19.91 55.25
N ILE H 1262 30.77 20.81 54.79
CA ILE H 1262 31.32 22.07 54.33
C ILE H 1262 31.71 22.95 55.51
N ALA H 1263 31.15 22.73 56.70
CA ALA H 1263 31.66 23.42 57.89
C ALA H 1263 33.11 23.04 58.15
N ALA H 1264 33.39 21.73 58.19
CA ALA H 1264 34.77 21.28 58.37
C ALA H 1264 35.68 21.73 57.23
N ALA H 1265 35.15 21.80 56.00
CA ALA H 1265 35.96 22.20 54.87
C ALA H 1265 36.35 23.68 54.95
N THR H 1266 35.36 24.55 55.20
CA THR H 1266 35.66 25.96 55.40
C THR H 1266 36.57 26.15 56.60
N SER H 1267 36.45 25.31 57.63
CA SER H 1267 37.38 25.37 58.75
C SER H 1267 38.81 25.10 58.28
N ILE H 1268 39.05 23.89 57.77
CA ILE H 1268 40.40 23.49 57.38
C ILE H 1268 40.99 24.44 56.36
N SER H 1269 40.15 25.11 55.55
CA SER H 1269 40.68 26.06 54.59
C SER H 1269 40.98 27.41 55.24
N ASN H 1270 39.94 28.07 55.76
CA ASN H 1270 40.06 29.45 56.20
C ASN H 1270 40.84 29.54 57.52
N SER H 1271 40.44 28.78 58.53
CA SER H 1271 41.08 28.91 59.84
C SER H 1271 42.54 28.49 59.84
N LEU H 1272 43.04 27.97 58.73
CA LEU H 1272 44.45 27.61 58.59
C LEU H 1272 45.20 28.54 57.63
N HIS H 1273 44.63 28.82 56.47
CA HIS H 1273 45.35 29.59 55.46
C HIS H 1273 45.34 31.08 55.77
N ARG H 1274 44.16 31.66 55.99
CA ARG H 1274 44.02 33.10 56.18
C ARG H 1274 43.73 33.50 57.62
N GLU H 1275 42.98 32.68 58.37
CA GLU H 1275 42.59 33.06 59.73
C GLU H 1275 43.67 32.69 60.74
N LEU H 1276 44.39 31.59 60.52
CA LEU H 1276 45.45 31.09 61.41
C LEU H 1276 45.02 31.11 62.87
N SER H 1277 43.99 30.32 63.16
CA SER H 1277 43.48 30.14 64.52
C SER H 1277 43.45 28.65 64.85
N ALA H 1278 43.86 28.31 66.08
CA ALA H 1278 44.03 26.92 66.48
C ALA H 1278 42.90 26.39 67.35
N GLY H 1279 42.47 27.16 68.36
CA GLY H 1279 41.48 26.66 69.30
C GLY H 1279 40.10 26.49 68.71
N LEU H 1280 39.74 27.33 67.74
CA LEU H 1280 38.39 27.33 67.18
C LEU H 1280 38.09 26.07 66.38
N VAL H 1281 39.12 25.40 65.86
CA VAL H 1281 38.90 24.24 65.00
C VAL H 1281 38.22 23.12 65.79
N GLY H 1282 38.70 22.86 67.00
CA GLY H 1282 38.12 21.80 67.81
C GLY H 1282 36.67 22.06 68.14
N LEU H 1283 36.36 23.28 68.58
CA LEU H 1283 34.97 23.65 68.84
C LEU H 1283 34.11 23.45 67.61
N GLY H 1284 34.56 23.99 66.47
CA GLY H 1284 33.78 23.88 65.25
C GLY H 1284 33.48 22.44 64.89
N LEU H 1285 34.50 21.60 64.85
CA LEU H 1285 34.27 20.22 64.43
C LEU H 1285 33.48 19.43 65.45
N THR H 1286 33.72 19.67 66.75
CA THR H 1286 32.97 18.97 67.78
C THR H 1286 31.49 19.30 67.70
N TYR H 1287 31.16 20.59 67.63
CA TYR H 1287 29.77 20.98 67.55
C TYR H 1287 29.12 20.54 66.24
N ALA H 1288 29.89 20.54 65.15
CA ALA H 1288 29.33 20.06 63.88
C ALA H 1288 28.98 18.58 63.96
N LEU H 1289 29.92 17.76 64.44
CA LEU H 1289 29.66 16.33 64.57
C LEU H 1289 28.53 16.05 65.55
N MET H 1290 28.37 16.89 66.58
CA MET H 1290 27.29 16.73 67.54
C MET H 1290 25.93 17.03 66.90
N VAL H 1291 25.84 18.19 66.23
CA VAL H 1291 24.55 18.60 65.67
C VAL H 1291 24.19 17.76 64.47
N SER H 1292 25.17 17.13 63.80
CA SER H 1292 24.84 16.33 62.63
C SER H 1292 23.93 15.15 62.99
N ASN H 1293 23.96 14.72 64.25
CA ASN H 1293 23.02 13.73 64.78
C ASN H 1293 21.86 14.37 65.51
N TYR H 1294 22.14 15.39 66.32
CA TYR H 1294 21.04 15.97 67.05
C TYR H 1294 20.03 16.64 66.14
N LEU H 1295 20.35 16.88 64.87
CA LEU H 1295 19.37 17.45 63.96
C LEU H 1295 18.22 16.46 63.71
N ASN H 1296 18.55 15.23 63.29
CA ASN H 1296 17.53 14.23 63.10
C ASN H 1296 16.83 13.89 64.42
N TRP H 1297 17.61 13.79 65.51
CA TRP H 1297 17.00 13.55 66.80
C TRP H 1297 15.95 14.61 67.12
N MET H 1298 16.32 15.88 66.90
CA MET H 1298 15.45 17.01 67.21
C MET H 1298 14.20 17.01 66.34
N VAL H 1299 14.35 16.69 65.05
CA VAL H 1299 13.18 16.63 64.17
C VAL H 1299 12.21 15.54 64.64
N ARG H 1300 12.74 14.38 65.03
CA ARG H 1300 11.86 13.32 65.52
C ARG H 1300 11.14 13.74 66.80
N ASN H 1301 11.87 14.37 67.73
CA ASN H 1301 11.25 14.83 68.97
C ASN H 1301 10.17 15.88 68.69
N LEU H 1302 10.41 16.76 67.71
CA LEU H 1302 9.42 17.78 67.38
C LEU H 1302 8.15 17.17 66.79
N ALA H 1303 8.31 16.17 65.92
CA ALA H 1303 7.14 15.47 65.38
C ALA H 1303 6.35 14.79 66.51
N ASP H 1304 7.06 14.15 67.45
CA ASP H 1304 6.39 13.52 68.59
C ASP H 1304 5.61 14.55 69.40
N MET H 1305 6.24 15.70 69.68
CA MET H 1305 5.55 16.75 70.42
C MET H 1305 4.31 17.24 69.68
N GLU H 1306 4.40 17.34 68.35
CA GLU H 1306 3.25 17.78 67.58
C GLU H 1306 2.08 16.79 67.69
N ILE H 1307 2.37 15.49 67.60
CA ILE H 1307 1.31 14.48 67.75
C ILE H 1307 0.67 14.57 69.14
N GLN H 1308 1.51 14.61 70.18
CA GLN H 1308 0.98 14.68 71.54
C GLN H 1308 0.19 15.98 71.77
N LEU H 1309 0.62 17.08 71.15
CA LEU H 1309 -0.11 18.33 71.30
C LEU H 1309 -1.45 18.29 70.59
N GLY H 1310 -1.53 17.62 69.43
CA GLY H 1310 -2.83 17.38 68.83
C GLY H 1310 -3.74 16.57 69.74
N ALA H 1311 -3.15 15.60 70.45
CA ALA H 1311 -3.90 14.87 71.47
C ALA H 1311 -4.46 15.81 72.53
N VAL H 1312 -3.60 16.67 73.10
CA VAL H 1312 -4.05 17.63 74.10
C VAL H 1312 -5.13 18.53 73.52
N LYS H 1313 -5.02 18.87 72.23
CA LYS H 1313 -5.99 19.75 71.60
C LYS H 1313 -7.37 19.09 71.51
N ARG H 1314 -7.40 17.79 71.20
CA ARG H 1314 -8.70 17.12 71.19
C ARG H 1314 -9.29 17.03 72.59
N ILE H 1315 -8.44 16.89 73.61
CA ILE H 1315 -8.95 16.96 74.99
C ILE H 1315 -9.58 18.32 75.26
N HIS H 1316 -8.89 19.40 74.89
CA HIS H 1316 -9.41 20.73 75.15
C HIS H 1316 -10.68 21.02 74.36
N ALA H 1317 -10.79 20.47 73.14
CA ALA H 1317 -12.02 20.60 72.39
C ALA H 1317 -13.16 19.84 73.04
N LEU H 1318 -12.87 18.70 73.67
CA LEU H 1318 -13.92 17.98 74.38
C LEU H 1318 -14.33 18.69 75.65
N LEU H 1319 -13.44 19.51 76.24
CA LEU H 1319 -13.70 20.09 77.56
C LEU H 1319 -14.87 21.07 77.54
N LYS H 1320 -14.98 21.89 76.49
CA LYS H 1320 -15.82 23.08 76.57
C LYS H 1320 -17.21 22.89 75.96
N THR H 1321 -17.52 21.70 75.44
CA THR H 1321 -18.88 21.43 74.98
C THR H 1321 -19.72 21.08 76.21
N GLU H 1322 -20.92 20.57 75.99
CA GLU H 1322 -21.86 20.31 77.08
C GLU H 1322 -22.15 21.60 77.84
N ALA H 1323 -22.81 22.51 77.11
CA ALA H 1323 -23.25 23.79 77.65
C ALA H 1323 -23.80 23.61 79.06
N GLU H 1324 -23.57 24.62 79.90
CA GLU H 1324 -23.52 24.47 81.36
C GLU H 1324 -24.57 23.53 81.94
N SER H 1325 -25.84 23.79 81.63
CA SER H 1325 -26.95 22.97 82.09
C SER H 1325 -26.81 22.63 83.58
N TYR H 1326 -26.31 23.60 84.34
CA TYR H 1326 -25.93 23.38 85.73
C TYR H 1326 -27.04 23.83 86.67
N GLU H 1327 -27.01 23.27 87.87
CA GLU H 1327 -27.98 23.61 88.89
C GLU H 1327 -27.67 24.97 89.49
N GLY H 1328 -28.72 25.77 89.68
CA GLY H 1328 -28.55 27.10 90.25
C GLY H 1328 -29.74 27.57 91.05
N PRO H 1332 -32.25 30.02 98.24
CA PRO H 1332 -32.61 28.87 99.08
C PRO H 1332 -33.81 29.16 99.98
N SER H 1333 -35.01 29.17 99.39
CA SER H 1333 -36.24 29.41 100.13
C SER H 1333 -37.06 28.15 100.33
N LEU H 1334 -37.09 27.27 99.33
CA LEU H 1334 -37.81 26.01 99.44
C LEU H 1334 -36.91 24.86 99.88
N ILE H 1335 -35.60 25.00 99.70
CA ILE H 1335 -34.67 24.02 100.27
C ILE H 1335 -34.74 23.96 101.79
N PRO H 1336 -34.77 25.08 102.54
CA PRO H 1336 -34.80 24.98 104.00
C PRO H 1336 -36.04 24.24 104.53
N LYS H 1337 -37.14 24.24 103.80
CA LYS H 1337 -38.33 23.52 104.21
C LYS H 1337 -38.29 22.09 103.65
N ASN H 1338 -38.54 21.12 104.51
CA ASN H 1338 -38.49 19.72 104.11
C ASN H 1338 -39.44 19.48 102.94
N TRP H 1339 -39.04 18.60 102.03
CA TRP H 1339 -39.85 18.33 100.85
C TRP H 1339 -41.19 17.72 101.28
N PRO H 1340 -42.32 18.27 100.85
CA PRO H 1340 -43.61 17.87 101.42
C PRO H 1340 -43.97 16.43 101.06
N ASP H 1341 -44.61 15.76 102.02
CA ASP H 1341 -45.06 14.39 101.78
C ASP H 1341 -46.32 14.37 100.91
N GLN H 1342 -47.08 15.46 100.90
CA GLN H 1342 -48.29 15.54 100.08
C GLN H 1342 -47.93 15.41 98.60
N GLY H 1343 -48.40 14.34 97.98
CA GLY H 1343 -48.04 14.04 96.60
C GLY H 1343 -48.92 14.70 95.56
N LYS H 1344 -49.68 15.72 95.96
CA LYS H 1344 -50.51 16.44 95.00
C LYS H 1344 -49.63 17.14 93.97
N ILE H 1345 -49.84 16.80 92.69
CA ILE H 1345 -49.05 17.38 91.61
C ILE H 1345 -49.99 17.78 90.49
N GLN H 1346 -49.51 18.68 89.63
CA GLN H 1346 -50.33 19.14 88.51
C GLN H 1346 -49.44 19.70 87.41
N ILE H 1347 -49.66 19.24 86.19
CA ILE H 1347 -48.92 19.68 85.02
C ILE H 1347 -49.90 20.38 84.09
N GLN H 1348 -49.65 21.65 83.80
CA GLN H 1348 -50.54 22.44 82.97
C GLN H 1348 -49.82 22.88 81.70
N ASN H 1349 -50.46 22.59 80.56
CA ASN H 1349 -50.04 23.00 79.22
C ASN H 1349 -48.59 22.61 78.95
N LEU H 1350 -48.31 21.32 79.13
CA LEU H 1350 -46.95 20.81 78.99
C LEU H 1350 -46.71 20.31 77.57
N SER H 1351 -45.57 20.70 77.03
CA SER H 1351 -45.01 20.11 75.81
C SER H 1351 -43.58 19.66 76.12
N VAL H 1352 -42.96 18.99 75.15
CA VAL H 1352 -41.61 18.47 75.36
C VAL H 1352 -40.96 18.25 74.00
N ARG H 1353 -39.68 18.59 73.89
CA ARG H 1353 -38.90 18.41 72.68
C ARG H 1353 -37.51 17.93 73.08
N TYR H 1354 -37.11 16.75 72.59
CA TYR H 1354 -35.79 16.24 72.90
C TYR H 1354 -34.70 17.20 72.41
N ASP H 1355 -34.65 17.42 71.11
CA ASP H 1355 -33.66 18.32 70.51
C ASP H 1355 -34.29 19.68 70.27
N SER H 1356 -33.47 20.72 70.37
CA SER H 1356 -33.93 22.07 70.11
C SER H 1356 -34.34 22.22 68.64
N SER H 1357 -35.51 22.81 68.41
CA SER H 1357 -36.03 23.04 67.06
C SER H 1357 -36.20 21.72 66.30
N LEU H 1358 -36.84 20.75 66.97
CA LEU H 1358 -37.24 19.52 66.30
C LEU H 1358 -38.73 19.27 66.53
N LYS H 1359 -39.22 18.11 66.12
CA LYS H 1359 -40.65 17.82 66.25
C LYS H 1359 -41.04 17.73 67.72
N PRO H 1360 -42.24 18.18 68.07
CA PRO H 1360 -42.70 18.06 69.46
C PRO H 1360 -43.14 16.64 69.78
N VAL H 1361 -42.82 16.20 70.99
CA VAL H 1361 -43.21 14.87 71.45
C VAL H 1361 -44.52 14.91 72.23
N LEU H 1362 -44.66 15.88 73.14
CA LEU H 1362 -45.93 16.13 73.82
C LEU H 1362 -46.53 17.43 73.31
N LYS H 1363 -47.85 17.56 73.51
CA LYS H 1363 -48.59 18.70 72.97
C LYS H 1363 -49.85 18.89 73.81
N HIS H 1364 -49.94 20.04 74.49
CA HIS H 1364 -51.12 20.41 75.29
C HIS H 1364 -51.41 19.36 76.36
N VAL H 1365 -50.40 19.08 77.18
CA VAL H 1365 -50.52 18.12 78.28
C VAL H 1365 -51.09 18.84 79.50
N ASN H 1366 -52.16 18.29 80.06
CA ASN H 1366 -52.80 18.85 81.24
C ASN H 1366 -53.30 17.71 82.11
N ALA H 1367 -52.85 17.67 83.36
CA ALA H 1367 -53.18 16.57 84.26
C ALA H 1367 -53.02 17.03 85.69
N LEU H 1368 -53.77 16.39 86.59
CA LEU H 1368 -53.66 16.65 88.03
C LEU H 1368 -53.73 15.32 88.77
N ILE H 1369 -53.07 15.27 89.93
CA ILE H 1369 -52.96 14.05 90.73
C ILE H 1369 -53.13 14.43 92.19
N SER H 1370 -54.11 13.82 92.85
CA SER H 1370 -54.43 14.04 94.24
C SER H 1370 -53.42 13.34 95.14
N PRO H 1371 -53.30 13.78 96.40
CA PRO H 1371 -52.25 13.22 97.27
C PRO H 1371 -52.48 11.75 97.58
N GLY H 1372 -51.38 11.00 97.60
CA GLY H 1372 -51.38 9.62 98.05
C GLY H 1372 -52.27 8.69 97.25
N GLN H 1373 -52.36 8.89 95.94
CA GLN H 1373 -53.20 8.09 95.08
C GLN H 1373 -52.37 7.43 94.00
N LYS H 1374 -52.70 6.18 93.69
CA LYS H 1374 -52.01 5.44 92.65
C LYS H 1374 -52.49 5.91 91.28
N ILE H 1375 -51.54 6.21 90.39
CA ILE H 1375 -51.83 6.78 89.09
C ILE H 1375 -51.34 5.83 88.01
N GLY H 1376 -52.21 5.51 87.06
CA GLY H 1376 -51.86 4.63 85.95
C GLY H 1376 -51.86 5.39 84.64
N ILE H 1377 -50.95 5.01 83.75
CA ILE H 1377 -50.87 5.60 82.41
C ILE H 1377 -50.74 4.47 81.40
N CYS H 1378 -51.40 4.63 80.26
CA CYS H 1378 -51.35 3.64 79.20
C CYS H 1378 -51.13 4.33 77.87
N GLY H 1379 -50.84 3.55 76.84
CA GLY H 1379 -50.62 4.09 75.52
C GLY H 1379 -49.80 3.16 74.67
N ARG H 1380 -49.87 3.39 73.36
CA ARG H 1380 -49.15 2.58 72.37
C ARG H 1380 -47.67 2.96 72.37
N THR H 1381 -46.93 2.40 71.41
CA THR H 1381 -45.52 2.76 71.25
C THR H 1381 -45.39 4.18 70.70
N GLY H 1382 -44.30 4.83 71.06
CA GLY H 1382 -44.07 6.20 70.64
C GLY H 1382 -45.11 7.18 71.13
N SER H 1383 -45.90 6.80 72.13
CA SER H 1383 -46.96 7.67 72.62
C SER H 1383 -46.40 8.79 73.48
N GLY H 1384 -45.37 8.51 74.28
CA GLY H 1384 -44.73 9.54 75.06
C GLY H 1384 -44.69 9.28 76.55
N LYS H 1385 -44.85 8.02 76.95
CA LYS H 1385 -44.84 7.68 78.38
C LYS H 1385 -43.46 7.86 78.99
N SER H 1386 -42.44 7.25 78.37
CA SER H 1386 -41.08 7.45 78.83
C SER H 1386 -40.67 8.91 78.70
N SER H 1387 -41.19 9.62 77.69
CA SER H 1387 -40.96 11.05 77.59
C SER H 1387 -41.63 11.78 78.74
N PHE H 1388 -42.84 11.37 79.11
CA PHE H 1388 -43.51 11.94 80.27
C PHE H 1388 -42.65 11.80 81.53
N SER H 1389 -42.08 10.60 81.74
CA SER H 1389 -41.26 10.36 82.92
C SER H 1389 -39.98 11.18 82.87
N LEU H 1390 -39.30 11.21 81.73
CA LEU H 1390 -38.04 11.96 81.61
C LEU H 1390 -38.28 13.46 81.80
N ALA H 1391 -39.42 13.97 81.34
CA ALA H 1391 -39.74 15.37 81.54
C ALA H 1391 -40.15 15.66 82.98
N PHE H 1392 -40.70 14.66 83.67
CA PHE H 1392 -40.98 14.83 85.09
C PHE H 1392 -39.72 15.07 85.90
N PHE H 1393 -38.55 14.72 85.36
CA PHE H 1393 -37.27 14.92 86.03
C PHE H 1393 -36.45 16.03 85.38
N ARG H 1394 -37.02 16.76 84.42
CA ARG H 1394 -36.31 17.81 83.69
C ARG H 1394 -35.09 17.25 82.95
N MET H 1395 -35.27 16.09 82.33
CA MET H 1395 -34.23 15.49 81.52
C MET H 1395 -34.33 15.86 80.05
N VAL H 1396 -35.39 16.56 79.65
CA VAL H 1396 -35.60 17.00 78.27
C VAL H 1396 -35.64 18.52 78.29
N ASP H 1397 -34.70 19.14 77.56
CA ASP H 1397 -34.37 20.55 77.74
C ASP H 1397 -35.14 21.48 76.80
N MET H 1398 -36.32 21.09 76.33
CA MET H 1398 -37.16 21.98 75.53
C MET H 1398 -38.63 21.84 75.93
N PHE H 1399 -38.89 21.73 77.22
CA PHE H 1399 -40.27 21.63 77.70
C PHE H 1399 -40.90 23.02 77.80
N GLU H 1400 -42.21 23.07 77.59
CA GLU H 1400 -42.99 24.30 77.72
C GLU H 1400 -44.23 23.99 78.54
N GLY H 1401 -44.45 24.77 79.60
CA GLY H 1401 -45.59 24.58 80.45
C GLY H 1401 -45.21 24.78 81.90
N ARG H 1402 -46.06 24.28 82.80
CA ARG H 1402 -45.81 24.42 84.23
C ARG H 1402 -46.00 23.09 84.94
N ILE H 1403 -45.08 22.77 85.84
CA ILE H 1403 -45.12 21.56 86.64
C ILE H 1403 -45.11 21.99 88.10
N ILE H 1404 -46.25 21.89 88.77
CA ILE H 1404 -46.42 22.34 90.14
C ILE H 1404 -46.52 21.12 91.04
N ILE H 1405 -45.77 21.12 92.15
CA ILE H 1405 -45.76 20.03 93.12
C ILE H 1405 -45.95 20.66 94.49
N ASP H 1406 -47.16 20.59 95.03
CA ASP H 1406 -47.50 21.18 96.33
C ASP H 1406 -47.25 22.69 96.32
N GLY H 1407 -47.81 23.36 95.32
CA GLY H 1407 -47.58 24.78 95.16
C GLY H 1407 -46.12 25.15 94.99
N ILE H 1408 -45.29 24.20 94.57
CA ILE H 1408 -43.85 24.37 94.50
C ILE H 1408 -43.37 23.86 93.14
N ASP H 1409 -42.50 24.62 92.49
CA ASP H 1409 -41.98 24.25 91.18
C ASP H 1409 -40.50 24.58 91.15
N ILE H 1410 -39.91 24.59 89.96
CA ILE H 1410 -38.47 24.77 89.80
C ILE H 1410 -38.09 26.24 89.83
N ALA H 1411 -39.06 27.11 90.12
CA ALA H 1411 -38.82 28.54 90.11
C ALA H 1411 -37.84 28.99 91.18
N LYS H 1412 -37.70 28.23 92.28
CA LYS H 1412 -36.80 28.58 93.36
C LYS H 1412 -35.91 27.42 93.78
N LEU H 1413 -35.85 26.33 93.01
CA LEU H 1413 -35.17 25.12 93.42
C LEU H 1413 -34.07 24.74 92.42
N PRO H 1414 -32.85 24.47 92.87
CA PRO H 1414 -31.83 23.91 91.98
C PRO H 1414 -32.12 22.44 91.71
N LEU H 1415 -31.36 21.90 90.75
CA LEU H 1415 -31.67 20.57 90.21
C LEU H 1415 -31.42 19.44 91.20
N HIS H 1416 -30.61 19.66 92.23
CA HIS H 1416 -30.28 18.58 93.15
C HIS H 1416 -31.49 18.19 94.00
N THR H 1417 -32.14 19.18 94.61
CA THR H 1417 -33.36 18.91 95.37
C THR H 1417 -34.46 18.34 94.47
N LEU H 1418 -34.38 18.56 93.16
CA LEU H 1418 -35.31 17.94 92.22
C LEU H 1418 -34.89 16.52 91.89
N ARG H 1419 -33.60 16.20 92.00
CA ARG H 1419 -33.14 14.83 91.81
C ARG H 1419 -33.33 13.99 93.07
N SER H 1420 -33.57 14.64 94.21
CA SER H 1420 -33.77 13.93 95.48
C SER H 1420 -35.25 13.79 95.84
N ARG H 1421 -36.16 14.43 95.11
CA ARG H 1421 -37.57 14.48 95.50
C ARG H 1421 -38.38 13.29 95.00
N LEU H 1422 -37.94 12.59 93.96
CA LEU H 1422 -38.71 11.51 93.36
C LEU H 1422 -37.90 10.21 93.38
N SER H 1423 -38.54 9.14 92.92
CA SER H 1423 -37.89 7.87 92.65
C SER H 1423 -38.36 7.37 91.30
N ILE H 1424 -37.49 6.63 90.61
CA ILE H 1424 -37.77 6.20 89.24
C ILE H 1424 -37.19 4.82 89.01
N ILE H 1425 -38.00 3.94 88.41
CA ILE H 1425 -37.55 2.64 87.91
C ILE H 1425 -37.70 2.66 86.40
N LEU H 1426 -36.65 2.22 85.70
CA LEU H 1426 -36.58 2.28 84.25
C LEU H 1426 -36.86 0.93 83.61
N GLN H 1427 -37.22 0.97 82.32
CA GLN H 1427 -37.35 -0.24 81.53
C GLN H 1427 -36.00 -0.84 81.18
N ASP H 1428 -34.93 -0.04 81.27
CA ASP H 1428 -33.59 -0.48 80.95
C ASP H 1428 -32.82 -0.72 82.25
N PRO H 1429 -32.70 -1.96 82.73
CA PRO H 1429 -32.05 -2.21 84.03
C PRO H 1429 -30.54 -2.24 83.89
N VAL H 1430 -29.87 -1.36 84.62
CA VAL H 1430 -28.40 -1.33 84.65
C VAL H 1430 -27.94 -1.75 86.04
N LEU H 1431 -26.77 -2.38 86.08
CA LEU H 1431 -26.20 -2.85 87.34
C LEU H 1431 -24.68 -2.80 87.21
N PHE H 1432 -24.05 -1.93 87.98
CA PHE H 1432 -22.60 -1.79 87.97
C PHE H 1432 -21.96 -2.76 88.95
N SER H 1433 -20.71 -3.12 88.68
CA SER H 1433 -20.04 -4.17 89.41
C SER H 1433 -19.72 -3.73 90.85
N GLY H 1434 -19.32 -4.71 91.66
CA GLY H 1434 -19.02 -4.48 93.05
C GLY H 1434 -19.63 -5.55 93.95
N THR H 1435 -20.37 -5.13 94.96
CA THR H 1435 -21.11 -6.03 95.83
C THR H 1435 -22.60 -5.67 95.78
N ILE H 1436 -23.41 -6.47 96.48
CA ILE H 1436 -24.84 -6.19 96.51
C ILE H 1436 -25.13 -4.94 97.33
N ARG H 1437 -24.30 -4.66 98.35
CA ARG H 1437 -24.46 -3.43 99.11
C ARG H 1437 -24.20 -2.21 98.25
N PHE H 1438 -23.28 -2.30 97.29
CA PHE H 1438 -22.97 -1.16 96.43
C PHE H 1438 -24.05 -0.92 95.38
N ASN H 1439 -24.70 -1.97 94.90
CA ASN H 1439 -25.81 -1.79 93.98
C ASN H 1439 -27.07 -1.34 94.70
N LEU H 1440 -27.30 -1.81 95.93
CA LEU H 1440 -28.53 -1.45 96.64
C LEU H 1440 -28.44 -0.08 97.28
N ASP H 1441 -27.26 0.31 97.74
CA ASP H 1441 -27.08 1.61 98.40
C ASP H 1441 -25.62 2.00 98.31
N PRO H 1442 -25.25 2.78 97.28
CA PRO H 1442 -23.87 3.27 97.19
C PRO H 1442 -23.49 4.26 98.29
N GLU H 1443 -24.48 4.86 98.95
CA GLU H 1443 -24.17 5.80 100.03
C GLU H 1443 -23.69 5.10 101.28
N LYS H 1444 -23.92 3.78 101.40
CA LYS H 1444 -23.48 2.99 102.55
C LYS H 1444 -24.04 3.56 103.86
N LYS H 1445 -25.34 3.88 103.84
CA LYS H 1445 -26.03 4.48 104.97
C LYS H 1445 -27.27 3.66 105.31
N CYS H 1446 -27.11 2.34 105.40
CA CYS H 1446 -28.19 1.44 105.72
C CYS H 1446 -27.70 0.31 106.59
N SER H 1447 -28.58 -0.19 107.45
CA SER H 1447 -28.30 -1.37 108.26
C SER H 1447 -28.66 -2.63 107.48
N ASP H 1448 -28.03 -3.74 107.87
CA ASP H 1448 -28.21 -4.99 107.15
C ASP H 1448 -29.65 -5.51 107.27
N SER H 1449 -30.30 -5.30 108.42
CA SER H 1449 -31.69 -5.69 108.56
C SER H 1449 -32.59 -4.90 107.62
N THR H 1450 -32.26 -3.62 107.39
CA THR H 1450 -33.05 -2.80 106.47
C THR H 1450 -33.01 -3.37 105.06
N LEU H 1451 -31.81 -3.72 104.58
CA LEU H 1451 -31.70 -4.28 103.23
C LEU H 1451 -32.28 -5.69 103.15
N TRP H 1452 -32.18 -6.48 104.22
CA TRP H 1452 -32.81 -7.80 104.22
C TRP H 1452 -34.32 -7.67 104.13
N GLU H 1453 -34.91 -6.72 104.85
CA GLU H 1453 -36.34 -6.49 104.75
C GLU H 1453 -36.71 -5.97 103.36
N ALA H 1454 -35.88 -5.09 102.80
CA ALA H 1454 -36.16 -4.56 101.47
C ALA H 1454 -36.11 -5.66 100.40
N LEU H 1455 -35.24 -6.66 100.59
CA LEU H 1455 -35.20 -7.78 99.65
C LEU H 1455 -36.37 -8.73 99.86
N GLU H 1456 -36.72 -9.01 101.13
CA GLU H 1456 -37.86 -9.89 101.41
C GLU H 1456 -39.17 -9.28 100.96
N ILE H 1457 -39.24 -7.95 100.86
CA ILE H 1457 -40.44 -7.30 100.34
C ILE H 1457 -40.42 -7.30 98.82
N ALA H 1458 -39.25 -7.18 98.20
CA ALA H 1458 -39.12 -7.15 96.75
C ALA H 1458 -39.11 -8.54 96.12
N GLN H 1459 -39.47 -9.58 96.88
CA GLN H 1459 -39.54 -10.95 96.36
C GLN H 1459 -38.20 -11.38 95.77
N LEU H 1460 -37.13 -11.18 96.54
CA LEU H 1460 -35.78 -11.48 96.09
C LEU H 1460 -34.94 -12.16 97.15
N LYS H 1461 -35.48 -12.41 98.35
CA LYS H 1461 -34.68 -12.88 99.47
C LYS H 1461 -34.15 -14.29 99.24
N LEU H 1462 -34.98 -15.16 98.66
CA LEU H 1462 -34.60 -16.57 98.54
C LEU H 1462 -33.43 -16.76 97.58
N VAL H 1463 -33.39 -15.97 96.50
CA VAL H 1463 -32.27 -16.06 95.56
C VAL H 1463 -31.04 -15.32 96.05
N VAL H 1464 -31.18 -14.46 97.06
CA VAL H 1464 -30.01 -13.82 97.66
C VAL H 1464 -29.37 -14.74 98.68
N LYS H 1465 -30.18 -15.45 99.48
CA LYS H 1465 -29.65 -16.36 100.49
C LYS H 1465 -28.88 -17.52 99.88
N ALA H 1466 -29.15 -17.88 98.62
CA ALA H 1466 -28.55 -19.03 97.97
C ALA H 1466 -27.21 -18.71 97.29
N LEU H 1467 -26.60 -17.58 97.63
CA LEU H 1467 -25.33 -17.18 97.05
C LEU H 1467 -24.25 -17.10 98.12
N PRO H 1468 -23.00 -17.37 97.77
CA PRO H 1468 -21.90 -17.23 98.75
C PRO H 1468 -21.66 -15.76 99.07
N GLY H 1469 -21.62 -15.44 100.37
CA GLY H 1469 -21.47 -14.06 100.80
C GLY H 1469 -22.72 -13.27 100.52
N GLY H 1470 -23.78 -13.53 101.29
CA GLY H 1470 -25.13 -13.06 101.02
C GLY H 1470 -25.27 -11.64 100.54
N LEU H 1471 -24.88 -10.69 101.38
CA LEU H 1471 -24.90 -9.29 101.02
C LEU H 1471 -23.55 -8.80 100.51
N ASP H 1472 -22.60 -9.72 100.25
CA ASP H 1472 -21.29 -9.35 99.77
C ASP H 1472 -20.86 -10.20 98.58
N ALA H 1473 -21.80 -10.81 97.88
CA ALA H 1473 -21.48 -11.53 96.65
C ALA H 1473 -21.04 -10.54 95.58
N ILE H 1474 -19.98 -10.91 94.85
CA ILE H 1474 -19.41 -10.01 93.84
C ILE H 1474 -20.30 -10.02 92.61
N ILE H 1475 -20.78 -8.83 92.22
CA ILE H 1475 -21.59 -8.66 91.03
C ILE H 1475 -20.71 -8.11 89.92
N THR H 1476 -20.85 -8.67 88.72
CA THR H 1476 -20.23 -8.11 87.53
C THR H 1476 -21.27 -7.36 86.72
N GLU H 1477 -20.80 -6.44 85.88
CA GLU H 1477 -21.70 -5.61 85.10
C GLU H 1477 -22.60 -6.46 84.22
N GLY H 1478 -23.90 -6.49 84.54
CA GLY H 1478 -24.80 -7.39 83.86
C GLY H 1478 -24.43 -8.84 84.13
N GLY H 1479 -23.86 -9.49 83.12
CA GLY H 1479 -23.45 -10.87 83.25
C GLY H 1479 -24.66 -11.78 83.40
N GLU H 1480 -24.37 -13.02 83.74
CA GLU H 1480 -25.41 -14.01 84.01
C GLU H 1480 -25.50 -14.35 85.49
N ASN H 1481 -24.85 -13.57 86.36
CA ASN H 1481 -25.08 -13.70 87.78
C ASN H 1481 -26.53 -13.39 88.14
N PHE H 1482 -27.22 -12.65 87.29
CA PHE H 1482 -28.64 -12.33 87.47
C PHE H 1482 -29.29 -12.19 86.12
N SER H 1483 -30.46 -12.81 85.95
CA SER H 1483 -31.22 -12.67 84.72
C SER H 1483 -31.83 -11.26 84.66
N GLN H 1484 -32.51 -10.98 83.55
CA GLN H 1484 -33.12 -9.66 83.36
C GLN H 1484 -34.13 -9.36 84.46
N GLY H 1485 -34.97 -10.35 84.82
CA GLY H 1485 -35.94 -10.12 85.86
C GLY H 1485 -35.31 -9.80 87.20
N GLN H 1486 -34.19 -10.44 87.51
CA GLN H 1486 -33.53 -10.16 88.77
C GLN H 1486 -32.92 -8.76 88.80
N ARG H 1487 -32.42 -8.28 87.65
CA ARG H 1487 -31.95 -6.90 87.57
C ARG H 1487 -33.11 -5.92 87.76
N GLN H 1488 -34.26 -6.23 87.16
CA GLN H 1488 -35.45 -5.42 87.40
C GLN H 1488 -35.80 -5.39 88.88
N LEU H 1489 -35.71 -6.55 89.55
CA LEU H 1489 -36.01 -6.61 90.97
C LEU H 1489 -35.02 -5.79 91.80
N PHE H 1490 -33.75 -5.78 91.38
CA PHE H 1490 -32.77 -4.96 92.11
C PHE H 1490 -33.03 -3.48 91.92
N CYS H 1491 -33.47 -3.07 90.73
CA CYS H 1491 -33.91 -1.69 90.55
C CYS H 1491 -35.11 -1.37 91.45
N LEU H 1492 -36.06 -2.31 91.53
CA LEU H 1492 -37.18 -2.16 92.45
C LEU H 1492 -36.68 -2.00 93.89
N ALA H 1493 -35.61 -2.72 94.25
CA ALA H 1493 -35.09 -2.64 95.61
C ALA H 1493 -34.44 -1.28 95.89
N ARG H 1494 -33.73 -0.74 94.90
CA ARG H 1494 -33.29 0.66 95.00
C ARG H 1494 -34.48 1.56 95.31
N ALA H 1495 -35.54 1.42 94.52
CA ALA H 1495 -36.75 2.23 94.74
C ALA H 1495 -37.29 2.04 96.15
N PHE H 1496 -37.27 0.79 96.65
CA PHE H 1496 -37.78 0.52 97.99
C PHE H 1496 -36.97 1.27 99.04
N VAL H 1497 -35.64 1.16 98.97
CA VAL H 1497 -34.80 1.75 100.01
C VAL H 1497 -34.70 3.27 99.91
N ARG H 1498 -35.00 3.86 98.74
CA ARG H 1498 -34.84 5.29 98.59
C ARG H 1498 -35.77 6.08 99.52
N LYS H 1499 -37.00 5.60 99.71
CA LYS H 1499 -37.96 6.18 100.65
C LYS H 1499 -38.24 7.66 100.32
N THR H 1500 -38.84 7.86 99.16
CA THR H 1500 -39.27 9.18 98.71
C THR H 1500 -40.80 9.28 98.76
N SER H 1501 -41.33 10.39 98.28
CA SER H 1501 -42.77 10.62 98.29
C SER H 1501 -43.45 10.29 96.97
N ILE H 1502 -42.72 10.34 95.87
CA ILE H 1502 -43.29 10.12 94.53
C ILE H 1502 -42.52 8.99 93.85
N PHE H 1503 -43.26 8.09 93.20
CA PHE H 1503 -42.69 6.96 92.50
C PHE H 1503 -43.05 7.03 91.02
N ILE H 1504 -42.08 6.69 90.17
CA ILE H 1504 -42.28 6.51 88.75
C ILE H 1504 -41.86 5.09 88.41
N MET H 1505 -42.71 4.37 87.68
CA MET H 1505 -42.47 2.96 87.36
C MET H 1505 -42.66 2.74 85.87
N ASP H 1506 -41.58 2.86 85.10
CA ASP H 1506 -41.64 2.68 83.64
C ASP H 1506 -41.40 1.20 83.34
N GLU H 1507 -42.49 0.45 83.23
CA GLU H 1507 -42.47 -0.96 82.83
C GLU H 1507 -41.61 -1.80 83.77
N ALA H 1508 -42.05 -1.89 85.03
CA ALA H 1508 -41.51 -2.93 85.91
C ALA H 1508 -42.02 -4.31 85.53
N THR H 1509 -42.89 -4.38 84.52
CA THR H 1509 -43.43 -5.64 84.01
C THR H 1509 -42.62 -6.17 82.83
N ALA H 1510 -41.55 -5.49 82.45
CA ALA H 1510 -40.88 -5.78 81.18
C ALA H 1510 -40.37 -7.21 81.12
N SER H 1511 -39.78 -7.71 82.20
CA SER H 1511 -39.16 -9.03 82.15
C SER H 1511 -39.50 -9.85 83.38
N ILE H 1512 -40.70 -9.69 83.92
CA ILE H 1512 -41.15 -10.45 85.08
C ILE H 1512 -42.36 -11.28 84.67
N ASP H 1513 -42.38 -12.55 85.12
CA ASP H 1513 -43.49 -13.44 84.82
C ASP H 1513 -44.78 -12.89 85.41
N MET H 1514 -45.87 -13.04 84.66
CA MET H 1514 -47.17 -12.51 85.09
C MET H 1514 -47.59 -13.11 86.42
N ALA H 1515 -47.34 -14.41 86.62
CA ALA H 1515 -47.72 -15.08 87.86
C ALA H 1515 -47.04 -14.43 89.05
N THR H 1516 -45.74 -14.15 88.94
CA THR H 1516 -45.04 -13.46 90.02
C THR H 1516 -45.30 -11.95 89.97
N GLU H 1517 -45.60 -11.41 88.79
CA GLU H 1517 -45.79 -9.96 88.67
C GLU H 1517 -47.05 -9.49 89.39
N ASN H 1518 -48.12 -10.28 89.31
CA ASN H 1518 -49.37 -9.87 89.97
C ASN H 1518 -49.18 -9.77 91.48
N ILE H 1519 -48.60 -10.80 92.09
CA ILE H 1519 -48.39 -10.79 93.53
C ILE H 1519 -47.34 -9.75 93.91
N LEU H 1520 -46.33 -9.53 93.04
CA LEU H 1520 -45.34 -8.50 93.31
C LEU H 1520 -45.97 -7.11 93.32
N GLN H 1521 -46.89 -6.85 92.38
CA GLN H 1521 -47.57 -5.56 92.36
C GLN H 1521 -48.51 -5.41 93.55
N LYS H 1522 -49.17 -6.49 93.96
CA LYS H 1522 -50.02 -6.42 95.15
C LYS H 1522 -49.18 -6.08 96.38
N VAL H 1523 -48.02 -6.72 96.53
CA VAL H 1523 -47.17 -6.44 97.69
C VAL H 1523 -46.58 -5.04 97.61
N VAL H 1524 -46.24 -4.57 96.41
CA VAL H 1524 -45.68 -3.23 96.27
C VAL H 1524 -46.74 -2.16 96.46
N MET H 1525 -48.02 -2.49 96.27
CA MET H 1525 -49.09 -1.56 96.60
C MET H 1525 -49.36 -1.54 98.10
N THR H 1526 -49.35 -2.71 98.74
CA THR H 1526 -49.55 -2.75 100.19
C THR H 1526 -48.37 -2.10 100.92
N ALA H 1527 -47.18 -2.12 100.34
CA ALA H 1527 -46.01 -1.53 100.99
C ALA H 1527 -45.99 -0.01 100.83
N PHE H 1528 -46.13 0.46 99.60
CA PHE H 1528 -46.14 1.90 99.34
C PHE H 1528 -47.59 2.40 99.25
N ALA H 1529 -48.24 2.43 100.41
CA ALA H 1529 -49.61 2.88 100.50
C ALA H 1529 -49.70 4.39 100.68
N ASP H 1530 -48.86 4.98 101.52
CA ASP H 1530 -48.92 6.40 101.82
C ASP H 1530 -47.91 7.18 100.98
N ARG H 1531 -48.05 7.05 99.66
CA ARG H 1531 -47.24 7.81 98.70
C ARG H 1531 -47.78 7.59 97.30
N THR H 1532 -47.61 8.60 96.45
CA THR H 1532 -48.12 8.55 95.10
C THR H 1532 -47.18 7.75 94.20
N VAL H 1533 -47.77 6.89 93.37
CA VAL H 1533 -47.03 6.06 92.43
C VAL H 1533 -47.67 6.19 91.06
N VAL H 1534 -46.86 6.51 90.06
CA VAL H 1534 -47.31 6.65 88.68
C VAL H 1534 -46.64 5.56 87.87
N THR H 1535 -47.46 4.69 87.27
CA THR H 1535 -46.99 3.50 86.59
C THR H 1535 -47.28 3.58 85.10
N ILE H 1536 -46.40 2.94 84.31
CA ILE H 1536 -46.62 2.75 82.89
C ILE H 1536 -46.22 1.33 82.54
N ALA H 1537 -47.20 0.42 82.47
CA ALA H 1537 -46.93 -0.99 82.24
C ALA H 1537 -47.74 -1.48 81.05
N HIS H 1538 -47.12 -2.33 80.23
CA HIS H 1538 -47.81 -2.94 79.10
C HIS H 1538 -48.61 -4.17 79.52
N ARG H 1539 -48.88 -4.31 80.81
CA ARG H 1539 -49.78 -5.33 81.33
C ARG H 1539 -51.14 -4.71 81.60
N VAL H 1540 -52.19 -5.42 81.21
CA VAL H 1540 -53.54 -4.84 81.31
C VAL H 1540 -54.01 -4.81 82.75
N HIS H 1541 -53.76 -5.88 83.50
CA HIS H 1541 -54.32 -6.00 84.85
C HIS H 1541 -53.77 -4.91 85.77
N THR H 1542 -52.49 -4.60 85.66
CA THR H 1542 -51.90 -3.55 86.47
C THR H 1542 -52.58 -2.21 86.21
N ILE H 1543 -52.81 -1.89 84.93
CA ILE H 1543 -53.55 -0.68 84.59
C ILE H 1543 -54.96 -0.76 85.18
N LEU H 1544 -55.54 -1.96 85.21
CA LEU H 1544 -56.92 -2.12 85.67
C LEU H 1544 -57.04 -1.83 87.16
N SER H 1545 -56.03 -2.22 87.95
CA SER H 1545 -56.15 -2.06 89.40
C SER H 1545 -56.10 -0.61 89.86
N ALA H 1546 -55.73 0.32 88.99
CA ALA H 1546 -55.53 1.72 89.40
C ALA H 1546 -56.85 2.50 89.35
N ASP H 1547 -56.90 3.59 90.12
CA ASP H 1547 -58.07 4.45 90.14
C ASP H 1547 -58.05 5.46 89.00
N LEU H 1548 -57.06 6.36 89.01
CA LEU H 1548 -56.95 7.40 88.00
C LEU H 1548 -56.00 6.93 86.92
N VAL H 1549 -56.54 6.60 85.76
CA VAL H 1549 -55.74 6.12 84.63
C VAL H 1549 -55.91 7.12 83.49
N MET H 1550 -54.79 7.50 82.89
CA MET H 1550 -54.81 8.36 81.70
C MET H 1550 -54.19 7.63 80.53
N VAL H 1551 -54.84 7.76 79.38
CA VAL H 1551 -54.39 7.17 78.14
C VAL H 1551 -53.71 8.26 77.32
N LEU H 1552 -52.44 8.03 76.99
CA LEU H 1552 -51.72 8.90 76.06
C LEU H 1552 -52.18 8.61 74.63
N LYS H 1553 -52.42 9.67 73.90
CA LYS H 1553 -52.85 9.58 72.51
C LYS H 1553 -51.67 9.83 71.59
N ARG H 1554 -51.95 10.01 70.30
CA ARG H 1554 -50.89 10.28 69.32
C ARG H 1554 -49.96 11.38 69.81
N GLY H 1555 -50.50 12.45 70.37
CA GLY H 1555 -49.69 13.45 71.03
C GLY H 1555 -50.14 13.85 72.43
N ALA H 1556 -51.40 13.57 72.76
CA ALA H 1556 -52.03 14.11 73.97
C ALA H 1556 -52.47 12.97 74.89
N ILE H 1557 -53.20 13.32 75.94
CA ILE H 1557 -53.66 12.38 76.96
C ILE H 1557 -55.14 12.58 77.21
N LEU H 1558 -55.71 11.69 78.01
CA LEU H 1558 -57.04 11.87 78.58
C LEU H 1558 -57.16 11.04 79.84
N GLU H 1559 -57.68 11.64 80.91
CA GLU H 1559 -57.81 11.02 82.22
C GLU H 1559 -59.20 10.46 82.44
N PHE H 1560 -59.28 9.35 83.18
CA PHE H 1560 -60.54 8.74 83.57
C PHE H 1560 -60.35 8.02 84.90
N ASP H 1561 -61.40 8.01 85.72
CA ASP H 1561 -61.32 7.55 87.10
C ASP H 1561 -62.10 6.27 87.36
N LYS H 1562 -63.40 6.28 87.09
CA LYS H 1562 -64.24 5.17 87.58
C LYS H 1562 -64.06 3.93 86.71
N PRO H 1563 -63.75 2.78 87.31
CA PRO H 1563 -63.53 1.56 86.50
C PRO H 1563 -64.75 1.12 85.71
N GLU H 1564 -65.96 1.40 86.20
CA GLU H 1564 -67.17 1.07 85.46
C GLU H 1564 -67.56 2.13 84.46
N THR H 1565 -67.15 3.39 84.68
CA THR H 1565 -67.46 4.48 83.77
C THR H 1565 -66.40 4.66 82.69
N LEU H 1566 -65.13 4.45 83.03
CA LEU H 1566 -64.06 4.63 82.04
C LEU H 1566 -64.05 3.53 80.98
N LEU H 1567 -64.81 2.45 81.17
CA LEU H 1567 -64.80 1.34 80.24
C LEU H 1567 -65.97 1.34 79.26
N SER H 1568 -67.05 2.06 79.56
CA SER H 1568 -68.16 2.20 78.63
C SER H 1568 -68.28 3.60 78.04
N GLN H 1569 -67.53 4.57 78.54
CA GLN H 1569 -67.58 5.93 78.00
C GLN H 1569 -66.86 6.00 76.67
N LYS H 1570 -65.73 5.31 76.55
CA LYS H 1570 -65.02 5.22 75.27
C LYS H 1570 -65.80 4.39 74.25
N ASP H 1571 -67.04 3.96 74.53
CA ASP H 1571 -67.79 3.03 73.69
C ASP H 1571 -67.04 1.70 73.56
N SER H 1572 -66.26 1.36 74.60
CA SER H 1572 -65.51 0.11 74.67
C SER H 1572 -64.55 -0.03 73.49
N VAL H 1573 -63.57 0.88 73.43
CA VAL H 1573 -62.63 0.91 72.32
C VAL H 1573 -61.20 0.81 72.81
N PHE H 1574 -60.79 1.71 73.70
CA PHE H 1574 -59.38 1.85 74.05
C PHE H 1574 -58.99 1.20 75.36
N ALA H 1575 -59.96 0.89 76.24
CA ALA H 1575 -59.65 0.29 77.53
C ALA H 1575 -60.40 -1.00 77.82
N SER H 1576 -61.48 -1.30 77.12
CA SER H 1576 -62.27 -2.50 77.41
C SER H 1576 -61.85 -3.68 76.54
N PHE H 1577 -61.93 -3.52 75.21
CA PHE H 1577 -61.55 -4.61 74.31
C PHE H 1577 -60.05 -4.93 74.40
N VAL H 1578 -59.23 -3.96 74.81
CA VAL H 1578 -57.84 -4.25 75.08
C VAL H 1578 -57.72 -5.20 76.27
N ARG H 1579 -58.64 -5.09 77.22
CA ARG H 1579 -58.66 -5.99 78.38
C ARG H 1579 -59.32 -7.32 78.02
PB ADP I . 6.10 -29.88 -15.31
O1B ADP I . 5.91 -30.43 -16.69
O2B ADP I . 6.40 -30.94 -14.28
O3B ADP I . 6.98 -28.66 -15.24
PA ADP I . 4.24 -28.90 -13.43
O1A ADP I . 2.75 -29.08 -13.25
O2A ADP I . 5.19 -29.60 -12.48
O3A ADP I . 4.64 -29.33 -14.92
O5' ADP I . 4.56 -27.32 -13.41
C5' ADP I . 5.04 -26.66 -12.22
C4' ADP I . 5.74 -25.35 -12.57
O4' ADP I . 6.62 -24.94 -11.53
C3' ADP I . 6.55 -25.53 -13.83
O3' ADP I . 6.13 -24.56 -14.78
C2' ADP I . 7.98 -25.24 -13.42
O2' ADP I . 8.37 -24.00 -14.01
C1' ADP I . 7.98 -25.09 -11.92
N9 ADP I . 8.48 -26.32 -11.28
C8 ADP I . 8.30 -27.57 -11.73
N7 ADP I . 8.87 -28.49 -10.91
C5 ADP I . 9.42 -27.81 -9.90
C6 ADP I . 10.17 -28.18 -8.70
N6 ADP I . 10.45 -29.47 -8.41
N1 ADP I . 10.58 -27.18 -7.88
C2 ADP I . 10.32 -25.90 -8.16
N3 ADP I . 9.63 -25.49 -9.24
C4 ADP I . 9.17 -26.38 -10.14
PB ADP J . -6.19 -90.71 -4.55
O1B ADP J . -7.17 -91.75 -4.06
O2B ADP J . -6.90 -89.66 -5.35
O3B ADP J . -5.49 -90.09 -3.37
PA ADP J . -4.31 -90.70 -6.66
O1A ADP J . -5.28 -90.28 -7.75
O2A ADP J . -3.55 -89.51 -6.13
O3A ADP J . -5.10 -91.44 -5.47
O5' ADP J . -3.28 -91.79 -7.26
C5' ADP J . -2.49 -91.55 -8.41
C4' ADP J . -1.72 -92.82 -8.72
O4' ADP J . -0.76 -92.55 -9.74
C3' ADP J . -0.97 -93.32 -7.50
O3' ADP J . -1.18 -94.73 -7.34
C2' ADP J . 0.50 -93.05 -7.78
O2' ADP J . 1.25 -94.25 -7.59
C1' ADP J . 0.57 -92.60 -9.24
N9 ADP J . 1.18 -91.25 -9.31
C8 ADP J . 0.52 -90.08 -9.24
N7 ADP J . 1.37 -89.03 -9.34
C5 ADP J . 2.60 -89.54 -9.48
C6 ADP J . 3.97 -88.99 -9.64
N6 ADP J . 4.19 -87.66 -9.67
N1 ADP J . 5.00 -89.86 -9.76
C2 ADP J . 4.79 -91.19 -9.73
N3 ADP J . 3.59 -91.76 -9.59
C4 ADP J . 2.47 -90.99 -9.46
PB ADP K . -9.44 -83.15 18.46
O1B ADP K . -10.88 -83.61 18.47
O2B ADP K . -8.52 -84.33 18.32
O3B ADP K . -9.22 -82.17 17.35
PA ADP K . -7.69 -81.86 20.22
O1A ADP K . -6.80 -83.01 20.61
O2A ADP K . -7.12 -81.13 19.03
O3A ADP K . -9.16 -82.42 19.87
O5' ADP K . -7.80 -80.84 21.47
C5' ADP K . -8.93 -79.97 21.60
C4' ADP K . -8.47 -78.60 22.10
O4' ADP K . -7.09 -78.64 22.42
C3' ADP K . -8.66 -77.54 21.03
O3' ADP K . -9.46 -76.48 21.55
C2' ADP K . -7.27 -77.04 20.70
O2' ADP K . -7.25 -75.61 20.65
C1' ADP K . -6.40 -77.53 21.84
N9 ADP K . -5.08 -77.97 21.34
C8 ADP K . -4.83 -79.09 20.65
N7 ADP K . -3.52 -79.21 20.35
C5 ADP K . -2.89 -78.14 20.86
C6 ADP K . -1.50 -77.64 20.90
N6 ADP K . -0.50 -78.34 20.31
N1 ADP K . -1.26 -76.47 21.55
C2 ADP K . -2.26 -75.78 22.13
N3 ADP K . -3.55 -76.18 22.13
C4 ADP K . -3.92 -77.33 21.52
MG MG L . -5.75 -88.10 -3.99
MG MG M . -7.27 -84.98 15.91
PB ADP N . -8.70 13.03 -30.31
O1B ADP N . -9.53 14.20 -30.77
O2B ADP N . -8.37 12.06 -31.41
O3B ADP N . -7.54 13.41 -29.43
PA ADP N . -9.39 10.75 -28.80
O1A ADP N . -10.70 10.07 -28.51
O2A ADP N . -8.41 10.11 -29.76
O3A ADP N . -9.70 12.24 -29.34
O5' ADP N . -8.64 11.03 -27.40
C5' ADP N . -7.60 10.15 -26.92
C4' ADP N . -6.73 10.86 -25.89
O4' ADP N . -5.46 10.24 -25.77
C3' ADP N . -6.51 12.29 -26.31
O3' ADP N . -6.95 13.15 -25.26
C2' ADP N . -5.02 12.43 -26.48
O2' ADP N . -4.52 13.25 -25.43
C1' ADP N . -4.44 11.05 -26.33
N9 ADP N . -4.11 10.48 -27.66
C8 ADP N . -4.80 10.70 -28.79
N7 ADP N . -4.26 10.03 -29.84
C5 ADP N . -3.22 9.35 -29.37
C6 ADP N . -2.22 8.44 -29.95
N6 ADP N . -2.24 8.12 -31.27
N1 ADP N . -1.28 7.93 -29.13
C2 ADP N . -1.25 8.24 -27.83
N3 ADP N . -2.13 9.06 -27.23
C4 ADP N . -3.11 9.65 -27.93
PB ADP O . -33.32 -7.99 -84.34
O1B ADP O . -34.31 -8.90 -85.03
O2B ADP O . -33.93 -7.36 -83.12
O3B ADP O . -32.09 -8.78 -83.97
PA ADP O . -32.40 -5.38 -84.91
O1A ADP O . -33.53 -4.64 -84.21
O2A ADP O . -31.19 -5.48 -84.02
O3A ADP O . -32.89 -6.84 -85.37
O5' ADP O . -32.02 -4.59 -86.27
C5' ADP O . -31.65 -3.21 -86.29
C4' ADP O . -31.45 -2.80 -87.74
O4' ADP O . -30.89 -1.49 -87.78
C3' ADP O . -30.50 -3.74 -88.44
O3' ADP O . -31.03 -4.12 -89.71
C2' ADP O . -29.21 -2.95 -88.64
O2' ADP O . -28.82 -3.01 -90.01
C1' ADP O . -29.54 -1.52 -88.24
N9 ADP O . -28.64 -1.09 -87.14
C8 ADP O . -28.86 -1.25 -85.82
N7 ADP O . -27.84 -0.75 -85.09
C5 ADP O . -26.94 -0.26 -85.96
C6 ADP O . -25.62 0.42 -85.86
N6 ADP O . -25.05 0.67 -84.66
N1 ADP O . -25.01 0.78 -87.00
C2 ADP O . -25.57 0.54 -88.21
N3 ADP O . -26.75 -0.07 -88.37
C4 ADP O . -27.47 -0.48 -87.30
PB ADP P . -25.77 -29.73 -76.13
O1B ADP P . -27.18 -30.28 -76.12
O2B ADP P . -25.35 -29.41 -77.54
O3B ADP P . -25.69 -28.50 -75.27
PA ADP P . -23.21 -30.63 -75.44
O1A ADP P . -22.62 -30.82 -76.82
O2A ADP P . -22.92 -29.25 -74.93
O3A ADP P . -24.80 -30.86 -75.52
O5' ADP P . -22.56 -31.72 -74.44
C5' ADP P . -23.27 -32.13 -73.26
C4' ADP P . -22.29 -32.29 -72.10
O4' ADP P . -20.96 -32.12 -72.57
C3' ADP P . -22.54 -31.23 -71.03
O3' ADP P . -22.76 -31.87 -69.78
C2' ADP P . -21.27 -30.40 -70.99
O2' ADP P . -20.86 -30.19 -69.63
C1' ADP P . -20.24 -31.23 -71.72
N9 ADP P . -19.37 -30.35 -72.55
C8 ADP P . -19.72 -29.75 -73.70
N7 ADP P . -18.70 -29.03 -74.22
C5 ADP P . -17.65 -29.18 -73.40
C6 ADP P . -16.25 -28.69 -73.35
N6 ADP P . -15.78 -27.88 -74.32
N1 ADP P . -15.47 -29.08 -72.31
C2 ADP P . -15.95 -29.88 -71.34
N3 ADP P . -17.21 -30.37 -71.32
C4 ADP P . -18.09 -30.05 -72.30
MG MG Q . -31.97 -8.07 -82.00
MG MG R . -25.28 -26.81 -78.54
PB ADP S . -14.83 26.79 15.07
O1B ADP S . -15.39 27.06 16.43
O2B ADP S . -15.21 27.82 14.03
O3B ADP S . -13.38 26.39 15.06
PA ADP S . -15.56 24.88 13.11
O1A ADP S . -16.82 24.09 12.87
O2A ADP S . -15.22 26.04 12.20
O3A ADP S . -15.60 25.45 14.62
O5' ADP S . -14.31 23.86 13.14
C5' ADP S . -13.47 23.67 11.99
C4' ADP S . -12.12 23.08 12.39
O4' ADP S . -11.13 23.34 11.40
C3' ADP S . -11.67 23.71 13.68
O3' ADP S . -11.43 22.68 14.63
C2' ADP S . -10.36 24.40 13.36
O2' ADP S . -9.30 23.67 13.98
C1' ADP S . -10.19 24.30 11.86
N9 ADP S . -10.54 25.59 11.22
C8 ADP S . -11.49 26.44 11.64
N7 ADP S . -11.59 27.53 10.83
C5 ADP S . -10.69 27.36 9.87
C6 ADP S . -10.28 28.14 8.70
N6 ADP S . -10.86 29.33 8.40
N1 ADP S . -9.29 27.64 7.92
C2 ADP S . -8.70 26.47 8.20
N3 ADP S . -9.03 25.70 9.26
C4 ADP S . -9.99 26.09 10.11
PB ADP T . -62.12 66.49 2.66
O1B ADP T . -63.52 66.69 2.10
O2B ADP T . -62.05 65.21 3.45
O3B ADP T . -61.13 66.47 1.53
PA ADP T . -60.76 67.63 4.86
O1A ADP T . -61.30 66.67 5.90
O2A ADP T . -59.40 67.19 4.39
O3A ADP T . -61.78 67.73 3.62
O5' ADP T . -60.68 69.11 5.49
C5' ADP T . -59.97 69.41 6.68
C4' ADP T . -60.19 70.88 7.01
O4' ADP T . -59.32 71.25 8.08
C3' ADP T . -59.86 71.75 5.82
O3' ADP T . -60.90 72.72 5.63
C2' ADP T . -58.57 72.46 6.18
O2' ADP T . -58.73 73.87 6.00
C1' ADP T . -58.30 72.14 7.64
N9 ADP T . -56.98 71.47 7.77
C8 ADP T . -56.76 70.14 7.68
N7 ADP T . -55.44 69.86 7.84
C5 ADP T . -54.81 71.03 8.04
C6 ADP T . -53.41 71.46 8.27
N6 ADP T . -52.40 70.57 8.34
N1 ADP T . -53.17 72.78 8.43
C2 ADP T . -54.17 73.69 8.36
N3 ADP T . -55.45 73.37 8.16
C4 ADP T . -55.83 72.08 7.99
PB ADP U . -58.76 58.97 -20.35
O1B ADP U . -60.17 58.42 -20.43
O2B ADP U . -58.80 60.47 -20.18
O3B ADP U . -58.02 58.33 -19.20
PA ADP U . -56.50 59.10 -22.00
O1A ADP U . -56.52 60.56 -22.36
O2A ADP U . -55.66 58.87 -20.77
O3A ADP U . -58.01 58.60 -21.72
O5' ADP U . -55.88 58.26 -23.23
C5' ADP U . -56.20 56.88 -23.39
C4' ADP U . -54.96 56.11 -23.85
O4' ADP U . -53.90 57.02 -24.11
C3' ADP U . -54.49 55.15 -22.77
O3' ADP U . -54.42 53.82 -23.31
C2' ADP U . -53.12 55.63 -22.37
O2' ADP U . -52.21 54.52 -22.29
C1' ADP U . -52.70 56.57 -23.48
N9 ADP U . -51.97 57.75 -22.92
C8 ADP U . -52.52 58.76 -22.23
N7 ADP U . -51.59 59.68 -21.86
C5 ADP U . -50.41 59.25 -22.33
C6 ADP U . -49.01 59.73 -22.30
N6 ADP U . -48.71 60.89 -21.67
N1 ADP U . -48.06 58.99 -22.91
C2 ADP U . -48.37 57.83 -23.52
N3 ADP U . -49.62 57.33 -23.60
C4 ADP U . -50.66 57.98 -23.03
MG MG V . -60.11 64.75 2.17
MG MG W . -58.35 61.71 -17.72
PB ADP X . -0.03 -16.13 30.07
O1B ADP X . 0.04 -17.56 30.51
O2B ADP X . -0.44 -15.18 31.17
O3B ADP X . 1.15 -15.67 29.25
PA ADP X . -1.92 -14.77 28.49
O1A ADP X . -3.36 -15.05 28.12
O2A ADP X . -1.62 -13.67 29.48
O3A ADP X . -1.26 -16.12 29.03
O5' ADP X . -1.11 -14.48 27.13
C5' ADP X . -0.83 -13.14 26.68
C4' ADP X . 0.35 -13.12 25.71
O4' ADP X . 0.95 -11.83 25.65
C3' ADP X . 1.40 -14.10 26.17
O3' ADP X . 1.65 -15.03 25.11
C2' ADP X . 2.64 -13.28 26.42
O2' ADP X . 3.59 -13.58 25.40
C1' ADP X . 2.22 -11.83 26.27
N9 ADP X . 2.05 -11.21 27.61
C8 ADP X . 1.61 -11.83 28.70
N7 ADP X . 1.54 -10.99 29.77
C5 ADP X . 1.95 -9.80 29.33
C6 ADP X . 2.12 -8.48 29.95
N6 ADP X . 1.84 -8.26 31.25
N1 ADP X . 2.57 -7.47 29.17
C2 ADP X . 2.86 -7.67 27.87
N3 ADP X . 2.72 -8.85 27.24
C4 ADP X . 2.29 -9.93 27.91
PB ADP Y . -35.00 -16.23 82.46
O1B ADP Y . -36.38 -16.17 83.08
O2B ADP Y . -35.02 -17.09 81.22
O3B ADP Y . -34.53 -14.84 82.13
PA ADP Y . -32.67 -17.70 83.12
O1A ADP Y . -33.06 -18.96 82.38
O2A ADP Y . -31.76 -16.84 82.28
O3A ADP Y . -33.99 -16.88 83.53
O5' ADP Y . -31.95 -18.09 84.50
C5' ADP Y . -30.80 -18.93 84.56
C4' ADP Y . -30.46 -19.15 86.03
O4' ADP Y . -29.19 -19.81 86.12
C3' ADP Y . -30.34 -17.83 86.76
O3' ADP Y . -31.05 -17.89 88.00
C2' ADP Y . -28.85 -17.64 87.03
O2' ADP Y . -28.66 -17.37 88.43
C1' ADP Y . -28.19 -18.95 86.64
N9 ADP Y . -27.17 -18.69 85.60
C8 ADP Y . -27.38 -18.69 84.27
N7 ADP Y . -26.23 -18.42 83.60
C5 ADP Y . -25.26 -18.26 84.51
C6 ADP Y . -23.81 -17.95 84.49
N6 ADP Y . -23.16 -17.76 83.33
N1 ADP Y . -23.17 -17.86 85.67
C2 ADP Y . -23.81 -18.04 86.85
N3 ADP Y . -25.12 -18.32 86.94
C4 ADP Y . -25.88 -18.44 85.82
PB ADP Z . -42.44 5.56 74.25
O1B ADP Z . -43.87 5.09 74.16
O2B ADP Z . -41.97 5.55 75.68
O3B ADP Z . -41.55 4.66 73.41
PA ADP Z . -40.98 7.88 73.67
O1A ADP Z . -40.71 8.37 75.07
O2A ADP Z . -39.86 6.99 73.19
O3A ADP Z . -42.36 7.05 73.67
O5' ADP Z . -41.12 9.15 72.68
C5' ADP Z . -41.86 9.03 71.47
C4' ADP Z . -41.14 9.80 70.35
O4' ADP Z . -40.03 10.50 70.89
C3' ADP Z . -40.62 8.84 69.29
O3' ADP Z . -41.13 9.22 68.01
C2' ADP Z . -39.11 8.99 69.33
O2' ADP Z . -38.60 9.11 67.99
C1' ADP Z . -38.87 10.27 70.09
N9 ADP Z . -37.68 10.13 70.98
C8 ADP Z . -37.63 9.41 72.12
N7 ADP Z . -36.41 9.49 72.69
C5 ADP Z . -35.65 10.28 71.93
C6 ADP Z . -34.26 10.78 71.96
N6 ADP Z . -33.43 10.43 72.96
N1 ADP Z . -33.85 11.59 70.95
C2 ADP Z . -34.67 11.93 69.95
N3 ADP Z . -35.96 11.52 69.85
C4 ADP Z . -36.49 10.70 70.80
MG MG AA . -33.89 -15.28 80.18
MG MG BA . -40.34 3.55 76.73
#